data_6J4Y
#
_entry.id   6J4Y
#
_cell.length_a   1
_cell.length_b   1
_cell.length_c   1
_cell.angle_alpha   90
_cell.angle_beta   90
_cell.angle_gamma   90
#
_symmetry.space_group_name_H-M   'P 1'
#
loop_
_entity.id
_entity.type
_entity.pdbx_description
1 polymer 'DNA-directed RNA polymerase subunit'
2 polymer 'DNA-directed RNA polymerase subunit beta'
3 polymer 'RNA polymerase II third largest subunit B44, part of central core'
4 polymer 'RNA polymerase II subunit B32'
5 polymer 'RNA polymerase subunit ABC27, common to RNA polymerases I, II, and III'
6 polymer 'RNA polymerase subunit ABC23, common to RNA polymerases I, II, and III'
7 polymer 'RNA polymerase II subunit'
8 polymer 'DNA-directed RNA polymerases I, II, and III subunit RPABC3'
9 polymer 'DNA-directed RNA polymerase subunit'
10 polymer 'RNA polymerase subunit ABC10-beta, common to RNA polymerases I, II, and III'
11 polymer 'RNA polymerase II subunit B12.5'
12 polymer 'RNA polymerase subunit ABC10-alpha'
13 polymer "RNA (5'-R(P*CP*CP*UP*GP*GP*UP*GP*UP*CP*UP*UP*GP*GP*GP*UP*G)-3')"
14 polymer 'DNA (198-MER)'
15 polymer 'DNA (198-MER)'
16 polymer 'Transcription elongation factor 1 homolog'
17 polymer 'Transcription elongation factor SPT4'
18 polymer 'Protein that forms a complex with Spt4p'
19 polymer 'Histone H3.3'
20 polymer 'Histone H4'
21 polymer 'Histone H2A type 1-B/E'
22 polymer 'Histone H2B type 1-J'
23 non-polymer 'ZINC ION'
24 non-polymer 'MAGNESIUM ION'
#
loop_
_entity_poly.entity_id
_entity_poly.type
_entity_poly.pdbx_seq_one_letter_code
_entity_poly.pdbx_strand_id
1 'polypeptide(L)'
;MSQFPYSSAPLRSVKEVQFGLLSPEEIRAISVVKIEYPEIMDESRQRPREGGLNDPKLGSIDRNFKCQTCGEGMAECPGH
FGHMELAKPVFHIGFIPKIKKVCECICMNCGKLLLDETNPTMAQAIRIRDPKKRFNAVWQLCKTKMVCEADAPVDEYSEQ
KVVSRGGCGNTQPVVRKDGMKLWGTWKKSGFSDRDAQPERKLLTPGEILNVFKHISPEDCFRLGFNEDYARPEWMIITVL
PVPPPQVRPSIAMDETTQGQDDLTHKLSDILKANINVQKLEMDGSPQHIINEVEQLLQFHVATYMDNDIAGQPQALQKSG
RPVKAIRARLKGKEGRLRGNLMGKRVDFSARTVISGDPNLELDQVGVPISIAKTLSYPETVTQYNIHRLTEYVRNGPNEH
PGAKYVIRDNGDRIDLRYHKRAGDIVLQYGWKVERHLMDDDPVLFNRQPSLHKMSMMAHRVKVMPYSTFRLNLSVTSPYN
ADFDGDEMNLHVPQSEETRAELSQLCAVPLQIVSPQSNKPVMGIVQDTLCGVRKMTLRDTFIEYEQVMNMLFWVPSWDGV
VPQPAILKPKPLWTGKQLLSIAIPSGIHLQRTDGGNSLLSPKDNGMLIVDGKVMFGVVDKKTVGSGGGGLIHTVMREKGP
KICAELFGNIQKVVNYWLLHNGFSIGIGDAIADASTMKEITHAISSAKEQVQEIIYKAQHNELELKPGMTLRESFEGEVS
RTLNDARDSAGRSAEMNLKDLNNVKQMVSAGSKGSFINIAQMSACVGQQMVEGKRIAFGFADRSLPHFTKDDFSPESKGF
VENSYLRGLTPQEFFFHAMAGREGLIDTAVKTAETGYIQRRLVKALEDIMVHYDGTTRNSLGDIIQFLYGEDGLDGTQVE
RQTIDTIPGSDKAFHKRYYVDLMDEKNSIKPDVIEYAADILGDVELQKELNSEYEQLVSDRKFLREIVFVNGDHNWPLPV
NLRRIIQNAQQIFHLDRAKASDLTIPEIIHGVRDLCKKLFVLRGENELIKEAQQNATSLFQCLVRARLATRRILEEFRLN
RDAFEWVLGTIEAQFQRSLVHPGEMVGVIAAQSIGEPATQMTLNTFHYAGVSSKNVTLGVPRLKEILNVAKNIKTPALTV
YLDREIALDIEKAKVIQSSIEYTTLKNVTSATEIYYDPDPTSTVIEEDFDTVEAYFSIPDEKVEETIDKQSPWLLRLELD
RARMLDKQLTMNQVADKISEVFSDDLFVMWSEDNADKLIIRCRVIRDPKAMDEELEAEEDQMLKRIEAHMLDLIALRGIP
GISKVYMVKHKVSVPDESGEYKNEELWALETDGINLAEVMAVPGVDSSRTYSNSFVEILSVLGIEATRSSLYKEILNVIA
FDGSYVNYRHMALLVDVMTSRGYLMAITRHGINRADTGALMRCSFEETVEILFEAGAAAELDDCRGVSENVMLGQLAPMG
TGAFDVMIDEKLLTSLPADYAPTMPLFKGKATQGSATPYDNNAQYDDEFNHDDVADVMFSPMAETGSGDDRSGGLTEYAG
IQSPYQPTSPGLSATSPGFAPTSPGFAPTSPRYSPTSPGYSPTSPSYSPTSPSYSPTSPSYSPTSPSYSPTSPSYSPTSP
SYSPTSPSYSPTSPSYSPTSPSYSPTSPQYSPTSPQYSPTSPQYSPTSPQYSPTSPQYSPTSPQYSPTSPQYSPTSPQYS
PTSPQYSPTSPQYSPTSPQYSPTSPQYSPTSPQYSPTSPQYSPASPQYSPSRHSPNGESKEGE
;
A
2 'polypeptide(L)'
;MSYDPYSIDDTITTEDCWTVISAFFEEKGLVSQQLDSFDEFMETSIQDLVWEEPRLILDQPAQHTNEKDNINKRYEIRFG
KIYLSRPTMTEADGTTHAMFPQEARLRNLTYSSPVYLDMEKSMFTSIDDEGNPNATLDWQQVHEPIKDGVEEGNKVHIGK
VPIMLRSKFCSLRTLDEVDLYKMKECPYDMGGYFVINGSEKVLIAQERSAANIVQVFKKAAPSPISHVAEIRSALEKGSR
LISTMQIKLYGREDKGTGRTIKATLPYVKQDIPIVIVFRALGVVPDGEILQHICYDENDWQMLEMLKPCIEEGFVIQDKE
VALDFIGRRGSAALGIRREKRIQYAKDILQKELLPHITQEEGFETRKTFFLGYMVNRLLLCALERKDQDDRDHFGKKRLD
LAGPLLANLFRILFRKLTREIYRYMQRCIETDRDFNLNLAVKSTTITSGLKYSLATGNWGEQKKAMSSRAGVSQVLNRYT
YSSTLSHLRRTNTPIGRDGKLAKPRQLHNTHWGLVCPAETPEGQACGLVKNLSLLSGISIGSPSEPIINFLEEWGMEPLE
DYDPAQHTKSTRIFVNGVWTGIHRDPSMLVSTMRDLRRSGAISPEVSIIRDIREREFKIFTDVGRVYRPLFIVEDDESKD
NKGELRITKEHIRKIQQGYDDDAMNDDSEEQEQDVYGWSSLVTSGVIEYVDGEEEETIMIAMTPEDLQTRSLEQKEIDLN
DTAKRIKPEMSTSSHHTFTHCEIHPSMILGVAASIIPFPDHNQSPRNTYQSAMGKQAMGVFLTNYNVRMDTMANILYYPQ
KPLAKTQAMEYLKFRELPAGQNAIVAIACYSGYNQEDSMIMNQSSIDRGLFRSLFFRSYMDQEKRFGISIVEEFEKPTRA
TTLRLKHGTYEKLDEDGLIAPGVRVSGDDIIIGKTTPIPPDTEELGQRTKYHTKRDASTPLRSTENGIVDQVLLTTNQEG
LKFVKVRMRTTKVPQIGDKFASRHGQKGTIGVTYRHEDMPFSAEGIVPDLIINPHAIPSRMTVAHLIECLLSKVGSIRGY
EGDATPFTDLTVDAVSNLLRDNGYQSRGFEVMYNGHTGKKLMAQVFFGPTYYQRLRHMVDDKIHARARGPVQVLTRQPVE
GRSRDGGLRFGEMERDCMIAHGAAGFLKERLMEASDAFRVHVCGICGLMSVIANLKKNQFECRSCKNKTNIYQLHIPYAA
KLLFQELMAMNIAPRLYTERSGVSMRS
;
B
3 'polypeptide(L)'
;MSKEPKVNIINAQDDEVELMLSDVNLSLANSLRRTMLAEVPTLAIDLVEIKMNTSVLADEFISHRLGLIPLVSEDVEEMK
YSRDCTCEDYCDECSVVLELSARHEGEEGTTDVYSSSLIKVSGPGNLNVGEPVRRDDYDQGILLCKLRNHQELNIRCIAK
KGIAKEHAKWSPCSAIAFEYDPHNKLKHTDFWFEVDAKKEWPDSKYATWEEPPKPGEVFDYKAKPNRFYMTVETTGSLKA
NQVFSRGIKTLQEKLANVLFELENSRPANTTAYGGATAYGGQTVYGRETSYGGNTNYGDYNAPY
;
C
4 'polypeptide(L)'
;MNVSTSTVGARRRRAKQQVDDEENATLLRLGPEFALKQYDHDGNEHDLIALSLSESRLLIREALKARSRARNGGVDIESS
NGEIDDDELAKVTSGAVANGVVKKTLDYLNTFARFKDEETCTAVDQLLHNSSDCSVLHPFEIAQLSSLGCEDVDEAITLI
PSLAAKKEVNLQRILDELNRLEDPYK
;
D
5 'polypeptide(L)'
;MEDNNRIISRLWRSFRTVKEMAADRGYFISQEEMDQSLEEFRSKICDSMGNPQRKLMSFLANPTPEALEKYSDLGTLWVE
FCDEPSVGIKTMRNFCLRIQEKNFSTGIFIYQNNITPSANKMIPTVSPAIIETFQESDLVVNITHHELVPKHIRLSDGEK
SQLLQRYKLKESQLPRIQREDPVARYLGLKRGQVVKIIRRSETSGRYASYRICL
;
E
6 'polypeptide(L)'
;MSEDEAFNEQTENFENFEDEHFSDDNFEDRSTQPEDYAVGVTADGRQIINGDGIQEVNGTIKAHRKRSNKELAILKEERT
TTPYLTKYERARILGTRALQISMNAPVLVDIEGETDPLQIAMKELSQRKIPLVIRRYLPDGSYEDWGCDELIVDN
;
F
7 'polypeptide(L)'
;MFFLKDLSLILTLHPSYFGPQMNQYLREKLLTDVEGTCTGQFGYIVTVLDGMNIDVGKGRIIPGSGSAEFEVKYRAVVWK
PFKGEVVDAIVSNVSPIGFFADVGPLNVFVSTRLIPDNLVYNPSNSPPAYMSNDELITKGSKVRLKVVGTRTDVNEIYAI
GSIKEDFLGAI
;
G
8 'polypeptide(L)'
;MSSALFDDIFTVQTVDNGRYNKVSRIIGISTTNSAIKLTLDINNEMFPVSQDDSLTVTLANSLSLDGEDESANFSKSWRP
PKPTDKSLADDYDYVMFGTVYKFEEGDEDKIKVYVSFGGLLMCLEGGYKSLASLKQDNLYILIRR
;
H
9 'polypeptide(L)'
;MASFRFCLECNNMLYPKEDKENQRLLYSCRNCDYTELAEDPKVYRHELITNIGETAGIVDDIGQDPTLPRSDKECPECHS
RDCVFFQSQQRRKDTNMTLFYVCLNCKKTFRDESE
;
I
10 'polypeptide(L)' MIIPVRCFSCGKVVGDKWDAYLRLLEEGKQEGDALDELKLKRYCCRRMVLTHVDLIEKFLRYNPLEKKDFDS J
11 'polypeptide(L)'
;MNAPDRFELFILPDDVPKLKITPDSRVPNCIIIKFEREDHTLANLLREELALYPDVTFVAYKVEHPLFANFVMRLQTEEG
TRPKQALERACASIINKLKTLDHKFNEEWNIKNFSLND
;
K
12 'polypeptide(L)' MSREGFVAPSGTDLAAAASGVAPNKHYGVKYTCGACAHNFSLNKSDPVRCKECGHRVIYKARTKRMIQFDAR L
13 'polyribonucleotide' CCUGGUGUCUUGGGUG P
14 'polydeoxyribonucleotide'
;(DA)(DT)(DC)(DA)(DG)(DA)(DA)(DT)(DC)(DC)(DC)(DG)(DG)(DT)(DG)(DC)(DC)(DG)(DA)(DG)
(DG)(DC)(DC)(DG)(DC)(DT)(DC)(DA)(DA)(DT)(DT)(DG)(DG)(DT)(DC)(DG)(DT)(DA)(DG)(DA)
(DC)(DA)(DG)(DC)(DT)(DC)(DT)(DA)(DG)(DC)(DA)(DC)(DC)(DG)(DC)(DT)(DT)(DA)(DA)(DA)
(DC)(DG)(DC)(DA)(DC)(DG)(DT)(DA)(DC)(DG)(DC)(DG)(DC)(DT)(DG)(DT)(DC)(DC)(DC)(DC)
(DC)(DG)(DC)(DG)(DT)(DT)(DT)(DT)(DA)(DA)(DC)(DC)(DG)(DC)(DC)(DA)(DA)(DG)(DG)(DG)
(DG)(DA)(DT)(DT)(DA)(DC)(DA)(DC)(DC)(DC)(DA)(DA)(DG)(DA)(DC)(DA)(DC)(DC)(DA)(DG)
(DG)(DC)(DA)(DC)(DG)(DA)(DG)(DA)(DC)(DA)(DG)(DA)(DA)(DA)(DA)(DA)(DA)(DA)(DC)(DA)
(DA)(DC)(DG)(DA)(DA)(DA)(DA)(DC)(DG)(DG)(DC)(DC)(DA)(DC)(DC)(DA)(DC)(DC)(DC)(DA)
(DA)(DA)(DC)(DA)(DC)(DA)(DC)(DC)(DA)(DA)(DA)(DC)(DA)(DC)(DA)(DA)(DG)(DA)(DG)(DC)
(DT)(DA)(DA)(DT)(DT)(DG)(DA)(DC)(DT)(DG)(DA)(DC)(DG)(DT)(DA)(DA)(DG)(DC)
;
T
15 'polydeoxyribonucleotide'
;(DG)(DC)(DT)(DT)(DA)(DC)(DG)(DT)(DC)(DA)(DG)(DT)(DC)(DT)(DG)(DG)(DC)(DC)(DA)(DT)
(DC)(DT)(DT)(DT)(DG)(DT)(DG)(DT)(DT)(DT)(DG)(DG)(DT)(DG)(DT)(DG)(DT)(DT)(DT)(DG)
(DG)(DG)(DT)(DG)(DG)(DT)(DG)(DG)(DC)(DC)(DG)(DT)(DT)(DT)(DT)(DC)(DG)(DT)(DT)(DG)
(DT)(DT)(DT)(DT)(DT)(DT)(DT)(DC)(DT)(DG)(DT)(DC)(DT)(DC)(DG)(DT)(DG)(DC)(DC)(DT)
(DG)(DG)(DT)(DG)(DT)(DC)(DT)(DT)(DG)(DG)(DG)(DT)(DG)(DT)(DA)(DA)(DT)(DC)(DC)(DC)
(DC)(DT)(DT)(DG)(DG)(DC)(DG)(DG)(DT)(DT)(DA)(DA)(DA)(DA)(DC)(DG)(DC)(DG)(DG)(DG)
(DG)(DG)(DA)(DC)(DA)(DG)(DC)(DG)(DC)(DG)(DT)(DA)(DC)(DG)(DT)(DG)(DC)(DG)(DT)(DT)
(DT)(DA)(DA)(DG)(DC)(DG)(DG)(DT)(DG)(DC)(DT)(DA)(DG)(DA)(DG)(DC)(DT)(DG)(DT)(DC)
(DT)(DA)(DC)(DG)(DA)(DC)(DC)(DA)(DA)(DT)(DT)(DG)(DA)(DG)(DC)(DG)(DG)(DC)(DC)(DT)
(DC)(DG)(DG)(DC)(DA)(DC)(DC)(DG)(DG)(DG)(DA)(DT)(DT)(DC)(DT)(DG)(DA)(DT)
;
N
16 'polypeptide(L)'
;GPGMGKRKSSARKPAPKIKQKLETQFTCLFCNHDNSVVCTLDKKNSIGLLECKKCNLSFQAPINSLSQPIDIYSDWIDAC
EAVAEENADVNGDNFIENDGADREQDDDYDDEF
;
M
17 'polypeptide(L)'
;MRERACMLCGIVLPGRVFMQNGCPNCDSVLNLRDSDQATVNECTSSSFEGLVAVGDNEHSWVAKWLRVDRFQPGLYAVRV
DGRLPSDIVAALEQYGVYYRPRDGSVID
;
V
18 'polypeptide(L)'
;GPGMSETHKNQLDKVSTVSPDGPSEAVKEHSLQSKDLSKNDGQFIVPLDRNVIEQEEHKQVKSSAQAHNTTGDAADNEIE
DGVPSEDVEFDKFKEDDYDEDDEVEEEGDIRSRKRRRHNQFLDVEAEVDDEEDDDDDDDDVELKHDFIQDDHIQHETQNE
GFIAGHVDDDRLHRKLDQSREKIADQDAQELADEFKQRYGRSASSKYMGSASTTAPQRLLIPTVDDPGIWGVKVRLGKEK
DVVRQILKKKLAREGTKNPLEIYSAFQRDSFKGHVYIEARKAEAINDALKGNVNVFSNNSKFLVGIVEYKDLLRPVKSSD
VKLTRGSYVRVKNGKFKGDLAQVDEVLENGLEARLKLVPRLDYGKDLSHLSTSSSVDSTKNRRKFYTSKFRPAQRLFSEA
EARVHEPTIRRDRDGFVTYGGEEYYEGFLYKTFRLQNLIVNSINPTLNELSLFQSNEESTTIDLSTIADSLKETAKNLVS
FQPGDNVEIINGELNHLTGTVSSVNQSTIVSVRLHSDDDTINSETVEIPTSDLRKIFNVGDHVRVIHGKHTDDTGLIVEV
NGDKVEFISNQTKRTVIVFSNYLIKSTDSTVSINESGRFELHDLVQVNSDLVGIVIRAQKDSFDVLCSDGKLLSLPPVSI
YSKLNLNPNQQIAIDSNGVEVKVGDTVREFTGERRQGTILHVYRNFLFLRSREIVENQGVFVTSSNRVKTITSKSNGTGG
QISGPDLSRMNPSRVIPPPSIPVANQRMTGRDPTLNKTVKIRQGGYKGKIGIVKEANGDRFRVELHNPNKTIPIPCSFLL
IESTHGWVPYEDFVASDRRGGNIPRHEISGHVQQPQHGRAPAWGSGGKTPAWGSGGKTPAWGSGGSGGKTPAWGSGGKTP
TWGSGAKTPAWGSGSKTPAWSGLDEEDRRDF
;
W
19 'polypeptide(L)'
;GSHMARTKQTARKSTGGKAPRKQLATKAARKSAPSTGGVKKPHRYRPGTVALREIRRYQKSTELLIRKLPFQRLVREIAQ
DFKTDLRFQSAAIGALQEASEAYLVGLFEDTNLCAIHAKRVTIMPKDIQLARRIRGERA
;
a,e
20 'polypeptide(L)'
;GSHMSGRGKGGKGLGKGGAKRHRKVLRDNIQGITKPAIRRLARRGGVKRISGLIYEETRGVLKVFLENVIRDAVTYTEHA
KRKTVTAMDVVYALKRQGRTLYGFGG
;
b,f
21 'polypeptide(L)'
;GSHMSGRGKQGGKARAKAKTRSSRAGLQFPVGRVHRLLRKGNYSERVGAGAPVYLAAVLEYLTAEILELAGNAARDNKKT
RIIPRHLQLAIRNDEELNKLLGRVTIAQGGVLPNIQAVLLPKKTESHHKAKGK
;
c,g
22 'polypeptide(L)'
;GSHMPEPAKSAPAPKKGSKKAVTKAQKKDGKKRKRSRKESYSIYVYKVLKQVHPDTGISSKAMGIMNSFVNDIFERIAGE
ASRLAHYNKRSTITSREIQTAVRLLLPGELAKHAVSEGTKAVTKYTSAK
;
d,h
#
loop_
_chem_comp.id
_chem_comp.type
_chem_comp.name
_chem_comp.formula
C RNA linking CYTIDINE-5'-MONOPHOSPHATE 'C9 H14 N3 O8 P'
DA DNA linking 2'-DEOXYADENOSINE-5'-MONOPHOSPHATE 'C10 H14 N5 O6 P'
DC DNA linking 2'-DEOXYCYTIDINE-5'-MONOPHOSPHATE 'C9 H14 N3 O7 P'
DG DNA linking 2'-DEOXYGUANOSINE-5'-MONOPHOSPHATE 'C10 H14 N5 O7 P'
DT DNA linking THYMIDINE-5'-MONOPHOSPHATE 'C10 H15 N2 O8 P'
G RNA linking GUANOSINE-5'-MONOPHOSPHATE 'C10 H14 N5 O8 P'
MG non-polymer 'MAGNESIUM ION' 'Mg 2'
U RNA linking URIDINE-5'-MONOPHOSPHATE 'C9 H13 N2 O9 P'
ZN non-polymer 'ZINC ION' 'Zn 2'
#
# COMPACT_ATOMS: atom_id res chain seq x y z
N SER A 2 -16.10 35.60 0.64
CA SER A 2 -15.93 36.93 0.05
C SER A 2 -15.81 36.81 -1.46
N GLN A 3 -15.16 35.76 -1.91
CA GLN A 3 -15.18 35.42 -3.33
C GLN A 3 -16.45 34.72 -3.74
N PHE A 4 -17.26 34.36 -2.80
CA PHE A 4 -18.58 33.78 -2.95
C PHE A 4 -19.66 34.85 -2.93
N PRO A 5 -20.55 34.88 -3.93
CA PRO A 5 -21.67 35.84 -3.89
C PRO A 5 -22.56 35.55 -2.69
N TYR A 6 -23.26 36.59 -2.23
CA TYR A 6 -24.02 36.50 -0.98
C TYR A 6 -25.14 35.48 -1.14
N SER A 7 -25.37 34.69 -0.11
CA SER A 7 -26.50 33.77 -0.06
C SER A 7 -27.14 33.82 1.32
N SER A 8 -28.47 33.86 1.35
CA SER A 8 -29.21 34.00 2.61
C SER A 8 -29.18 32.76 3.49
N ALA A 9 -28.79 31.61 2.94
CA ALA A 9 -28.75 30.38 3.73
C ALA A 9 -27.70 30.52 4.84
N PRO A 10 -28.01 30.06 6.06
CA PRO A 10 -27.04 30.19 7.16
C PRO A 10 -25.76 29.40 6.94
N LEU A 11 -24.64 30.04 7.26
CA LEU A 11 -23.33 29.41 7.18
C LEU A 11 -23.06 28.59 8.45
N ARG A 12 -22.73 27.32 8.28
CA ARG A 12 -22.37 26.47 9.41
C ARG A 12 -21.17 25.61 9.04
N SER A 13 -20.58 24.98 10.04
CA SER A 13 -19.50 24.02 9.83
C SER A 13 -20.00 22.59 9.99
N VAL A 14 -19.17 21.66 9.51
CA VAL A 14 -19.48 20.24 9.58
C VAL A 14 -19.07 19.69 10.93
N LYS A 15 -20.01 19.07 11.64
CA LYS A 15 -19.73 18.44 12.91
C LYS A 15 -19.71 16.92 12.86
N GLU A 16 -20.34 16.30 11.87
CA GLU A 16 -20.45 14.85 11.83
C GLU A 16 -20.54 14.41 10.39
N VAL A 17 -19.90 13.29 10.06
CA VAL A 17 -20.07 12.65 8.76
C VAL A 17 -20.71 11.30 8.98
N GLN A 18 -21.92 11.13 8.46
CA GLN A 18 -22.65 9.87 8.53
C GLN A 18 -22.47 9.09 7.24
N PHE A 19 -21.77 7.97 7.29
CA PHE A 19 -21.61 7.18 6.10
C PHE A 19 -22.80 6.24 5.95
N GLY A 20 -23.02 5.76 4.73
CA GLY A 20 -24.07 4.78 4.52
C GLY A 20 -24.21 4.45 3.06
N LEU A 21 -25.24 3.68 2.73
CA LEU A 21 -25.52 3.37 1.35
C LEU A 21 -26.70 4.18 0.81
N LEU A 22 -26.66 4.43 -0.48
CA LEU A 22 -27.74 5.11 -1.19
C LEU A 22 -28.76 4.08 -1.63
N SER A 23 -29.99 4.21 -1.14
CA SER A 23 -31.06 3.32 -1.59
C SER A 23 -31.37 3.57 -3.06
N PRO A 24 -31.92 2.56 -3.76
CA PRO A 24 -32.43 2.78 -5.11
C PRO A 24 -33.44 3.88 -5.23
N GLU A 25 -34.37 3.98 -4.28
CA GLU A 25 -35.36 5.05 -4.28
C GLU A 25 -34.71 6.43 -4.19
N GLU A 26 -33.74 6.58 -3.28
CA GLU A 26 -33.08 7.87 -3.08
C GLU A 26 -32.29 8.31 -4.31
N ILE A 27 -31.60 7.36 -4.98
CA ILE A 27 -30.85 7.66 -6.20
C ILE A 27 -31.76 8.30 -7.25
N ARG A 28 -33.00 7.82 -7.34
CA ARG A 28 -33.93 8.41 -8.28
C ARG A 28 -34.42 9.75 -7.78
N ALA A 29 -34.53 9.91 -6.47
CA ALA A 29 -35.05 11.16 -5.94
C ALA A 29 -34.06 12.31 -6.16
N ILE A 30 -32.75 12.04 -6.12
CA ILE A 30 -31.80 13.14 -6.35
C ILE A 30 -31.42 13.28 -7.81
N SER A 31 -31.74 12.30 -8.65
CA SER A 31 -31.37 12.35 -10.05
C SER A 31 -32.19 13.40 -10.77
N VAL A 32 -31.60 14.03 -11.77
CA VAL A 32 -32.32 15.01 -12.58
C VAL A 32 -32.61 14.54 -14.00
N VAL A 33 -32.20 13.32 -14.38
CA VAL A 33 -32.43 12.81 -15.74
C VAL A 33 -32.14 11.31 -15.82
N LYS A 34 -32.89 10.59 -16.65
CA LYS A 34 -32.65 9.18 -16.89
C LYS A 34 -31.77 9.03 -18.12
N ILE A 35 -30.75 8.18 -18.01
CA ILE A 35 -29.71 8.01 -19.01
C ILE A 35 -29.86 6.72 -19.82
N GLU A 36 -30.07 6.82 -21.14
CA GLU A 36 -30.39 5.60 -21.88
C GLU A 36 -29.49 5.35 -23.10
N TYR A 37 -29.04 6.40 -23.78
CA TYR A 37 -28.38 6.25 -25.08
C TYR A 37 -26.89 6.50 -25.01
N PRO A 38 -26.08 5.54 -25.46
CA PRO A 38 -24.62 5.69 -25.39
C PRO A 38 -24.02 6.64 -26.41
N GLU A 39 -24.77 7.05 -27.42
CA GLU A 39 -24.27 8.03 -28.37
C GLU A 39 -24.21 9.42 -27.73
N ILE A 40 -22.98 9.88 -27.51
CA ILE A 40 -22.73 11.16 -26.84
C ILE A 40 -23.32 12.33 -27.60
N MET A 41 -23.13 12.36 -28.92
CA MET A 41 -23.53 13.52 -29.72
C MET A 41 -24.91 13.33 -30.32
N ASP A 42 -25.55 14.46 -30.66
CA ASP A 42 -26.87 14.45 -31.27
C ASP A 42 -26.83 13.71 -32.60
N GLU A 43 -25.93 14.14 -33.49
CA GLU A 43 -25.56 13.48 -34.75
C GLU A 43 -24.30 14.13 -35.30
N SER A 44 -23.36 14.46 -34.42
CA SER A 44 -22.09 15.15 -34.69
C SER A 44 -22.28 16.55 -35.29
N ARG A 45 -23.47 17.12 -35.14
CA ARG A 45 -23.82 18.46 -35.58
C ARG A 45 -24.01 19.45 -34.44
N GLN A 46 -23.13 19.42 -33.41
CA GLN A 46 -23.12 20.35 -32.26
C GLN A 46 -24.35 20.19 -31.37
N ARG A 47 -24.24 20.58 -30.05
CA ARG A 47 -25.28 20.37 -29.02
C ARG A 47 -25.41 18.87 -28.75
N PRO A 48 -25.07 18.45 -27.53
CA PRO A 48 -25.14 17.04 -27.14
C PRO A 48 -26.54 16.61 -26.77
N ARG A 49 -26.76 15.33 -27.08
CA ARG A 49 -28.03 14.64 -27.05
C ARG A 49 -28.60 14.45 -25.66
N GLU A 50 -29.81 14.96 -25.51
CA GLU A 50 -30.63 14.79 -24.32
C GLU A 50 -30.89 13.31 -24.08
N GLY A 51 -30.83 12.90 -22.81
CA GLY A 51 -30.80 11.51 -22.44
C GLY A 51 -29.47 10.83 -22.65
N GLY A 52 -28.51 11.50 -23.28
CA GLY A 52 -27.18 10.99 -23.45
C GLY A 52 -26.27 11.36 -22.29
N LEU A 53 -25.04 10.86 -22.35
CA LEU A 53 -24.12 10.98 -21.23
C LEU A 53 -23.63 12.41 -20.99
N ASN A 54 -23.78 13.31 -21.94
CA ASN A 54 -23.48 14.72 -21.75
C ASN A 54 -24.72 15.60 -21.84
N ASP A 55 -25.88 15.06 -21.44
CA ASP A 55 -27.12 15.82 -21.34
C ASP A 55 -26.88 17.09 -20.54
N PRO A 56 -27.23 18.26 -21.09
CA PRO A 56 -26.93 19.52 -20.39
C PRO A 56 -27.60 19.68 -19.03
N LYS A 57 -28.61 18.87 -18.68
CA LYS A 57 -29.12 18.95 -17.31
C LYS A 57 -28.13 18.47 -16.27
N LEU A 58 -27.13 17.66 -16.66
CA LEU A 58 -26.15 17.21 -15.68
C LEU A 58 -25.18 18.28 -15.30
N GLY A 59 -25.00 19.28 -16.15
CA GLY A 59 -24.17 20.41 -15.81
C GLY A 59 -23.33 20.92 -16.96
N SER A 60 -22.72 22.07 -16.71
CA SER A 60 -21.89 22.78 -17.67
C SER A 60 -20.41 22.69 -17.35
N ILE A 61 -19.60 22.31 -18.33
CA ILE A 61 -18.16 22.44 -18.11
C ILE A 61 -17.63 23.40 -19.17
N ASP A 62 -18.52 24.25 -19.66
CA ASP A 62 -18.23 25.17 -20.75
C ASP A 62 -18.61 26.57 -20.29
N ARG A 63 -17.76 27.55 -20.57
CA ARG A 63 -17.89 28.91 -20.04
C ARG A 63 -19.11 29.67 -20.58
N ASN A 64 -19.75 29.19 -21.64
CA ASN A 64 -20.80 29.94 -22.31
C ASN A 64 -22.20 29.32 -22.24
N PHE A 65 -22.37 28.19 -21.58
CA PHE A 65 -23.68 27.56 -21.46
C PHE A 65 -24.00 27.50 -19.97
N LYS A 66 -25.09 28.13 -19.57
CA LYS A 66 -25.51 28.04 -18.19
C LYS A 66 -26.28 26.75 -17.91
N CYS A 67 -26.17 26.30 -16.67
CA CYS A 67 -26.80 25.05 -16.24
C CYS A 67 -28.31 25.18 -16.36
N GLN A 68 -28.95 24.19 -16.98
CA GLN A 68 -30.40 24.29 -17.12
C GLN A 68 -31.14 23.86 -15.88
N THR A 69 -30.44 23.54 -14.80
CA THR A 69 -31.06 23.22 -13.53
C THR A 69 -30.91 24.31 -12.49
N CYS A 70 -29.72 24.88 -12.32
CA CYS A 70 -29.54 25.86 -11.25
C CYS A 70 -29.32 27.29 -11.74
N GLY A 71 -29.14 27.50 -13.04
CA GLY A 71 -28.94 28.84 -13.55
C GLY A 71 -27.59 29.49 -13.27
N GLU A 72 -26.70 28.80 -12.55
CA GLU A 72 -25.42 29.38 -12.16
C GLU A 72 -24.36 29.12 -13.22
N GLY A 73 -23.30 29.92 -13.19
CA GLY A 73 -22.19 29.70 -14.10
C GLY A 73 -21.44 28.43 -13.74
N MET A 74 -20.53 28.04 -14.64
CA MET A 74 -19.75 26.81 -14.44
C MET A 74 -18.89 26.85 -13.18
N ALA A 75 -18.49 28.04 -12.74
CA ALA A 75 -17.65 28.14 -11.55
C ALA A 75 -18.41 27.74 -10.29
N GLU A 76 -19.63 28.25 -10.14
CA GLU A 76 -20.43 27.92 -8.95
C GLU A 76 -21.16 26.59 -9.06
N CYS A 77 -21.58 26.18 -10.25
CA CYS A 77 -22.43 25.01 -10.44
C CYS A 77 -21.72 23.74 -10.00
N PRO A 78 -22.24 23.01 -9.01
CA PRO A 78 -21.57 21.77 -8.59
C PRO A 78 -21.79 20.61 -9.53
N GLY A 79 -22.74 20.68 -10.44
CA GLY A 79 -23.07 19.43 -11.10
C GLY A 79 -24.15 18.65 -10.39
N HIS A 80 -24.97 17.97 -11.17
CA HIS A 80 -26.12 17.25 -10.65
C HIS A 80 -26.08 15.84 -11.21
N PHE A 81 -26.46 14.87 -10.39
CA PHE A 81 -26.37 13.47 -10.78
C PHE A 81 -27.52 13.05 -11.68
N GLY A 82 -27.24 12.06 -12.52
CA GLY A 82 -28.28 11.31 -13.18
C GLY A 82 -28.44 9.93 -12.58
N HIS A 83 -29.18 9.08 -13.28
CA HIS A 83 -29.30 7.69 -12.88
C HIS A 83 -29.43 6.82 -14.12
N MET A 84 -28.98 5.59 -14.01
CA MET A 84 -29.04 4.64 -15.11
C MET A 84 -29.70 3.37 -14.59
N GLU A 85 -30.88 3.06 -15.13
CA GLU A 85 -31.58 1.84 -14.74
C GLU A 85 -30.92 0.62 -15.36
N LEU A 86 -30.68 -0.39 -14.53
CA LEU A 86 -30.11 -1.65 -15.00
C LEU A 86 -31.25 -2.62 -15.27
N ALA A 87 -31.17 -3.33 -16.39
CA ALA A 87 -32.23 -4.28 -16.71
C ALA A 87 -32.27 -5.44 -15.73
N LYS A 88 -31.14 -5.77 -15.12
CA LYS A 88 -31.08 -6.88 -14.19
C LYS A 88 -30.17 -6.44 -13.05
N PRO A 89 -30.53 -6.73 -11.80
CA PRO A 89 -29.64 -6.40 -10.67
C PRO A 89 -28.34 -7.18 -10.68
N VAL A 90 -27.24 -6.46 -10.40
CA VAL A 90 -25.90 -7.02 -10.34
C VAL A 90 -25.27 -6.74 -8.98
N PHE A 91 -24.25 -7.53 -8.65
CA PHE A 91 -23.47 -7.30 -7.42
C PHE A 91 -22.61 -6.05 -7.49
N HIS A 92 -22.47 -5.41 -6.32
CA HIS A 92 -21.42 -4.43 -6.07
C HIS A 92 -20.13 -5.16 -5.73
N ILE A 93 -19.09 -4.94 -6.54
CA ILE A 93 -17.81 -5.66 -6.44
C ILE A 93 -17.14 -5.48 -5.08
N GLY A 94 -17.35 -4.33 -4.43
CA GLY A 94 -16.75 -4.06 -3.13
C GLY A 94 -17.33 -4.86 -1.98
N PHE A 95 -18.56 -5.33 -2.10
CA PHE A 95 -19.26 -5.89 -0.97
C PHE A 95 -19.44 -7.39 -1.03
N ILE A 96 -18.97 -8.03 -2.11
CA ILE A 96 -19.10 -9.49 -2.27
C ILE A 96 -18.66 -10.30 -1.04
N PRO A 97 -17.44 -10.13 -0.47
CA PRO A 97 -17.08 -10.96 0.70
C PRO A 97 -17.97 -10.76 1.91
N LYS A 98 -18.62 -9.61 2.03
CA LYS A 98 -19.56 -9.43 3.13
C LYS A 98 -20.90 -10.09 2.83
N ILE A 99 -21.40 -9.95 1.60
CA ILE A 99 -22.56 -10.71 1.12
C ILE A 99 -22.41 -12.20 1.41
N LYS A 100 -21.23 -12.77 1.06
CA LYS A 100 -20.92 -14.17 1.33
C LYS A 100 -21.07 -14.52 2.81
N LYS A 101 -20.65 -13.61 3.67
CA LYS A 101 -20.73 -13.82 5.12
C LYS A 101 -22.18 -13.82 5.59
N VAL A 102 -23.01 -12.97 4.99
CA VAL A 102 -24.42 -12.88 5.36
C VAL A 102 -25.18 -14.16 5.00
N CYS A 103 -24.86 -14.78 3.86
CA CYS A 103 -25.50 -16.05 3.48
C CYS A 103 -25.34 -17.15 4.52
N GLU A 104 -24.15 -17.31 5.10
CA GLU A 104 -24.00 -18.36 6.11
C GLU A 104 -24.70 -18.04 7.43
N CYS A 105 -25.14 -16.79 7.62
CA CYS A 105 -25.80 -16.38 8.85
C CYS A 105 -27.30 -16.59 8.81
N ILE A 106 -27.92 -16.37 7.66
CA ILE A 106 -29.36 -16.36 7.55
C ILE A 106 -29.82 -17.62 6.82
N CYS A 107 -31.11 -17.87 6.90
CA CYS A 107 -31.78 -18.92 6.16
C CYS A 107 -31.94 -18.55 4.71
N MET A 108 -31.54 -19.45 3.79
CA MET A 108 -31.64 -19.07 2.38
C MET A 108 -33.06 -19.15 1.81
N ASN A 109 -34.09 -19.27 2.66
CA ASN A 109 -35.48 -19.28 2.21
C ASN A 109 -36.21 -18.10 2.84
N CYS A 110 -36.21 -17.97 4.17
CA CYS A 110 -36.93 -16.88 4.80
C CYS A 110 -36.03 -15.81 5.40
N GLY A 111 -34.75 -16.09 5.62
CA GLY A 111 -33.83 -15.06 6.08
C GLY A 111 -33.79 -14.76 7.56
N LYS A 112 -33.93 -15.76 8.42
CA LYS A 112 -33.87 -15.48 9.85
C LYS A 112 -32.55 -15.95 10.46
N LEU A 113 -32.04 -15.15 11.41
CA LEU A 113 -30.87 -15.49 12.21
C LEU A 113 -30.99 -16.82 12.93
N LEU A 114 -30.05 -17.73 12.61
CA LEU A 114 -30.02 -19.12 13.04
C LEU A 114 -29.94 -19.32 14.55
N LEU A 115 -29.63 -18.30 15.35
CA LEU A 115 -29.64 -18.48 16.80
C LEU A 115 -30.41 -17.41 17.54
N ASP A 116 -30.82 -17.78 18.75
CA ASP A 116 -31.73 -17.07 19.63
C ASP A 116 -31.02 -16.80 20.96
N GLU A 117 -31.63 -15.91 21.76
CA GLU A 117 -31.18 -15.61 23.12
C GLU A 117 -31.24 -16.80 24.08
N THR A 118 -31.95 -17.88 23.72
CA THR A 118 -31.93 -19.10 24.51
C THR A 118 -30.54 -19.73 24.59
N ASN A 119 -29.73 -19.58 23.55
CA ASN A 119 -28.37 -20.12 23.58
C ASN A 119 -27.51 -19.22 24.48
N PRO A 120 -26.96 -19.73 25.60
CA PRO A 120 -26.29 -18.85 26.58
C PRO A 120 -25.08 -18.08 26.04
N THR A 121 -24.19 -18.74 25.31
CA THR A 121 -23.03 -18.06 24.72
C THR A 121 -23.48 -17.02 23.69
N MET A 122 -24.46 -17.38 22.86
CA MET A 122 -25.03 -16.45 21.89
C MET A 122 -25.72 -15.26 22.55
N ALA A 123 -26.35 -15.46 23.72
CA ALA A 123 -26.94 -14.32 24.42
C ALA A 123 -25.88 -13.36 24.93
N GLN A 124 -24.68 -13.85 25.22
CA GLN A 124 -23.58 -12.98 25.59
C GLN A 124 -23.09 -12.17 24.40
N ALA A 125 -23.10 -12.78 23.21
CA ALA A 125 -22.56 -12.13 22.02
C ALA A 125 -23.40 -10.96 21.52
N ILE A 126 -24.72 -10.97 21.74
CA ILE A 126 -25.52 -9.83 21.29
C ILE A 126 -25.29 -8.59 22.15
N ARG A 127 -24.73 -8.78 23.35
CA ARG A 127 -24.46 -7.64 24.23
C ARG A 127 -23.28 -6.79 23.76
N ILE A 128 -22.42 -7.34 22.88
CA ILE A 128 -21.20 -6.65 22.46
C ILE A 128 -21.62 -5.37 21.75
N ARG A 129 -21.11 -4.25 22.25
CA ARG A 129 -21.53 -2.93 21.82
C ARG A 129 -21.07 -2.56 20.41
N ASP A 130 -19.91 -3.02 19.98
CA ASP A 130 -19.41 -2.61 18.67
C ASP A 130 -20.11 -3.45 17.60
N PRO A 131 -20.79 -2.81 16.62
CA PRO A 131 -21.52 -3.57 15.59
C PRO A 131 -20.68 -4.58 14.82
N LYS A 132 -19.44 -4.21 14.43
CA LYS A 132 -18.59 -5.12 13.66
C LYS A 132 -18.24 -6.36 14.47
N LYS A 133 -17.84 -6.17 15.74
CA LYS A 133 -17.43 -7.31 16.56
C LYS A 133 -18.63 -8.20 16.88
N ARG A 134 -19.78 -7.59 17.17
CA ARG A 134 -21.00 -8.35 17.41
C ARG A 134 -21.36 -9.22 16.20
N PHE A 135 -21.37 -8.63 15.00
CA PHE A 135 -21.67 -9.37 13.77
C PHE A 135 -20.73 -10.55 13.59
N ASN A 136 -19.44 -10.35 13.90
CA ASN A 136 -18.45 -11.40 13.74
C ASN A 136 -18.64 -12.48 14.77
N ALA A 137 -18.90 -12.09 16.02
CA ALA A 137 -19.17 -13.02 17.12
C ALA A 137 -20.39 -13.89 16.82
N VAL A 138 -21.46 -13.28 16.29
CA VAL A 138 -22.64 -14.05 15.87
C VAL A 138 -22.28 -15.06 14.79
N TRP A 139 -21.59 -14.58 13.74
CA TRP A 139 -21.24 -15.45 12.62
C TRP A 139 -20.29 -16.56 13.05
N GLN A 140 -19.46 -16.29 14.07
CA GLN A 140 -18.53 -17.29 14.59
C GLN A 140 -19.30 -18.45 15.24
N LEU A 141 -20.48 -18.15 15.77
CA LEU A 141 -21.34 -19.18 16.37
C LEU A 141 -22.12 -19.88 15.27
N CYS A 142 -22.84 -19.12 14.46
CA CYS A 142 -23.80 -19.66 13.49
C CYS A 142 -23.12 -20.38 12.33
N LYS A 143 -21.80 -20.19 12.14
CA LYS A 143 -21.07 -20.83 11.05
C LYS A 143 -21.22 -22.35 11.09
N THR A 144 -21.16 -22.94 12.29
CA THR A 144 -21.18 -24.39 12.45
C THR A 144 -22.59 -24.93 12.42
N LYS A 145 -23.58 -24.05 12.62
CA LYS A 145 -24.98 -24.42 12.51
C LYS A 145 -25.22 -24.69 11.03
N MET A 146 -25.33 -25.95 10.64
CA MET A 146 -25.37 -26.27 9.22
C MET A 146 -26.76 -26.54 8.65
N VAL A 147 -27.81 -26.30 9.42
CA VAL A 147 -29.16 -26.43 8.91
C VAL A 147 -30.02 -25.33 9.55
N CYS A 148 -30.88 -24.71 8.75
CA CYS A 148 -31.87 -23.80 9.31
C CYS A 148 -33.03 -24.59 9.87
N GLU A 149 -33.16 -24.55 11.17
CA GLU A 149 -34.17 -25.31 11.87
C GLU A 149 -35.54 -24.66 11.75
N ALA A 150 -36.53 -25.48 11.41
CA ALA A 150 -37.92 -25.06 11.34
C ALA A 150 -38.48 -24.90 12.74
N ASP A 151 -37.90 -25.64 13.67
CA ASP A 151 -38.32 -25.78 15.05
C ASP A 151 -37.22 -25.17 15.90
N ALA A 152 -37.58 -24.60 17.06
CA ALA A 152 -36.57 -24.21 18.05
C ALA A 152 -35.66 -25.39 18.45
N PRO A 153 -34.41 -25.12 18.94
CA PRO A 153 -33.52 -26.23 19.32
C PRO A 153 -34.01 -27.13 20.45
N SER A 164 -41.83 -23.17 16.95
CA SER A 164 -41.28 -22.79 15.66
C SER A 164 -40.63 -21.42 15.80
N ARG A 165 -39.48 -21.28 15.16
CA ARG A 165 -38.70 -20.05 15.14
C ARG A 165 -38.92 -19.25 13.87
N GLY A 166 -39.79 -19.73 12.99
CA GLY A 166 -40.04 -19.12 11.71
C GLY A 166 -39.21 -19.74 10.61
N GLY A 167 -38.45 -20.78 10.95
CA GLY A 167 -37.60 -21.48 10.03
C GLY A 167 -38.41 -22.25 9.00
N CYS A 168 -37.71 -22.67 7.95
CA CYS A 168 -38.31 -23.41 6.85
C CYS A 168 -37.82 -24.84 6.78
N GLY A 169 -36.87 -25.22 7.62
CA GLY A 169 -36.35 -26.57 7.75
C GLY A 169 -35.24 -26.93 6.80
N ASN A 170 -34.95 -26.10 5.80
CA ASN A 170 -33.97 -26.44 4.78
C ASN A 170 -32.55 -26.47 5.35
N THR A 171 -31.75 -27.40 4.84
CA THR A 171 -30.33 -27.41 5.16
C THR A 171 -29.63 -26.26 4.44
N GLN A 172 -28.59 -25.73 5.06
CA GLN A 172 -28.00 -24.59 4.38
C GLN A 172 -26.75 -24.96 3.59
N PRO A 173 -26.52 -24.25 2.49
CA PRO A 173 -25.37 -24.57 1.64
C PRO A 173 -24.11 -23.92 2.15
N VAL A 174 -22.99 -24.46 1.70
CA VAL A 174 -21.68 -23.85 1.89
C VAL A 174 -21.38 -23.00 0.67
N VAL A 175 -21.43 -21.69 0.85
CA VAL A 175 -21.32 -20.73 -0.25
C VAL A 175 -19.84 -20.46 -0.48
N ARG A 176 -19.42 -20.53 -1.73
CA ARG A 176 -18.05 -20.26 -2.14
C ARG A 176 -18.01 -19.24 -3.26
N LYS A 177 -16.98 -18.40 -3.22
CA LYS A 177 -16.75 -17.36 -4.21
C LYS A 177 -15.83 -17.87 -5.32
N ASP A 178 -16.23 -17.63 -6.56
CA ASP A 178 -15.46 -18.03 -7.74
C ASP A 178 -15.47 -16.80 -8.67
N GLY A 179 -14.56 -15.87 -8.41
CA GLY A 179 -14.53 -14.64 -9.19
C GLY A 179 -15.72 -13.77 -8.84
N MET A 180 -16.46 -13.33 -9.86
CA MET A 180 -17.64 -12.51 -9.63
C MET A 180 -18.90 -13.35 -9.43
N LYS A 181 -18.77 -14.65 -9.22
CA LYS A 181 -19.90 -15.54 -9.10
C LYS A 181 -19.82 -16.25 -7.76
N LEU A 182 -20.97 -16.49 -7.15
CA LEU A 182 -21.06 -17.23 -5.89
C LEU A 182 -21.75 -18.55 -6.10
N TRP A 183 -21.11 -19.62 -5.64
CA TRP A 183 -21.64 -20.97 -5.77
C TRP A 183 -21.99 -21.47 -4.39
N GLY A 184 -23.17 -22.05 -4.26
CA GLY A 184 -23.70 -22.64 -3.06
C GLY A 184 -23.91 -24.13 -3.24
N THR A 185 -23.41 -24.97 -2.33
CA THR A 185 -23.51 -26.41 -2.47
C THR A 185 -24.42 -26.89 -1.35
N TRP A 186 -25.61 -27.34 -1.72
CA TRP A 186 -26.59 -27.87 -0.79
C TRP A 186 -26.46 -29.37 -0.62
N LYS A 187 -26.62 -29.83 0.62
CA LYS A 187 -26.45 -31.24 0.93
C LYS A 187 -27.87 -31.82 1.03
N LYS A 188 -28.36 -32.41 -0.06
CA LYS A 188 -29.68 -33.00 -0.07
C LYS A 188 -29.70 -34.31 0.73
N SER A 189 -30.68 -34.43 1.62
CA SER A 189 -30.83 -35.62 2.45
C SER A 189 -31.52 -36.74 1.69
N ARG A 194 -26.11 -42.66 3.41
CA ARG A 194 -25.57 -41.41 3.93
C ARG A 194 -25.32 -40.37 2.84
N ASP A 195 -24.11 -40.43 2.27
CA ASP A 195 -23.70 -39.53 1.20
C ASP A 195 -24.51 -39.78 -0.06
N ALA A 196 -24.87 -38.71 -0.77
CA ALA A 196 -25.73 -38.92 -1.93
C ALA A 196 -25.12 -38.15 -3.09
N GLN A 197 -25.89 -37.31 -3.77
CA GLN A 197 -25.28 -36.41 -4.73
C GLN A 197 -25.70 -34.97 -4.49
N PRO A 198 -24.77 -34.05 -4.30
CA PRO A 198 -25.16 -32.66 -4.05
C PRO A 198 -25.16 -31.85 -5.34
N GLU A 199 -26.08 -30.91 -5.50
CA GLU A 199 -26.13 -30.14 -6.73
C GLU A 199 -25.94 -28.66 -6.41
N ARG A 200 -24.77 -28.13 -6.76
CA ARG A 200 -24.47 -26.74 -6.57
C ARG A 200 -24.95 -25.97 -7.79
N LYS A 201 -25.91 -25.07 -7.58
CA LYS A 201 -26.39 -24.16 -8.62
C LYS A 201 -25.89 -22.75 -8.32
N LEU A 202 -25.89 -21.93 -9.35
CA LEU A 202 -25.39 -20.57 -9.22
C LEU A 202 -26.39 -19.71 -8.48
N LEU A 203 -25.88 -18.91 -7.55
CA LEU A 203 -26.68 -18.00 -6.74
C LEU A 203 -26.65 -16.63 -7.40
N THR A 204 -27.59 -16.39 -8.31
CA THR A 204 -27.63 -15.16 -9.07
C THR A 204 -27.90 -13.96 -8.13
N PRO A 205 -27.50 -12.75 -8.54
CA PRO A 205 -27.89 -11.55 -7.77
C PRO A 205 -29.38 -11.35 -7.56
N GLY A 206 -30.18 -11.59 -8.61
CA GLY A 206 -31.62 -11.45 -8.49
C GLY A 206 -32.25 -12.37 -7.47
N GLU A 207 -31.79 -13.63 -7.44
CA GLU A 207 -32.26 -14.59 -6.44
C GLU A 207 -31.96 -14.11 -5.02
N ILE A 208 -30.74 -13.67 -4.77
CA ILE A 208 -30.32 -13.19 -3.45
C ILE A 208 -31.05 -11.89 -3.08
N LEU A 209 -31.35 -11.05 -4.08
CA LEU A 209 -32.02 -9.77 -3.86
C LEU A 209 -33.38 -9.92 -3.19
N ASN A 210 -34.20 -10.85 -3.69
CA ASN A 210 -35.52 -11.07 -3.13
C ASN A 210 -35.44 -11.59 -1.71
N VAL A 211 -34.51 -12.52 -1.46
CA VAL A 211 -34.29 -13.07 -0.12
C VAL A 211 -33.94 -11.96 0.88
N PHE A 212 -33.10 -11.00 0.46
CA PHE A 212 -32.70 -9.93 1.39
C PHE A 212 -33.84 -8.99 1.77
N LYS A 213 -34.79 -8.70 0.87
CA LYS A 213 -35.89 -7.82 1.25
C LYS A 213 -36.82 -8.42 2.29
N HIS A 214 -36.80 -9.73 2.49
CA HIS A 214 -37.68 -10.33 3.47
C HIS A 214 -37.07 -10.44 4.85
N ILE A 215 -35.82 -9.99 5.03
CA ILE A 215 -35.21 -9.95 6.35
C ILE A 215 -35.94 -8.96 7.24
N SER A 216 -36.29 -9.40 8.45
CA SER A 216 -37.07 -8.57 9.35
C SER A 216 -36.22 -7.43 9.89
N PRO A 217 -36.86 -6.31 10.28
CA PRO A 217 -36.14 -5.23 11.02
C PRO A 217 -35.38 -5.66 12.26
N GLU A 218 -35.94 -6.59 13.05
CA GLU A 218 -35.24 -7.05 14.25
C GLU A 218 -33.99 -7.85 13.91
N ASP A 219 -34.01 -8.63 12.83
CA ASP A 219 -32.82 -9.37 12.44
C ASP A 219 -31.83 -8.50 11.68
N CYS A 220 -32.31 -7.49 10.98
CA CYS A 220 -31.45 -6.47 10.37
C CYS A 220 -30.55 -5.78 11.40
N PHE A 221 -31.09 -5.43 12.57
CA PHE A 221 -30.25 -4.81 13.59
C PHE A 221 -29.21 -5.77 14.14
N ARG A 222 -29.63 -7.01 14.49
CA ARG A 222 -28.75 -8.01 15.07
C ARG A 222 -27.59 -8.41 14.15
N LEU A 223 -27.70 -8.15 12.86
CA LEU A 223 -26.64 -8.42 11.91
C LEU A 223 -25.67 -7.26 11.78
N GLY A 224 -25.80 -6.26 12.64
CA GLY A 224 -24.93 -5.11 12.58
C GLY A 224 -25.24 -4.12 11.47
N PHE A 225 -26.32 -4.32 10.74
CA PHE A 225 -26.70 -3.36 9.72
C PHE A 225 -27.60 -2.32 10.39
N ASN A 226 -28.15 -1.40 9.60
CA ASN A 226 -28.84 -0.26 10.18
C ASN A 226 -30.02 0.05 9.28
N GLU A 227 -31.21 0.11 9.86
CA GLU A 227 -32.45 0.19 9.11
C GLU A 227 -32.57 1.49 8.31
N ASP A 228 -31.94 2.58 8.78
CA ASP A 228 -32.08 3.86 8.11
C ASP A 228 -30.96 4.19 7.15
N TYR A 229 -29.76 3.64 7.36
CA TYR A 229 -28.58 4.11 6.66
C TYR A 229 -27.88 3.03 5.86
N ALA A 230 -27.89 1.77 6.31
CA ALA A 230 -27.19 0.68 5.63
C ALA A 230 -28.10 -0.54 5.69
N ARG A 231 -29.13 -0.53 4.85
CA ARG A 231 -30.05 -1.65 4.75
C ARG A 231 -29.46 -2.70 3.80
N PRO A 232 -29.41 -3.98 4.20
CA PRO A 232 -28.58 -4.96 3.50
C PRO A 232 -28.93 -5.25 2.05
N GLU A 233 -30.15 -4.99 1.58
CA GLU A 233 -30.37 -5.22 0.16
C GLU A 233 -29.80 -4.13 -0.71
N TRP A 234 -29.37 -3.02 -0.14
CA TRP A 234 -28.74 -1.95 -0.90
C TRP A 234 -27.31 -2.26 -1.30
N MET A 235 -26.74 -3.37 -0.86
CA MET A 235 -25.46 -3.84 -1.36
C MET A 235 -25.55 -4.47 -2.75
N ILE A 236 -26.73 -4.68 -3.25
CA ILE A 236 -26.95 -5.14 -4.62
C ILE A 236 -27.36 -3.91 -5.43
N ILE A 237 -26.80 -3.77 -6.63
CA ILE A 237 -26.95 -2.58 -7.45
C ILE A 237 -28.08 -2.82 -8.43
N THR A 238 -29.10 -1.98 -8.38
CA THR A 238 -30.16 -2.00 -9.38
C THR A 238 -30.23 -0.76 -10.25
N VAL A 239 -29.83 0.40 -9.73
CA VAL A 239 -29.78 1.61 -10.52
C VAL A 239 -28.46 2.31 -10.22
N LEU A 240 -27.76 2.71 -11.26
CA LEU A 240 -26.42 3.26 -11.13
C LEU A 240 -26.47 4.78 -11.19
N PRO A 241 -25.88 5.46 -10.21
CA PRO A 241 -25.81 6.91 -10.25
C PRO A 241 -24.79 7.38 -11.27
N VAL A 242 -25.21 8.32 -12.11
CA VAL A 242 -24.40 8.83 -13.22
C VAL A 242 -23.74 10.12 -12.75
N PRO A 243 -22.42 10.15 -12.57
CA PRO A 243 -21.78 11.34 -12.03
C PRO A 243 -21.81 12.47 -13.04
N PRO A 244 -21.79 13.72 -12.59
CA PRO A 244 -21.87 14.85 -13.52
C PRO A 244 -20.57 15.00 -14.28
N PRO A 245 -20.48 15.84 -15.33
CA PRO A 245 -19.21 15.97 -16.07
C PRO A 245 -18.03 16.50 -15.29
N GLN A 246 -18.23 17.18 -14.17
CA GLN A 246 -17.10 17.63 -13.34
C GLN A 246 -16.23 16.48 -12.85
N VAL A 247 -16.80 15.29 -12.71
CA VAL A 247 -16.03 14.14 -12.27
C VAL A 247 -15.22 13.55 -13.43
N ARG A 248 -15.58 13.83 -14.69
CA ARG A 248 -14.96 13.16 -15.83
C ARG A 248 -14.84 14.19 -16.95
N PRO A 249 -13.97 15.17 -16.80
CA PRO A 249 -13.90 16.24 -17.80
C PRO A 249 -13.20 15.77 -19.06
N SER A 250 -13.54 16.40 -20.16
CA SER A 250 -12.84 16.16 -21.41
C SER A 250 -11.60 17.03 -21.50
N ILE A 251 -10.61 16.51 -22.21
CA ILE A 251 -9.33 17.16 -22.41
C ILE A 251 -9.07 17.21 -23.91
N ALA A 252 -8.33 18.21 -24.35
CA ALA A 252 -8.05 18.40 -25.77
C ALA A 252 -6.59 18.07 -25.93
N MET A 253 -6.32 16.94 -26.59
CA MET A 253 -4.96 16.48 -26.87
C MET A 253 -4.19 17.47 -27.74
N ASP A 254 -4.66 17.71 -28.97
CA ASP A 254 -4.04 18.74 -29.81
C ASP A 254 -5.09 19.74 -30.32
N GLU A 255 -5.46 20.65 -29.43
CA GLU A 255 -6.47 21.71 -29.56
C GLU A 255 -7.88 21.38 -30.07
N THR A 256 -8.02 20.98 -31.34
CA THR A 256 -9.34 20.68 -31.90
C THR A 256 -9.67 19.20 -31.89
N THR A 257 -8.98 18.41 -31.07
CA THR A 257 -9.19 16.98 -30.95
C THR A 257 -9.31 16.70 -29.46
N GLN A 258 -10.44 16.14 -29.06
CA GLN A 258 -10.68 15.89 -27.66
C GLN A 258 -11.01 14.42 -27.45
N GLY A 259 -10.35 13.84 -26.46
CA GLY A 259 -10.64 12.49 -26.04
C GLY A 259 -11.42 12.54 -24.75
N GLN A 260 -12.06 11.43 -24.43
CA GLN A 260 -12.91 11.34 -23.27
C GLN A 260 -12.20 10.68 -22.10
N ASP A 261 -12.69 10.96 -20.91
CA ASP A 261 -12.17 10.37 -19.69
C ASP A 261 -12.45 8.87 -19.71
N ASP A 262 -11.63 8.12 -18.97
CA ASP A 262 -11.78 6.65 -18.89
C ASP A 262 -13.16 6.27 -18.38
N LEU A 263 -13.73 7.06 -17.48
CA LEU A 263 -15.05 6.76 -16.97
C LEU A 263 -16.12 6.96 -18.03
N THR A 264 -15.96 8.00 -18.87
CA THR A 264 -16.91 8.25 -19.95
C THR A 264 -16.95 7.08 -20.93
N HIS A 265 -15.78 6.59 -21.35
CA HIS A 265 -15.75 5.41 -22.22
C HIS A 265 -16.34 4.19 -21.53
N LYS A 266 -16.03 4.02 -20.23
CA LYS A 266 -16.50 2.85 -19.50
C LYS A 266 -18.00 2.89 -19.25
N LEU A 267 -18.56 4.09 -19.09
CA LEU A 267 -20.01 4.20 -18.91
C LEU A 267 -20.74 3.93 -20.21
N SER A 268 -20.15 4.33 -21.33
CA SER A 268 -20.67 3.92 -22.64
C SER A 268 -20.74 2.40 -22.77
N ASP A 269 -19.70 1.69 -22.33
CA ASP A 269 -19.71 0.23 -22.41
C ASP A 269 -20.79 -0.39 -21.53
N ILE A 270 -20.98 0.14 -20.32
CA ILE A 270 -22.07 -0.35 -19.47
C ILE A 270 -23.43 -0.06 -20.10
N LEU A 271 -23.56 1.12 -20.70
CA LEU A 271 -24.84 1.51 -21.30
C LEU A 271 -25.16 0.67 -22.53
N LYS A 272 -24.19 0.45 -23.43
CA LYS A 272 -24.39 -0.47 -24.55
C LYS A 272 -24.78 -1.87 -24.05
N ALA A 273 -24.02 -2.39 -23.08
CA ALA A 273 -24.29 -3.72 -22.54
C ALA A 273 -25.65 -3.80 -21.86
N ASN A 274 -26.14 -2.67 -21.33
CA ASN A 274 -27.45 -2.66 -20.72
C ASN A 274 -28.56 -2.82 -21.76
N ILE A 275 -28.38 -2.22 -22.94
CA ILE A 275 -29.41 -2.30 -23.97
C ILE A 275 -29.53 -3.73 -24.50
N ASN A 276 -28.40 -4.44 -24.61
CA ASN A 276 -28.43 -5.82 -25.11
C ASN A 276 -29.07 -6.79 -24.14
N VAL A 277 -29.13 -6.49 -22.85
CA VAL A 277 -29.91 -7.32 -21.94
C VAL A 277 -31.40 -7.12 -22.18
N GLN A 278 -31.79 -5.93 -22.62
CA GLN A 278 -33.20 -5.68 -22.96
C GLN A 278 -33.55 -6.33 -24.29
N LYS A 279 -32.56 -6.49 -25.16
CA LYS A 279 -32.67 -7.05 -26.50
C LYS A 279 -32.80 -8.57 -26.48
N LEU A 280 -32.57 -9.22 -25.34
CA LEU A 280 -32.58 -10.68 -25.23
C LEU A 280 -33.95 -11.21 -24.80
N GLU A 281 -34.50 -10.72 -23.69
CA GLU A 281 -35.68 -11.27 -23.02
C GLU A 281 -36.97 -11.18 -23.85
N MET A 282 -36.94 -10.58 -25.04
CA MET A 282 -38.12 -10.40 -25.87
C MET A 282 -38.12 -11.25 -27.12
N ASP A 283 -37.03 -11.96 -27.42
CA ASP A 283 -36.90 -12.79 -28.61
C ASP A 283 -35.78 -13.80 -28.44
N GLY A 284 -35.02 -14.07 -29.50
CA GLY A 284 -33.99 -15.09 -29.55
C GLY A 284 -32.98 -15.09 -28.42
N SER A 285 -33.31 -15.84 -27.37
CA SER A 285 -32.40 -16.15 -26.27
C SER A 285 -32.10 -17.64 -26.20
N PRO A 286 -30.99 -18.11 -26.77
CA PRO A 286 -30.55 -19.49 -26.48
C PRO A 286 -29.97 -19.79 -25.10
N GLN A 287 -30.57 -19.25 -24.03
CA GLN A 287 -30.19 -19.42 -22.62
C GLN A 287 -28.69 -19.31 -22.30
N HIS A 288 -27.85 -20.24 -22.81
CA HIS A 288 -26.38 -20.12 -22.75
C HIS A 288 -25.82 -18.80 -23.27
N ILE A 289 -26.61 -18.03 -24.02
CA ILE A 289 -26.28 -16.68 -24.46
C ILE A 289 -26.65 -15.65 -23.40
N ILE A 290 -27.79 -15.86 -22.71
CA ILE A 290 -28.20 -14.98 -21.62
C ILE A 290 -27.15 -14.94 -20.52
N ASN A 291 -26.52 -16.08 -20.23
CA ASN A 291 -25.49 -16.12 -19.21
C ASN A 291 -24.22 -15.42 -19.65
N GLU A 292 -23.91 -15.42 -20.93
CA GLU A 292 -22.71 -14.71 -21.37
C GLU A 292 -22.92 -13.20 -21.38
N VAL A 293 -24.15 -12.75 -21.67
CA VAL A 293 -24.40 -11.31 -21.74
C VAL A 293 -24.64 -10.71 -20.36
N GLU A 294 -25.35 -11.41 -19.47
CA GLU A 294 -25.52 -10.92 -18.10
C GLU A 294 -24.20 -10.89 -17.33
N GLN A 295 -23.37 -11.92 -17.47
CA GLN A 295 -22.06 -11.91 -16.80
C GLN A 295 -21.20 -10.75 -17.29
N LEU A 296 -21.37 -10.35 -18.55
CA LEU A 296 -20.59 -9.25 -19.09
C LEU A 296 -21.04 -7.90 -18.55
N LEU A 297 -22.33 -7.76 -18.27
CA LEU A 297 -22.80 -6.55 -17.61
C LEU A 297 -22.24 -6.47 -16.19
N GLN A 298 -22.26 -7.60 -15.47
CA GLN A 298 -21.61 -7.69 -14.16
C GLN A 298 -20.15 -7.33 -14.23
N PHE A 299 -19.46 -7.76 -15.29
CA PHE A 299 -18.04 -7.47 -15.45
C PHE A 299 -17.77 -5.98 -15.59
N HIS A 300 -18.49 -5.31 -16.50
CA HIS A 300 -18.26 -3.90 -16.75
C HIS A 300 -18.60 -3.04 -15.55
N VAL A 301 -19.64 -3.40 -14.80
CA VAL A 301 -20.00 -2.64 -13.61
C VAL A 301 -18.96 -2.88 -12.53
N ALA A 302 -18.32 -4.05 -12.53
CA ALA A 302 -17.30 -4.32 -11.52
C ALA A 302 -16.03 -3.52 -11.83
N THR A 303 -15.48 -3.66 -13.04
CA THR A 303 -14.23 -2.96 -13.34
C THR A 303 -14.43 -1.45 -13.46
N TYR A 304 -15.66 -0.96 -13.55
CA TYR A 304 -15.93 0.46 -13.49
C TYR A 304 -15.63 1.02 -12.11
N MET A 305 -15.84 0.22 -11.07
CA MET A 305 -15.56 0.65 -9.72
C MET A 305 -14.20 0.20 -9.22
N ASP A 306 -13.77 -0.99 -9.60
CA ASP A 306 -12.51 -1.55 -9.09
C ASP A 306 -11.93 -2.39 -10.22
N ASN A 307 -10.79 -1.98 -10.77
CA ASN A 307 -10.16 -2.72 -11.85
C ASN A 307 -8.87 -3.37 -11.37
N ASP A 308 -8.81 -3.72 -10.09
CA ASP A 308 -7.71 -4.49 -9.54
C ASP A 308 -8.19 -5.78 -8.88
N ILE A 309 -9.27 -6.34 -9.42
CA ILE A 309 -9.85 -7.59 -8.91
C ILE A 309 -8.85 -8.72 -9.07
N ALA A 310 -8.50 -9.38 -7.96
CA ALA A 310 -7.52 -10.44 -7.97
C ALA A 310 -8.05 -11.68 -8.66
N GLY A 311 -7.19 -12.34 -9.42
CA GLY A 311 -7.51 -13.59 -10.06
C GLY A 311 -8.14 -13.53 -11.42
N GLN A 312 -8.24 -12.34 -12.03
CA GLN A 312 -8.84 -12.25 -13.36
C GLN A 312 -8.17 -11.11 -14.10
N PRO A 313 -8.16 -11.14 -15.45
CA PRO A 313 -7.48 -10.07 -16.20
C PRO A 313 -8.16 -8.73 -16.07
N GLN A 314 -7.34 -7.68 -16.07
CA GLN A 314 -7.82 -6.31 -16.01
C GLN A 314 -8.51 -5.89 -17.30
N ALA A 315 -9.52 -5.03 -17.16
CA ALA A 315 -10.07 -4.32 -18.30
C ALA A 315 -9.02 -3.43 -18.91
N LEU A 316 -8.94 -3.40 -20.24
CA LEU A 316 -7.92 -2.65 -20.94
C LEU A 316 -8.54 -1.63 -21.87
N GLN A 317 -7.89 -0.48 -21.98
CA GLN A 317 -8.14 0.47 -23.04
C GLN A 317 -7.59 -0.06 -24.36
N LYS A 318 -8.07 0.52 -25.48
CA LYS A 318 -7.55 0.14 -26.80
C LYS A 318 -6.08 0.47 -26.95
N SER A 319 -5.57 1.46 -26.22
CA SER A 319 -4.13 1.70 -26.18
C SER A 319 -3.35 0.59 -25.49
N GLY A 320 -4.01 -0.33 -24.80
CA GLY A 320 -3.37 -1.44 -24.15
C GLY A 320 -3.18 -1.27 -22.66
N ARG A 321 -3.18 -0.04 -22.17
CA ARG A 321 -2.96 0.22 -20.75
C ARG A 321 -4.28 0.03 -19.97
N PRO A 322 -4.20 -0.35 -18.70
CA PRO A 322 -5.42 -0.59 -17.91
C PRO A 322 -6.28 0.64 -17.67
N VAL A 323 -7.59 0.38 -17.55
CA VAL A 323 -8.57 1.42 -17.32
C VAL A 323 -8.40 1.96 -15.90
N LYS A 324 -8.54 3.28 -15.76
CA LYS A 324 -8.41 3.93 -14.47
C LYS A 324 -9.75 3.91 -13.74
N ALA A 325 -9.95 2.90 -12.91
CA ALA A 325 -11.21 2.76 -12.20
C ALA A 325 -11.28 3.74 -11.03
N ILE A 326 -12.47 3.86 -10.43
CA ILE A 326 -12.68 4.81 -9.34
C ILE A 326 -11.83 4.46 -8.13
N ARG A 327 -11.68 3.16 -7.83
CA ARG A 327 -10.87 2.74 -6.69
C ARG A 327 -9.43 3.19 -6.84
N ALA A 328 -8.90 3.08 -8.05
CA ALA A 328 -7.53 3.49 -8.31
C ALA A 328 -7.37 5.00 -8.28
N ARG A 329 -8.48 5.74 -8.45
CA ARG A 329 -8.42 7.20 -8.33
C ARG A 329 -8.13 7.64 -6.90
N LEU A 330 -8.45 6.84 -5.90
CA LEU A 330 -8.37 7.32 -4.54
C LEU A 330 -7.12 6.84 -3.83
N LYS A 331 -6.52 5.75 -4.25
CA LYS A 331 -5.44 5.17 -3.49
C LYS A 331 -4.11 5.68 -4.05
N GLY A 332 -3.07 5.53 -3.26
CA GLY A 332 -1.72 5.77 -3.70
C GLY A 332 -1.34 7.24 -3.58
N LYS A 333 -0.04 7.49 -3.75
CA LYS A 333 0.55 8.82 -3.59
C LYS A 333 -0.09 9.92 -4.42
N GLU A 334 -0.57 9.62 -5.61
CA GLU A 334 -1.12 10.67 -6.45
C GLU A 334 -2.64 10.73 -6.45
N GLY A 335 -3.32 9.89 -5.68
CA GLY A 335 -4.77 9.83 -5.72
C GLY A 335 -5.39 10.97 -4.94
N ARG A 336 -6.72 10.94 -4.82
CA ARG A 336 -7.46 12.05 -4.22
C ARG A 336 -7.08 12.30 -2.78
N LEU A 337 -6.82 11.24 -2.01
CA LEU A 337 -6.60 11.46 -0.60
C LEU A 337 -5.16 11.87 -0.30
N ARG A 338 -4.18 11.09 -0.73
CA ARG A 338 -2.81 11.46 -0.38
C ARG A 338 -2.29 12.59 -1.26
N GLY A 339 -2.80 12.73 -2.48
CA GLY A 339 -2.32 13.72 -3.41
C GLY A 339 -3.04 15.05 -3.49
N ASN A 340 -4.29 15.13 -3.06
CA ASN A 340 -5.06 16.37 -3.14
C ASN A 340 -5.68 16.83 -1.83
N LEU A 341 -5.71 16.02 -0.79
CA LEU A 341 -6.40 16.38 0.44
C LEU A 341 -5.45 16.41 1.63
N MET A 342 -4.61 15.38 1.80
CA MET A 342 -3.63 15.48 2.86
C MET A 342 -2.50 16.43 2.47
N GLY A 343 -2.35 16.72 1.20
CA GLY A 343 -1.41 17.73 0.72
C GLY A 343 -1.83 18.15 -0.66
N LYS A 344 -1.42 19.33 -1.06
CA LYS A 344 -1.89 19.89 -2.31
C LYS A 344 -0.98 21.06 -2.68
N ARG A 345 -1.07 21.47 -3.93
CA ARG A 345 -0.35 22.63 -4.39
C ARG A 345 -1.05 23.90 -3.93
N VAL A 346 -0.27 24.96 -3.68
CA VAL A 346 -0.81 26.16 -3.05
C VAL A 346 -0.31 27.41 -3.77
N ASP A 347 -1.12 28.46 -3.69
CA ASP A 347 -0.80 29.79 -4.15
C ASP A 347 0.12 30.50 -3.18
N PHE A 348 0.62 31.67 -3.61
CA PHE A 348 1.49 32.55 -2.85
C PHE A 348 2.71 31.84 -2.29
N SER A 349 3.44 31.18 -3.17
CA SER A 349 4.64 30.44 -2.81
C SER A 349 5.73 30.81 -3.79
N ALA A 350 6.97 30.53 -3.40
CA ALA A 350 8.08 30.86 -4.27
C ALA A 350 9.26 29.97 -3.93
N ARG A 351 10.20 29.87 -4.85
CA ARG A 351 11.31 28.96 -4.64
C ARG A 351 12.51 29.41 -5.45
N THR A 352 13.69 29.37 -4.84
CA THR A 352 14.94 29.62 -5.55
C THR A 352 16.13 29.13 -4.74
N VAL A 353 17.30 29.21 -5.36
CA VAL A 353 18.56 28.83 -4.72
C VAL A 353 18.85 29.79 -3.57
N ILE A 354 19.48 29.30 -2.51
CA ILE A 354 19.77 30.10 -1.33
C ILE A 354 21.24 30.44 -1.26
N SER A 355 21.54 31.57 -0.62
CA SER A 355 22.93 31.96 -0.38
C SER A 355 23.00 32.48 1.05
N GLY A 356 24.18 32.43 1.66
CA GLY A 356 24.34 32.98 2.99
C GLY A 356 24.73 34.45 3.08
N ASP A 357 24.32 35.09 4.16
CA ASP A 357 24.74 36.45 4.40
C ASP A 357 24.95 36.71 5.89
N PRO A 358 26.21 36.85 6.33
CA PRO A 358 26.49 37.25 7.72
C PRO A 358 26.00 38.60 8.14
N ASN A 359 25.61 39.49 7.24
CA ASN A 359 25.24 40.85 7.62
C ASN A 359 23.74 41.03 7.56
N LEU A 360 23.02 39.97 7.89
CA LEU A 360 21.60 39.95 8.09
C LEU A 360 21.35 39.47 9.51
N GLU A 361 20.28 39.99 10.12
CA GLU A 361 19.90 39.50 11.45
C GLU A 361 19.44 38.06 11.36
N LEU A 362 19.51 37.37 12.50
CA LEU A 362 19.12 35.96 12.60
C LEU A 362 17.74 35.69 12.03
N ASP A 363 16.76 36.55 12.33
CA ASP A 363 15.41 36.29 11.90
C ASP A 363 15.05 36.96 10.57
N GLN A 364 16.03 37.40 9.80
CA GLN A 364 15.71 37.97 8.50
C GLN A 364 15.87 36.94 7.37
N VAL A 365 15.20 37.21 6.25
CA VAL A 365 15.41 36.52 4.98
C VAL A 365 15.48 37.52 3.85
N GLY A 366 16.57 37.49 3.08
CA GLY A 366 16.67 38.36 1.92
C GLY A 366 15.87 37.82 0.75
N VAL A 367 14.98 38.66 0.21
CA VAL A 367 14.03 38.25 -0.81
C VAL A 367 14.31 39.03 -2.08
N PRO A 368 14.62 38.36 -3.20
CA PRO A 368 14.81 39.03 -4.49
C PRO A 368 13.66 39.95 -4.87
N ILE A 369 14.02 41.06 -5.53
CA ILE A 369 13.03 42.07 -5.94
C ILE A 369 11.95 41.47 -6.84
N SER A 370 12.34 40.63 -7.81
CA SER A 370 11.37 40.07 -8.76
C SER A 370 10.33 39.21 -8.05
N ILE A 371 10.76 38.47 -7.04
CA ILE A 371 9.83 37.68 -6.25
C ILE A 371 8.94 38.60 -5.44
N ALA A 372 9.52 39.66 -4.87
CA ALA A 372 8.76 40.61 -4.08
C ALA A 372 7.72 41.38 -4.87
N LYS A 373 7.85 41.48 -6.19
CA LYS A 373 6.82 42.12 -6.96
C LYS A 373 5.72 41.17 -7.41
N THR A 374 6.00 39.86 -7.43
CA THR A 374 4.97 38.89 -7.78
C THR A 374 4.10 38.50 -6.59
N LEU A 375 4.67 38.34 -5.41
CA LEU A 375 3.86 38.00 -4.25
C LEU A 375 3.15 39.24 -3.72
N SER A 376 2.09 39.03 -2.95
CA SER A 376 1.33 40.15 -2.45
C SER A 376 0.65 39.81 -1.14
N TYR A 377 0.21 40.85 -0.44
CA TYR A 377 -0.52 40.74 0.80
C TYR A 377 -1.73 41.66 0.74
N PRO A 378 -2.93 41.20 1.03
CA PRO A 378 -4.08 42.10 0.95
C PRO A 378 -4.30 42.90 2.22
N GLU A 379 -3.83 44.14 2.24
CA GLU A 379 -3.93 44.99 3.42
C GLU A 379 -5.23 45.78 3.40
N THR A 380 -6.02 45.67 4.46
CA THR A 380 -7.26 46.42 4.57
C THR A 380 -7.01 47.90 4.80
N VAL A 381 -7.78 48.74 4.11
CA VAL A 381 -7.65 50.19 4.15
C VAL A 381 -8.35 50.72 5.40
N THR A 382 -7.63 51.48 6.23
CA THR A 382 -8.21 52.13 7.39
C THR A 382 -7.82 53.60 7.40
N GLN A 383 -8.38 54.33 8.38
CA GLN A 383 -8.07 55.75 8.57
C GLN A 383 -6.59 56.01 8.80
N TYR A 384 -5.84 55.05 9.34
CA TYR A 384 -4.46 55.29 9.72
C TYR A 384 -3.47 55.05 8.59
N ASN A 385 -3.89 54.38 7.53
CA ASN A 385 -2.98 54.07 6.43
C ASN A 385 -3.47 54.47 5.05
N ILE A 386 -4.62 55.16 4.93
CA ILE A 386 -5.21 55.46 3.64
C ILE A 386 -4.31 56.37 2.80
N HIS A 387 -3.64 57.33 3.43
CA HIS A 387 -2.73 58.21 2.70
C HIS A 387 -1.55 57.42 2.17
N ARG A 388 -0.96 56.60 3.03
CA ARG A 388 0.15 55.72 2.68
C ARG A 388 -0.19 54.79 1.52
N LEU A 389 -1.38 54.19 1.55
CA LEU A 389 -1.77 53.22 0.53
C LEU A 389 -2.06 53.84 -0.83
N THR A 390 -2.53 55.08 -0.87
CA THR A 390 -2.73 55.76 -2.15
C THR A 390 -1.43 55.94 -2.92
N GLU A 391 -0.32 56.19 -2.20
CA GLU A 391 0.98 56.31 -2.84
C GLU A 391 1.36 55.04 -3.59
N TYR A 392 1.13 53.89 -2.97
CA TYR A 392 1.35 52.60 -3.63
C TYR A 392 0.52 52.45 -4.90
N VAL A 393 -0.74 52.90 -4.87
CA VAL A 393 -1.61 52.78 -6.04
C VAL A 393 -1.09 53.58 -7.23
N ARG A 394 -0.59 54.80 -7.00
CA ARG A 394 -0.04 55.60 -8.10
C ARG A 394 1.20 54.96 -8.71
N ASN A 395 2.02 54.31 -7.90
CA ASN A 395 3.23 53.69 -8.43
C ASN A 395 2.91 52.51 -9.33
N GLY A 396 1.84 51.77 -9.05
CA GLY A 396 1.40 50.76 -9.97
C GLY A 396 2.16 49.46 -9.81
N PRO A 397 1.86 48.49 -10.68
CA PRO A 397 2.45 47.15 -10.52
C PRO A 397 3.92 47.06 -10.89
N ASN A 398 4.51 48.05 -11.56
CA ASN A 398 5.86 47.89 -12.07
C ASN A 398 6.92 48.70 -11.34
N GLU A 399 6.55 49.56 -10.41
CA GLU A 399 7.50 50.33 -9.65
C GLU A 399 7.33 49.98 -8.19
N HIS A 400 8.42 49.69 -7.52
CA HIS A 400 8.42 49.28 -6.13
C HIS A 400 8.84 50.44 -5.26
N PRO A 401 8.10 50.73 -4.19
CA PRO A 401 6.98 49.96 -3.63
C PRO A 401 5.59 50.25 -4.23
N GLY A 402 4.93 49.22 -4.72
CA GLY A 402 3.70 49.41 -5.45
C GLY A 402 2.59 48.45 -5.08
N ALA A 403 1.65 48.20 -5.99
CA ALA A 403 0.44 47.46 -5.67
C ALA A 403 -0.16 46.92 -6.95
N LYS A 404 -0.92 45.83 -6.82
CA LYS A 404 -1.44 45.12 -7.98
C LYS A 404 -2.94 45.17 -8.14
N TYR A 405 -3.72 45.15 -7.06
CA TYR A 405 -5.17 45.14 -7.21
C TYR A 405 -5.82 46.02 -6.15
N VAL A 406 -7.03 46.49 -6.44
CA VAL A 406 -7.88 47.10 -5.43
C VAL A 406 -9.18 46.31 -5.39
N ILE A 407 -9.50 45.77 -4.23
CA ILE A 407 -10.67 44.91 -4.07
C ILE A 407 -11.78 45.60 -3.30
N ARG A 408 -12.93 45.75 -3.94
CA ARG A 408 -14.08 46.32 -3.26
C ARG A 408 -14.75 45.27 -2.37
N ASP A 409 -15.58 45.74 -1.45
CA ASP A 409 -16.42 44.88 -0.61
C ASP A 409 -17.34 43.94 -1.41
N ASN A 410 -17.59 44.20 -2.69
CA ASN A 410 -18.43 43.29 -3.43
C ASN A 410 -17.63 42.14 -4.03
N GLY A 411 -16.33 42.35 -4.20
CA GLY A 411 -15.39 41.36 -4.68
C GLY A 411 -14.78 41.63 -6.03
N ASP A 412 -15.29 42.62 -6.77
CA ASP A 412 -14.71 42.98 -8.06
C ASP A 412 -13.28 43.48 -7.93
N ARG A 413 -12.35 42.82 -8.61
CA ARG A 413 -10.96 43.27 -8.60
C ARG A 413 -10.69 44.22 -9.76
N ILE A 414 -9.94 45.27 -9.47
CA ILE A 414 -9.46 46.18 -10.51
C ILE A 414 -8.00 45.85 -10.78
N ASP A 415 -7.73 45.40 -11.98
CA ASP A 415 -6.40 44.96 -12.38
C ASP A 415 -5.59 46.19 -12.78
N LEU A 416 -4.57 46.52 -12.00
CA LEU A 416 -3.83 47.75 -12.23
C LEU A 416 -2.85 47.66 -13.39
N ARG A 417 -2.73 46.51 -14.06
CA ARG A 417 -1.93 46.52 -15.28
C ARG A 417 -2.66 47.23 -16.41
N TYR A 418 -3.99 47.13 -16.45
CA TYR A 418 -4.77 47.60 -17.58
C TYR A 418 -5.60 48.82 -17.26
N HIS A 419 -5.50 49.37 -16.06
CA HIS A 419 -6.30 50.54 -15.73
C HIS A 419 -5.50 51.79 -16.07
N LYS A 420 -5.92 52.45 -17.15
CA LYS A 420 -5.29 53.64 -17.70
C LYS A 420 -5.69 54.89 -16.94
N ARG A 421 -6.76 54.82 -16.16
CA ARG A 421 -7.16 55.97 -15.37
C ARG A 421 -6.90 55.66 -13.90
N ALA A 422 -5.68 55.19 -13.60
CA ALA A 422 -5.29 54.83 -12.24
C ALA A 422 -5.28 56.03 -11.30
N GLY A 423 -4.98 57.22 -11.83
CA GLY A 423 -5.01 58.44 -11.07
C GLY A 423 -6.37 58.87 -10.56
N ASP A 424 -7.45 58.32 -11.13
CA ASP A 424 -8.80 58.66 -10.69
C ASP A 424 -9.42 57.65 -9.72
N ILE A 425 -8.62 56.86 -9.01
CA ILE A 425 -9.18 55.99 -7.99
C ILE A 425 -9.08 56.67 -6.62
N VAL A 426 -10.19 56.69 -5.88
CA VAL A 426 -10.25 57.16 -4.50
C VAL A 426 -10.60 55.97 -3.64
N LEU A 427 -9.80 55.70 -2.62
CA LEU A 427 -10.05 54.54 -1.78
C LEU A 427 -11.06 54.80 -0.68
N GLN A 428 -11.97 53.86 -0.49
CA GLN A 428 -12.95 53.86 0.58
C GLN A 428 -12.45 52.94 1.68
N TYR A 429 -12.69 53.31 2.93
CA TYR A 429 -12.47 52.39 4.05
C TYR A 429 -13.16 51.05 3.83
N GLY A 430 -12.49 49.98 4.28
CA GLY A 430 -13.02 48.66 4.13
C GLY A 430 -12.64 47.95 2.85
N TRP A 431 -12.26 48.68 1.80
CA TRP A 431 -11.65 48.08 0.63
C TRP A 431 -10.32 47.41 0.97
N LYS A 432 -9.81 46.62 0.02
CA LYS A 432 -8.52 45.99 0.17
C LYS A 432 -7.59 46.38 -0.96
N VAL A 433 -6.32 46.63 -0.64
CA VAL A 433 -5.27 46.85 -1.62
C VAL A 433 -4.27 45.71 -1.53
N GLU A 434 -4.07 44.99 -2.62
CA GLU A 434 -3.06 43.93 -2.64
C GLU A 434 -1.70 44.56 -2.96
N ARG A 435 -0.97 44.97 -1.94
CA ARG A 435 0.30 45.64 -2.14
C ARG A 435 1.43 44.64 -2.25
N HIS A 436 2.56 45.12 -2.76
CA HIS A 436 3.77 44.31 -2.85
C HIS A 436 4.26 43.92 -1.47
N LEU A 437 5.04 42.83 -1.45
CA LEU A 437 5.73 42.43 -0.24
C LEU A 437 6.77 43.49 0.14
N MET A 438 6.87 43.80 1.42
CA MET A 438 7.64 44.93 1.91
C MET A 438 8.34 44.54 3.18
N ASP A 439 9.32 45.38 3.56
CA ASP A 439 10.19 45.15 4.71
C ASP A 439 9.40 44.87 5.98
N ASP A 440 9.88 43.89 6.73
CA ASP A 440 9.40 43.38 8.01
C ASP A 440 8.08 42.62 7.94
N ASP A 441 7.50 42.40 6.76
CA ASP A 441 6.42 41.42 6.66
C ASP A 441 6.93 40.03 7.06
N PRO A 442 6.20 39.31 7.90
CA PRO A 442 6.58 37.93 8.22
C PRO A 442 6.18 36.96 7.12
N VAL A 443 7.06 36.00 6.84
CA VAL A 443 6.80 34.94 5.88
C VAL A 443 7.31 33.64 6.46
N LEU A 444 6.67 32.56 6.05
CA LEU A 444 7.04 31.21 6.48
C LEU A 444 8.05 30.63 5.50
N PHE A 445 9.18 30.16 6.03
CA PHE A 445 10.28 29.71 5.22
C PHE A 445 10.48 28.23 5.50
N ASN A 446 10.87 27.47 4.49
CA ASN A 446 10.74 26.02 4.58
C ASN A 446 11.69 25.33 3.62
N ARG A 447 12.41 24.31 4.08
CA ARG A 447 13.19 23.44 3.21
C ARG A 447 12.74 22.00 3.34
N GLN A 448 12.49 21.33 2.22
CA GLN A 448 12.21 19.91 2.23
C GLN A 448 13.48 19.07 2.31
N PRO A 449 13.44 17.90 2.97
CA PRO A 449 12.33 17.24 3.67
C PRO A 449 12.12 17.83 5.07
N SER A 450 10.86 18.05 5.46
CA SER A 450 10.51 18.69 6.73
C SER A 450 10.53 17.67 7.86
N LEU A 451 11.72 17.36 8.37
CA LEU A 451 11.85 16.24 9.30
C LEU A 451 11.40 16.58 10.71
N HIS A 452 11.40 17.85 11.08
CA HIS A 452 11.01 18.26 12.43
C HIS A 452 10.57 19.71 12.35
N LYS A 453 10.06 20.24 13.48
CA LYS A 453 9.30 21.49 13.44
C LYS A 453 10.15 22.68 13.07
N MET A 454 11.46 22.63 13.31
CA MET A 454 12.27 23.77 12.90
C MET A 454 12.66 23.71 11.43
N SER A 455 12.05 22.86 10.63
CA SER A 455 12.07 23.02 9.19
C SER A 455 11.14 24.11 8.70
N MET A 456 10.30 24.70 9.54
CA MET A 456 9.41 25.77 9.11
C MET A 456 9.42 26.86 10.17
N MET A 457 10.13 27.95 9.91
CA MET A 457 10.19 29.06 10.85
C MET A 457 9.83 30.33 10.12
N ALA A 458 9.30 31.30 10.86
CA ALA A 458 8.93 32.59 10.31
C ALA A 458 10.11 33.56 10.30
N HIS A 459 10.43 34.11 9.14
CA HIS A 459 11.46 35.14 9.04
C HIS A 459 10.84 36.47 8.63
N ARG A 460 11.53 37.57 8.96
CA ARG A 460 11.21 38.90 8.46
C ARG A 460 11.87 39.20 7.12
N VAL A 461 11.06 39.57 6.12
CA VAL A 461 11.55 39.89 4.78
C VAL A 461 12.48 41.10 4.81
N LYS A 462 13.59 41.05 4.08
CA LYS A 462 14.32 42.22 3.64
C LYS A 462 14.53 42.15 2.13
N VAL A 463 13.93 43.08 1.38
CA VAL A 463 14.03 43.07 -0.08
C VAL A 463 15.41 43.53 -0.52
N MET A 464 16.01 42.80 -1.46
CA MET A 464 17.40 42.92 -1.88
C MET A 464 17.52 42.65 -3.37
N PRO A 465 18.53 43.19 -4.06
CA PRO A 465 18.79 42.80 -5.44
C PRO A 465 19.35 41.39 -5.53
N TYR A 466 19.44 40.87 -6.78
CA TYR A 466 19.93 39.51 -7.08
C TYR A 466 18.94 38.44 -6.65
N SER A 467 19.03 37.25 -7.24
CA SER A 467 17.91 36.33 -7.32
C SER A 467 17.96 35.16 -6.34
N THR A 468 18.83 35.18 -5.35
CA THR A 468 18.88 34.11 -4.38
C THR A 468 18.16 34.55 -3.11
N PHE A 469 17.68 33.59 -2.33
CA PHE A 469 17.28 33.88 -0.96
C PHE A 469 18.45 33.96 -0.01
N ARG A 470 18.48 34.99 0.82
CA ARG A 470 19.58 35.14 1.75
C ARG A 470 19.17 34.74 3.15
N LEU A 471 20.04 33.98 3.80
CA LEU A 471 19.83 33.51 5.17
C LEU A 471 21.03 33.98 5.96
N ASN A 472 20.80 34.40 7.20
CA ASN A 472 21.92 34.52 8.11
C ASN A 472 22.46 33.13 8.35
N LEU A 473 23.79 33.02 8.45
CA LEU A 473 24.45 31.72 8.45
C LEU A 473 24.11 30.83 9.63
N SER A 474 23.69 31.39 10.75
CA SER A 474 23.47 30.57 11.91
C SER A 474 22.18 29.78 11.85
N VAL A 475 21.31 30.00 10.86
CA VAL A 475 20.13 29.17 10.71
C VAL A 475 20.31 28.00 9.74
N THR A 476 21.48 27.82 9.14
CA THR A 476 21.68 26.69 8.24
C THR A 476 21.52 25.36 8.97
N SER A 477 21.91 25.30 10.25
CA SER A 477 21.91 24.04 10.97
C SER A 477 20.51 23.46 11.17
N PRO A 478 19.52 24.17 11.76
CA PRO A 478 18.18 23.57 11.89
C PRO A 478 17.52 23.19 10.57
N TYR A 479 17.80 23.91 9.49
CA TYR A 479 17.23 23.49 8.21
C TYR A 479 17.99 22.32 7.60
N ASN A 480 19.17 21.99 8.14
CA ASN A 480 20.17 21.13 7.52
C ASN A 480 20.44 21.57 6.08
N ALA A 481 20.48 22.88 5.91
CA ALA A 481 20.72 23.55 4.65
C ALA A 481 22.19 23.82 4.47
N ASP A 482 22.62 23.82 3.21
CA ASP A 482 23.88 24.45 2.86
C ASP A 482 23.68 25.09 1.49
N PHE A 483 24.75 25.57 0.89
CA PHE A 483 24.62 26.43 -0.27
C PHE A 483 25.31 25.79 -1.46
N ASP A 484 25.15 24.48 -1.60
CA ASP A 484 25.72 23.76 -2.72
C ASP A 484 24.70 23.50 -3.82
N GLY A 485 23.63 24.28 -3.89
CA GLY A 485 22.56 24.03 -4.83
C GLY A 485 21.18 23.84 -4.24
N ASP A 486 21.06 23.63 -2.92
CA ASP A 486 19.78 23.61 -2.20
C ASP A 486 18.81 24.68 -2.63
N GLU A 487 17.54 24.36 -2.60
CA GLU A 487 16.49 25.34 -2.80
C GLU A 487 15.57 25.33 -1.60
N MET A 488 14.89 26.45 -1.37
CA MET A 488 13.99 26.55 -0.24
C MET A 488 12.72 27.26 -0.67
N ASN A 489 11.67 27.12 0.12
CA ASN A 489 10.34 27.55 -0.25
C ASN A 489 9.90 28.67 0.68
N LEU A 490 9.12 29.59 0.16
CA LEU A 490 8.65 30.70 0.96
C LEU A 490 7.14 30.77 0.80
N HIS A 491 6.44 30.98 1.90
CA HIS A 491 4.99 31.07 1.88
C HIS A 491 4.57 32.36 2.57
N VAL A 492 3.63 33.07 1.95
CA VAL A 492 3.21 34.39 2.40
C VAL A 492 1.83 34.25 3.03
N PRO A 493 1.66 34.55 4.32
CA PRO A 493 0.32 34.52 4.90
C PRO A 493 -0.53 35.62 4.28
N GLN A 494 -1.83 35.35 4.19
CA GLN A 494 -2.74 36.19 3.43
C GLN A 494 -3.75 36.96 4.26
N SER A 495 -3.58 37.05 5.57
CA SER A 495 -4.56 37.77 6.38
C SER A 495 -3.90 38.26 7.65
N GLU A 496 -4.60 39.20 8.29
CA GLU A 496 -4.20 39.73 9.59
C GLU A 496 -4.07 38.68 10.69
N GLU A 497 -4.93 37.66 10.70
CA GLU A 497 -4.87 36.67 11.78
C GLU A 497 -3.62 35.81 11.70
N THR A 498 -3.23 35.40 10.51
CA THR A 498 -2.08 34.52 10.37
C THR A 498 -0.74 35.22 10.46
N ARG A 499 -0.65 36.49 10.07
CA ARG A 499 0.55 37.26 10.39
C ARG A 499 0.85 37.22 11.88
N ALA A 500 -0.16 37.43 12.71
CA ALA A 500 0.08 37.43 14.15
C ALA A 500 0.47 36.05 14.65
N GLU A 501 -0.13 34.99 14.09
CA GLU A 501 0.23 33.63 14.47
C GLU A 501 1.68 33.31 14.14
N LEU A 502 2.15 33.78 12.99
CA LEU A 502 3.54 33.57 12.60
C LEU A 502 4.51 34.27 13.54
N SER A 503 4.30 35.56 13.80
CA SER A 503 5.25 36.31 14.62
C SER A 503 5.22 35.90 16.09
N GLN A 504 4.10 35.39 16.59
CA GLN A 504 4.02 35.09 18.02
C GLN A 504 4.16 33.62 18.35
N LEU A 505 4.25 32.74 17.37
CA LEU A 505 4.43 31.33 17.67
C LEU A 505 5.59 30.70 16.90
N CYS A 506 5.77 31.07 15.64
CA CYS A 506 6.71 30.36 14.77
C CYS A 506 8.01 31.11 14.55
N ALA A 507 8.11 32.36 15.02
CA ALA A 507 9.27 33.22 14.75
C ALA A 507 10.56 32.58 15.24
N VAL A 508 11.63 32.76 14.47
CA VAL A 508 12.99 32.25 14.70
C VAL A 508 13.48 32.36 16.15
N PRO A 509 13.43 33.51 16.86
CA PRO A 509 14.00 33.52 18.23
C PRO A 509 13.31 32.59 19.21
N LEU A 510 12.00 32.36 19.05
CA LEU A 510 11.29 31.39 19.88
C LEU A 510 11.76 29.96 19.67
N GLN A 511 12.48 29.67 18.59
CA GLN A 511 12.84 28.33 18.21
C GLN A 511 14.28 27.97 18.56
N ILE A 512 14.99 28.87 19.24
CA ILE A 512 16.41 28.69 19.50
C ILE A 512 16.67 27.43 20.32
N VAL A 513 15.84 27.17 21.32
CA VAL A 513 15.90 25.95 22.10
C VAL A 513 14.83 24.99 21.59
N SER A 514 15.24 23.75 21.35
CA SER A 514 14.31 22.76 20.85
C SER A 514 13.89 21.79 21.93
N PRO A 515 12.63 21.35 21.95
CA PRO A 515 12.21 20.35 22.93
C PRO A 515 12.80 18.97 22.70
N GLN A 516 13.46 18.72 21.56
CA GLN A 516 13.99 17.40 21.27
C GLN A 516 14.99 16.96 22.32
N SER A 517 15.93 17.83 22.67
CA SER A 517 16.96 17.43 23.62
C SER A 517 17.29 18.49 24.65
N ASN A 518 16.33 19.40 24.92
CA ASN A 518 16.37 20.55 25.86
C ASN A 518 17.70 21.30 25.78
N LYS A 519 18.00 21.73 24.56
CA LYS A 519 19.26 22.38 24.26
C LYS A 519 19.09 23.16 22.96
N PRO A 520 19.99 24.10 22.65
CA PRO A 520 19.84 24.85 21.41
C PRO A 520 20.10 24.00 20.18
N VAL A 521 19.49 24.42 19.06
CA VAL A 521 19.81 23.84 17.77
C VAL A 521 20.50 24.82 16.85
N MET A 522 20.81 26.02 17.32
CA MET A 522 21.57 26.96 16.51
C MET A 522 22.73 27.44 17.34
N GLY A 523 23.87 27.58 16.69
CA GLY A 523 25.01 28.19 17.32
C GLY A 523 25.85 28.95 16.35
N ILE A 524 26.99 29.37 16.80
CA ILE A 524 27.96 30.02 15.95
C ILE A 524 28.64 28.89 15.19
N VAL A 525 28.86 29.07 13.88
CA VAL A 525 29.30 27.99 13.01
C VAL A 525 30.39 28.51 12.09
N GLN A 526 31.07 27.54 11.45
CA GLN A 526 32.01 27.60 10.33
C GLN A 526 33.00 28.74 10.53
N ASP A 527 33.11 29.69 9.60
CA ASP A 527 34.08 30.79 9.68
C ASP A 527 34.06 31.52 11.01
N THR A 528 32.86 31.87 11.47
CA THR A 528 32.73 32.68 12.67
C THR A 528 33.18 31.90 13.88
N LEU A 529 33.03 30.59 13.85
CA LEU A 529 33.40 29.75 14.98
C LEU A 529 34.89 29.48 14.97
N CYS A 530 35.44 29.14 13.80
CA CYS A 530 36.88 29.07 13.61
C CYS A 530 37.55 30.37 14.02
N GLY A 531 37.01 31.49 13.56
CA GLY A 531 37.63 32.77 13.84
C GLY A 531 37.56 33.20 15.29
N VAL A 532 36.48 32.83 15.98
CA VAL A 532 36.30 33.29 17.35
C VAL A 532 37.25 32.57 18.28
N ARG A 533 37.66 31.35 17.97
CA ARG A 533 38.71 30.70 18.73
C ARG A 533 40.02 31.46 18.58
N LYS A 534 40.43 31.74 17.34
CA LYS A 534 41.65 32.50 17.07
C LYS A 534 41.63 33.86 17.76
N MET A 535 40.48 34.54 17.73
CA MET A 535 40.41 35.88 18.30
C MET A 535 40.50 35.87 19.82
N THR A 536 40.00 34.84 20.49
CA THR A 536 39.99 34.87 21.94
C THR A 536 41.17 34.14 22.57
N LEU A 537 42.15 33.74 21.77
CA LEU A 537 43.43 33.29 22.30
C LEU A 537 44.05 34.35 23.21
N ARG A 538 44.79 33.87 24.21
CA ARG A 538 45.36 34.73 25.24
C ARG A 538 46.27 35.81 24.69
N ASP A 539 46.99 35.52 23.61
CA ASP A 539 47.92 36.47 23.00
C ASP A 539 47.41 37.14 21.73
N THR A 540 46.13 37.42 21.61
CA THR A 540 45.63 38.26 20.53
C THR A 540 45.45 39.69 21.02
N PHE A 541 46.20 40.62 20.45
CA PHE A 541 46.09 42.01 20.87
C PHE A 541 45.76 42.87 19.66
N ILE A 542 45.03 43.95 19.91
CA ILE A 542 44.45 44.78 18.86
C ILE A 542 44.74 46.22 19.21
N GLU A 543 45.34 46.95 18.29
CA GLU A 543 45.65 48.35 18.52
C GLU A 543 44.39 49.21 18.43
N TYR A 544 44.53 50.44 18.89
CA TYR A 544 43.42 51.36 19.12
C TYR A 544 42.61 51.65 17.87
N GLU A 545 43.28 51.93 16.75
CA GLU A 545 42.60 52.33 15.52
C GLU A 545 41.62 51.26 15.03
N GLN A 546 42.00 50.00 15.14
CA GLN A 546 41.12 48.91 14.74
C GLN A 546 39.98 48.68 15.72
N VAL A 547 40.27 48.79 17.03
CA VAL A 547 39.27 48.68 18.10
C VAL A 547 38.07 49.58 17.92
N MET A 548 38.28 50.82 17.47
CA MET A 548 37.17 51.75 17.31
C MET A 548 36.19 51.27 16.25
N ASN A 549 36.71 50.75 15.13
CA ASN A 549 35.84 50.18 14.11
C ASN A 549 35.02 49.00 14.64
N MET A 550 35.67 48.09 15.37
CA MET A 550 35.01 46.90 15.89
C MET A 550 33.89 47.23 16.87
N LEU A 551 34.09 48.23 17.71
CA LEU A 551 33.03 48.63 18.63
C LEU A 551 31.82 49.14 17.84
N PHE A 552 32.07 49.98 16.84
CA PHE A 552 31.00 50.55 16.02
C PHE A 552 30.26 49.50 15.23
N TRP A 553 30.86 48.33 15.03
CA TRP A 553 30.24 47.26 14.27
C TRP A 553 29.18 46.54 15.06
N VAL A 554 29.17 46.70 16.37
CA VAL A 554 28.15 46.15 17.26
C VAL A 554 26.91 47.03 17.33
N PRO A 555 25.77 46.61 16.79
CA PRO A 555 24.56 47.46 16.81
C PRO A 555 24.08 47.83 18.20
N SER A 556 24.23 46.94 19.18
CA SER A 556 23.74 47.17 20.53
C SER A 556 24.70 47.90 21.45
N TRP A 557 25.87 48.32 20.95
CA TRP A 557 26.87 49.01 21.76
C TRP A 557 26.35 50.30 22.38
N ASP A 558 26.69 50.52 23.65
CA ASP A 558 26.21 51.65 24.43
C ASP A 558 27.03 52.91 24.26
N GLY A 559 28.02 52.91 23.38
CA GLY A 559 28.86 54.06 23.11
C GLY A 559 30.04 54.28 24.04
N VAL A 560 30.25 53.43 25.04
CA VAL A 560 31.36 53.58 25.97
C VAL A 560 32.49 52.64 25.57
N VAL A 561 33.59 53.18 25.07
CA VAL A 561 34.78 52.37 24.75
C VAL A 561 35.41 51.87 26.06
N PRO A 562 35.64 50.58 26.23
CA PRO A 562 36.24 50.08 27.46
C PRO A 562 37.74 50.31 27.51
N GLN A 563 38.24 50.41 28.74
CA GLN A 563 39.65 50.69 28.97
C GLN A 563 40.53 49.56 28.46
N PRO A 564 41.65 49.87 27.83
CA PRO A 564 42.54 48.83 27.34
C PRO A 564 43.15 48.01 28.44
N ALA A 565 43.45 46.75 28.11
CA ALA A 565 44.10 45.88 29.06
C ALA A 565 45.51 46.34 29.36
N ILE A 566 46.22 46.87 28.38
CA ILE A 566 47.55 47.44 28.56
C ILE A 566 47.49 48.94 28.33
N LEU A 567 47.84 49.72 29.34
CA LEU A 567 47.90 51.17 29.16
C LEU A 567 49.25 51.69 28.67
N LYS A 568 50.36 51.16 29.14
CA LYS A 568 51.65 51.72 28.80
C LYS A 568 52.61 50.57 28.52
N PRO A 569 53.48 50.69 27.50
CA PRO A 569 53.85 51.79 26.61
C PRO A 569 52.97 52.04 25.41
N LYS A 570 51.90 51.27 25.24
CA LYS A 570 51.07 51.43 24.07
C LYS A 570 49.70 50.87 24.43
N PRO A 571 48.61 51.54 24.12
CA PRO A 571 47.28 51.00 24.45
C PRO A 571 46.95 49.79 23.58
N LEU A 572 46.64 48.68 24.23
CA LEU A 572 46.31 47.42 23.57
C LEU A 572 45.17 46.75 24.29
N TRP A 573 44.19 46.29 23.54
CA TRP A 573 43.08 45.50 24.03
C TRP A 573 43.29 44.04 23.70
N THR A 574 42.78 43.17 24.57
CA THR A 574 42.81 41.75 24.26
C THR A 574 41.53 41.41 23.52
N GLY A 575 41.59 40.30 22.79
CA GLY A 575 40.41 39.80 22.09
C GLY A 575 39.22 39.52 22.98
N LYS A 576 39.45 38.96 24.17
CA LYS A 576 38.37 38.68 25.11
C LYS A 576 37.58 39.92 25.51
N GLN A 577 38.20 41.09 25.55
CA GLN A 577 37.47 42.28 25.95
C GLN A 577 36.44 42.70 24.91
N LEU A 578 36.81 42.64 23.63
CA LEU A 578 35.91 43.11 22.59
C LEU A 578 34.76 42.13 22.35
N LEU A 579 35.05 40.82 22.39
CA LEU A 579 33.99 39.82 22.36
C LEU A 579 32.98 40.06 23.49
N SER A 580 33.47 40.46 24.67
CA SER A 580 32.62 40.69 25.83
C SER A 580 31.65 41.85 25.63
N ILE A 581 31.95 42.78 24.73
CA ILE A 581 31.01 43.83 24.38
C ILE A 581 29.74 43.24 23.81
N ALA A 582 29.85 42.15 23.04
CA ALA A 582 28.67 41.56 22.44
C ALA A 582 27.80 40.78 23.41
N ILE A 583 28.32 40.41 24.58
CA ILE A 583 27.55 39.69 25.58
C ILE A 583 26.83 40.66 26.51
N PRO A 584 25.52 40.52 26.70
CA PRO A 584 24.80 41.44 27.59
C PRO A 584 25.24 41.25 29.03
N SER A 585 25.04 42.29 29.84
CA SER A 585 25.44 42.27 31.23
C SER A 585 24.54 41.36 32.07
N GLY A 586 25.04 41.00 33.25
CA GLY A 586 24.34 40.10 34.14
C GLY A 586 24.41 38.62 33.82
N ILE A 587 25.32 38.20 32.97
CA ILE A 587 25.43 36.79 32.58
C ILE A 587 26.60 36.11 33.29
N HIS A 588 26.29 35.06 34.05
CA HIS A 588 27.30 34.29 34.77
C HIS A 588 27.28 32.84 34.33
N LEU A 589 28.47 32.33 34.07
CA LEU A 589 28.65 30.97 33.59
C LEU A 589 30.02 30.50 34.05
N GLN A 590 30.08 29.27 34.55
CA GLN A 590 31.33 28.67 35.00
C GLN A 590 31.35 27.26 34.46
N ARG A 591 32.47 26.88 33.87
CA ARG A 591 32.63 25.50 33.45
C ARG A 591 34.08 25.12 33.66
N THR A 592 34.30 23.90 34.14
CA THR A 592 35.62 23.36 34.40
C THR A 592 35.94 22.24 33.42
N ASP A 593 37.03 22.39 32.67
CA ASP A 593 37.53 21.36 31.78
C ASP A 593 38.76 20.74 32.41
N GLY A 594 38.73 19.43 32.59
CA GLY A 594 39.82 18.65 33.13
C GLY A 594 40.42 19.11 34.45
N GLY A 595 39.55 19.45 35.40
CA GLY A 595 39.96 19.87 36.74
C GLY A 595 40.90 21.05 36.79
N ASN A 596 40.74 22.03 35.90
CA ASN A 596 41.62 23.18 35.89
C ASN A 596 41.46 24.06 37.12
N SER A 597 42.53 24.74 37.47
CA SER A 597 42.49 25.69 38.57
C SER A 597 42.09 27.05 38.03
N LEU A 598 41.80 27.96 38.96
CA LEU A 598 41.52 29.35 38.61
C LEU A 598 42.68 30.07 37.94
N LEU A 599 43.89 29.53 38.00
CA LEU A 599 45.03 30.11 37.31
C LEU A 599 45.17 29.61 35.87
N SER A 600 44.36 28.61 35.46
CA SER A 600 44.21 28.00 34.13
C SER A 600 45.46 27.99 33.26
N PRO A 601 46.47 27.16 33.59
CA PRO A 601 47.69 27.11 32.78
C PRO A 601 47.48 26.76 31.32
N LYS A 602 46.53 25.89 31.01
CA LYS A 602 46.33 25.47 29.63
C LYS A 602 45.41 26.41 28.87
N ASP A 603 44.91 27.46 29.55
CA ASP A 603 43.94 28.42 29.02
C ASP A 603 42.64 27.74 28.62
N ASN A 604 42.23 26.72 29.36
CA ASN A 604 40.97 26.05 29.15
C ASN A 604 39.95 26.45 30.22
N GLY A 605 38.82 25.76 30.23
CA GLY A 605 37.65 26.17 30.99
C GLY A 605 37.03 27.46 30.48
N MET A 606 36.11 27.99 31.28
CA MET A 606 35.40 29.21 30.95
C MET A 606 34.85 29.83 32.21
N LEU A 607 35.01 31.14 32.34
CA LEU A 607 34.46 31.91 33.45
C LEU A 607 33.92 33.24 32.95
N ILE A 608 32.63 33.48 33.14
CA ILE A 608 32.07 34.74 32.70
C ILE A 608 31.37 35.37 33.90
N VAL A 609 31.69 36.64 34.16
CA VAL A 609 31.20 37.40 35.30
C VAL A 609 30.71 38.73 34.77
N ASP A 610 29.44 39.04 35.04
CA ASP A 610 28.77 40.28 34.61
C ASP A 610 28.97 40.56 33.12
N GLY A 611 28.82 39.53 32.31
CA GLY A 611 28.97 39.72 30.88
C GLY A 611 30.37 40.04 30.41
N LYS A 612 31.39 39.66 31.18
CA LYS A 612 32.76 39.93 30.80
C LYS A 612 33.55 38.65 30.92
N VAL A 613 34.34 38.33 29.90
CA VAL A 613 35.11 37.09 29.89
C VAL A 613 36.33 37.27 30.79
N MET A 614 36.40 36.52 31.87
CA MET A 614 37.60 36.55 32.70
C MET A 614 38.72 35.74 32.09
N PHE A 615 38.51 34.44 31.86
CA PHE A 615 39.53 33.66 31.16
C PHE A 615 38.85 32.60 30.31
N GLY A 616 39.63 31.97 29.44
CA GLY A 616 39.12 30.89 28.62
C GLY A 616 38.99 31.17 27.15
N VAL A 617 39.66 30.36 26.34
CA VAL A 617 39.38 30.31 24.91
C VAL A 617 37.92 29.94 24.66
N VAL A 618 37.28 30.71 23.77
CA VAL A 618 35.90 30.49 23.37
C VAL A 618 35.89 29.58 22.16
N ASP A 619 35.31 28.39 22.31
CA ASP A 619 35.30 27.40 21.23
C ASP A 619 33.94 26.71 21.23
N LYS A 620 33.85 25.55 20.56
CA LYS A 620 32.58 24.84 20.43
C LYS A 620 31.92 24.50 21.75
N LYS A 621 32.70 24.26 22.80
CA LYS A 621 32.10 23.95 24.09
C LYS A 621 31.32 25.12 24.71
N THR A 622 31.60 26.36 24.31
CA THR A 622 30.91 27.49 24.90
C THR A 622 29.87 28.13 23.98
N VAL A 623 30.17 28.34 22.71
CA VAL A 623 29.29 29.04 21.80
C VAL A 623 28.74 28.13 20.73
N GLY A 624 29.00 26.84 20.83
CA GLY A 624 28.38 25.86 19.95
C GLY A 624 26.94 25.62 20.30
N SER A 625 26.39 24.49 19.88
CA SER A 625 24.99 24.25 20.13
C SER A 625 24.76 23.36 21.33
N GLY A 626 25.83 23.06 22.08
CA GLY A 626 25.70 22.20 23.24
C GLY A 626 24.81 22.78 24.34
N GLY A 627 24.24 21.87 25.11
CA GLY A 627 23.43 22.26 26.25
C GLY A 627 24.26 22.98 27.30
N GLY A 628 23.66 23.96 27.97
CA GLY A 628 24.37 24.65 29.02
C GLY A 628 25.42 25.64 28.56
N GLY A 629 25.57 25.85 27.26
CA GLY A 629 26.51 26.83 26.76
C GLY A 629 26.00 28.25 26.87
N LEU A 630 26.71 29.14 26.20
CA LEU A 630 26.43 30.57 26.27
C LEU A 630 25.04 30.91 25.76
N ILE A 631 24.69 30.40 24.58
CA ILE A 631 23.41 30.70 23.94
C ILE A 631 22.23 30.28 24.80
N HIS A 632 22.26 29.05 25.32
CA HIS A 632 21.25 28.57 26.26
C HIS A 632 21.09 29.48 27.47
N THR A 633 22.21 30.01 27.98
CA THR A 633 22.18 30.79 29.21
C THR A 633 21.53 32.16 29.00
N VAL A 634 21.89 32.84 27.91
CA VAL A 634 21.32 34.15 27.58
C VAL A 634 19.81 34.05 27.38
N MET A 635 19.37 32.93 26.78
CA MET A 635 17.95 32.67 26.55
C MET A 635 17.16 32.64 27.87
N ARG A 636 17.65 31.88 28.86
CA ARG A 636 16.98 31.82 30.16
C ARG A 636 16.99 33.17 30.88
N GLU A 637 18.10 33.90 30.81
CA GLU A 637 18.21 35.11 31.59
C GLU A 637 17.59 36.31 30.92
N LYS A 638 17.64 36.40 29.60
CA LYS A 638 17.20 37.60 28.93
C LYS A 638 16.03 37.41 27.98
N GLY A 639 15.65 36.19 27.64
CA GLY A 639 14.55 35.99 26.73
C GLY A 639 14.98 35.95 25.27
N PRO A 640 14.05 35.57 24.39
CA PRO A 640 14.40 35.30 23.00
C PRO A 640 14.86 36.51 22.20
N LYS A 641 14.34 37.70 22.48
CA LYS A 641 14.73 38.90 21.73
C LYS A 641 16.20 39.23 21.89
N ILE A 642 16.67 39.33 23.14
CA ILE A 642 18.08 39.61 23.41
C ILE A 642 18.97 38.53 22.82
N CYS A 643 18.60 37.27 23.04
CA CYS A 643 19.36 36.11 22.55
C CYS A 643 19.49 36.10 21.04
N ALA A 644 18.50 36.61 20.32
CA ALA A 644 18.63 36.69 18.87
C ALA A 644 19.66 37.73 18.46
N GLU A 645 19.73 38.85 19.18
CA GLU A 645 20.78 39.82 18.92
C GLU A 645 22.17 39.27 19.20
N LEU A 646 22.30 38.30 20.13
CA LEU A 646 23.60 37.75 20.47
C LEU A 646 24.27 37.14 19.24
N PHE A 647 23.53 36.39 18.43
CA PHE A 647 24.07 35.81 17.21
C PHE A 647 24.57 36.89 16.25
N GLY A 648 23.78 37.93 16.05
CA GLY A 648 24.17 38.99 15.13
C GLY A 648 25.39 39.76 15.59
N ASN A 649 25.44 40.09 16.87
CA ASN A 649 26.57 40.82 17.44
C ASN A 649 27.89 40.07 17.31
N ILE A 650 27.94 38.83 17.82
CA ILE A 650 29.13 37.98 17.70
C ILE A 650 29.60 37.84 16.26
N GLN A 651 28.68 37.57 15.34
CA GLN A 651 29.06 37.37 13.93
C GLN A 651 29.70 38.60 13.33
N LYS A 652 29.16 39.78 13.60
CA LYS A 652 29.64 40.99 12.95
C LYS A 652 31.02 41.37 13.45
N VAL A 653 31.29 41.14 14.74
CA VAL A 653 32.61 41.41 15.30
C VAL A 653 33.64 40.45 14.74
N VAL A 654 33.37 39.14 14.83
CA VAL A 654 34.37 38.13 14.46
C VAL A 654 34.69 38.18 12.98
N ASN A 655 33.68 38.30 12.11
CA ASN A 655 33.95 38.30 10.68
C ASN A 655 34.76 39.51 10.26
N TYR A 656 34.55 40.66 10.92
CA TYR A 656 35.42 41.80 10.67
C TYR A 656 36.85 41.50 11.09
N TRP A 657 37.05 41.10 12.34
CA TRP A 657 38.38 40.80 12.83
C TRP A 657 39.06 39.72 12.00
N LEU A 658 38.32 38.68 11.63
CA LEU A 658 38.90 37.59 10.84
C LEU A 658 39.27 38.05 9.44
N LEU A 659 38.51 39.01 8.89
CA LEU A 659 38.84 39.61 7.60
C LEU A 659 40.22 40.26 7.62
N HIS A 660 40.62 40.85 8.73
CA HIS A 660 41.90 41.54 8.77
C HIS A 660 43.02 40.68 9.34
N ASN A 661 42.70 39.55 9.94
CA ASN A 661 43.75 38.62 10.32
C ASN A 661 44.00 37.65 9.17
N GLY A 662 42.95 37.17 8.52
CA GLY A 662 43.13 36.18 7.48
C GLY A 662 43.23 34.78 8.04
N PHE A 663 42.97 33.81 7.18
CA PHE A 663 43.10 32.39 7.50
C PHE A 663 43.09 31.60 6.21
N SER A 664 43.90 30.56 6.16
CA SER A 664 44.02 29.77 4.95
C SER A 664 44.30 28.32 5.31
N ILE A 665 44.47 27.50 4.28
CA ILE A 665 44.98 26.13 4.42
C ILE A 665 45.69 25.77 3.13
N GLY A 666 46.78 25.02 3.22
CA GLY A 666 47.49 24.59 2.03
C GLY A 666 48.02 23.18 2.18
N ILE A 667 48.69 22.72 1.12
CA ILE A 667 49.27 21.37 1.08
C ILE A 667 50.28 21.17 2.20
N GLY A 668 50.97 22.26 2.61
CA GLY A 668 51.96 22.15 3.68
C GLY A 668 51.39 21.62 4.97
N ASP A 669 50.14 21.95 5.25
CA ASP A 669 49.51 21.60 6.51
C ASP A 669 49.14 20.13 6.62
N ALA A 670 49.30 19.32 5.58
CA ALA A 670 49.09 17.88 5.69
C ALA A 670 50.39 17.13 5.91
N ILE A 671 51.52 17.82 5.91
CA ILE A 671 52.83 17.19 5.81
C ILE A 671 53.47 17.13 7.18
N ALA A 672 53.68 15.92 7.69
CA ALA A 672 54.49 15.76 8.88
C ALA A 672 55.95 15.57 8.50
N ASP A 673 56.83 16.03 9.38
CA ASP A 673 58.26 16.05 9.13
C ASP A 673 58.85 14.64 9.13
N ALA A 674 60.07 14.54 8.61
CA ALA A 674 60.74 13.26 8.36
C ALA A 674 60.94 12.43 9.62
N SER A 675 61.18 13.06 10.76
CA SER A 675 61.36 12.32 12.01
C SER A 675 60.08 11.60 12.42
N THR A 676 58.95 12.30 12.35
CA THR A 676 57.65 11.74 12.75
C THR A 676 57.22 10.59 11.86
N MET A 677 57.52 10.68 10.55
CA MET A 677 57.17 9.60 9.62
C MET A 677 57.80 8.28 9.99
N LYS A 678 59.05 8.31 10.50
CA LYS A 678 59.70 7.06 10.87
C LYS A 678 59.02 6.44 12.09
N GLU A 679 58.57 7.27 13.03
CA GLU A 679 57.71 6.80 14.10
C GLU A 679 56.43 6.20 13.53
N ILE A 680 55.78 6.93 12.64
CA ILE A 680 54.54 6.48 11.99
C ILE A 680 54.76 5.15 11.27
N THR A 681 55.84 5.05 10.50
CA THR A 681 56.13 3.84 9.72
C THR A 681 56.46 2.66 10.63
N HIS A 682 57.12 2.93 11.76
CA HIS A 682 57.42 1.86 12.70
C HIS A 682 56.16 1.27 13.31
N ALA A 683 55.24 2.11 13.78
CA ALA A 683 54.03 1.59 14.40
C ALA A 683 53.19 0.75 13.43
N ILE A 684 53.18 1.11 12.15
CA ILE A 684 52.48 0.28 11.17
C ILE A 684 53.23 -1.01 10.88
N SER A 685 54.57 -0.94 10.81
CA SER A 685 55.40 -2.12 10.59
C SER A 685 55.27 -3.13 11.72
N SER A 686 55.23 -2.65 12.96
CA SER A 686 55.10 -3.57 14.09
C SER A 686 53.71 -4.17 14.16
N ALA A 687 52.68 -3.44 13.75
CA ALA A 687 51.34 -4.00 13.69
C ALA A 687 51.20 -5.10 12.65
N LYS A 688 51.85 -4.97 11.50
CA LYS A 688 51.86 -6.06 10.54
C LYS A 688 52.55 -7.30 11.08
N GLU A 689 53.56 -7.14 11.94
CA GLU A 689 54.19 -8.30 12.52
C GLU A 689 53.27 -9.03 13.50
N GLN A 690 52.56 -8.28 14.36
CA GLN A 690 51.62 -8.89 15.29
C GLN A 690 50.53 -9.67 14.55
N VAL A 691 50.07 -9.16 13.39
CA VAL A 691 49.07 -9.86 12.59
C VAL A 691 49.65 -11.17 12.04
N GLN A 692 50.94 -11.16 11.68
CA GLN A 692 51.63 -12.40 11.29
C GLN A 692 51.63 -13.42 12.43
N GLU A 693 51.99 -12.97 13.64
CA GLU A 693 51.95 -13.83 14.83
C GLU A 693 50.57 -14.42 15.06
N ILE A 694 49.51 -13.63 14.86
CA ILE A 694 48.16 -14.14 15.06
C ILE A 694 47.83 -15.23 14.05
N ILE A 695 48.22 -15.03 12.79
CA ILE A 695 48.04 -16.04 11.76
C ILE A 695 48.78 -17.32 12.10
N TYR A 696 50.04 -17.17 12.56
CA TYR A 696 50.85 -18.32 12.99
C TYR A 696 50.17 -19.10 14.11
N LYS A 697 49.72 -18.39 15.15
CA LYS A 697 49.06 -19.02 16.29
C LYS A 697 47.80 -19.76 15.86
N ALA A 698 46.93 -19.07 15.11
CA ALA A 698 45.69 -19.69 14.65
C ALA A 698 45.93 -20.90 13.76
N GLN A 699 47.00 -20.91 12.98
CA GLN A 699 47.27 -22.04 12.11
C GLN A 699 48.03 -23.15 12.82
N HIS A 700 48.62 -22.88 13.97
CA HIS A 700 49.28 -23.90 14.77
C HIS A 700 48.49 -24.27 16.03
N ASN A 701 47.19 -23.93 16.06
CA ASN A 701 46.27 -24.26 17.16
C ASN A 701 46.75 -23.71 18.50
N GLU A 702 47.31 -22.50 18.50
CA GLU A 702 47.81 -21.91 19.73
C GLU A 702 47.06 -20.63 20.07
N LEU A 703 45.88 -20.45 19.49
CA LEU A 703 45.11 -19.23 19.67
C LEU A 703 43.96 -19.42 20.66
N GLU A 704 43.81 -18.46 21.56
CA GLU A 704 42.71 -18.47 22.52
C GLU A 704 41.39 -18.22 21.80
N LEU A 705 40.39 -19.03 22.12
CA LEU A 705 39.05 -18.88 21.56
C LEU A 705 38.26 -17.92 22.45
N LYS A 706 37.65 -16.92 21.82
CA LYS A 706 36.81 -15.94 22.49
C LYS A 706 35.43 -16.53 22.74
N PRO A 707 34.80 -16.23 23.88
CA PRO A 707 33.50 -16.84 24.20
C PRO A 707 32.42 -16.49 23.18
N GLY A 708 31.65 -17.50 22.80
CA GLY A 708 30.62 -17.29 21.80
C GLY A 708 31.09 -17.26 20.37
N MET A 709 32.37 -17.49 20.13
CA MET A 709 32.93 -17.34 18.80
C MET A 709 33.67 -18.58 18.36
N THR A 710 33.50 -18.93 17.09
CA THR A 710 34.30 -19.96 16.43
C THR A 710 35.73 -19.48 16.28
N LEU A 711 36.60 -20.38 15.82
CA LEU A 711 38.00 -20.00 15.58
C LEU A 711 38.12 -18.89 14.55
N ARG A 712 37.40 -19.00 13.43
CA ARG A 712 37.58 -18.00 12.36
C ARG A 712 37.00 -16.66 12.75
N GLU A 713 35.88 -16.64 13.48
CA GLU A 713 35.36 -15.40 14.04
C GLU A 713 36.35 -14.76 15.01
N SER A 714 36.87 -15.56 15.95
CA SER A 714 37.87 -15.07 16.91
C SER A 714 39.11 -14.54 16.21
N PHE A 715 39.58 -15.27 15.20
CA PHE A 715 40.73 -14.84 14.41
C PHE A 715 40.47 -13.50 13.75
N GLU A 716 39.35 -13.39 13.03
CA GLU A 716 38.98 -12.16 12.34
C GLU A 716 38.77 -11.00 13.32
N GLY A 717 38.22 -11.31 14.49
CA GLY A 717 38.00 -10.28 15.50
C GLY A 717 39.27 -9.68 16.06
N GLU A 718 40.25 -10.53 16.38
CA GLU A 718 41.51 -10.06 16.94
C GLU A 718 42.31 -9.21 15.95
N VAL A 719 42.34 -9.64 14.69
CA VAL A 719 43.05 -8.88 13.65
C VAL A 719 42.45 -7.49 13.46
N SER A 720 41.12 -7.38 13.49
CA SER A 720 40.46 -6.09 13.30
C SER A 720 40.79 -5.13 14.44
N ARG A 721 40.69 -5.60 15.69
CA ARG A 721 41.05 -4.77 16.84
C ARG A 721 42.50 -4.30 16.78
N THR A 722 43.43 -5.16 16.34
CA THR A 722 44.83 -4.76 16.23
C THR A 722 45.03 -3.63 15.21
N LEU A 723 44.40 -3.77 14.04
CA LEU A 723 44.61 -2.80 12.95
C LEU A 723 43.95 -1.45 13.23
N ASN A 724 42.78 -1.43 13.87
CA ASN A 724 42.19 -0.14 14.21
C ASN A 724 42.97 0.57 15.30
N ASP A 725 43.53 -0.19 16.24
CA ASP A 725 44.36 0.43 17.27
C ASP A 725 45.68 0.92 16.70
N ALA A 726 46.21 0.22 15.70
CA ALA A 726 47.41 0.67 15.00
C ALA A 726 47.23 2.02 14.34
N ARG A 727 46.10 2.24 13.67
CA ARG A 727 45.89 3.51 12.98
C ARG A 727 45.71 4.65 13.97
N ASP A 728 44.90 4.43 15.01
CA ASP A 728 44.72 5.42 16.07
C ASP A 728 46.04 5.77 16.74
N SER A 729 46.89 4.77 16.97
CA SER A 729 48.20 5.04 17.55
C SER A 729 49.04 5.89 16.59
N ALA A 730 49.00 5.55 15.31
CA ALA A 730 49.72 6.34 14.31
C ALA A 730 49.11 7.71 14.15
N GLY A 731 47.78 7.81 14.21
CA GLY A 731 47.12 9.11 14.15
C GLY A 731 47.47 10.00 15.32
N ARG A 732 47.57 9.44 16.52
CA ARG A 732 47.93 10.18 17.71
C ARG A 732 49.33 10.77 17.60
N SER A 733 50.27 10.00 17.06
CA SER A 733 51.62 10.50 16.83
C SER A 733 51.64 11.68 15.85
N ALA A 734 50.92 11.57 14.74
CA ALA A 734 50.87 12.66 13.76
C ALA A 734 50.24 13.92 14.34
N GLU A 735 49.17 13.75 15.13
CA GLU A 735 48.46 14.88 15.72
C GLU A 735 49.38 15.70 16.64
N MET A 736 50.06 15.02 17.56
CA MET A 736 50.87 15.70 18.58
C MET A 736 52.05 16.46 17.98
N ASN A 737 52.59 16.00 16.86
CA ASN A 737 53.69 16.70 16.21
C ASN A 737 53.26 18.03 15.59
N LEU A 738 51.98 18.23 15.32
CA LEU A 738 51.55 19.44 14.64
C LEU A 738 51.64 20.64 15.55
N LYS A 739 52.24 21.72 15.06
CA LYS A 739 52.39 22.91 15.88
C LYS A 739 51.04 23.59 16.03
N ASP A 740 50.95 24.46 17.05
CA ASP A 740 49.77 25.29 17.25
C ASP A 740 49.41 26.16 16.05
N LEU A 741 50.39 26.64 15.29
CA LEU A 741 50.05 27.50 14.16
C LEU A 741 49.52 26.75 12.95
N ASN A 742 49.71 25.43 12.88
CA ASN A 742 49.22 24.61 11.77
C ASN A 742 47.71 24.77 11.60
N ASN A 743 47.32 25.08 10.38
CA ASN A 743 45.95 25.48 10.06
C ASN A 743 44.94 24.34 10.20
N VAL A 744 45.33 23.12 9.84
CA VAL A 744 44.46 21.96 10.07
C VAL A 744 44.15 21.81 11.55
N LYS A 745 45.17 21.96 12.40
CA LYS A 745 44.99 21.85 13.85
C LYS A 745 44.04 22.90 14.40
N GLN A 746 44.05 24.10 13.84
CA GLN A 746 43.16 25.15 14.35
C GLN A 746 41.69 24.83 14.09
N MET A 747 41.36 24.27 12.92
CA MET A 747 39.97 23.90 12.68
C MET A 747 39.53 22.72 13.52
N VAL A 748 40.39 21.71 13.69
CA VAL A 748 40.04 20.58 14.55
C VAL A 748 39.84 21.04 15.99
N SER A 749 40.71 21.93 16.47
CA SER A 749 40.63 22.38 17.84
C SER A 749 39.43 23.28 18.07
N ALA A 750 39.05 24.09 17.08
CA ALA A 750 37.84 24.89 17.23
C ALA A 750 36.57 24.06 17.17
N GLY A 751 36.60 22.86 16.60
CA GLY A 751 35.33 22.19 16.42
C GLY A 751 34.51 22.65 15.24
N SER A 752 35.06 23.42 14.32
CA SER A 752 34.23 23.98 13.27
C SER A 752 34.06 23.08 12.07
N LYS A 753 34.97 22.14 11.85
CA LYS A 753 34.92 21.14 10.80
C LYS A 753 36.07 20.18 11.06
N GLY A 754 35.84 18.90 10.86
CA GLY A 754 36.94 17.97 11.00
C GLY A 754 37.05 17.43 12.41
N SER A 755 37.80 16.36 12.55
CA SER A 755 38.00 15.69 13.84
C SER A 755 39.32 14.97 13.74
N PHE A 756 39.69 14.32 14.85
CA PHE A 756 40.96 13.61 15.00
C PHE A 756 41.25 12.69 13.83
N ILE A 757 40.25 11.85 13.46
CA ILE A 757 40.40 10.86 12.41
C ILE A 757 40.78 11.49 11.07
N ASN A 758 40.41 12.75 10.84
CA ASN A 758 40.73 13.41 9.57
C ASN A 758 42.20 13.79 9.49
N ILE A 759 42.79 14.23 10.61
CA ILE A 759 44.23 14.45 10.65
C ILE A 759 44.96 13.14 10.39
N ALA A 760 44.49 12.07 11.05
CA ALA A 760 45.06 10.73 10.91
C ALA A 760 45.08 10.28 9.45
N GLN A 761 43.94 10.41 8.77
CA GLN A 761 43.84 9.86 7.42
C GLN A 761 44.56 10.70 6.38
N MET A 762 44.64 12.02 6.57
CA MET A 762 45.36 12.82 5.59
C MET A 762 46.86 12.64 5.72
N SER A 763 47.36 12.45 6.93
CA SER A 763 48.79 12.56 7.18
C SER A 763 49.47 11.25 7.51
N ALA A 764 48.78 10.30 8.13
CA ALA A 764 49.44 9.12 8.67
C ALA A 764 49.04 7.83 7.98
N CYS A 765 47.76 7.48 7.97
CA CYS A 765 47.32 6.15 7.55
C CYS A 765 45.81 6.12 7.41
N VAL A 766 45.32 5.77 6.22
CA VAL A 766 43.89 5.70 5.96
C VAL A 766 43.23 4.60 6.77
N GLY A 767 43.87 3.45 6.84
CA GLY A 767 43.44 2.41 7.75
C GLY A 767 42.54 1.38 7.12
N GLN A 768 41.89 0.61 7.97
CA GLN A 768 41.17 -0.58 7.53
C GLN A 768 39.88 -0.23 6.80
N GLN A 769 39.67 -0.85 5.64
CA GLN A 769 38.45 -0.71 4.87
C GLN A 769 37.49 -1.83 5.23
N MET A 770 36.24 -1.48 5.49
CA MET A 770 35.23 -2.43 5.92
C MET A 770 34.10 -2.49 4.91
N VAL A 771 33.57 -3.70 4.71
CA VAL A 771 32.35 -3.91 3.92
C VAL A 771 31.46 -4.88 4.69
N GLU A 772 30.19 -4.47 4.89
CA GLU A 772 29.18 -5.25 5.62
C GLU A 772 29.67 -5.64 7.01
N GLY A 773 30.40 -4.75 7.66
CA GLY A 773 30.92 -4.99 8.99
C GLY A 773 32.11 -5.94 9.05
N LYS A 774 32.58 -6.44 7.92
CA LYS A 774 33.66 -7.42 7.90
C LYS A 774 34.76 -6.91 6.99
N ARG A 775 35.94 -7.51 7.09
CA ARG A 775 36.99 -7.23 6.12
C ARG A 775 36.58 -7.69 4.72
N ILE A 776 37.36 -7.23 3.73
CA ILE A 776 37.07 -7.48 2.31
C ILE A 776 36.97 -8.97 2.02
N ALA A 777 35.92 -9.36 1.34
CA ALA A 777 35.63 -10.77 1.16
C ALA A 777 36.38 -11.33 -0.04
N PHE A 778 36.52 -12.65 -0.06
CA PHE A 778 37.16 -13.36 -1.17
C PHE A 778 36.15 -13.49 -2.30
N GLY A 779 36.00 -12.42 -3.08
CA GLY A 779 35.09 -12.47 -4.21
C GLY A 779 35.62 -13.23 -5.40
N PHE A 780 36.93 -13.31 -5.55
CA PHE A 780 37.51 -14.34 -6.39
C PHE A 780 37.68 -15.59 -5.53
N ALA A 781 37.94 -16.72 -6.18
CA ALA A 781 38.13 -17.97 -5.46
C ALA A 781 39.35 -17.92 -4.56
N ASP A 782 39.13 -17.85 -3.25
CA ASP A 782 40.15 -17.83 -2.20
C ASP A 782 41.13 -16.66 -2.27
N ARG A 783 40.77 -15.56 -2.92
CA ARG A 783 41.63 -14.37 -2.91
C ARG A 783 40.78 -13.14 -3.21
N SER A 784 41.30 -11.99 -2.82
CA SER A 784 40.56 -10.75 -2.99
C SER A 784 40.76 -10.10 -4.34
N LEU A 785 41.90 -10.29 -4.97
CA LEU A 785 42.21 -9.72 -6.26
C LEU A 785 43.13 -10.71 -6.96
N PRO A 786 43.14 -10.76 -8.30
CA PRO A 786 44.05 -11.67 -8.98
C PRO A 786 45.51 -11.31 -8.87
N HIS A 787 45.91 -10.27 -8.17
CA HIS A 787 47.31 -9.94 -8.00
C HIS A 787 47.91 -10.58 -6.76
N PHE A 788 47.12 -11.35 -6.01
CA PHE A 788 47.60 -12.03 -4.82
C PHE A 788 47.47 -13.53 -5.01
N THR A 789 48.29 -14.29 -4.30
CA THR A 789 48.12 -15.73 -4.21
C THR A 789 46.95 -16.09 -3.31
N LYS A 790 46.45 -17.31 -3.49
CA LYS A 790 45.34 -17.79 -2.68
C LYS A 790 45.72 -17.95 -1.22
N ASP A 791 44.69 -17.97 -0.37
CA ASP A 791 44.76 -18.20 1.09
C ASP A 791 45.75 -17.26 1.76
N ASP A 792 45.70 -15.98 1.38
CA ASP A 792 46.54 -14.93 1.92
C ASP A 792 45.69 -14.04 2.83
N PHE A 793 45.90 -14.12 4.14
CA PHE A 793 45.13 -13.36 5.12
C PHE A 793 45.89 -12.18 5.70
N SER A 794 46.99 -11.77 5.07
CA SER A 794 47.83 -10.66 5.53
C SER A 794 47.05 -9.34 5.46
N PRO A 795 47.52 -8.28 6.15
CA PRO A 795 46.87 -6.96 6.02
C PRO A 795 46.66 -6.43 4.61
N GLU A 796 47.67 -6.49 3.73
CA GLU A 796 47.53 -5.88 2.41
C GLU A 796 46.53 -6.65 1.55
N SER A 797 46.33 -7.93 1.84
CA SER A 797 45.46 -8.77 1.03
C SER A 797 43.99 -8.51 1.28
N LYS A 798 43.62 -8.11 2.48
CA LYS A 798 42.22 -8.00 2.84
C LYS A 798 41.82 -6.57 3.19
N GLY A 799 42.49 -5.61 2.58
CA GLY A 799 41.99 -4.26 2.53
C GLY A 799 42.59 -3.24 3.46
N PHE A 800 43.77 -3.50 4.01
CA PHE A 800 44.41 -2.48 4.83
C PHE A 800 45.13 -1.51 3.91
N VAL A 801 44.75 -0.24 3.98
CA VAL A 801 45.33 0.81 3.15
C VAL A 801 46.41 1.45 4.00
N GLU A 802 47.67 1.12 3.72
CA GLU A 802 48.77 1.60 4.55
C GLU A 802 49.10 3.06 4.32
N ASN A 803 49.02 3.51 3.08
CA ASN A 803 49.40 4.88 2.74
C ASN A 803 48.34 5.89 3.20
N SER A 804 48.79 7.13 3.35
CA SER A 804 47.91 8.25 3.57
C SER A 804 47.45 8.81 2.22
N TYR A 805 46.39 9.63 2.26
CA TYR A 805 45.93 10.31 1.05
C TYR A 805 47.00 11.24 0.48
N LEU A 806 47.81 11.83 1.34
CA LEU A 806 48.94 12.66 0.93
C LEU A 806 49.95 11.86 0.12
N ARG A 807 50.36 10.71 0.64
CA ARG A 807 51.34 9.85 -0.01
C ARG A 807 50.82 9.31 -1.32
N GLY A 808 49.54 9.01 -1.38
CA GLY A 808 48.89 8.42 -2.52
C GLY A 808 48.70 6.93 -2.34
N LEU A 809 47.59 6.43 -2.85
CA LEU A 809 47.27 5.03 -2.66
C LEU A 809 47.82 4.20 -3.80
N THR A 810 48.19 2.97 -3.50
CA THR A 810 48.59 2.05 -4.54
C THR A 810 47.36 1.55 -5.28
N PRO A 811 47.54 0.97 -6.49
CA PRO A 811 46.40 0.43 -7.22
C PRO A 811 45.55 -0.62 -6.51
N GLN A 812 46.16 -1.54 -5.74
CA GLN A 812 45.36 -2.52 -5.01
C GLN A 812 44.52 -1.86 -3.94
N GLU A 813 45.16 -1.05 -3.11
CA GLU A 813 44.50 -0.26 -2.07
C GLU A 813 43.38 0.60 -2.62
N PHE A 814 43.61 1.24 -3.77
CA PHE A 814 42.60 2.10 -4.42
C PHE A 814 41.27 1.40 -4.63
N PHE A 815 41.30 0.19 -5.20
CA PHE A 815 40.06 -0.51 -5.49
C PHE A 815 39.33 -0.84 -4.19
N PHE A 816 40.06 -1.34 -3.19
CA PHE A 816 39.46 -1.68 -1.91
C PHE A 816 38.82 -0.47 -1.28
N HIS A 817 39.47 0.69 -1.40
CA HIS A 817 38.89 1.92 -0.89
C HIS A 817 37.63 2.28 -1.63
N ALA A 818 37.58 1.99 -2.93
CA ALA A 818 36.38 2.27 -3.69
C ALA A 818 35.25 1.31 -3.35
N MET A 819 35.57 0.09 -2.92
CA MET A 819 34.53 -0.83 -2.44
C MET A 819 33.87 -0.33 -1.17
N ALA A 820 34.67 0.02 -0.17
CA ALA A 820 34.13 0.58 1.06
C ALA A 820 33.35 1.86 0.80
N GLY A 821 33.87 2.72 -0.08
CA GLY A 821 33.19 3.97 -0.35
C GLY A 821 31.84 3.78 -1.03
N ARG A 822 31.76 2.86 -1.98
CA ARG A 822 30.51 2.52 -2.65
C ARG A 822 29.44 2.10 -1.65
N GLU A 823 29.79 1.24 -0.70
CA GLU A 823 28.85 0.77 0.32
C GLU A 823 28.22 1.92 1.09
N GLY A 824 29.00 2.98 1.35
CA GLY A 824 28.45 4.13 2.04
C GLY A 824 27.43 4.89 1.20
N LEU A 825 27.68 5.04 -0.10
CA LEU A 825 26.71 5.70 -0.95
C LEU A 825 25.43 4.88 -1.09
N ILE A 826 25.57 3.55 -1.20
CA ILE A 826 24.40 2.68 -1.27
C ILE A 826 23.59 2.74 0.01
N ASP A 827 24.28 2.63 1.16
CA ASP A 827 23.63 2.66 2.48
C ASP A 827 22.82 3.94 2.67
N THR A 828 23.45 5.10 2.44
CA THR A 828 22.76 6.37 2.60
C THR A 828 21.55 6.46 1.67
N ALA A 829 21.68 5.94 0.45
CA ALA A 829 20.61 6.02 -0.52
C ALA A 829 19.49 5.03 -0.20
N VAL A 830 19.82 3.90 0.43
CA VAL A 830 18.85 2.86 0.68
C VAL A 830 18.16 3.24 1.98
N LYS A 831 18.91 3.26 3.09
CA LYS A 831 18.33 3.42 4.42
C LYS A 831 17.66 4.77 4.66
N THR A 832 17.75 5.73 3.74
CA THR A 832 17.00 6.97 3.92
C THR A 832 15.51 6.72 3.76
N ALA A 833 15.12 5.78 2.88
CA ALA A 833 13.72 5.45 2.71
C ALA A 833 13.20 4.55 3.81
N GLU A 834 14.08 3.78 4.43
CA GLU A 834 13.70 2.97 5.58
C GLU A 834 13.25 3.86 6.74
N THR A 835 14.04 4.88 7.05
CA THR A 835 13.71 5.77 8.15
C THR A 835 12.61 6.74 7.77
N GLY A 836 12.45 7.01 6.48
CA GLY A 836 11.38 7.89 6.05
C GLY A 836 10.04 7.25 6.29
N TYR A 837 9.93 5.95 6.00
CA TYR A 837 8.73 5.19 6.32
C TYR A 837 8.47 5.12 7.82
N ILE A 838 9.51 4.95 8.63
CA ILE A 838 9.38 4.96 10.08
C ILE A 838 8.75 6.24 10.58
N GLN A 839 9.20 7.38 10.08
CA GLN A 839 8.67 8.64 10.57
C GLN A 839 7.22 8.83 10.18
N ARG A 840 6.84 8.43 8.97
CA ARG A 840 5.45 8.51 8.55
C ARG A 840 4.50 7.72 9.45
N ARG A 841 4.83 6.46 9.78
CA ARG A 841 3.95 5.70 10.66
C ARG A 841 3.86 6.29 12.07
N LEU A 842 4.99 6.77 12.61
CA LEU A 842 4.98 7.43 13.91
C LEU A 842 4.08 8.64 13.97
N VAL A 843 4.10 9.48 12.93
CA VAL A 843 3.30 10.71 12.95
C VAL A 843 1.81 10.38 12.94
N LYS A 844 1.39 9.44 12.08
CA LYS A 844 -0.01 9.06 12.02
C LYS A 844 -0.48 8.39 13.30
N ALA A 845 0.39 7.64 13.96
CA ALA A 845 0.03 7.06 15.25
C ALA A 845 -0.23 8.12 16.31
N LEU A 846 0.45 9.26 16.25
CA LEU A 846 0.46 10.18 17.37
C LEU A 846 -0.16 11.54 17.11
N GLU A 847 -0.60 11.83 15.89
CA GLU A 847 -0.91 13.19 15.47
C GLU A 847 -2.03 13.84 16.26
N ASP A 848 -3.00 13.07 16.73
CA ASP A 848 -4.18 13.59 17.41
C ASP A 848 -4.04 13.74 18.92
N ILE A 849 -2.85 13.62 19.46
CA ILE A 849 -2.65 13.60 20.91
C ILE A 849 -2.37 15.01 21.43
N MET A 850 -3.18 15.48 22.37
CA MET A 850 -3.15 16.86 22.76
C MET A 850 -3.22 16.93 24.29
N VAL A 851 -2.57 17.95 24.85
CA VAL A 851 -2.72 18.28 26.26
C VAL A 851 -3.98 19.09 26.46
N HIS A 852 -4.82 18.67 27.39
CA HIS A 852 -6.07 19.38 27.65
C HIS A 852 -5.89 20.24 28.89
N TYR A 853 -6.89 21.08 29.15
CA TYR A 853 -6.81 22.04 30.24
C TYR A 853 -6.81 21.45 31.64
N ASP A 854 -7.16 20.18 31.81
CA ASP A 854 -7.05 19.57 33.13
C ASP A 854 -5.70 18.90 33.36
N GLY A 855 -4.75 19.10 32.44
CA GLY A 855 -3.46 18.48 32.55
C GLY A 855 -3.36 17.09 31.97
N THR A 856 -4.48 16.44 31.65
CA THR A 856 -4.41 15.10 31.11
C THR A 856 -3.92 15.15 29.66
N THR A 857 -3.36 14.05 29.21
CA THR A 857 -2.96 13.87 27.82
C THR A 857 -3.90 12.91 27.12
N ARG A 858 -4.60 13.39 26.10
CA ARG A 858 -5.66 12.56 25.51
C ARG A 858 -5.60 12.60 24.01
N ASN A 859 -6.20 11.58 23.39
CA ASN A 859 -6.34 11.56 21.95
C ASN A 859 -7.71 12.14 21.57
N SER A 860 -8.11 11.98 20.31
CA SER A 860 -9.36 12.56 19.85
C SER A 860 -10.59 11.85 20.39
N LEU A 861 -10.46 10.64 20.86
CA LEU A 861 -11.57 9.95 21.50
C LEU A 861 -11.73 10.34 22.96
N GLY A 862 -10.85 11.16 23.49
CA GLY A 862 -10.88 11.40 24.92
C GLY A 862 -10.33 10.28 25.77
N ASP A 863 -9.68 9.29 25.18
CA ASP A 863 -8.99 8.29 25.98
C ASP A 863 -7.83 8.96 26.69
N ILE A 864 -7.62 8.62 27.96
CA ILE A 864 -6.47 9.13 28.70
C ILE A 864 -5.23 8.31 28.32
N ILE A 865 -4.21 8.98 27.82
CA ILE A 865 -2.94 8.29 27.60
C ILE A 865 -1.99 8.47 28.78
N GLN A 866 -1.91 9.67 29.34
CA GLN A 866 -1.22 9.93 30.61
C GLN A 866 -2.06 10.86 31.43
N PHE A 867 -2.15 10.60 32.73
CA PHE A 867 -2.91 11.50 33.59
C PHE A 867 -2.26 12.86 33.77
N LEU A 868 -0.95 12.96 33.52
CA LEU A 868 -0.28 14.25 33.59
C LEU A 868 0.88 14.16 32.63
N TYR A 869 0.99 15.15 31.74
CA TYR A 869 1.98 15.09 30.66
C TYR A 869 3.41 15.01 31.15
N GLY A 870 4.13 14.01 30.67
CA GLY A 870 5.51 13.79 31.04
C GLY A 870 5.73 13.43 32.48
N GLU A 871 4.67 13.12 33.20
CA GLU A 871 4.59 12.90 34.65
C GLU A 871 5.03 14.10 35.48
N ASP A 872 5.31 15.26 34.88
CA ASP A 872 5.68 16.44 35.63
C ASP A 872 4.98 17.72 35.21
N GLY A 873 4.15 17.71 34.19
CA GLY A 873 3.49 18.91 33.75
C GLY A 873 4.38 19.96 33.10
N LEU A 874 5.59 19.58 32.67
CA LEU A 874 6.56 20.57 32.22
C LEU A 874 6.70 20.58 30.70
N ASP A 875 7.16 21.72 30.19
CA ASP A 875 7.47 21.85 28.77
C ASP A 875 8.93 21.48 28.56
N GLY A 876 9.19 20.66 27.54
CA GLY A 876 10.53 20.18 27.25
C GLY A 876 11.61 21.24 27.04
N THR A 877 11.23 22.43 26.58
CA THR A 877 12.23 23.47 26.38
C THR A 877 12.73 24.12 27.66
N GLN A 878 12.18 23.77 28.83
CA GLN A 878 12.38 24.56 30.04
C GLN A 878 13.13 23.83 31.12
N VAL A 879 13.78 22.72 30.81
CA VAL A 879 14.48 21.94 31.82
C VAL A 879 15.96 21.90 31.47
N GLU A 880 16.80 21.74 32.50
CA GLU A 880 18.25 21.64 32.33
C GLU A 880 18.79 20.65 33.35
N ARG A 881 19.92 20.02 33.01
CA ARG A 881 20.56 19.10 33.95
C ARG A 881 21.02 19.86 35.17
N GLN A 882 20.59 19.40 36.34
CA GLN A 882 21.00 19.98 37.60
C GLN A 882 21.35 18.86 38.56
N THR A 883 22.28 19.13 39.47
CA THR A 883 22.65 18.13 40.46
C THR A 883 21.84 18.27 41.72
N ILE A 884 21.36 17.14 42.24
CA ILE A 884 20.55 17.09 43.44
C ILE A 884 21.46 16.68 44.59
N ASP A 885 21.82 17.63 45.45
CA ASP A 885 23.02 17.48 46.25
C ASP A 885 22.84 16.56 47.45
N THR A 886 21.65 16.07 47.72
CA THR A 886 21.51 15.12 48.81
C THR A 886 21.78 13.69 48.40
N ILE A 887 22.10 13.43 47.15
CA ILE A 887 22.30 12.04 46.73
C ILE A 887 23.75 11.56 46.90
N PRO A 888 24.80 12.24 46.41
CA PRO A 888 26.13 11.64 46.55
C PRO A 888 26.72 11.88 47.93
N GLY A 889 27.90 11.35 48.15
CA GLY A 889 28.68 11.56 49.35
C GLY A 889 28.34 10.59 50.46
N SER A 890 29.24 10.51 51.43
CA SER A 890 29.02 9.73 52.64
C SER A 890 28.13 10.47 53.61
N ASP A 891 27.55 9.69 54.54
CA ASP A 891 26.77 10.24 55.65
C ASP A 891 27.54 11.26 56.48
N LYS A 892 28.86 11.06 56.62
CA LYS A 892 29.68 11.99 57.37
C LYS A 892 29.80 13.33 56.66
N ALA A 893 30.14 13.30 55.37
CA ALA A 893 30.23 14.52 54.57
C ALA A 893 28.90 15.23 54.49
N PHE A 894 27.82 14.46 54.34
CA PHE A 894 26.45 14.96 54.42
C PHE A 894 26.20 15.70 55.73
N HIS A 895 26.49 15.04 56.86
CA HIS A 895 26.25 15.62 58.17
C HIS A 895 27.06 16.90 58.38
N LYS A 896 28.30 16.91 57.89
CA LYS A 896 29.16 18.09 57.99
C LYS A 896 28.54 19.29 57.30
N ARG A 897 27.87 19.05 56.18
CA ARG A 897 27.32 20.11 55.32
C ARG A 897 25.99 20.66 55.83
N TYR A 898 25.13 19.82 56.42
CA TYR A 898 23.74 20.17 56.70
C TYR A 898 23.38 20.38 58.16
N TYR A 899 24.10 19.78 59.10
CA TYR A 899 23.72 19.79 60.51
C TYR A 899 24.11 21.05 61.26
N VAL A 900 23.17 21.55 62.07
CA VAL A 900 23.40 22.69 62.94
C VAL A 900 23.16 22.22 64.36
N ASP A 901 24.15 22.41 65.22
CA ASP A 901 24.09 22.01 66.62
C ASP A 901 24.10 23.28 67.46
N LEU A 902 22.97 23.64 68.05
CA LEU A 902 22.96 24.82 68.90
C LEU A 902 23.53 24.57 70.28
N MET A 903 23.97 23.35 70.59
CA MET A 903 24.59 23.05 71.87
C MET A 903 26.11 23.03 71.77
N ASP A 904 26.65 22.08 71.00
CA ASP A 904 28.08 22.01 70.74
C ASP A 904 28.48 23.23 69.91
N GLU A 905 29.24 24.14 70.52
CA GLU A 905 29.55 25.43 69.91
C GLU A 905 30.40 25.31 68.64
N LYS A 906 31.32 24.37 68.59
CA LYS A 906 32.21 24.20 67.44
C LYS A 906 31.57 23.48 66.27
N ASN A 907 30.34 23.02 66.42
CA ASN A 907 29.59 22.44 65.30
C ASN A 907 28.36 23.27 64.99
N SER A 908 28.35 24.52 65.43
CA SER A 908 27.28 25.46 65.14
C SER A 908 27.66 26.36 63.98
N ILE A 909 26.83 27.36 63.72
CA ILE A 909 27.09 28.32 62.66
C ILE A 909 28.16 29.29 63.13
N LYS A 910 29.08 29.64 62.23
CA LYS A 910 30.16 30.56 62.55
C LYS A 910 29.62 31.91 62.99
N PRO A 911 30.22 32.56 63.98
CA PRO A 911 29.65 33.79 64.54
C PRO A 911 29.77 35.02 63.65
N ASP A 912 30.72 35.06 62.75
CA ASP A 912 30.93 36.25 61.93
C ASP A 912 29.94 36.40 60.78
N VAL A 913 29.12 35.40 60.49
CA VAL A 913 28.15 35.53 59.41
C VAL A 913 26.77 35.95 59.87
N ILE A 914 26.50 36.01 61.19
CA ILE A 914 25.21 36.46 61.68
C ILE A 914 25.41 37.50 62.78
N GLU A 915 24.44 38.41 62.91
CA GLU A 915 24.47 39.40 63.98
C GLU A 915 23.95 38.85 65.29
N TYR A 916 22.87 38.09 65.24
CA TYR A 916 22.16 37.55 66.40
C TYR A 916 22.82 36.33 67.01
N ALA A 917 24.14 36.17 66.81
CA ALA A 917 24.87 34.96 67.18
C ALA A 917 24.74 34.62 68.66
N ALA A 918 24.63 35.65 69.52
CA ALA A 918 24.51 35.44 70.96
C ALA A 918 23.23 34.69 71.32
N ASP A 919 22.08 35.14 70.79
CA ASP A 919 20.80 34.53 71.16
C ASP A 919 20.56 33.17 70.50
N ILE A 920 21.59 32.52 69.99
CA ILE A 920 21.46 31.28 69.24
C ILE A 920 21.77 30.05 70.10
N LEU A 921 22.95 30.02 70.70
CA LEU A 921 23.44 28.83 71.37
C LEU A 921 22.57 28.47 72.58
N GLY A 922 22.18 27.20 72.67
CA GLY A 922 21.45 26.69 73.80
C GLY A 922 19.96 26.62 73.60
N ASP A 923 19.42 27.44 72.69
CA ASP A 923 17.99 27.56 72.40
C ASP A 923 17.42 26.23 71.91
N VAL A 924 16.74 25.51 72.80
CA VAL A 924 16.16 24.22 72.47
C VAL A 924 14.96 24.38 71.54
N GLU A 925 14.24 25.50 71.65
CA GLU A 925 13.08 25.72 70.81
C GLU A 925 13.45 25.97 69.35
N LEU A 926 14.57 26.65 69.11
CA LEU A 926 15.07 26.79 67.75
C LEU A 926 15.68 25.50 67.22
N GLN A 927 16.20 24.66 68.13
CA GLN A 927 16.74 23.36 67.77
C GLN A 927 15.65 22.38 67.32
N LYS A 928 14.40 22.57 67.75
CA LYS A 928 13.33 21.68 67.30
C LYS A 928 13.05 21.85 65.81
N GLU A 929 13.10 23.09 65.31
CA GLU A 929 12.96 23.31 63.87
C GLU A 929 14.09 22.68 63.09
N LEU A 930 15.34 23.02 63.45
CA LEU A 930 16.52 22.49 62.76
C LEU A 930 16.62 20.97 62.82
N ASN A 931 16.07 20.35 63.87
CA ASN A 931 16.02 18.90 63.88
C ASN A 931 15.01 18.41 62.85
N SER A 932 13.84 19.07 62.79
CA SER A 932 12.82 18.72 61.81
C SER A 932 13.29 18.97 60.39
N GLU A 933 14.10 20.00 60.19
CA GLU A 933 14.73 20.23 58.89
C GLU A 933 15.61 19.06 58.50
N TYR A 934 16.54 18.67 59.38
CA TYR A 934 17.49 17.61 59.06
C TYR A 934 16.77 16.28 58.92
N GLU A 935 15.70 16.06 59.69
CA GLU A 935 14.93 14.82 59.56
C GLU A 935 14.25 14.76 58.20
N GLN A 936 13.74 15.90 57.73
CA GLN A 936 13.17 15.98 56.39
C GLN A 936 14.20 15.62 55.33
N LEU A 937 15.40 16.20 55.44
CA LEU A 937 16.49 15.90 54.51
C LEU A 937 16.91 14.42 54.56
N VAL A 938 16.77 13.78 55.72
CA VAL A 938 17.14 12.38 55.81
C VAL A 938 16.12 11.50 55.09
N SER A 939 14.83 11.79 55.26
CA SER A 939 13.77 11.13 54.48
C SER A 939 14.01 11.21 52.98
N ASP A 940 14.25 12.43 52.45
CA ASP A 940 14.51 12.62 51.02
C ASP A 940 15.67 11.76 50.52
N ARG A 941 16.83 11.87 51.17
CA ARG A 941 18.01 11.09 50.77
C ARG A 941 17.75 9.60 50.78
N LYS A 942 16.97 9.13 51.76
CA LYS A 942 16.67 7.71 51.84
C LYS A 942 15.71 7.30 50.75
N PHE A 943 14.65 8.07 50.55
CA PHE A 943 13.70 7.86 49.46
C PHE A 943 14.37 7.87 48.08
N LEU A 944 15.19 8.89 47.79
CA LEU A 944 15.80 9.01 46.47
C LEU A 944 16.86 7.95 46.20
N ARG A 945 17.60 7.53 47.20
CA ARG A 945 18.70 6.62 46.96
C ARG A 945 18.22 5.18 46.88
N GLU A 946 17.09 4.85 47.49
CA GLU A 946 16.65 3.47 47.55
C GLU A 946 15.50 3.15 46.60
N ILE A 947 14.78 4.16 46.11
CA ILE A 947 13.59 3.95 45.29
C ILE A 947 13.75 4.62 43.93
N VAL A 948 14.12 5.90 43.91
CA VAL A 948 14.12 6.67 42.66
C VAL A 948 15.38 6.40 41.85
N PHE A 949 16.57 6.64 42.42
CA PHE A 949 17.81 6.63 41.64
C PHE A 949 18.76 5.63 42.28
N VAL A 950 18.50 4.35 42.01
CA VAL A 950 19.22 3.25 42.65
C VAL A 950 20.68 3.25 42.27
N ASN A 951 21.01 3.58 41.02
CA ASN A 951 22.39 3.56 40.59
C ASN A 951 23.23 4.76 41.03
N GLY A 952 22.66 5.72 41.74
CA GLY A 952 23.44 6.81 42.29
C GLY A 952 23.62 8.02 41.41
N ASP A 953 23.06 8.02 40.21
CA ASP A 953 23.12 9.19 39.33
C ASP A 953 22.41 10.36 39.99
N HIS A 954 23.08 11.49 40.07
CA HIS A 954 22.53 12.60 40.82
C HIS A 954 22.40 13.84 39.96
N ASN A 955 22.77 13.75 38.69
CA ASN A 955 22.62 14.83 37.72
C ASN A 955 21.45 14.44 36.81
N TRP A 956 20.41 15.27 36.78
CA TRP A 956 19.18 14.91 36.08
C TRP A 956 18.50 16.15 35.52
N PRO A 957 17.80 16.02 34.39
CA PRO A 957 16.99 17.13 33.88
C PRO A 957 15.89 17.47 34.87
N LEU A 958 15.84 18.74 35.23
CA LEU A 958 14.91 19.31 36.20
C LEU A 958 14.58 20.74 35.81
N PRO A 959 13.43 21.27 36.23
CA PRO A 959 13.05 22.63 35.89
C PRO A 959 13.88 23.62 36.69
N VAL A 960 13.73 24.89 36.30
CA VAL A 960 14.31 26.13 36.87
C VAL A 960 15.52 25.97 37.77
N ASN A 961 16.67 26.27 37.16
CA ASN A 961 18.03 26.10 37.67
C ASN A 961 18.35 27.10 38.76
N LEU A 962 18.43 26.55 39.98
CA LEU A 962 18.58 27.33 41.19
C LEU A 962 19.96 27.94 41.31
N ARG A 963 20.99 27.22 40.84
CA ARG A 963 22.36 27.73 40.88
C ARG A 963 22.50 29.07 40.16
N ARG A 964 21.85 29.21 39.01
CA ARG A 964 21.97 30.47 38.29
C ARG A 964 21.19 31.58 38.98
N ILE A 965 20.01 31.25 39.55
CA ILE A 965 19.18 32.25 40.23
C ILE A 965 19.89 32.82 41.44
N ILE A 966 20.64 31.99 42.16
CA ILE A 966 21.31 32.44 43.37
C ILE A 966 22.46 33.37 43.02
N GLN A 967 23.29 32.99 42.04
CA GLN A 967 24.43 33.81 41.70
C GLN A 967 24.02 35.11 41.01
N ASN A 968 22.80 35.20 40.47
CA ASN A 968 22.29 36.50 40.01
C ASN A 968 21.91 37.36 41.20
N ALA A 969 21.35 36.73 42.24
CA ALA A 969 20.98 37.46 43.45
C ALA A 969 22.22 38.01 44.13
N GLN A 970 23.32 37.26 44.06
CA GLN A 970 24.60 37.73 44.57
C GLN A 970 25.10 38.96 43.82
N GLN A 971 24.75 39.09 42.53
CA GLN A 971 25.22 40.26 41.80
C GLN A 971 24.37 41.50 42.02
N ILE A 972 23.03 41.35 42.01
CA ILE A 972 22.14 42.50 42.15
C ILE A 972 22.33 43.19 43.49
N PHE A 973 22.45 42.42 44.56
CA PHE A 973 22.54 43.01 45.87
C PHE A 973 23.95 43.05 46.39
N HIS A 974 24.96 42.82 45.52
CA HIS A 974 26.38 42.89 45.88
C HIS A 974 26.65 42.01 47.09
N LEU A 975 26.22 40.76 47.00
CA LEU A 975 26.42 39.85 48.12
C LEU A 975 27.81 39.30 48.42
N ASP A 976 28.85 40.09 48.11
CA ASP A 976 30.15 39.98 48.75
C ASP A 976 29.95 40.53 50.18
N ARG A 977 31.04 40.60 50.95
CA ARG A 977 30.95 41.11 52.31
C ARG A 977 31.09 40.02 53.37
N ALA A 978 31.81 40.33 54.43
CA ALA A 978 31.73 39.57 55.67
C ALA A 978 30.70 40.18 56.62
N LYS A 979 30.07 41.27 56.18
CA LYS A 979 29.07 41.95 56.99
C LYS A 979 27.99 40.98 57.46
N ALA A 980 28.11 40.53 58.70
CA ALA A 980 27.16 39.60 59.28
C ALA A 980 25.74 39.90 58.80
N SER A 981 25.01 38.82 58.50
CA SER A 981 23.67 38.88 57.96
C SER A 981 22.61 39.07 59.05
N ASP A 982 21.61 39.87 58.72
CA ASP A 982 20.44 40.10 59.56
C ASP A 982 19.28 39.15 59.26
N LEU A 983 19.54 38.02 58.61
CA LEU A 983 18.49 37.11 58.17
C LEU A 983 18.35 36.04 59.24
N THR A 984 17.21 36.04 59.92
CA THR A 984 17.03 35.14 61.05
C THR A 984 16.68 33.73 60.62
N ILE A 985 16.99 32.78 61.52
CA ILE A 985 16.80 31.36 61.21
C ILE A 985 15.34 30.96 60.99
N PRO A 986 14.36 31.36 61.84
CA PRO A 986 12.95 30.98 61.54
C PRO A 986 12.42 31.52 60.23
N GLU A 987 12.94 32.64 59.75
CA GLU A 987 12.54 33.13 58.43
C GLU A 987 12.96 32.17 57.33
N ILE A 988 14.13 31.55 57.47
CA ILE A 988 14.61 30.61 56.46
C ILE A 988 13.78 29.35 56.42
N ILE A 989 13.61 28.69 57.58
CA ILE A 989 12.93 27.39 57.63
C ILE A 989 11.47 27.51 57.25
N HIS A 990 10.79 28.54 57.74
CA HIS A 990 9.39 28.73 57.40
C HIS A 990 9.24 29.26 55.99
N GLY A 991 10.17 30.10 55.53
CA GLY A 991 10.14 30.58 54.16
C GLY A 991 10.17 29.46 53.13
N VAL A 992 11.15 28.56 53.25
CA VAL A 992 11.30 27.45 52.30
C VAL A 992 10.12 26.48 52.35
N ARG A 993 9.67 26.15 53.56
CA ARG A 993 8.56 25.22 53.71
C ARG A 993 7.25 25.76 53.14
N ASP A 994 7.02 27.07 53.28
CA ASP A 994 5.82 27.67 52.69
C ASP A 994 5.90 27.77 51.18
N LEU A 995 7.11 27.91 50.64
CA LEU A 995 7.30 27.93 49.19
C LEU A 995 6.78 26.66 48.51
N CYS A 996 7.07 25.49 49.09
CA CYS A 996 6.71 24.21 48.48
C CYS A 996 5.22 23.96 48.41
N LYS A 997 4.39 24.81 49.00
CA LYS A 997 2.94 24.71 48.89
C LYS A 997 2.39 25.65 47.82
N LYS A 998 3.21 26.50 47.21
CA LYS A 998 2.76 27.44 46.20
C LYS A 998 3.22 27.07 44.79
N LEU A 999 3.79 25.89 44.60
CA LEU A 999 4.26 25.46 43.28
C LEU A 999 3.13 24.75 42.55
N PHE A 1000 2.13 25.52 42.16
CA PHE A 1000 0.86 24.99 41.69
C PHE A 1000 1.02 24.46 40.28
N VAL A 1001 0.87 23.15 40.13
CA VAL A 1001 0.65 22.55 38.82
C VAL A 1001 -0.85 22.44 38.52
N LEU A 1002 -1.63 21.97 39.48
CA LEU A 1002 -3.06 21.80 39.35
C LEU A 1002 -3.76 22.54 40.48
N ARG A 1003 -4.79 23.31 40.15
CA ARG A 1003 -5.51 24.07 41.14
C ARG A 1003 -6.88 23.44 41.39
N GLY A 1004 -7.40 23.66 42.59
CA GLY A 1004 -8.62 23.02 43.02
C GLY A 1004 -8.35 22.44 44.40
N GLU A 1005 -9.41 22.33 45.20
CA GLU A 1005 -9.30 21.86 46.57
C GLU A 1005 -9.61 20.38 46.76
N ASN A 1006 -10.10 19.68 45.73
CA ASN A 1006 -10.37 18.24 45.82
C ASN A 1006 -9.17 17.47 46.35
N GLU A 1007 -9.47 16.50 47.22
CA GLU A 1007 -8.48 15.70 47.92
C GLU A 1007 -7.54 14.97 46.96
N LEU A 1008 -8.08 14.46 45.84
CA LEU A 1008 -7.26 13.75 44.87
C LEU A 1008 -6.30 14.70 44.15
N ILE A 1009 -6.74 15.94 43.90
CA ILE A 1009 -5.90 16.93 43.23
C ILE A 1009 -4.68 17.26 44.08
N LYS A 1010 -4.89 17.50 45.38
CA LYS A 1010 -3.78 17.84 46.28
C LYS A 1010 -2.76 16.71 46.34
N GLU A 1011 -3.21 15.46 46.32
CA GLU A 1011 -2.25 14.36 46.28
C GLU A 1011 -1.50 14.37 44.95
N ALA A 1012 -2.22 14.55 43.85
CA ALA A 1012 -1.59 14.63 42.53
C ALA A 1012 -0.64 15.83 42.43
N GLN A 1013 -1.03 16.97 42.99
CA GLN A 1013 -0.18 18.15 42.96
C GLN A 1013 1.09 17.93 43.75
N GLN A 1014 0.99 17.23 44.87
CA GLN A 1014 2.16 16.93 45.69
C GLN A 1014 3.07 15.93 45.03
N ASN A 1015 2.49 14.94 44.36
CA ASN A 1015 3.26 13.93 43.64
C ASN A 1015 4.03 14.51 42.46
N ALA A 1016 3.39 15.41 41.69
CA ALA A 1016 4.02 16.01 40.51
C ALA A 1016 5.30 16.76 40.83
N THR A 1017 5.40 17.37 42.00
CA THR A 1017 6.53 18.22 42.36
C THR A 1017 7.43 17.60 43.40
N SER A 1018 7.28 16.29 43.67
CA SER A 1018 8.06 15.62 44.71
C SER A 1018 9.56 15.75 44.45
N LEU A 1019 10.00 15.43 43.24
CA LEU A 1019 11.43 15.48 42.94
C LEU A 1019 11.96 16.90 43.01
N PHE A 1020 11.20 17.87 42.48
CA PHE A 1020 11.65 19.26 42.49
C PHE A 1020 11.73 19.84 43.89
N GLN A 1021 10.78 19.53 44.78
CA GLN A 1021 10.86 19.98 46.17
C GLN A 1021 12.13 19.52 46.85
N CYS A 1022 12.50 18.25 46.65
CA CYS A 1022 13.75 17.73 47.19
C CYS A 1022 14.95 18.53 46.68
N LEU A 1023 14.94 18.89 45.40
CA LEU A 1023 16.00 19.70 44.82
C LEU A 1023 16.11 21.06 45.50
N VAL A 1024 14.98 21.72 45.75
CA VAL A 1024 14.98 23.04 46.38
C VAL A 1024 15.53 22.94 47.80
N ARG A 1025 14.96 22.03 48.60
CA ARG A 1025 15.37 21.83 49.98
C ARG A 1025 16.85 21.48 50.09
N ALA A 1026 17.38 20.76 49.10
CA ALA A 1026 18.80 20.41 49.11
C ALA A 1026 19.71 21.61 48.90
N ARG A 1027 19.20 22.69 48.30
CA ARG A 1027 19.96 23.90 48.08
C ARG A 1027 19.70 24.94 49.16
N LEU A 1028 18.45 25.19 49.48
CA LEU A 1028 18.08 26.21 50.46
C LEU A 1028 18.05 25.61 51.86
N ALA A 1029 19.14 24.96 52.21
CA ALA A 1029 19.41 24.45 53.55
C ALA A 1029 20.10 25.54 54.35
N THR A 1030 19.78 25.58 55.65
CA THR A 1030 20.20 26.64 56.57
C THR A 1030 21.68 26.99 56.49
N ARG A 1031 22.57 25.99 56.54
CA ARG A 1031 24.00 26.29 56.50
C ARG A 1031 24.42 26.90 55.16
N ARG A 1032 23.87 26.41 54.07
CA ARG A 1032 24.26 26.90 52.75
C ARG A 1032 23.76 28.32 52.52
N ILE A 1033 22.53 28.63 52.97
CA ILE A 1033 22.00 29.98 52.78
C ILE A 1033 22.86 30.99 53.51
N LEU A 1034 23.36 30.61 54.68
CA LEU A 1034 24.08 31.55 55.53
C LEU A 1034 25.57 31.54 55.32
N GLU A 1035 26.20 30.36 55.23
CA GLU A 1035 27.64 30.32 55.04
C GLU A 1035 28.06 30.49 53.59
N GLU A 1036 27.41 29.79 52.68
CA GLU A 1036 27.89 29.71 51.30
C GLU A 1036 27.34 30.81 50.41
N PHE A 1037 26.03 30.95 50.33
CA PHE A 1037 25.45 31.97 49.47
C PHE A 1037 25.40 33.34 50.13
N ARG A 1038 25.27 33.39 51.46
CA ARG A 1038 25.32 34.63 52.23
C ARG A 1038 24.21 35.61 51.87
N LEU A 1039 22.98 35.12 51.83
CA LEU A 1039 21.88 36.01 51.48
C LEU A 1039 21.47 36.85 52.68
N ASN A 1040 20.99 38.06 52.38
CA ASN A 1040 20.38 38.92 53.38
C ASN A 1040 18.86 38.84 53.29
N ARG A 1041 18.19 39.75 53.99
CA ARG A 1041 16.73 39.73 54.01
C ARG A 1041 16.13 40.10 52.67
N ASP A 1042 16.65 41.17 52.04
CA ASP A 1042 16.15 41.61 50.75
C ASP A 1042 16.34 40.57 49.65
N ALA A 1043 17.53 39.99 49.57
CA ALA A 1043 17.84 39.02 48.53
C ALA A 1043 17.07 37.71 48.68
N PHE A 1044 16.93 37.21 49.91
CA PHE A 1044 16.28 35.92 50.09
C PHE A 1044 14.81 35.94 49.72
N GLU A 1045 14.09 37.01 50.09
CA GLU A 1045 12.69 37.13 49.71
C GLU A 1045 12.54 37.23 48.21
N TRP A 1046 13.53 37.84 47.55
CA TRP A 1046 13.56 37.94 46.11
C TRP A 1046 13.75 36.57 45.46
N VAL A 1047 14.70 35.79 45.99
CA VAL A 1047 14.95 34.42 45.51
C VAL A 1047 13.69 33.55 45.56
N LEU A 1048 12.93 33.60 46.65
CA LEU A 1048 11.68 32.85 46.75
C LEU A 1048 10.68 33.27 45.70
N GLY A 1049 10.52 34.58 45.50
CA GLY A 1049 9.59 35.08 44.50
C GLY A 1049 9.97 34.67 43.09
N THR A 1050 11.26 34.65 42.78
CA THR A 1050 11.70 34.31 41.44
C THR A 1050 11.46 32.83 41.13
N ILE A 1051 11.81 31.94 42.08
CA ILE A 1051 11.56 30.50 41.93
C ILE A 1051 10.09 30.25 41.68
N GLU A 1052 9.24 30.88 42.48
CA GLU A 1052 7.79 30.75 42.36
C GLU A 1052 7.30 31.21 41.00
N ALA A 1053 7.82 32.33 40.52
CA ALA A 1053 7.37 32.86 39.23
C ALA A 1053 7.88 32.00 38.07
N GLN A 1054 9.14 31.59 38.12
CA GLN A 1054 9.71 30.82 37.01
C GLN A 1054 9.19 29.40 36.93
N PHE A 1055 8.78 28.80 38.05
CA PHE A 1055 8.23 27.46 37.97
C PHE A 1055 6.89 27.46 37.24
N GLN A 1056 6.05 28.45 37.51
CA GLN A 1056 4.78 28.58 36.78
C GLN A 1056 5.03 28.71 35.29
N ARG A 1057 5.98 29.55 34.90
CA ARG A 1057 6.34 29.78 33.51
C ARG A 1057 6.87 28.54 32.80
N SER A 1058 7.25 27.50 33.54
CA SER A 1058 7.87 26.31 32.97
C SER A 1058 6.85 25.19 32.76
N LEU A 1059 5.61 25.39 33.15
CA LEU A 1059 4.54 24.43 32.91
C LEU A 1059 4.24 24.38 31.42
N VAL A 1060 3.95 23.18 30.91
CA VAL A 1060 3.54 23.04 29.53
C VAL A 1060 2.20 23.75 29.32
N HIS A 1061 2.02 24.27 28.15
CA HIS A 1061 0.81 25.03 27.90
C HIS A 1061 -0.25 24.14 27.32
N PRO A 1062 -1.47 24.17 27.87
CA PRO A 1062 -2.60 23.45 27.26
C PRO A 1062 -2.82 23.81 25.80
N GLY A 1063 -3.13 22.80 25.01
CA GLY A 1063 -3.21 22.92 23.58
C GLY A 1063 -2.00 22.43 22.83
N GLU A 1064 -0.91 22.16 23.53
CA GLU A 1064 0.35 21.78 22.88
C GLU A 1064 0.20 20.40 22.26
N MET A 1065 0.52 20.28 20.98
CA MET A 1065 0.39 19.00 20.29
C MET A 1065 1.61 18.15 20.55
N VAL A 1066 1.66 17.59 21.75
CA VAL A 1066 2.82 16.85 22.21
C VAL A 1066 3.02 15.54 21.48
N GLY A 1067 1.96 15.04 20.85
CA GLY A 1067 2.03 13.84 20.04
C GLY A 1067 2.97 13.96 18.87
N VAL A 1068 2.74 14.97 18.03
CA VAL A 1068 3.56 15.19 16.85
C VAL A 1068 4.99 15.50 17.23
N ILE A 1069 5.19 16.27 18.31
CA ILE A 1069 6.52 16.60 18.80
C ILE A 1069 7.29 15.34 19.18
N ALA A 1070 6.61 14.42 19.86
CA ALA A 1070 7.19 13.12 20.18
C ALA A 1070 7.60 12.35 18.93
N ALA A 1071 6.74 12.35 17.91
CA ALA A 1071 7.02 11.61 16.69
C ALA A 1071 8.26 12.12 15.99
N GLN A 1072 8.39 13.43 15.88
CA GLN A 1072 9.55 14.02 15.23
C GLN A 1072 10.82 13.86 16.06
N SER A 1073 10.70 14.00 17.39
CA SER A 1073 11.85 13.86 18.28
C SER A 1073 12.48 12.48 18.24
N ILE A 1074 11.70 11.44 18.01
CA ILE A 1074 12.25 10.09 17.91
C ILE A 1074 12.72 9.79 16.50
N GLY A 1075 12.02 10.27 15.48
CA GLY A 1075 12.34 9.91 14.12
C GLY A 1075 13.57 10.58 13.55
N GLU A 1076 13.73 11.87 13.86
CA GLU A 1076 14.87 12.64 13.37
C GLU A 1076 16.25 12.04 13.71
N PRO A 1077 16.56 11.60 14.95
CA PRO A 1077 17.87 10.97 15.17
C PRO A 1077 18.08 9.70 14.37
N ALA A 1078 17.02 8.90 14.22
CA ALA A 1078 17.07 7.68 13.43
C ALA A 1078 17.50 7.95 11.99
N THR A 1079 17.15 9.13 11.44
CA THR A 1079 17.50 9.49 10.06
C THR A 1079 19.00 9.78 9.89
N GLN A 1080 19.81 9.66 10.93
CA GLN A 1080 21.23 9.99 10.88
C GLN A 1080 22.01 8.97 11.68
N MET A 1081 21.56 7.72 11.66
CA MET A 1081 22.14 6.70 12.51
C MET A 1081 22.16 5.33 11.83
N ASN A 1095 27.00 -9.14 20.81
CA ASN A 1095 26.60 -8.94 19.42
C ASN A 1095 25.08 -8.83 19.36
N VAL A 1096 24.54 -7.68 19.68
CA VAL A 1096 23.10 -7.44 19.63
C VAL A 1096 22.80 -6.53 18.45
N THR A 1097 21.60 -6.68 17.91
CA THR A 1097 21.11 -5.85 16.82
C THR A 1097 20.90 -4.43 17.32
N LEU A 1098 21.34 -3.44 16.55
CA LEU A 1098 21.17 -2.04 16.92
C LEU A 1098 20.71 -1.28 15.69
N GLY A 1099 20.68 0.04 15.81
CA GLY A 1099 20.29 0.99 14.79
C GLY A 1099 18.90 0.72 14.24
N VAL A 1100 18.71 1.14 12.98
CA VAL A 1100 17.39 1.04 12.34
C VAL A 1100 16.79 -0.37 12.32
N PRO A 1101 17.51 -1.48 12.05
CA PRO A 1101 16.85 -2.80 12.08
C PRO A 1101 16.28 -3.17 13.43
N ARG A 1102 16.92 -2.76 14.52
CA ARG A 1102 16.39 -3.06 15.84
C ARG A 1102 15.17 -2.21 16.15
N LEU A 1103 15.25 -0.90 15.86
CA LEU A 1103 14.12 0.02 15.96
C LEU A 1103 12.88 -0.50 15.23
N LYS A 1104 13.08 -1.08 14.05
CA LYS A 1104 11.99 -1.60 13.25
C LYS A 1104 11.28 -2.76 13.94
N GLU A 1105 12.03 -3.67 14.57
CA GLU A 1105 11.46 -4.76 15.36
C GLU A 1105 10.53 -4.28 16.47
N ILE A 1106 10.87 -3.16 17.12
CA ILE A 1106 10.05 -2.66 18.23
C ILE A 1106 8.71 -2.16 17.72
N LEU A 1107 8.71 -1.22 16.77
CA LEU A 1107 7.47 -0.58 16.32
C LEU A 1107 6.51 -1.59 15.69
N ASN A 1108 7.04 -2.56 14.98
CA ASN A 1108 6.43 -3.67 14.28
C ASN A 1108 6.06 -4.83 15.18
N VAL A 1109 6.28 -4.69 16.50
CA VAL A 1109 6.25 -5.66 17.62
C VAL A 1109 6.18 -7.10 17.11
N ALA A 1110 7.29 -7.46 16.50
CA ALA A 1110 7.56 -8.75 15.91
C ALA A 1110 7.61 -9.82 16.99
N LYS A 1111 7.05 -10.97 16.68
CA LYS A 1111 6.94 -12.05 17.65
C LYS A 1111 8.25 -12.80 17.76
N ASN A 1112 9.04 -12.80 16.68
CA ASN A 1112 10.32 -13.50 16.60
C ASN A 1112 11.39 -12.49 16.20
N ILE A 1113 12.08 -11.95 17.20
CA ILE A 1113 13.10 -10.93 16.99
C ILE A 1113 14.36 -11.64 16.55
N LYS A 1114 15.33 -10.88 16.03
CA LYS A 1114 16.49 -11.50 15.42
C LYS A 1114 17.50 -11.99 16.47
N THR A 1115 17.65 -11.27 17.57
CA THR A 1115 18.62 -11.62 18.61
C THR A 1115 17.95 -11.69 19.99
N PRO A 1116 17.15 -12.73 20.25
CA PRO A 1116 16.56 -12.88 21.59
C PRO A 1116 17.63 -13.17 22.63
N ALA A 1117 17.51 -12.52 23.79
CA ALA A 1117 18.55 -12.62 24.81
C ALA A 1117 17.97 -12.34 26.18
N LEU A 1118 18.44 -13.08 27.18
CA LEU A 1118 18.04 -12.89 28.56
C LEU A 1118 19.22 -12.33 29.34
N THR A 1119 18.93 -11.44 30.28
CA THR A 1119 19.94 -10.97 31.23
C THR A 1119 19.62 -11.57 32.58
N VAL A 1120 20.46 -12.50 33.04
CA VAL A 1120 20.13 -13.28 34.22
C VAL A 1120 21.03 -12.90 35.40
N TYR A 1121 20.56 -11.98 36.23
CA TYR A 1121 21.27 -11.66 37.46
C TYR A 1121 21.15 -12.78 38.48
N LEU A 1122 22.19 -12.93 39.28
CA LEU A 1122 22.32 -14.02 40.24
C LEU A 1122 22.23 -13.43 41.65
N ASP A 1123 21.81 -14.27 42.61
CA ASP A 1123 21.83 -13.91 44.02
C ASP A 1123 23.24 -13.51 44.47
N ARG A 1124 23.29 -12.56 45.42
CA ARG A 1124 24.52 -11.87 45.81
C ARG A 1124 25.61 -12.83 46.27
N GLU A 1125 25.25 -13.78 47.13
CA GLU A 1125 26.20 -14.74 47.67
C GLU A 1125 26.85 -15.59 46.58
N ILE A 1126 26.11 -15.87 45.52
CA ILE A 1126 26.60 -16.63 44.37
C ILE A 1126 27.37 -15.74 43.40
N ALA A 1127 26.95 -14.48 43.26
CA ALA A 1127 27.50 -13.57 42.27
C ALA A 1127 28.94 -13.16 42.53
N LEU A 1128 29.43 -13.30 43.75
CA LEU A 1128 30.82 -12.97 44.05
C LEU A 1128 31.67 -14.23 44.24
N ASP A 1129 31.21 -15.37 43.74
CA ASP A 1129 31.97 -16.61 43.82
C ASP A 1129 31.84 -17.32 42.48
N ILE A 1130 32.89 -17.21 41.66
CA ILE A 1130 32.88 -17.69 40.28
C ILE A 1130 32.64 -19.20 40.19
N GLU A 1131 33.07 -19.97 41.19
CA GLU A 1131 32.88 -21.42 41.17
C GLU A 1131 31.40 -21.79 41.27
N LYS A 1132 30.67 -21.11 42.14
CA LYS A 1132 29.24 -21.38 42.27
C LYS A 1132 28.47 -20.94 41.05
N ALA A 1133 28.91 -19.84 40.41
CA ALA A 1133 28.26 -19.35 39.21
C ALA A 1133 28.40 -20.32 38.04
N LYS A 1134 29.55 -20.98 37.92
CA LYS A 1134 29.72 -22.00 36.90
C LYS A 1134 28.74 -23.17 37.07
N VAL A 1135 28.41 -23.49 38.32
CA VAL A 1135 27.45 -24.55 38.61
C VAL A 1135 26.08 -24.17 38.05
N ILE A 1136 25.67 -22.92 38.28
CA ILE A 1136 24.43 -22.37 37.74
C ILE A 1136 24.44 -22.41 36.22
N GLN A 1137 25.60 -22.08 35.61
CA GLN A 1137 25.75 -22.09 34.16
C GLN A 1137 25.39 -23.44 33.55
N SER A 1138 25.98 -24.51 34.06
CA SER A 1138 25.76 -25.83 33.47
C SER A 1138 24.34 -26.35 33.67
N SER A 1139 23.62 -25.86 34.68
CA SER A 1139 22.25 -26.33 34.89
C SER A 1139 21.26 -25.64 33.97
N ILE A 1140 21.57 -24.44 33.50
CA ILE A 1140 20.65 -23.67 32.66
C ILE A 1140 20.79 -24.06 31.20
N GLU A 1141 22.02 -24.38 30.79
CA GLU A 1141 22.35 -24.61 29.40
C GLU A 1141 21.72 -25.89 28.87
N TYR A 1142 21.07 -25.78 27.72
CA TYR A 1142 20.39 -26.91 27.12
C TYR A 1142 21.42 -27.83 26.48
N THR A 1143 21.37 -29.11 26.83
CA THR A 1143 22.23 -30.09 26.22
C THR A 1143 21.37 -31.25 25.78
N THR A 1144 21.37 -31.53 24.49
CA THR A 1144 20.65 -32.70 24.01
C THR A 1144 21.62 -33.88 23.90
N LEU A 1145 21.05 -35.03 23.59
CA LEU A 1145 21.86 -36.21 23.34
C LEU A 1145 22.63 -36.03 22.05
N LYS A 1146 21.99 -35.42 21.06
CA LYS A 1146 22.62 -35.08 19.79
C LYS A 1146 23.87 -34.20 19.96
N ASN A 1147 23.89 -33.35 20.99
CA ASN A 1147 25.01 -32.45 21.21
C ASN A 1147 26.29 -33.19 21.60
N VAL A 1148 26.14 -34.32 22.28
CA VAL A 1148 27.30 -35.04 22.82
C VAL A 1148 27.62 -36.29 22.02
N THR A 1149 26.81 -36.64 21.03
CA THR A 1149 26.99 -37.87 20.28
C THR A 1149 27.92 -37.59 19.11
N SER A 1150 28.95 -38.43 18.96
CA SER A 1150 29.87 -38.35 17.82
C SER A 1150 29.48 -39.26 16.67
N ALA A 1151 28.97 -40.48 16.95
CA ALA A 1151 28.62 -41.41 15.90
C ALA A 1151 27.59 -42.42 16.41
N THR A 1152 26.75 -42.88 15.49
CA THR A 1152 25.78 -43.95 15.71
C THR A 1152 26.04 -45.07 14.72
N GLU A 1153 25.76 -46.30 15.15
CA GLU A 1153 25.99 -47.47 14.31
C GLU A 1153 24.84 -48.45 14.45
N ILE A 1154 24.64 -49.28 13.42
CA ILE A 1154 23.61 -50.31 13.42
C ILE A 1154 24.26 -51.64 13.05
N TYR A 1155 24.35 -52.55 14.01
CA TYR A 1155 24.92 -53.87 13.75
C TYR A 1155 23.85 -54.96 13.70
N TYR A 1156 24.23 -56.07 13.07
CA TYR A 1156 23.53 -57.36 13.17
C TYR A 1156 24.27 -58.22 14.18
N ASP A 1157 23.81 -58.20 15.44
CA ASP A 1157 24.43 -58.98 16.51
C ASP A 1157 23.50 -60.08 17.00
N PRO A 1158 23.50 -61.25 16.35
CA PRO A 1158 22.40 -62.22 16.55
C PRO A 1158 22.40 -62.90 17.91
N ASP A 1159 23.57 -63.09 18.51
CA ASP A 1159 23.69 -63.75 19.80
C ASP A 1159 23.58 -62.71 20.90
N PRO A 1160 22.51 -62.70 21.70
CA PRO A 1160 22.37 -61.65 22.71
C PRO A 1160 23.44 -61.64 23.79
N THR A 1161 24.08 -62.76 24.07
CA THR A 1161 25.09 -62.81 25.12
C THR A 1161 26.51 -62.53 24.61
N SER A 1162 26.71 -62.48 23.30
CA SER A 1162 28.01 -62.13 22.72
C SER A 1162 27.95 -61.03 21.67
N THR A 1163 29.05 -60.81 20.98
CA THR A 1163 29.17 -59.75 19.98
C THR A 1163 30.28 -60.11 19.01
N VAL A 1164 30.00 -59.89 17.73
CA VAL A 1164 31.02 -60.04 16.70
C VAL A 1164 32.10 -58.96 16.82
N ILE A 1165 31.77 -57.83 17.44
CA ILE A 1165 32.73 -56.73 17.57
C ILE A 1165 33.83 -57.07 18.57
N GLU A 1166 35.05 -57.21 18.05
CA GLU A 1166 36.24 -57.46 18.87
C GLU A 1166 36.54 -56.29 19.79
N GLU A 1167 36.15 -55.09 19.39
CA GLU A 1167 36.43 -53.90 20.18
C GLU A 1167 35.63 -53.90 21.48
N ASP A 1168 34.36 -54.29 21.41
CA ASP A 1168 33.53 -54.35 22.61
C ASP A 1168 33.54 -55.73 23.25
N PHE A 1169 34.55 -56.56 22.95
CA PHE A 1169 34.59 -57.91 23.50
C PHE A 1169 34.80 -57.91 25.00
N ASP A 1170 35.92 -57.37 25.46
CA ASP A 1170 36.20 -57.34 26.89
C ASP A 1170 35.20 -56.48 27.65
N THR A 1171 34.59 -55.50 26.98
CA THR A 1171 33.60 -54.64 27.63
C THR A 1171 32.33 -55.40 27.97
N VAL A 1172 31.70 -56.03 26.97
CA VAL A 1172 30.42 -56.68 27.21
C VAL A 1172 30.56 -58.03 27.92
N GLU A 1173 31.64 -58.79 27.68
CA GLU A 1173 31.83 -60.09 28.32
C GLU A 1173 31.93 -59.96 29.83
N ALA A 1174 32.77 -59.05 30.31
CA ALA A 1174 32.89 -58.92 31.76
C ALA A 1174 31.64 -58.27 32.35
N TYR A 1175 30.98 -57.35 31.60
CA TYR A 1175 29.84 -56.62 32.15
C TYR A 1175 28.69 -57.56 32.47
N PHE A 1176 28.38 -58.51 31.57
CA PHE A 1176 27.23 -59.41 31.77
C PHE A 1176 27.47 -60.42 32.88
N SER A 1177 28.71 -60.58 33.33
CA SER A 1177 29.02 -61.51 34.41
C SER A 1177 29.17 -60.76 35.73
N GLN A 1190 14.85 -60.95 22.24
CA GLN A 1190 15.07 -59.60 21.78
C GLN A 1190 15.67 -59.57 20.38
N SER A 1191 15.64 -58.39 19.76
CA SER A 1191 15.92 -58.25 18.34
C SER A 1191 17.41 -58.50 18.07
N PRO A 1192 17.74 -59.08 16.90
CA PRO A 1192 19.16 -59.24 16.56
C PRO A 1192 19.82 -57.95 16.14
N TRP A 1193 19.06 -56.91 15.80
CA TRP A 1193 19.63 -55.64 15.38
C TRP A 1193 20.11 -54.85 16.60
N LEU A 1194 21.31 -54.31 16.51
CA LEU A 1194 21.97 -53.56 17.59
C LEU A 1194 22.07 -52.10 17.21
N LEU A 1195 21.70 -51.21 18.12
CA LEU A 1195 21.98 -49.79 17.98
C LEU A 1195 23.15 -49.42 18.88
N ARG A 1196 24.26 -49.01 18.28
CA ARG A 1196 25.50 -48.69 18.98
C ARG A 1196 25.85 -47.23 18.71
N LEU A 1197 25.83 -46.41 19.76
CA LEU A 1197 26.15 -45.00 19.64
C LEU A 1197 27.37 -44.65 20.48
N GLU A 1198 28.23 -43.79 19.93
CA GLU A 1198 29.47 -43.37 20.57
C GLU A 1198 29.43 -41.93 21.04
N LEU A 1199 29.83 -41.72 22.29
CA LEU A 1199 29.90 -40.39 22.88
C LEU A 1199 31.30 -39.82 22.75
N ASP A 1200 31.38 -38.52 22.47
CA ASP A 1200 32.66 -37.83 22.35
C ASP A 1200 33.19 -37.49 23.74
N ARG A 1201 34.43 -37.92 24.03
CA ARG A 1201 34.99 -37.77 25.37
C ARG A 1201 35.19 -36.30 25.75
N ALA A 1202 35.65 -35.49 24.80
CA ALA A 1202 35.92 -34.08 25.07
C ALA A 1202 34.67 -33.31 25.45
N ARG A 1203 33.60 -33.42 24.65
CA ARG A 1203 32.39 -32.69 24.99
C ARG A 1203 31.71 -33.23 26.24
N MET A 1204 31.77 -34.54 26.47
CA MET A 1204 31.28 -35.10 27.73
C MET A 1204 32.07 -34.66 28.94
N LEU A 1205 33.38 -34.46 28.79
CA LEU A 1205 34.19 -34.03 29.92
C LEU A 1205 33.95 -32.56 30.25
N ASP A 1206 33.91 -31.70 29.23
CA ASP A 1206 33.68 -30.26 29.44
C ASP A 1206 32.33 -29.99 30.08
N LYS A 1207 31.28 -30.61 29.56
CA LYS A 1207 29.92 -30.41 30.07
C LYS A 1207 29.69 -31.07 31.42
N GLN A 1208 30.64 -31.87 31.92
CA GLN A 1208 30.59 -32.55 33.22
C GLN A 1208 29.42 -33.52 33.31
N LEU A 1209 29.39 -34.47 32.38
CA LEU A 1209 28.31 -35.43 32.33
C LEU A 1209 28.92 -36.82 32.48
N THR A 1210 28.28 -37.67 33.28
CA THR A 1210 28.67 -39.05 33.50
C THR A 1210 27.81 -39.99 32.67
N MET A 1211 28.39 -41.17 32.34
CA MET A 1211 27.66 -42.20 31.59
C MET A 1211 26.37 -42.60 32.29
N ASN A 1212 26.40 -42.62 33.62
CA ASN A 1212 25.23 -43.00 34.42
C ASN A 1212 24.07 -42.05 34.19
N GLN A 1213 24.32 -40.74 34.37
CA GLN A 1213 23.24 -39.76 34.34
C GLN A 1213 22.69 -39.60 32.93
N VAL A 1214 23.53 -39.82 31.92
CA VAL A 1214 23.06 -39.84 30.54
C VAL A 1214 22.11 -41.00 30.33
N ALA A 1215 22.46 -42.17 30.87
CA ALA A 1215 21.61 -43.35 30.77
C ALA A 1215 20.34 -43.22 31.59
N ASP A 1216 20.40 -42.54 32.74
CA ASP A 1216 19.21 -42.31 33.56
C ASP A 1216 18.09 -41.62 32.78
N LYS A 1217 18.42 -40.50 32.12
CA LYS A 1217 17.43 -39.75 31.33
C LYS A 1217 16.84 -40.60 30.21
N ILE A 1218 17.65 -41.48 29.64
CA ILE A 1218 17.21 -42.41 28.62
C ILE A 1218 16.21 -43.41 29.19
N SER A 1219 16.48 -43.92 30.40
CA SER A 1219 15.59 -44.86 31.07
C SER A 1219 14.15 -44.35 31.21
N GLU A 1220 13.95 -43.12 31.72
CA GLU A 1220 12.60 -42.60 31.97
C GLU A 1220 11.75 -42.53 30.70
N VAL A 1221 12.35 -42.13 29.59
CA VAL A 1221 11.62 -42.00 28.32
C VAL A 1221 11.54 -43.29 27.51
N PHE A 1222 12.44 -44.25 27.73
CA PHE A 1222 12.46 -45.48 26.94
C PHE A 1222 12.16 -46.75 27.72
N SER A 1223 11.84 -46.64 29.01
CA SER A 1223 11.36 -47.65 29.95
C SER A 1223 11.82 -49.09 29.74
N ASP A 1224 11.00 -49.92 29.07
CA ASP A 1224 11.37 -51.32 28.86
C ASP A 1224 11.53 -51.70 27.40
N ASP A 1225 11.55 -50.74 26.48
CA ASP A 1225 11.78 -51.06 25.08
C ASP A 1225 13.24 -51.01 24.69
N LEU A 1226 14.16 -50.85 25.63
CA LEU A 1226 15.56 -50.69 25.24
C LEU A 1226 16.47 -51.04 26.40
N PHE A 1227 17.41 -51.94 26.12
CA PHE A 1227 18.45 -52.36 27.04
C PHE A 1227 19.67 -51.46 26.86
N VAL A 1228 20.08 -50.77 27.92
CA VAL A 1228 21.16 -49.79 27.82
C VAL A 1228 22.39 -50.36 28.50
N MET A 1229 23.53 -50.27 27.80
CA MET A 1229 24.82 -50.78 28.24
C MET A 1229 25.90 -49.79 27.89
N TRP A 1230 26.67 -49.34 28.87
CA TRP A 1230 27.65 -48.29 28.64
C TRP A 1230 29.04 -48.80 28.98
N SER A 1231 30.03 -48.28 28.26
CA SER A 1231 31.40 -48.64 28.57
C SER A 1231 31.93 -47.73 29.66
N GLU A 1232 33.11 -48.07 30.17
CA GLU A 1232 33.66 -47.25 31.24
C GLU A 1232 34.41 -46.05 30.69
N ASP A 1233 34.53 -45.02 31.53
CA ASP A 1233 35.23 -43.81 31.12
C ASP A 1233 36.73 -44.04 30.92
N ASN A 1234 37.29 -45.13 31.45
CA ASN A 1234 38.70 -45.42 31.24
C ASN A 1234 38.94 -46.03 29.88
N ALA A 1235 37.90 -46.49 29.20
CA ALA A 1235 38.02 -47.18 27.92
C ALA A 1235 38.57 -46.24 26.86
N ASP A 1236 39.10 -46.82 25.79
CA ASP A 1236 39.64 -46.00 24.72
C ASP A 1236 38.54 -45.21 24.01
N LYS A 1237 37.41 -45.87 23.72
CA LYS A 1237 36.22 -45.20 23.19
C LYS A 1237 35.05 -45.33 24.15
N LEU A 1238 34.29 -44.24 24.30
CA LEU A 1238 33.08 -44.21 25.12
C LEU A 1238 31.90 -44.68 24.29
N ILE A 1239 31.32 -45.82 24.64
CA ILE A 1239 30.34 -46.51 23.82
C ILE A 1239 29.10 -46.82 24.64
N ILE A 1240 27.93 -46.69 24.01
CA ILE A 1240 26.65 -47.07 24.60
C ILE A 1240 25.92 -47.97 23.60
N ARG A 1241 25.56 -49.16 24.04
CA ARG A 1241 24.84 -50.16 23.26
C ARG A 1241 23.36 -50.21 23.60
N CYS A 1242 22.53 -50.40 22.59
CA CYS A 1242 21.08 -50.40 22.75
C CYS A 1242 20.50 -51.48 21.85
N ARG A 1243 19.48 -52.18 22.35
CA ARG A 1243 18.75 -53.16 21.58
C ARG A 1243 17.27 -53.05 21.86
N VAL A 1244 16.45 -53.36 20.87
CA VAL A 1244 15.02 -53.44 21.11
C VAL A 1244 14.79 -54.75 21.84
N ILE A 1245 13.78 -54.80 22.70
CA ILE A 1245 13.42 -56.06 23.33
C ILE A 1245 12.05 -56.53 22.88
N GLU A 1258 8.84 -56.15 9.87
CA GLU A 1258 9.93 -55.41 9.25
C GLU A 1258 10.44 -54.31 10.17
N GLU A 1259 11.75 -54.32 10.49
CA GLU A 1259 12.26 -53.38 11.48
C GLU A 1259 13.58 -52.78 11.07
N ASP A 1260 13.99 -52.92 9.79
CA ASP A 1260 15.25 -52.31 9.36
C ASP A 1260 15.13 -50.81 9.37
N GLN A 1261 13.97 -50.31 8.93
CA GLN A 1261 13.72 -48.88 8.85
C GLN A 1261 13.28 -48.34 10.20
N MET A 1262 12.64 -49.18 11.03
CA MET A 1262 12.16 -48.75 12.33
C MET A 1262 13.31 -48.29 13.21
N LEU A 1263 14.49 -48.87 13.00
CA LEU A 1263 15.66 -48.45 13.77
C LEU A 1263 16.19 -47.14 13.26
N LYS A 1264 16.07 -46.86 11.96
CA LYS A 1264 16.44 -45.55 11.47
C LYS A 1264 15.46 -44.48 11.96
N ARG A 1265 14.16 -44.80 11.99
CA ARG A 1265 13.16 -43.88 12.52
C ARG A 1265 13.35 -43.65 14.01
N ILE A 1266 13.68 -44.71 14.76
CA ILE A 1266 13.94 -44.56 16.19
C ILE A 1266 15.19 -43.73 16.41
N GLU A 1267 16.24 -43.95 15.60
CA GLU A 1267 17.48 -43.20 15.75
C GLU A 1267 17.23 -41.72 15.49
N ALA A 1268 16.37 -41.42 14.50
CA ALA A 1268 15.96 -40.05 14.25
C ALA A 1268 15.20 -39.51 15.45
N HIS A 1269 14.30 -40.34 16.00
CA HIS A 1269 13.51 -39.98 17.16
C HIS A 1269 14.38 -39.74 18.38
N MET A 1270 15.50 -40.48 18.50
CA MET A 1270 16.38 -40.33 19.65
C MET A 1270 17.12 -38.99 19.62
N LEU A 1271 17.81 -38.70 18.52
CA LEU A 1271 18.58 -37.47 18.37
C LEU A 1271 17.74 -36.20 18.44
N ASP A 1272 16.45 -36.29 18.15
CA ASP A 1272 15.58 -35.13 18.04
C ASP A 1272 14.80 -34.85 19.33
N LEU A 1273 14.92 -35.68 20.35
CA LEU A 1273 14.02 -35.48 21.48
C LEU A 1273 14.63 -35.73 22.86
N ILE A 1274 15.74 -36.45 22.94
CA ILE A 1274 16.25 -36.78 24.27
C ILE A 1274 16.95 -35.55 24.84
N ALA A 1275 16.48 -35.08 25.99
CA ALA A 1275 17.04 -33.92 26.67
C ALA A 1275 17.78 -34.41 27.90
N LEU A 1276 19.08 -34.15 27.96
CA LEU A 1276 19.82 -34.68 29.09
C LEU A 1276 19.69 -33.82 30.33
N ARG A 1277 19.72 -32.49 30.19
CA ARG A 1277 19.50 -31.53 31.28
C ARG A 1277 19.28 -30.16 30.67
N GLY A 1278 19.01 -29.20 31.55
CA GLY A 1278 18.93 -27.80 31.17
C GLY A 1278 17.54 -27.32 30.81
N ILE A 1279 17.48 -26.02 30.54
CA ILE A 1279 16.24 -25.31 30.24
C ILE A 1279 16.09 -25.19 28.73
N PRO A 1280 14.99 -25.70 28.16
CA PRO A 1280 14.78 -25.60 26.70
C PRO A 1280 14.79 -24.17 26.18
N GLY A 1281 15.37 -24.00 24.98
CA GLY A 1281 15.52 -22.69 24.38
C GLY A 1281 16.77 -21.92 24.74
N ILE A 1282 17.57 -22.40 25.69
CA ILE A 1282 18.78 -21.70 26.10
C ILE A 1282 19.97 -22.43 25.48
N SER A 1283 20.38 -21.98 24.30
CA SER A 1283 21.41 -22.69 23.55
C SER A 1283 22.80 -22.42 24.08
N LYS A 1284 23.04 -21.21 24.59
CA LYS A 1284 24.35 -20.83 25.11
C LYS A 1284 24.17 -19.94 26.32
N VAL A 1285 25.10 -20.05 27.27
CA VAL A 1285 25.12 -19.23 28.47
C VAL A 1285 26.50 -18.59 28.57
N TYR A 1286 26.53 -17.26 28.68
CA TYR A 1286 27.78 -16.53 28.75
C TYR A 1286 27.99 -16.04 30.17
N MET A 1287 29.23 -15.99 30.59
CA MET A 1287 29.58 -15.51 31.92
C MET A 1287 30.02 -14.06 31.76
N VAL A 1288 29.20 -13.13 32.23
CA VAL A 1288 29.39 -11.70 31.99
C VAL A 1288 29.65 -11.02 33.34
N LYS A 1289 30.64 -10.14 33.38
CA LYS A 1289 30.92 -9.35 34.56
C LYS A 1289 30.20 -8.00 34.50
N HIS A 1290 29.47 -7.67 35.55
CA HIS A 1290 28.75 -6.39 35.67
C HIS A 1290 29.45 -5.50 36.68
N LYS A 1291 29.66 -4.24 36.31
CA LYS A 1291 30.11 -3.21 37.24
C LYS A 1291 28.88 -2.44 37.73
N VAL A 1292 28.47 -2.72 38.97
CA VAL A 1292 27.28 -2.11 39.55
C VAL A 1292 27.67 -1.20 40.71
N SER A 1293 27.11 0.01 40.72
CA SER A 1293 27.41 1.01 41.75
C SER A 1293 26.48 0.78 42.94
N VAL A 1294 27.07 0.55 44.11
CA VAL A 1294 26.33 0.20 45.33
C VAL A 1294 26.96 1.00 46.48
N PRO A 1295 26.18 1.55 47.42
CA PRO A 1295 26.78 2.36 48.48
C PRO A 1295 27.59 1.53 49.46
N ASP A 1296 28.67 2.15 49.97
CA ASP A 1296 29.55 1.53 50.94
C ASP A 1296 28.82 1.31 52.27
N GLU A 1297 29.52 0.75 53.26
CA GLU A 1297 29.05 0.91 54.64
C GLU A 1297 29.25 2.33 55.13
N SER A 1298 30.31 3.01 54.66
CA SER A 1298 30.48 4.43 54.94
C SER A 1298 29.46 5.32 54.25
N GLY A 1299 28.69 4.81 53.29
CA GLY A 1299 27.76 5.58 52.52
C GLY A 1299 28.27 6.16 51.21
N GLU A 1300 29.54 5.99 50.90
CA GLU A 1300 30.08 6.54 49.67
C GLU A 1300 29.84 5.57 48.53
N TYR A 1301 29.51 6.09 47.36
CA TYR A 1301 29.25 5.23 46.22
C TYR A 1301 30.56 4.62 45.73
N LYS A 1302 30.63 3.31 45.68
CA LYS A 1302 31.80 2.65 45.11
C LYS A 1302 31.38 1.61 44.10
N ASN A 1303 32.30 1.33 43.17
CA ASN A 1303 32.02 0.30 42.19
C ASN A 1303 32.16 -1.07 42.84
N GLU A 1304 31.55 -2.07 42.23
CA GLU A 1304 31.57 -3.42 42.77
C GLU A 1304 31.34 -4.37 41.61
N GLU A 1305 32.28 -5.28 41.39
CA GLU A 1305 32.18 -6.21 40.28
C GLU A 1305 31.39 -7.44 40.70
N LEU A 1306 30.40 -7.81 39.90
CA LEU A 1306 29.55 -8.96 40.14
C LEU A 1306 29.38 -9.74 38.86
N TRP A 1307 29.27 -11.06 39.01
CA TRP A 1307 29.07 -11.97 37.89
C TRP A 1307 27.59 -12.13 37.58
N ALA A 1308 27.26 -12.11 36.30
CA ALA A 1308 25.90 -12.42 35.85
C ALA A 1308 25.99 -13.29 34.61
N LEU A 1309 24.85 -13.73 34.12
CA LEU A 1309 24.79 -14.56 32.94
C LEU A 1309 23.93 -13.91 31.87
N GLU A 1310 24.25 -14.19 30.61
CA GLU A 1310 23.42 -13.80 29.48
C GLU A 1310 23.29 -14.98 28.52
N THR A 1311 22.13 -15.12 27.91
CA THR A 1311 21.78 -16.29 27.12
C THR A 1311 21.46 -15.88 25.68
N ASP A 1312 21.68 -16.81 24.76
CA ASP A 1312 20.99 -16.80 23.47
C ASP A 1312 19.70 -17.61 23.52
N GLY A 1313 18.61 -17.04 23.01
CA GLY A 1313 17.30 -17.61 23.14
C GLY A 1313 16.62 -17.24 24.45
N ILE A 1314 15.30 -17.37 24.47
CA ILE A 1314 14.54 -16.98 25.66
C ILE A 1314 13.63 -18.08 26.14
N ASN A 1315 13.45 -18.12 27.46
CA ASN A 1315 12.39 -18.85 28.16
C ASN A 1315 12.30 -18.24 29.55
N LEU A 1316 11.73 -17.04 29.65
CA LEU A 1316 11.83 -16.23 30.88
C LEU A 1316 11.21 -16.93 32.08
N ALA A 1317 10.06 -17.57 31.90
CA ALA A 1317 9.34 -18.19 33.00
C ALA A 1317 10.15 -19.32 33.63
N GLU A 1318 10.68 -20.21 32.80
CA GLU A 1318 11.40 -21.37 33.31
C GLU A 1318 12.74 -20.98 33.94
N VAL A 1319 13.43 -19.99 33.39
CA VAL A 1319 14.73 -19.60 33.94
C VAL A 1319 14.59 -18.90 35.28
N MET A 1320 13.51 -18.14 35.46
CA MET A 1320 13.22 -17.46 36.72
C MET A 1320 13.12 -18.44 37.90
N ALA A 1321 12.58 -19.62 37.65
CA ALA A 1321 12.32 -20.57 38.73
C ALA A 1321 13.56 -21.30 39.20
N VAL A 1322 14.64 -21.28 38.43
CA VAL A 1322 15.86 -22.04 38.69
C VAL A 1322 16.55 -21.55 39.96
N PRO A 1323 16.81 -22.44 40.93
CA PRO A 1323 17.51 -22.05 42.16
C PRO A 1323 18.89 -21.47 41.88
N GLY A 1324 19.18 -20.35 42.52
CA GLY A 1324 20.43 -19.66 42.27
C GLY A 1324 20.18 -18.35 41.56
N VAL A 1325 19.23 -18.37 40.62
CA VAL A 1325 18.87 -17.17 39.88
C VAL A 1325 18.10 -16.22 40.77
N ASP A 1326 18.46 -14.94 40.73
CA ASP A 1326 17.72 -13.89 41.42
C ASP A 1326 16.41 -13.72 40.67
N SER A 1327 15.36 -14.39 41.14
CA SER A 1327 14.06 -14.35 40.48
C SER A 1327 13.36 -13.00 40.50
N SER A 1328 13.83 -12.03 41.28
CA SER A 1328 13.18 -10.73 41.27
C SER A 1328 13.79 -9.73 40.29
N ARG A 1329 14.79 -10.09 39.51
CA ARG A 1329 15.44 -9.10 38.65
C ARG A 1329 15.71 -9.54 37.22
N THR A 1330 15.42 -10.78 36.85
CA THR A 1330 15.73 -11.32 35.53
C THR A 1330 15.03 -10.55 34.41
N TYR A 1331 15.77 -10.24 33.35
CA TYR A 1331 15.29 -9.36 32.29
C TYR A 1331 15.49 -10.02 30.93
N SER A 1332 14.57 -9.73 30.00
CA SER A 1332 14.61 -10.21 28.63
C SER A 1332 14.43 -9.08 27.63
N ASN A 1333 15.15 -9.14 26.53
CA ASN A 1333 14.95 -8.13 25.48
C ASN A 1333 13.78 -8.44 24.54
N SER A 1334 12.99 -9.49 24.76
CA SER A 1334 11.73 -9.65 24.04
C SER A 1334 10.58 -9.25 24.94
N PHE A 1335 10.09 -8.04 24.74
CA PHE A 1335 8.95 -7.53 25.50
C PHE A 1335 7.63 -8.25 25.21
N VAL A 1336 7.51 -8.95 24.08
CA VAL A 1336 6.35 -9.80 23.87
C VAL A 1336 6.27 -10.90 24.92
N GLU A 1337 7.42 -11.48 25.27
CA GLU A 1337 7.44 -12.52 26.29
C GLU A 1337 7.20 -11.95 27.69
N ILE A 1338 7.77 -10.77 27.96
CA ILE A 1338 7.55 -10.05 29.20
C ILE A 1338 6.07 -9.83 29.48
N LEU A 1339 5.30 -9.49 28.45
CA LEU A 1339 3.87 -9.26 28.62
C LEU A 1339 3.17 -10.51 29.10
N SER A 1340 3.57 -11.67 28.60
CA SER A 1340 2.92 -12.91 29.01
C SER A 1340 3.33 -13.33 30.42
N VAL A 1341 4.54 -13.00 30.83
CA VAL A 1341 5.02 -13.41 32.14
C VAL A 1341 4.77 -12.37 33.22
N LEU A 1342 5.04 -11.09 32.95
CA LEU A 1342 5.06 -10.10 34.02
C LEU A 1342 3.94 -9.09 33.97
N GLY A 1343 3.23 -8.97 32.85
CA GLY A 1343 2.09 -8.07 32.78
C GLY A 1343 2.45 -6.75 32.14
N ILE A 1344 1.42 -5.90 32.02
CA ILE A 1344 1.51 -4.75 31.14
C ILE A 1344 2.41 -3.65 31.72
N GLU A 1345 2.40 -3.46 33.04
CA GLU A 1345 3.23 -2.40 33.62
C GLU A 1345 4.71 -2.70 33.53
N ALA A 1346 5.09 -3.97 33.62
CA ALA A 1346 6.48 -4.34 33.42
C ALA A 1346 6.89 -4.15 31.97
N THR A 1347 5.97 -4.39 31.05
CA THR A 1347 6.23 -4.17 29.63
C THR A 1347 6.57 -2.71 29.34
N ARG A 1348 5.86 -1.78 29.98
CA ARG A 1348 6.14 -0.35 29.86
C ARG A 1348 7.61 -0.03 30.17
N SER A 1349 8.13 -0.51 31.30
CA SER A 1349 9.52 -0.25 31.64
C SER A 1349 10.46 -0.93 30.65
N SER A 1350 10.13 -2.16 30.24
CA SER A 1350 11.02 -2.88 29.34
C SER A 1350 11.04 -2.26 27.95
N LEU A 1351 9.86 -1.87 27.45
CA LEU A 1351 9.78 -1.15 26.19
C LEU A 1351 10.62 0.11 26.20
N TYR A 1352 10.50 0.90 27.27
CA TYR A 1352 11.32 2.11 27.40
C TYR A 1352 12.80 1.81 27.42
N LYS A 1353 13.21 0.80 28.17
CA LYS A 1353 14.63 0.46 28.26
C LYS A 1353 15.19 0.09 26.88
N GLU A 1354 14.43 -0.67 26.09
CA GLU A 1354 14.94 -1.10 24.79
C GLU A 1354 14.98 0.03 23.77
N ILE A 1355 14.01 0.95 23.80
CA ILE A 1355 14.07 2.08 22.88
C ILE A 1355 15.21 3.02 23.25
N LEU A 1356 15.30 3.40 24.53
CA LEU A 1356 16.37 4.27 25.02
C LEU A 1356 17.75 3.76 24.67
N ASN A 1357 17.99 2.47 24.85
CA ASN A 1357 19.27 1.85 24.51
C ASN A 1357 19.62 2.07 23.04
N VAL A 1358 18.63 1.98 22.14
CA VAL A 1358 18.87 2.23 20.73
C VAL A 1358 19.28 3.67 20.47
N ILE A 1359 18.53 4.63 21.02
CA ILE A 1359 18.80 6.04 20.75
C ILE A 1359 20.11 6.47 21.40
N ALA A 1360 20.31 6.12 22.67
CA ALA A 1360 21.50 6.55 23.41
C ALA A 1360 22.79 5.94 22.90
N PHE A 1361 22.74 4.91 22.05
CA PHE A 1361 23.92 4.15 21.68
C PHE A 1361 24.90 4.98 20.85
N ASP A 1362 24.41 5.68 19.83
CA ASP A 1362 25.25 6.62 19.07
C ASP A 1362 25.37 7.99 19.71
N GLY A 1363 25.47 8.02 21.04
CA GLY A 1363 25.62 9.21 21.86
C GLY A 1363 24.51 10.22 21.91
N SER A 1364 23.43 10.01 21.14
CA SER A 1364 22.35 10.97 21.13
C SER A 1364 21.62 10.94 22.47
N TYR A 1365 20.83 11.96 22.73
CA TYR A 1365 20.05 11.96 23.95
C TYR A 1365 18.72 12.59 23.62
N VAL A 1366 17.63 11.88 23.86
CA VAL A 1366 16.29 12.42 23.72
C VAL A 1366 15.66 12.49 25.10
N ASN A 1367 15.04 13.65 25.40
CA ASN A 1367 14.41 13.90 26.69
C ASN A 1367 13.38 12.82 26.96
N TYR A 1368 13.26 12.46 28.24
CA TYR A 1368 12.44 11.33 28.69
C TYR A 1368 11.00 11.38 28.20
N ARG A 1369 10.38 12.56 28.19
CA ARG A 1369 8.93 12.63 27.98
C ARG A 1369 8.51 12.16 26.59
N HIS A 1370 9.39 12.25 25.60
CA HIS A 1370 9.02 11.84 24.24
C HIS A 1370 8.98 10.32 24.12
N MET A 1371 9.98 9.62 24.64
CA MET A 1371 9.93 8.16 24.58
C MET A 1371 8.86 7.62 25.50
N ALA A 1372 8.67 8.28 26.65
CA ALA A 1372 7.59 7.92 27.57
C ALA A 1372 6.23 8.03 26.91
N LEU A 1373 6.03 9.09 26.11
CA LEU A 1373 4.75 9.28 25.43
C LEU A 1373 4.48 8.18 24.42
N LEU A 1374 5.49 7.77 23.68
CA LEU A 1374 5.31 6.71 22.68
C LEU A 1374 4.94 5.37 23.33
N VAL A 1375 5.59 5.01 24.44
CA VAL A 1375 5.28 3.71 25.03
C VAL A 1375 3.94 3.71 25.75
N ASP A 1376 3.42 4.85 26.19
CA ASP A 1376 2.09 4.85 26.77
C ASP A 1376 1.02 4.63 25.71
N VAL A 1377 1.24 5.16 24.51
CA VAL A 1377 0.33 4.87 23.41
C VAL A 1377 0.36 3.40 23.04
N MET A 1378 1.54 2.79 23.07
CA MET A 1378 1.69 1.39 22.70
C MET A 1378 1.14 0.42 23.74
N THR A 1379 0.81 0.89 24.93
CA THR A 1379 0.35 0.00 25.98
C THR A 1379 -0.99 0.39 26.56
N SER A 1380 -1.63 1.44 26.04
CA SER A 1380 -2.87 1.91 26.66
C SER A 1380 -3.99 0.90 26.51
N ARG A 1381 -4.03 0.12 25.44
CA ARG A 1381 -5.11 -0.84 25.29
C ARG A 1381 -4.95 -2.08 26.15
N GLY A 1382 -3.85 -2.19 26.90
CA GLY A 1382 -3.59 -3.38 27.66
C GLY A 1382 -2.84 -4.46 26.94
N TYR A 1383 -2.81 -4.42 25.62
CA TYR A 1383 -1.94 -5.28 24.84
C TYR A 1383 -1.06 -4.41 23.98
N LEU A 1384 -0.07 -5.01 23.32
CA LEU A 1384 0.85 -4.23 22.52
C LEU A 1384 0.21 -3.90 21.18
N MET A 1385 -0.06 -2.63 20.94
CA MET A 1385 -0.55 -2.19 19.64
C MET A 1385 0.64 -1.80 18.79
N ALA A 1386 0.93 -2.60 17.77
CA ALA A 1386 2.00 -2.25 16.83
C ALA A 1386 1.68 -1.00 16.04
N ILE A 1387 2.73 -0.27 15.67
CA ILE A 1387 2.64 0.88 14.78
C ILE A 1387 2.66 0.40 13.32
N THR A 1388 1.62 -0.34 12.93
CA THR A 1388 1.38 -0.83 11.57
C THR A 1388 -0.12 -0.67 11.36
N ARG A 1389 -0.59 -0.93 10.13
CA ARG A 1389 -2.04 -0.85 9.85
C ARG A 1389 -2.86 -1.79 10.73
N HIS A 1390 -2.31 -2.94 11.10
CA HIS A 1390 -3.05 -3.91 11.89
C HIS A 1390 -3.27 -3.45 13.32
N GLY A 1391 -2.41 -2.58 13.84
CA GLY A 1391 -2.68 -1.96 15.12
C GLY A 1391 -3.42 -0.65 15.06
N ILE A 1392 -2.89 0.29 14.29
CA ILE A 1392 -3.37 1.67 14.28
C ILE A 1392 -4.84 1.74 13.86
N ASN A 1393 -5.19 1.04 12.79
CA ASN A 1393 -6.54 1.15 12.25
C ASN A 1393 -7.56 0.25 12.93
N ARG A 1394 -7.18 -0.49 13.97
CA ARG A 1394 -8.13 -1.17 14.84
C ARG A 1394 -8.67 -0.29 15.98
N ALA A 1395 -8.60 1.03 15.85
CA ALA A 1395 -9.07 1.95 16.87
C ALA A 1395 -10.48 2.42 16.52
N ASP A 1396 -11.18 2.95 17.51
CA ASP A 1396 -12.52 3.48 17.27
C ASP A 1396 -12.52 4.91 16.71
N THR A 1397 -11.42 5.35 16.10
CA THR A 1397 -11.34 6.67 15.50
C THR A 1397 -12.15 6.71 14.22
N GLY A 1398 -12.47 7.94 13.77
CA GLY A 1398 -13.28 8.14 12.60
C GLY A 1398 -12.70 7.50 11.34
N ALA A 1399 -13.60 7.20 10.40
CA ALA A 1399 -13.19 6.54 9.16
C ALA A 1399 -12.33 7.42 8.26
N LEU A 1400 -12.58 8.73 8.23
CA LEU A 1400 -11.77 9.62 7.39
C LEU A 1400 -10.33 9.68 7.88
N MET A 1401 -10.15 9.75 9.20
CA MET A 1401 -8.81 9.71 9.80
C MET A 1401 -8.09 8.40 9.51
N ARG A 1402 -8.77 7.27 9.69
CA ARG A 1402 -8.15 5.96 9.55
C ARG A 1402 -7.79 5.65 8.10
N CYS A 1403 -8.63 6.07 7.15
CA CYS A 1403 -8.40 5.78 5.74
C CYS A 1403 -7.27 6.59 5.14
N SER A 1404 -6.85 7.67 5.79
CA SER A 1404 -5.72 8.46 5.31
C SER A 1404 -4.36 7.83 5.58
N PHE A 1405 -4.29 6.71 6.30
CA PHE A 1405 -3.01 6.06 6.54
C PHE A 1405 -2.76 4.97 5.51
N GLU A 1406 -3.46 3.83 5.63
CA GLU A 1406 -3.32 2.71 4.73
C GLU A 1406 -4.68 2.05 4.61
N GLU A 1407 -4.81 1.17 3.59
CA GLU A 1407 -6.03 0.40 3.30
C GLU A 1407 -7.19 1.34 3.06
N THR A 1408 -6.94 2.36 2.23
CA THR A 1408 -7.80 3.53 2.11
C THR A 1408 -9.22 3.17 1.66
N VAL A 1409 -9.34 2.42 0.57
CA VAL A 1409 -10.64 2.18 -0.03
C VAL A 1409 -11.42 1.15 0.79
N GLU A 1410 -10.70 0.13 1.30
CA GLU A 1410 -11.28 -0.91 2.13
C GLU A 1410 -11.92 -0.35 3.39
N ILE A 1411 -11.22 0.56 4.08
CA ILE A 1411 -11.80 1.26 5.24
C ILE A 1411 -13.14 1.89 4.88
N LEU A 1412 -13.20 2.56 3.73
CA LEU A 1412 -14.39 3.34 3.39
C LEU A 1412 -15.55 2.47 2.97
N PHE A 1413 -15.30 1.40 2.21
CA PHE A 1413 -16.34 0.41 1.93
C PHE A 1413 -16.89 -0.20 3.23
N GLU A 1414 -15.98 -0.69 4.09
CA GLU A 1414 -16.40 -1.24 5.38
C GLU A 1414 -17.13 -0.22 6.25
N ALA A 1415 -16.75 1.06 6.15
CA ALA A 1415 -17.40 2.10 6.94
C ALA A 1415 -18.83 2.31 6.48
N GLY A 1416 -19.04 2.23 5.16
CA GLY A 1416 -20.38 2.35 4.62
C GLY A 1416 -21.28 1.22 5.06
N ALA A 1417 -20.83 -0.02 4.87
CA ALA A 1417 -21.63 -1.20 5.17
C ALA A 1417 -22.03 -1.31 6.64
N ALA A 1418 -21.28 -0.70 7.55
CA ALA A 1418 -21.62 -0.75 8.97
C ALA A 1418 -22.08 0.59 9.53
N ALA A 1419 -22.46 1.54 8.65
CA ALA A 1419 -22.97 2.88 8.98
C ALA A 1419 -22.20 3.59 10.10
N GLU A 1420 -20.88 3.69 9.95
CA GLU A 1420 -20.04 4.37 10.93
C GLU A 1420 -20.33 5.85 11.05
N LEU A 1421 -20.34 6.34 12.28
CA LEU A 1421 -20.44 7.76 12.62
C LEU A 1421 -19.09 8.34 13.02
N ASP A 1422 -18.70 9.43 12.36
CA ASP A 1422 -17.40 10.07 12.58
C ASP A 1422 -17.72 11.39 13.29
N ASP A 1423 -17.29 11.51 14.53
CA ASP A 1423 -17.61 12.64 15.39
C ASP A 1423 -16.72 13.87 15.20
N CYS A 1424 -15.79 13.84 14.25
CA CYS A 1424 -15.02 15.01 13.77
C CYS A 1424 -14.23 15.70 14.89
N ARG A 1425 -13.68 14.92 15.81
CA ARG A 1425 -12.87 15.48 16.86
C ARG A 1425 -11.39 15.42 16.55
N GLY A 1426 -10.97 14.61 15.58
CA GLY A 1426 -9.58 14.52 15.25
C GLY A 1426 -9.07 15.70 14.46
N VAL A 1427 -7.74 15.85 14.48
CA VAL A 1427 -7.09 16.90 13.70
C VAL A 1427 -7.28 16.63 12.21
N SER A 1428 -7.03 15.39 11.81
CA SER A 1428 -7.07 15.01 10.39
C SER A 1428 -8.45 15.19 9.78
N GLU A 1429 -9.51 14.83 10.51
CA GLU A 1429 -10.88 15.07 10.02
C GLU A 1429 -11.10 16.53 9.61
N ASN A 1430 -10.77 17.46 10.49
CA ASN A 1430 -11.04 18.87 10.25
C ASN A 1430 -10.12 19.49 9.22
N VAL A 1431 -8.85 19.05 9.17
CA VAL A 1431 -7.91 19.53 8.16
C VAL A 1431 -8.42 19.23 6.75
N MET A 1432 -8.86 18.00 6.50
CA MET A 1432 -9.27 17.69 5.14
C MET A 1432 -10.62 18.28 4.79
N LEU A 1433 -11.44 18.63 5.77
CA LEU A 1433 -12.67 19.35 5.49
C LEU A 1433 -12.47 20.85 5.53
N GLY A 1434 -11.24 21.31 5.72
CA GLY A 1434 -10.92 22.72 5.79
C GLY A 1434 -11.53 23.55 6.89
N GLN A 1435 -11.66 22.98 8.08
CA GLN A 1435 -12.27 23.69 9.19
C GLN A 1435 -11.20 23.84 10.27
N LEU A 1436 -11.33 24.90 11.07
CA LEU A 1436 -10.40 25.15 12.18
C LEU A 1436 -10.38 23.98 13.15
N ALA A 1437 -9.20 23.37 13.29
CA ALA A 1437 -9.00 22.15 14.05
C ALA A 1437 -8.89 22.43 15.54
N PRO A 1438 -9.41 21.55 16.39
CA PRO A 1438 -9.32 21.78 17.83
C PRO A 1438 -7.92 21.55 18.40
N MET A 1439 -6.98 22.44 18.09
CA MET A 1439 -5.59 22.32 18.48
C MET A 1439 -5.05 23.74 18.50
N GLY A 1440 -4.09 23.99 19.40
CA GLY A 1440 -3.38 25.26 19.51
C GLY A 1440 -4.28 26.47 19.55
N THR A 1441 -4.12 27.36 18.56
CA THR A 1441 -4.94 28.55 18.49
C THR A 1441 -6.42 28.26 18.22
N GLY A 1442 -6.76 27.05 17.83
CA GLY A 1442 -8.12 26.62 17.61
C GLY A 1442 -8.74 25.82 18.74
N ALA A 1443 -8.06 25.67 19.87
CA ALA A 1443 -8.55 24.84 20.96
C ALA A 1443 -9.55 25.54 21.86
N PHE A 1444 -10.08 26.69 21.48
CA PHE A 1444 -10.98 27.45 22.33
C PHE A 1444 -11.73 28.42 21.44
N ASP A 1445 -12.81 28.98 21.98
CA ASP A 1445 -13.55 30.01 21.28
C ASP A 1445 -13.30 31.37 21.92
N VAL A 1446 -13.50 32.42 21.13
CA VAL A 1446 -13.33 33.79 21.58
C VAL A 1446 -14.68 34.51 21.57
N MET A 1447 -15.08 35.03 22.71
CA MET A 1447 -16.36 35.73 22.85
C MET A 1447 -16.13 37.21 23.08
N ILE A 1448 -17.17 37.99 22.80
CA ILE A 1448 -17.12 39.44 22.98
C ILE A 1448 -17.64 39.81 24.36
N ASP A 1449 -16.85 40.58 25.10
CA ASP A 1449 -17.13 40.95 26.48
C ASP A 1449 -18.04 42.17 26.50
N GLU A 1450 -19.36 41.90 26.41
CA GLU A 1450 -20.36 42.96 26.46
C GLU A 1450 -20.29 43.77 27.77
N LYS A 1451 -19.92 43.16 28.88
CA LYS A 1451 -19.82 43.87 30.15
C LYS A 1451 -18.71 44.92 30.13
N LEU A 1452 -17.56 44.58 29.55
CA LEU A 1452 -16.44 45.53 29.54
C LEU A 1452 -16.65 46.66 28.55
N LEU A 1453 -17.44 46.45 27.50
CA LEU A 1453 -17.72 47.54 26.57
C LEU A 1453 -18.54 48.66 27.19
N THR A 1454 -19.31 48.40 28.24
CA THR A 1454 -20.17 49.41 28.80
C THR A 1454 -19.41 50.49 29.57
N SER A 1455 -18.13 50.28 29.87
CA SER A 1455 -17.31 51.32 30.48
C SER A 1455 -16.82 52.39 29.50
N LEU A 1456 -17.09 52.23 28.21
CA LEU A 1456 -16.73 53.23 27.23
C LEU A 1456 -17.69 54.42 27.29
N PRO A 1457 -17.27 55.61 26.83
CA PRO A 1457 -18.21 56.75 26.77
C PRO A 1457 -19.38 56.50 25.83
N ALA A 1458 -20.39 57.36 25.95
CA ALA A 1458 -21.63 57.21 25.20
C ALA A 1458 -21.57 57.61 23.73
N ASP A 1459 -20.64 58.49 23.32
CA ASP A 1459 -20.57 58.85 21.91
C ASP A 1459 -20.00 57.76 21.01
N TYR A 1460 -19.51 56.65 21.56
CA TYR A 1460 -19.05 55.50 20.80
C TYR A 1460 -20.16 54.51 20.46
N ALA A 1461 -21.41 54.82 20.80
CA ALA A 1461 -22.51 53.87 20.80
C ALA A 1461 -23.06 53.55 19.41
N PRO A 1462 -23.44 52.29 19.18
CA PRO A 1462 -24.16 51.89 17.96
C PRO A 1462 -25.53 52.55 17.90
N THR A 1463 -25.92 53.00 16.72
CA THR A 1463 -27.26 53.60 16.63
C THR A 1463 -28.25 52.58 16.08
N ASP B 9 68.15 -7.18 -24.92
CA ASP B 9 67.09 -6.20 -25.03
C ASP B 9 67.11 -5.29 -23.81
N ASP B 10 66.00 -4.60 -23.54
CA ASP B 10 65.94 -3.74 -22.36
C ASP B 10 64.52 -3.75 -21.80
N THR B 11 64.32 -2.95 -20.76
CA THR B 11 63.09 -2.96 -19.98
C THR B 11 62.05 -1.99 -20.56
N ILE B 12 60.79 -2.39 -20.47
CA ILE B 12 59.68 -1.55 -20.88
C ILE B 12 59.47 -0.44 -19.87
N THR B 13 59.52 0.80 -20.34
CA THR B 13 59.42 1.98 -19.48
C THR B 13 57.97 2.43 -19.47
N THR B 14 57.69 3.44 -18.64
CA THR B 14 56.33 3.99 -18.61
C THR B 14 55.92 4.59 -19.95
N GLU B 15 56.82 5.35 -20.57
CA GLU B 15 56.54 5.94 -21.88
C GLU B 15 56.26 4.88 -22.95
N ASP B 16 56.96 3.75 -22.89
CA ASP B 16 56.73 2.63 -23.80
C ASP B 16 55.35 2.01 -23.64
N CYS B 17 54.86 1.91 -22.40
CA CYS B 17 53.50 1.42 -22.16
C CYS B 17 52.47 2.28 -22.87
N TRP B 18 52.63 3.60 -22.84
CA TRP B 18 51.69 4.47 -23.53
C TRP B 18 51.80 4.36 -25.05
N THR B 19 52.95 3.93 -25.57
CA THR B 19 53.04 3.67 -27.00
C THR B 19 52.14 2.51 -27.41
N VAL B 20 52.12 1.44 -26.61
CA VAL B 20 51.24 0.30 -26.84
C VAL B 20 49.78 0.74 -26.78
N ILE B 21 49.42 1.48 -25.73
CA ILE B 21 48.04 1.93 -25.54
C ILE B 21 47.60 2.81 -26.68
N SER B 22 48.49 3.70 -27.16
CA SER B 22 48.19 4.52 -28.33
C SER B 22 47.84 3.69 -29.55
N ALA B 23 48.46 2.53 -29.71
CA ALA B 23 48.18 1.69 -30.88
C ALA B 23 46.79 1.10 -30.80
N PHE B 24 46.37 0.67 -29.61
CA PHE B 24 45.00 0.24 -29.33
C PHE B 24 43.96 1.24 -29.80
N PHE B 25 44.02 2.47 -29.30
CA PHE B 25 42.97 3.43 -29.63
C PHE B 25 43.06 3.89 -31.07
N GLU B 26 44.25 3.85 -31.65
CA GLU B 26 44.38 4.17 -33.07
C GLU B 26 43.60 3.18 -33.92
N GLU B 27 43.65 1.89 -33.57
CA GLU B 27 42.90 0.91 -34.35
C GLU B 27 41.43 0.81 -33.92
N LYS B 28 41.15 0.77 -32.63
CA LYS B 28 39.81 0.40 -32.18
C LYS B 28 38.95 1.57 -31.75
N GLY B 29 39.53 2.70 -31.36
CA GLY B 29 38.72 3.77 -30.83
C GLY B 29 38.01 3.43 -29.53
N LEU B 30 36.93 4.16 -29.28
CA LEU B 30 36.22 4.04 -28.02
C LEU B 30 34.86 3.38 -28.13
N VAL B 31 34.30 3.28 -29.33
CA VAL B 31 32.95 2.75 -29.48
C VAL B 31 32.92 1.53 -30.41
N SER B 32 34.03 0.82 -30.55
CA SER B 32 34.08 -0.31 -31.47
C SER B 32 33.19 -1.46 -31.03
N GLN B 33 32.93 -1.61 -29.74
CA GLN B 33 32.00 -2.66 -29.32
C GLN B 33 30.58 -2.34 -29.74
N GLN B 34 30.25 -1.07 -29.94
CA GLN B 34 28.96 -0.76 -30.53
C GLN B 34 28.96 -1.05 -32.02
N LEU B 35 29.99 -0.60 -32.74
CA LEU B 35 29.97 -0.67 -34.19
C LEU B 35 30.17 -2.09 -34.71
N ASP B 36 31.12 -2.83 -34.14
CA ASP B 36 31.36 -4.19 -34.59
C ASP B 36 30.16 -5.08 -34.33
N SER B 37 29.50 -4.89 -33.18
CA SER B 37 28.31 -5.67 -32.87
C SER B 37 27.21 -5.43 -33.89
N PHE B 38 26.96 -4.18 -34.25
CA PHE B 38 25.91 -3.90 -35.22
C PHE B 38 26.31 -4.40 -36.61
N ASP B 39 27.59 -4.29 -36.96
CA ASP B 39 28.05 -4.75 -38.27
C ASP B 39 27.82 -6.24 -38.44
N GLU B 40 28.08 -7.01 -37.39
CA GLU B 40 27.86 -8.45 -37.42
C GLU B 40 26.39 -8.76 -37.57
N PHE B 41 25.52 -7.88 -37.08
CA PHE B 41 24.08 -8.09 -37.20
C PHE B 41 23.61 -7.93 -38.64
N MET B 42 24.11 -6.92 -39.35
CA MET B 42 23.70 -6.73 -40.73
C MET B 42 24.29 -7.78 -41.66
N GLU B 43 25.56 -8.12 -41.48
CA GLU B 43 26.20 -9.08 -42.37
C GLU B 43 25.61 -10.47 -42.23
N THR B 44 25.39 -10.92 -41.03
CA THR B 44 25.14 -12.34 -40.85
C THR B 44 23.86 -12.65 -40.10
N SER B 45 23.55 -11.91 -39.03
CA SER B 45 22.50 -12.33 -38.09
C SER B 45 21.12 -12.26 -38.72
N ILE B 46 20.88 -11.22 -39.54
CA ILE B 46 19.60 -11.08 -40.24
C ILE B 46 19.37 -12.29 -41.13
N GLN B 47 20.39 -12.66 -41.89
CA GLN B 47 20.33 -13.81 -42.80
C GLN B 47 20.00 -15.09 -42.04
N ASP B 48 20.68 -15.34 -40.93
CA ASP B 48 20.42 -16.54 -40.13
C ASP B 48 19.01 -16.56 -39.57
N LEU B 49 18.49 -15.40 -39.17
CA LEU B 49 17.14 -15.33 -38.61
C LEU B 49 16.10 -15.70 -39.65
N VAL B 50 16.32 -15.30 -40.90
CA VAL B 50 15.41 -15.65 -41.97
C VAL B 50 15.36 -17.17 -42.16
N TRP B 51 16.51 -17.83 -42.08
CA TRP B 51 16.55 -19.27 -42.25
C TRP B 51 16.14 -20.04 -40.99
N GLU B 52 15.66 -19.36 -39.95
CA GLU B 52 15.20 -20.06 -38.76
C GLU B 52 13.92 -20.83 -39.00
N GLU B 53 13.02 -20.28 -39.82
CA GLU B 53 11.84 -20.98 -40.30
C GLU B 53 11.77 -20.80 -41.79
N PRO B 54 12.56 -21.58 -42.55
CA PRO B 54 12.84 -21.20 -43.94
C PRO B 54 11.70 -21.39 -44.92
N ARG B 55 10.62 -22.10 -44.57
CA ARG B 55 9.54 -22.34 -45.53
C ARG B 55 8.15 -22.27 -44.91
N LEU B 56 7.21 -21.74 -45.69
CA LEU B 56 5.80 -21.74 -45.35
C LEU B 56 5.12 -22.81 -46.20
N ILE B 57 4.24 -23.60 -45.60
CA ILE B 57 3.62 -24.73 -46.27
C ILE B 57 2.10 -24.71 -46.03
N LEU B 58 1.33 -24.84 -47.11
CA LEU B 58 -0.11 -25.06 -47.06
C LEU B 58 -0.41 -26.43 -47.68
N ASP B 59 -1.69 -26.81 -47.62
CA ASP B 59 -2.20 -28.09 -48.10
C ASP B 59 -3.72 -28.06 -48.16
N GLN B 60 -4.29 -28.71 -49.18
CA GLN B 60 -5.71 -28.95 -49.35
C GLN B 60 -5.72 -30.26 -50.11
N PRO B 61 -6.58 -31.21 -49.68
CA PRO B 61 -6.79 -32.53 -50.27
C PRO B 61 -7.98 -32.44 -51.23
N ALA B 62 -7.76 -31.74 -52.33
CA ALA B 62 -8.76 -31.50 -53.37
C ALA B 62 -9.83 -32.56 -53.66
N GLN B 63 -11.01 -32.37 -53.08
CA GLN B 63 -12.17 -33.22 -53.35
C GLN B 63 -13.11 -32.03 -53.44
N HIS B 64 -13.71 -31.83 -54.60
CA HIS B 64 -14.63 -30.72 -54.82
C HIS B 64 -15.58 -30.97 -55.99
N ASP B 69 -11.44 -37.05 -57.38
CA ASP B 69 -10.38 -36.31 -58.08
C ASP B 69 -9.48 -35.56 -57.11
N ASN B 70 -9.11 -36.22 -56.02
CA ASN B 70 -8.23 -35.60 -55.03
C ASN B 70 -6.96 -35.07 -55.67
N ILE B 71 -6.58 -33.85 -55.31
CA ILE B 71 -5.38 -33.23 -55.87
C ILE B 71 -4.62 -32.39 -54.86
N ASN B 72 -3.90 -33.04 -53.95
CA ASN B 72 -3.11 -32.35 -52.96
C ASN B 72 -2.32 -31.24 -53.64
N LYS B 73 -2.56 -30.00 -53.23
CA LYS B 73 -1.91 -28.84 -53.82
C LYS B 73 -1.23 -28.13 -52.67
N ARG B 74 0.04 -28.45 -52.44
CA ARG B 74 0.79 -27.73 -51.44
C ARG B 74 1.33 -26.43 -52.01
N TYR B 75 1.02 -25.34 -51.33
CA TYR B 75 1.51 -24.02 -51.67
C TYR B 75 2.69 -23.77 -50.77
N GLU B 76 3.82 -23.43 -51.37
CA GLU B 76 5.06 -23.31 -50.64
C GLU B 76 5.79 -22.04 -51.02
N ILE B 77 6.34 -21.36 -50.01
CA ILE B 77 7.10 -20.12 -50.19
C ILE B 77 8.39 -20.22 -49.40
N ARG B 78 9.52 -20.01 -50.09
CA ARG B 78 10.86 -20.18 -49.54
C ARG B 78 11.60 -18.85 -49.55
N PHE B 79 12.19 -18.49 -48.40
CA PHE B 79 12.89 -17.23 -48.26
C PHE B 79 14.38 -17.44 -48.53
N GLY B 80 14.95 -16.66 -49.47
CA GLY B 80 16.35 -16.87 -49.77
C GLY B 80 17.34 -15.83 -49.30
N LYS B 81 18.16 -15.34 -50.23
CA LYS B 81 19.25 -14.41 -49.94
C LYS B 81 18.70 -13.06 -49.49
N ILE B 82 19.45 -12.38 -48.62
CA ILE B 82 19.16 -11.01 -48.21
C ILE B 82 20.10 -10.05 -48.93
N TYR B 83 19.57 -8.93 -49.40
CA TYR B 83 20.36 -7.88 -50.01
C TYR B 83 20.01 -6.58 -49.33
N LEU B 84 21.01 -5.72 -49.21
CA LEU B 84 20.92 -4.44 -48.54
C LEU B 84 21.27 -3.34 -49.51
N SER B 85 20.56 -2.24 -49.39
CA SER B 85 20.84 -1.02 -50.12
C SER B 85 21.19 0.10 -49.16
N ARG B 86 21.94 1.07 -49.67
CA ARG B 86 22.30 2.24 -48.90
C ARG B 86 21.04 3.05 -48.58
N PRO B 87 21.07 3.83 -47.49
CA PRO B 87 19.87 4.57 -47.09
C PRO B 87 19.42 5.59 -48.11
N THR B 88 18.11 5.62 -48.34
CA THR B 88 17.53 6.38 -49.44
C THR B 88 16.31 7.15 -48.94
N MET B 89 16.25 8.42 -49.32
CA MET B 89 15.10 9.28 -49.04
C MET B 89 14.16 9.23 -50.22
N THR B 90 12.95 8.74 -50.02
CA THR B 90 11.94 8.77 -51.07
C THR B 90 10.89 9.81 -50.75
N GLU B 91 10.97 10.94 -51.46
CA GLU B 91 10.02 12.03 -51.39
C GLU B 91 8.61 11.58 -51.79
N ALA B 92 7.62 12.40 -51.43
CA ALA B 92 6.26 12.18 -51.92
C ALA B 92 6.19 12.23 -53.43
N ASP B 93 7.00 13.09 -54.07
CA ASP B 93 7.25 13.05 -55.51
C ASP B 93 7.41 11.65 -56.09
N GLY B 94 8.25 10.84 -55.47
CA GLY B 94 8.71 9.58 -56.04
C GLY B 94 10.20 9.53 -56.30
N THR B 95 10.83 10.69 -56.46
CA THR B 95 12.28 10.80 -56.63
C THR B 95 13.02 10.29 -55.41
N THR B 96 14.20 9.74 -55.65
CA THR B 96 15.02 9.12 -54.62
C THR B 96 16.41 9.72 -54.73
N HIS B 97 17.14 9.69 -53.62
CA HIS B 97 18.54 10.05 -53.59
C HIS B 97 19.16 9.48 -52.33
N ALA B 98 20.48 9.44 -52.29
CA ALA B 98 21.18 8.98 -51.11
C ALA B 98 20.93 9.96 -49.98
N MET B 99 20.59 9.45 -48.81
CA MET B 99 20.32 10.26 -47.64
C MET B 99 21.57 10.38 -46.79
N PHE B 100 21.94 11.58 -46.45
CA PHE B 100 23.00 11.69 -45.48
C PHE B 100 22.42 12.19 -44.15
N PRO B 101 23.06 11.85 -43.01
CA PRO B 101 22.49 12.16 -41.69
C PRO B 101 22.07 13.59 -41.41
N GLN B 102 22.79 14.59 -41.92
CA GLN B 102 22.45 15.97 -41.60
C GLN B 102 21.06 16.34 -42.09
N GLU B 103 20.69 15.90 -43.29
CA GLU B 103 19.32 16.09 -43.76
C GLU B 103 18.34 15.35 -42.87
N ALA B 104 18.70 14.13 -42.45
CA ALA B 104 17.83 13.31 -41.62
C ALA B 104 17.52 13.94 -40.27
N ARG B 105 18.51 14.53 -39.62
CA ARG B 105 18.26 15.25 -38.37
C ARG B 105 17.32 16.44 -38.57
N LEU B 106 17.61 17.27 -39.57
CA LEU B 106 16.88 18.51 -39.79
C LEU B 106 15.40 18.28 -40.07
N ARG B 107 15.08 17.34 -40.96
CA ARG B 107 13.71 17.12 -41.41
C ARG B 107 12.97 16.06 -40.62
N ASN B 108 13.51 15.65 -39.47
CA ASN B 108 12.92 14.63 -38.59
C ASN B 108 12.60 13.35 -39.33
N LEU B 109 13.57 12.88 -40.09
CA LEU B 109 13.45 11.61 -40.78
C LEU B 109 14.17 10.52 -40.02
N THR B 110 13.98 9.30 -40.47
CA THR B 110 14.65 8.14 -39.92
C THR B 110 15.72 7.72 -40.90
N TYR B 111 16.93 7.56 -40.40
CA TYR B 111 18.07 7.16 -41.20
C TYR B 111 18.05 5.65 -41.27
N SER B 112 17.53 5.11 -42.37
CA SER B 112 17.31 3.67 -42.44
C SER B 112 17.51 3.18 -43.87
N SER B 113 17.87 1.92 -43.99
CA SER B 113 18.14 1.22 -45.24
C SER B 113 16.98 0.33 -45.63
N PRO B 114 16.53 0.35 -46.89
CA PRO B 114 15.54 -0.64 -47.32
C PRO B 114 16.15 -2.02 -47.42
N VAL B 115 15.39 -3.02 -46.97
CA VAL B 115 15.83 -4.41 -47.00
C VAL B 115 14.96 -5.20 -47.97
N TYR B 116 15.61 -5.92 -48.90
CA TYR B 116 14.94 -6.76 -49.86
C TYR B 116 15.31 -8.20 -49.61
N LEU B 117 14.34 -9.08 -49.81
CA LEU B 117 14.44 -10.51 -49.54
C LEU B 117 13.94 -11.32 -50.73
N ASP B 118 14.79 -12.22 -51.19
CA ASP B 118 14.38 -13.19 -52.19
C ASP B 118 13.33 -14.13 -51.62
N MET B 119 12.30 -14.36 -52.40
CA MET B 119 11.23 -15.28 -52.05
C MET B 119 10.98 -16.16 -53.25
N GLU B 120 10.73 -17.45 -53.01
CA GLU B 120 10.59 -18.39 -54.11
C GLU B 120 9.28 -19.14 -53.94
N LYS B 121 8.52 -19.22 -55.02
CA LYS B 121 7.24 -19.91 -55.04
C LYS B 121 7.45 -21.29 -55.64
N SER B 122 6.69 -22.26 -55.16
CA SER B 122 6.71 -23.59 -55.74
C SER B 122 5.34 -24.23 -55.54
N MET B 123 4.95 -25.14 -56.47
CA MET B 123 3.56 -25.59 -56.55
C MET B 123 3.43 -27.09 -56.78
N PHE B 124 3.61 -27.85 -55.71
CA PHE B 124 3.29 -29.28 -55.72
C PHE B 124 1.81 -29.52 -55.99
N THR B 125 1.53 -30.51 -56.84
CA THR B 125 0.17 -30.86 -57.26
C THR B 125 0.16 -32.36 -57.43
N SER B 126 -0.66 -33.07 -56.65
CA SER B 126 -0.66 -34.54 -56.71
C SER B 126 -2.05 -35.12 -56.58
N ILE B 127 -2.54 -35.78 -57.63
CA ILE B 127 -3.88 -36.36 -57.64
C ILE B 127 -3.85 -37.70 -56.91
N ASP B 128 -4.02 -37.67 -55.59
CA ASP B 128 -4.09 -38.91 -54.79
C ASP B 128 -4.81 -38.71 -53.47
N GLY B 153 9.54 -16.10 -56.38
CA GLY B 153 9.27 -14.78 -56.92
C GLY B 153 10.53 -14.04 -57.29
N ASN B 154 10.70 -12.84 -56.72
CA ASN B 154 11.94 -12.08 -56.86
C ASN B 154 11.96 -11.09 -55.68
N LYS B 155 12.97 -10.22 -55.60
CA LYS B 155 13.26 -9.17 -54.63
C LYS B 155 12.11 -8.43 -53.93
N VAL B 156 11.27 -9.09 -53.14
CA VAL B 156 10.17 -8.39 -52.46
C VAL B 156 10.70 -7.62 -51.26
N HIS B 157 10.27 -6.36 -51.15
CA HIS B 157 10.65 -5.40 -50.12
C HIS B 157 9.94 -5.67 -48.80
N ILE B 158 10.70 -5.88 -47.73
CA ILE B 158 10.10 -6.26 -46.45
C ILE B 158 10.20 -5.20 -45.35
N GLY B 159 10.88 -4.10 -45.56
CA GLY B 159 10.91 -3.06 -44.53
C GLY B 159 12.22 -2.33 -44.53
N LYS B 160 12.30 -1.33 -43.64
CA LYS B 160 13.50 -0.53 -43.47
C LYS B 160 14.11 -0.75 -42.09
N VAL B 161 15.43 -0.91 -42.06
CA VAL B 161 16.19 -1.13 -40.82
C VAL B 161 17.05 0.10 -40.53
N PRO B 162 16.90 0.73 -39.37
CA PRO B 162 17.77 1.88 -39.02
C PRO B 162 19.24 1.52 -38.97
N ILE B 163 20.07 2.37 -39.58
CA ILE B 163 21.50 2.15 -39.71
C ILE B 163 22.24 2.91 -38.62
N MET B 164 23.16 2.23 -37.94
CA MET B 164 24.04 2.87 -36.98
C MET B 164 25.06 3.72 -37.69
N LEU B 165 25.17 4.99 -37.29
CA LEU B 165 26.06 5.92 -37.95
C LEU B 165 27.50 5.46 -37.79
N ARG B 166 28.29 5.64 -38.85
CA ARG B 166 29.69 5.27 -39.00
C ARG B 166 29.92 3.76 -39.08
N SER B 167 28.87 2.95 -39.08
CA SER B 167 29.01 1.53 -39.36
C SER B 167 29.32 1.31 -40.83
N LYS B 168 29.48 0.04 -41.22
CA LYS B 168 29.84 -0.26 -42.60
C LYS B 168 28.73 0.03 -43.60
N PHE B 169 27.50 0.20 -43.16
CA PHE B 169 26.39 0.42 -44.07
C PHE B 169 25.91 1.86 -44.06
N CYS B 170 26.66 2.76 -43.45
CA CYS B 170 26.33 4.17 -43.40
C CYS B 170 27.08 4.90 -44.50
N SER B 171 26.41 5.85 -45.13
CA SER B 171 27.01 6.59 -46.24
C SER B 171 28.18 7.49 -45.82
N LEU B 172 28.47 7.62 -44.53
CA LEU B 172 29.60 8.41 -44.09
C LEU B 172 30.87 7.61 -43.95
N ARG B 173 30.78 6.28 -43.94
CA ARG B 173 31.95 5.41 -43.72
C ARG B 173 33.04 5.64 -44.77
N THR B 174 32.66 6.10 -45.95
CA THR B 174 33.61 6.39 -47.01
C THR B 174 33.90 7.88 -46.97
N LEU B 175 33.59 8.59 -48.06
CA LEU B 175 33.69 10.04 -48.17
C LEU B 175 35.09 10.62 -48.04
N ASP B 176 35.76 10.36 -46.90
CA ASP B 176 37.12 10.80 -46.56
C ASP B 176 37.12 12.29 -46.20
N GLU B 177 37.86 12.62 -45.13
CA GLU B 177 37.91 13.86 -44.35
C GLU B 177 37.53 15.16 -45.05
N VAL B 178 37.93 15.30 -46.32
CA VAL B 178 37.64 16.49 -47.12
C VAL B 178 36.15 16.69 -47.29
N ASP B 179 35.46 15.65 -47.75
CA ASP B 179 34.04 15.64 -48.06
C ASP B 179 33.13 15.49 -46.85
N LEU B 180 33.65 14.99 -45.73
CA LEU B 180 32.90 15.02 -44.46
C LEU B 180 32.47 16.43 -44.09
N TYR B 181 33.37 17.40 -44.20
CA TYR B 181 33.02 18.79 -43.94
C TYR B 181 31.90 19.29 -44.85
N LYS B 182 31.85 18.82 -46.10
CA LYS B 182 30.76 19.28 -46.97
C LYS B 182 29.43 18.69 -46.55
N MET B 183 29.40 17.47 -46.05
CA MET B 183 28.16 16.89 -45.53
C MET B 183 27.77 17.39 -44.14
N LYS B 184 28.41 18.45 -43.64
CA LYS B 184 28.13 19.08 -42.35
C LYS B 184 28.30 18.14 -41.16
N GLU B 185 29.19 17.16 -41.28
CA GLU B 185 29.40 16.17 -40.24
C GLU B 185 30.69 16.45 -39.51
N CYS B 186 30.68 16.25 -38.22
CA CYS B 186 31.89 16.62 -37.51
C CYS B 186 32.81 15.43 -37.40
N PRO B 187 34.09 15.59 -37.70
CA PRO B 187 35.02 14.44 -37.65
C PRO B 187 35.24 13.90 -36.24
N TYR B 188 34.92 14.66 -35.20
CA TYR B 188 34.99 14.15 -33.84
C TYR B 188 33.79 13.29 -33.45
N ASP B 189 32.73 13.30 -34.24
CA ASP B 189 31.55 12.47 -33.99
C ASP B 189 31.85 11.05 -34.40
N MET B 190 31.90 10.14 -33.42
CA MET B 190 32.31 8.77 -33.64
C MET B 190 31.16 7.81 -33.88
N GLY B 191 29.93 8.31 -33.99
CA GLY B 191 28.84 7.39 -34.29
C GLY B 191 28.44 6.51 -33.12
N GLY B 192 27.97 5.31 -33.45
CA GLY B 192 27.44 4.41 -32.46
C GLY B 192 26.01 4.65 -32.03
N TYR B 193 25.25 5.44 -32.77
CA TYR B 193 23.88 5.72 -32.41
C TYR B 193 22.99 5.75 -33.64
N PHE B 194 21.68 5.79 -33.41
CA PHE B 194 20.71 5.77 -34.49
C PHE B 194 20.01 7.10 -34.55
N VAL B 195 19.34 7.38 -35.65
CA VAL B 195 18.52 8.57 -35.79
C VAL B 195 17.09 8.16 -36.07
N ILE B 196 16.19 8.43 -35.14
CA ILE B 196 14.78 8.04 -35.25
C ILE B 196 13.92 9.28 -35.04
N ASN B 197 13.18 9.65 -36.09
CA ASN B 197 12.39 10.89 -36.18
C ASN B 197 13.21 12.11 -35.77
N GLY B 198 14.44 12.18 -36.25
CA GLY B 198 15.30 13.31 -35.99
C GLY B 198 16.02 13.25 -34.67
N SER B 199 15.67 12.31 -33.80
CA SER B 199 16.20 12.26 -32.45
C SER B 199 17.25 11.17 -32.39
N GLU B 200 18.37 11.48 -31.75
CA GLU B 200 19.46 10.52 -31.69
C GLU B 200 19.26 9.53 -30.55
N LYS B 201 19.13 8.25 -30.88
CA LYS B 201 18.86 7.20 -29.90
C LYS B 201 20.04 6.24 -29.85
N VAL B 202 20.51 5.95 -28.64
CA VAL B 202 21.61 5.02 -28.37
C VAL B 202 21.06 3.81 -27.63
N LEU B 203 21.56 2.62 -27.97
CA LEU B 203 21.16 1.41 -27.27
C LEU B 203 22.04 1.19 -26.06
N ILE B 204 21.42 0.92 -24.92
CA ILE B 204 22.11 0.71 -23.66
C ILE B 204 22.32 -0.79 -23.47
N ALA B 205 23.57 -1.19 -23.26
CA ALA B 205 23.90 -2.59 -23.01
C ALA B 205 23.10 -3.16 -21.84
N GLN B 206 22.51 -4.32 -22.05
CA GLN B 206 21.64 -4.97 -21.08
C GLN B 206 22.36 -6.14 -20.45
N GLU B 207 22.50 -6.12 -19.13
CA GLU B 207 23.21 -7.17 -18.41
C GLU B 207 22.26 -8.31 -18.12
N ARG B 208 22.68 -9.54 -18.40
CA ARG B 208 21.87 -10.70 -18.07
C ARG B 208 22.76 -11.80 -17.54
N SER B 209 22.15 -12.81 -16.94
CA SER B 209 22.88 -13.99 -16.50
C SER B 209 23.23 -14.86 -17.69
N ALA B 210 24.37 -15.53 -17.59
CA ALA B 210 24.81 -16.44 -18.63
C ALA B 210 23.85 -17.60 -18.78
N ALA B 211 23.73 -18.08 -20.01
CA ALA B 211 22.98 -19.29 -20.28
C ALA B 211 23.89 -20.50 -20.25
N ASN B 212 23.27 -21.67 -20.09
CA ASN B 212 23.94 -22.98 -20.20
C ASN B 212 24.99 -23.18 -19.11
N ILE B 213 24.77 -22.61 -17.93
CA ILE B 213 25.62 -22.83 -16.78
C ILE B 213 24.77 -23.22 -15.57
N VAL B 214 25.32 -24.10 -14.75
CA VAL B 214 24.66 -24.59 -13.55
C VAL B 214 25.02 -23.67 -12.39
N GLN B 215 24.00 -23.18 -11.69
CA GLN B 215 24.22 -22.38 -10.50
C GLN B 215 23.48 -23.02 -9.33
N VAL B 216 24.15 -23.09 -8.18
CA VAL B 216 23.56 -23.66 -6.97
C VAL B 216 23.37 -22.59 -5.91
N PHE B 217 22.15 -22.46 -5.39
CA PHE B 217 21.86 -21.51 -4.34
C PHE B 217 21.21 -22.21 -3.16
N LYS B 218 21.37 -21.61 -1.98
CA LYS B 218 20.71 -22.09 -0.79
C LYS B 218 19.37 -21.38 -0.59
N LYS B 219 18.45 -22.07 0.07
CA LYS B 219 17.10 -21.57 0.30
C LYS B 219 16.89 -21.19 1.76
N ALA B 220 15.93 -20.29 1.99
CA ALA B 220 15.64 -19.72 3.29
C ALA B 220 15.02 -20.78 4.21
N ALA B 221 15.02 -20.49 5.51
CA ALA B 221 14.59 -21.45 6.53
C ALA B 221 13.15 -21.95 6.39
N PRO B 222 12.08 -21.09 6.23
CA PRO B 222 10.72 -21.67 6.22
C PRO B 222 10.33 -22.42 4.94
N SER B 223 11.26 -23.11 4.30
CA SER B 223 11.03 -23.83 3.06
C SER B 223 11.48 -25.28 3.19
N PRO B 224 10.73 -26.23 2.63
CA PRO B 224 11.18 -27.63 2.64
C PRO B 224 12.41 -27.88 1.79
N ILE B 225 12.72 -26.97 0.87
CA ILE B 225 13.90 -27.02 0.03
C ILE B 225 15.06 -26.31 0.70
N SER B 226 16.26 -26.87 0.58
CA SER B 226 17.45 -26.31 1.17
C SER B 226 18.48 -25.88 0.13
N HIS B 227 18.56 -26.59 -0.99
CA HIS B 227 19.47 -26.27 -2.06
C HIS B 227 18.74 -26.45 -3.38
N VAL B 228 19.04 -25.60 -4.35
CA VAL B 228 18.42 -25.63 -5.67
C VAL B 228 19.52 -25.49 -6.70
N ALA B 229 19.44 -26.27 -7.77
CA ALA B 229 20.29 -26.08 -8.93
C ALA B 229 19.41 -25.54 -10.05
N GLU B 230 19.92 -24.59 -10.80
CA GLU B 230 19.09 -23.91 -11.79
C GLU B 230 19.89 -23.75 -13.07
N ILE B 231 19.21 -23.81 -14.21
CA ILE B 231 19.85 -23.49 -15.48
C ILE B 231 18.82 -22.99 -16.49
N ARG B 232 19.17 -21.93 -17.20
CA ARG B 232 18.34 -21.48 -18.32
C ARG B 232 19.05 -21.90 -19.59
N SER B 233 18.38 -22.70 -20.40
CA SER B 233 18.98 -23.29 -21.60
C SER B 233 18.67 -22.41 -22.79
N ALA B 234 19.68 -22.13 -23.60
CA ALA B 234 19.54 -21.27 -24.75
C ALA B 234 20.44 -21.80 -25.85
N LEU B 235 19.97 -21.75 -27.09
CA LEU B 235 20.67 -22.37 -28.19
C LEU B 235 21.91 -21.56 -28.54
N GLU B 236 22.78 -22.17 -29.35
CA GLU B 236 23.95 -21.40 -29.78
C GLU B 236 23.61 -20.56 -31.00
N LYS B 237 22.97 -21.16 -32.01
CA LYS B 237 22.50 -20.39 -33.15
C LYS B 237 21.37 -19.46 -32.73
N GLY B 238 21.33 -18.26 -33.31
CA GLY B 238 20.55 -17.15 -32.79
C GLY B 238 20.88 -16.57 -31.43
N SER B 239 20.95 -17.45 -30.42
CA SER B 239 21.43 -17.35 -29.03
C SER B 239 20.26 -17.21 -28.07
N ARG B 240 19.06 -17.59 -28.51
CA ARG B 240 17.82 -17.03 -27.99
C ARG B 240 17.39 -17.93 -26.85
N LEU B 241 16.64 -17.38 -25.89
CA LEU B 241 16.11 -18.22 -24.82
C LEU B 241 15.12 -19.27 -25.30
N ILE B 242 15.11 -20.40 -24.60
CA ILE B 242 14.20 -21.49 -24.89
C ILE B 242 13.36 -21.86 -23.68
N SER B 243 14.04 -22.27 -22.60
CA SER B 243 13.35 -22.78 -21.43
C SER B 243 14.27 -22.69 -20.23
N THR B 244 13.71 -23.06 -19.08
CA THR B 244 14.39 -22.96 -17.81
C THR B 244 14.05 -24.20 -17.00
N MET B 245 15.02 -24.68 -16.21
CA MET B 245 14.88 -25.98 -15.60
C MET B 245 15.50 -25.87 -14.21
N GLN B 246 14.95 -26.62 -13.26
CA GLN B 246 15.40 -26.56 -11.89
C GLN B 246 15.48 -27.97 -11.32
N ILE B 247 16.38 -28.16 -10.36
CA ILE B 247 16.46 -29.40 -9.59
C ILE B 247 16.51 -29.02 -8.11
N LYS B 248 15.45 -29.34 -7.38
CA LYS B 248 15.30 -28.94 -6.01
C LYS B 248 15.58 -30.13 -5.10
N LEU B 249 16.33 -29.89 -4.03
CA LEU B 249 16.56 -30.87 -2.97
C LEU B 249 15.64 -30.55 -1.80
N TYR B 250 14.68 -31.44 -1.55
CA TYR B 250 13.75 -31.19 -0.47
C TYR B 250 14.39 -31.57 0.86
N GLY B 251 13.59 -31.49 1.92
CA GLY B 251 14.05 -31.85 3.25
C GLY B 251 14.92 -30.81 3.93
N ARG B 252 14.42 -30.30 5.04
CA ARG B 252 15.11 -29.33 5.90
C ARG B 252 16.14 -30.12 6.76
N GLU B 253 16.69 -29.49 7.77
CA GLU B 253 17.60 -30.08 8.73
C GLU B 253 16.81 -30.85 9.78
N ASP B 254 16.85 -32.20 9.69
CA ASP B 254 16.10 -33.13 10.54
C ASP B 254 14.59 -32.96 10.41
N LYS B 255 14.14 -32.45 9.27
CA LYS B 255 12.73 -32.26 8.98
C LYS B 255 12.59 -32.44 7.47
N GLY B 256 11.52 -33.10 7.05
CA GLY B 256 11.39 -33.41 5.64
C GLY B 256 11.53 -34.89 5.38
N THR B 257 11.70 -35.69 6.43
CA THR B 257 11.74 -37.16 6.51
C THR B 257 12.61 -37.71 5.38
N GLY B 258 12.07 -38.51 4.45
CA GLY B 258 12.74 -38.85 3.22
C GLY B 258 13.27 -37.67 2.43
N ARG B 259 14.58 -37.62 2.20
CA ARG B 259 15.25 -36.42 1.71
C ARG B 259 15.50 -36.51 0.21
N THR B 260 14.43 -36.65 -0.55
CA THR B 260 14.63 -37.14 -1.90
C THR B 260 14.85 -35.94 -2.79
N ILE B 261 14.97 -36.14 -4.09
CA ILE B 261 15.24 -35.05 -5.00
C ILE B 261 14.27 -35.13 -6.17
N LYS B 262 13.55 -34.05 -6.43
CA LYS B 262 12.68 -34.03 -7.61
C LYS B 262 13.14 -32.90 -8.51
N ALA B 263 12.85 -33.02 -9.79
CA ALA B 263 13.17 -32.00 -10.78
C ALA B 263 11.93 -31.29 -11.29
N THR B 264 12.15 -30.20 -12.01
CA THR B 264 11.09 -29.43 -12.64
C THR B 264 11.37 -29.43 -14.13
N LEU B 265 10.36 -29.77 -14.93
CA LEU B 265 10.53 -29.83 -16.36
C LEU B 265 9.63 -28.80 -17.02
N PRO B 266 10.06 -28.18 -18.13
CA PRO B 266 9.19 -27.23 -18.83
C PRO B 266 7.90 -27.90 -19.29
N TYR B 267 6.80 -27.18 -19.09
CA TYR B 267 5.45 -27.59 -19.50
C TYR B 267 4.98 -28.85 -18.78
N VAL B 268 5.39 -29.06 -17.53
CA VAL B 268 4.86 -30.14 -16.70
C VAL B 268 4.48 -29.52 -15.36
N LYS B 269 3.28 -29.85 -14.89
CA LYS B 269 2.69 -29.11 -13.77
C LYS B 269 3.32 -29.45 -12.42
N GLN B 270 3.99 -30.59 -12.30
CA GLN B 270 4.39 -31.08 -10.98
C GLN B 270 5.85 -31.54 -11.02
N ASP B 271 6.49 -31.51 -9.85
CA ASP B 271 7.86 -31.97 -9.71
C ASP B 271 7.96 -33.49 -9.77
N ILE B 272 8.92 -33.97 -10.56
CA ILE B 272 9.10 -35.39 -10.85
C ILE B 272 10.42 -35.86 -10.25
N PRO B 273 10.43 -36.94 -9.46
CA PRO B 273 11.69 -37.46 -8.87
C PRO B 273 12.73 -37.83 -9.93
N ILE B 274 14.00 -37.65 -9.54
CA ILE B 274 15.14 -37.74 -10.46
C ILE B 274 15.23 -39.11 -11.11
N VAL B 275 15.12 -40.17 -10.29
CA VAL B 275 15.28 -41.55 -10.77
C VAL B 275 14.32 -41.83 -11.91
N ILE B 276 13.10 -41.30 -11.82
CA ILE B 276 12.07 -41.50 -12.84
C ILE B 276 12.51 -40.94 -14.18
N VAL B 277 13.14 -39.77 -14.19
CA VAL B 277 13.54 -39.18 -15.46
C VAL B 277 14.76 -39.91 -16.03
N PHE B 278 15.64 -40.42 -15.15
CA PHE B 278 16.74 -41.27 -15.61
C PHE B 278 16.21 -42.51 -16.32
N ARG B 279 15.22 -43.16 -15.74
CA ARG B 279 14.62 -44.35 -16.35
C ARG B 279 13.91 -43.99 -17.65
N ALA B 280 13.19 -42.87 -17.64
CA ALA B 280 12.49 -42.36 -18.81
C ALA B 280 13.40 -42.00 -19.99
N LEU B 281 14.71 -41.96 -19.81
CA LEU B 281 15.59 -41.67 -20.93
C LEU B 281 16.23 -42.91 -21.52
N GLY B 282 16.05 -44.06 -20.88
CA GLY B 282 16.56 -45.31 -21.42
C GLY B 282 17.60 -46.01 -20.59
N VAL B 283 17.87 -45.52 -19.39
CA VAL B 283 18.80 -46.17 -18.47
C VAL B 283 18.06 -46.48 -17.17
N VAL B 284 17.73 -47.76 -16.98
CA VAL B 284 16.77 -48.14 -15.94
C VAL B 284 17.38 -48.83 -14.70
N PRO B 285 18.29 -49.82 -14.75
CA PRO B 285 18.77 -50.41 -13.48
C PRO B 285 19.56 -49.41 -12.64
N ASP B 286 19.22 -49.34 -11.35
CA ASP B 286 19.90 -48.60 -10.28
C ASP B 286 21.40 -48.48 -10.44
N GLY B 287 22.07 -49.62 -10.66
CA GLY B 287 23.53 -49.66 -10.65
C GLY B 287 24.14 -48.82 -11.75
N GLU B 288 23.46 -48.69 -12.87
CA GLU B 288 23.93 -47.82 -13.95
C GLU B 288 23.65 -46.37 -13.61
N ILE B 289 22.47 -46.09 -13.04
CA ILE B 289 22.10 -44.75 -12.61
C ILE B 289 23.12 -44.16 -11.65
N LEU B 290 23.47 -44.90 -10.60
CA LEU B 290 24.47 -44.38 -9.66
C LEU B 290 25.84 -44.30 -10.30
N GLN B 291 26.11 -45.11 -11.33
CA GLN B 291 27.37 -45.03 -12.04
C GLN B 291 27.45 -43.77 -12.90
N HIS B 292 26.30 -43.19 -13.27
CA HIS B 292 26.28 -41.93 -13.99
C HIS B 292 26.40 -40.70 -13.10
N ILE B 293 26.04 -40.81 -11.82
CA ILE B 293 26.10 -39.61 -10.98
C ILE B 293 27.38 -39.51 -10.16
N CYS B 294 27.50 -40.36 -9.15
CA CYS B 294 28.63 -40.32 -8.23
C CYS B 294 29.82 -41.08 -8.81
N TYR B 295 30.97 -40.40 -8.89
CA TYR B 295 32.20 -41.02 -9.36
C TYR B 295 33.14 -41.41 -8.22
N ASP B 296 32.58 -41.77 -7.06
CA ASP B 296 33.40 -42.15 -5.92
C ASP B 296 32.54 -43.09 -5.10
N GLU B 297 32.75 -44.40 -5.31
CA GLU B 297 32.06 -45.49 -4.62
C GLU B 297 32.29 -45.50 -3.10
N ASN B 298 33.33 -44.84 -2.60
CA ASN B 298 33.59 -44.80 -1.16
C ASN B 298 32.74 -43.75 -0.45
N ASP B 299 32.39 -42.65 -1.13
CA ASP B 299 31.63 -41.55 -0.57
C ASP B 299 30.26 -42.03 -0.09
N TRP B 300 30.20 -42.54 1.14
CA TRP B 300 28.96 -43.08 1.67
C TRP B 300 27.99 -42.00 2.11
N GLN B 301 28.48 -40.81 2.46
CA GLN B 301 27.61 -39.69 2.80
C GLN B 301 26.76 -39.29 1.60
N MET B 302 27.39 -39.15 0.44
CA MET B 302 26.65 -38.83 -0.77
C MET B 302 25.71 -39.96 -1.16
N LEU B 303 26.18 -41.21 -1.02
CA LEU B 303 25.35 -42.36 -1.36
C LEU B 303 24.16 -42.50 -0.41
N GLU B 304 24.34 -42.16 0.86
CA GLU B 304 23.23 -42.17 1.80
C GLU B 304 22.18 -41.11 1.46
N MET B 305 22.60 -40.01 0.84
CA MET B 305 21.59 -39.02 0.53
C MET B 305 20.82 -39.39 -0.74
N LEU B 306 21.38 -40.26 -1.58
CA LEU B 306 20.62 -40.68 -2.74
C LEU B 306 19.74 -41.88 -2.45
N LYS B 307 19.90 -42.51 -1.27
CA LYS B 307 19.14 -43.69 -0.83
C LYS B 307 17.64 -43.45 -0.93
N PRO B 308 17.04 -42.40 -0.29
CA PRO B 308 15.57 -42.25 -0.38
C PRO B 308 15.05 -42.03 -1.79
N CYS B 309 15.89 -41.50 -2.69
CA CYS B 309 15.45 -41.25 -4.06
C CYS B 309 15.24 -42.55 -4.82
N ILE B 310 16.04 -43.57 -4.51
CA ILE B 310 15.88 -44.86 -5.16
C ILE B 310 14.56 -45.49 -4.72
N GLU B 311 14.32 -45.53 -3.40
CA GLU B 311 13.14 -46.19 -2.88
C GLU B 311 11.85 -45.45 -3.22
N GLU B 312 11.87 -44.12 -3.33
CA GLU B 312 10.64 -43.45 -3.74
C GLU B 312 10.38 -43.57 -5.24
N GLY B 313 11.30 -44.13 -6.00
CA GLY B 313 11.03 -44.32 -7.41
C GLY B 313 11.34 -45.75 -7.80
N PHE B 314 11.11 -46.67 -6.86
CA PHE B 314 11.45 -48.07 -7.10
C PHE B 314 10.40 -48.74 -7.95
N VAL B 315 9.11 -48.48 -7.66
CA VAL B 315 7.99 -49.16 -8.29
C VAL B 315 7.87 -48.86 -9.78
N ILE B 316 8.55 -47.82 -10.27
CA ILE B 316 8.57 -47.49 -11.68
C ILE B 316 9.79 -48.25 -12.17
N GLN B 317 9.55 -49.44 -12.75
CA GLN B 317 10.63 -50.37 -13.03
C GLN B 317 10.96 -50.54 -14.50
N ASP B 318 10.40 -49.73 -15.39
CA ASP B 318 10.75 -49.82 -16.80
C ASP B 318 10.42 -48.51 -17.50
N LYS B 319 10.88 -48.42 -18.75
CA LYS B 319 10.84 -47.19 -19.53
C LYS B 319 9.41 -46.73 -19.80
N GLU B 320 8.55 -47.67 -20.19
CA GLU B 320 7.22 -47.33 -20.68
C GLU B 320 6.35 -46.69 -19.60
N VAL B 321 6.28 -47.32 -18.41
CA VAL B 321 5.50 -46.72 -17.31
C VAL B 321 6.16 -45.45 -16.78
N ALA B 322 7.45 -45.26 -17.00
CA ALA B 322 8.10 -44.01 -16.63
C ALA B 322 7.65 -42.87 -17.53
N LEU B 323 7.80 -43.05 -18.85
CA LEU B 323 7.35 -42.06 -19.82
C LEU B 323 5.88 -41.71 -19.67
N ASP B 324 5.05 -42.69 -19.29
CA ASP B 324 3.63 -42.40 -19.12
C ASP B 324 3.37 -41.60 -17.85
N PHE B 325 4.13 -41.88 -16.79
CA PHE B 325 4.03 -41.10 -15.56
C PHE B 325 4.29 -39.62 -15.81
N ILE B 326 5.21 -39.33 -16.74
CA ILE B 326 5.51 -37.94 -17.09
C ILE B 326 4.34 -37.33 -17.84
N GLY B 327 3.93 -37.97 -18.95
CA GLY B 327 2.88 -37.41 -19.81
C GLY B 327 1.57 -37.10 -19.12
N ARG B 328 1.28 -37.78 -18.00
CA ARG B 328 0.06 -37.57 -17.22
C ARG B 328 0.07 -36.28 -16.42
N ARG B 329 1.18 -35.54 -16.43
CA ARG B 329 1.31 -34.23 -15.81
C ARG B 329 1.58 -33.08 -16.75
N GLY B 330 2.02 -33.33 -17.98
CA GLY B 330 2.48 -32.23 -18.78
C GLY B 330 1.61 -31.21 -19.50
N SER B 331 0.71 -30.57 -18.75
CA SER B 331 -0.17 -29.50 -19.22
C SER B 331 -1.02 -29.78 -20.46
N ALA B 332 -1.13 -31.03 -20.88
CA ALA B 332 -1.88 -31.31 -22.08
C ALA B 332 -3.39 -31.39 -21.82
N ALA B 333 -4.06 -32.06 -22.74
CA ALA B 333 -5.48 -32.30 -22.70
C ALA B 333 -5.73 -33.59 -21.94
N LEU B 334 -6.98 -33.86 -21.64
CA LEU B 334 -7.36 -35.03 -20.87
C LEU B 334 -7.83 -36.09 -21.85
N GLY B 335 -7.12 -37.21 -21.89
CA GLY B 335 -7.51 -38.28 -22.78
C GLY B 335 -6.73 -38.38 -24.06
N ILE B 336 -5.42 -38.63 -23.93
CA ILE B 336 -4.60 -38.80 -25.13
C ILE B 336 -4.10 -40.26 -25.19
N ARG B 337 -4.61 -41.12 -24.31
CA ARG B 337 -4.19 -42.49 -24.05
C ARG B 337 -2.70 -42.86 -24.08
N ARG B 338 -2.34 -43.92 -23.31
CA ARG B 338 -0.98 -44.43 -23.18
C ARG B 338 -0.29 -44.67 -24.52
N GLU B 339 -1.03 -45.11 -25.53
CA GLU B 339 -0.48 -45.40 -26.86
C GLU B 339 0.15 -44.16 -27.51
N LYS B 340 -0.24 -42.96 -27.08
CA LYS B 340 0.24 -41.68 -27.58
C LYS B 340 0.81 -40.73 -26.53
N ARG B 341 0.26 -40.76 -25.32
CA ARG B 341 0.77 -39.94 -24.20
C ARG B 341 2.24 -40.17 -23.91
N ILE B 342 2.76 -41.37 -24.17
CA ILE B 342 4.20 -41.58 -24.27
C ILE B 342 4.82 -40.72 -25.37
N GLN B 343 4.31 -40.85 -26.60
CA GLN B 343 4.86 -40.12 -27.74
C GLN B 343 4.75 -38.59 -27.64
N TYR B 344 3.89 -38.07 -26.76
CA TYR B 344 3.90 -36.65 -26.50
C TYR B 344 4.99 -36.25 -25.50
N ALA B 345 5.17 -37.06 -24.46
CA ALA B 345 6.24 -36.85 -23.49
C ALA B 345 7.63 -37.05 -24.07
N LYS B 346 7.81 -37.98 -25.02
CA LYS B 346 9.10 -38.12 -25.71
C LYS B 346 9.52 -36.85 -26.44
N ASP B 347 8.58 -35.97 -26.79
CA ASP B 347 8.98 -34.71 -27.39
C ASP B 347 9.43 -33.75 -26.30
N ILE B 348 8.73 -33.73 -25.15
CA ILE B 348 9.11 -32.90 -24.02
C ILE B 348 10.47 -33.34 -23.45
N LEU B 349 10.88 -34.57 -23.69
CA LEU B 349 12.21 -34.97 -23.26
C LEU B 349 13.29 -34.70 -24.31
N GLN B 350 12.98 -34.98 -25.58
CA GLN B 350 13.95 -34.78 -26.66
C GLN B 350 14.23 -33.30 -26.88
N LYS B 351 13.18 -32.51 -27.02
CA LYS B 351 13.30 -31.07 -27.07
C LYS B 351 12.73 -30.50 -25.79
N GLU B 352 13.08 -29.23 -25.54
CA GLU B 352 12.73 -28.35 -24.42
C GLU B 352 13.56 -28.69 -23.18
N LEU B 353 13.84 -29.98 -22.94
CA LEU B 353 14.68 -30.38 -21.81
C LEU B 353 16.13 -30.37 -22.31
N LEU B 354 16.93 -29.48 -21.72
CA LEU B 354 18.32 -29.25 -22.11
C LEU B 354 18.60 -29.10 -23.62
N PRO B 355 17.86 -28.24 -24.34
CA PRO B 355 18.03 -28.19 -25.80
C PRO B 355 19.40 -27.73 -26.30
N HIS B 356 20.22 -27.14 -25.45
CA HIS B 356 21.55 -26.72 -25.86
C HIS B 356 22.51 -27.88 -26.13
N ILE B 357 22.24 -29.07 -25.59
CA ILE B 357 23.15 -30.19 -25.86
C ILE B 357 22.96 -30.73 -27.27
N THR B 358 21.75 -31.17 -27.61
CA THR B 358 21.38 -31.58 -28.96
C THR B 358 19.88 -31.71 -29.03
N GLN B 359 19.35 -31.69 -30.26
CA GLN B 359 17.95 -31.95 -30.52
C GLN B 359 17.69 -33.03 -31.56
N GLU B 360 18.71 -33.64 -32.13
CA GLU B 360 18.48 -34.78 -33.03
C GLU B 360 18.24 -36.05 -32.23
N GLU B 361 17.63 -37.03 -32.90
CA GLU B 361 17.27 -38.27 -32.24
C GLU B 361 18.49 -39.18 -32.05
N GLY B 362 18.31 -40.17 -31.18
CA GLY B 362 19.32 -41.20 -30.94
C GLY B 362 20.58 -40.67 -30.31
N PHE B 363 20.49 -39.57 -29.58
CA PHE B 363 21.62 -39.01 -28.84
C PHE B 363 21.35 -38.84 -27.35
N GLU B 364 20.43 -39.63 -26.78
CA GLU B 364 20.04 -39.54 -25.37
C GLU B 364 21.16 -39.88 -24.39
N THR B 365 22.28 -40.42 -24.85
CA THR B 365 23.42 -40.66 -23.97
C THR B 365 24.01 -39.37 -23.41
N ARG B 366 23.99 -38.29 -24.19
CA ARG B 366 24.52 -37.02 -23.70
C ARG B 366 23.65 -36.42 -22.61
N LYS B 367 22.33 -36.50 -22.73
CA LYS B 367 21.49 -35.91 -21.70
C LYS B 367 21.55 -36.71 -20.42
N THR B 368 21.63 -38.04 -20.51
CA THR B 368 21.70 -38.85 -19.29
C THR B 368 22.99 -38.58 -18.53
N PHE B 369 24.11 -38.48 -19.25
CA PHE B 369 25.38 -38.16 -18.61
C PHE B 369 25.38 -36.78 -18.00
N PHE B 370 24.78 -35.81 -18.68
CA PHE B 370 24.72 -34.45 -18.15
C PHE B 370 23.86 -34.37 -16.90
N LEU B 371 22.70 -35.03 -16.92
CA LEU B 371 21.83 -35.08 -15.75
C LEU B 371 22.55 -35.59 -14.52
N GLY B 372 23.39 -36.60 -14.67
CA GLY B 372 24.16 -37.10 -13.55
C GLY B 372 25.12 -36.08 -13.00
N TYR B 373 25.74 -35.29 -13.88
CA TYR B 373 26.62 -34.21 -13.46
C TYR B 373 25.91 -33.20 -12.57
N MET B 374 24.69 -32.81 -12.96
CA MET B 374 23.89 -31.85 -12.18
C MET B 374 23.64 -32.34 -10.77
N VAL B 375 23.17 -33.58 -10.63
CA VAL B 375 22.91 -34.17 -9.32
C VAL B 375 24.17 -34.22 -8.49
N ASN B 376 25.31 -34.54 -9.13
CA ASN B 376 26.59 -34.54 -8.45
C ASN B 376 26.92 -33.17 -7.89
N ARG B 377 26.76 -32.12 -8.71
CA ARG B 377 27.01 -30.76 -8.25
C ARG B 377 26.07 -30.35 -7.14
N LEU B 378 24.79 -30.73 -7.24
CA LEU B 378 23.80 -30.44 -6.21
C LEU B 378 24.22 -31.00 -4.86
N LEU B 379 24.72 -32.23 -4.82
CA LEU B 379 25.03 -32.84 -3.54
C LEU B 379 26.32 -32.30 -2.94
N LEU B 380 27.31 -31.94 -3.77
CA LEU B 380 28.54 -31.30 -3.27
C LEU B 380 28.23 -30.05 -2.46
N CYS B 381 27.24 -29.27 -2.88
CA CYS B 381 26.92 -28.08 -2.10
C CYS B 381 26.17 -28.47 -0.85
N ALA B 382 25.24 -29.42 -0.96
CA ALA B 382 24.52 -29.89 0.22
C ALA B 382 25.43 -30.61 1.21
N LEU B 383 26.52 -31.21 0.74
CA LEU B 383 27.48 -31.83 1.66
C LEU B 383 28.50 -30.86 2.21
N GLU B 384 28.35 -29.55 1.93
CA GLU B 384 29.27 -28.50 2.39
C GLU B 384 30.72 -28.74 1.96
N ARG B 385 30.92 -29.35 0.80
CA ARG B 385 32.24 -29.51 0.21
C ARG B 385 32.57 -28.40 -0.78
N LYS B 386 31.59 -27.57 -1.12
CA LYS B 386 31.74 -26.50 -2.08
C LYS B 386 30.75 -25.43 -1.70
N ASP B 387 31.21 -24.18 -1.74
CA ASP B 387 30.36 -23.04 -1.46
C ASP B 387 29.26 -22.94 -2.52
N GLN B 388 28.16 -22.29 -2.14
CA GLN B 388 27.18 -21.97 -3.14
C GLN B 388 27.77 -20.93 -4.08
N ASP B 389 27.26 -20.90 -5.31
CA ASP B 389 27.78 -20.00 -6.31
C ASP B 389 27.48 -18.55 -5.96
N ASP B 390 28.36 -17.67 -6.41
CA ASP B 390 28.24 -16.24 -6.15
C ASP B 390 27.60 -15.67 -7.41
N ARG B 391 26.34 -15.23 -7.26
CA ARG B 391 25.55 -14.70 -8.37
C ARG B 391 26.17 -13.47 -9.02
N ASP B 392 27.08 -12.77 -8.33
CA ASP B 392 27.65 -11.54 -8.81
C ASP B 392 29.01 -11.71 -9.47
N HIS B 393 29.58 -12.91 -9.41
CA HIS B 393 30.80 -13.23 -10.14
C HIS B 393 30.61 -12.85 -11.61
N PHE B 394 31.46 -11.95 -12.09
CA PHE B 394 31.31 -11.36 -13.41
C PHE B 394 31.51 -12.35 -14.54
N GLY B 395 32.25 -13.45 -14.31
CA GLY B 395 32.40 -14.48 -15.33
C GLY B 395 31.11 -15.21 -15.64
N LYS B 396 30.13 -15.14 -14.74
CA LYS B 396 28.83 -15.70 -14.97
C LYS B 396 27.85 -14.69 -15.57
N LYS B 397 28.36 -13.63 -16.21
CA LYS B 397 27.51 -12.56 -16.71
C LYS B 397 27.81 -12.28 -18.17
N ARG B 398 26.84 -11.70 -18.86
CA ARG B 398 26.93 -11.36 -20.28
C ARG B 398 26.33 -9.98 -20.50
N LEU B 399 26.84 -9.30 -21.51
CA LEU B 399 26.33 -7.99 -21.92
C LEU B 399 25.70 -8.10 -23.30
N ASP B 400 24.42 -7.80 -23.40
CA ASP B 400 23.75 -7.76 -24.68
C ASP B 400 23.91 -6.37 -25.28
N LEU B 401 24.60 -6.28 -26.42
CA LEU B 401 24.77 -4.99 -27.08
C LEU B 401 23.85 -4.92 -28.29
N ALA B 402 24.14 -3.97 -29.20
CA ALA B 402 23.24 -3.61 -30.30
C ALA B 402 22.87 -4.81 -31.15
N GLY B 403 23.86 -5.63 -31.50
CA GLY B 403 23.67 -6.81 -32.30
C GLY B 403 22.66 -7.82 -31.75
N PRO B 404 22.99 -8.48 -30.63
CA PRO B 404 22.04 -9.42 -30.00
C PRO B 404 20.68 -8.85 -29.68
N LEU B 405 20.60 -7.60 -29.23
CA LEU B 405 19.32 -6.98 -28.91
C LEU B 405 18.45 -6.80 -30.15
N LEU B 406 19.02 -6.40 -31.27
CA LEU B 406 18.22 -6.27 -32.48
C LEU B 406 17.75 -7.61 -33.00
N ALA B 407 18.59 -8.65 -32.89
CA ALA B 407 18.19 -9.95 -33.41
C ALA B 407 16.98 -10.48 -32.68
N ASN B 408 16.93 -10.31 -31.35
CA ASN B 408 15.77 -10.78 -30.59
C ASN B 408 14.51 -10.03 -30.98
N LEU B 409 14.63 -8.72 -31.22
CA LEU B 409 13.47 -7.94 -31.64
C LEU B 409 13.08 -8.27 -33.07
N PHE B 410 14.05 -8.44 -33.96
CA PHE B 410 13.76 -8.75 -35.35
C PHE B 410 13.10 -10.11 -35.47
N ARG B 411 13.51 -11.07 -34.64
CA ARG B 411 12.91 -12.40 -34.63
C ARG B 411 11.42 -12.32 -34.34
N ILE B 412 11.03 -11.56 -33.30
CA ILE B 412 9.62 -11.45 -32.92
C ILE B 412 8.81 -10.83 -34.04
N LEU B 413 9.35 -9.81 -34.70
CA LEU B 413 8.60 -9.10 -35.72
C LEU B 413 8.52 -9.88 -37.01
N PHE B 414 9.55 -10.65 -37.34
CA PHE B 414 9.50 -11.43 -38.55
C PHE B 414 8.48 -12.55 -38.47
N ARG B 415 8.26 -13.15 -37.30
CA ARG B 415 7.14 -14.09 -37.17
C ARG B 415 5.79 -13.40 -37.35
N LYS B 416 5.65 -12.19 -36.81
CA LYS B 416 4.41 -11.43 -37.00
C LYS B 416 4.15 -11.16 -38.47
N LEU B 417 5.18 -10.79 -39.22
CA LEU B 417 5.04 -10.66 -40.67
C LEU B 417 4.67 -11.98 -41.31
N THR B 418 5.29 -13.07 -40.86
CA THR B 418 5.00 -14.40 -41.40
C THR B 418 3.53 -14.79 -41.26
N ARG B 419 2.97 -14.67 -40.04
CA ARG B 419 1.55 -15.01 -39.85
C ARG B 419 0.62 -14.14 -40.69
N GLU B 420 0.99 -12.89 -40.96
CA GLU B 420 0.13 -12.07 -41.79
C GLU B 420 0.19 -12.53 -43.24
N ILE B 421 1.31 -13.12 -43.65
CA ILE B 421 1.37 -13.69 -44.98
C ILE B 421 0.51 -14.95 -45.06
N TYR B 422 0.65 -15.82 -44.05
CA TYR B 422 -0.12 -17.06 -43.98
C TYR B 422 -1.63 -16.81 -43.92
N ARG B 423 -2.08 -15.89 -43.07
CA ARG B 423 -3.50 -15.55 -43.01
C ARG B 423 -3.99 -14.92 -44.32
N TYR B 424 -3.11 -14.31 -45.09
CA TYR B 424 -3.53 -13.69 -46.33
C TYR B 424 -3.62 -14.69 -47.48
N MET B 425 -2.78 -15.72 -47.48
CA MET B 425 -2.85 -16.76 -48.50
C MET B 425 -4.15 -17.56 -48.44
N GLN B 426 -4.65 -17.88 -47.25
CA GLN B 426 -5.89 -18.64 -47.16
C GLN B 426 -7.10 -17.91 -47.73
N ARG B 427 -7.12 -16.57 -47.72
CA ARG B 427 -8.17 -15.90 -48.47
C ARG B 427 -7.84 -15.71 -49.94
N CYS B 428 -6.59 -15.35 -50.28
CA CYS B 428 -6.32 -15.04 -51.68
C CYS B 428 -6.19 -16.27 -52.58
N ILE B 429 -6.20 -17.48 -52.03
CA ILE B 429 -6.13 -18.67 -52.89
C ILE B 429 -7.52 -19.29 -53.06
N GLU B 430 -8.49 -18.94 -52.20
CA GLU B 430 -9.87 -19.33 -52.44
C GLU B 430 -10.46 -18.65 -53.67
N THR B 431 -9.91 -17.51 -54.07
CA THR B 431 -10.27 -16.88 -55.33
C THR B 431 -9.59 -17.55 -56.52
N ASP B 432 -8.59 -18.41 -56.24
CA ASP B 432 -7.74 -19.08 -57.24
C ASP B 432 -7.10 -18.08 -58.19
N ARG B 433 -6.58 -17.00 -57.64
CA ARG B 433 -5.92 -15.96 -58.41
C ARG B 433 -4.48 -15.81 -57.95
N ASP B 434 -3.55 -15.88 -58.91
CA ASP B 434 -2.12 -15.70 -58.68
C ASP B 434 -1.83 -14.40 -57.94
N PHE B 435 -1.34 -14.50 -56.71
CA PHE B 435 -1.07 -13.31 -55.93
C PHE B 435 0.26 -12.72 -56.38
N ASN B 436 0.29 -11.40 -56.48
CA ASN B 436 1.38 -10.60 -57.03
C ASN B 436 2.52 -10.38 -56.04
N LEU B 437 2.54 -11.17 -54.95
CA LEU B 437 3.55 -11.21 -53.89
C LEU B 437 3.70 -9.86 -53.20
N ASN B 438 4.04 -8.79 -53.94
CA ASN B 438 4.19 -7.44 -53.39
C ASN B 438 2.95 -6.93 -52.67
N LEU B 439 1.78 -7.55 -52.91
CA LEU B 439 0.54 -7.28 -52.21
C LEU B 439 0.37 -8.15 -50.98
N ALA B 440 1.31 -9.06 -50.71
CA ALA B 440 1.23 -9.92 -49.54
C ALA B 440 2.38 -9.71 -48.59
N VAL B 441 3.09 -8.59 -48.70
CA VAL B 441 4.15 -8.23 -47.78
C VAL B 441 3.91 -6.77 -47.40
N LYS B 442 3.43 -6.54 -46.20
CA LYS B 442 3.16 -5.19 -45.73
C LYS B 442 4.41 -4.79 -44.97
N SER B 443 5.20 -3.88 -45.56
CA SER B 443 6.41 -3.41 -44.93
C SER B 443 6.17 -2.57 -43.68
N THR B 444 4.92 -2.22 -43.36
CA THR B 444 4.69 -1.45 -42.15
C THR B 444 4.92 -2.25 -40.89
N THR B 445 4.84 -3.58 -40.97
CA THR B 445 5.03 -4.41 -39.78
C THR B 445 6.44 -4.30 -39.19
N ILE B 446 7.47 -4.47 -40.03
CA ILE B 446 8.83 -4.34 -39.54
C ILE B 446 9.23 -2.89 -39.32
N THR B 447 8.90 -2.02 -40.26
CA THR B 447 9.30 -0.61 -40.18
C THR B 447 8.72 0.09 -38.96
N SER B 448 7.42 -0.08 -38.72
CA SER B 448 6.83 0.57 -37.56
C SER B 448 7.26 -0.11 -36.28
N GLY B 449 7.45 -1.43 -36.33
CA GLY B 449 7.90 -2.15 -35.15
C GLY B 449 9.26 -1.70 -34.67
N LEU B 450 10.26 -1.65 -35.56
CA LEU B 450 11.58 -1.18 -35.16
C LEU B 450 11.60 0.28 -34.75
N LYS B 451 10.92 1.15 -35.52
CA LYS B 451 10.84 2.56 -35.14
C LYS B 451 10.21 2.78 -33.77
N TYR B 452 9.14 2.05 -33.45
CA TYR B 452 8.45 2.31 -32.19
C TYR B 452 9.30 1.92 -31.00
N SER B 453 9.92 0.74 -31.09
CA SER B 453 10.72 0.24 -29.98
C SER B 453 11.97 1.08 -29.79
N LEU B 454 12.61 1.51 -30.87
CA LEU B 454 13.78 2.36 -30.71
C LEU B 454 13.41 3.75 -30.21
N ALA B 455 12.21 4.22 -30.51
CA ALA B 455 11.84 5.57 -30.08
C ALA B 455 11.38 5.62 -28.64
N THR B 456 10.71 4.57 -28.16
CA THR B 456 10.22 4.60 -26.79
C THR B 456 11.04 3.77 -25.82
N GLY B 457 11.85 2.81 -26.29
CA GLY B 457 12.46 1.93 -25.34
C GLY B 457 11.61 0.76 -24.89
N ASN B 458 10.37 0.67 -25.32
CA ASN B 458 9.51 -0.45 -24.96
C ASN B 458 9.85 -1.66 -25.80
N TRP B 459 10.43 -2.68 -25.16
CA TRP B 459 10.99 -3.83 -25.84
C TRP B 459 9.95 -4.94 -26.01
N GLY B 460 9.16 -4.80 -27.05
CA GLY B 460 8.15 -5.81 -27.34
C GLY B 460 7.15 -5.27 -28.34
N GLU B 461 6.08 -6.04 -28.51
CA GLU B 461 4.99 -5.64 -29.38
C GLU B 461 4.30 -4.48 -28.68
N GLN B 462 3.88 -3.49 -29.48
CA GLN B 462 3.23 -2.28 -28.95
C GLN B 462 2.03 -2.58 -28.05
N LYS B 463 1.19 -3.54 -28.41
CA LYS B 463 0.03 -3.87 -27.58
C LYS B 463 0.41 -4.49 -26.22
N LYS B 464 1.65 -4.95 -26.06
CA LYS B 464 2.14 -5.52 -24.81
C LYS B 464 3.19 -4.66 -24.15
N ALA B 465 2.95 -3.35 -24.04
CA ALA B 465 3.97 -2.42 -23.56
C ALA B 465 4.33 -2.66 -22.09
N MET B 466 3.36 -2.99 -21.25
CA MET B 466 3.72 -3.52 -19.93
C MET B 466 4.23 -4.95 -20.06
N SER B 467 4.92 -5.42 -18.99
CA SER B 467 5.67 -6.68 -18.86
C SER B 467 6.96 -6.70 -19.70
N SER B 468 6.98 -5.92 -20.79
CA SER B 468 8.16 -5.68 -21.60
C SER B 468 9.15 -4.79 -20.85
N ARG B 469 10.43 -4.93 -21.19
CA ARG B 469 11.47 -4.13 -20.54
C ARG B 469 11.53 -2.73 -21.12
N ALA B 470 11.62 -1.75 -20.24
CA ALA B 470 11.68 -0.33 -20.56
C ALA B 470 13.10 0.22 -20.47
N GLY B 471 13.32 1.34 -21.15
CA GLY B 471 14.58 2.04 -21.05
C GLY B 471 15.76 1.47 -21.80
N VAL B 472 15.55 0.54 -22.73
CA VAL B 472 16.68 0.00 -23.49
C VAL B 472 17.26 1.05 -24.45
N SER B 473 16.40 1.87 -25.05
CA SER B 473 16.83 3.00 -25.85
C SER B 473 16.60 4.33 -25.14
N GLN B 474 17.57 5.23 -25.24
CA GLN B 474 17.52 6.53 -24.56
C GLN B 474 18.02 7.60 -25.51
N VAL B 475 17.52 8.82 -25.32
CA VAL B 475 17.99 9.97 -26.09
C VAL B 475 19.44 10.26 -25.74
N LEU B 476 20.29 10.35 -26.76
CA LEU B 476 21.73 10.50 -26.53
C LEU B 476 22.01 11.85 -25.91
N ASN B 477 22.64 11.84 -24.74
CA ASN B 477 23.00 13.07 -24.05
C ASN B 477 24.12 13.75 -24.83
N ARG B 478 23.91 15.00 -25.22
CA ARG B 478 24.91 15.78 -25.94
C ARG B 478 25.31 17.04 -25.22
N TYR B 479 25.16 17.07 -23.90
CA TYR B 479 25.44 18.29 -23.15
C TYR B 479 26.91 18.69 -23.28
N THR B 480 27.81 17.70 -23.25
CA THR B 480 29.24 17.93 -23.42
C THR B 480 29.88 16.68 -24.00
N TYR B 481 31.13 16.83 -24.46
CA TYR B 481 31.77 15.76 -25.21
C TYR B 481 32.03 14.54 -24.35
N SER B 482 32.51 14.75 -23.12
CA SER B 482 32.73 13.66 -22.17
C SER B 482 31.46 12.87 -21.94
N SER B 483 30.32 13.57 -21.85
CA SER B 483 29.06 12.90 -21.59
C SER B 483 28.63 12.03 -22.76
N THR B 484 29.01 12.39 -23.97
CA THR B 484 28.68 11.54 -25.11
C THR B 484 29.46 10.23 -25.03
N LEU B 485 30.76 10.29 -24.75
CA LEU B 485 31.56 9.07 -24.60
C LEU B 485 31.02 8.16 -23.51
N SER B 486 30.68 8.72 -22.35
CA SER B 486 30.16 7.87 -21.26
C SER B 486 28.85 7.23 -21.65
N HIS B 487 27.96 8.00 -22.31
CA HIS B 487 26.63 7.49 -22.61
C HIS B 487 26.68 6.32 -23.59
N LEU B 488 27.64 6.33 -24.52
CA LEU B 488 27.72 5.25 -25.49
C LEU B 488 28.33 3.98 -24.91
N ARG B 489 28.89 4.04 -23.71
CA ARG B 489 29.58 2.93 -23.05
C ARG B 489 28.89 2.53 -21.76
N ARG B 490 27.60 2.77 -21.65
CA ARG B 490 26.89 2.54 -20.42
C ARG B 490 26.30 1.13 -20.47
N THR B 491 26.10 0.53 -19.30
CA THR B 491 25.50 -0.79 -19.19
C THR B 491 24.41 -0.67 -18.15
N ASN B 492 23.42 -1.55 -18.25
CA ASN B 492 22.28 -1.49 -17.36
C ASN B 492 21.99 -2.89 -16.86
N THR B 493 21.72 -3.02 -15.57
CA THR B 493 21.24 -4.27 -15.01
C THR B 493 19.75 -4.11 -14.74
N PRO B 494 18.88 -4.91 -15.32
CA PRO B 494 17.43 -4.65 -15.17
C PRO B 494 16.80 -5.40 -14.00
N ILE B 495 17.23 -5.05 -12.80
CA ILE B 495 16.74 -5.73 -11.60
C ILE B 495 15.55 -4.97 -11.02
N GLY B 496 15.61 -3.64 -11.01
CA GLY B 496 14.51 -2.84 -10.51
C GLY B 496 14.80 -1.66 -9.62
N ARG B 497 13.96 -1.52 -8.60
CA ARG B 497 13.98 -0.50 -7.55
C ARG B 497 13.22 -1.19 -6.42
N ASP B 498 12.58 -2.28 -6.81
CA ASP B 498 11.88 -3.21 -5.94
C ASP B 498 12.93 -4.27 -5.59
N GLY B 499 13.18 -4.47 -4.30
CA GLY B 499 14.23 -5.37 -3.89
C GLY B 499 15.29 -4.38 -3.44
N LYS B 500 15.45 -4.34 -2.11
CA LYS B 500 16.45 -3.49 -1.48
C LYS B 500 17.80 -4.21 -1.43
N LEU B 501 18.18 -4.67 -0.24
CA LEU B 501 19.44 -5.40 -0.01
C LEU B 501 20.69 -4.68 -0.53
N ALA B 502 21.67 -5.45 -1.00
CA ALA B 502 22.88 -4.85 -1.53
C ALA B 502 23.60 -5.58 -2.65
N LYS B 503 23.33 -6.88 -2.83
CA LYS B 503 24.20 -7.72 -3.66
C LYS B 503 24.30 -7.28 -5.11
N PRO B 504 23.23 -6.98 -5.86
CA PRO B 504 23.49 -6.47 -7.22
C PRO B 504 24.03 -5.05 -7.22
N ARG B 505 23.85 -4.29 -6.14
CA ARG B 505 24.38 -2.93 -6.11
C ARG B 505 25.85 -2.80 -5.72
N GLN B 506 26.43 -3.79 -5.04
CA GLN B 506 27.81 -3.64 -4.56
C GLN B 506 28.82 -3.70 -5.67
N LEU B 507 29.94 -3.03 -5.46
CA LEU B 507 31.10 -3.17 -6.33
C LEU B 507 31.81 -4.47 -5.99
N HIS B 508 31.60 -5.50 -6.80
CA HIS B 508 32.19 -6.80 -6.55
C HIS B 508 33.65 -6.82 -7.00
N ASN B 509 34.47 -7.65 -6.33
CA ASN B 509 35.90 -7.77 -6.65
C ASN B 509 36.16 -8.09 -8.11
N THR B 510 35.31 -8.90 -8.73
CA THR B 510 35.56 -9.32 -10.10
C THR B 510 35.27 -8.23 -11.12
N HIS B 511 34.84 -7.06 -10.68
CA HIS B 511 34.67 -5.94 -11.59
C HIS B 511 35.97 -5.29 -12.01
N TRP B 512 37.07 -5.55 -11.28
CA TRP B 512 38.41 -5.01 -11.55
C TRP B 512 38.78 -5.05 -13.01
N GLY B 513 39.06 -3.88 -13.57
CA GLY B 513 39.48 -3.75 -14.95
C GLY B 513 38.39 -3.92 -15.98
N LEU B 514 37.18 -4.30 -15.60
CA LEU B 514 36.11 -4.50 -16.56
C LEU B 514 35.03 -3.44 -16.50
N VAL B 515 34.58 -3.02 -15.32
CA VAL B 515 33.73 -1.84 -15.22
C VAL B 515 34.38 -0.86 -14.25
N CYS B 516 34.08 0.41 -14.46
CA CYS B 516 34.67 1.48 -13.64
C CYS B 516 34.30 1.34 -12.18
N PRO B 517 35.25 1.47 -11.26
CA PRO B 517 34.94 1.47 -9.83
C PRO B 517 34.40 2.78 -9.30
N ALA B 518 34.48 3.86 -10.06
CA ALA B 518 34.09 5.19 -9.62
C ALA B 518 32.78 5.69 -10.22
N GLU B 519 32.59 5.52 -11.52
CA GLU B 519 31.47 6.10 -12.26
C GLU B 519 30.16 5.37 -12.03
N THR B 520 29.31 5.92 -11.15
CA THR B 520 27.96 5.39 -10.98
C THR B 520 26.98 6.47 -10.53
N PRO B 521 25.73 6.42 -11.00
CA PRO B 521 24.77 7.48 -10.66
C PRO B 521 24.40 7.51 -9.19
N GLU B 522 24.04 8.70 -8.72
CA GLU B 522 23.43 8.85 -7.41
C GLU B 522 21.94 8.50 -7.49
N GLY B 523 21.41 8.05 -6.37
CA GLY B 523 19.97 7.81 -6.32
C GLY B 523 19.54 6.37 -6.54
N GLN B 524 18.42 6.20 -7.24
CA GLN B 524 17.77 4.89 -7.30
C GLN B 524 18.52 3.87 -8.13
N ALA B 525 19.23 4.33 -9.15
CA ALA B 525 20.01 3.47 -10.02
C ALA B 525 21.40 3.17 -9.50
N CYS B 526 21.75 3.64 -8.31
CA CYS B 526 23.12 3.58 -7.79
C CYS B 526 23.61 2.16 -7.62
N GLY B 527 24.68 1.83 -8.33
CA GLY B 527 25.25 0.51 -8.33
C GLY B 527 24.68 -0.45 -9.34
N LEU B 528 23.55 -0.12 -9.96
CA LEU B 528 22.95 -1.00 -10.97
C LEU B 528 23.34 -0.61 -12.38
N VAL B 529 23.54 0.67 -12.62
CA VAL B 529 24.03 1.15 -13.90
C VAL B 529 25.52 1.33 -13.78
N LYS B 530 26.28 0.71 -14.69
CA LYS B 530 27.72 0.68 -14.59
C LYS B 530 28.31 1.18 -15.90
N ASN B 531 29.63 1.34 -15.93
CA ASN B 531 30.28 1.87 -17.12
C ASN B 531 31.58 1.15 -17.39
N LEU B 532 31.78 0.79 -18.65
CA LEU B 532 32.92 -0.01 -19.07
C LEU B 532 34.22 0.73 -18.87
N SER B 533 35.18 0.04 -18.26
CA SER B 533 36.53 0.55 -18.14
C SER B 533 37.15 0.80 -19.51
N LEU B 534 38.21 1.62 -19.50
CA LEU B 534 38.74 2.23 -20.72
C LEU B 534 39.23 1.19 -21.72
N LEU B 535 39.82 0.10 -21.25
CA LEU B 535 40.36 -0.92 -22.14
C LEU B 535 39.46 -2.12 -22.31
N SER B 536 38.21 -2.03 -21.89
CA SER B 536 37.31 -3.16 -22.02
C SER B 536 36.94 -3.41 -23.47
N GLY B 537 36.59 -4.65 -23.75
CA GLY B 537 36.02 -5.01 -25.03
C GLY B 537 34.92 -6.03 -24.79
N ILE B 538 34.11 -6.22 -25.82
CA ILE B 538 33.01 -7.18 -25.77
C ILE B 538 33.19 -8.18 -26.89
N SER B 539 33.11 -9.46 -26.55
CA SER B 539 33.25 -10.54 -27.50
C SER B 539 32.17 -10.49 -28.57
N ILE B 540 32.56 -10.56 -29.83
CA ILE B 540 31.59 -10.49 -30.91
C ILE B 540 30.91 -11.85 -31.10
N GLY B 541 31.58 -12.93 -30.75
CA GLY B 541 31.00 -14.24 -30.99
C GLY B 541 31.80 -15.01 -32.01
N SER B 542 31.90 -16.31 -31.82
CA SER B 542 32.76 -17.15 -32.64
C SER B 542 32.12 -18.52 -32.76
N PRO B 543 32.26 -19.20 -33.90
CA PRO B 543 31.67 -20.53 -34.03
C PRO B 543 32.43 -21.53 -33.19
N SER B 544 31.68 -22.42 -32.53
CA SER B 544 32.29 -23.43 -31.69
C SER B 544 32.80 -24.63 -32.46
N GLU B 545 32.32 -24.83 -33.69
CA GLU B 545 32.71 -25.99 -34.50
C GLU B 545 34.22 -26.16 -34.74
N PRO B 546 35.01 -25.12 -35.08
CA PRO B 546 36.47 -25.34 -35.19
C PRO B 546 37.15 -25.80 -33.91
N ILE B 547 36.60 -25.44 -32.76
CA ILE B 547 37.20 -25.81 -31.47
C ILE B 547 37.04 -27.29 -31.21
N ILE B 548 35.87 -27.87 -31.52
CA ILE B 548 35.64 -29.31 -31.40
C ILE B 548 36.67 -30.08 -32.22
N ASN B 549 36.86 -29.67 -33.48
CA ASN B 549 37.82 -30.32 -34.37
C ASN B 549 39.22 -30.30 -33.79
N PHE B 550 39.60 -29.18 -33.14
CA PHE B 550 40.91 -29.12 -32.53
C PHE B 550 41.04 -30.03 -31.32
N LEU B 551 39.97 -30.21 -30.54
CA LEU B 551 40.06 -31.03 -29.35
C LEU B 551 40.19 -32.52 -29.67
N GLU B 552 39.44 -32.99 -30.66
CA GLU B 552 39.52 -34.40 -31.04
C GLU B 552 40.81 -34.74 -31.75
N GLU B 553 41.40 -33.80 -32.47
CA GLU B 553 42.68 -34.04 -33.11
C GLU B 553 43.80 -34.21 -32.09
N TRP B 554 43.66 -33.66 -30.89
CA TRP B 554 44.72 -33.73 -29.90
C TRP B 554 44.31 -34.56 -28.68
N GLY B 555 43.49 -35.59 -28.88
CA GLY B 555 43.41 -36.66 -27.91
C GLY B 555 42.17 -36.75 -27.07
N MET B 556 41.12 -36.00 -27.37
CA MET B 556 39.92 -36.04 -26.55
C MET B 556 39.15 -37.30 -26.90
N GLU B 557 38.65 -37.95 -25.89
CA GLU B 557 37.95 -39.21 -26.00
C GLU B 557 36.46 -39.04 -25.83
N PRO B 558 35.68 -39.76 -26.62
CA PRO B 558 34.22 -39.61 -26.59
C PRO B 558 33.60 -40.05 -25.29
N LEU B 559 32.33 -39.64 -25.13
CA LEU B 559 31.55 -39.94 -23.94
C LEU B 559 31.06 -41.38 -23.86
N GLU B 560 30.98 -42.10 -24.97
CA GLU B 560 30.64 -43.52 -24.91
C GLU B 560 31.76 -44.39 -24.35
N ASP B 561 33.00 -43.89 -24.32
CA ASP B 561 34.13 -44.65 -23.79
C ASP B 561 34.48 -44.36 -22.34
N TYR B 562 33.54 -43.96 -21.48
CA TYR B 562 33.98 -43.34 -20.24
C TYR B 562 33.28 -44.14 -19.16
N ASP B 563 34.05 -44.50 -18.13
CA ASP B 563 33.64 -45.29 -16.98
C ASP B 563 34.31 -44.75 -15.73
N PRO B 564 33.57 -44.43 -14.67
CA PRO B 564 34.24 -43.92 -13.45
C PRO B 564 35.21 -44.92 -12.82
N ALA B 565 35.02 -46.23 -13.01
CA ALA B 565 36.00 -47.17 -12.47
C ALA B 565 37.32 -47.07 -13.23
N GLN B 566 37.25 -46.96 -14.56
CA GLN B 566 38.47 -46.78 -15.35
C GLN B 566 38.97 -45.35 -15.31
N HIS B 567 38.04 -44.39 -15.42
CA HIS B 567 38.36 -42.97 -15.36
C HIS B 567 38.00 -42.41 -13.99
N THR B 568 38.83 -42.74 -13.03
CA THR B 568 38.62 -42.23 -11.69
C THR B 568 39.41 -40.95 -11.46
N LYS B 569 40.15 -40.49 -12.46
CA LYS B 569 41.01 -39.33 -12.29
C LYS B 569 41.02 -38.33 -13.45
N SER B 570 40.40 -38.62 -14.59
CA SER B 570 40.52 -37.73 -15.74
C SER B 570 39.66 -36.47 -15.60
N THR B 571 40.00 -35.47 -16.40
CA THR B 571 39.36 -34.16 -16.37
C THR B 571 38.25 -34.08 -17.42
N ARG B 572 37.10 -33.54 -17.01
CA ARG B 572 35.99 -33.24 -17.89
C ARG B 572 36.20 -31.96 -18.67
N ILE B 573 35.74 -31.96 -19.92
CA ILE B 573 35.95 -30.86 -20.85
C ILE B 573 34.60 -30.31 -21.28
N PHE B 574 34.39 -29.01 -21.09
CA PHE B 574 33.17 -28.32 -21.48
C PHE B 574 33.45 -27.30 -22.56
N VAL B 575 32.58 -27.24 -23.56
CA VAL B 575 32.63 -26.25 -24.63
C VAL B 575 31.26 -25.61 -24.69
N ASN B 576 31.16 -24.36 -24.22
CA ASN B 576 29.91 -23.60 -24.12
C ASN B 576 28.89 -24.29 -23.23
N GLY B 577 29.37 -24.89 -22.15
CA GLY B 577 28.49 -25.47 -21.15
C GLY B 577 27.98 -26.87 -21.41
N VAL B 578 28.23 -27.47 -22.56
CA VAL B 578 27.83 -28.84 -22.79
C VAL B 578 29.06 -29.73 -22.59
N TRP B 579 28.92 -30.73 -21.74
CA TRP B 579 29.93 -31.76 -21.56
C TRP B 579 30.16 -32.54 -22.84
N THR B 580 31.32 -32.39 -23.48
CA THR B 580 31.53 -33.00 -24.79
C THR B 580 32.58 -34.10 -24.79
N GLY B 581 33.36 -34.27 -23.73
CA GLY B 581 34.40 -35.27 -23.78
C GLY B 581 35.19 -35.32 -22.49
N ILE B 582 36.21 -36.16 -22.49
CA ILE B 582 37.11 -36.33 -21.36
C ILE B 582 38.53 -36.50 -21.88
N HIS B 583 39.51 -35.98 -21.15
CA HIS B 583 40.91 -36.13 -21.52
C HIS B 583 41.69 -36.51 -20.27
N ARG B 584 42.62 -37.43 -20.44
CA ARG B 584 43.36 -38.03 -19.34
C ARG B 584 44.61 -37.28 -18.94
N ASP B 585 45.20 -36.52 -19.88
CA ASP B 585 46.40 -35.70 -19.66
C ASP B 585 46.09 -34.25 -20.03
N PRO B 586 45.42 -33.52 -19.15
CA PRO B 586 45.07 -32.13 -19.47
C PRO B 586 46.25 -31.17 -19.57
N SER B 587 47.33 -31.42 -18.82
CA SER B 587 48.47 -30.51 -18.78
C SER B 587 49.10 -30.21 -20.13
N MET B 588 49.26 -31.22 -20.99
CA MET B 588 49.82 -30.95 -22.31
C MET B 588 48.79 -30.25 -23.20
N LEU B 589 47.54 -30.67 -23.08
CA LEU B 589 46.43 -30.17 -23.92
C LEU B 589 46.25 -28.67 -23.79
N VAL B 590 46.26 -28.16 -22.57
CA VAL B 590 45.98 -26.74 -22.37
C VAL B 590 47.12 -25.89 -22.93
N SER B 591 48.38 -26.33 -22.74
CA SER B 591 49.52 -25.63 -23.31
C SER B 591 49.44 -25.53 -24.83
N THR B 592 49.02 -26.61 -25.50
CA THR B 592 48.87 -26.60 -26.95
C THR B 592 47.76 -25.64 -27.36
N MET B 593 46.59 -25.77 -26.72
CA MET B 593 45.45 -24.89 -26.97
C MET B 593 45.83 -23.44 -26.72
N ARG B 594 46.56 -23.18 -25.64
CA ARG B 594 46.96 -21.82 -25.33
C ARG B 594 47.83 -21.26 -26.44
N ASP B 595 48.74 -22.09 -26.96
CA ASP B 595 49.62 -21.63 -28.04
C ASP B 595 48.89 -21.37 -29.33
N LEU B 596 47.79 -22.10 -29.59
CA LEU B 596 46.99 -21.81 -30.77
C LEU B 596 46.32 -20.45 -30.67
N ARG B 597 45.91 -20.04 -29.47
CA ARG B 597 45.32 -18.71 -29.38
C ARG B 597 46.37 -17.64 -29.52
N ARG B 598 47.57 -17.87 -28.97
CA ARG B 598 48.62 -16.89 -29.01
C ARG B 598 49.22 -16.74 -30.41
N SER B 599 48.91 -17.63 -31.35
CA SER B 599 49.38 -17.45 -32.71
C SER B 599 48.31 -16.96 -33.66
N GLY B 600 47.04 -17.15 -33.36
CA GLY B 600 45.96 -16.74 -34.23
C GLY B 600 45.15 -17.84 -34.88
N ALA B 601 45.57 -19.10 -34.74
CA ALA B 601 44.82 -20.24 -35.28
C ALA B 601 43.41 -20.31 -34.72
N ILE B 602 43.25 -20.02 -33.45
CA ILE B 602 41.96 -19.84 -32.80
C ILE B 602 41.76 -18.35 -32.59
N SER B 603 40.52 -17.90 -32.76
CA SER B 603 40.16 -16.50 -32.62
C SER B 603 40.57 -15.98 -31.24
N PRO B 604 41.25 -14.84 -31.16
CA PRO B 604 41.82 -14.36 -29.89
C PRO B 604 40.82 -14.09 -28.79
N GLU B 605 39.55 -13.96 -29.11
CA GLU B 605 38.54 -13.71 -28.08
C GLU B 605 38.06 -14.97 -27.39
N VAL B 606 38.54 -16.15 -27.80
CA VAL B 606 38.15 -17.39 -27.14
C VAL B 606 38.79 -17.48 -25.76
N SER B 607 38.02 -17.97 -24.80
CA SER B 607 38.48 -18.22 -23.44
C SER B 607 38.91 -19.66 -23.24
N ILE B 608 40.06 -19.88 -22.60
CA ILE B 608 40.59 -21.21 -22.33
C ILE B 608 40.85 -21.23 -20.84
N ILE B 609 40.01 -21.96 -20.11
CA ILE B 609 39.97 -21.90 -18.66
C ILE B 609 40.20 -23.27 -18.10
N ARG B 610 41.31 -23.46 -17.40
CA ARG B 610 41.56 -24.70 -16.67
C ARG B 610 41.32 -24.47 -15.20
N ASP B 611 40.32 -25.14 -14.65
CA ASP B 611 40.06 -25.17 -13.22
C ASP B 611 40.66 -26.46 -12.68
N ILE B 612 41.88 -26.38 -12.11
CA ILE B 612 42.60 -27.58 -11.72
C ILE B 612 41.94 -28.28 -10.54
N ARG B 613 41.54 -27.53 -9.51
CA ARG B 613 40.96 -28.11 -8.30
C ARG B 613 39.69 -28.90 -8.58
N GLU B 614 38.77 -28.32 -9.33
CA GLU B 614 37.52 -29.03 -9.58
C GLU B 614 37.63 -30.05 -10.70
N ARG B 615 38.83 -30.20 -11.28
CA ARG B 615 39.11 -31.11 -12.40
C ARG B 615 38.15 -30.88 -13.56
N GLU B 616 38.06 -29.62 -13.98
CA GLU B 616 37.20 -29.21 -15.07
C GLU B 616 37.98 -28.31 -15.99
N PHE B 617 37.71 -28.44 -17.28
CA PHE B 617 38.34 -27.64 -18.30
C PHE B 617 37.24 -27.05 -19.17
N LYS B 618 37.08 -25.74 -19.13
CA LYS B 618 35.97 -25.07 -19.78
C LYS B 618 36.50 -24.14 -20.84
N ILE B 619 35.85 -24.16 -22.00
CA ILE B 619 36.20 -23.32 -23.13
C ILE B 619 34.94 -22.57 -23.48
N PHE B 620 35.06 -21.27 -23.75
CA PHE B 620 33.90 -20.45 -24.09
C PHE B 620 34.15 -19.72 -25.39
N THR B 621 33.24 -19.91 -26.34
CA THR B 621 33.18 -19.08 -27.53
C THR B 621 31.92 -18.21 -27.56
N ASP B 622 31.22 -18.14 -26.43
CA ASP B 622 30.01 -17.33 -26.25
C ASP B 622 30.18 -15.88 -26.70
N VAL B 623 29.07 -15.31 -27.18
CA VAL B 623 28.98 -13.88 -27.46
C VAL B 623 28.62 -13.13 -26.18
N GLY B 624 29.21 -11.94 -26.00
CA GLY B 624 28.87 -11.09 -24.88
C GLY B 624 29.76 -11.16 -23.67
N ARG B 625 30.89 -11.86 -23.74
CA ARG B 625 31.82 -11.92 -22.62
C ARG B 625 32.66 -10.67 -22.58
N VAL B 626 32.81 -10.08 -21.42
CA VAL B 626 33.60 -8.87 -21.25
C VAL B 626 35.05 -9.26 -20.99
N TYR B 627 35.98 -8.70 -21.75
CA TYR B 627 37.38 -9.07 -21.63
C TYR B 627 38.26 -7.85 -21.69
N ARG B 628 39.53 -8.03 -21.31
CA ARG B 628 40.50 -6.95 -21.31
C ARG B 628 41.85 -7.54 -21.69
N PRO B 629 42.75 -6.73 -22.22
CA PRO B 629 44.07 -7.25 -22.59
C PRO B 629 45.13 -7.14 -21.50
N LEU B 630 46.07 -8.07 -21.54
CA LEU B 630 47.22 -8.04 -20.64
C LEU B 630 48.49 -8.42 -21.39
N PHE B 631 49.62 -7.93 -20.90
CA PHE B 631 50.93 -8.40 -21.33
C PHE B 631 51.14 -9.84 -20.90
N ILE B 632 51.72 -10.65 -21.78
CA ILE B 632 52.08 -12.02 -21.45
C ILE B 632 53.48 -12.06 -20.87
N VAL B 633 53.63 -12.74 -19.74
CA VAL B 633 54.91 -12.97 -19.09
C VAL B 633 55.34 -14.40 -19.39
N GLU B 634 56.59 -14.58 -19.78
CA GLU B 634 57.12 -15.91 -20.07
C GLU B 634 57.23 -16.75 -18.79
N ASP B 635 56.55 -17.90 -18.77
CA ASP B 635 56.45 -18.72 -17.57
C ASP B 635 57.12 -20.08 -17.72
N ASP B 636 57.58 -20.43 -18.91
CA ASP B 636 58.18 -21.72 -19.18
C ASP B 636 59.67 -21.69 -18.81
N GLU B 637 60.06 -22.62 -17.93
CA GLU B 637 61.44 -22.75 -17.47
C GLU B 637 62.26 -23.54 -18.50
N SER B 638 62.18 -23.14 -19.76
CA SER B 638 62.99 -23.73 -20.82
C SER B 638 63.75 -22.68 -21.61
N LYS B 639 63.93 -21.47 -21.07
CA LYS B 639 64.58 -20.38 -21.78
C LYS B 639 65.05 -19.32 -20.81
N ASP B 640 66.08 -18.58 -21.25
CA ASP B 640 66.62 -17.43 -20.53
C ASP B 640 65.63 -16.27 -20.46
N ASN B 641 64.62 -16.30 -21.33
CA ASN B 641 63.56 -15.30 -21.37
C ASN B 641 62.76 -15.24 -20.08
N LYS B 642 62.72 -16.34 -19.29
CA LYS B 642 61.82 -16.52 -18.16
C LYS B 642 61.89 -15.38 -17.16
N GLY B 643 60.73 -15.04 -16.59
CA GLY B 643 60.56 -14.01 -15.60
C GLY B 643 60.40 -12.61 -16.16
N GLU B 644 60.57 -12.42 -17.47
CA GLU B 644 60.52 -11.11 -18.11
C GLU B 644 59.33 -11.02 -19.04
N LEU B 645 59.01 -9.79 -19.43
CA LEU B 645 57.95 -9.53 -20.41
C LEU B 645 58.33 -10.09 -21.77
N ARG B 646 57.36 -10.70 -22.46
CA ARG B 646 57.62 -11.12 -23.84
C ARG B 646 57.79 -9.95 -24.78
N ILE B 647 57.17 -8.83 -24.50
CA ILE B 647 57.24 -7.70 -25.41
C ILE B 647 58.56 -6.99 -25.21
N THR B 648 59.17 -6.54 -26.30
CA THR B 648 60.49 -5.93 -26.26
C THR B 648 60.42 -4.65 -27.08
N LYS B 649 61.47 -3.83 -26.98
CA LYS B 649 61.54 -2.59 -27.76
C LYS B 649 61.53 -2.82 -29.26
N GLU B 650 61.82 -4.04 -29.74
CA GLU B 650 61.76 -4.28 -31.17
C GLU B 650 60.33 -4.22 -31.67
N HIS B 651 59.39 -4.83 -30.95
CA HIS B 651 57.97 -4.66 -31.25
C HIS B 651 57.58 -3.19 -31.16
N ILE B 652 58.05 -2.49 -30.11
CA ILE B 652 57.75 -1.07 -29.92
C ILE B 652 58.30 -0.26 -31.07
N ARG B 653 59.45 -0.67 -31.61
CA ARG B 653 60.05 0.02 -32.74
C ARG B 653 59.16 -0.11 -33.97
N LYS B 654 58.72 -1.33 -34.28
CA LYS B 654 57.86 -1.58 -35.44
C LYS B 654 56.50 -0.92 -35.30
N ILE B 655 55.97 -0.81 -34.07
CA ILE B 655 54.70 -0.11 -33.84
C ILE B 655 54.77 1.34 -34.28
N GLN B 656 55.83 2.06 -33.91
CA GLN B 656 55.94 3.45 -34.31
C GLN B 656 56.21 3.61 -35.80
N GLN B 657 56.90 2.65 -36.42
CA GLN B 657 57.10 2.73 -37.87
C GLN B 657 55.84 2.41 -38.65
N GLY B 658 55.07 1.41 -38.23
CA GLY B 658 53.91 1.00 -38.97
C GLY B 658 54.12 -0.20 -39.88
N TYR B 659 55.34 -0.73 -39.95
CA TYR B 659 55.67 -1.80 -40.87
C TYR B 659 56.72 -2.69 -40.23
N ASP B 660 56.81 -3.92 -40.72
CA ASP B 660 57.84 -4.84 -40.28
C ASP B 660 59.08 -4.70 -41.17
N ASP B 661 60.22 -5.12 -40.62
CA ASP B 661 61.48 -5.15 -41.36
C ASP B 661 61.68 -6.49 -42.08
N ASP B 662 60.78 -6.75 -43.04
CA ASP B 662 60.79 -7.92 -43.93
C ASP B 662 60.90 -9.25 -43.17
N VAL B 675 49.52 -3.35 -42.82
CA VAL B 675 49.67 -2.43 -41.70
C VAL B 675 50.05 -3.22 -40.44
N TYR B 676 50.89 -2.63 -39.61
CA TYR B 676 51.36 -3.27 -38.39
C TYR B 676 50.89 -2.44 -37.20
N GLY B 677 49.79 -2.84 -36.58
CA GLY B 677 49.22 -2.09 -35.48
C GLY B 677 48.92 -3.02 -34.33
N TRP B 678 47.84 -2.70 -33.61
CA TRP B 678 47.50 -3.38 -32.36
C TRP B 678 47.33 -4.88 -32.56
N SER B 679 46.49 -5.27 -33.52
CA SER B 679 46.19 -6.67 -33.76
C SER B 679 47.39 -7.46 -34.24
N SER B 680 48.40 -6.79 -34.77
CA SER B 680 49.65 -7.46 -35.10
C SER B 680 50.32 -8.02 -33.85
N LEU B 681 50.24 -7.28 -32.74
CA LEU B 681 50.78 -7.76 -31.47
C LEU B 681 50.01 -8.95 -30.92
N VAL B 682 48.70 -9.03 -31.16
CA VAL B 682 47.91 -10.08 -30.55
C VAL B 682 48.17 -11.42 -31.22
N THR B 683 48.41 -11.42 -32.52
CA THR B 683 48.66 -12.65 -33.24
C THR B 683 50.15 -12.97 -33.31
N SER B 684 50.97 -12.28 -32.53
CA SER B 684 52.38 -12.60 -32.41
C SER B 684 52.74 -12.95 -30.97
N GLY B 685 51.75 -13.31 -30.17
CA GLY B 685 51.98 -13.86 -28.85
C GLY B 685 52.51 -12.94 -27.77
N VAL B 686 52.45 -11.62 -27.94
CA VAL B 686 52.89 -10.74 -26.86
C VAL B 686 51.77 -10.16 -26.01
N ILE B 687 50.53 -10.14 -26.51
CA ILE B 687 49.38 -9.69 -25.72
C ILE B 687 48.25 -10.69 -25.94
N GLU B 688 47.51 -11.00 -24.88
CA GLU B 688 46.31 -11.79 -25.05
C GLU B 688 45.18 -11.18 -24.23
N TYR B 689 43.98 -11.56 -24.63
CA TYR B 689 42.76 -11.16 -23.96
C TYR B 689 42.35 -12.16 -22.89
N VAL B 690 41.95 -11.67 -21.73
CA VAL B 690 41.38 -12.53 -20.70
C VAL B 690 40.05 -11.94 -20.27
N ASP B 691 39.08 -12.81 -20.03
CA ASP B 691 37.79 -12.42 -19.50
C ASP B 691 37.75 -12.72 -18.01
N GLY B 692 36.59 -12.50 -17.38
CA GLY B 692 36.47 -12.67 -15.95
C GLY B 692 36.69 -14.09 -15.46
N GLU B 693 36.30 -15.09 -16.26
CA GLU B 693 36.43 -16.47 -15.85
C GLU B 693 37.87 -16.93 -15.90
N GLU B 694 38.58 -16.60 -16.97
CA GLU B 694 39.99 -16.98 -17.09
C GLU B 694 40.86 -16.20 -16.11
N GLU B 695 40.43 -14.99 -15.74
CA GLU B 695 41.16 -14.15 -14.79
C GLU B 695 41.31 -14.82 -13.43
N GLU B 696 40.39 -15.73 -13.09
CA GLU B 696 40.44 -16.48 -11.84
C GLU B 696 41.67 -17.37 -11.71
N THR B 697 42.31 -17.75 -12.81
CA THR B 697 43.35 -18.76 -12.78
C THR B 697 44.74 -18.22 -13.07
N ILE B 698 44.94 -16.91 -13.11
CA ILE B 698 46.21 -16.33 -13.48
C ILE B 698 46.73 -15.49 -12.31
N MET B 699 48.01 -15.13 -12.41
CA MET B 699 48.68 -14.36 -11.37
C MET B 699 49.27 -13.12 -12.02
N ILE B 700 48.80 -11.95 -11.62
CA ILE B 700 49.07 -10.70 -12.34
C ILE B 700 49.96 -9.81 -11.50
N ALA B 701 51.06 -9.36 -12.07
CA ALA B 701 51.89 -8.34 -11.43
C ALA B 701 51.32 -6.96 -11.74
N MET B 702 51.43 -6.05 -10.78
CA MET B 702 50.74 -4.77 -10.93
C MET B 702 51.48 -3.85 -11.87
N THR B 703 52.80 -3.85 -11.86
CA THR B 703 53.61 -3.05 -12.76
C THR B 703 54.79 -3.90 -13.20
N PRO B 704 55.44 -3.54 -14.32
CA PRO B 704 56.63 -4.29 -14.76
C PRO B 704 57.73 -4.36 -13.72
N GLU B 705 57.87 -3.32 -12.90
CA GLU B 705 58.91 -3.30 -11.87
C GLU B 705 58.72 -4.39 -10.82
N ASP B 706 57.49 -4.86 -10.61
CA ASP B 706 57.27 -5.91 -9.61
C ASP B 706 57.68 -7.29 -10.10
N LEU B 707 58.08 -7.43 -11.35
CA LEU B 707 58.52 -8.72 -11.87
C LEU B 707 59.86 -9.14 -11.32
N GLN B 708 60.65 -8.20 -10.82
CA GLN B 708 62.00 -8.45 -10.32
C GLN B 708 62.16 -7.85 -8.94
N THR B 709 62.87 -8.56 -8.08
CA THR B 709 63.13 -8.09 -6.73
C THR B 709 64.15 -6.95 -6.77
N ARG B 710 64.16 -6.12 -5.73
CA ARG B 710 64.98 -4.91 -5.73
C ARG B 710 66.12 -5.07 -4.73
N SER B 711 66.92 -4.02 -4.63
CA SER B 711 68.11 -3.96 -3.77
C SER B 711 67.80 -4.18 -2.29
N LEU B 719 65.56 3.32 0.28
CA LEU B 719 64.44 4.22 0.09
C LEU B 719 64.43 5.26 1.21
N ASN B 720 63.54 5.04 2.19
CA ASN B 720 63.38 5.87 3.39
C ASN B 720 63.09 7.34 3.09
N ASP B 721 62.42 7.61 1.98
CA ASP B 721 61.93 8.96 1.68
C ASP B 721 60.57 9.13 2.34
N THR B 722 60.54 9.92 3.42
CA THR B 722 59.37 10.05 4.28
C THR B 722 58.14 10.70 3.62
N ALA B 723 58.26 11.22 2.41
CA ALA B 723 57.15 11.85 1.70
C ALA B 723 56.38 10.88 0.83
N LYS B 724 57.10 9.97 0.17
CA LYS B 724 56.54 9.07 -0.83
C LYS B 724 55.90 7.84 -0.18
N ARG B 725 55.10 7.16 -1.01
CA ARG B 725 54.24 6.10 -0.51
C ARG B 725 54.97 4.76 -0.34
N ILE B 726 54.48 3.99 0.62
CA ILE B 726 55.07 2.71 0.99
C ILE B 726 54.56 1.65 0.03
N LYS B 727 55.48 0.85 -0.53
CA LYS B 727 55.05 -0.27 -1.36
C LYS B 727 54.87 -1.50 -0.46
N PRO B 728 53.84 -2.32 -0.72
CA PRO B 728 53.58 -3.50 0.13
C PRO B 728 54.75 -4.47 0.19
N GLU B 729 54.85 -5.16 1.33
CA GLU B 729 55.99 -6.05 1.57
C GLU B 729 55.85 -7.36 0.79
N MET B 730 54.64 -7.94 0.76
CA MET B 730 54.33 -9.19 0.03
C MET B 730 55.14 -10.38 0.56
N SER B 731 55.10 -10.59 1.87
CA SER B 731 55.92 -11.63 2.48
C SER B 731 55.15 -12.87 2.92
N THR B 732 53.97 -13.13 2.36
CA THR B 732 53.31 -14.38 2.72
C THR B 732 53.75 -15.56 1.88
N SER B 733 54.02 -15.35 0.59
CA SER B 733 54.56 -16.40 -0.27
C SER B 733 56.02 -16.09 -0.56
N SER B 734 56.87 -17.11 -0.44
CA SER B 734 58.30 -16.91 -0.61
C SER B 734 58.69 -16.53 -2.04
N HIS B 735 58.18 -17.25 -3.03
CA HIS B 735 58.47 -16.90 -4.41
C HIS B 735 57.21 -16.91 -5.27
N HIS B 736 56.94 -15.80 -5.94
CA HIS B 736 55.80 -15.65 -6.85
C HIS B 736 56.17 -15.97 -8.30
N THR B 737 55.23 -16.60 -9.02
CA THR B 737 55.38 -16.99 -10.42
C THR B 737 54.35 -16.25 -11.26
N PHE B 738 54.67 -15.02 -11.65
CA PHE B 738 53.73 -14.19 -12.40
C PHE B 738 53.52 -14.72 -13.81
N THR B 739 52.26 -14.79 -14.24
CA THR B 739 51.90 -15.13 -15.61
C THR B 739 51.58 -13.94 -16.50
N HIS B 740 51.13 -12.80 -15.95
CA HIS B 740 50.74 -11.67 -16.78
C HIS B 740 51.12 -10.38 -16.09
N CYS B 741 51.01 -9.28 -16.83
CA CYS B 741 51.28 -7.97 -16.28
C CYS B 741 50.32 -6.95 -16.86
N GLU B 742 49.81 -6.07 -15.98
CA GLU B 742 48.95 -4.97 -16.39
C GLU B 742 49.68 -4.04 -17.34
N ILE B 743 48.94 -3.51 -18.31
CA ILE B 743 49.55 -2.58 -19.25
C ILE B 743 49.78 -1.22 -18.61
N HIS B 744 48.76 -0.68 -17.96
CA HIS B 744 48.94 0.39 -17.01
C HIS B 744 47.76 0.35 -16.07
N PRO B 745 47.96 0.49 -14.78
CA PRO B 745 46.85 0.30 -13.83
C PRO B 745 45.83 1.40 -13.86
N SER B 746 46.16 2.59 -14.37
CA SER B 746 45.16 3.66 -14.49
C SER B 746 44.04 3.37 -15.47
N MET B 747 44.16 2.35 -16.32
CA MET B 747 43.10 1.97 -17.22
C MET B 747 41.93 1.25 -16.55
N ILE B 748 41.96 1.02 -15.23
CA ILE B 748 40.78 0.51 -14.57
C ILE B 748 39.66 1.55 -14.51
N LEU B 749 39.97 2.82 -14.69
CA LEU B 749 38.96 3.87 -14.62
C LEU B 749 38.22 3.94 -15.94
N GLY B 750 37.02 4.50 -15.91
CA GLY B 750 36.26 4.72 -17.12
C GLY B 750 36.45 6.11 -17.69
N VAL B 751 35.60 6.44 -18.66
CA VAL B 751 35.69 7.72 -19.37
C VAL B 751 35.60 8.89 -18.41
N ALA B 752 34.60 8.89 -17.54
CA ALA B 752 34.33 10.06 -16.71
C ALA B 752 35.42 10.26 -15.67
N ALA B 753 35.78 9.19 -14.95
CA ALA B 753 36.77 9.29 -13.87
C ALA B 753 38.17 9.58 -14.38
N SER B 754 38.45 9.37 -15.68
CA SER B 754 39.76 9.63 -16.25
C SER B 754 40.07 11.11 -16.37
N ILE B 755 39.10 11.98 -16.14
CA ILE B 755 39.30 13.42 -16.22
C ILE B 755 39.85 13.96 -14.91
N ILE B 756 39.72 13.20 -13.83
CA ILE B 756 40.15 13.65 -12.51
C ILE B 756 41.68 13.61 -12.43
N PRO B 757 42.32 14.71 -12.09
CA PRO B 757 43.76 14.68 -11.80
C PRO B 757 43.95 14.09 -10.42
N PHE B 758 44.88 13.15 -10.31
CA PHE B 758 45.25 12.49 -9.06
C PHE B 758 44.13 11.76 -8.31
N PRO B 759 43.30 10.92 -8.93
CA PRO B 759 42.23 10.24 -8.16
C PRO B 759 42.74 9.35 -7.03
N ASP B 760 44.00 8.93 -7.06
CA ASP B 760 44.60 8.17 -5.97
C ASP B 760 44.85 8.99 -4.73
N HIS B 761 44.51 10.27 -4.69
CA HIS B 761 44.64 11.08 -3.48
C HIS B 761 43.30 11.54 -2.95
N ASN B 762 42.19 10.96 -3.39
CA ASN B 762 40.88 11.41 -2.94
C ASN B 762 40.14 10.34 -2.17
N GLN B 763 39.39 10.80 -1.18
CA GLN B 763 38.32 10.00 -0.59
C GLN B 763 37.35 9.56 -1.66
N SER B 764 37.04 8.26 -1.65
CA SER B 764 36.34 7.61 -2.76
C SER B 764 35.00 8.21 -3.19
N PRO B 765 34.11 8.72 -2.31
CA PRO B 765 32.87 9.31 -2.84
C PRO B 765 33.08 10.52 -3.72
N ARG B 766 34.09 11.35 -3.45
CA ARG B 766 34.39 12.48 -4.33
C ARG B 766 34.68 12.08 -5.77
N ASN B 767 35.29 10.92 -6.00
CA ASN B 767 35.47 10.51 -7.38
C ASN B 767 34.14 10.15 -8.03
N THR B 768 33.24 9.53 -7.26
CA THR B 768 31.91 9.27 -7.76
C THR B 768 31.15 10.56 -8.06
N TYR B 769 31.21 11.53 -7.14
CA TYR B 769 30.50 12.79 -7.35
C TYR B 769 31.01 13.55 -8.57
N GLN B 770 32.33 13.56 -8.77
CA GLN B 770 32.85 14.23 -9.96
C GLN B 770 32.44 13.49 -11.23
N SER B 771 32.45 12.15 -11.21
CA SER B 771 32.03 11.36 -12.37
C SER B 771 30.60 11.68 -12.80
N ALA B 772 29.76 12.09 -11.86
CA ALA B 772 28.42 12.53 -12.20
C ALA B 772 28.44 13.96 -12.73
N MET B 773 29.11 14.87 -12.03
CA MET B 773 29.06 16.29 -12.38
C MET B 773 29.77 16.57 -13.69
N GLY B 774 30.80 15.78 -14.01
CA GLY B 774 31.53 15.97 -15.27
C GLY B 774 30.67 15.88 -16.50
N LYS B 775 29.60 15.12 -16.45
CA LYS B 775 28.67 15.02 -17.55
C LYS B 775 27.72 16.21 -17.63
N GLN B 776 27.76 17.13 -16.67
CA GLN B 776 26.89 18.31 -16.67
C GLN B 776 27.65 19.60 -16.92
N ALA B 777 28.87 19.57 -17.39
CA ALA B 777 29.69 20.76 -17.48
C ALA B 777 29.74 21.25 -18.91
N MET B 778 29.37 22.51 -19.12
CA MET B 778 29.38 23.11 -20.44
C MET B 778 30.78 23.08 -21.03
N GLY B 779 30.84 22.74 -22.31
CA GLY B 779 32.08 22.94 -23.01
C GLY B 779 31.79 23.25 -24.45
N VAL B 780 32.23 22.39 -25.37
CA VAL B 780 31.93 22.51 -26.78
C VAL B 780 31.65 21.10 -27.25
N PHE B 781 30.37 20.73 -27.36
CA PHE B 781 30.05 19.32 -27.54
C PHE B 781 30.38 18.80 -28.92
N LEU B 782 30.30 19.65 -29.94
CA LEU B 782 30.79 19.34 -31.27
C LEU B 782 31.17 20.64 -31.98
N THR B 783 31.96 20.50 -33.02
CA THR B 783 32.41 21.66 -33.75
C THR B 783 31.38 22.16 -34.76
N ASN B 784 30.31 21.42 -35.02
CA ASN B 784 29.30 21.80 -36.00
C ASN B 784 28.03 22.35 -35.39
N TYR B 785 28.10 22.95 -34.20
CA TYR B 785 26.91 23.40 -33.49
C TYR B 785 26.06 24.41 -34.27
N ASN B 786 26.66 25.17 -35.19
CA ASN B 786 25.88 26.17 -35.92
C ASN B 786 24.90 25.56 -36.92
N VAL B 787 25.15 24.34 -37.40
CA VAL B 787 24.25 23.72 -38.36
C VAL B 787 23.32 22.67 -37.75
N ARG B 788 23.56 22.25 -36.51
CA ARG B 788 22.63 21.39 -35.80
C ARG B 788 21.56 22.22 -35.14
N MET B 789 20.33 21.71 -35.11
CA MET B 789 19.25 22.39 -34.41
C MET B 789 18.76 21.51 -33.26
N ASP B 790 19.49 21.54 -32.15
CA ASP B 790 19.18 20.73 -30.98
C ASP B 790 18.24 21.51 -30.07
N THR B 791 17.48 20.78 -29.26
CA THR B 791 16.55 21.38 -28.31
C THR B 791 17.24 22.35 -27.35
N MET B 792 18.41 21.96 -26.84
CA MET B 792 19.17 22.83 -25.95
C MET B 792 20.63 22.58 -26.24
N ALA B 793 21.41 23.66 -26.29
CA ALA B 793 22.83 23.51 -26.46
C ALA B 793 23.54 24.62 -25.71
N ASN B 794 24.68 24.29 -25.15
CA ASN B 794 25.49 25.26 -24.43
C ASN B 794 26.92 25.22 -24.92
N ILE B 795 27.51 26.37 -25.21
CA ILE B 795 28.90 26.45 -25.63
C ILE B 795 29.56 27.51 -24.79
N LEU B 796 30.57 27.10 -24.03
CA LEU B 796 31.42 27.99 -23.27
C LEU B 796 32.18 28.91 -24.23
N TYR B 797 32.21 30.21 -23.91
CA TYR B 797 32.88 31.20 -24.76
C TYR B 797 34.34 30.86 -25.01
N TYR B 798 35.13 30.72 -23.95
CA TYR B 798 36.57 30.60 -24.07
C TYR B 798 37.05 29.35 -23.34
N PRO B 799 36.89 28.16 -23.92
CA PRO B 799 37.43 26.96 -23.29
C PRO B 799 38.94 27.01 -23.19
N GLN B 800 39.48 26.49 -22.10
CA GLN B 800 40.92 26.34 -21.94
C GLN B 800 41.25 24.88 -21.65
N LYS B 801 42.38 24.42 -22.14
CA LYS B 801 42.77 23.08 -21.71
C LYS B 801 43.39 23.14 -20.32
N PRO B 802 43.20 22.10 -19.50
CA PRO B 802 43.66 22.16 -18.11
C PRO B 802 45.18 22.06 -17.98
N LEU B 803 45.71 22.80 -17.02
CA LEU B 803 47.14 22.73 -16.68
C LEU B 803 47.56 21.42 -16.05
N ALA B 804 46.65 20.65 -15.49
CA ALA B 804 47.00 19.35 -14.92
C ALA B 804 46.16 18.33 -15.64
N LYS B 805 46.81 17.52 -16.46
CA LYS B 805 46.11 16.57 -17.31
C LYS B 805 46.62 15.18 -17.00
N THR B 806 45.92 14.20 -17.57
CA THR B 806 46.33 12.81 -17.48
C THR B 806 46.62 12.30 -18.87
N GLN B 807 47.36 11.20 -18.94
CA GLN B 807 47.71 10.62 -20.23
C GLN B 807 46.48 10.13 -20.98
N ALA B 808 45.46 9.65 -20.27
CA ALA B 808 44.29 9.11 -20.96
C ALA B 808 43.48 10.19 -21.66
N MET B 809 43.65 11.46 -21.27
CA MET B 809 42.94 12.55 -21.93
C MET B 809 43.33 12.76 -23.37
N GLU B 810 44.51 12.30 -23.80
CA GLU B 810 44.91 12.45 -25.19
C GLU B 810 43.91 11.80 -26.15
N TYR B 811 43.39 10.62 -25.78
CA TYR B 811 42.45 9.83 -26.58
C TYR B 811 40.99 10.20 -26.37
N LEU B 812 40.66 10.92 -25.32
CA LEU B 812 39.29 11.37 -25.13
C LEU B 812 39.05 12.70 -25.81
N LYS B 813 40.12 13.31 -26.32
CA LYS B 813 40.14 14.56 -27.07
C LYS B 813 39.85 15.74 -26.17
N PHE B 814 40.08 15.56 -24.87
CA PHE B 814 39.72 16.58 -23.89
C PHE B 814 40.55 17.83 -24.09
N ARG B 815 41.81 17.70 -24.47
CA ARG B 815 42.58 18.91 -24.72
C ARG B 815 42.12 19.61 -26.00
N GLU B 816 41.47 18.89 -26.92
CA GLU B 816 40.98 19.50 -28.14
C GLU B 816 39.56 20.06 -27.98
N LEU B 817 38.71 19.45 -27.16
CA LEU B 817 37.41 20.01 -26.84
C LEU B 817 37.23 20.16 -25.34
N PRO B 818 37.93 21.10 -24.72
CA PRO B 818 37.90 21.21 -23.26
C PRO B 818 36.60 21.80 -22.76
N ALA B 819 36.33 21.58 -21.49
CA ALA B 819 35.05 21.92 -20.89
C ALA B 819 35.26 22.62 -19.54
N GLY B 820 35.87 23.80 -19.57
CA GLY B 820 36.13 24.52 -18.34
C GLY B 820 37.22 25.56 -18.52
N GLN B 821 37.53 26.24 -17.43
CA GLN B 821 38.52 27.31 -17.44
C GLN B 821 39.39 27.24 -16.20
N ASN B 822 40.64 27.65 -16.35
CA ASN B 822 41.58 27.76 -15.25
C ASN B 822 41.38 29.04 -14.47
N ALA B 823 40.74 28.97 -13.31
CA ALA B 823 40.56 30.16 -12.50
C ALA B 823 41.73 30.29 -11.54
N ILE B 824 42.12 31.52 -11.25
CA ILE B 824 43.10 31.77 -10.20
C ILE B 824 42.36 31.80 -8.88
N VAL B 825 42.71 30.88 -8.00
CA VAL B 825 41.93 30.58 -6.80
C VAL B 825 42.80 30.82 -5.58
N ALA B 826 42.28 31.60 -4.66
CA ALA B 826 42.82 31.71 -3.31
C ALA B 826 41.91 30.93 -2.40
N ILE B 827 42.48 30.05 -1.59
CA ILE B 827 41.74 29.41 -0.50
C ILE B 827 41.90 30.26 0.75
N ALA B 828 40.86 31.00 1.09
CA ALA B 828 40.95 31.93 2.21
C ALA B 828 39.56 32.17 2.76
N CYS B 829 39.51 32.50 4.04
CA CYS B 829 38.35 33.14 4.67
C CYS B 829 38.50 34.62 4.42
N TYR B 830 37.57 35.22 3.67
CA TYR B 830 37.67 36.63 3.42
C TYR B 830 36.58 37.39 4.16
N SER B 831 35.44 37.67 3.55
CA SER B 831 34.45 38.46 4.25
C SER B 831 33.37 37.62 4.91
N GLY B 832 33.51 36.32 4.89
CA GLY B 832 32.44 35.50 5.41
C GLY B 832 31.31 35.28 4.43
N TYR B 833 31.41 35.79 3.21
CA TYR B 833 30.45 35.49 2.16
C TYR B 833 30.81 34.25 1.39
N ASN B 834 31.62 33.38 1.95
CA ASN B 834 31.90 32.11 1.32
C ASN B 834 31.86 30.95 2.28
N GLN B 835 31.12 31.10 3.36
CA GLN B 835 30.96 30.02 4.32
C GLN B 835 30.02 28.99 3.71
N GLU B 836 30.13 27.76 4.20
CA GLU B 836 29.24 26.63 3.85
C GLU B 836 29.17 26.41 2.34
N ASP B 837 30.35 26.35 1.70
CA ASP B 837 30.55 25.93 0.32
C ASP B 837 30.06 26.93 -0.70
N SER B 838 29.95 28.20 -0.36
CA SER B 838 29.85 29.19 -1.42
C SER B 838 31.21 29.76 -1.73
N MET B 839 31.24 30.73 -2.64
CA MET B 839 32.51 31.26 -3.13
C MET B 839 32.29 32.67 -3.63
N ILE B 840 33.32 33.48 -3.45
CA ILE B 840 33.36 34.85 -3.94
C ILE B 840 34.04 34.87 -5.28
N MET B 841 33.39 35.46 -6.28
CA MET B 841 34.02 35.58 -7.59
C MET B 841 34.36 37.04 -7.86
N ASN B 842 35.46 37.23 -8.57
CA ASN B 842 35.98 38.54 -8.93
C ASN B 842 35.11 39.10 -10.04
N GLN B 843 34.37 40.17 -9.77
CA GLN B 843 33.47 40.79 -10.76
C GLN B 843 34.18 41.29 -12.00
N SER B 844 35.42 41.74 -11.88
CA SER B 844 36.13 42.21 -13.06
C SER B 844 36.47 41.06 -13.99
N SER B 845 36.82 39.89 -13.44
CA SER B 845 37.01 38.70 -14.26
C SER B 845 35.77 38.34 -15.06
N ILE B 846 34.58 38.41 -14.44
CA ILE B 846 33.34 38.16 -15.17
C ILE B 846 33.18 39.15 -16.33
N ASP B 847 33.46 40.43 -16.07
CA ASP B 847 33.40 41.47 -17.09
C ASP B 847 34.30 41.17 -18.28
N ARG B 848 35.46 40.58 -18.05
CA ARG B 848 36.34 40.30 -19.18
C ARG B 848 36.01 38.99 -19.86
N GLY B 849 35.03 38.24 -19.36
CA GLY B 849 34.57 37.07 -20.08
C GLY B 849 34.70 35.74 -19.39
N LEU B 850 35.18 35.69 -18.15
CA LEU B 850 35.35 34.43 -17.43
C LEU B 850 34.02 33.71 -17.29
N PHE B 851 34.02 32.42 -17.63
CA PHE B 851 32.90 31.48 -17.48
C PHE B 851 31.60 31.94 -18.14
N ARG B 852 31.67 32.90 -19.07
CA ARG B 852 30.52 33.27 -19.86
C ARG B 852 30.18 32.18 -20.86
N SER B 853 28.90 31.99 -21.15
CA SER B 853 28.51 30.95 -22.10
C SER B 853 27.30 31.35 -22.92
N LEU B 854 27.28 30.85 -24.16
CA LEU B 854 26.12 30.85 -25.03
C LEU B 854 25.10 29.79 -24.63
N PHE B 855 23.83 30.11 -24.87
CA PHE B 855 22.73 29.18 -24.65
C PHE B 855 21.82 29.22 -25.87
N PHE B 856 21.43 28.04 -26.38
CA PHE B 856 20.62 27.90 -27.59
C PHE B 856 19.37 27.08 -27.28
N ARG B 857 18.22 27.53 -27.76
CA ARG B 857 16.99 26.73 -27.70
C ARG B 857 16.31 26.69 -29.05
N SER B 858 15.92 25.50 -29.51
CA SER B 858 15.17 25.35 -30.76
C SER B 858 13.71 24.98 -30.55
N TYR B 859 12.82 25.66 -31.27
CA TYR B 859 11.40 25.33 -31.31
C TYR B 859 11.04 24.74 -32.66
N MET B 860 10.27 23.66 -32.66
CA MET B 860 9.85 22.98 -33.87
C MET B 860 8.33 23.05 -33.98
N ASP B 861 7.83 23.26 -35.20
CA ASP B 861 6.40 23.12 -35.44
C ASP B 861 6.15 22.67 -36.87
N GLN B 862 4.98 22.06 -37.09
CA GLN B 862 4.58 21.65 -38.43
C GLN B 862 3.06 21.69 -38.59
N GLU B 863 2.64 21.76 -39.85
CA GLU B 863 1.21 21.74 -40.18
C GLU B 863 0.67 20.32 -40.09
N LYS B 864 -0.51 20.17 -39.50
CA LYS B 864 -1.17 18.89 -39.35
C LYS B 864 -2.33 18.78 -40.33
N ARG B 865 -2.65 17.55 -40.72
CA ARG B 865 -3.75 17.29 -41.64
C ARG B 865 -4.97 16.76 -40.87
N PHE B 866 -6.13 17.36 -41.11
CA PHE B 866 -7.37 16.86 -40.55
C PHE B 866 -8.37 16.36 -41.59
N GLY B 867 -8.13 16.60 -42.87
CA GLY B 867 -9.02 16.08 -43.90
C GLY B 867 -8.40 16.23 -45.27
N ILE B 868 -9.23 15.95 -46.28
CA ILE B 868 -8.78 15.89 -47.67
C ILE B 868 -8.13 17.20 -48.09
N SER B 869 -8.76 18.32 -47.75
CA SER B 869 -8.23 19.65 -48.00
C SER B 869 -8.31 20.50 -46.74
N ILE B 870 -8.30 19.87 -45.57
CA ILE B 870 -8.37 20.59 -44.31
C ILE B 870 -6.98 20.46 -43.69
N VAL B 871 -6.20 21.54 -43.79
CA VAL B 871 -4.84 21.59 -43.27
C VAL B 871 -4.69 22.89 -42.49
N GLU B 872 -3.84 22.84 -41.47
CA GLU B 872 -3.42 24.07 -40.82
C GLU B 872 -2.58 24.91 -41.77
N GLU B 873 -2.43 26.18 -41.43
CA GLU B 873 -1.77 27.12 -42.33
C GLU B 873 -0.95 28.13 -41.56
N PHE B 874 0.31 28.25 -41.93
CA PHE B 874 1.19 29.28 -41.39
C PHE B 874 0.86 30.64 -41.97
N GLU B 875 0.60 31.60 -41.09
CA GLU B 875 0.22 32.95 -41.48
C GLU B 875 0.31 33.82 -40.23
N LYS B 876 0.21 35.12 -40.44
CA LYS B 876 0.07 36.07 -39.34
C LYS B 876 -1.42 36.23 -39.10
N PRO B 877 -1.97 35.71 -37.99
CA PRO B 877 -3.43 35.65 -37.89
C PRO B 877 -4.03 37.02 -37.60
N THR B 878 -5.00 37.37 -38.41
CA THR B 878 -5.77 38.59 -38.23
C THR B 878 -6.76 38.45 -37.10
N ARG B 879 -6.88 39.50 -36.28
CA ARG B 879 -7.73 39.43 -35.10
C ARG B 879 -9.19 39.30 -35.46
N ALA B 880 -9.57 39.75 -36.65
CA ALA B 880 -10.96 39.74 -37.07
C ALA B 880 -11.45 38.33 -37.43
N THR B 881 -10.56 37.47 -37.90
CA THR B 881 -10.97 36.19 -38.45
C THR B 881 -10.63 34.99 -37.59
N THR B 882 -9.84 35.16 -36.53
CA THR B 882 -9.36 34.04 -35.73
C THR B 882 -9.77 34.28 -34.29
N LEU B 883 -10.36 33.27 -33.67
CA LEU B 883 -10.80 33.37 -32.28
C LEU B 883 -9.82 32.76 -31.29
N ARG B 884 -9.94 33.22 -30.04
CA ARG B 884 -9.14 32.78 -28.88
C ARG B 884 -7.64 32.97 -29.11
N LEU B 885 -7.30 34.16 -29.55
CA LEU B 885 -5.91 34.62 -29.69
C LEU B 885 -5.18 34.70 -28.35
N LYS B 886 -3.88 34.47 -28.41
CA LYS B 886 -2.99 34.61 -27.26
C LYS B 886 -2.87 36.07 -26.85
N HIS B 887 -2.44 36.29 -25.60
CA HIS B 887 -2.35 37.63 -25.06
C HIS B 887 -1.10 38.39 -25.50
N GLY B 888 -0.06 37.71 -25.98
CA GLY B 888 1.16 38.38 -26.39
C GLY B 888 1.07 39.12 -27.72
N THR B 889 2.17 39.82 -28.04
CA THR B 889 2.24 40.61 -29.26
C THR B 889 2.49 39.71 -30.47
N TYR B 890 1.83 40.04 -31.57
CA TYR B 890 2.06 39.39 -32.85
C TYR B 890 2.88 40.24 -33.81
N GLU B 891 3.39 41.37 -33.37
CA GLU B 891 3.97 42.35 -34.29
C GLU B 891 5.39 42.03 -34.74
N LYS B 892 5.97 40.92 -34.30
CA LYS B 892 7.27 40.58 -34.83
C LYS B 892 7.22 39.55 -35.96
N LEU B 893 6.05 39.00 -36.26
CA LEU B 893 5.92 38.08 -37.38
C LEU B 893 5.92 38.81 -38.71
N ASP B 894 6.61 38.24 -39.69
CA ASP B 894 6.49 38.70 -41.06
C ASP B 894 5.24 38.11 -41.70
N GLU B 895 5.01 38.47 -42.95
CA GLU B 895 3.84 38.01 -43.69
C GLU B 895 3.82 36.51 -43.97
N ASP B 896 4.97 35.83 -43.98
CA ASP B 896 5.00 34.39 -44.19
C ASP B 896 4.64 33.58 -42.95
N GLY B 897 4.28 34.24 -41.85
CA GLY B 897 3.99 33.60 -40.58
C GLY B 897 5.20 33.27 -39.73
N LEU B 898 6.39 33.67 -40.14
CA LEU B 898 7.62 33.28 -39.46
C LEU B 898 8.35 34.54 -39.05
N ILE B 899 8.99 34.50 -37.90
CA ILE B 899 9.78 35.64 -37.46
C ILE B 899 11.14 35.59 -38.17
N ALA B 900 11.79 36.73 -38.26
CA ALA B 900 13.04 36.75 -38.99
C ALA B 900 14.23 36.80 -38.04
N PRO B 901 15.36 36.22 -38.43
CA PRO B 901 16.58 36.31 -37.61
C PRO B 901 17.03 37.73 -37.36
N GLY B 902 17.59 37.94 -36.18
CA GLY B 902 18.05 39.22 -35.74
C GLY B 902 17.10 39.98 -34.84
N VAL B 903 15.88 39.52 -34.65
CA VAL B 903 14.92 40.26 -33.86
C VAL B 903 15.01 39.74 -32.43
N ARG B 904 15.13 40.64 -31.46
CA ARG B 904 15.08 40.22 -30.06
C ARG B 904 13.64 39.84 -29.69
N VAL B 905 13.51 38.79 -28.87
CA VAL B 905 12.21 38.33 -28.41
C VAL B 905 12.26 38.21 -26.90
N SER B 906 11.13 38.46 -26.27
CA SER B 906 10.91 38.26 -24.86
C SER B 906 9.78 37.27 -24.68
N GLY B 907 9.59 36.80 -23.45
CA GLY B 907 8.55 35.85 -23.10
C GLY B 907 7.15 36.18 -23.56
N ASP B 908 6.44 35.13 -24.02
CA ASP B 908 5.05 35.10 -24.48
C ASP B 908 4.85 35.75 -25.86
N ASP B 909 5.89 36.38 -26.42
CA ASP B 909 5.84 36.78 -27.82
C ASP B 909 5.60 35.59 -28.73
N ILE B 910 4.74 35.76 -29.73
CA ILE B 910 4.52 34.74 -30.74
C ILE B 910 5.65 34.77 -31.75
N ILE B 911 6.23 33.61 -32.04
CA ILE B 911 7.27 33.54 -33.06
C ILE B 911 6.88 32.69 -34.24
N ILE B 912 5.87 31.83 -34.11
CA ILE B 912 5.37 31.03 -35.23
C ILE B 912 3.86 31.14 -35.17
N GLY B 913 3.26 31.80 -36.15
CA GLY B 913 1.82 31.89 -36.24
C GLY B 913 1.21 30.77 -37.05
N LYS B 914 0.25 30.09 -36.44
CA LYS B 914 -0.44 29.01 -37.14
C LYS B 914 -1.88 28.98 -36.68
N THR B 915 -2.78 28.70 -37.62
CA THR B 915 -4.20 28.59 -37.31
C THR B 915 -4.74 27.22 -37.69
N THR B 916 -5.84 26.85 -37.04
CA THR B 916 -6.60 25.66 -37.39
C THR B 916 -8.05 26.06 -37.61
N PRO B 917 -8.69 25.60 -38.68
CA PRO B 917 -10.10 25.96 -38.91
C PRO B 917 -11.04 25.29 -37.92
N ILE B 918 -12.14 25.97 -37.62
CA ILE B 918 -13.18 25.42 -36.75
C ILE B 918 -14.19 24.70 -37.62
N PRO B 919 -14.56 23.47 -37.32
CA PRO B 919 -15.57 22.76 -38.12
C PRO B 919 -16.94 23.40 -37.96
N PRO B 920 -17.85 23.19 -38.93
CA PRO B 920 -19.21 23.68 -38.74
C PRO B 920 -20.09 22.70 -37.98
N TYR B 931 -18.52 33.93 -42.04
CA TYR B 931 -17.30 33.20 -41.73
C TYR B 931 -16.83 33.08 -40.28
N HIS B 932 -15.57 33.47 -40.06
CA HIS B 932 -14.90 33.67 -38.78
C HIS B 932 -14.79 32.22 -38.34
N THR B 933 -13.78 31.57 -38.92
CA THR B 933 -13.67 30.11 -38.94
C THR B 933 -12.42 29.51 -38.33
N LYS B 934 -11.41 30.29 -37.99
CA LYS B 934 -10.21 29.63 -37.50
C LYS B 934 -9.96 29.85 -36.01
N ARG B 935 -9.07 29.01 -35.51
CA ARG B 935 -8.60 29.00 -34.13
C ARG B 935 -7.08 29.05 -34.10
N ASP B 936 -6.54 29.84 -33.17
CA ASP B 936 -5.10 30.02 -33.10
C ASP B 936 -4.43 28.77 -32.56
N ALA B 937 -3.30 28.43 -33.15
CA ALA B 937 -2.52 27.29 -32.68
C ALA B 937 -1.05 27.67 -32.69
N SER B 938 -0.76 28.91 -32.28
CA SER B 938 0.56 29.48 -32.42
C SER B 938 1.45 29.09 -31.23
N THR B 939 2.74 29.30 -31.40
CA THR B 939 3.72 28.90 -30.39
C THR B 939 4.35 30.14 -29.79
N PRO B 940 4.18 30.40 -28.50
CA PRO B 940 4.90 31.50 -27.88
C PRO B 940 6.22 31.05 -27.27
N LEU B 941 7.17 31.98 -27.26
CA LEU B 941 8.41 31.82 -26.51
C LEU B 941 8.12 31.54 -25.05
N ARG B 942 8.92 30.66 -24.45
CA ARG B 942 8.83 30.30 -23.04
C ARG B 942 8.91 31.54 -22.16
N SER B 943 8.04 31.60 -21.15
CA SER B 943 7.79 32.84 -20.41
C SER B 943 9.02 33.35 -19.67
N THR B 944 9.92 32.47 -19.27
CA THR B 944 11.09 32.82 -18.49
C THR B 944 12.32 33.18 -19.33
N GLU B 945 12.20 33.30 -20.65
CA GLU B 945 13.38 33.43 -21.49
C GLU B 945 13.33 34.69 -22.33
N ASN B 946 14.50 35.03 -22.89
CA ASN B 946 14.70 36.11 -23.85
C ASN B 946 15.95 35.81 -24.65
N GLY B 947 16.14 36.57 -25.70
CA GLY B 947 17.32 36.43 -26.53
C GLY B 947 17.05 36.94 -27.94
N ILE B 948 17.84 36.43 -28.88
CA ILE B 948 17.75 36.87 -30.27
C ILE B 948 17.45 35.66 -31.12
N VAL B 949 16.54 35.81 -32.08
CA VAL B 949 16.32 34.76 -33.07
C VAL B 949 17.57 34.63 -33.93
N ASP B 950 18.10 33.44 -34.03
CA ASP B 950 19.38 33.28 -34.73
C ASP B 950 19.26 32.76 -36.14
N GLN B 951 18.33 31.87 -36.39
CA GLN B 951 18.27 31.15 -37.65
C GLN B 951 16.92 30.46 -37.72
N VAL B 952 16.32 30.45 -38.90
CA VAL B 952 15.00 29.86 -39.09
C VAL B 952 15.07 28.91 -40.27
N LEU B 953 14.83 27.64 -39.99
CA LEU B 953 14.82 26.60 -41.00
C LEU B 953 13.41 26.44 -41.52
N LEU B 954 13.25 26.40 -42.83
CA LEU B 954 11.96 26.11 -43.44
C LEU B 954 12.10 24.97 -44.43
N THR B 955 11.26 23.95 -44.30
CA THR B 955 11.36 22.76 -45.14
C THR B 955 10.03 22.03 -45.08
N THR B 956 9.98 20.85 -45.69
CA THR B 956 8.82 19.98 -45.56
C THR B 956 9.22 18.65 -44.96
N ASN B 957 8.26 17.99 -44.35
CA ASN B 957 8.48 16.72 -43.70
C ASN B 957 8.13 15.59 -44.66
N GLN B 958 8.23 14.36 -44.15
CA GLN B 958 7.98 13.15 -44.95
C GLN B 958 6.57 13.12 -45.54
N GLU B 959 5.60 13.76 -44.89
CA GLU B 959 4.23 13.78 -45.39
C GLU B 959 3.96 14.95 -46.33
N GLY B 960 4.95 15.79 -46.60
CA GLY B 960 4.77 16.86 -47.56
C GLY B 960 4.22 18.19 -47.05
N LEU B 961 3.83 18.29 -45.79
CA LEU B 961 3.37 19.57 -45.27
C LEU B 961 4.54 20.43 -44.79
N LYS B 962 4.27 21.71 -44.59
CA LYS B 962 5.32 22.65 -44.23
C LYS B 962 5.81 22.41 -42.80
N PHE B 963 7.08 22.75 -42.59
CA PHE B 963 7.79 22.37 -41.39
C PHE B 963 8.83 23.42 -41.06
N VAL B 964 8.83 23.94 -39.84
CA VAL B 964 9.73 25.04 -39.49
C VAL B 964 10.47 24.68 -38.21
N LYS B 965 11.67 25.25 -38.06
CA LYS B 965 12.39 25.28 -36.80
C LYS B 965 12.97 26.66 -36.57
N VAL B 966 12.82 27.17 -35.35
CA VAL B 966 13.35 28.47 -34.98
C VAL B 966 14.34 28.28 -33.85
N ARG B 967 15.61 28.63 -34.07
CA ARG B 967 16.59 28.53 -33.02
C ARG B 967 16.80 29.91 -32.41
N MET B 968 16.72 30.00 -31.08
CA MET B 968 16.98 31.25 -30.39
C MET B 968 18.28 31.11 -29.62
N ARG B 969 19.10 32.16 -29.63
CA ARG B 969 20.34 32.22 -28.86
C ARG B 969 20.27 33.35 -27.86
N THR B 970 20.80 33.11 -26.67
CA THR B 970 21.08 34.17 -25.74
C THR B 970 22.41 33.89 -25.06
N THR B 971 22.88 34.85 -24.28
CA THR B 971 24.13 34.71 -23.57
C THR B 971 23.86 34.76 -22.07
N LYS B 972 24.39 33.79 -21.35
CA LYS B 972 24.25 33.69 -19.91
C LYS B 972 25.54 34.11 -19.25
N VAL B 973 25.45 35.10 -18.40
CA VAL B 973 26.60 35.72 -17.72
C VAL B 973 26.55 35.27 -16.27
N PRO B 974 27.67 34.76 -15.71
CA PRO B 974 27.67 34.27 -14.33
C PRO B 974 27.18 35.32 -13.35
N GLN B 975 26.43 34.88 -12.35
CA GLN B 975 25.89 35.81 -11.38
C GLN B 975 25.68 35.03 -10.11
N ILE B 976 25.39 35.75 -9.02
CA ILE B 976 25.02 35.20 -7.72
C ILE B 976 24.04 34.05 -7.90
N GLY B 977 24.34 32.90 -7.32
CA GLY B 977 23.48 31.76 -7.41
C GLY B 977 23.91 30.72 -8.43
N ASP B 978 24.70 31.07 -9.43
CA ASP B 978 25.15 30.08 -10.39
C ASP B 978 26.16 29.12 -9.77
N LYS B 979 26.22 27.93 -10.33
CA LYS B 979 26.92 26.81 -9.72
C LYS B 979 28.21 26.49 -10.46
N PHE B 980 29.27 26.16 -9.71
CA PHE B 980 30.60 25.87 -10.24
C PHE B 980 31.22 24.76 -9.43
N ALA B 981 32.19 24.09 -10.02
CA ALA B 981 32.84 22.99 -9.33
C ALA B 981 34.22 22.78 -9.91
N SER B 982 35.17 22.43 -9.06
CA SER B 982 36.44 21.90 -9.50
C SER B 982 36.25 20.43 -9.84
N ARG B 983 37.29 19.75 -10.28
CA ARG B 983 37.08 18.37 -10.68
C ARG B 983 37.19 17.38 -9.52
N HIS B 984 36.93 17.79 -8.30
CA HIS B 984 37.10 16.91 -7.15
C HIS B 984 35.87 16.87 -6.27
N GLY B 985 34.70 17.12 -6.84
CA GLY B 985 33.52 17.10 -6.02
C GLY B 985 33.37 18.26 -5.08
N GLN B 986 34.01 19.38 -5.37
CA GLN B 986 34.05 20.55 -4.50
C GLN B 986 33.22 21.56 -5.27
N LYS B 987 31.93 21.61 -4.98
CA LYS B 987 30.99 22.38 -5.77
C LYS B 987 30.43 23.51 -4.92
N GLY B 988 30.00 24.57 -5.59
CA GLY B 988 29.49 25.70 -4.87
C GLY B 988 28.77 26.70 -5.75
N THR B 989 28.02 27.56 -5.09
CA THR B 989 27.37 28.68 -5.75
C THR B 989 28.06 29.99 -5.37
N ILE B 990 27.93 30.98 -6.25
CA ILE B 990 28.52 32.28 -5.99
C ILE B 990 27.75 32.97 -4.88
N GLY B 991 28.45 33.40 -3.85
CA GLY B 991 27.80 34.08 -2.76
C GLY B 991 27.77 35.59 -2.90
N VAL B 992 28.77 36.16 -3.58
CA VAL B 992 28.80 37.60 -3.81
C VAL B 992 29.83 37.84 -4.90
N THR B 993 29.77 39.01 -5.53
CA THR B 993 30.84 39.44 -6.39
C THR B 993 31.52 40.69 -5.84
N TYR B 994 32.83 40.77 -6.08
CA TYR B 994 33.66 41.90 -5.73
C TYR B 994 34.41 42.43 -6.93
N ARG B 995 34.48 43.75 -7.05
CA ARG B 995 35.25 44.34 -8.13
C ARG B 995 36.73 44.14 -7.85
N HIS B 996 37.55 44.34 -8.90
CA HIS B 996 39.00 44.16 -8.87
C HIS B 996 39.71 44.73 -7.65
N GLU B 997 39.41 45.97 -7.29
CA GLU B 997 40.20 46.62 -6.28
C GLU B 997 39.87 46.19 -4.86
N ASP B 998 38.75 45.52 -4.63
CA ASP B 998 38.45 45.04 -3.29
C ASP B 998 39.00 43.65 -3.00
N MET B 999 39.46 42.92 -4.02
CA MET B 999 40.00 41.61 -3.77
C MET B 999 41.33 41.70 -3.04
N PRO B 1000 41.69 40.67 -2.26
CA PRO B 1000 43.07 40.57 -1.77
C PRO B 1000 44.02 40.35 -2.93
N PHE B 1001 45.23 40.86 -2.79
CA PHE B 1001 46.21 40.73 -3.84
C PHE B 1001 47.55 40.31 -3.29
N SER B 1002 48.31 39.61 -4.11
CA SER B 1002 49.69 39.29 -3.80
C SER B 1002 50.56 40.47 -4.17
N ALA B 1003 51.79 40.44 -3.68
CA ALA B 1003 52.77 41.49 -3.94
C ALA B 1003 52.96 41.78 -5.43
N GLU B 1004 52.94 40.76 -6.27
CA GLU B 1004 52.99 40.96 -7.72
C GLU B 1004 51.74 41.60 -8.31
N GLY B 1005 50.70 41.87 -7.53
CA GLY B 1005 49.49 42.46 -8.04
C GLY B 1005 48.55 41.49 -8.72
N ILE B 1006 48.76 40.20 -8.54
CA ILE B 1006 47.87 39.17 -9.02
C ILE B 1006 46.69 39.09 -8.05
N VAL B 1007 45.48 39.12 -8.57
CA VAL B 1007 44.34 38.96 -7.66
C VAL B 1007 43.66 37.65 -8.04
N PRO B 1008 43.02 36.94 -7.12
CA PRO B 1008 42.36 35.71 -7.50
C PRO B 1008 41.10 36.03 -8.26
N ASP B 1009 40.77 35.16 -9.21
CA ASP B 1009 39.45 35.14 -9.82
C ASP B 1009 38.35 34.64 -8.89
N LEU B 1010 38.68 33.94 -7.82
CA LEU B 1010 37.70 33.09 -7.17
C LEU B 1010 38.25 32.69 -5.80
N ILE B 1011 37.45 32.81 -4.76
CA ILE B 1011 37.84 32.45 -3.40
C ILE B 1011 36.93 31.36 -2.85
N ILE B 1012 37.49 30.19 -2.61
CA ILE B 1012 36.79 29.11 -1.95
C ILE B 1012 37.18 29.11 -0.48
N ASN B 1013 36.49 28.29 0.30
CA ASN B 1013 36.54 28.39 1.76
C ASN B 1013 37.47 27.32 2.29
N PRO B 1014 38.32 27.62 3.27
CA PRO B 1014 39.21 26.58 3.84
C PRO B 1014 38.50 25.41 4.48
N HIS B 1015 37.27 25.59 4.97
CA HIS B 1015 36.58 24.50 5.65
C HIS B 1015 36.09 23.41 4.71
N ALA B 1016 36.18 23.63 3.40
CA ALA B 1016 35.80 22.59 2.46
C ALA B 1016 36.79 21.45 2.40
N ILE B 1017 37.98 21.61 2.96
CA ILE B 1017 39.07 20.66 2.73
C ILE B 1017 39.14 19.59 3.82
N PRO B 1018 39.24 19.89 5.14
CA PRO B 1018 39.70 18.84 6.06
C PRO B 1018 38.72 17.71 6.27
N SER B 1019 37.42 17.97 6.26
CA SER B 1019 36.50 16.86 6.44
C SER B 1019 36.20 16.15 5.15
N ARG B 1020 36.34 16.83 4.02
CA ARG B 1020 36.11 16.12 2.77
C ARG B 1020 37.35 15.36 2.30
N MET B 1021 38.52 15.79 2.76
CA MET B 1021 39.83 15.15 2.50
C MET B 1021 40.13 15.03 1.01
N THR B 1022 39.80 16.08 0.26
CA THR B 1022 40.16 16.17 -1.15
C THR B 1022 41.56 16.75 -1.27
N VAL B 1023 42.55 15.98 -0.80
CA VAL B 1023 43.93 16.44 -0.83
C VAL B 1023 44.42 16.61 -2.25
N ALA B 1024 43.88 15.82 -3.19
CA ALA B 1024 44.20 15.94 -4.61
C ALA B 1024 43.92 17.33 -5.15
N HIS B 1025 42.92 18.02 -4.59
CA HIS B 1025 42.59 19.37 -5.05
C HIS B 1025 43.74 20.31 -4.76
N LEU B 1026 44.31 20.20 -3.55
CA LEU B 1026 45.47 21.02 -3.19
C LEU B 1026 46.69 20.70 -4.06
N ILE B 1027 47.04 19.42 -4.20
CA ILE B 1027 48.17 19.01 -5.03
C ILE B 1027 48.01 19.47 -6.48
N GLU B 1028 46.78 19.45 -7.01
CA GLU B 1028 46.55 19.94 -8.37
C GLU B 1028 46.89 21.42 -8.48
N CYS B 1029 46.52 22.18 -7.44
CA CYS B 1029 46.82 23.61 -7.42
C CYS B 1029 48.32 23.83 -7.40
N LEU B 1030 49.03 23.13 -6.52
CA LEU B 1030 50.48 23.19 -6.43
C LEU B 1030 51.14 22.84 -7.75
N LEU B 1031 50.75 21.70 -8.35
CA LEU B 1031 51.32 21.26 -9.62
C LEU B 1031 51.06 22.25 -10.74
N SER B 1032 49.88 22.85 -10.77
CA SER B 1032 49.56 23.76 -11.85
C SER B 1032 50.31 25.07 -11.74
N LYS B 1033 50.59 25.51 -10.52
CA LYS B 1033 51.44 26.67 -10.29
C LYS B 1033 52.81 26.46 -10.95
N VAL B 1034 53.48 25.35 -10.59
CA VAL B 1034 54.75 24.97 -11.22
C VAL B 1034 54.60 24.94 -12.73
N GLY B 1035 53.51 24.34 -13.20
CA GLY B 1035 53.32 24.15 -14.64
C GLY B 1035 53.19 25.44 -15.42
N SER B 1036 52.56 26.45 -14.82
CA SER B 1036 52.38 27.69 -15.55
C SER B 1036 53.63 28.55 -15.51
N ILE B 1037 54.45 28.44 -14.47
CA ILE B 1037 55.71 29.17 -14.43
C ILE B 1037 56.70 28.61 -15.46
N ARG B 1038 56.88 27.29 -15.47
CA ARG B 1038 57.87 26.72 -16.38
C ARG B 1038 57.31 26.51 -17.77
N GLY B 1039 56.01 26.61 -17.94
CA GLY B 1039 55.43 26.48 -19.26
C GLY B 1039 55.17 25.09 -19.80
N TYR B 1040 54.58 24.20 -19.02
CA TYR B 1040 54.10 22.95 -19.58
C TYR B 1040 52.93 22.48 -18.73
N GLU B 1041 52.22 21.49 -19.23
CA GLU B 1041 51.16 20.87 -18.47
C GLU B 1041 51.71 19.65 -17.73
N GLY B 1042 51.67 19.72 -16.40
CA GLY B 1042 52.18 18.62 -15.60
C GLY B 1042 51.38 17.36 -15.83
N ASP B 1043 52.06 16.22 -15.69
CA ASP B 1043 51.42 14.92 -15.86
C ASP B 1043 50.90 14.52 -14.49
N ALA B 1044 49.58 14.46 -14.37
CA ALA B 1044 48.89 14.12 -13.14
C ALA B 1044 48.19 12.78 -13.22
N THR B 1045 48.65 11.90 -14.09
CA THR B 1045 48.16 10.53 -14.17
C THR B 1045 48.27 9.86 -12.80
N PRO B 1046 47.28 9.10 -12.38
CA PRO B 1046 47.41 8.37 -11.13
C PRO B 1046 48.37 7.21 -11.26
N PHE B 1047 48.95 6.83 -10.12
CA PHE B 1047 49.80 5.65 -9.97
C PHE B 1047 51.12 5.83 -10.71
N THR B 1048 51.73 7.00 -10.56
CA THR B 1048 53.06 7.30 -11.09
C THR B 1048 54.03 7.63 -9.97
N ASP B 1049 55.27 7.91 -10.37
CA ASP B 1049 56.35 8.22 -9.44
C ASP B 1049 56.38 9.64 -8.95
N LEU B 1050 55.52 10.51 -9.49
CA LEU B 1050 55.47 11.91 -9.06
C LEU B 1050 55.13 12.05 -7.58
N THR B 1051 55.93 12.81 -6.86
CA THR B 1051 55.70 13.05 -5.44
C THR B 1051 55.51 14.54 -5.23
N VAL B 1052 54.92 14.87 -4.07
CA VAL B 1052 54.71 16.27 -3.71
C VAL B 1052 56.03 16.99 -3.52
N ASP B 1053 57.03 16.33 -2.92
CA ASP B 1053 58.33 16.94 -2.69
C ASP B 1053 59.05 17.29 -3.98
N ALA B 1054 58.92 16.45 -5.01
CA ALA B 1054 59.57 16.75 -6.28
C ALA B 1054 58.98 17.99 -6.91
N VAL B 1055 57.66 18.16 -6.84
CA VAL B 1055 57.01 19.36 -7.34
C VAL B 1055 57.39 20.58 -6.51
N SER B 1056 57.46 20.41 -5.18
CA SER B 1056 57.83 21.50 -4.29
C SER B 1056 59.25 22.02 -4.52
N ASN B 1057 60.19 21.12 -4.82
CA ASN B 1057 61.57 21.53 -5.11
C ASN B 1057 61.66 22.43 -6.33
N LEU B 1058 60.97 22.07 -7.41
CA LEU B 1058 60.93 22.91 -8.60
C LEU B 1058 60.38 24.30 -8.30
N LEU B 1059 59.28 24.35 -7.54
CA LEU B 1059 58.61 25.62 -7.25
C LEU B 1059 59.49 26.59 -6.49
N ARG B 1060 60.25 26.10 -5.48
CA ARG B 1060 61.08 27.01 -4.68
C ARG B 1060 62.21 27.60 -5.53
N ASP B 1061 62.78 26.79 -6.43
CA ASP B 1061 63.81 27.25 -7.36
C ASP B 1061 63.34 28.32 -8.34
N ASN B 1062 62.06 28.68 -8.37
CA ASN B 1062 61.55 29.71 -9.25
C ASN B 1062 61.17 30.96 -8.48
N GLY B 1063 61.49 31.03 -7.19
CA GLY B 1063 61.31 32.24 -6.42
C GLY B 1063 60.05 32.31 -5.60
N TYR B 1064 59.24 31.27 -5.58
CA TYR B 1064 58.01 31.23 -4.80
C TYR B 1064 58.19 30.30 -3.60
N GLN B 1065 57.46 30.59 -2.53
CA GLN B 1065 57.44 29.71 -1.36
C GLN B 1065 56.99 28.31 -1.76
N SER B 1066 57.64 27.29 -1.19
CA SER B 1066 57.62 25.98 -1.82
C SER B 1066 56.29 25.26 -1.64
N ARG B 1067 55.50 25.64 -0.66
CA ARG B 1067 54.23 24.96 -0.44
C ARG B 1067 53.05 25.66 -1.09
N GLY B 1068 53.31 26.68 -1.90
CA GLY B 1068 52.26 27.35 -2.62
C GLY B 1068 51.73 28.61 -1.98
N PHE B 1069 52.08 28.88 -0.74
CA PHE B 1069 51.60 30.07 -0.06
C PHE B 1069 52.22 31.31 -0.66
N GLU B 1070 51.56 32.45 -0.45
CA GLU B 1070 52.06 33.76 -0.82
C GLU B 1070 51.52 34.74 0.18
N VAL B 1071 52.35 35.72 0.54
CA VAL B 1071 51.89 36.86 1.31
C VAL B 1071 50.85 37.61 0.50
N MET B 1072 49.77 38.01 1.15
CA MET B 1072 48.74 38.75 0.44
C MET B 1072 48.28 39.90 1.30
N TYR B 1073 47.64 40.86 0.67
CA TYR B 1073 47.31 42.14 1.28
C TYR B 1073 45.81 42.34 1.24
N ASN B 1074 45.24 42.84 2.32
CA ASN B 1074 43.82 43.11 2.33
C ASN B 1074 43.50 44.28 1.41
N GLY B 1075 42.47 44.11 0.59
CA GLY B 1075 42.17 45.12 -0.40
C GLY B 1075 41.54 46.38 0.16
N HIS B 1076 40.84 46.27 1.30
CA HIS B 1076 40.18 47.46 1.83
C HIS B 1076 41.17 48.44 2.43
N THR B 1077 42.18 47.93 3.12
CA THR B 1077 43.06 48.77 3.92
C THR B 1077 44.49 48.83 3.44
N GLY B 1078 44.92 47.90 2.60
CA GLY B 1078 46.32 47.77 2.28
C GLY B 1078 47.17 47.11 3.34
N LYS B 1079 46.61 46.79 4.50
CA LYS B 1079 47.37 46.14 5.56
C LYS B 1079 47.59 44.68 5.19
N LYS B 1080 48.77 44.14 5.54
CA LYS B 1080 48.99 42.70 5.38
C LYS B 1080 47.99 41.86 6.15
N LEU B 1081 47.69 40.69 5.62
CA LEU B 1081 46.97 39.70 6.38
C LEU B 1081 47.99 38.98 7.25
N MET B 1082 47.64 38.78 8.53
CA MET B 1082 48.50 38.05 9.44
C MET B 1082 48.79 36.62 9.00
N ALA B 1083 47.96 36.04 8.15
CA ALA B 1083 48.15 34.69 7.67
C ALA B 1083 48.42 34.72 6.18
N GLN B 1084 49.23 33.80 5.71
CA GLN B 1084 49.47 33.68 4.28
C GLN B 1084 48.48 32.72 3.64
N VAL B 1085 48.24 32.92 2.35
CA VAL B 1085 47.10 32.36 1.65
C VAL B 1085 47.60 31.46 0.53
N PHE B 1086 47.16 30.20 0.56
CA PHE B 1086 47.32 29.26 -0.55
C PHE B 1086 46.68 29.77 -1.82
N PHE B 1087 47.46 29.82 -2.89
CA PHE B 1087 47.15 30.64 -4.05
C PHE B 1087 47.69 30.00 -5.32
N GLY B 1088 46.85 29.88 -6.34
CA GLY B 1088 47.27 29.29 -7.59
C GLY B 1088 46.14 28.87 -8.53
N PRO B 1089 46.49 28.45 -9.75
CA PRO B 1089 45.48 28.05 -10.73
C PRO B 1089 44.83 26.72 -10.40
N THR B 1090 43.53 26.63 -10.65
CA THR B 1090 42.77 25.38 -10.56
C THR B 1090 41.72 25.33 -11.66
N TYR B 1091 41.52 24.15 -12.24
CA TYR B 1091 40.57 23.97 -13.32
C TYR B 1091 39.16 23.96 -12.77
N TYR B 1092 38.31 24.88 -13.20
CA TYR B 1092 36.98 24.88 -12.66
C TYR B 1092 35.99 24.69 -13.80
N GLN B 1093 34.92 23.96 -13.52
CA GLN B 1093 33.91 23.68 -14.53
C GLN B 1093 32.54 24.28 -14.21
N ARG B 1094 31.94 24.88 -15.24
CA ARG B 1094 30.61 25.50 -15.15
C ARG B 1094 29.44 24.54 -15.39
N LEU B 1095 28.71 24.22 -14.33
CA LEU B 1095 27.63 23.24 -14.41
C LEU B 1095 26.33 23.90 -14.87
N ARG B 1096 25.41 23.05 -15.36
CA ARG B 1096 24.16 23.48 -15.98
C ARG B 1096 23.16 24.16 -15.03
N HIS B 1097 23.36 24.14 -13.72
CA HIS B 1097 22.33 24.64 -12.81
C HIS B 1097 22.57 26.12 -12.54
N MET B 1098 21.75 26.94 -13.15
CA MET B 1098 21.78 28.39 -13.04
C MET B 1098 20.48 28.89 -12.44
N VAL B 1099 20.58 29.91 -11.58
CA VAL B 1099 19.47 30.35 -10.74
C VAL B 1099 18.28 30.82 -11.58
N ASP B 1100 18.53 31.46 -12.72
CA ASP B 1100 17.39 31.94 -13.50
C ASP B 1100 16.68 30.81 -14.25
N ASP B 1101 17.17 29.58 -14.16
CA ASP B 1101 16.44 28.42 -14.62
C ASP B 1101 15.63 27.78 -13.50
N LYS B 1102 15.71 28.28 -12.28
CA LYS B 1102 15.05 27.67 -11.14
C LYS B 1102 14.09 28.59 -10.42
N ILE B 1103 14.39 29.90 -10.35
CA ILE B 1103 13.57 30.88 -9.64
C ILE B 1103 12.12 30.78 -10.11
N HIS B 1104 11.20 30.84 -9.16
CA HIS B 1104 9.78 30.72 -9.51
C HIS B 1104 8.94 31.36 -8.44
N ALA B 1105 7.90 32.07 -8.85
CA ALA B 1105 6.93 32.63 -7.94
C ALA B 1105 5.53 32.56 -8.53
N ARG B 1106 4.53 32.39 -7.68
CA ARG B 1106 3.15 32.39 -8.14
C ARG B 1106 2.25 33.19 -7.21
N ALA B 1107 1.53 34.16 -7.76
CA ALA B 1107 0.47 34.77 -6.97
C ALA B 1107 -0.81 33.96 -7.15
N ARG B 1108 -1.65 34.38 -8.09
CA ARG B 1108 -2.71 33.55 -8.64
C ARG B 1108 -2.32 33.09 -10.04
N GLY B 1109 -3.08 32.14 -10.59
CA GLY B 1109 -2.75 31.65 -11.91
C GLY B 1109 -3.62 30.49 -12.36
N PRO B 1110 -3.15 29.76 -13.38
CA PRO B 1110 -4.01 28.75 -14.00
C PRO B 1110 -4.24 27.59 -13.05
N VAL B 1111 -5.39 26.94 -13.20
CA VAL B 1111 -5.74 25.81 -12.37
C VAL B 1111 -6.01 24.58 -13.23
N GLN B 1112 -6.01 23.42 -12.58
CA GLN B 1112 -6.38 22.20 -13.27
C GLN B 1112 -7.89 22.16 -13.45
N VAL B 1113 -8.32 21.64 -14.60
CA VAL B 1113 -9.75 21.53 -14.88
C VAL B 1113 -10.44 20.62 -13.88
N LEU B 1114 -9.80 19.52 -13.53
CA LEU B 1114 -10.41 18.47 -12.71
C LEU B 1114 -10.49 18.80 -11.22
N THR B 1115 -9.44 19.35 -10.63
CA THR B 1115 -9.41 19.60 -9.20
C THR B 1115 -9.58 21.06 -8.80
N ARG B 1116 -9.50 21.99 -9.75
CA ARG B 1116 -9.47 23.45 -9.54
C ARG B 1116 -8.41 23.91 -8.54
N GLN B 1117 -7.35 23.15 -8.39
CA GLN B 1117 -6.11 23.38 -7.67
C GLN B 1117 -5.01 23.84 -8.63
N PRO B 1118 -4.09 24.68 -8.15
CA PRO B 1118 -2.99 25.18 -8.99
C PRO B 1118 -2.25 24.10 -9.76
N VAL B 1119 -1.85 24.41 -10.99
CA VAL B 1119 -1.16 23.45 -11.85
C VAL B 1119 0.24 23.13 -11.38
N GLU B 1120 0.82 22.06 -11.91
CA GLU B 1120 2.17 21.63 -11.56
C GLU B 1120 3.18 22.18 -12.56
N GLY B 1121 4.27 22.77 -12.05
CA GLY B 1121 5.40 23.00 -12.93
C GLY B 1121 5.69 24.45 -13.27
N ARG B 1122 6.97 24.83 -13.15
CA ARG B 1122 7.55 26.08 -13.62
C ARG B 1122 7.07 26.53 -14.99
N SER B 1123 7.03 25.59 -15.94
CA SER B 1123 6.69 25.90 -17.33
C SER B 1123 5.23 26.20 -17.52
N ARG B 1124 4.40 25.99 -16.50
CA ARG B 1124 2.98 26.24 -16.60
C ARG B 1124 2.50 27.27 -15.56
N ASP B 1125 3.40 28.09 -15.01
CA ASP B 1125 3.11 29.00 -13.90
C ASP B 1125 2.55 28.27 -12.69
N GLY B 1126 3.15 27.14 -12.34
CA GLY B 1126 2.61 26.33 -11.25
C GLY B 1126 2.92 26.83 -9.85
N GLY B 1127 2.27 26.18 -8.89
CA GLY B 1127 2.45 26.45 -7.48
C GLY B 1127 3.20 25.35 -6.75
N LEU B 1128 3.86 25.71 -5.65
CA LEU B 1128 4.60 24.75 -4.85
C LEU B 1128 3.65 23.81 -4.09
N ARG B 1129 4.12 22.58 -3.91
CA ARG B 1129 3.37 21.57 -3.17
C ARG B 1129 3.55 21.67 -1.66
N PHE B 1130 2.46 21.93 -0.96
CA PHE B 1130 2.37 21.84 0.51
C PHE B 1130 2.05 20.40 0.90
N GLY B 1131 3.10 19.61 1.13
CA GLY B 1131 2.96 18.18 1.28
C GLY B 1131 2.58 17.75 2.67
N GLU B 1132 2.56 16.41 2.87
CA GLU B 1132 2.12 15.86 4.15
C GLU B 1132 3.05 16.23 5.28
N MET B 1133 4.35 16.35 5.01
CA MET B 1133 5.31 16.65 6.06
C MET B 1133 5.24 18.10 6.50
N GLU B 1134 4.86 19.02 5.61
CA GLU B 1134 4.68 20.41 6.00
C GLU B 1134 3.43 20.61 6.84
N ARG B 1135 2.37 19.87 6.53
CA ARG B 1135 1.19 19.79 7.39
C ARG B 1135 1.56 19.48 8.83
N ASP B 1136 2.36 18.43 9.06
CA ASP B 1136 2.75 18.05 10.42
C ASP B 1136 3.49 19.14 11.18
N CYS B 1137 4.38 19.86 10.50
CA CYS B 1137 5.14 20.95 11.13
C CYS B 1137 4.22 22.03 11.68
N MET B 1138 3.17 22.38 10.94
CA MET B 1138 2.28 23.42 11.44
C MET B 1138 1.47 22.93 12.64
N ILE B 1139 1.13 21.64 12.69
CA ILE B 1139 0.50 21.08 13.87
C ILE B 1139 1.41 21.21 15.09
N ALA B 1140 2.70 20.87 14.92
CA ALA B 1140 3.67 20.96 16.02
C ALA B 1140 3.80 22.39 16.52
N HIS B 1141 3.81 23.36 15.62
CA HIS B 1141 3.82 24.75 16.03
C HIS B 1141 2.51 25.16 16.72
N GLY B 1142 1.46 24.36 16.59
CA GLY B 1142 0.14 24.70 17.02
C GLY B 1142 -0.51 25.83 16.25
N ALA B 1143 -0.09 26.06 15.02
CA ALA B 1143 -0.63 27.17 14.24
C ALA B 1143 -1.82 26.69 13.42
N ALA B 1144 -2.91 26.41 14.13
CA ALA B 1144 -4.11 25.83 13.52
C ALA B 1144 -4.76 26.80 12.57
N GLY B 1145 -4.80 28.08 12.93
CA GLY B 1145 -5.40 29.09 12.06
C GLY B 1145 -4.68 29.20 10.73
N PHE B 1146 -3.35 29.25 10.76
CA PHE B 1146 -2.57 29.32 9.53
C PHE B 1146 -2.80 28.14 8.62
N LEU B 1147 -2.89 26.94 9.20
CA LEU B 1147 -3.03 25.73 8.39
C LEU B 1147 -4.37 25.71 7.66
N LYS B 1148 -5.46 26.08 8.35
CA LYS B 1148 -6.77 26.23 7.71
C LYS B 1148 -6.74 27.15 6.51
N GLU B 1149 -6.20 28.36 6.67
CA GLU B 1149 -6.17 29.33 5.59
C GLU B 1149 -5.39 28.83 4.37
N ARG B 1150 -4.18 28.28 4.59
CA ARG B 1150 -3.35 27.72 3.51
C ARG B 1150 -4.11 26.75 2.64
N LEU B 1151 -4.92 25.90 3.24
CA LEU B 1151 -5.50 24.79 2.51
C LEU B 1151 -6.89 25.14 1.99
N MET B 1152 -7.35 26.37 2.22
CA MET B 1152 -8.65 26.79 1.74
C MET B 1152 -8.65 28.09 0.94
N GLU B 1153 -8.54 29.23 1.65
CA GLU B 1153 -8.58 30.55 1.03
C GLU B 1153 -7.45 30.75 0.02
N ALA B 1154 -6.29 30.19 0.31
CA ALA B 1154 -5.12 30.29 -0.54
C ALA B 1154 -5.04 29.17 -1.55
N SER B 1155 -6.12 28.41 -1.72
CA SER B 1155 -6.17 27.36 -2.72
C SER B 1155 -7.55 27.21 -3.34
N ASP B 1156 -8.20 26.08 -3.09
CA ASP B 1156 -9.37 25.60 -3.83
C ASP B 1156 -10.68 25.65 -3.05
N ALA B 1157 -10.86 26.70 -2.24
CA ALA B 1157 -12.09 26.92 -1.46
C ALA B 1157 -13.33 26.93 -2.34
N PHE B 1158 -14.37 26.26 -1.85
CA PHE B 1158 -15.61 26.07 -2.60
C PHE B 1158 -16.77 26.12 -1.63
N ARG B 1159 -17.89 26.68 -2.09
CA ARG B 1159 -19.13 26.72 -1.31
C ARG B 1159 -20.13 25.69 -1.83
N VAL B 1160 -20.67 24.88 -0.92
CA VAL B 1160 -21.71 23.91 -1.27
C VAL B 1160 -22.91 24.15 -0.36
N HIS B 1161 -24.06 23.68 -0.83
CA HIS B 1161 -25.30 23.66 -0.07
C HIS B 1161 -25.70 22.25 0.34
N VAL B 1162 -26.12 22.08 1.59
CA VAL B 1162 -26.59 20.78 2.03
C VAL B 1162 -28.01 20.88 2.57
N CYS B 1163 -28.69 19.74 2.57
CA CYS B 1163 -30.05 19.64 3.10
C CYS B 1163 -29.94 19.31 4.58
N GLY B 1164 -30.63 20.07 5.41
CA GLY B 1164 -30.58 19.83 6.85
C GLY B 1164 -31.20 18.52 7.30
N ILE B 1165 -31.96 17.85 6.45
CA ILE B 1165 -32.65 16.63 6.84
C ILE B 1165 -31.85 15.41 6.44
N CYS B 1166 -31.53 15.29 5.16
CA CYS B 1166 -30.82 14.13 4.65
C CYS B 1166 -29.32 14.31 4.54
N GLY B 1167 -28.81 15.53 4.73
CA GLY B 1167 -27.36 15.70 4.80
C GLY B 1167 -26.60 15.55 3.50
N LEU B 1168 -27.28 15.42 2.37
CA LEU B 1168 -26.61 15.27 1.08
C LEU B 1168 -26.42 16.62 0.42
N MET B 1169 -25.50 16.67 -0.54
CA MET B 1169 -25.29 17.86 -1.34
C MET B 1169 -26.24 17.91 -2.53
N SER B 1170 -27.50 17.60 -2.31
CA SER B 1170 -28.52 17.50 -3.36
C SER B 1170 -29.33 18.76 -3.51
N VAL B 1171 -28.84 19.88 -3.07
CA VAL B 1171 -29.67 21.07 -3.11
C VAL B 1171 -29.50 21.71 -4.48
N ILE B 1172 -30.61 22.17 -5.04
CA ILE B 1172 -30.64 22.89 -6.29
C ILE B 1172 -30.89 24.34 -5.94
N ALA B 1173 -29.89 25.18 -6.20
CA ALA B 1173 -29.86 26.54 -5.66
C ALA B 1173 -29.78 27.51 -6.81
N ASN B 1174 -30.87 28.21 -7.07
CA ASN B 1174 -30.86 29.32 -8.02
C ASN B 1174 -30.74 30.60 -7.21
N LEU B 1175 -29.60 31.28 -7.32
CA LEU B 1175 -29.32 32.38 -6.42
C LEU B 1175 -29.96 33.68 -6.87
N LYS B 1176 -30.15 33.87 -8.17
CA LYS B 1176 -30.86 35.06 -8.60
C LYS B 1176 -32.35 34.93 -8.38
N LYS B 1177 -32.91 33.71 -8.47
CA LYS B 1177 -34.32 33.57 -8.11
C LYS B 1177 -34.53 33.41 -6.61
N ASN B 1178 -33.46 33.15 -5.86
CA ASN B 1178 -33.45 33.03 -4.40
C ASN B 1178 -34.39 31.90 -3.92
N GLN B 1179 -34.38 30.77 -4.62
CA GLN B 1179 -35.22 29.64 -4.27
C GLN B 1179 -34.37 28.39 -4.20
N PHE B 1180 -34.54 27.63 -3.13
CA PHE B 1180 -33.78 26.42 -2.86
C PHE B 1180 -34.72 25.27 -2.58
N GLU B 1181 -34.35 24.07 -3.04
CA GLU B 1181 -35.18 22.91 -2.80
C GLU B 1181 -34.34 21.64 -2.88
N CYS B 1182 -34.39 20.85 -1.81
CA CYS B 1182 -34.01 19.46 -1.86
C CYS B 1182 -35.29 18.70 -2.20
N ARG B 1183 -35.37 18.23 -3.43
CA ARG B 1183 -36.55 17.53 -3.94
C ARG B 1183 -36.87 16.26 -3.17
N SER B 1184 -35.83 15.56 -2.71
CA SER B 1184 -36.04 14.31 -1.98
C SER B 1184 -36.74 14.54 -0.66
N CYS B 1185 -36.34 15.55 0.11
CA CYS B 1185 -36.97 15.79 1.39
C CYS B 1185 -38.17 16.72 1.31
N LYS B 1186 -38.47 17.28 0.12
CA LYS B 1186 -39.49 18.31 -0.06
C LYS B 1186 -39.28 19.44 0.95
N ASN B 1187 -38.05 19.95 1.00
CA ASN B 1187 -37.61 20.83 2.06
C ASN B 1187 -37.06 22.08 1.40
N LYS B 1188 -37.66 23.23 1.72
CA LYS B 1188 -37.22 24.52 1.21
C LYS B 1188 -36.78 25.44 2.32
N THR B 1189 -36.66 24.96 3.55
CA THR B 1189 -36.40 25.85 4.67
C THR B 1189 -35.20 25.44 5.50
N ASN B 1190 -34.97 24.14 5.70
CA ASN B 1190 -33.89 23.67 6.54
C ASN B 1190 -32.69 23.34 5.67
N ILE B 1191 -31.94 24.37 5.26
CA ILE B 1191 -30.87 24.21 4.28
C ILE B 1191 -29.69 25.06 4.74
N TYR B 1192 -28.49 24.49 4.68
CA TYR B 1192 -27.28 25.14 5.15
C TYR B 1192 -26.26 25.25 4.03
N GLN B 1193 -25.39 26.25 4.11
CA GLN B 1193 -24.21 26.32 3.26
C GLN B 1193 -22.93 26.01 4.02
N LEU B 1194 -21.99 25.39 3.32
CA LEU B 1194 -20.71 24.99 3.86
C LEU B 1194 -19.60 25.56 3.01
N HIS B 1195 -18.44 25.76 3.63
CA HIS B 1195 -17.20 26.03 2.93
C HIS B 1195 -16.32 24.79 3.08
N ILE B 1196 -16.08 24.09 1.98
CA ILE B 1196 -15.21 22.92 2.01
C ILE B 1196 -14.26 23.01 0.82
N PRO B 1197 -13.12 22.29 0.88
CA PRO B 1197 -12.27 22.19 -0.30
C PRO B 1197 -12.99 21.59 -1.49
N TYR B 1198 -12.71 22.15 -2.68
CA TYR B 1198 -13.21 21.58 -3.92
C TYR B 1198 -12.83 20.12 -4.07
N ALA B 1199 -11.58 19.77 -3.75
CA ALA B 1199 -11.17 18.38 -3.85
C ALA B 1199 -11.93 17.47 -2.88
N ALA B 1200 -12.50 18.02 -1.82
CA ALA B 1200 -13.35 17.23 -0.94
C ALA B 1200 -14.74 17.04 -1.53
N LYS B 1201 -15.30 18.10 -2.11
CA LYS B 1201 -16.55 18.01 -2.88
C LYS B 1201 -16.43 16.97 -3.97
N LEU B 1202 -15.30 16.98 -4.68
CA LEU B 1202 -15.03 16.00 -5.73
C LEU B 1202 -15.03 14.60 -5.14
N LEU B 1203 -14.33 14.41 -4.03
CA LEU B 1203 -14.24 13.12 -3.36
C LEU B 1203 -15.62 12.56 -3.04
N PHE B 1204 -16.52 13.39 -2.48
CA PHE B 1204 -17.85 12.92 -2.12
C PHE B 1204 -18.67 12.53 -3.35
N GLN B 1205 -18.55 13.29 -4.44
CA GLN B 1205 -19.24 12.87 -5.66
C GLN B 1205 -18.68 11.57 -6.21
N GLU B 1206 -17.38 11.32 -6.08
CA GLU B 1206 -16.89 10.01 -6.51
C GLU B 1206 -17.41 8.91 -5.60
N LEU B 1207 -17.58 9.19 -4.30
CA LEU B 1207 -18.13 8.17 -3.41
C LEU B 1207 -19.60 7.90 -3.72
N MET B 1208 -20.38 8.96 -3.98
CA MET B 1208 -21.78 8.78 -4.40
C MET B 1208 -21.89 7.91 -5.63
N ALA B 1209 -20.98 8.08 -6.59
CA ALA B 1209 -21.00 7.28 -7.81
C ALA B 1209 -20.74 5.80 -7.55
N MET B 1210 -20.18 5.45 -6.40
CA MET B 1210 -20.01 4.06 -6.01
C MET B 1210 -21.01 3.64 -4.94
N ASN B 1211 -22.15 4.33 -4.85
CA ASN B 1211 -23.26 4.02 -3.96
C ASN B 1211 -22.93 4.23 -2.49
N ILE B 1212 -21.90 5.00 -2.18
CA ILE B 1212 -21.61 5.32 -0.79
C ILE B 1212 -22.23 6.69 -0.51
N ALA B 1213 -23.01 6.79 0.56
CA ALA B 1213 -23.64 8.04 0.98
C ALA B 1213 -22.86 8.75 2.07
N PRO B 1214 -22.16 9.82 1.78
CA PRO B 1214 -21.54 10.60 2.85
C PRO B 1214 -22.38 11.76 3.33
N ARG B 1215 -23.05 11.59 4.46
CA ARG B 1215 -24.02 12.58 4.94
C ARG B 1215 -23.36 13.58 5.87
N LEU B 1216 -23.36 14.84 5.49
CA LEU B 1216 -22.75 15.91 6.27
C LEU B 1216 -23.79 16.56 7.17
N TYR B 1217 -23.70 16.35 8.48
CA TYR B 1217 -24.60 17.01 9.40
C TYR B 1217 -23.86 18.09 10.17
N THR B 1218 -24.55 19.19 10.46
CA THR B 1218 -23.91 20.30 11.15
C THR B 1218 -24.16 20.34 12.66
N GLU B 1219 -24.71 19.29 13.26
CA GLU B 1219 -24.95 19.28 14.70
C GLU B 1219 -24.80 17.86 15.24
N ARG B 1220 -24.42 17.77 16.50
CA ARG B 1220 -24.23 16.46 17.12
C ARG B 1220 -25.54 16.04 17.77
N SER B 1221 -25.55 14.84 18.33
CA SER B 1221 -26.75 14.29 18.97
C SER B 1221 -26.34 13.28 20.03
N GLY B 1222 -25.13 12.77 19.93
CA GLY B 1222 -24.65 11.75 20.85
C GLY B 1222 -25.08 10.34 20.47
N GLU C 4 55.71 67.47 2.56
CA GLU C 4 56.35 66.34 3.23
C GLU C 4 56.33 64.95 2.50
N PRO C 5 55.27 64.57 1.74
CA PRO C 5 55.39 63.37 0.90
C PRO C 5 56.50 63.44 -0.13
N LYS C 6 57.24 62.35 -0.26
CA LYS C 6 58.37 62.25 -1.18
C LYS C 6 58.20 61.05 -2.10
N VAL C 7 58.71 61.17 -3.32
CA VAL C 7 58.60 60.15 -4.36
C VAL C 7 59.98 59.96 -4.94
N ASN C 8 60.34 58.71 -5.23
CA ASN C 8 61.63 58.39 -5.84
C ASN C 8 61.30 57.32 -6.88
N ILE C 9 61.38 57.71 -8.16
CA ILE C 9 61.08 56.82 -9.28
C ILE C 9 62.25 55.89 -9.56
N ILE C 10 62.03 54.60 -9.34
CA ILE C 10 63.07 53.59 -9.54
C ILE C 10 63.25 53.28 -11.02
N ASN C 11 62.16 53.10 -11.77
CA ASN C 11 62.30 52.90 -13.20
C ASN C 11 61.11 53.54 -13.89
N ALA C 12 61.24 53.72 -15.20
CA ALA C 12 60.20 54.40 -15.95
C ALA C 12 60.30 54.05 -17.42
N GLN C 13 59.13 53.96 -18.05
CA GLN C 13 58.98 53.81 -19.50
C GLN C 13 57.54 54.20 -19.80
N ASP C 14 57.15 54.07 -21.07
CA ASP C 14 55.87 54.59 -21.54
C ASP C 14 54.69 53.98 -20.82
N ASP C 15 54.67 52.65 -20.67
CA ASP C 15 53.50 51.96 -20.16
C ASP C 15 53.63 51.38 -18.76
N GLU C 16 54.75 51.61 -18.05
CA GLU C 16 54.79 51.28 -16.64
C GLU C 16 55.80 52.13 -15.91
N VAL C 17 55.40 52.57 -14.72
CA VAL C 17 56.25 53.35 -13.84
C VAL C 17 56.38 52.58 -12.55
N GLU C 18 57.61 52.32 -12.14
CA GLU C 18 57.90 51.71 -10.86
C GLU C 18 58.40 52.82 -9.96
N LEU C 19 57.90 52.88 -8.74
CA LEU C 19 58.22 54.04 -7.94
C LEU C 19 58.12 53.70 -6.47
N MET C 20 58.86 54.45 -5.67
CA MET C 20 58.76 54.40 -4.22
C MET C 20 58.03 55.62 -3.72
N LEU C 21 57.12 55.39 -2.80
CA LEU C 21 56.28 56.41 -2.21
C LEU C 21 56.55 56.40 -0.72
N SER C 22 56.77 57.58 -0.13
CA SER C 22 57.20 57.60 1.24
C SER C 22 56.66 58.83 1.94
N ASP C 23 56.75 58.79 3.28
CA ASP C 23 56.21 59.81 4.19
C ASP C 23 54.72 60.04 3.97
N VAL C 24 53.97 58.96 3.76
CA VAL C 24 52.51 59.02 3.75
C VAL C 24 51.95 57.90 4.61
N ASN C 25 50.66 58.00 4.87
CA ASN C 25 49.92 56.99 5.59
C ASN C 25 49.60 55.83 4.66
N LEU C 26 49.57 54.63 5.24
CA LEU C 26 49.13 53.41 4.55
C LEU C 26 47.81 53.61 3.80
N SER C 27 46.84 54.25 4.45
CA SER C 27 45.52 54.44 3.84
C SER C 27 45.60 55.27 2.57
N LEU C 28 46.52 56.23 2.51
CA LEU C 28 46.63 57.06 1.32
C LEU C 28 47.26 56.28 0.18
N ALA C 29 48.26 55.45 0.48
CA ALA C 29 48.84 54.59 -0.55
C ALA C 29 47.80 53.62 -1.09
N ASN C 30 46.94 53.10 -0.21
CA ASN C 30 45.93 52.15 -0.67
C ASN C 30 44.85 52.83 -1.48
N SER C 31 44.39 54.00 -1.04
CA SER C 31 43.38 54.74 -1.78
C SER C 31 43.88 55.17 -3.14
N LEU C 32 45.17 55.47 -3.26
CA LEU C 32 45.72 55.75 -4.57
C LEU C 32 45.70 54.52 -5.46
N ARG C 33 46.07 53.35 -4.91
CA ARG C 33 45.95 52.08 -5.62
C ARG C 33 44.54 51.83 -6.14
N ARG C 34 43.54 51.99 -5.27
CA ARG C 34 42.15 51.74 -5.68
C ARG C 34 41.67 52.74 -6.72
N THR C 35 41.98 54.03 -6.54
CA THR C 35 41.51 55.06 -7.47
C THR C 35 42.02 54.83 -8.89
N MET C 36 43.30 54.45 -9.04
CA MET C 36 43.85 54.23 -10.37
C MET C 36 43.18 53.06 -11.07
N LEU C 37 42.81 52.03 -10.32
CA LEU C 37 42.14 50.87 -10.91
C LEU C 37 40.70 51.20 -11.29
N ALA C 38 40.01 51.95 -10.45
CA ALA C 38 38.55 51.97 -10.49
C ALA C 38 37.94 53.27 -10.99
N GLU C 39 38.58 54.42 -10.80
CA GLU C 39 37.89 55.68 -11.01
C GLU C 39 38.56 56.63 -11.97
N VAL C 40 39.69 56.26 -12.55
CA VAL C 40 40.34 57.10 -13.55
C VAL C 40 39.60 56.90 -14.85
N PRO C 41 38.95 57.93 -15.42
CA PRO C 41 38.12 57.72 -16.61
C PRO C 41 38.96 57.30 -17.80
N THR C 42 38.35 56.53 -18.69
CA THR C 42 38.91 56.25 -20.01
C THR C 42 37.80 56.23 -21.03
N LEU C 43 38.18 55.96 -22.27
CA LEU C 43 37.24 55.85 -23.37
C LEU C 43 37.19 54.40 -23.82
N ALA C 44 35.99 53.92 -24.14
CA ALA C 44 35.82 52.53 -24.54
C ALA C 44 34.51 52.40 -25.30
N ILE C 45 34.51 51.50 -26.29
CA ILE C 45 33.32 51.18 -27.08
C ILE C 45 32.18 50.73 -26.18
N ASP C 46 30.99 51.29 -26.40
CA ASP C 46 29.87 50.95 -25.53
C ASP C 46 28.57 50.70 -26.30
N LEU C 47 28.60 50.71 -27.63
CA LEU C 47 27.42 50.46 -28.45
C LEU C 47 27.90 50.03 -29.82
N VAL C 48 27.42 48.88 -30.28
CA VAL C 48 27.87 48.32 -31.54
C VAL C 48 26.64 48.09 -32.38
N GLU C 49 26.59 48.71 -33.54
CA GLU C 49 25.49 48.55 -34.48
C GLU C 49 25.97 47.60 -35.56
N ILE C 50 25.42 46.40 -35.58
CA ILE C 50 25.80 45.39 -36.56
C ILE C 50 24.83 45.48 -37.72
N LYS C 51 25.33 45.95 -38.87
CA LYS C 51 24.53 45.92 -40.08
C LYS C 51 24.67 44.64 -40.87
N MET C 52 25.79 43.93 -40.72
CA MET C 52 25.97 42.64 -41.38
C MET C 52 27.03 41.89 -40.61
N ASN C 53 26.76 40.63 -40.30
CA ASN C 53 27.75 39.74 -39.70
C ASN C 53 27.42 38.32 -40.15
N THR C 54 28.08 37.87 -41.20
CA THR C 54 27.95 36.50 -41.67
C THR C 54 29.17 35.65 -41.32
N SER C 55 29.94 36.04 -40.31
CA SER C 55 31.01 35.20 -39.82
C SER C 55 30.48 34.08 -38.93
N VAL C 56 31.39 33.18 -38.54
CA VAL C 56 31.04 32.06 -37.68
C VAL C 56 30.93 32.43 -36.22
N LEU C 57 31.28 33.66 -35.86
CA LEU C 57 31.18 34.10 -34.48
C LEU C 57 29.81 34.73 -34.27
N ALA C 58 29.27 34.57 -33.08
CA ALA C 58 27.97 35.13 -32.79
C ALA C 58 28.10 36.64 -32.65
N ASP C 59 27.01 37.35 -33.00
CA ASP C 59 26.95 38.80 -32.98
C ASP C 59 27.44 39.43 -31.66
N GLU C 60 26.90 39.02 -30.53
CA GLU C 60 27.34 39.66 -29.29
C GLU C 60 28.71 39.20 -28.85
N PHE C 61 29.15 38.03 -29.30
CA PHE C 61 30.52 37.59 -29.08
C PHE C 61 31.51 38.57 -29.72
N ILE C 62 31.26 38.96 -30.97
CA ILE C 62 32.14 39.92 -31.61
C ILE C 62 32.03 41.25 -30.90
N SER C 63 30.79 41.67 -30.59
CA SER C 63 30.56 42.93 -29.88
C SER C 63 31.28 42.96 -28.55
N HIS C 64 31.30 41.82 -27.86
CA HIS C 64 31.97 41.73 -26.57
C HIS C 64 33.47 41.97 -26.69
N ARG C 65 34.09 41.42 -27.73
CA ARG C 65 35.51 41.67 -27.97
C ARG C 65 35.79 43.13 -28.26
N LEU C 66 34.92 43.77 -29.03
CA LEU C 66 35.07 45.18 -29.36
C LEU C 66 35.14 46.07 -28.12
N GLY C 67 34.30 45.80 -27.12
CA GLY C 67 34.32 46.59 -25.90
C GLY C 67 35.64 46.56 -25.17
N LEU C 68 36.41 45.51 -25.35
CA LEU C 68 37.67 45.31 -24.65
C LEU C 68 38.87 45.94 -25.34
N ILE C 69 38.72 46.47 -26.55
CA ILE C 69 39.82 47.12 -27.28
C ILE C 69 40.22 48.45 -26.66
N PRO C 70 41.47 48.59 -26.22
CA PRO C 70 41.89 49.85 -25.57
C PRO C 70 42.02 51.00 -26.56
N LEU C 71 41.40 52.13 -26.23
CA LEU C 71 41.46 53.32 -27.07
C LEU C 71 42.24 54.43 -26.40
N VAL C 72 42.96 55.20 -27.22
CA VAL C 72 43.69 56.40 -26.79
C VAL C 72 42.73 57.32 -26.06
N SER C 73 43.02 57.65 -24.82
CA SER C 73 42.11 58.41 -23.97
C SER C 73 42.75 59.67 -23.39
N GLU C 74 43.78 60.19 -24.06
CA GLU C 74 44.61 61.27 -23.53
C GLU C 74 43.81 62.53 -23.22
N ASP C 75 42.96 62.98 -24.13
CA ASP C 75 42.21 64.21 -23.94
C ASP C 75 40.82 64.01 -23.34
N VAL C 76 40.57 62.89 -22.67
CA VAL C 76 39.23 62.53 -22.19
C VAL C 76 38.71 63.47 -21.09
N GLU C 77 39.59 64.21 -20.39
CA GLU C 77 39.12 65.10 -19.32
C GLU C 77 38.22 66.23 -19.84
N GLU C 78 38.47 66.74 -21.03
CA GLU C 78 37.61 67.77 -21.58
C GLU C 78 36.29 67.23 -22.13
N MET C 79 36.17 65.91 -22.25
CA MET C 79 34.97 65.29 -22.78
C MET C 79 33.97 65.06 -21.66
N LYS C 80 32.69 65.19 -21.99
CA LYS C 80 31.58 65.03 -21.07
C LYS C 80 31.11 63.58 -21.03
N TYR C 81 30.44 63.23 -19.93
CA TYR C 81 29.72 61.98 -19.90
C TYR C 81 28.44 62.13 -20.70
N SER C 82 28.04 61.04 -21.36
CA SER C 82 26.81 61.02 -22.14
C SER C 82 25.60 61.36 -21.28
N ARG C 83 25.58 60.89 -20.04
CA ARG C 83 24.46 61.10 -19.15
C ARG C 83 24.34 62.56 -18.70
N ASP C 84 25.39 63.35 -18.85
CA ASP C 84 25.39 64.76 -18.48
C ASP C 84 25.27 65.72 -19.66
N CYS C 85 25.05 65.24 -20.88
CA CYS C 85 25.02 66.16 -22.01
C CYS C 85 23.59 66.56 -22.36
N THR C 86 23.43 67.87 -22.61
CA THR C 86 22.20 68.59 -22.88
C THR C 86 21.59 68.34 -24.25
N CYS C 87 22.30 67.66 -25.13
CA CYS C 87 21.90 67.38 -26.49
C CYS C 87 20.85 66.27 -26.62
N GLU C 88 20.30 66.23 -27.82
CA GLU C 88 19.41 65.19 -28.34
C GLU C 88 20.38 64.19 -28.93
N ASP C 89 20.03 62.91 -28.87
CA ASP C 89 20.79 61.65 -29.10
C ASP C 89 22.31 61.89 -29.11
N TYR C 90 23.14 61.15 -29.83
CA TYR C 90 24.52 61.51 -29.61
C TYR C 90 24.94 62.63 -30.54
N CYS C 91 26.15 63.11 -30.31
CA CYS C 91 26.72 64.21 -31.06
C CYS C 91 28.24 64.15 -30.94
N ASP C 92 28.86 65.23 -31.37
CA ASP C 92 30.31 65.32 -31.46
C ASP C 92 30.96 65.59 -30.11
N GLU C 93 30.19 66.02 -29.12
CA GLU C 93 30.76 66.37 -27.84
C GLU C 93 30.76 65.23 -26.83
N CYS C 94 29.98 64.17 -27.06
CA CYS C 94 29.92 63.12 -26.04
C CYS C 94 30.21 61.72 -26.56
N SER C 95 30.63 61.55 -27.81
CA SER C 95 30.93 60.20 -28.29
C SER C 95 31.92 60.28 -29.44
N VAL C 96 32.63 59.17 -29.66
CA VAL C 96 33.44 58.95 -30.83
C VAL C 96 32.77 57.85 -31.64
N VAL C 97 32.68 58.01 -32.95
CA VAL C 97 32.10 56.97 -33.81
C VAL C 97 33.23 56.27 -34.55
N LEU C 98 33.27 54.95 -34.46
CA LEU C 98 34.22 54.15 -35.22
C LEU C 98 33.48 53.21 -36.16
N GLU C 99 34.14 52.87 -37.27
CA GLU C 99 33.58 51.97 -38.26
C GLU C 99 34.57 50.91 -38.66
N LEU C 100 34.05 49.72 -38.98
CA LEU C 100 34.87 48.61 -39.43
C LEU C 100 34.17 47.87 -40.56
N SER C 101 34.93 47.49 -41.58
CA SER C 101 34.37 46.72 -42.69
C SER C 101 35.44 45.79 -43.23
N ALA C 102 35.20 44.48 -43.17
CA ALA C 102 36.12 43.53 -43.74
C ALA C 102 35.37 42.50 -44.59
N ARG C 103 36.10 41.86 -45.49
CA ARG C 103 35.52 40.89 -46.42
C ARG C 103 36.69 40.07 -46.97
N HIS C 104 36.41 38.83 -47.33
CA HIS C 104 37.35 37.92 -47.97
C HIS C 104 36.89 37.56 -49.37
N GLU C 105 37.64 38.04 -50.37
CA GLU C 105 37.44 37.62 -51.74
C GLU C 105 38.49 36.57 -52.09
N GLY C 106 38.07 35.54 -52.81
CA GLY C 106 38.93 34.43 -53.14
C GLY C 106 38.34 33.19 -52.50
N GLU C 107 38.51 32.02 -53.12
CA GLU C 107 37.97 30.80 -52.57
C GLU C 107 38.89 30.11 -51.58
N GLU C 108 40.03 30.70 -51.24
CA GLU C 108 41.01 29.99 -50.43
C GLU C 108 41.64 31.00 -49.47
N GLY C 109 42.19 30.47 -48.38
CA GLY C 109 42.88 31.30 -47.42
C GLY C 109 41.91 31.89 -46.43
N THR C 110 42.47 32.60 -45.45
CA THR C 110 41.68 33.17 -44.39
C THR C 110 42.06 34.64 -44.23
N THR C 111 41.06 35.49 -44.11
CA THR C 111 41.28 36.91 -43.85
C THR C 111 41.10 37.13 -42.37
N ASP C 112 42.16 37.59 -41.72
CA ASP C 112 42.18 37.86 -40.30
C ASP C 112 41.82 39.32 -40.08
N VAL C 113 40.78 39.57 -39.29
CA VAL C 113 40.34 40.93 -39.04
C VAL C 113 41.00 41.38 -37.76
N TYR C 114 41.75 42.48 -37.86
CA TYR C 114 42.53 42.99 -36.75
C TYR C 114 42.00 44.35 -36.32
N SER C 115 42.36 44.73 -35.11
CA SER C 115 41.93 46.01 -34.53
C SER C 115 42.45 47.20 -35.31
N SER C 116 43.48 47.04 -36.15
CA SER C 116 43.99 48.14 -36.95
C SER C 116 43.04 48.56 -38.05
N SER C 117 42.07 47.73 -38.41
CA SER C 117 41.05 48.10 -39.38
C SER C 117 39.95 48.98 -38.80
N LEU C 118 40.02 49.32 -37.52
CA LEU C 118 39.03 50.24 -36.95
C LEU C 118 39.35 51.65 -37.39
N ILE C 119 38.40 52.27 -38.08
CA ILE C 119 38.59 53.58 -38.68
C ILE C 119 37.78 54.60 -37.91
N LYS C 120 38.44 55.60 -37.37
CA LYS C 120 37.74 56.71 -36.74
C LYS C 120 37.02 57.50 -37.80
N VAL C 121 35.75 57.81 -37.58
CA VAL C 121 34.92 58.48 -38.57
C VAL C 121 34.57 59.89 -38.13
N SER C 122 34.30 60.08 -36.85
CA SER C 122 34.06 61.40 -36.30
C SER C 122 34.62 61.41 -34.89
N GLY C 123 34.42 62.52 -34.19
CA GLY C 123 35.01 62.66 -32.88
C GLY C 123 35.22 64.10 -32.54
N PRO C 124 35.35 64.40 -31.25
CA PRO C 124 35.55 65.79 -30.82
C PRO C 124 36.90 66.35 -31.24
N GLY C 125 36.97 66.82 -32.48
CA GLY C 125 38.20 67.40 -32.98
C GLY C 125 38.62 68.64 -32.20
N ASN C 126 39.92 68.89 -32.14
CA ASN C 126 40.94 68.02 -32.72
C ASN C 126 41.64 67.23 -31.62
N LEU C 127 40.84 66.80 -30.64
CA LEU C 127 41.38 66.11 -29.48
C LEU C 127 41.90 64.74 -29.89
N ASN C 128 43.07 64.38 -29.37
CA ASN C 128 43.68 63.07 -29.67
C ASN C 128 43.03 61.99 -28.83
N VAL C 129 41.87 61.53 -29.27
CA VAL C 129 41.12 60.48 -28.59
C VAL C 129 40.44 59.61 -29.64
N GLY C 130 40.41 58.31 -29.38
CA GLY C 130 39.58 57.37 -30.12
C GLY C 130 40.34 56.40 -31.00
N GLU C 131 41.59 56.64 -31.28
CA GLU C 131 42.32 55.68 -32.09
C GLU C 131 42.66 54.44 -31.26
N PRO C 132 42.43 53.23 -31.79
CA PRO C 132 42.88 52.03 -31.09
C PRO C 132 44.40 52.02 -30.97
N VAL C 133 44.86 51.86 -29.72
CA VAL C 133 46.28 51.87 -29.37
C VAL C 133 47.10 50.86 -30.17
N ARG C 134 48.29 51.27 -30.58
CA ARG C 134 49.25 50.49 -31.34
C ARG C 134 50.62 50.52 -30.66
N ARG C 135 51.36 49.41 -30.73
CA ARG C 135 52.70 49.43 -30.18
C ARG C 135 53.63 50.18 -31.12
N ASP C 136 53.76 49.68 -32.36
CA ASP C 136 54.59 50.28 -33.39
C ASP C 136 53.67 50.86 -34.48
N ASP C 137 54.22 51.05 -35.68
CA ASP C 137 53.39 51.30 -36.86
C ASP C 137 53.12 50.06 -37.71
N TYR C 138 53.95 49.01 -37.63
CA TYR C 138 53.67 47.79 -38.40
C TYR C 138 52.96 46.73 -37.60
N ASP C 139 52.42 47.09 -36.45
CA ASP C 139 51.80 46.14 -35.54
C ASP C 139 50.34 46.09 -35.94
N GLN C 140 49.85 44.90 -36.33
CA GLN C 140 48.44 44.78 -36.69
C GLN C 140 47.50 44.86 -35.50
N GLY C 141 47.99 44.62 -34.29
CA GLY C 141 47.14 44.71 -33.14
C GLY C 141 46.35 43.49 -32.70
N ILE C 142 45.14 43.70 -32.23
CA ILE C 142 44.38 42.66 -31.55
C ILE C 142 43.49 41.91 -32.53
N LEU C 143 43.56 40.59 -32.48
CA LEU C 143 42.73 39.73 -33.30
C LEU C 143 41.27 39.82 -32.88
N LEU C 144 40.39 40.09 -33.83
CA LEU C 144 38.96 40.21 -33.55
C LEU C 144 38.14 39.05 -34.06
N CYS C 145 38.46 38.57 -35.25
CA CYS C 145 37.64 37.59 -35.97
C CYS C 145 38.51 36.98 -37.05
N LYS C 146 37.96 35.98 -37.70
CA LYS C 146 38.61 35.43 -38.88
C LYS C 146 37.53 35.14 -39.90
N LEU C 147 37.85 35.37 -41.16
CA LEU C 147 36.88 35.24 -42.22
C LEU C 147 37.39 34.30 -43.29
N ARG C 148 36.47 33.60 -43.93
CA ARG C 148 36.77 32.71 -45.04
C ARG C 148 35.85 33.21 -46.15
N ASN C 149 35.99 32.66 -47.36
CA ASN C 149 35.31 33.04 -48.59
C ASN C 149 33.84 33.39 -48.43
N HIS C 150 33.50 34.62 -48.84
CA HIS C 150 32.20 35.29 -48.91
C HIS C 150 31.71 35.79 -47.56
N GLN C 151 32.43 35.56 -46.47
CA GLN C 151 31.97 36.00 -45.17
C GLN C 151 32.37 37.45 -44.94
N GLU C 152 31.45 38.25 -44.43
CA GLU C 152 31.64 39.69 -44.34
C GLU C 152 31.28 40.16 -42.94
N LEU C 153 31.94 41.23 -42.50
CA LEU C 153 31.69 41.84 -41.20
C LEU C 153 31.67 43.35 -41.38
N ASN C 154 30.53 43.98 -41.14
CA ASN C 154 30.40 45.42 -41.35
C ASN C 154 29.64 46.00 -40.16
N ILE C 155 30.36 46.67 -39.24
CA ILE C 155 29.83 47.14 -37.97
C ILE C 155 30.14 48.61 -37.75
N ARG C 156 29.28 49.27 -36.97
CA ARG C 156 29.47 50.65 -36.55
C ARG C 156 29.47 50.74 -35.03
N CYS C 157 30.57 51.24 -34.47
CA CYS C 157 30.81 51.26 -33.03
C CYS C 157 30.76 52.67 -32.45
N ILE C 158 30.09 52.81 -31.32
CA ILE C 158 30.02 54.06 -30.58
C ILE C 158 30.84 53.94 -29.31
N ALA C 159 31.87 54.77 -29.18
CA ALA C 159 32.72 54.77 -28.01
C ALA C 159 32.33 55.88 -27.04
N LYS C 160 32.31 55.59 -25.75
CA LYS C 160 31.86 56.54 -24.74
C LYS C 160 32.82 56.58 -23.56
N LYS C 161 32.78 57.70 -22.85
CA LYS C 161 33.56 57.91 -21.64
C LYS C 161 32.92 57.17 -20.47
N GLY C 162 33.74 56.48 -19.70
CA GLY C 162 33.20 55.74 -18.57
C GLY C 162 34.30 55.42 -17.57
N ILE C 163 33.88 54.84 -16.45
CA ILE C 163 34.79 54.50 -15.36
C ILE C 163 34.66 53.03 -15.03
N ALA C 164 35.69 52.50 -14.37
CA ALA C 164 35.78 51.06 -14.18
C ALA C 164 34.77 50.52 -13.18
N LYS C 165 34.22 51.36 -12.31
CA LYS C 165 33.11 50.96 -11.43
C LYS C 165 31.94 50.37 -12.21
N GLU C 166 31.66 50.91 -13.40
CA GLU C 166 30.56 50.39 -14.19
C GLU C 166 30.88 49.10 -14.92
N HIS C 167 32.05 49.00 -15.55
CA HIS C 167 32.44 47.79 -16.24
C HIS C 167 33.95 47.82 -16.42
N ALA C 168 34.59 46.67 -16.20
CA ALA C 168 36.05 46.59 -16.17
C ALA C 168 36.74 47.00 -17.47
N LYS C 169 36.01 47.10 -18.58
CA LYS C 169 36.63 47.50 -19.83
C LYS C 169 37.15 48.95 -19.80
N TRP C 170 36.61 49.78 -18.92
CA TRP C 170 37.05 51.16 -18.74
C TRP C 170 38.21 51.31 -17.78
N SER C 171 38.86 50.24 -17.37
CA SER C 171 39.99 50.43 -16.46
C SER C 171 41.26 50.76 -17.20
N PRO C 172 41.99 51.79 -16.79
CA PRO C 172 43.27 52.11 -17.44
C PRO C 172 44.45 51.27 -16.98
N CYS C 173 44.35 50.59 -15.84
CA CYS C 173 45.48 49.80 -15.36
C CYS C 173 45.31 48.36 -15.76
N SER C 174 46.38 47.59 -15.59
CA SER C 174 46.20 46.16 -15.46
C SER C 174 46.44 45.76 -14.03
N ALA C 175 47.55 45.10 -13.75
CA ALA C 175 47.92 44.85 -12.37
C ALA C 175 48.49 46.11 -11.76
N ILE C 176 48.44 46.19 -10.43
CA ILE C 176 49.23 47.17 -9.70
C ILE C 176 50.01 46.40 -8.64
N ALA C 177 51.29 46.18 -8.89
CA ALA C 177 52.17 45.62 -7.89
C ALA C 177 52.32 46.60 -6.73
N PHE C 178 52.43 46.07 -5.53
CA PHE C 178 52.35 46.91 -4.35
C PHE C 178 52.89 46.11 -3.19
N GLU C 179 53.86 46.67 -2.45
CA GLU C 179 54.40 46.01 -1.28
C GLU C 179 55.13 47.04 -0.45
N TYR C 180 55.47 46.64 0.76
CA TYR C 180 56.20 47.47 1.71
C TYR C 180 56.80 46.57 2.78
N ASP C 181 57.74 47.13 3.53
CA ASP C 181 58.44 46.46 4.63
C ASP C 181 58.95 45.06 4.27
N PRO C 182 59.87 44.95 3.30
CA PRO C 182 60.31 43.61 2.84
C PRO C 182 60.93 42.71 3.90
N HIS C 183 61.41 43.23 5.02
CA HIS C 183 61.97 42.38 6.06
C HIS C 183 61.05 42.17 7.25
N ASN C 184 59.81 42.64 7.18
CA ASN C 184 58.78 42.39 8.20
C ASN C 184 59.17 42.94 9.58
N LYS C 185 59.83 44.10 9.60
CA LYS C 185 60.15 44.72 10.88
C LYS C 185 58.90 45.13 11.65
N LEU C 186 57.83 45.51 10.97
CA LEU C 186 56.61 45.91 11.66
C LEU C 186 55.86 44.74 12.28
N LYS C 187 56.20 43.51 11.91
CA LYS C 187 55.54 42.29 12.39
C LYS C 187 54.05 42.25 12.05
N HIS C 188 53.69 42.72 10.86
CA HIS C 188 52.30 42.68 10.43
C HIS C 188 51.90 41.31 9.94
N THR C 189 52.87 40.46 9.63
CA THR C 189 52.59 39.08 9.32
C THR C 189 53.40 38.16 10.22
N ASP C 190 52.83 36.97 10.44
CA ASP C 190 53.40 35.94 11.31
C ASP C 190 53.63 34.76 10.37
N PHE C 191 54.90 34.46 10.11
CA PHE C 191 55.23 33.59 9.00
C PHE C 191 54.95 32.13 9.32
N TRP C 192 54.40 31.44 8.34
CA TRP C 192 54.22 30.01 8.41
C TRP C 192 55.54 29.34 8.07
N PHE C 193 55.90 28.33 8.83
CA PHE C 193 57.13 27.62 8.53
C PHE C 193 57.01 26.18 8.97
N GLU C 194 57.83 25.33 8.35
CA GLU C 194 58.02 23.97 8.81
C GLU C 194 59.20 23.89 9.78
N VAL C 195 60.37 24.36 9.34
CA VAL C 195 61.57 24.26 10.16
C VAL C 195 62.12 25.63 10.57
N ASP C 196 62.46 26.45 9.60
CA ASP C 196 63.05 27.76 9.85
C ASP C 196 62.43 28.76 8.90
N ALA C 197 61.80 29.80 9.45
CA ALA C 197 61.01 30.74 8.67
C ALA C 197 61.86 31.50 7.65
N LYS C 198 63.08 31.90 8.01
CA LYS C 198 63.89 32.70 7.09
C LYS C 198 64.32 31.92 5.86
N LYS C 199 64.74 30.66 6.01
CA LYS C 199 65.16 29.90 4.84
C LYS C 199 64.00 29.51 3.94
N GLU C 200 62.79 29.36 4.47
CA GLU C 200 61.71 28.83 3.65
C GLU C 200 60.93 29.92 2.93
N TRP C 201 61.13 31.18 3.27
CA TRP C 201 60.37 32.19 2.56
C TRP C 201 61.30 32.96 1.64
N PRO C 202 60.92 33.14 0.38
CA PRO C 202 61.78 33.86 -0.55
C PRO C 202 61.90 35.32 -0.17
N ASP C 203 62.92 35.95 -0.74
CA ASP C 203 63.15 37.36 -0.52
C ASP C 203 62.30 38.17 -1.48
N SER C 204 61.78 39.30 -0.98
CA SER C 204 61.18 40.33 -1.82
C SER C 204 62.17 40.77 -2.89
N LYS C 205 61.65 41.23 -4.02
CA LYS C 205 62.54 41.84 -5.01
C LYS C 205 63.04 43.23 -4.60
N TYR C 206 62.66 43.75 -3.44
CA TYR C 206 63.18 44.99 -2.89
C TYR C 206 63.90 44.76 -1.56
N ALA C 207 64.40 43.54 -1.35
CA ALA C 207 65.10 43.22 -0.12
C ALA C 207 66.37 44.05 0.06
N THR C 208 67.07 44.35 -1.03
CA THR C 208 68.29 45.13 -0.98
C THR C 208 68.07 46.63 -0.91
N TRP C 209 66.83 47.08 -0.87
CA TRP C 209 66.56 48.51 -0.76
C TRP C 209 66.35 48.96 0.68
N GLU C 210 66.44 48.06 1.65
CA GLU C 210 66.27 48.38 3.06
C GLU C 210 67.15 47.46 3.88
N GLU C 211 67.48 47.92 5.08
CA GLU C 211 68.47 47.10 5.76
C GLU C 211 67.82 46.11 6.72
N PRO C 212 68.33 44.88 6.70
CA PRO C 212 67.83 43.80 7.58
C PRO C 212 67.80 44.19 9.06
N PRO C 213 66.95 43.55 9.85
CA PRO C 213 66.93 43.84 11.30
C PRO C 213 68.16 43.25 11.96
N LYS C 214 68.78 44.03 12.86
CA LYS C 214 69.96 43.56 13.54
C LYS C 214 69.62 42.43 14.51
N PRO C 215 70.53 41.47 14.69
CA PRO C 215 70.26 40.32 15.57
C PRO C 215 69.94 40.66 17.02
N GLY C 216 70.41 41.78 17.54
CA GLY C 216 70.08 42.16 18.89
C GLY C 216 68.81 42.96 19.07
N GLU C 217 68.62 43.94 18.17
CA GLU C 217 67.55 44.93 18.03
C GLU C 217 66.22 44.59 18.71
N VAL C 218 65.76 45.48 19.57
CA VAL C 218 64.44 45.36 20.18
C VAL C 218 63.35 45.88 19.26
N PHE C 219 62.13 45.42 19.52
CA PHE C 219 60.97 45.75 18.69
C PHE C 219 60.52 47.19 18.96
N ASP C 220 60.57 48.01 17.91
CA ASP C 220 60.09 49.40 17.90
C ASP C 220 58.58 49.38 17.77
N TYR C 221 57.88 49.42 18.90
CA TYR C 221 56.42 49.40 18.89
C TYR C 221 55.81 50.72 18.42
N LYS C 222 56.61 51.75 18.14
CA LYS C 222 56.15 53.02 17.63
C LYS C 222 56.38 53.17 16.12
N ALA C 223 57.14 52.28 15.50
CA ALA C 223 57.39 52.37 14.08
C ALA C 223 56.10 52.15 13.32
N LYS C 224 55.93 52.90 12.25
CA LYS C 224 54.81 52.82 11.34
C LYS C 224 55.29 52.49 9.93
N PRO C 225 54.39 51.96 9.07
CA PRO C 225 54.77 51.78 7.66
C PRO C 225 55.10 53.13 7.05
N ASN C 226 56.13 53.17 6.23
CA ASN C 226 56.53 54.49 5.78
C ASN C 226 57.04 54.54 4.35
N ARG C 227 57.40 53.40 3.76
CA ARG C 227 57.88 53.36 2.38
C ARG C 227 57.08 52.36 1.56
N PHE C 228 56.39 52.83 0.53
CA PHE C 228 55.49 51.96 -0.24
C PHE C 228 55.96 51.91 -1.69
N TYR C 229 56.49 50.78 -2.10
CA TYR C 229 56.94 50.57 -3.48
C TYR C 229 55.81 50.02 -4.32
N MET C 230 55.52 50.66 -5.45
CA MET C 230 54.44 50.21 -6.32
C MET C 230 54.84 50.40 -7.76
N THR C 231 54.28 49.55 -8.63
CA THR C 231 54.48 49.66 -10.07
C THR C 231 53.13 49.69 -10.75
N VAL C 232 52.88 50.73 -11.52
CA VAL C 232 51.61 50.92 -12.20
C VAL C 232 51.79 50.55 -13.66
N GLU C 233 51.25 49.41 -14.08
CA GLU C 233 51.23 49.07 -15.49
C GLU C 233 49.92 49.53 -16.12
N THR C 234 50.00 49.92 -17.38
CA THR C 234 48.82 50.37 -18.10
C THR C 234 48.70 49.57 -19.38
N THR C 235 47.55 49.70 -20.01
CA THR C 235 47.23 48.99 -21.23
C THR C 235 47.55 49.78 -22.47
N GLY C 236 48.01 51.02 -22.33
CA GLY C 236 48.30 51.86 -23.46
C GLY C 236 47.20 52.83 -23.77
N SER C 237 46.02 52.62 -23.18
CA SER C 237 44.93 53.59 -23.28
C SER C 237 45.29 54.93 -22.68
N LEU C 238 46.19 54.95 -21.71
CA LEU C 238 46.73 56.16 -21.11
C LEU C 238 48.20 55.92 -20.84
N LYS C 239 49.00 56.97 -20.90
CA LYS C 239 50.39 56.79 -20.54
C LYS C 239 50.51 56.71 -19.04
N ALA C 240 51.57 56.02 -18.59
CA ALA C 240 51.76 55.71 -17.18
C ALA C 240 51.83 56.96 -16.30
N ASN C 241 52.52 57.99 -16.76
CA ASN C 241 52.59 59.24 -16.02
C ASN C 241 51.24 59.94 -15.90
N GLN C 242 50.39 59.84 -16.91
CA GLN C 242 49.06 60.42 -16.84
C GLN C 242 48.19 59.74 -15.80
N VAL C 243 48.27 58.41 -15.71
CA VAL C 243 47.46 57.63 -14.76
C VAL C 243 47.78 58.02 -13.34
N PHE C 244 49.05 58.14 -13.00
CA PHE C 244 49.42 58.53 -11.64
C PHE C 244 48.95 59.95 -11.35
N SER C 245 49.12 60.86 -12.31
CA SER C 245 48.68 62.25 -12.15
C SER C 245 47.17 62.35 -12.04
N ARG C 246 46.43 61.73 -12.96
CA ARG C 246 44.97 61.80 -12.91
C ARG C 246 44.37 61.03 -11.76
N GLY C 247 45.04 59.99 -11.27
CA GLY C 247 44.58 59.34 -10.04
C GLY C 247 44.53 60.31 -8.87
N ILE C 248 45.61 61.06 -8.68
CA ILE C 248 45.67 62.09 -7.65
C ILE C 248 44.63 63.17 -7.88
N LYS C 249 44.49 63.63 -9.14
CA LYS C 249 43.53 64.67 -9.48
C LYS C 249 42.10 64.23 -9.17
N THR C 250 41.73 63.03 -9.61
CA THR C 250 40.38 62.51 -9.41
C THR C 250 40.04 62.40 -7.93
N LEU C 251 40.99 61.88 -7.14
CA LEU C 251 40.83 61.77 -5.70
C LEU C 251 40.67 63.12 -5.04
N GLN C 252 41.23 64.18 -5.63
CA GLN C 252 41.08 65.51 -5.05
C GLN C 252 39.64 66.01 -5.19
N GLU C 253 39.07 65.93 -6.39
CA GLU C 253 37.71 66.40 -6.61
C GLU C 253 36.69 65.68 -5.74
N LYS C 254 36.89 64.38 -5.52
CA LYS C 254 36.00 63.62 -4.63
C LYS C 254 36.03 64.16 -3.21
N LEU C 255 37.22 64.45 -2.68
CA LEU C 255 37.32 65.06 -1.36
C LEU C 255 36.79 66.48 -1.38
N ALA C 256 37.03 67.19 -2.48
CA ALA C 256 36.53 68.55 -2.65
C ALA C 256 35.01 68.56 -2.62
N ASN C 257 34.38 67.58 -3.28
CA ASN C 257 32.93 67.48 -3.33
C ASN C 257 32.35 67.26 -1.93
N VAL C 258 33.01 66.44 -1.12
CA VAL C 258 32.61 66.25 0.27
C VAL C 258 32.70 67.56 1.04
N LEU C 259 33.79 68.30 0.85
CA LEU C 259 34.01 69.57 1.53
C LEU C 259 32.96 70.60 1.15
N PHE C 260 32.60 70.64 -0.13
CA PHE C 260 31.52 71.51 -0.61
C PHE C 260 30.20 71.24 0.12
N GLU C 261 29.83 69.97 0.24
CA GLU C 261 28.53 69.61 0.83
C GLU C 261 28.40 70.00 2.29
N LEU C 262 29.48 69.97 3.06
CA LEU C 262 29.37 70.39 4.46
C LEU C 262 29.13 71.89 4.59
N GLU C 263 29.82 72.70 3.79
CA GLU C 263 29.62 74.14 3.90
C GLU C 263 28.36 74.63 3.21
N ASN C 264 27.63 73.76 2.52
CA ASN C 264 26.33 74.11 1.97
C ASN C 264 25.14 73.59 2.77
N SER C 265 25.31 72.50 3.52
CA SER C 265 24.19 71.99 4.32
C SER C 265 23.77 72.86 5.52
N ARG C 266 24.59 73.80 5.98
CA ARG C 266 24.13 74.65 7.09
C ARG C 266 23.01 75.60 6.66
N VAL D 3 -33.69 30.38 8.45
CA VAL D 3 -33.38 31.69 8.97
C VAL D 3 -33.53 31.63 10.49
N SER D 4 -34.76 31.85 10.97
CA SER D 4 -35.07 31.78 12.39
C SER D 4 -35.46 30.35 12.77
N THR D 5 -34.91 29.88 13.89
CA THR D 5 -35.08 28.50 14.33
C THR D 5 -35.57 28.50 15.77
N SER D 6 -35.82 27.30 16.30
CA SER D 6 -36.41 27.15 17.63
C SER D 6 -35.62 26.21 18.53
N THR D 7 -36.20 25.88 19.67
CA THR D 7 -35.57 24.96 20.62
C THR D 7 -35.56 23.54 20.08
N VAL D 8 -36.64 23.17 19.37
CA VAL D 8 -36.83 21.83 18.83
C VAL D 8 -35.84 21.61 17.69
N GLY D 9 -35.00 20.58 17.79
CA GLY D 9 -34.02 20.36 16.75
C GLY D 9 -33.90 18.99 16.11
N ALA D 10 -32.85 18.86 15.30
CA ALA D 10 -32.50 17.63 14.58
C ALA D 10 -33.55 17.05 13.61
N ARG D 11 -34.54 16.37 14.16
CA ARG D 11 -35.58 15.70 13.34
C ARG D 11 -34.90 14.80 12.29
N ARG D 12 -33.87 14.07 12.72
CA ARG D 12 -33.24 13.12 11.82
C ARG D 12 -34.21 12.01 11.40
N ARG D 13 -33.86 11.36 10.28
CA ARG D 13 -34.73 10.39 9.61
C ARG D 13 -34.98 9.14 10.47
N ARG D 14 -36.22 8.67 10.50
CA ARG D 14 -36.58 7.40 11.13
C ARG D 14 -37.14 6.41 10.12
N ALA D 15 -37.05 5.13 10.49
CA ALA D 15 -37.42 4.03 9.58
C ALA D 15 -38.90 4.02 9.25
N LYS D 16 -39.74 4.32 10.24
CA LYS D 16 -41.18 4.30 10.02
C LYS D 16 -41.60 5.74 9.81
N GLN D 17 -42.38 5.98 8.78
CA GLN D 17 -42.81 7.34 8.53
C GLN D 17 -43.95 7.67 9.48
N GLN D 18 -44.45 8.88 9.38
CA GLN D 18 -45.54 9.28 10.24
C GLN D 18 -46.48 10.20 9.48
N VAL D 19 -47.77 9.96 9.67
CA VAL D 19 -48.81 10.78 9.09
C VAL D 19 -49.65 11.40 10.18
N ASP D 20 -49.31 11.15 11.45
CA ASP D 20 -49.67 12.09 12.50
C ASP D 20 -48.77 13.32 12.48
N ASP D 21 -48.62 14.04 11.37
CA ASP D 21 -47.88 15.29 11.45
C ASP D 21 -48.73 16.39 10.83
N GLU D 22 -49.53 16.01 9.82
CA GLU D 22 -50.35 16.92 9.03
C GLU D 22 -51.26 17.67 9.97
N GLU D 23 -51.20 19.00 9.95
CA GLU D 23 -51.98 19.75 10.92
C GLU D 23 -53.48 19.62 10.70
N ASN D 24 -54.13 19.09 11.73
CA ASN D 24 -55.57 18.84 11.78
C ASN D 24 -55.97 19.20 13.20
N ALA D 25 -56.69 20.32 13.39
CA ALA D 25 -57.11 20.68 14.75
C ALA D 25 -58.09 19.67 15.33
N THR D 26 -58.88 19.02 14.47
CA THR D 26 -59.81 17.98 14.92
C THR D 26 -59.08 16.78 15.52
N LEU D 27 -57.97 16.35 14.91
CA LEU D 27 -57.19 15.21 15.39
C LEU D 27 -56.05 15.56 16.34
N LEU D 28 -55.98 16.81 16.85
CA LEU D 28 -54.94 17.28 17.78
C LEU D 28 -53.54 17.08 17.24
N ARG D 29 -53.36 17.28 15.93
CA ARG D 29 -52.05 17.24 15.29
C ARG D 29 -51.55 18.64 14.99
N LEU D 30 -50.62 19.14 15.81
CA LEU D 30 -50.16 20.51 15.69
C LEU D 30 -48.76 20.60 15.08
N GLY D 31 -48.22 19.47 14.64
CA GLY D 31 -46.93 19.39 13.99
C GLY D 31 -45.80 19.28 15.00
N PRO D 32 -44.56 19.24 14.51
CA PRO D 32 -43.43 18.99 15.42
C PRO D 32 -43.07 20.20 16.27
N GLU D 33 -43.44 21.41 15.84
CA GLU D 33 -43.06 22.64 16.55
C GLU D 33 -43.99 22.94 17.71
N PHE D 34 -45.23 22.48 17.62
CA PHE D 34 -46.29 22.80 18.57
C PHE D 34 -46.70 21.52 19.27
N ALA D 35 -45.73 20.73 19.70
CA ALA D 35 -45.99 19.54 20.52
C ALA D 35 -46.64 19.94 21.84
N LEU D 36 -47.26 18.95 22.50
CA LEU D 36 -47.89 19.23 23.79
C LEU D 36 -46.88 19.70 24.82
N LYS D 37 -45.74 19.03 24.94
CA LYS D 37 -44.73 19.45 25.89
C LYS D 37 -43.60 20.14 25.13
N GLN D 38 -43.46 21.44 25.33
CA GLN D 38 -42.33 22.19 24.77
C GLN D 38 -41.26 22.44 25.81
N TYR D 39 -40.15 22.99 25.34
CA TYR D 39 -39.06 23.39 26.18
C TYR D 39 -38.67 24.83 25.82
N ASP D 40 -38.45 25.63 26.85
CA ASP D 40 -38.05 27.01 26.70
C ASP D 40 -36.54 27.11 26.44
N HIS D 41 -36.03 28.33 26.37
CA HIS D 41 -34.61 28.53 26.10
C HIS D 41 -33.66 28.14 27.25
N ASP D 42 -34.10 27.52 28.34
CA ASP D 42 -33.23 27.03 29.39
C ASP D 42 -33.28 25.51 29.51
N GLY D 43 -34.14 24.85 28.71
CA GLY D 43 -34.29 23.41 28.79
C GLY D 43 -35.41 22.95 29.71
N ASN D 44 -36.10 23.88 30.37
CA ASN D 44 -37.17 23.54 31.29
C ASN D 44 -38.43 23.12 30.54
N GLU D 45 -39.16 22.17 31.11
CA GLU D 45 -40.38 21.66 30.51
C GLU D 45 -41.50 22.69 30.66
N HIS D 46 -42.42 22.68 29.70
CA HIS D 46 -43.43 23.71 29.63
C HIS D 46 -44.59 23.24 28.77
N ASP D 47 -45.81 23.49 29.24
CA ASP D 47 -47.02 23.19 28.47
C ASP D 47 -47.16 24.15 27.29
N LEU D 48 -47.76 23.66 26.21
CA LEU D 48 -47.96 24.49 25.01
C LEU D 48 -48.85 25.68 25.37
N ILE D 49 -48.49 26.85 24.85
CA ILE D 49 -49.20 28.08 25.18
C ILE D 49 -50.12 28.46 24.02
N ALA D 50 -51.36 28.01 24.09
CA ALA D 50 -52.39 28.43 23.16
C ALA D 50 -53.19 29.55 23.80
N LEU D 51 -53.51 30.59 23.04
CA LEU D 51 -54.09 31.79 23.59
C LEU D 51 -55.45 32.08 22.97
N SER D 52 -56.45 32.29 23.83
CA SER D 52 -57.75 32.77 23.39
C SER D 52 -57.66 34.20 22.88
N LEU D 53 -58.74 34.62 22.20
CA LEU D 53 -58.83 35.98 21.69
C LEU D 53 -58.78 37.03 22.80
N SER D 54 -59.26 36.69 24.00
CA SER D 54 -59.34 37.69 25.07
C SER D 54 -58.00 37.93 25.75
N GLU D 55 -57.28 36.85 26.11
CA GLU D 55 -55.88 36.95 26.55
C GLU D 55 -55.00 37.72 25.58
N SER D 56 -54.98 37.26 24.31
CA SER D 56 -54.16 37.86 23.27
C SER D 56 -54.37 39.35 23.07
N ARG D 57 -55.61 39.84 23.22
CA ARG D 57 -55.83 41.27 23.05
C ARG D 57 -55.14 42.08 24.14
N LEU D 58 -55.16 41.58 25.39
CA LEU D 58 -54.52 42.30 26.49
C LEU D 58 -52.99 42.32 26.38
N LEU D 59 -52.37 41.15 26.17
CA LEU D 59 -50.91 41.05 26.04
C LEU D 59 -50.34 41.91 24.93
N ILE D 60 -50.90 41.79 23.72
CA ILE D 60 -50.35 42.49 22.55
C ILE D 60 -50.47 44.00 22.74
N ARG D 61 -51.64 44.45 23.21
CA ARG D 61 -51.85 45.88 23.44
C ARG D 61 -50.96 46.41 24.56
N GLU D 62 -50.78 45.64 25.63
CA GLU D 62 -49.89 46.04 26.72
C GLU D 62 -48.45 46.13 26.24
N ALA D 63 -47.98 45.11 25.51
CA ALA D 63 -46.62 45.08 25.03
C ALA D 63 -46.33 46.27 24.12
N LEU D 64 -47.32 46.67 23.32
CA LEU D 64 -47.09 47.77 22.38
C LEU D 64 -47.02 49.11 23.10
N LYS D 65 -47.90 49.32 24.09
CA LYS D 65 -47.87 50.60 24.80
C LYS D 65 -46.75 50.70 25.81
N ALA D 66 -46.33 49.58 26.42
CA ALA D 66 -45.14 49.62 27.28
C ALA D 66 -43.89 49.90 26.48
N ARG D 67 -43.78 49.32 25.28
CA ARG D 67 -42.66 49.60 24.40
C ARG D 67 -42.73 51.03 23.87
N SER D 68 -43.95 51.52 23.56
CA SER D 68 -44.13 52.89 23.08
C SER D 68 -43.75 53.88 24.15
N ARG D 69 -44.04 53.56 25.40
CA ARG D 69 -43.69 54.43 26.51
C ARG D 69 -42.18 54.42 26.69
N ALA D 70 -41.57 53.25 26.52
CA ALA D 70 -40.13 53.10 26.61
C ALA D 70 -39.42 53.88 25.50
N ARG D 71 -40.00 53.92 24.29
CA ARG D 71 -39.44 54.71 23.20
C ARG D 71 -39.52 56.20 23.46
N ASN D 72 -40.46 56.60 24.32
CA ASN D 72 -40.67 57.98 24.74
C ASN D 72 -39.99 58.27 26.07
N GLY D 73 -39.07 57.42 26.52
CA GLY D 73 -38.38 57.68 27.77
C GLY D 73 -39.23 57.55 29.01
N GLY D 74 -40.47 57.03 28.89
CA GLY D 74 -41.37 56.86 30.01
C GLY D 74 -42.45 57.92 30.09
N VAL D 75 -43.07 58.21 28.95
CA VAL D 75 -44.30 58.99 28.90
C VAL D 75 -45.52 58.06 28.80
N ILE D 84 -55.47 52.62 24.26
CA ILE D 84 -56.89 52.95 24.14
C ILE D 84 -57.34 52.66 22.71
N ASP D 85 -57.06 53.55 21.76
CA ASP D 85 -57.54 53.40 20.39
C ASP D 85 -56.59 52.51 19.60
N ASP D 86 -57.16 51.67 18.73
CA ASP D 86 -56.39 50.69 17.99
C ASP D 86 -55.56 51.31 16.86
N ASP D 87 -56.12 52.32 16.19
CA ASP D 87 -55.44 53.01 15.10
C ASP D 87 -54.20 53.78 15.57
N GLU D 88 -54.20 54.24 16.82
CA GLU D 88 -53.04 54.92 17.38
C GLU D 88 -51.95 53.94 17.83
N LEU D 89 -52.36 52.80 18.38
CA LEU D 89 -51.42 51.81 18.88
C LEU D 89 -50.59 51.13 17.78
N ALA D 90 -51.13 51.02 16.56
CA ALA D 90 -50.42 50.38 15.46
C ALA D 90 -49.32 51.22 14.80
N LYS D 91 -49.25 52.53 15.05
CA LYS D 91 -48.19 53.37 14.51
C LYS D 91 -46.85 53.21 15.22
N VAL D 92 -46.80 52.46 16.33
CA VAL D 92 -45.55 52.15 17.02
C VAL D 92 -44.59 51.32 16.17
N THR D 93 -45.08 50.49 15.26
CA THR D 93 -44.23 49.65 14.44
C THR D 93 -43.39 50.46 13.44
N SER D 94 -42.40 49.81 12.87
CA SER D 94 -41.41 50.42 11.99
C SER D 94 -41.56 49.82 10.59
N GLY D 95 -41.96 50.63 9.63
CA GLY D 95 -42.10 50.14 8.26
C GLY D 95 -43.54 49.87 7.88
N ALA D 96 -43.90 50.17 6.63
CA ALA D 96 -45.29 50.01 6.18
C ALA D 96 -45.73 48.56 6.16
N VAL D 97 -44.81 47.62 5.94
CA VAL D 97 -45.15 46.20 6.00
C VAL D 97 -45.56 45.82 7.41
N ALA D 98 -44.81 46.30 8.41
CA ALA D 98 -45.11 46.03 9.80
C ALA D 98 -46.38 46.77 10.25
N ASN D 99 -46.54 48.01 9.77
CA ASN D 99 -47.76 48.79 10.03
C ASN D 99 -49.02 48.04 9.60
N GLY D 100 -48.96 47.35 8.46
CA GLY D 100 -50.13 46.66 7.98
C GLY D 100 -50.61 45.48 8.80
N VAL D 101 -49.73 44.51 9.05
CA VAL D 101 -50.08 43.28 9.77
C VAL D 101 -50.56 43.57 11.19
N VAL D 102 -49.96 44.55 11.85
CA VAL D 102 -50.29 44.83 13.25
C VAL D 102 -51.64 45.53 13.35
N LYS D 103 -51.90 46.50 12.47
CA LYS D 103 -53.17 47.22 12.46
C LYS D 103 -54.35 46.29 12.12
N LYS D 104 -54.16 45.42 11.12
CA LYS D 104 -55.20 44.45 10.75
C LYS D 104 -55.47 43.45 11.86
N THR D 105 -54.46 43.13 12.68
CA THR D 105 -54.70 42.14 13.72
C THR D 105 -55.48 42.74 14.88
N LEU D 106 -55.20 44.01 15.23
CA LEU D 106 -55.93 44.65 16.32
C LEU D 106 -57.39 44.88 15.94
N ASP D 107 -57.61 45.43 14.74
CA ASP D 107 -58.95 45.70 14.23
C ASP D 107 -59.78 44.43 14.08
N TYR D 108 -59.15 43.33 13.65
CA TYR D 108 -59.83 42.04 13.61
C TYR D 108 -60.26 41.62 15.01
N LEU D 109 -59.32 41.70 15.96
CA LEU D 109 -59.61 41.42 17.35
C LEU D 109 -60.59 42.45 17.92
N ASN D 110 -60.57 43.69 17.40
CA ASN D 110 -61.49 44.72 17.85
C ASN D 110 -62.94 44.39 17.51
N THR D 111 -63.17 43.56 16.50
CA THR D 111 -64.52 43.23 16.06
C THR D 111 -64.91 41.80 16.37
N PHE D 112 -64.09 41.06 17.14
CA PHE D 112 -64.50 39.71 17.50
C PHE D 112 -64.13 39.29 18.93
N ALA D 113 -63.45 40.14 19.70
CA ALA D 113 -63.15 39.87 21.11
C ALA D 113 -64.34 40.26 22.00
N ARG D 114 -65.03 39.27 22.58
CA ARG D 114 -66.19 39.57 23.41
C ARG D 114 -65.78 40.36 24.66
N PHE D 115 -64.78 39.86 25.39
CA PHE D 115 -64.39 40.44 26.68
C PHE D 115 -63.20 41.38 26.47
N LYS D 116 -63.52 42.64 26.19
CA LYS D 116 -62.59 43.65 25.73
C LYS D 116 -61.92 44.42 26.88
N ASP D 117 -62.03 43.95 28.13
CA ASP D 117 -61.31 44.57 29.24
C ASP D 117 -60.78 43.51 30.19
N GLU D 118 -59.81 43.91 31.02
CA GLU D 118 -59.11 42.98 31.89
C GLU D 118 -59.94 42.52 33.08
N GLU D 119 -60.89 43.33 33.54
CA GLU D 119 -61.81 42.90 34.60
C GLU D 119 -62.58 41.64 34.21
N THR D 120 -63.36 41.71 33.13
CA THR D 120 -64.07 40.54 32.61
C THR D 120 -63.11 39.43 32.19
N CYS D 121 -61.94 39.79 31.62
CA CYS D 121 -61.00 38.80 31.10
C CYS D 121 -60.41 37.94 32.20
N THR D 122 -60.02 38.57 33.32
CA THR D 122 -59.52 37.80 34.46
C THR D 122 -60.62 36.91 35.03
N ALA D 123 -61.87 37.38 35.02
CA ALA D 123 -63.00 36.52 35.39
C ALA D 123 -63.08 35.30 34.48
N VAL D 124 -62.94 35.50 33.17
CA VAL D 124 -62.89 34.38 32.23
C VAL D 124 -61.63 33.56 32.43
N ASP D 125 -60.52 34.21 32.81
CA ASP D 125 -59.25 33.52 33.06
C ASP D 125 -59.37 32.55 34.23
N GLN D 126 -59.93 33.01 35.35
CA GLN D 126 -60.10 32.16 36.52
C GLN D 126 -61.11 31.05 36.27
N LEU D 127 -62.18 31.36 35.53
CA LEU D 127 -63.21 30.37 35.20
C LEU D 127 -62.64 29.17 34.44
N LEU D 128 -61.74 29.43 33.50
CA LEU D 128 -61.17 28.36 32.67
C LEU D 128 -59.93 27.74 33.29
N HIS D 129 -59.22 28.48 34.13
CA HIS D 129 -58.03 27.95 34.80
C HIS D 129 -58.32 27.73 36.29
N LEU D 137 -57.64 16.45 30.51
CA LEU D 137 -57.90 17.79 29.99
C LEU D 137 -56.72 18.30 29.18
N HIS D 138 -56.86 18.31 27.84
CA HIS D 138 -55.73 18.75 27.05
C HIS D 138 -55.73 20.27 26.95
N PRO D 139 -54.56 20.91 26.96
CA PRO D 139 -54.51 22.39 26.87
C PRO D 139 -55.07 23.02 25.60
N PHE D 140 -55.00 22.31 24.46
CA PHE D 140 -55.56 22.84 23.20
C PHE D 140 -57.09 22.95 23.23
N GLU D 141 -57.78 21.94 23.75
CA GLU D 141 -59.26 21.99 23.80
C GLU D 141 -59.75 23.12 24.71
N ILE D 142 -59.06 23.34 25.84
CA ILE D 142 -59.45 24.37 26.80
C ILE D 142 -59.41 25.76 26.15
N ALA D 143 -58.46 25.97 25.25
CA ALA D 143 -58.31 27.22 24.51
C ALA D 143 -59.32 27.36 23.38
N GLN D 144 -59.75 26.24 22.79
CA GLN D 144 -60.71 26.27 21.68
C GLN D 144 -62.08 26.73 22.16
N LEU D 145 -62.56 26.15 23.27
CA LEU D 145 -63.85 26.50 23.89
C LEU D 145 -64.01 28.00 24.17
N SER D 146 -62.93 28.69 24.53
CA SER D 146 -63.00 30.12 24.79
C SER D 146 -63.10 30.94 23.51
N SER D 147 -62.46 30.49 22.43
CA SER D 147 -62.42 31.28 21.21
C SER D 147 -63.75 31.22 20.46
N LEU D 148 -64.38 30.05 20.40
CA LEU D 148 -65.60 29.86 19.61
C LEU D 148 -66.79 30.01 20.57
N GLY D 149 -67.52 31.11 20.41
CA GLY D 149 -68.76 31.29 21.15
C GLY D 149 -69.81 30.27 20.77
N CYS D 150 -70.52 29.77 21.78
CA CYS D 150 -71.57 28.79 21.61
C CYS D 150 -72.73 29.13 22.53
N GLU D 151 -73.94 28.72 22.13
CA GLU D 151 -75.13 28.89 22.95
C GLU D 151 -75.38 27.70 23.87
N ASP D 152 -75.55 26.51 23.30
CA ASP D 152 -75.96 25.31 24.02
C ASP D 152 -74.92 24.22 23.85
N VAL D 153 -75.10 23.12 24.61
CA VAL D 153 -74.24 21.95 24.49
C VAL D 153 -74.31 21.33 23.09
N ASP D 154 -75.49 21.39 22.45
CA ASP D 154 -75.67 20.85 21.10
C ASP D 154 -74.76 21.54 20.09
N GLU D 155 -74.58 22.85 20.21
CA GLU D 155 -73.75 23.60 19.30
C GLU D 155 -72.25 23.40 19.52
N ALA D 156 -71.83 23.01 20.73
CA ALA D 156 -70.39 22.88 20.94
C ALA D 156 -69.80 21.59 20.39
N ILE D 157 -70.46 20.45 20.61
CA ILE D 157 -69.95 19.16 20.13
C ILE D 157 -70.10 18.92 18.63
N THR D 158 -70.85 19.75 17.92
CA THR D 158 -70.90 19.58 16.46
C THR D 158 -69.73 20.26 15.76
N LEU D 159 -69.59 21.57 15.94
CA LEU D 159 -68.49 22.33 15.33
C LEU D 159 -67.11 21.92 15.84
N ILE D 160 -67.03 21.35 17.04
CA ILE D 160 -65.78 20.89 17.67
C ILE D 160 -66.00 19.43 18.04
N PRO D 161 -65.95 18.50 17.06
CA PRO D 161 -66.33 17.11 17.32
C PRO D 161 -65.43 16.29 18.24
N SER D 162 -64.44 16.90 18.87
CA SER D 162 -63.55 16.18 19.76
C SER D 162 -64.09 16.10 21.18
N LEU D 163 -64.99 17.00 21.55
CA LEU D 163 -65.62 17.04 22.87
C LEU D 163 -66.67 15.94 23.08
N ALA D 164 -66.96 15.13 22.07
CA ALA D 164 -67.91 14.02 22.13
C ALA D 164 -67.69 13.04 23.29
N ALA D 165 -66.68 12.19 23.16
CA ALA D 165 -66.39 11.10 24.08
C ALA D 165 -65.52 11.52 25.25
N LYS D 166 -65.78 12.65 25.90
CA LYS D 166 -65.04 13.00 27.09
C LYS D 166 -65.82 12.85 28.39
N LYS D 167 -67.15 12.96 28.37
CA LYS D 167 -68.04 12.52 29.46
C LYS D 167 -67.88 13.40 30.69
N GLU D 168 -67.60 14.68 30.46
CA GLU D 168 -67.33 15.66 31.50
C GLU D 168 -67.78 17.01 30.96
N VAL D 169 -69.02 17.37 31.29
CA VAL D 169 -69.67 18.48 30.61
C VAL D 169 -69.18 19.67 31.47
N ASN D 170 -70.04 20.25 32.32
CA ASN D 170 -70.06 21.61 32.89
C ASN D 170 -70.32 22.70 31.83
N LEU D 171 -70.08 22.36 30.54
CA LEU D 171 -70.34 23.02 29.26
C LEU D 171 -71.44 24.08 29.33
N GLN D 172 -72.57 23.70 29.91
CA GLN D 172 -73.74 24.58 29.97
C GLN D 172 -73.43 25.78 30.87
N ARG D 173 -72.86 25.53 32.04
CA ARG D 173 -72.46 26.59 32.95
C ARG D 173 -71.26 27.38 32.42
N ILE D 174 -70.41 26.73 31.62
CA ILE D 174 -69.40 27.45 30.83
C ILE D 174 -70.04 28.49 29.91
N LEU D 175 -70.93 28.02 29.02
CA LEU D 175 -71.64 28.91 28.09
C LEU D 175 -72.52 29.95 28.79
N ASP D 176 -73.17 29.58 29.90
CA ASP D 176 -73.99 30.55 30.62
C ASP D 176 -73.15 31.68 31.19
N GLU D 177 -72.01 31.36 31.82
CA GLU D 177 -71.13 32.40 32.35
C GLU D 177 -70.52 33.24 31.23
N LEU D 178 -70.06 32.60 30.15
CA LEU D 178 -69.56 33.35 28.98
C LEU D 178 -70.61 34.32 28.44
N ASN D 179 -71.84 33.86 28.28
CA ASN D 179 -72.92 34.72 27.77
C ASN D 179 -73.37 35.77 28.78
N ARG D 180 -73.35 35.45 30.07
CA ARG D 180 -73.74 36.44 31.08
C ARG D 180 -72.68 37.53 31.23
N LEU D 181 -71.40 37.16 31.28
CA LEU D 181 -70.32 38.16 31.29
C LEU D 181 -70.32 39.00 30.01
N GLU D 182 -70.80 38.44 28.90
CA GLU D 182 -70.89 39.11 27.60
C GLU D 182 -71.76 40.34 27.63
N ASP D 183 -71.17 41.51 27.41
CA ASP D 183 -71.89 42.77 27.42
C ASP D 183 -72.85 42.82 26.24
N PRO D 184 -73.92 43.63 26.32
CA PRO D 184 -74.77 43.81 25.14
C PRO D 184 -74.06 44.59 24.04
N TYR D 185 -74.68 44.59 22.87
CA TYR D 185 -74.11 45.28 21.71
C TYR D 185 -75.23 45.95 20.94
N GLU E 2 17.09 -36.09 46.38
CA GLU E 2 17.54 -35.89 45.01
C GLU E 2 16.48 -35.16 44.15
N ASP E 3 15.99 -35.79 43.07
CA ASP E 3 14.88 -35.24 42.29
C ASP E 3 13.60 -35.07 43.10
N ASN E 4 13.43 -35.86 44.17
CA ASN E 4 12.25 -35.66 45.02
C ASN E 4 12.32 -34.33 45.76
N ASN E 5 13.54 -33.83 46.02
CA ASN E 5 13.68 -32.56 46.72
C ASN E 5 13.24 -31.38 45.87
N ARG E 6 13.47 -31.44 44.56
CA ARG E 6 13.04 -30.35 43.70
C ARG E 6 11.52 -30.29 43.55
N ILE E 7 10.83 -31.43 43.58
CA ILE E 7 9.37 -31.42 43.60
C ILE E 7 8.83 -30.72 44.84
N ILE E 8 9.33 -31.12 46.01
CA ILE E 8 8.91 -30.52 47.28
C ILE E 8 9.27 -29.03 47.32
N SER E 9 10.46 -28.67 46.85
CA SER E 9 10.92 -27.28 46.93
C SER E 9 10.04 -26.35 46.10
N ARG E 10 9.80 -26.71 44.84
CA ARG E 10 8.97 -25.88 43.97
C ARG E 10 7.54 -25.77 44.52
N LEU E 11 7.00 -26.89 45.00
CA LEU E 11 5.68 -26.88 45.62
C LEU E 11 5.64 -26.02 46.87
N TRP E 12 6.70 -26.08 47.70
CA TRP E 12 6.77 -25.22 48.88
C TRP E 12 6.84 -23.75 48.51
N ARG E 13 7.52 -23.43 47.42
CA ARG E 13 7.65 -22.04 47.01
C ARG E 13 6.33 -21.53 46.46
N SER E 14 5.65 -22.37 45.68
CA SER E 14 4.30 -22.10 45.22
C SER E 14 3.35 -21.82 46.39
N PHE E 15 3.53 -22.53 47.51
CA PHE E 15 2.65 -22.33 48.65
C PHE E 15 2.86 -20.95 49.27
N ARG E 16 4.10 -20.52 49.43
CA ARG E 16 4.37 -19.19 49.97
C ARG E 16 3.77 -18.09 49.07
N THR E 17 3.82 -18.31 47.75
CA THR E 17 3.26 -17.35 46.80
C THR E 17 1.75 -17.24 46.96
N VAL E 18 1.06 -18.37 47.14
CA VAL E 18 -0.39 -18.38 47.33
C VAL E 18 -0.78 -17.61 48.59
N LYS E 19 0.01 -17.77 49.65
CA LYS E 19 -0.25 -17.04 50.89
C LYS E 19 -0.07 -15.54 50.70
N GLU E 20 1.02 -15.15 50.04
CA GLU E 20 1.21 -13.75 49.65
C GLU E 20 0.03 -13.22 48.83
N MET E 21 -0.45 -14.03 47.88
CA MET E 21 -1.60 -13.66 47.08
C MET E 21 -2.82 -13.40 47.96
N ALA E 22 -3.09 -14.32 48.88
CA ALA E 22 -4.22 -14.19 49.80
C ALA E 22 -4.07 -12.95 50.67
N ALA E 23 -2.86 -12.70 51.18
CA ALA E 23 -2.61 -11.52 52.00
C ALA E 23 -2.89 -10.23 51.24
N ASP E 24 -2.39 -10.12 50.01
CA ASP E 24 -2.63 -8.91 49.22
C ASP E 24 -4.08 -8.70 48.87
N ARG E 25 -4.85 -9.77 48.72
CA ARG E 25 -6.27 -9.54 48.44
C ARG E 25 -7.04 -9.10 49.67
N GLY E 26 -6.44 -9.04 50.86
CA GLY E 26 -7.16 -8.58 52.02
C GLY E 26 -7.55 -9.67 52.98
N TYR E 27 -7.18 -10.90 52.71
CA TYR E 27 -7.60 -11.94 53.64
C TYR E 27 -6.59 -12.03 54.76
N PHE E 28 -7.05 -12.54 55.90
CA PHE E 28 -6.21 -12.66 57.08
C PHE E 28 -5.50 -14.00 57.05
N ILE E 29 -4.19 -13.95 57.14
CA ILE E 29 -3.32 -15.12 57.25
C ILE E 29 -2.44 -14.91 58.46
N SER E 30 -2.39 -15.91 59.33
CA SER E 30 -1.67 -15.82 60.60
C SER E 30 -0.17 -15.64 60.34
N GLN E 31 0.47 -14.83 61.18
CA GLN E 31 1.90 -14.54 61.05
C GLN E 31 2.80 -15.74 61.33
N GLU E 32 2.25 -16.88 61.73
CA GLU E 32 2.98 -18.12 61.88
C GLU E 32 2.92 -18.97 60.61
N GLU E 33 1.80 -18.94 59.91
CA GLU E 33 1.67 -19.67 58.65
C GLU E 33 2.39 -19.00 57.49
N MET E 34 2.51 -17.67 57.50
CA MET E 34 3.23 -17.01 56.41
C MET E 34 4.72 -17.31 56.45
N ASP E 35 5.32 -17.35 57.63
CA ASP E 35 6.75 -17.54 57.77
C ASP E 35 7.17 -19.00 57.93
N GLN E 36 6.26 -19.95 57.68
CA GLN E 36 6.54 -21.39 57.86
C GLN E 36 7.73 -21.83 57.01
N SER E 37 8.78 -22.32 57.67
CA SER E 37 9.98 -22.76 56.97
C SER E 37 9.72 -23.98 56.10
N LEU E 38 10.72 -24.25 55.26
CA LEU E 38 10.70 -25.44 54.39
C LEU E 38 10.82 -26.75 55.15
N GLU E 39 11.61 -26.77 56.24
CA GLU E 39 11.79 -28.01 57.00
C GLU E 39 10.52 -28.49 57.67
N GLU E 40 9.82 -27.58 58.35
CA GLU E 40 8.53 -27.90 58.97
C GLU E 40 7.53 -28.36 57.91
N PHE E 41 7.59 -27.74 56.73
CA PHE E 41 6.72 -28.08 55.62
C PHE E 41 6.92 -29.53 55.16
N ARG E 42 8.16 -30.00 55.07
CA ARG E 42 8.41 -31.36 54.58
C ARG E 42 7.85 -32.40 55.56
N SER E 43 8.07 -32.18 56.86
CA SER E 43 7.55 -33.05 57.91
C SER E 43 6.03 -33.21 57.82
N LYS E 44 5.31 -32.11 57.60
CA LYS E 44 3.86 -32.17 57.69
C LYS E 44 3.20 -32.70 56.43
N ILE E 45 3.82 -32.55 55.27
CA ILE E 45 3.14 -32.77 54.01
C ILE E 45 3.55 -34.08 53.34
N CYS E 46 4.79 -34.51 53.50
CA CYS E 46 5.23 -35.69 52.78
C CYS E 46 4.88 -36.95 53.54
N ASP E 47 4.79 -38.06 52.81
CA ASP E 47 4.61 -39.38 53.40
C ASP E 47 5.88 -39.89 54.07
N SER E 48 5.90 -41.20 54.37
CA SER E 48 7.16 -41.80 54.76
C SER E 48 8.07 -41.97 53.56
N MET E 49 7.49 -42.12 52.38
CA MET E 49 8.29 -42.24 51.16
C MET E 49 8.68 -40.88 50.60
N GLY E 50 8.20 -39.77 51.18
CA GLY E 50 8.58 -38.45 50.76
C GLY E 50 7.65 -37.80 49.77
N ASN E 51 6.63 -38.52 49.31
CA ASN E 51 5.68 -38.01 48.33
C ASN E 51 4.62 -37.14 48.99
N PRO E 52 4.27 -36.01 48.40
CA PRO E 52 3.40 -35.04 49.06
C PRO E 52 1.91 -35.27 48.80
N GLN E 53 1.11 -34.93 49.81
CA GLN E 53 -0.33 -35.13 49.80
C GLN E 53 -0.95 -33.75 49.65
N ARG E 54 -1.45 -33.44 48.45
CA ARG E 54 -1.96 -32.09 48.18
C ARG E 54 -3.17 -31.74 49.04
N LYS E 55 -4.06 -32.72 49.28
CA LYS E 55 -5.29 -32.47 50.03
C LYS E 55 -5.04 -32.00 51.45
N LEU E 56 -3.85 -32.22 52.00
CA LEU E 56 -3.53 -31.68 53.31
C LEU E 56 -3.12 -30.22 53.25
N MET E 57 -2.83 -29.69 52.06
CA MET E 57 -2.38 -28.32 51.95
C MET E 57 -3.49 -27.29 51.82
N SER E 58 -4.73 -27.71 51.50
CA SER E 58 -5.87 -26.81 51.37
C SER E 58 -6.10 -26.04 52.65
N PHE E 59 -6.62 -24.83 52.52
CA PHE E 59 -6.87 -24.00 53.70
C PHE E 59 -7.94 -22.98 53.39
N LEU E 60 -8.40 -22.35 54.45
CA LEU E 60 -9.50 -21.39 54.45
C LEU E 60 -8.98 -20.11 55.09
N ALA E 61 -9.50 -18.98 54.62
CA ALA E 61 -9.08 -17.70 55.15
C ALA E 61 -10.25 -16.73 55.12
N ASN E 62 -10.21 -15.76 56.01
CA ASN E 62 -11.23 -14.74 56.13
C ASN E 62 -10.61 -13.36 55.96
N PRO E 63 -11.39 -12.37 55.54
CA PRO E 63 -10.85 -11.00 55.44
C PRO E 63 -10.46 -10.40 56.77
N THR E 64 -9.37 -9.61 56.76
CA THR E 64 -9.02 -8.75 57.88
C THR E 64 -10.13 -7.72 58.12
N PRO E 65 -10.23 -7.15 59.33
CA PRO E 65 -11.22 -6.08 59.55
C PRO E 65 -11.02 -4.86 58.67
N GLU E 66 -9.75 -4.49 58.39
CA GLU E 66 -9.48 -3.35 57.52
C GLU E 66 -10.01 -3.60 56.11
N ALA E 67 -9.73 -4.78 55.55
CA ALA E 67 -10.17 -5.11 54.20
C ALA E 67 -11.69 -5.13 54.11
N LEU E 68 -12.34 -5.62 55.17
CA LEU E 68 -13.80 -5.67 55.20
C LEU E 68 -14.37 -4.27 55.26
N GLU E 69 -13.67 -3.37 55.95
CA GLU E 69 -14.07 -1.98 55.96
C GLU E 69 -13.97 -1.37 54.57
N LYS E 70 -12.89 -1.67 53.85
CA LYS E 70 -12.71 -1.10 52.53
C LYS E 70 -13.61 -1.75 51.48
N TYR E 71 -13.60 -3.08 51.41
CA TYR E 71 -14.36 -3.84 50.42
C TYR E 71 -15.42 -4.69 51.11
N SER E 72 -16.68 -4.28 51.01
CA SER E 72 -17.75 -5.02 51.65
C SER E 72 -18.21 -6.24 50.85
N ASP E 73 -17.62 -6.49 49.69
CA ASP E 73 -17.93 -7.67 48.87
C ASP E 73 -16.98 -8.84 49.11
N LEU E 74 -16.16 -8.77 50.14
CA LEU E 74 -15.11 -9.77 50.37
C LEU E 74 -15.60 -10.85 51.33
N GLY E 75 -15.75 -12.07 50.81
CA GLY E 75 -16.27 -13.22 51.53
C GLY E 75 -15.17 -14.18 51.94
N THR E 76 -15.49 -15.46 51.93
CA THR E 76 -14.53 -16.50 52.30
C THR E 76 -13.81 -17.05 51.08
N LEU E 77 -12.52 -17.35 51.24
CA LEU E 77 -11.67 -17.80 50.16
C LEU E 77 -11.26 -19.23 50.47
N TRP E 78 -11.41 -20.12 49.50
CA TRP E 78 -11.01 -21.51 49.59
C TRP E 78 -9.89 -21.79 48.59
N VAL E 79 -8.75 -22.23 49.08
CA VAL E 79 -7.60 -22.57 48.25
C VAL E 79 -7.46 -24.09 48.23
N GLU E 80 -7.31 -24.66 47.04
CA GLU E 80 -7.23 -26.10 46.86
C GLU E 80 -6.17 -26.47 45.83
N PHE E 81 -5.32 -27.43 46.18
CA PHE E 81 -4.37 -28.04 45.26
C PHE E 81 -4.96 -29.35 44.79
N CYS E 82 -5.02 -29.53 43.47
CA CYS E 82 -5.67 -30.70 42.90
C CYS E 82 -4.67 -31.82 42.72
N ASP E 83 -5.00 -32.99 43.27
CA ASP E 83 -4.14 -34.15 43.18
C ASP E 83 -4.07 -34.80 41.79
N GLU E 84 -4.97 -34.46 40.88
CA GLU E 84 -4.95 -35.11 39.57
C GLU E 84 -4.25 -34.26 38.53
N PRO E 85 -3.09 -34.71 38.00
CA PRO E 85 -2.32 -33.92 37.02
C PRO E 85 -3.12 -33.39 35.85
N SER E 86 -3.93 -34.23 35.24
CA SER E 86 -4.80 -33.86 34.15
C SER E 86 -6.18 -33.67 34.76
N VAL E 87 -6.74 -32.47 34.68
CA VAL E 87 -8.04 -32.22 35.29
C VAL E 87 -9.12 -32.48 34.27
N GLY E 88 -9.89 -33.55 34.51
CA GLY E 88 -10.95 -33.98 33.65
C GLY E 88 -12.32 -33.57 34.18
N ILE E 89 -13.35 -34.05 33.47
CA ILE E 89 -14.74 -33.76 33.82
C ILE E 89 -15.10 -34.33 35.20
N LYS E 90 -14.44 -35.43 35.59
CA LYS E 90 -14.69 -36.06 36.88
C LYS E 90 -14.23 -35.19 38.04
N THR E 91 -13.06 -34.56 37.91
CA THR E 91 -12.50 -33.77 39.00
C THR E 91 -13.30 -32.51 39.23
N MET E 92 -13.72 -31.86 38.14
CA MET E 92 -14.37 -30.56 38.25
C MET E 92 -15.73 -30.67 38.94
N ARG E 93 -16.46 -31.77 38.75
CA ARG E 93 -17.80 -31.88 39.33
C ARG E 93 -17.74 -31.89 40.86
N ASN E 94 -16.83 -32.69 41.42
CA ASN E 94 -16.67 -32.74 42.87
C ASN E 94 -16.15 -31.43 43.44
N PHE E 95 -15.33 -30.73 42.68
CA PHE E 95 -14.83 -29.44 43.12
C PHE E 95 -15.94 -28.38 43.16
N CYS E 96 -16.75 -28.29 42.09
CA CYS E 96 -17.85 -27.33 42.08
C CYS E 96 -18.89 -27.66 43.14
N LEU E 97 -19.14 -28.95 43.38
CA LEU E 97 -20.05 -29.38 44.43
C LEU E 97 -19.54 -28.98 45.82
N ARG E 98 -18.25 -29.23 46.08
CA ARG E 98 -17.62 -28.90 47.36
C ARG E 98 -17.75 -27.41 47.69
N ILE E 99 -17.57 -26.56 46.68
CA ILE E 99 -17.62 -25.11 46.87
C ILE E 99 -19.02 -24.67 47.26
N GLN E 100 -20.01 -25.19 46.54
CA GLN E 100 -21.41 -24.84 46.79
C GLN E 100 -21.89 -25.36 48.14
N GLU E 101 -21.57 -26.62 48.45
CA GLU E 101 -22.00 -27.26 49.70
C GLU E 101 -21.52 -26.48 50.92
N LYS E 102 -20.23 -26.18 50.96
CA LYS E 102 -19.63 -25.40 52.03
C LYS E 102 -19.79 -23.89 51.87
N ASN E 103 -20.51 -23.44 50.84
CA ASN E 103 -20.79 -22.05 50.40
C ASN E 103 -19.59 -21.11 50.57
N PHE E 104 -18.49 -21.44 49.90
CA PHE E 104 -17.40 -20.48 49.75
C PHE E 104 -17.73 -19.40 48.73
N SER E 105 -17.15 -18.22 48.97
CA SER E 105 -17.29 -17.10 48.06
C SER E 105 -16.35 -17.16 46.87
N THR E 106 -15.15 -17.71 47.03
CA THR E 106 -14.17 -17.77 45.94
C THR E 106 -13.30 -19.01 46.10
N GLY E 107 -13.05 -19.69 44.99
CA GLY E 107 -12.14 -20.81 45.00
C GLY E 107 -10.98 -20.77 44.03
N ILE E 108 -9.78 -20.95 44.56
CA ILE E 108 -8.55 -20.90 43.78
C ILE E 108 -8.13 -22.35 43.52
N PHE E 109 -8.05 -22.73 42.24
CA PHE E 109 -7.77 -24.11 41.84
C PHE E 109 -6.41 -24.23 41.16
N ILE E 110 -5.45 -24.79 41.88
CA ILE E 110 -4.11 -25.02 41.37
C ILE E 110 -4.06 -26.42 40.76
N TYR E 111 -3.69 -26.50 39.49
CA TYR E 111 -3.55 -27.78 38.80
C TYR E 111 -2.08 -28.06 38.56
N GLN E 112 -1.77 -29.26 38.10
CA GLN E 112 -0.38 -29.68 37.94
C GLN E 112 0.13 -29.51 36.51
N ASN E 113 -0.52 -30.13 35.53
CA ASN E 113 0.02 -30.14 34.18
C ASN E 113 -0.80 -29.38 33.16
N ASN E 114 -2.12 -29.58 33.09
CA ASN E 114 -2.92 -28.92 32.07
C ASN E 114 -4.38 -28.98 32.49
N ILE E 115 -5.21 -28.23 31.76
CA ILE E 115 -6.66 -28.29 31.87
C ILE E 115 -7.26 -28.42 30.48
N THR E 116 -8.03 -29.48 30.25
CA THR E 116 -8.60 -29.74 28.93
C THR E 116 -9.59 -28.63 28.56
N PRO E 117 -9.63 -28.23 27.29
CA PRO E 117 -10.57 -27.16 26.85
C PRO E 117 -12.04 -27.47 27.13
N SER E 118 -12.41 -28.74 27.14
CA SER E 118 -13.78 -29.14 27.49
C SER E 118 -14.07 -28.84 28.95
N ALA E 119 -13.12 -29.16 29.82
CA ALA E 119 -13.25 -28.86 31.25
C ALA E 119 -13.15 -27.36 31.52
N ASN E 120 -12.52 -26.60 30.63
CA ASN E 120 -12.39 -25.16 30.82
C ASN E 120 -13.74 -24.44 30.68
N LYS E 121 -14.74 -25.06 30.06
CA LYS E 121 -16.05 -24.42 29.99
C LYS E 121 -16.88 -24.61 31.25
N MET E 122 -16.51 -25.57 32.11
CA MET E 122 -17.18 -25.76 33.40
C MET E 122 -16.86 -24.69 34.44
N ILE E 123 -16.04 -23.69 34.10
CA ILE E 123 -15.59 -22.67 35.04
C ILE E 123 -16.60 -21.53 35.20
N PRO E 124 -17.16 -20.91 34.14
CA PRO E 124 -18.13 -19.84 34.39
C PRO E 124 -19.56 -20.31 34.64
N THR E 125 -19.82 -21.61 34.70
CA THR E 125 -21.18 -22.11 34.93
C THR E 125 -21.53 -22.31 36.41
N VAL E 126 -20.81 -21.66 37.32
CA VAL E 126 -20.85 -22.03 38.73
C VAL E 126 -20.98 -20.71 39.51
N SER E 127 -21.46 -19.69 38.81
CA SER E 127 -21.69 -18.36 39.38
C SER E 127 -22.83 -18.39 40.40
N PRO E 128 -22.94 -17.38 41.29
CA PRO E 128 -22.15 -16.16 41.55
C PRO E 128 -20.83 -16.42 42.28
N ALA E 129 -20.54 -17.68 42.54
CA ALA E 129 -19.23 -18.07 43.04
C ALA E 129 -18.22 -17.93 41.91
N ILE E 130 -16.98 -17.59 42.25
CA ILE E 130 -15.98 -17.27 41.25
C ILE E 130 -14.91 -18.35 41.36
N ILE E 131 -14.60 -18.99 40.23
CA ILE E 131 -13.52 -19.97 40.19
C ILE E 131 -12.36 -19.42 39.37
N GLU E 132 -11.16 -19.46 39.95
CA GLU E 132 -9.94 -19.06 39.28
C GLU E 132 -8.96 -20.24 39.28
N THR E 133 -8.28 -20.43 38.16
CA THR E 133 -7.33 -21.53 38.00
C THR E 133 -5.91 -21.03 37.80
N PHE E 134 -4.94 -21.78 38.31
CA PHE E 134 -3.54 -21.45 38.13
C PHE E 134 -2.72 -22.70 37.85
N GLN E 135 -1.81 -22.60 36.90
CA GLN E 135 -0.83 -23.65 36.69
C GLN E 135 0.28 -23.53 37.71
N GLU E 136 0.65 -24.68 38.31
CA GLU E 136 1.62 -24.72 39.40
C GLU E 136 2.97 -24.12 39.03
N SER E 137 3.37 -24.26 37.76
CA SER E 137 4.60 -23.63 37.28
C SER E 137 4.57 -22.11 37.49
N ASP E 138 3.46 -21.47 37.10
CA ASP E 138 3.34 -20.01 37.10
C ASP E 138 3.43 -19.39 38.49
N LEU E 139 3.39 -20.17 39.56
CA LEU E 139 3.38 -19.63 40.90
C LEU E 139 4.69 -19.86 41.63
N VAL E 140 5.66 -20.56 41.02
CA VAL E 140 6.95 -20.82 41.63
C VAL E 140 7.65 -19.53 42.03
N VAL E 141 7.55 -18.50 41.20
CA VAL E 141 8.03 -17.17 41.54
C VAL E 141 6.85 -16.23 41.67
N ASN E 142 6.85 -15.43 42.73
CA ASN E 142 5.84 -14.40 42.93
C ASN E 142 6.29 -13.21 42.10
N ILE E 143 5.60 -13.00 40.98
CA ILE E 143 6.03 -12.00 40.01
C ILE E 143 5.93 -10.57 40.54
N THR E 144 5.08 -10.30 41.53
CA THR E 144 5.00 -8.95 42.06
C THR E 144 6.22 -8.50 42.84
N HIS E 145 7.16 -9.38 43.16
CA HIS E 145 8.39 -8.96 43.80
C HIS E 145 9.43 -8.50 42.80
N HIS E 146 9.11 -8.53 41.52
CA HIS E 146 10.06 -8.15 40.50
C HIS E 146 10.23 -6.64 40.47
N GLU E 147 11.46 -6.18 40.21
CA GLU E 147 11.75 -4.75 40.03
C GLU E 147 10.79 -4.06 39.08
N LEU E 148 10.47 -4.69 37.95
CA LEU E 148 9.71 -4.01 36.93
C LEU E 148 8.22 -3.96 37.22
N VAL E 149 7.73 -4.66 38.23
CA VAL E 149 6.30 -4.65 38.55
C VAL E 149 6.00 -3.75 39.75
N PRO E 150 5.47 -2.56 39.52
CA PRO E 150 5.10 -1.70 40.65
C PRO E 150 3.87 -2.21 41.39
N LYS E 151 3.67 -1.69 42.60
CA LYS E 151 2.62 -2.13 43.51
C LYS E 151 1.24 -1.77 43.00
N HIS E 152 0.42 -2.78 42.71
CA HIS E 152 -0.97 -2.59 42.34
C HIS E 152 -1.90 -2.65 43.54
N ILE E 153 -2.79 -1.67 43.66
CA ILE E 153 -3.77 -1.60 44.74
C ILE E 153 -5.14 -1.39 44.13
N ARG E 154 -6.08 -2.29 44.41
CA ARG E 154 -7.42 -2.13 43.83
C ARG E 154 -8.15 -0.97 44.51
N LEU E 155 -8.77 -0.09 43.73
CA LEU E 155 -9.61 0.95 44.30
C LEU E 155 -10.97 0.43 44.73
N SER E 156 -11.46 0.92 45.88
CA SER E 156 -12.81 0.68 46.30
C SER E 156 -13.82 1.40 45.42
N ASP E 157 -15.08 0.96 45.52
CA ASP E 157 -16.18 1.54 44.75
C ASP E 157 -16.38 3.02 45.04
N GLY E 158 -16.22 3.44 46.30
CA GLY E 158 -16.35 4.86 46.62
C GLY E 158 -15.21 5.68 46.05
N GLU E 159 -13.99 5.17 46.15
CA GLU E 159 -12.82 5.86 45.60
C GLU E 159 -12.91 5.96 44.08
N LYS E 160 -13.37 4.89 43.42
CA LYS E 160 -13.56 4.89 41.97
C LYS E 160 -14.53 5.96 41.50
N SER E 161 -15.72 6.02 42.12
CA SER E 161 -16.69 7.05 41.77
C SER E 161 -16.14 8.45 41.95
N GLN E 162 -15.40 8.68 43.04
CA GLN E 162 -14.80 9.98 43.27
C GLN E 162 -13.78 10.33 42.19
N LEU E 163 -13.03 9.32 41.72
CA LEU E 163 -12.04 9.51 40.66
C LEU E 163 -12.68 9.92 39.34
N LEU E 164 -13.76 9.24 38.94
CA LEU E 164 -14.39 9.51 37.65
C LEU E 164 -14.94 10.92 37.59
N GLN E 165 -15.45 11.43 38.70
CA GLN E 165 -16.01 12.78 38.70
C GLN E 165 -14.91 13.82 38.61
N ARG E 166 -13.77 13.59 39.27
CA ARG E 166 -12.66 14.55 39.24
C ARG E 166 -12.15 14.76 37.82
N TYR E 167 -12.07 13.71 37.02
CA TYR E 167 -11.66 13.85 35.63
C TYR E 167 -12.80 13.96 34.64
N LYS E 168 -14.06 13.93 35.11
CA LYS E 168 -15.26 13.95 34.27
C LYS E 168 -15.23 12.91 33.15
N LEU E 169 -14.98 11.67 33.55
CA LEU E 169 -14.67 10.55 32.65
C LEU E 169 -15.84 9.59 32.56
N LYS E 170 -16.09 9.09 31.36
CA LYS E 170 -16.76 7.80 31.27
C LYS E 170 -15.78 6.68 31.59
N GLU E 171 -16.33 5.53 31.99
CA GLU E 171 -15.53 4.38 32.37
C GLU E 171 -14.67 3.87 31.23
N SER E 172 -15.21 3.93 30.01
CA SER E 172 -14.53 3.43 28.81
C SER E 172 -13.36 4.29 28.32
N GLN E 173 -13.03 5.34 29.04
CA GLN E 173 -11.92 6.21 28.65
C GLN E 173 -10.62 5.97 29.41
N LEU E 174 -10.65 5.13 30.43
CA LEU E 174 -9.42 4.88 31.18
C LEU E 174 -8.55 3.88 30.42
N PRO E 175 -7.22 3.89 30.60
CA PRO E 175 -6.41 2.77 30.11
C PRO E 175 -6.86 1.44 30.66
N ARG E 176 -6.54 0.38 29.93
CA ARG E 176 -7.10 -0.92 30.22
C ARG E 176 -6.04 -1.94 30.58
N ILE E 177 -6.49 -2.98 31.28
CA ILE E 177 -5.70 -4.19 31.50
C ILE E 177 -6.56 -5.41 31.23
N GLN E 178 -6.05 -6.34 30.43
CA GLN E 178 -6.81 -7.53 30.07
C GLN E 178 -6.97 -8.43 31.28
N ARG E 179 -8.10 -9.14 31.33
CA ARG E 179 -8.35 -10.08 32.42
C ARG E 179 -7.30 -11.17 32.54
N GLU E 180 -6.76 -11.68 31.43
CA GLU E 180 -5.76 -12.72 31.59
C GLU E 180 -4.35 -12.20 31.88
N ASP E 181 -4.17 -10.89 32.03
CA ASP E 181 -2.87 -10.35 32.43
C ASP E 181 -2.44 -10.94 33.77
N PRO E 182 -1.17 -11.34 33.92
CA PRO E 182 -0.68 -11.92 35.19
C PRO E 182 -0.97 -11.14 36.46
N VAL E 183 -0.90 -9.82 36.44
CA VAL E 183 -1.13 -9.14 37.71
C VAL E 183 -2.63 -9.00 38.00
N ALA E 184 -3.46 -8.87 36.97
CA ALA E 184 -4.91 -8.87 37.16
C ALA E 184 -5.42 -10.20 37.69
N ARG E 185 -4.88 -11.31 37.20
CA ARG E 185 -5.28 -12.62 37.68
C ARG E 185 -4.86 -12.83 39.12
N TYR E 186 -3.64 -12.41 39.44
CA TYR E 186 -3.11 -12.47 40.80
C TYR E 186 -4.04 -11.79 41.80
N LEU E 187 -4.63 -10.67 41.42
CA LEU E 187 -5.52 -9.98 42.34
C LEU E 187 -6.96 -10.46 42.25
N GLY E 188 -7.26 -11.35 41.32
CA GLY E 188 -8.63 -11.76 41.04
C GLY E 188 -9.54 -10.62 40.64
N LEU E 189 -9.04 -9.72 39.81
CA LEU E 189 -9.83 -8.61 39.31
C LEU E 189 -11.00 -9.05 38.45
N LYS E 190 -12.15 -8.43 38.67
CA LYS E 190 -13.33 -8.65 37.84
C LYS E 190 -13.57 -7.39 37.03
N ARG E 191 -14.30 -7.56 35.93
CA ARG E 191 -14.68 -6.47 35.03
C ARG E 191 -15.30 -5.27 35.75
N GLY E 192 -14.78 -4.09 35.44
CA GLY E 192 -15.23 -2.85 36.02
C GLY E 192 -14.39 -2.34 37.17
N GLN E 193 -13.53 -3.16 37.74
CA GLN E 193 -12.71 -2.74 38.85
C GLN E 193 -11.44 -2.04 38.38
N VAL E 194 -10.98 -1.09 39.17
CA VAL E 194 -9.85 -0.25 38.83
C VAL E 194 -8.69 -0.56 39.78
N VAL E 195 -7.48 -0.68 39.23
CA VAL E 195 -6.28 -0.73 40.05
C VAL E 195 -5.61 0.62 39.99
N LYS E 196 -5.02 1.02 41.10
CA LYS E 196 -4.13 2.18 41.17
C LYS E 196 -2.70 1.69 41.20
N ILE E 197 -1.84 2.35 40.42
CA ILE E 197 -0.49 1.89 40.23
C ILE E 197 0.41 3.07 40.52
N ILE E 198 1.14 2.99 41.63
CA ILE E 198 2.10 4.02 42.02
C ILE E 198 3.47 3.56 41.60
N ARG E 199 4.19 4.42 40.90
CA ARG E 199 5.28 3.98 40.04
C ARG E 199 6.43 4.95 40.19
N ARG E 200 7.66 4.41 40.20
CA ARG E 200 8.84 5.25 40.08
C ARG E 200 8.80 6.10 38.80
N SER E 201 9.33 7.31 38.90
CA SER E 201 9.49 8.18 37.76
C SER E 201 10.79 8.95 37.87
N GLU E 202 11.59 8.96 36.80
CA GLU E 202 12.85 9.67 36.86
C GLU E 202 12.70 11.19 36.69
N THR E 203 11.53 11.69 36.30
CA THR E 203 11.33 13.14 36.22
C THR E 203 10.60 13.73 37.41
N SER E 204 9.64 13.01 38.01
CA SER E 204 8.93 13.56 39.15
C SER E 204 9.10 12.79 40.44
N GLY E 205 9.82 11.67 40.43
CA GLY E 205 9.93 10.87 41.62
C GLY E 205 8.81 9.88 41.85
N ARG E 206 7.58 10.36 41.89
CA ARG E 206 6.46 9.48 42.19
C ARG E 206 5.33 9.81 41.24
N TYR E 207 4.61 8.81 40.74
CA TYR E 207 3.54 9.09 39.80
C TYR E 207 2.47 8.03 39.94
N ALA E 208 1.21 8.45 40.09
CA ALA E 208 0.10 7.51 40.22
C ALA E 208 -0.62 7.29 38.91
N SER E 209 -0.61 6.06 38.42
CA SER E 209 -1.28 5.66 37.19
C SER E 209 -2.49 4.81 37.54
N TYR E 210 -3.60 5.01 36.84
CA TYR E 210 -4.81 4.22 37.05
C TYR E 210 -5.12 3.40 35.81
N ARG E 211 -5.48 2.13 36.01
CA ARG E 211 -5.99 1.27 34.95
C ARG E 211 -7.26 0.54 35.38
N ILE E 212 -8.19 0.37 34.44
CA ILE E 212 -9.44 -0.33 34.69
C ILE E 212 -9.41 -1.68 33.99
N CYS E 213 -9.97 -2.69 34.65
CA CYS E 213 -9.90 -4.06 34.16
C CYS E 213 -11.02 -4.34 33.19
N LEU E 214 -10.72 -4.95 32.05
CA LEU E 214 -11.81 -5.38 31.19
C LEU E 214 -12.37 -6.67 31.76
N GLU F 71 -25.95 25.48 32.11
CA GLU F 71 -25.78 24.04 32.24
C GLU F 71 -24.30 23.63 32.17
N LEU F 72 -23.73 23.71 30.96
CA LEU F 72 -22.31 23.42 30.79
C LEU F 72 -21.42 24.45 31.47
N ALA F 73 -21.90 25.68 31.65
CA ALA F 73 -21.06 26.75 32.15
C ALA F 73 -20.72 26.54 33.63
N ILE F 74 -19.44 26.78 33.95
CA ILE F 74 -18.89 26.62 35.29
C ILE F 74 -18.86 27.99 35.95
N LEU F 75 -19.37 28.06 37.19
CA LEU F 75 -19.49 29.31 37.93
C LEU F 75 -18.11 29.88 38.24
N LYS F 76 -18.07 31.22 38.32
CA LYS F 76 -16.83 31.99 38.52
C LYS F 76 -16.03 31.54 39.73
N GLU F 77 -16.70 31.21 40.84
CA GLU F 77 -15.98 30.84 42.05
C GLU F 77 -15.31 29.48 41.94
N GLU F 78 -15.79 28.62 41.04
CA GLU F 78 -15.33 27.25 40.88
C GLU F 78 -14.46 27.03 39.65
N ARG F 79 -13.88 28.07 39.09
CA ARG F 79 -13.03 27.93 37.91
C ARG F 79 -11.70 27.32 38.32
N THR F 80 -11.27 26.29 37.58
CA THR F 80 -10.06 25.56 37.91
C THR F 80 -8.90 25.63 36.93
N THR F 81 -9.09 26.18 35.74
CA THR F 81 -7.97 26.15 34.80
C THR F 81 -6.96 27.23 35.15
N THR F 82 -5.80 27.16 34.48
CA THR F 82 -4.65 27.97 34.86
C THR F 82 -4.95 29.47 34.71
N PRO F 83 -4.54 30.30 35.67
CA PRO F 83 -4.75 31.74 35.53
C PRO F 83 -3.74 32.47 34.67
N TYR F 84 -2.81 31.80 34.01
CA TYR F 84 -1.91 32.50 33.10
C TYR F 84 -2.37 32.31 31.67
N LEU F 85 -2.25 33.38 30.89
CA LEU F 85 -2.48 33.30 29.46
C LEU F 85 -1.43 32.42 28.78
N THR F 86 -1.89 31.42 28.05
CA THR F 86 -0.99 30.50 27.34
C THR F 86 -0.50 31.17 26.07
N LYS F 87 0.60 30.65 25.50
CA LYS F 87 1.10 31.22 24.24
C LYS F 87 0.07 31.10 23.13
N TYR F 88 -0.74 30.04 23.12
CA TYR F 88 -1.74 29.87 22.08
C TYR F 88 -2.89 30.85 22.26
N GLU F 89 -3.36 31.05 23.49
CA GLU F 89 -4.39 32.04 23.73
C GLU F 89 -3.93 33.45 23.39
N ARG F 90 -2.67 33.76 23.68
CA ARG F 90 -2.11 35.08 23.41
C ARG F 90 -2.10 35.37 21.92
N ALA F 91 -1.61 34.42 21.13
CA ALA F 91 -1.52 34.58 19.67
C ALA F 91 -2.89 34.77 19.04
N ARG F 92 -3.89 34.01 19.49
CA ARG F 92 -5.23 34.14 18.94
C ARG F 92 -5.86 35.48 19.31
N ILE F 93 -5.66 35.92 20.56
CA ILE F 93 -6.21 37.20 21.01
C ILE F 93 -5.62 38.36 20.23
N LEU F 94 -4.30 38.36 20.06
CA LEU F 94 -3.63 39.44 19.33
C LEU F 94 -4.10 39.49 17.89
N GLY F 95 -4.16 38.34 17.22
CA GLY F 95 -4.61 38.31 15.84
C GLY F 95 -6.05 38.72 15.65
N THR F 96 -6.95 38.19 16.47
CA THR F 96 -8.37 38.53 16.38
C THR F 96 -8.59 40.02 16.62
N ARG F 97 -7.95 40.57 17.64
CA ARG F 97 -8.13 41.98 17.95
C ARG F 97 -7.52 42.87 16.87
N ALA F 98 -6.33 42.51 16.37
CA ALA F 98 -5.74 43.16 15.22
C ALA F 98 -6.68 43.21 14.03
N LEU F 99 -7.27 42.05 13.69
CA LEU F 99 -8.21 41.95 12.59
C LEU F 99 -9.38 42.91 12.77
N GLN F 100 -9.97 42.95 13.96
CA GLN F 100 -11.09 43.84 14.21
C GLN F 100 -10.72 45.31 14.06
N ILE F 101 -9.50 45.68 14.46
CA ILE F 101 -9.05 47.06 14.33
C ILE F 101 -8.91 47.45 12.88
N SER F 102 -8.37 46.55 12.04
CA SER F 102 -8.25 46.86 10.63
C SER F 102 -9.60 46.96 9.93
N MET F 103 -10.66 46.42 10.51
CA MET F 103 -12.00 46.64 10.00
C MET F 103 -12.71 47.79 10.68
N ASN F 104 -11.95 48.64 11.39
CA ASN F 104 -12.37 49.91 11.98
C ASN F 104 -13.26 49.74 13.20
N ALA F 105 -12.93 48.75 14.03
CA ALA F 105 -13.52 48.67 15.36
C ALA F 105 -12.99 49.82 16.22
N PRO F 106 -13.80 50.34 17.14
CA PRO F 106 -13.32 51.36 18.09
C PRO F 106 -12.13 50.86 18.91
N VAL F 107 -11.07 51.64 18.92
CA VAL F 107 -9.85 51.30 19.65
C VAL F 107 -9.97 51.92 21.04
N LEU F 108 -9.56 51.16 22.07
CA LEU F 108 -9.71 51.56 23.46
C LEU F 108 -8.49 52.23 24.08
N VAL F 109 -7.39 52.40 23.35
CA VAL F 109 -6.22 53.08 23.89
C VAL F 109 -5.87 54.24 22.98
N ASP F 110 -5.07 55.15 23.51
CA ASP F 110 -4.49 56.20 22.67
C ASP F 110 -3.50 55.63 21.67
N ILE F 111 -3.62 56.05 20.43
CA ILE F 111 -2.71 55.69 19.36
C ILE F 111 -1.76 56.86 19.12
N GLU F 112 -0.48 56.67 19.39
CA GLU F 112 0.47 57.72 19.10
C GLU F 112 1.10 57.53 17.73
N GLY F 113 2.37 57.14 17.71
CA GLY F 113 3.14 57.00 16.49
C GLY F 113 3.04 55.63 15.84
N GLU F 114 2.63 54.64 16.62
CA GLU F 114 2.60 53.25 16.19
C GLU F 114 1.23 52.91 15.60
N THR F 115 1.16 52.85 14.28
CA THR F 115 -0.11 52.76 13.58
C THR F 115 -0.37 51.42 12.89
N ASP F 116 0.58 50.48 12.93
CA ASP F 116 0.31 49.14 12.41
C ASP F 116 -0.83 48.49 13.19
N PRO F 117 -1.70 47.71 12.53
CA PRO F 117 -2.76 46.99 13.27
C PRO F 117 -2.26 46.08 14.38
N LEU F 118 -1.21 45.31 14.13
CA LEU F 118 -0.65 44.43 15.16
C LEU F 118 -0.08 45.21 16.33
N GLN F 119 0.53 46.37 16.07
CA GLN F 119 1.14 47.16 17.13
C GLN F 119 0.10 47.74 18.07
N ILE F 120 -1.01 48.25 17.53
CA ILE F 120 -2.08 48.78 18.35
C ILE F 120 -2.67 47.69 19.23
N ALA F 121 -2.87 46.50 18.67
CA ALA F 121 -3.40 45.38 19.45
C ALA F 121 -2.44 44.97 20.56
N MET F 122 -1.14 44.94 20.28
CA MET F 122 -0.14 44.65 21.31
C MET F 122 -0.08 45.72 22.38
N LYS F 123 -0.34 46.97 22.03
CA LYS F 123 -0.40 48.03 23.01
C LYS F 123 -1.59 47.85 23.95
N GLU F 124 -2.77 47.53 23.39
CA GLU F 124 -3.95 47.25 24.21
C GLU F 124 -3.74 46.09 25.16
N LEU F 125 -3.05 45.04 24.70
CA LEU F 125 -2.78 43.89 25.57
C LEU F 125 -1.95 44.28 26.78
N SER F 126 -0.91 45.09 26.57
CA SER F 126 -0.01 45.48 27.64
C SER F 126 -0.69 46.33 28.71
N GLN F 127 -1.79 47.00 28.38
CA GLN F 127 -2.51 47.81 29.35
C GLN F 127 -3.75 47.11 29.89
N ARG F 128 -3.90 45.81 29.61
CA ARG F 128 -5.04 45.00 30.05
C ARG F 128 -6.40 45.55 29.57
N LYS F 129 -6.48 45.98 28.32
CA LYS F 129 -7.67 46.67 27.82
C LYS F 129 -8.34 45.98 26.64
N ILE F 130 -7.99 44.74 26.31
CA ILE F 130 -8.67 43.99 25.26
C ILE F 130 -10.01 43.42 25.71
N PRO F 131 -11.12 43.82 25.08
CA PRO F 131 -12.48 43.45 25.51
C PRO F 131 -12.97 42.08 25.02
N LEU F 132 -12.20 41.04 25.28
CA LEU F 132 -12.57 39.71 24.82
C LEU F 132 -12.55 38.70 25.96
N VAL F 133 -13.29 37.60 25.75
CA VAL F 133 -13.43 36.54 26.74
C VAL F 133 -12.99 35.25 26.07
N ILE F 134 -12.11 34.51 26.74
CA ILE F 134 -11.73 33.18 26.31
C ILE F 134 -12.72 32.15 26.82
N ARG F 135 -13.25 31.33 25.92
CA ARG F 135 -14.08 30.20 26.31
C ARG F 135 -13.19 28.97 26.19
N ARG F 136 -12.67 28.49 27.31
CA ARG F 136 -11.76 27.35 27.30
C ARG F 136 -12.57 26.07 27.42
N TYR F 137 -12.57 25.26 26.38
CA TYR F 137 -13.28 24.00 26.45
C TYR F 137 -12.44 22.97 27.17
N LEU F 138 -13.05 22.28 28.11
CA LEU F 138 -12.56 21.12 28.83
C LEU F 138 -12.93 19.87 28.06
N PRO F 139 -12.24 18.73 28.28
CA PRO F 139 -12.52 17.52 27.50
C PRO F 139 -13.96 17.02 27.46
N ASP F 140 -14.74 17.20 28.51
CA ASP F 140 -16.12 16.71 28.50
C ASP F 140 -17.08 17.63 27.76
N GLY F 141 -16.63 18.78 27.31
CA GLY F 141 -17.48 19.71 26.63
C GLY F 141 -17.88 20.91 27.46
N SER F 142 -17.82 20.81 28.78
CA SER F 142 -18.03 21.97 29.63
C SER F 142 -16.93 23.00 29.43
N TYR F 143 -17.13 24.18 29.99
CA TYR F 143 -16.20 25.26 29.67
C TYR F 143 -16.19 26.29 30.77
N GLU F 144 -15.05 26.96 30.90
CA GLU F 144 -14.89 28.12 31.77
C GLU F 144 -14.64 29.33 30.91
N ASP F 145 -15.47 30.35 31.07
CA ASP F 145 -15.20 31.63 30.43
C ASP F 145 -14.24 32.47 31.28
N TRP F 146 -13.15 32.91 30.67
CA TRP F 146 -12.19 33.81 31.30
C TRP F 146 -12.04 35.08 30.47
N GLY F 147 -12.25 36.24 31.07
CA GLY F 147 -11.98 37.48 30.37
C GLY F 147 -10.48 37.73 30.27
N CYS F 148 -10.06 38.32 29.15
CA CYS F 148 -8.66 38.73 29.01
C CYS F 148 -8.28 39.86 29.93
N ASP F 149 -9.25 40.58 30.48
CA ASP F 149 -8.96 41.56 31.52
C ASP F 149 -8.50 40.91 32.82
N GLU F 150 -8.90 39.67 33.11
CA GLU F 150 -8.51 39.11 34.40
C GLU F 150 -7.36 38.12 34.33
N LEU F 151 -7.07 37.55 33.16
CA LEU F 151 -5.95 36.63 33.08
C LEU F 151 -4.61 37.33 33.13
N ILE F 152 -3.68 36.75 33.89
CA ILE F 152 -2.37 37.35 34.08
C ILE F 152 -1.52 37.05 32.87
N VAL F 153 -0.93 38.07 32.28
CA VAL F 153 -0.02 37.93 31.15
C VAL F 153 1.39 38.13 31.66
N ASP F 154 2.29 37.20 31.34
CA ASP F 154 3.67 37.36 31.71
C ASP F 154 4.33 38.58 31.06
N MET G 1 -54.70 31.04 14.55
CA MET G 1 -54.72 30.44 15.88
C MET G 1 -53.47 30.96 16.57
N PHE G 2 -53.64 31.68 17.69
CA PHE G 2 -52.53 32.34 18.36
C PHE G 2 -51.80 31.45 19.34
N PHE G 3 -50.47 31.55 19.35
CA PHE G 3 -49.62 30.88 20.31
C PHE G 3 -48.54 31.83 20.81
N LEU G 4 -47.95 31.47 21.94
CA LEU G 4 -46.68 32.02 22.39
C LEU G 4 -45.54 31.05 22.13
N LYS G 5 -44.54 31.50 21.38
CA LYS G 5 -43.40 30.69 20.99
C LYS G 5 -42.09 31.31 21.40
N ASP G 6 -41.23 30.46 21.95
CA ASP G 6 -39.86 30.80 22.32
C ASP G 6 -38.98 30.52 21.11
N LEU G 7 -38.50 31.58 20.46
CA LEU G 7 -37.76 31.48 19.22
C LEU G 7 -36.35 32.00 19.39
N SER G 8 -35.55 31.84 18.34
CA SER G 8 -34.22 32.41 18.35
C SER G 8 -33.77 32.69 16.92
N LEU G 9 -32.87 33.66 16.82
CA LEU G 9 -32.38 34.16 15.56
C LEU G 9 -30.88 34.32 15.63
N ILE G 10 -30.18 33.83 14.62
CA ILE G 10 -28.74 34.03 14.50
C ILE G 10 -28.51 35.37 13.85
N LEU G 11 -27.82 36.24 14.56
CA LEU G 11 -27.46 37.57 14.09
C LEU G 11 -25.96 37.71 13.95
N THR G 12 -25.53 38.20 12.80
CA THR G 12 -24.13 38.45 12.52
C THR G 12 -23.88 39.95 12.58
N LEU G 13 -22.89 40.35 13.36
CA LEU G 13 -22.61 41.75 13.65
C LEU G 13 -21.25 42.12 13.08
N HIS G 14 -21.20 43.21 12.32
CA HIS G 14 -19.93 43.66 11.78
C HIS G 14 -19.13 44.31 12.91
N PRO G 15 -17.81 44.16 12.93
CA PRO G 15 -17.00 44.67 14.05
C PRO G 15 -17.09 46.15 14.33
N SER G 16 -17.39 46.98 13.32
CA SER G 16 -17.57 48.42 13.50
C SER G 16 -18.77 48.80 14.38
N TYR G 17 -19.62 47.85 14.75
CA TYR G 17 -20.77 48.06 15.63
C TYR G 17 -20.45 47.70 17.08
N PHE G 18 -19.18 47.45 17.40
CA PHE G 18 -18.78 47.02 18.75
C PHE G 18 -18.63 48.19 19.73
N GLY G 19 -19.77 48.75 20.14
CA GLY G 19 -19.74 49.89 21.01
C GLY G 19 -20.54 49.64 22.29
N PRO G 20 -20.66 50.66 23.14
CA PRO G 20 -21.28 50.45 24.45
C PRO G 20 -22.77 50.22 24.43
N GLN G 21 -23.45 50.51 23.32
CA GLN G 21 -24.89 50.30 23.17
C GLN G 21 -25.19 49.17 22.19
N MET G 22 -24.31 48.17 22.18
CA MET G 22 -24.35 47.08 21.22
C MET G 22 -25.66 46.32 21.35
N ASN G 23 -26.02 46.00 22.60
CA ASN G 23 -27.23 45.22 22.90
C ASN G 23 -28.47 45.97 22.46
N GLN G 24 -28.50 47.29 22.67
CA GLN G 24 -29.66 48.07 22.27
C GLN G 24 -29.82 48.10 20.76
N TYR G 25 -28.71 48.22 20.03
CA TYR G 25 -28.75 48.09 18.58
C TYR G 25 -29.32 46.75 18.16
N LEU G 26 -28.93 45.66 18.85
CA LEU G 26 -29.37 44.32 18.49
C LEU G 26 -30.85 44.15 18.75
N ARG G 27 -31.35 44.80 19.80
CA ARG G 27 -32.76 44.70 20.14
C ARG G 27 -33.60 45.36 19.06
N GLU G 28 -33.17 46.54 18.60
CA GLU G 28 -33.81 47.19 17.46
C GLU G 28 -33.67 46.34 16.20
N LYS G 29 -32.50 45.72 16.01
CA LYS G 29 -32.23 44.92 14.83
C LYS G 29 -33.12 43.68 14.76
N LEU G 30 -33.27 42.99 15.89
CA LEU G 30 -34.17 41.83 15.96
C LEU G 30 -35.60 42.16 15.58
N LEU G 31 -36.14 43.26 16.12
CA LEU G 31 -37.52 43.65 15.88
C LEU G 31 -37.77 44.03 14.43
N THR G 32 -36.87 44.81 13.83
CA THR G 32 -37.01 45.21 12.42
C THR G 32 -37.04 44.01 11.48
N ASP G 33 -36.34 42.94 11.83
CA ASP G 33 -36.16 41.81 10.92
C ASP G 33 -37.24 40.76 11.10
N VAL G 34 -37.88 40.68 12.26
CA VAL G 34 -38.74 39.56 12.62
C VAL G 34 -40.21 39.95 12.67
N GLU G 35 -40.53 41.17 13.09
CA GLU G 35 -41.93 41.57 13.27
C GLU G 35 -42.64 41.79 11.94
N GLY G 36 -43.78 41.11 11.77
CA GLY G 36 -44.58 41.21 10.56
C GLY G 36 -44.26 40.18 9.51
N THR G 37 -43.16 39.45 9.64
CA THR G 37 -42.76 38.43 8.69
C THR G 37 -43.49 37.11 8.97
N CYS G 38 -43.59 36.30 7.92
CA CYS G 38 -44.29 35.02 7.96
C CYS G 38 -43.36 33.89 7.55
N THR G 39 -43.53 32.74 8.20
CA THR G 39 -42.89 31.49 7.83
C THR G 39 -43.91 30.37 7.91
N GLY G 40 -43.78 29.39 7.01
CA GLY G 40 -44.64 28.21 7.05
C GLY G 40 -44.51 27.34 8.29
N GLN G 41 -43.38 27.44 9.00
CA GLN G 41 -43.12 26.59 10.14
C GLN G 41 -43.87 27.06 11.39
N PHE G 42 -43.94 28.37 11.61
CA PHE G 42 -44.61 28.97 12.76
C PHE G 42 -45.81 29.85 12.44
N GLY G 43 -45.91 30.40 11.23
CA GLY G 43 -46.96 31.34 10.90
C GLY G 43 -46.46 32.77 10.89
N TYR G 44 -47.41 33.68 11.07
CA TYR G 44 -47.08 35.10 11.19
C TYR G 44 -46.57 35.38 12.59
N ILE G 45 -45.45 36.07 12.69
CA ILE G 45 -44.92 36.55 13.97
C ILE G 45 -45.49 37.94 14.22
N VAL G 46 -46.43 38.04 15.15
CA VAL G 46 -47.19 39.29 15.29
C VAL G 46 -46.41 40.33 16.07
N THR G 47 -46.12 40.05 17.35
CA THR G 47 -45.28 40.89 18.18
C THR G 47 -44.41 40.03 19.09
N VAL G 48 -43.21 40.55 19.37
CA VAL G 48 -42.26 39.89 20.25
C VAL G 48 -42.46 40.41 21.67
N LEU G 49 -42.50 39.49 22.64
CA LEU G 49 -42.68 39.86 24.03
C LEU G 49 -41.38 40.33 24.66
N ASP G 50 -41.49 41.41 25.44
CA ASP G 50 -40.43 41.91 26.33
C ASP G 50 -39.17 42.28 25.55
N GLY G 51 -39.37 43.02 24.45
CA GLY G 51 -38.30 43.26 23.50
C GLY G 51 -37.12 44.02 24.08
N MET G 52 -37.41 45.01 24.91
CA MET G 52 -36.33 45.84 25.45
C MET G 52 -35.52 45.16 26.54
N ASN G 53 -35.94 43.97 27.01
CA ASN G 53 -35.21 43.25 28.04
C ASN G 53 -34.64 41.90 27.59
N ILE G 54 -34.60 41.62 26.29
CA ILE G 54 -34.11 40.33 25.81
C ILE G 54 -32.64 40.14 26.13
N ASP G 55 -32.31 38.98 26.70
CA ASP G 55 -30.94 38.58 27.02
C ASP G 55 -30.34 37.93 25.77
N VAL G 56 -29.37 38.59 25.14
CA VAL G 56 -28.76 38.12 23.89
C VAL G 56 -27.63 37.13 24.08
N GLY G 57 -27.14 36.91 25.28
CA GLY G 57 -26.05 35.98 25.46
C GLY G 57 -24.73 36.60 25.02
N LYS G 58 -23.72 35.76 24.81
CA LYS G 58 -22.44 36.22 24.33
C LYS G 58 -22.25 35.90 22.85
N GLY G 59 -21.59 36.81 22.16
CA GLY G 59 -21.31 36.65 20.74
C GLY G 59 -20.07 35.84 20.41
N ARG G 60 -20.25 34.84 19.57
CA ARG G 60 -19.15 34.06 19.05
C ARG G 60 -18.48 34.75 17.86
N ILE G 61 -17.17 34.97 17.97
CA ILE G 61 -16.36 35.54 16.90
C ILE G 61 -16.10 34.48 15.84
N ILE G 62 -16.41 34.81 14.58
CA ILE G 62 -16.17 33.88 13.46
C ILE G 62 -14.70 33.84 13.08
N PRO G 63 -14.04 32.68 13.17
CA PRO G 63 -12.63 32.58 12.76
C PRO G 63 -12.42 32.98 11.31
N GLY G 64 -11.48 33.87 11.07
CA GLY G 64 -11.10 34.27 9.74
C GLY G 64 -11.84 35.44 9.15
N SER G 65 -12.91 35.90 9.80
CA SER G 65 -13.68 37.02 9.27
C SER G 65 -13.91 38.15 10.27
N GLY G 66 -13.68 37.93 11.57
CA GLY G 66 -13.79 39.03 12.50
C GLY G 66 -15.19 39.38 12.98
N SER G 67 -16.21 39.13 12.16
CA SER G 67 -17.58 39.42 12.55
C SER G 67 -18.02 38.54 13.72
N ALA G 68 -19.04 39.01 14.43
CA ALA G 68 -19.52 38.37 15.64
C ALA G 68 -20.91 37.80 15.43
N GLU G 69 -21.15 36.62 16.00
CA GLU G 69 -22.39 35.88 15.88
C GLU G 69 -23.12 35.80 17.22
N PHE G 70 -24.31 36.37 17.29
CA PHE G 70 -25.17 36.30 18.46
C PHE G 70 -26.33 35.36 18.20
N GLU G 71 -26.66 34.58 19.20
CA GLU G 71 -27.91 33.81 19.20
C GLU G 71 -28.86 34.52 20.14
N VAL G 72 -29.80 35.27 19.57
CA VAL G 72 -30.77 36.04 20.33
C VAL G 72 -31.96 35.15 20.61
N LYS G 73 -32.07 34.66 21.83
CA LYS G 73 -33.23 33.88 22.22
C LYS G 73 -34.32 34.86 22.61
N TYR G 74 -35.56 34.57 22.21
CA TYR G 74 -36.63 35.51 22.49
C TYR G 74 -37.98 34.79 22.54
N ARG G 75 -39.00 35.55 22.91
CA ARG G 75 -40.36 35.05 23.03
C ARG G 75 -41.31 35.97 22.26
N ALA G 76 -42.16 35.38 21.41
CA ALA G 76 -43.05 36.18 20.57
C ALA G 76 -44.49 35.65 20.60
N VAL G 77 -45.40 36.54 20.21
CA VAL G 77 -46.76 36.18 19.83
C VAL G 77 -46.77 35.75 18.38
N VAL G 78 -47.20 34.52 18.11
CA VAL G 78 -47.22 34.05 16.74
C VAL G 78 -48.65 33.68 16.36
N TRP G 79 -48.94 33.82 15.06
CA TRP G 79 -50.23 33.48 14.48
C TRP G 79 -50.10 32.54 13.30
N LYS G 80 -50.56 31.30 13.48
CA LYS G 80 -50.62 30.36 12.39
C LYS G 80 -52.03 29.79 12.32
N PRO G 81 -52.67 29.75 11.16
CA PRO G 81 -53.96 29.08 11.05
C PRO G 81 -53.76 27.59 10.84
N PHE G 82 -54.85 26.83 11.01
CA PHE G 82 -54.75 25.38 10.91
C PHE G 82 -55.94 24.82 10.15
N LYS G 83 -55.67 23.77 9.38
CA LYS G 83 -56.71 22.98 8.74
C LYS G 83 -57.58 22.27 9.77
N GLY G 84 -58.89 22.44 9.64
CA GLY G 84 -59.87 21.91 10.55
C GLY G 84 -60.42 22.92 11.52
N GLU G 85 -59.72 24.03 11.69
CA GLU G 85 -60.07 25.04 12.67
C GLU G 85 -61.23 25.86 12.13
N VAL G 86 -62.29 25.98 12.92
CA VAL G 86 -63.41 26.83 12.53
C VAL G 86 -63.11 28.22 13.06
N VAL G 87 -63.30 29.24 12.20
CA VAL G 87 -62.99 30.62 12.52
C VAL G 87 -64.02 31.55 11.90
N ASP G 88 -64.12 32.73 12.50
CA ASP G 88 -64.89 33.85 12.01
C ASP G 88 -64.00 34.70 11.09
N ALA G 89 -64.64 35.59 10.33
CA ALA G 89 -63.89 36.37 9.35
C ALA G 89 -64.67 37.60 8.93
N ILE G 90 -63.99 38.47 8.18
CA ILE G 90 -64.56 39.69 7.60
C ILE G 90 -64.28 39.65 6.10
N VAL G 91 -65.34 39.67 5.29
CA VAL G 91 -65.20 39.52 3.85
C VAL G 91 -64.54 40.76 3.24
N SER G 92 -63.54 40.55 2.39
CA SER G 92 -62.82 41.62 1.73
C SER G 92 -63.30 41.87 0.29
N ASN G 93 -63.69 40.83 -0.43
CA ASN G 93 -64.15 40.92 -1.80
C ASN G 93 -65.23 39.87 -2.04
N VAL G 94 -66.10 40.14 -3.00
CA VAL G 94 -67.07 39.15 -3.46
C VAL G 94 -66.96 39.08 -4.98
N SER G 95 -66.90 37.86 -5.52
CA SER G 95 -66.71 37.71 -6.95
C SER G 95 -67.50 36.50 -7.47
N PRO G 96 -67.66 36.31 -8.80
CA PRO G 96 -68.38 35.13 -9.30
C PRO G 96 -67.78 33.79 -8.90
N ILE G 97 -66.51 33.74 -8.47
CA ILE G 97 -65.84 32.49 -8.11
C ILE G 97 -65.83 32.27 -6.60
N GLY G 98 -66.54 33.11 -5.84
CA GLY G 98 -66.58 32.97 -4.39
C GLY G 98 -66.31 34.28 -3.67
N PHE G 99 -65.71 34.22 -2.48
CA PHE G 99 -65.36 35.45 -1.79
C PHE G 99 -63.99 35.32 -1.14
N PHE G 100 -63.43 36.47 -0.79
CA PHE G 100 -62.16 36.58 -0.09
C PHE G 100 -62.41 37.20 1.27
N ALA G 101 -61.83 36.61 2.32
CA ALA G 101 -62.12 37.05 3.68
C ALA G 101 -60.82 37.31 4.42
N ASP G 102 -60.71 38.49 5.04
CA ASP G 102 -59.52 38.87 5.78
C ASP G 102 -59.64 38.33 7.20
N VAL G 103 -58.79 37.37 7.55
CA VAL G 103 -58.74 36.88 8.93
C VAL G 103 -57.42 37.39 9.50
N GLY G 104 -57.41 38.65 9.92
CA GLY G 104 -56.25 39.24 10.52
C GLY G 104 -55.25 39.56 9.43
N PRO G 105 -54.07 38.93 9.51
CA PRO G 105 -53.02 39.22 8.51
C PRO G 105 -53.37 38.83 7.08
N LEU G 106 -53.94 37.65 6.86
CA LEU G 106 -54.03 37.07 5.53
C LEU G 106 -55.48 37.00 5.05
N ASN G 107 -55.64 36.46 3.84
CA ASN G 107 -56.90 36.36 3.14
C ASN G 107 -57.19 34.91 2.74
N VAL G 108 -58.45 34.47 2.94
CA VAL G 108 -58.85 33.09 2.65
C VAL G 108 -59.84 33.10 1.48
N PHE G 109 -59.64 32.20 0.51
CA PHE G 109 -60.52 32.06 -0.64
C PHE G 109 -61.43 30.84 -0.47
N VAL G 110 -62.75 31.05 -0.56
CA VAL G 110 -63.75 29.98 -0.58
C VAL G 110 -64.36 29.90 -1.98
N SER G 111 -64.25 28.73 -2.64
CA SER G 111 -64.75 28.58 -4.00
C SER G 111 -66.25 28.25 -4.06
N THR G 112 -66.81 28.43 -5.27
CA THR G 112 -68.25 28.30 -5.52
C THR G 112 -68.84 26.91 -5.35
N ARG G 113 -68.10 25.84 -5.66
CA ARG G 113 -68.69 24.51 -5.47
C ARG G 113 -68.82 24.11 -4.00
N LEU G 114 -68.14 24.82 -3.10
CA LEU G 114 -68.30 24.64 -1.66
C LEU G 114 -69.14 25.74 -1.02
N ILE G 115 -70.02 26.39 -1.78
CA ILE G 115 -70.96 27.36 -1.23
C ILE G 115 -72.37 26.84 -1.49
N PRO G 116 -73.25 26.84 -0.47
CA PRO G 116 -74.65 26.41 -0.68
C PRO G 116 -75.41 27.17 -1.76
N ASP G 117 -76.33 26.46 -2.40
CA ASP G 117 -77.01 26.98 -3.59
C ASP G 117 -77.89 28.19 -3.28
N ASN G 118 -78.51 28.23 -2.09
CA ASN G 118 -79.43 29.32 -1.78
C ASN G 118 -78.74 30.66 -1.53
N LEU G 119 -77.42 30.70 -1.42
CA LEU G 119 -76.73 31.98 -1.27
C LEU G 119 -76.41 32.43 -2.69
N VAL G 120 -77.08 33.48 -3.15
CA VAL G 120 -76.99 33.90 -4.54
C VAL G 120 -76.31 35.27 -4.59
N TYR G 121 -75.31 35.40 -5.44
CA TYR G 121 -74.60 36.66 -5.62
C TYR G 121 -75.55 37.65 -6.29
N ASN G 122 -75.75 38.81 -5.67
CA ASN G 122 -76.71 39.80 -6.17
C ASN G 122 -75.99 41.10 -6.46
N PRO G 123 -75.56 41.34 -7.70
CA PRO G 123 -74.91 42.62 -8.04
C PRO G 123 -75.85 43.81 -8.08
N SER G 124 -77.11 43.62 -8.48
CA SER G 124 -78.05 44.75 -8.61
C SER G 124 -78.39 45.42 -7.28
N ASN G 125 -78.31 44.70 -6.17
CA ASN G 125 -78.60 45.29 -4.86
C ASN G 125 -77.59 46.40 -4.56
N SER G 126 -78.01 47.39 -3.79
CA SER G 126 -77.11 48.46 -3.33
C SER G 126 -77.11 48.55 -1.81
N PRO G 127 -76.01 48.21 -1.13
CA PRO G 127 -74.73 47.74 -1.69
C PRO G 127 -74.71 46.24 -2.01
N PRO G 128 -73.79 45.79 -2.89
CA PRO G 128 -73.77 44.37 -3.28
C PRO G 128 -73.51 43.44 -2.10
N ALA G 129 -74.17 42.28 -2.13
CA ALA G 129 -74.13 41.37 -0.99
C ALA G 129 -74.56 39.98 -1.44
N TYR G 130 -74.25 39.00 -0.59
CA TYR G 130 -74.87 37.69 -0.66
C TYR G 130 -76.08 37.77 0.25
N MET G 131 -77.28 37.51 -0.28
CA MET G 131 -78.45 37.85 0.49
C MET G 131 -79.40 36.67 0.70
N SER G 132 -80.15 36.75 1.79
CA SER G 132 -81.29 35.89 2.02
C SER G 132 -82.38 36.73 2.69
N ASN G 133 -83.34 36.06 3.31
CA ASN G 133 -84.35 36.66 4.18
C ASN G 133 -84.04 36.26 5.64
N ASP G 134 -83.28 37.14 6.34
CA ASP G 134 -82.79 37.19 7.73
C ASP G 134 -81.29 36.99 7.78
N GLU G 135 -80.68 36.87 6.61
CA GLU G 135 -79.25 36.72 6.45
C GLU G 135 -78.78 37.93 5.65
N LEU G 136 -77.56 38.36 5.90
CA LEU G 136 -77.04 39.57 5.28
C LEU G 136 -75.53 39.52 5.36
N ILE G 137 -74.89 39.27 4.22
CA ILE G 137 -73.45 39.18 4.15
C ILE G 137 -72.95 40.36 3.34
N THR G 138 -72.70 41.47 4.02
CA THR G 138 -72.05 42.64 3.45
C THR G 138 -70.66 42.70 4.05
N LYS G 139 -69.84 43.65 3.60
CA LYS G 139 -68.49 43.75 4.13
C LYS G 139 -68.53 44.03 5.63
N GLY G 140 -67.81 43.24 6.41
CA GLY G 140 -67.85 43.36 7.85
C GLY G 140 -68.87 42.46 8.53
N SER G 141 -69.54 41.59 7.79
CA SER G 141 -70.54 40.68 8.33
C SER G 141 -69.84 39.48 8.95
N LYS G 142 -70.18 39.18 10.19
CA LYS G 142 -69.66 37.97 10.81
C LYS G 142 -70.17 36.74 10.07
N VAL G 143 -69.23 35.88 9.67
CA VAL G 143 -69.50 34.67 8.92
C VAL G 143 -68.65 33.64 9.63
N ARG G 144 -69.06 32.38 9.61
CA ARG G 144 -68.31 31.31 10.25
C ARG G 144 -67.88 30.26 9.23
N LEU G 145 -66.58 30.09 9.01
CA LEU G 145 -66.13 29.16 7.97
C LEU G 145 -65.17 28.15 8.62
N LYS G 146 -64.79 27.11 7.87
CA LYS G 146 -63.86 26.10 8.37
C LYS G 146 -62.70 25.93 7.38
N VAL G 147 -61.47 26.02 7.88
CA VAL G 147 -60.27 25.86 7.06
C VAL G 147 -60.05 24.38 6.72
N VAL G 148 -60.15 24.05 5.43
CA VAL G 148 -60.08 22.69 4.93
C VAL G 148 -58.77 22.37 4.20
N GLY G 149 -57.85 23.33 4.07
CA GLY G 149 -56.58 23.07 3.41
C GLY G 149 -55.61 24.23 3.52
N THR G 150 -54.38 23.93 3.92
CA THR G 150 -53.29 24.91 4.01
C THR G 150 -52.16 24.63 3.04
N ARG G 151 -51.84 25.63 2.21
CA ARG G 151 -50.77 25.58 1.23
C ARG G 151 -49.70 26.57 1.67
N THR G 152 -48.43 26.20 1.49
CA THR G 152 -47.30 26.98 2.00
C THR G 152 -46.38 27.46 0.88
N ASP G 153 -46.22 28.77 0.80
CA ASP G 153 -45.32 29.49 -0.09
C ASP G 153 -44.05 29.96 0.65
N VAL G 154 -43.87 29.56 1.93
CA VAL G 154 -42.83 29.96 2.90
C VAL G 154 -42.64 31.49 3.09
N ASN G 155 -43.41 32.29 2.39
CA ASN G 155 -43.35 33.75 2.44
C ASN G 155 -44.69 34.26 2.95
N GLU G 156 -45.77 33.72 2.40
CA GLU G 156 -47.12 33.96 2.88
C GLU G 156 -47.81 32.61 2.71
N ILE G 157 -48.65 32.23 3.65
CA ILE G 157 -49.29 30.92 3.51
C ILE G 157 -50.71 31.18 3.02
N TYR G 158 -51.25 30.20 2.29
CA TYR G 158 -52.58 30.31 1.71
C TYR G 158 -53.47 29.14 2.11
N ALA G 159 -54.63 29.50 2.64
CA ALA G 159 -55.61 28.59 3.22
C ALA G 159 -56.90 28.75 2.44
N ILE G 160 -57.54 27.61 2.17
CA ILE G 160 -58.81 27.56 1.48
C ILE G 160 -59.90 27.09 2.43
N GLY G 161 -61.01 27.81 2.45
CA GLY G 161 -62.13 27.54 3.32
C GLY G 161 -63.33 26.92 2.61
N SER G 162 -64.40 26.76 3.37
CA SER G 162 -65.62 26.15 2.92
C SER G 162 -66.75 26.60 3.83
N ILE G 163 -67.92 26.88 3.24
CA ILE G 163 -69.15 27.06 3.99
C ILE G 163 -70.20 26.02 3.62
N LYS G 164 -69.75 24.91 3.03
CA LYS G 164 -70.59 23.80 2.57
C LYS G 164 -70.88 22.79 3.72
N GLU G 165 -71.08 23.27 4.94
CA GLU G 165 -71.29 22.36 6.06
C GLU G 165 -72.27 22.97 7.04
N ASP G 166 -72.63 22.20 8.06
CA ASP G 166 -73.63 22.60 9.04
C ASP G 166 -73.14 23.73 9.93
N PHE G 167 -74.06 24.65 10.26
CA PHE G 167 -73.86 25.79 11.16
C PHE G 167 -72.84 26.80 10.67
N LEU G 168 -72.29 26.64 9.47
CA LEU G 168 -71.36 27.64 8.97
C LEU G 168 -72.10 28.58 8.03
N GLY G 169 -71.76 29.85 8.13
CA GLY G 169 -72.33 30.92 7.35
C GLY G 169 -72.46 32.15 8.21
N ALA G 170 -73.33 33.07 7.77
CA ALA G 170 -73.64 34.28 8.52
C ALA G 170 -74.41 33.96 9.79
N ILE G 171 -74.27 34.83 10.78
CA ILE G 171 -74.95 34.64 12.06
C ILE G 171 -75.54 35.99 12.48
N SER H 3 49.04 56.48 48.59
CA SER H 3 48.15 56.71 47.47
C SER H 3 47.93 55.42 46.68
N ALA H 4 48.62 54.37 47.11
CA ALA H 4 48.50 53.05 46.51
C ALA H 4 48.10 52.03 47.57
N LEU H 5 47.66 50.87 47.10
CA LEU H 5 47.18 49.81 47.97
C LEU H 5 48.23 48.78 48.33
N PHE H 6 49.22 48.55 47.47
CA PHE H 6 50.21 47.53 47.72
C PHE H 6 51.48 47.92 47.00
N ASP H 7 52.61 47.55 47.58
CA ASP H 7 53.92 47.88 47.00
C ASP H 7 54.92 46.86 47.51
N ASP H 8 55.81 46.41 46.62
CA ASP H 8 56.84 45.44 46.96
C ASP H 8 57.78 45.27 45.77
N ILE H 9 58.87 44.53 46.00
CA ILE H 9 59.86 44.19 44.99
C ILE H 9 59.95 42.69 44.87
N PHE H 10 60.01 42.18 43.63
CA PHE H 10 59.94 40.74 43.38
C PHE H 10 61.12 40.25 42.58
N THR H 11 61.60 39.05 42.91
CA THR H 11 62.60 38.36 42.11
C THR H 11 61.93 37.32 41.23
N VAL H 12 62.24 37.36 39.94
CA VAL H 12 61.64 36.45 38.96
C VAL H 12 62.33 35.10 39.05
N GLN H 13 61.57 34.06 39.39
CA GLN H 13 62.14 32.73 39.45
C GLN H 13 62.02 31.94 38.15
N THR H 14 60.88 32.03 37.46
CA THR H 14 60.69 31.29 36.21
C THR H 14 60.00 32.16 35.18
N VAL H 15 60.35 31.95 33.92
CA VAL H 15 59.72 32.62 32.79
C VAL H 15 59.37 31.52 31.81
N ASP H 16 58.10 31.12 31.79
CA ASP H 16 57.60 30.07 30.91
C ASP H 16 57.15 30.70 29.60
N ASN H 17 57.81 30.33 28.51
CA ASN H 17 57.31 30.71 27.20
C ASN H 17 56.33 29.66 26.68
N GLY H 18 56.85 28.53 26.21
CA GLY H 18 56.12 27.39 25.68
C GLY H 18 54.94 27.70 24.77
N ARG H 19 53.79 27.97 25.38
CA ARG H 19 52.51 27.92 24.67
C ARG H 19 52.42 29.02 23.61
N TYR H 20 52.82 30.23 23.96
CA TYR H 20 52.58 31.41 23.15
C TYR H 20 53.88 32.09 22.79
N ASN H 21 53.84 32.83 21.68
CA ASN H 21 54.95 33.65 21.22
C ASN H 21 55.00 35.05 21.83
N LYS H 22 53.90 35.54 22.38
CA LYS H 22 53.88 36.90 22.88
C LYS H 22 53.50 37.02 24.35
N VAL H 23 53.31 35.91 25.06
CA VAL H 23 52.97 35.96 26.47
C VAL H 23 53.89 34.99 27.20
N SER H 24 54.34 35.40 28.38
CA SER H 24 55.08 34.56 29.30
C SER H 24 54.48 34.68 30.68
N ARG H 25 54.49 33.57 31.40
CA ARG H 25 54.10 33.51 32.79
C ARG H 25 55.31 33.64 33.68
N ILE H 26 55.22 34.51 34.68
CA ILE H 26 56.34 34.71 35.58
C ILE H 26 55.85 34.38 36.98
N ILE H 27 56.72 33.81 37.78
CA ILE H 27 56.49 33.57 39.19
C ILE H 27 57.50 34.37 39.98
N GLY H 28 57.07 35.01 41.06
CA GLY H 28 58.00 35.75 41.89
C GLY H 28 57.64 35.65 43.35
N ILE H 29 58.66 35.85 44.18
CA ILE H 29 58.53 35.88 45.62
C ILE H 29 59.11 37.20 46.11
N SER H 30 58.45 37.82 47.08
CA SER H 30 58.93 39.05 47.68
C SER H 30 60.31 38.87 48.30
N THR H 31 61.23 39.77 47.95
CA THR H 31 62.55 39.81 48.56
C THR H 31 62.49 40.01 50.08
N THR H 32 61.52 40.78 50.56
CA THR H 32 61.50 41.16 51.97
C THR H 32 60.61 40.28 52.82
N ASN H 33 59.76 39.45 52.20
CA ASN H 33 58.75 38.71 52.96
C ASN H 33 58.44 37.45 52.15
N SER H 34 58.99 36.31 52.55
CA SER H 34 58.61 35.06 51.92
C SER H 34 57.14 34.72 52.20
N ALA H 35 56.63 33.71 51.48
CA ALA H 35 55.23 33.28 51.44
C ALA H 35 54.30 34.33 50.85
N ILE H 36 54.84 35.40 50.26
CA ILE H 36 54.08 36.33 49.44
C ILE H 36 54.53 36.07 48.00
N LYS H 37 53.68 35.40 47.23
CA LYS H 37 54.03 34.98 45.89
C LYS H 37 53.14 35.66 44.86
N LEU H 38 53.71 35.92 43.69
CA LEU H 38 53.05 36.60 42.60
C LEU H 38 53.21 35.77 41.33
N THR H 39 52.10 35.37 40.74
CA THR H 39 52.10 34.74 39.42
C THR H 39 51.44 35.68 38.43
N LEU H 40 52.14 36.00 37.34
CA LEU H 40 51.67 37.04 36.44
C LEU H 40 52.02 36.72 34.99
N ASP H 41 51.02 36.76 34.13
CA ASP H 41 51.22 36.77 32.69
C ASP H 41 51.55 38.18 32.19
N ILE H 42 52.53 38.29 31.28
CA ILE H 42 52.92 39.58 30.72
C ILE H 42 53.24 39.42 29.25
N ASN H 43 53.14 40.54 28.53
CA ASN H 43 53.42 40.58 27.10
C ASN H 43 54.95 40.64 26.91
N ASN H 44 55.51 39.61 26.27
CA ASN H 44 56.95 39.52 26.02
C ASN H 44 57.50 40.70 25.26
N GLU H 45 56.85 41.08 24.16
CA GLU H 45 57.46 42.03 23.22
C GLU H 45 57.47 43.46 23.75
N MET H 46 56.59 43.77 24.67
CA MET H 46 56.47 45.12 25.20
C MET H 46 57.32 45.28 26.43
N PHE H 47 57.48 44.22 27.19
CA PHE H 47 58.19 44.27 28.47
C PHE H 47 58.93 42.96 28.65
N PRO H 48 60.07 42.81 27.96
CA PRO H 48 60.83 41.56 28.07
C PRO H 48 61.45 41.45 29.45
N VAL H 49 61.25 40.30 30.06
CA VAL H 49 61.79 40.02 31.38
C VAL H 49 62.69 38.80 31.30
N SER H 50 63.68 38.78 32.16
CA SER H 50 64.57 37.65 32.30
C SER H 50 64.43 37.10 33.70
N GLN H 51 65.01 35.92 33.90
CA GLN H 51 64.99 35.34 35.22
C GLN H 51 65.93 36.10 36.13
N ASP H 52 65.56 36.18 37.43
CA ASP H 52 66.26 36.86 38.52
C ASP H 52 66.14 38.37 38.45
N ASP H 53 65.29 38.90 37.58
CA ASP H 53 65.10 40.35 37.49
C ASP H 53 64.34 40.88 38.70
N SER H 54 64.71 42.07 39.13
CA SER H 54 64.04 42.75 40.23
C SER H 54 62.99 43.71 39.67
N LEU H 55 61.76 43.57 40.16
CA LEU H 55 60.61 44.29 39.62
C LEU H 55 59.83 44.90 40.76
N THR H 56 59.61 46.20 40.71
CA THR H 56 58.74 46.88 41.67
C THR H 56 57.31 46.80 41.17
N VAL H 57 56.42 46.25 42.00
CA VAL H 57 55.04 46.00 41.59
C VAL H 57 54.15 46.79 42.53
N THR H 58 53.38 47.70 41.97
CA THR H 58 52.44 48.49 42.73
C THR H 58 51.02 48.18 42.27
N LEU H 59 50.09 48.10 43.22
CA LEU H 59 48.67 47.89 42.92
C LEU H 59 47.86 49.06 43.43
N ALA H 60 47.15 49.73 42.53
CA ALA H 60 46.33 50.87 42.87
C ALA H 60 44.93 50.61 42.36
N ASN H 61 43.96 51.31 42.92
CA ASN H 61 42.60 51.31 42.40
C ASN H 61 42.26 52.55 41.59
N SER H 62 43.24 53.43 41.38
CA SER H 62 43.05 54.66 40.60
C SER H 62 44.43 55.16 40.23
N LEU H 63 44.55 55.73 39.02
CA LEU H 63 45.79 56.35 38.61
C LEU H 63 45.80 57.85 38.81
N SER H 64 44.78 58.43 39.42
CA SER H 64 44.68 59.87 39.54
C SER H 64 45.43 60.34 40.78
N LEU H 65 46.37 61.26 40.59
CA LEU H 65 47.18 61.77 41.69
C LEU H 65 46.37 62.72 42.57
N LYS H 76 34.20 57.42 32.42
CA LYS H 76 34.20 55.97 32.26
C LYS H 76 34.59 55.54 30.85
N SER H 77 34.47 56.42 29.88
CA SER H 77 34.72 56.08 28.48
C SER H 77 36.15 56.51 28.21
N TRP H 78 37.01 55.54 27.96
CA TRP H 78 38.44 55.77 27.76
C TRP H 78 38.70 56.72 26.61
N ARG H 79 39.61 57.63 26.82
CA ARG H 79 40.02 58.56 25.80
C ARG H 79 41.53 58.53 25.68
N PRO H 80 42.07 58.80 24.50
CA PRO H 80 43.53 58.91 24.35
C PRO H 80 44.10 59.95 25.30
N PRO H 81 45.14 59.62 26.05
CA PRO H 81 45.64 60.53 27.09
C PRO H 81 46.20 61.81 26.50
N LYS H 82 45.83 62.92 27.10
CA LYS H 82 46.42 64.19 26.71
C LYS H 82 47.87 64.25 27.21
N PRO H 83 48.80 64.79 26.43
CA PRO H 83 50.17 64.96 26.93
C PRO H 83 50.31 65.94 28.09
N THR H 84 49.32 66.81 28.34
CA THR H 84 49.43 67.78 29.42
C THR H 84 49.08 67.22 30.80
N ASP H 85 48.15 66.29 30.91
CA ASP H 85 47.77 65.82 32.24
C ASP H 85 48.79 64.79 32.74
N LYS H 86 48.64 64.42 34.01
CA LYS H 86 49.65 63.59 34.65
C LYS H 86 48.97 62.64 35.63
N SER H 87 49.48 61.42 35.66
CA SER H 87 48.90 60.33 36.41
C SER H 87 50.03 59.47 36.95
N LEU H 88 49.69 58.57 37.88
CA LEU H 88 50.64 57.61 38.47
C LEU H 88 51.45 56.82 37.44
N ALA H 89 50.92 56.64 36.23
CA ALA H 89 51.56 55.78 35.25
C ALA H 89 52.75 56.43 34.57
N ASP H 90 52.98 57.73 34.78
CA ASP H 90 54.10 58.41 34.14
C ASP H 90 55.46 57.91 34.62
N ASP H 91 55.52 57.27 35.78
CA ASP H 91 56.77 56.81 36.36
C ASP H 91 56.97 55.31 36.22
N TYR H 92 56.08 54.60 35.56
CA TYR H 92 56.27 53.17 35.36
C TYR H 92 56.35 52.80 33.89
N ASP H 93 56.82 51.58 33.65
CA ASP H 93 57.06 51.06 32.31
C ASP H 93 55.92 50.24 31.75
N TYR H 94 55.18 49.56 32.59
CA TYR H 94 54.21 48.57 32.13
C TYR H 94 53.02 48.63 33.07
N VAL H 95 51.86 49.00 32.55
CA VAL H 95 50.66 49.16 33.36
C VAL H 95 49.58 48.29 32.77
N MET H 96 48.80 47.62 33.61
CA MET H 96 47.68 46.82 33.15
C MET H 96 46.48 47.13 34.03
N PHE H 97 45.28 46.97 33.47
CA PHE H 97 44.04 47.20 34.19
C PHE H 97 43.17 45.95 34.19
N GLY H 98 42.55 45.65 35.33
CA GLY H 98 41.90 44.35 35.43
C GLY H 98 40.74 44.28 36.40
N THR H 99 40.17 43.08 36.45
CA THR H 99 38.99 42.75 37.24
C THR H 99 39.35 41.72 38.30
N VAL H 100 38.97 41.98 39.55
CA VAL H 100 39.15 40.99 40.60
C VAL H 100 38.03 39.97 40.51
N TYR H 101 38.36 38.70 40.27
CA TYR H 101 37.32 37.71 40.08
C TYR H 101 37.29 36.63 41.15
N LYS H 102 38.16 36.69 42.16
CA LYS H 102 38.12 35.76 43.28
C LYS H 102 38.92 36.35 44.43
N PHE H 103 38.28 36.42 45.59
CA PHE H 103 38.87 36.84 46.86
C PHE H 103 38.82 35.71 47.88
N GLU H 104 39.95 35.03 48.08
CA GLU H 104 40.04 33.79 48.86
C GLU H 104 40.33 34.09 50.32
N GLU H 105 39.34 33.86 51.19
CA GLU H 105 39.52 34.00 52.63
C GLU H 105 39.88 32.61 53.12
N GLY H 106 41.18 32.34 53.03
CA GLY H 106 41.78 31.03 53.24
C GLY H 106 42.18 30.73 54.67
N ASP H 107 42.97 29.67 54.81
CA ASP H 107 43.48 29.12 56.06
C ASP H 107 44.57 30.07 56.54
N GLU H 108 45.01 29.87 57.82
CA GLU H 108 45.78 30.77 58.69
C GLU H 108 46.30 32.04 58.04
N ASP H 109 47.23 31.99 57.10
CA ASP H 109 47.42 33.27 56.43
C ASP H 109 47.61 33.04 54.93
N LYS H 110 46.97 32.01 54.38
CA LYS H 110 47.06 31.74 52.95
C LYS H 110 45.98 32.53 52.21
N ILE H 111 46.31 33.69 51.67
CA ILE H 111 45.32 34.48 50.96
C ILE H 111 45.74 34.54 49.49
N LYS H 112 44.81 34.23 48.59
CA LYS H 112 45.10 34.33 47.17
C LYS H 112 44.12 35.33 46.58
N VAL H 113 44.60 36.16 45.68
CA VAL H 113 43.79 37.14 44.98
C VAL H 113 43.96 36.91 43.50
N TYR H 114 42.90 36.50 42.84
CA TYR H 114 42.93 36.23 41.41
C TYR H 114 42.34 37.42 40.68
N VAL H 115 43.08 37.94 39.71
CA VAL H 115 42.65 39.08 38.90
C VAL H 115 42.86 38.69 37.44
N SER H 116 41.94 39.15 36.59
CA SER H 116 42.00 38.91 35.15
C SER H 116 42.19 40.22 34.41
N PHE H 117 43.32 40.35 33.71
CA PHE H 117 43.59 41.51 32.85
C PHE H 117 43.24 41.15 31.42
N GLY H 118 41.95 41.13 31.12
CA GLY H 118 41.49 40.71 29.80
C GLY H 118 41.90 39.32 29.39
N GLY H 119 42.00 38.41 30.32
CA GLY H 119 42.45 37.06 30.05
C GLY H 119 43.91 36.82 30.36
N LEU H 120 44.70 37.88 30.47
CA LEU H 120 46.00 37.79 31.12
C LEU H 120 45.80 37.69 32.63
N LEU H 121 46.21 36.57 33.22
CA LEU H 121 45.79 36.22 34.57
C LEU H 121 46.87 36.56 35.58
N MET H 122 46.44 36.84 36.81
CA MET H 122 47.34 37.07 37.92
C MET H 122 46.82 36.31 39.13
N CYS H 123 47.73 35.62 39.83
CA CYS H 123 47.48 35.20 41.20
C CYS H 123 48.49 35.86 42.11
N LEU H 124 47.99 36.53 43.14
CA LEU H 124 48.81 37.12 44.18
C LEU H 124 48.55 36.40 45.50
N GLU H 125 49.59 35.77 46.03
CA GLU H 125 49.52 35.07 47.30
C GLU H 125 50.19 35.91 48.37
N GLY H 126 49.70 35.82 49.60
CA GLY H 126 50.27 36.62 50.67
C GLY H 126 49.41 36.61 51.90
N GLY H 127 49.74 37.51 52.83
CA GLY H 127 49.07 37.55 54.11
C GLY H 127 47.97 38.58 54.22
N TYR H 128 47.12 38.39 55.24
CA TYR H 128 45.96 39.25 55.47
C TYR H 128 46.34 40.71 55.69
N LYS H 129 47.39 40.94 56.48
CA LYS H 129 47.81 42.29 56.82
C LYS H 129 48.37 43.05 55.62
N SER H 130 48.93 42.33 54.65
CA SER H 130 49.44 42.94 53.43
C SER H 130 48.39 43.13 52.35
N LEU H 131 47.28 42.38 52.40
CA LEU H 131 46.34 42.34 51.28
C LEU H 131 44.90 42.68 51.61
N ALA H 132 44.60 43.10 52.84
CA ALA H 132 43.21 43.36 53.24
C ALA H 132 42.57 44.48 52.43
N SER H 133 43.37 45.46 52.01
CA SER H 133 42.85 46.59 51.26
C SER H 133 42.51 46.23 49.82
N LEU H 134 43.05 45.13 49.30
CA LEU H 134 42.83 44.70 47.92
C LEU H 134 41.44 44.15 47.61
N LYS H 135 40.51 44.07 48.55
CA LYS H 135 39.16 43.63 48.22
C LYS H 135 38.45 44.72 47.44
N GLN H 136 38.75 44.81 46.15
CA GLN H 136 38.28 45.88 45.29
C GLN H 136 37.53 45.30 44.10
N ASP H 137 36.85 46.19 43.37
CA ASP H 137 36.23 45.81 42.11
C ASP H 137 37.23 45.78 40.96
N ASN H 138 38.09 46.79 40.86
CA ASN H 138 39.07 46.83 39.79
C ASN H 138 40.44 47.17 40.35
N LEU H 139 41.47 46.74 39.63
CA LEU H 139 42.83 47.01 40.07
C LEU H 139 43.69 47.38 38.87
N TYR H 140 44.53 48.38 39.04
CA TYR H 140 45.69 48.56 38.19
C TYR H 140 46.88 47.82 38.77
N ILE H 141 47.75 47.36 37.90
CA ILE H 141 49.06 46.86 38.29
C ILE H 141 50.10 47.67 37.55
N LEU H 142 51.10 48.14 38.28
CA LEU H 142 52.16 48.95 37.71
C LEU H 142 53.48 48.27 38.01
N ILE H 143 54.33 48.16 37.00
CA ILE H 143 55.58 47.42 37.09
C ILE H 143 56.69 48.39 36.72
N ARG H 144 57.72 48.44 37.56
CA ARG H 144 58.81 49.36 37.38
C ARG H 144 60.12 48.64 37.11
N ARG H 145 60.84 49.13 36.09
CA ARG H 145 62.17 48.72 35.63
C ARG H 145 62.15 47.38 34.91
N SER I 3 30.76 -48.00 0.57
CA SER I 3 30.60 -48.88 -0.59
C SER I 3 29.34 -49.73 -0.44
N PHE I 4 28.32 -49.45 -1.24
CA PHE I 4 27.08 -50.22 -1.23
C PHE I 4 26.96 -50.91 -2.57
N ARG I 5 26.47 -52.14 -2.60
CA ARG I 5 26.65 -52.85 -3.86
C ARG I 5 25.35 -53.18 -4.58
N PHE I 6 25.53 -53.67 -5.80
CA PHE I 6 24.50 -54.02 -6.76
C PHE I 6 24.56 -55.48 -7.15
N CYS I 7 23.40 -56.05 -7.45
CA CYS I 7 23.29 -57.43 -7.87
C CYS I 7 24.05 -57.62 -9.17
N LEU I 8 24.83 -58.70 -9.24
CA LEU I 8 25.65 -58.91 -10.42
C LEU I 8 24.89 -59.41 -11.63
N GLU I 9 23.61 -59.73 -11.51
CA GLU I 9 22.81 -60.19 -12.65
C GLU I 9 21.65 -59.27 -13.02
N CYS I 10 21.21 -58.41 -12.11
CA CYS I 10 20.07 -57.56 -12.36
C CYS I 10 20.45 -56.10 -12.31
N ASN I 11 21.59 -55.76 -11.67
CA ASN I 11 22.21 -54.46 -11.43
C ASN I 11 21.40 -53.58 -10.48
N ASN I 12 20.27 -54.04 -9.98
CA ASN I 12 19.52 -53.32 -8.96
C ASN I 12 20.15 -53.53 -7.58
N MET I 13 19.78 -52.66 -6.66
CA MET I 13 20.47 -52.60 -5.37
C MET I 13 19.99 -53.68 -4.41
N LEU I 14 20.94 -54.22 -3.64
CA LEU I 14 20.63 -55.25 -2.66
C LEU I 14 20.25 -54.64 -1.32
N TYR I 15 19.23 -55.22 -0.67
CA TYR I 15 18.89 -54.72 0.66
C TYR I 15 19.23 -55.76 1.72
N PRO I 16 19.67 -55.34 2.91
CA PRO I 16 20.01 -56.33 3.95
C PRO I 16 18.74 -56.92 4.56
N LYS I 17 18.71 -58.25 4.71
CA LYS I 17 17.58 -58.95 5.29
C LYS I 17 18.09 -60.16 6.07
N GLU I 18 17.49 -60.42 7.22
CA GLU I 18 17.94 -61.53 8.06
C GLU I 18 17.33 -62.84 7.58
N ASP I 19 18.15 -63.89 7.58
CA ASP I 19 17.70 -65.28 7.44
C ASP I 19 17.40 -65.91 8.78
N LYS I 20 16.11 -65.90 9.17
CA LYS I 20 15.70 -66.28 10.52
C LYS I 20 16.03 -67.74 10.82
N GLU I 21 15.91 -68.61 9.82
CA GLU I 21 16.05 -70.05 10.05
C GLU I 21 17.50 -70.46 10.32
N ASN I 22 18.46 -69.93 9.55
CA ASN I 22 19.85 -70.28 9.76
C ASN I 22 20.53 -69.32 10.74
N GLN I 23 19.84 -68.23 11.09
CA GLN I 23 20.27 -67.16 12.00
C GLN I 23 21.56 -66.51 11.49
N ARG I 24 21.45 -65.94 10.29
CA ARG I 24 22.54 -65.22 9.63
C ARG I 24 22.00 -64.05 8.81
N LEU I 25 22.86 -63.05 8.64
CA LEU I 25 22.53 -61.83 7.89
C LEU I 25 22.81 -62.05 6.41
N LEU I 26 21.83 -61.72 5.57
CA LEU I 26 21.92 -61.77 4.12
C LEU I 26 21.78 -60.38 3.50
N TYR I 27 22.18 -60.29 2.22
CA TYR I 27 21.92 -59.14 1.37
C TYR I 27 21.01 -59.58 0.23
N SER I 28 19.75 -59.17 0.28
CA SER I 28 18.76 -59.60 -0.70
C SER I 28 18.41 -58.50 -1.71
N CYS I 29 18.10 -58.93 -2.93
CA CYS I 29 17.59 -58.10 -4.01
C CYS I 29 16.09 -57.88 -3.82
N ARG I 30 15.51 -57.06 -4.71
CA ARG I 30 14.08 -56.75 -4.63
C ARG I 30 13.38 -56.98 -5.95
N ASN I 31 14.11 -57.21 -7.03
CA ASN I 31 13.49 -57.57 -8.31
C ASN I 31 13.67 -59.02 -8.69
N CYS I 32 14.49 -59.78 -7.97
CA CYS I 32 14.66 -61.20 -8.29
C CYS I 32 15.07 -61.93 -7.02
N ASP I 33 15.39 -63.21 -7.18
CA ASP I 33 15.60 -64.12 -6.07
C ASP I 33 17.05 -64.21 -5.62
N TYR I 34 17.95 -63.39 -6.16
CA TYR I 34 19.36 -63.53 -5.83
C TYR I 34 19.60 -63.08 -4.40
N THR I 35 20.47 -63.80 -3.69
CA THR I 35 20.81 -63.46 -2.31
C THR I 35 22.24 -63.93 -2.06
N GLU I 36 22.96 -63.24 -1.16
CA GLU I 36 24.34 -63.58 -0.84
C GLU I 36 24.64 -63.24 0.61
N LEU I 37 25.74 -63.80 1.11
CA LEU I 37 26.13 -63.68 2.51
C LEU I 37 26.81 -62.36 2.82
N ALA I 38 26.53 -61.81 4.00
CA ALA I 38 27.06 -60.53 4.43
C ALA I 38 28.42 -60.73 5.07
N GLU I 39 29.41 -60.00 4.57
CA GLU I 39 30.74 -59.99 5.17
C GLU I 39 30.88 -59.06 6.37
N ASP I 40 29.96 -58.12 6.56
CA ASP I 40 30.10 -57.08 7.58
C ASP I 40 28.83 -56.98 8.42
N PRO I 41 28.90 -57.17 9.73
CA PRO I 41 27.70 -56.99 10.55
C PRO I 41 27.19 -55.56 10.58
N LYS I 42 28.06 -54.58 10.28
CA LYS I 42 27.64 -53.19 10.28
C LYS I 42 26.78 -52.90 9.07
N VAL I 43 25.68 -52.19 9.27
CA VAL I 43 24.71 -51.97 8.21
C VAL I 43 24.60 -50.49 7.85
N TYR I 44 24.90 -49.59 8.78
CA TYR I 44 24.62 -48.17 8.62
C TYR I 44 25.49 -47.44 9.62
N ARG I 45 26.05 -46.31 9.22
CA ARG I 45 26.79 -45.47 10.13
C ARG I 45 26.42 -44.02 9.86
N HIS I 46 26.31 -43.25 10.94
CA HIS I 46 25.96 -41.84 10.90
C HIS I 46 26.95 -41.07 11.77
N GLU I 47 27.78 -40.27 11.13
CA GLU I 47 28.78 -39.47 11.81
C GLU I 47 28.20 -38.09 12.05
N LEU I 48 28.04 -37.75 13.33
CA LEU I 48 27.62 -36.40 13.71
C LEU I 48 28.82 -35.46 13.78
N ILE I 49 29.87 -35.85 14.50
CA ILE I 49 31.12 -35.10 14.50
C ILE I 49 31.99 -35.70 13.40
N THR I 50 31.93 -35.12 12.21
CA THR I 50 32.57 -35.71 11.03
C THR I 50 33.83 -34.93 10.66
N ASN I 51 34.75 -35.61 10.00
CA ASN I 51 35.95 -35.00 9.44
C ASN I 51 36.15 -35.38 7.98
N ILE I 52 35.16 -36.01 7.34
CA ILE I 52 35.30 -36.50 5.98
C ILE I 52 35.19 -35.36 4.96
N GLY I 53 36.06 -35.45 3.95
CA GLY I 53 36.36 -34.48 2.92
C GLY I 53 37.30 -33.37 3.30
N GLU I 54 37.97 -33.45 4.45
CA GLU I 54 38.90 -32.40 4.87
C GLU I 54 40.11 -32.34 3.94
N THR I 55 40.78 -33.48 3.81
CA THR I 55 41.98 -33.84 3.06
C THR I 55 41.80 -34.28 1.62
N ALA I 56 40.71 -34.99 1.32
CA ALA I 56 40.19 -35.52 0.03
C ALA I 56 40.74 -34.85 -1.23
N GLY I 57 40.56 -33.54 -1.48
CA GLY I 57 40.87 -33.10 -2.84
C GLY I 57 42.38 -32.97 -3.04
N ILE I 58 43.04 -34.10 -3.26
CA ILE I 58 44.46 -34.19 -3.60
C ILE I 58 44.63 -34.49 -5.10
N VAL I 59 44.96 -33.52 -5.95
CA VAL I 59 45.01 -33.92 -7.35
C VAL I 59 46.46 -33.87 -7.82
N ASP I 60 46.75 -34.63 -8.88
CA ASP I 60 48.10 -34.69 -9.45
C ASP I 60 48.63 -33.40 -10.08
N ASP I 61 47.76 -32.49 -10.50
CA ASP I 61 48.22 -31.28 -11.17
C ASP I 61 48.12 -30.02 -10.31
N ILE I 62 47.99 -30.16 -9.00
CA ILE I 62 47.85 -29.00 -8.14
C ILE I 62 49.11 -28.12 -8.16
N GLY I 63 50.27 -28.72 -8.40
CA GLY I 63 51.52 -27.98 -8.54
C GLY I 63 51.69 -27.21 -9.83
N GLN I 64 50.80 -27.40 -10.80
CA GLN I 64 50.86 -26.66 -12.04
C GLN I 64 50.09 -25.36 -11.99
N ASP I 65 49.34 -25.15 -10.91
CA ASP I 65 48.55 -23.97 -10.60
C ASP I 65 49.45 -22.86 -10.07
N PRO I 66 49.75 -21.84 -10.86
CA PRO I 66 50.72 -20.81 -10.41
C PRO I 66 50.14 -19.85 -9.39
N THR I 67 48.84 -19.95 -9.07
CA THR I 67 48.20 -19.09 -8.10
C THR I 67 48.38 -19.55 -6.66
N LEU I 68 48.86 -20.75 -6.47
CA LEU I 68 49.11 -21.31 -5.14
C LEU I 68 50.44 -20.82 -4.55
N PRO I 69 50.45 -20.50 -3.27
CA PRO I 69 51.69 -20.08 -2.62
C PRO I 69 52.62 -21.26 -2.40
N ARG I 70 53.91 -20.94 -2.34
CA ARG I 70 54.96 -21.94 -2.28
C ARG I 70 55.69 -21.82 -0.95
N SER I 71 56.19 -22.96 -0.46
CA SER I 71 56.81 -23.04 0.85
C SER I 71 58.14 -23.78 0.77
N ASP I 72 58.84 -23.75 1.90
CA ASP I 72 60.13 -24.39 2.06
C ASP I 72 60.09 -25.74 2.78
N LYS I 73 58.90 -26.18 3.22
CA LYS I 73 58.80 -27.36 4.10
C LYS I 73 59.42 -28.58 3.45
N GLU I 74 60.13 -29.36 4.26
CA GLU I 74 60.82 -30.55 3.80
C GLU I 74 59.88 -31.73 3.66
N CYS I 75 59.83 -32.32 2.47
CA CYS I 75 59.03 -33.51 2.24
C CYS I 75 59.58 -34.68 3.05
N PRO I 76 58.73 -35.46 3.72
CA PRO I 76 59.26 -36.65 4.39
C PRO I 76 59.80 -37.69 3.42
N GLU I 77 59.17 -37.86 2.27
CA GLU I 77 59.62 -38.88 1.31
C GLU I 77 60.90 -38.50 0.58
N CYS I 78 60.79 -37.55 -0.35
CA CYS I 78 61.89 -37.20 -1.24
C CYS I 78 62.72 -36.01 -0.78
N HIS I 79 62.29 -35.26 0.25
CA HIS I 79 63.03 -34.11 0.80
C HIS I 79 63.20 -32.98 -0.21
N SER I 80 62.23 -32.76 -1.10
CA SER I 80 62.25 -31.60 -2.00
C SER I 80 61.92 -30.29 -1.30
N ARG I 81 62.47 -29.21 -1.87
CA ARG I 81 62.35 -27.84 -1.35
C ARG I 81 61.41 -27.03 -2.24
N ASP I 82 60.27 -27.61 -2.60
CA ASP I 82 59.36 -26.98 -3.55
C ASP I 82 58.00 -27.66 -3.43
N CYS I 83 57.01 -26.91 -2.94
CA CYS I 83 55.70 -27.46 -2.72
C CYS I 83 54.67 -26.34 -2.88
N VAL I 84 53.39 -26.73 -2.96
CA VAL I 84 52.30 -25.79 -2.84
C VAL I 84 51.56 -26.08 -1.55
N PHE I 85 50.90 -25.08 -0.98
CA PHE I 85 50.14 -25.31 0.25
C PHE I 85 48.80 -24.61 0.17
N PHE I 86 47.89 -25.00 1.06
CA PHE I 86 46.54 -24.46 1.05
C PHE I 86 45.86 -24.86 2.34
N GLN I 87 44.99 -23.99 2.85
CA GLN I 87 44.20 -24.38 4.01
C GLN I 87 43.10 -25.35 3.56
N SER I 88 42.37 -25.90 4.55
CA SER I 88 41.35 -26.90 4.29
C SER I 88 40.28 -26.42 3.29
N GLN I 89 39.95 -27.30 2.34
CA GLN I 89 38.87 -27.09 1.37
C GLN I 89 37.50 -27.46 1.91
N GLN I 90 37.42 -27.81 3.19
CA GLN I 90 36.13 -28.03 3.83
C GLN I 90 35.46 -26.69 4.13
N ARG I 91 34.24 -26.52 3.60
CA ARG I 91 33.48 -25.27 3.66
C ARG I 91 32.55 -25.19 4.85
N ARG I 92 32.93 -25.76 5.99
CA ARG I 92 32.12 -25.61 7.17
C ARG I 92 32.51 -24.30 7.85
N LYS I 93 31.64 -23.83 8.73
CA LYS I 93 31.92 -22.54 9.38
C LYS I 93 32.91 -22.69 10.53
N ASP I 94 32.97 -23.86 11.14
CA ASP I 94 33.87 -24.15 12.24
C ASP I 94 35.20 -24.75 11.80
N THR I 95 35.46 -24.83 10.49
CA THR I 95 36.67 -25.44 9.95
C THR I 95 37.90 -24.72 10.49
N ASN I 96 38.94 -25.49 10.81
CA ASN I 96 40.20 -24.94 11.25
C ASN I 96 40.87 -24.18 10.09
N MET I 97 41.94 -23.46 10.41
CA MET I 97 42.69 -22.72 9.41
C MET I 97 44.05 -23.34 9.16
N THR I 98 44.30 -24.54 9.70
CA THR I 98 45.59 -25.20 9.57
C THR I 98 45.86 -25.54 8.12
N LEU I 99 47.12 -25.46 7.74
CA LEU I 99 47.47 -25.56 6.34
C LEU I 99 47.81 -27.00 6.00
N PHE I 100 47.50 -27.37 4.77
CA PHE I 100 47.98 -28.60 4.16
C PHE I 100 49.05 -28.26 3.14
N TYR I 101 50.16 -28.98 3.19
CA TYR I 101 51.24 -28.83 2.23
C TYR I 101 51.22 -30.07 1.34
N VAL I 102 51.47 -29.88 0.06
CA VAL I 102 51.56 -30.99 -0.89
C VAL I 102 52.90 -30.97 -1.60
N CYS I 103 53.71 -32.00 -1.36
CA CYS I 103 54.99 -32.15 -2.06
C CYS I 103 54.68 -32.40 -3.51
N LEU I 104 55.32 -31.65 -4.41
CA LEU I 104 55.02 -31.88 -5.81
C LEU I 104 55.56 -33.19 -6.37
N ASN I 105 56.35 -33.95 -5.60
CA ASN I 105 56.94 -35.19 -6.09
C ASN I 105 56.05 -36.37 -5.69
N CYS I 106 55.95 -36.66 -4.38
CA CYS I 106 55.15 -37.80 -3.95
C CYS I 106 53.69 -37.48 -3.65
N LYS I 107 53.29 -36.20 -3.67
CA LYS I 107 51.92 -35.73 -3.39
C LYS I 107 51.40 -36.10 -2.00
N LYS I 108 52.28 -36.22 -1.00
CA LYS I 108 51.80 -36.43 0.36
C LYS I 108 51.33 -35.10 0.97
N THR I 109 50.31 -35.19 1.83
CA THR I 109 49.72 -34.09 2.59
C THR I 109 50.03 -34.08 4.09
N PHE I 110 50.76 -33.05 4.56
CA PHE I 110 51.10 -32.93 5.97
C PHE I 110 50.66 -31.57 6.50
N ARG I 111 50.89 -31.33 7.79
CA ARG I 111 50.52 -30.09 8.49
C ARG I 111 51.70 -29.53 9.29
N ASP I 112 51.45 -28.40 9.95
CA ASP I 112 52.42 -27.77 10.84
C ASP I 112 52.14 -28.01 12.33
N GLU I 113 51.64 -29.18 12.74
CA GLU I 113 51.40 -29.38 14.16
C GLU I 113 52.56 -30.09 14.86
N MET J 1 37.84 29.60 -27.88
CA MET J 1 37.28 29.70 -29.20
C MET J 1 38.22 30.48 -30.06
N ILE J 2 38.55 31.68 -29.60
CA ILE J 2 39.58 32.52 -30.18
C ILE J 2 40.22 33.19 -28.99
N ILE J 3 41.50 33.59 -29.13
CA ILE J 3 42.31 34.13 -28.03
C ILE J 3 41.58 35.28 -27.34
N PRO J 4 41.45 35.24 -26.03
CA PRO J 4 40.82 36.35 -25.30
C PRO J 4 41.59 37.65 -25.43
N VAL J 5 40.84 38.75 -25.44
CA VAL J 5 41.46 40.07 -25.53
C VAL J 5 42.28 40.36 -24.28
N ARG J 6 41.72 40.11 -23.11
CA ARG J 6 42.41 40.41 -21.87
C ARG J 6 42.63 39.15 -21.05
N CYS J 7 43.70 39.16 -20.25
CA CYS J 7 43.85 38.22 -19.16
C CYS J 7 42.68 38.39 -18.20
N PHE J 8 42.01 37.29 -17.87
CA PHE J 8 40.88 37.34 -16.96
C PHE J 8 41.24 37.92 -15.59
N SER J 9 42.39 37.52 -15.05
CA SER J 9 42.69 37.82 -13.66
C SER J 9 43.24 39.23 -13.44
N CYS J 10 44.15 39.69 -14.30
CA CYS J 10 44.76 41.00 -14.07
C CYS J 10 44.43 42.05 -15.11
N GLY J 11 43.96 41.68 -16.28
CA GLY J 11 43.58 42.65 -17.28
C GLY J 11 44.59 43.03 -18.33
N LYS J 12 45.85 42.58 -18.25
CA LYS J 12 46.84 42.91 -19.26
C LYS J 12 46.37 42.39 -20.62
N VAL J 13 46.53 43.19 -21.67
CA VAL J 13 46.13 42.79 -23.00
C VAL J 13 47.02 41.65 -23.47
N VAL J 14 46.39 40.54 -23.86
CA VAL J 14 47.08 39.41 -24.45
C VAL J 14 46.53 39.03 -25.81
N GLY J 15 45.52 39.72 -26.31
CA GLY J 15 44.99 39.33 -27.58
C GLY J 15 45.80 39.73 -28.79
N ASP J 16 46.90 40.45 -28.62
CA ASP J 16 47.76 40.80 -29.74
C ASP J 16 49.03 39.99 -29.80
N LYS J 17 49.14 38.94 -29.00
CA LYS J 17 50.37 38.18 -28.87
C LYS J 17 50.21 36.74 -29.33
N TRP J 18 49.05 36.39 -29.89
CA TRP J 18 48.79 35.00 -30.26
C TRP J 18 49.58 34.61 -31.51
N ASP J 19 49.58 35.47 -32.51
CA ASP J 19 50.34 35.21 -33.73
C ASP J 19 51.82 35.11 -33.45
N ALA J 20 52.35 36.02 -32.63
CA ALA J 20 53.75 36.00 -32.26
C ALA J 20 54.12 34.70 -31.54
N TYR J 21 53.21 34.16 -30.75
CA TYR J 21 53.49 32.92 -30.01
C TYR J 21 53.58 31.70 -30.93
N LEU J 22 52.70 31.57 -31.90
CA LEU J 22 52.78 30.43 -32.82
C LEU J 22 54.04 30.45 -33.67
N ARG J 23 54.49 31.64 -34.08
CA ARG J 23 55.69 31.73 -34.90
C ARG J 23 56.93 31.27 -34.12
N LEU J 24 57.05 31.71 -32.86
CA LEU J 24 58.15 31.29 -31.98
C LEU J 24 58.23 29.79 -31.78
N LEU J 25 57.09 29.09 -31.83
CA LEU J 25 57.12 27.64 -31.67
C LEU J 25 57.65 26.93 -32.89
N GLU J 26 57.43 27.49 -34.09
CA GLU J 26 58.06 26.94 -35.28
C GLU J 26 59.57 27.02 -35.19
N GLU J 27 60.12 28.14 -34.71
CA GLU J 27 61.57 28.24 -34.53
C GLU J 27 62.13 27.31 -33.42
N GLY J 28 61.38 26.40 -32.79
CA GLY J 28 61.90 25.45 -31.84
C GLY J 28 62.02 25.92 -30.41
N LYS J 29 61.60 27.13 -30.08
CA LYS J 29 61.62 27.56 -28.68
C LYS J 29 60.64 26.75 -27.85
N GLN J 30 60.99 26.57 -26.58
CA GLN J 30 60.11 25.92 -25.64
C GLN J 30 59.11 26.92 -25.09
N GLU J 31 57.96 26.39 -24.65
CA GLU J 31 56.79 27.19 -24.31
C GLU J 31 57.12 28.23 -23.25
N GLY J 32 57.84 27.81 -22.21
CA GLY J 32 58.25 28.72 -21.16
C GLY J 32 59.08 29.88 -21.68
N ASP J 33 60.03 29.58 -22.58
CA ASP J 33 60.89 30.60 -23.15
C ASP J 33 60.13 31.54 -24.08
N ALA J 34 59.22 31.00 -24.89
CA ALA J 34 58.40 31.83 -25.78
C ALA J 34 57.58 32.85 -24.99
N LEU J 35 56.96 32.41 -23.89
CA LEU J 35 56.22 33.33 -23.04
C LEU J 35 57.14 34.38 -22.43
N ASP J 36 58.35 33.97 -22.04
CA ASP J 36 59.35 34.89 -21.49
C ASP J 36 59.70 35.99 -22.48
N GLU J 37 59.91 35.63 -23.75
CA GLU J 37 60.27 36.63 -24.76
C GLU J 37 59.15 37.64 -24.95
N LEU J 38 57.90 37.21 -24.82
CA LEU J 38 56.77 38.11 -24.99
C LEU J 38 56.52 39.00 -23.78
N LYS J 39 57.34 38.87 -22.73
CA LYS J 39 57.27 39.65 -21.48
C LYS J 39 56.01 39.36 -20.67
N LEU J 40 55.48 38.15 -20.75
CA LEU J 40 54.33 37.77 -19.93
C LEU J 40 54.88 37.18 -18.64
N LYS J 41 55.10 38.02 -17.63
CA LYS J 41 55.87 37.56 -16.49
C LYS J 41 54.98 36.95 -15.41
N ARG J 42 53.86 37.58 -15.07
CA ARG J 42 52.97 37.03 -14.06
C ARG J 42 52.29 35.79 -14.60
N TYR J 43 52.14 34.78 -13.75
CA TYR J 43 51.57 33.51 -14.20
C TYR J 43 50.09 33.59 -14.52
N CYS J 44 49.36 34.60 -14.05
CA CYS J 44 48.00 34.81 -14.54
C CYS J 44 47.96 35.04 -16.04
N CYS J 45 48.88 35.86 -16.55
CA CYS J 45 48.91 36.12 -17.99
C CYS J 45 49.37 34.89 -18.76
N ARG J 46 50.32 34.13 -18.20
CA ARG J 46 50.85 32.95 -18.86
C ARG J 46 49.82 31.87 -19.11
N ARG J 47 48.94 31.59 -18.15
CA ARG J 47 47.88 30.59 -18.37
C ARG J 47 47.05 30.91 -19.62
N MET J 48 46.76 32.20 -19.87
CA MET J 48 45.91 32.62 -20.97
C MET J 48 46.46 32.14 -22.31
N VAL J 49 47.75 32.32 -22.53
CA VAL J 49 48.30 31.95 -23.81
C VAL J 49 48.65 30.47 -23.85
N LEU J 50 49.24 29.96 -22.77
CA LEU J 50 49.69 28.57 -22.74
C LEU J 50 48.56 27.57 -22.84
N THR J 51 47.38 27.87 -22.29
CA THR J 51 46.31 26.90 -22.23
C THR J 51 45.12 27.21 -23.12
N HIS J 52 45.20 28.23 -23.96
CA HIS J 52 44.09 28.48 -24.88
C HIS J 52 44.04 27.39 -25.94
N VAL J 53 42.83 27.05 -26.39
CA VAL J 53 42.64 26.06 -27.44
C VAL J 53 41.90 26.75 -28.57
N ASP J 54 42.51 26.73 -29.75
CA ASP J 54 42.06 27.49 -30.91
C ASP J 54 41.05 26.70 -31.73
N LEU J 55 39.79 26.79 -31.35
CA LEU J 55 38.77 26.03 -32.05
C LEU J 55 38.27 26.71 -33.31
N ILE J 56 38.46 28.02 -33.45
CA ILE J 56 37.95 28.77 -34.61
C ILE J 56 38.51 28.25 -35.93
N GLU J 57 39.72 27.68 -35.91
CA GLU J 57 40.26 27.05 -37.12
C GLU J 57 39.40 25.88 -37.56
N LYS J 58 38.86 25.13 -36.60
CA LYS J 58 37.93 24.07 -36.96
C LYS J 58 36.59 24.59 -37.45
N PHE J 59 36.00 25.60 -36.80
CA PHE J 59 34.67 26.06 -37.24
C PHE J 59 34.69 26.67 -38.63
N LEU J 60 35.79 27.28 -39.05
CA LEU J 60 35.83 27.88 -40.37
C LEU J 60 35.79 26.85 -41.50
N ARG J 61 36.19 25.61 -41.24
CA ARG J 61 36.16 24.58 -42.29
C ARG J 61 34.75 24.26 -42.79
N TYR J 62 33.72 24.63 -42.05
CA TYR J 62 32.34 24.26 -42.42
C TYR J 62 31.87 25.31 -43.41
N ASN J 63 31.86 24.95 -44.69
CA ASN J 63 31.59 25.78 -45.87
C ASN J 63 30.40 26.72 -45.70
N PRO J 64 30.68 28.06 -45.68
CA PRO J 64 29.72 29.13 -45.33
C PRO J 64 28.27 28.96 -45.75
N LEU J 65 27.34 29.41 -44.90
CA LEU J 65 25.93 29.11 -45.08
C LEU J 65 25.21 30.22 -45.83
N GLU J 66 25.95 30.99 -46.63
CA GLU J 66 25.46 31.93 -47.64
C GLU J 66 26.56 32.11 -48.68
N MET K 1 18.33 39.69 -14.40
CA MET K 1 16.90 39.89 -14.19
C MET K 1 16.66 40.67 -12.91
N ASN K 2 17.50 40.40 -11.90
CA ASN K 2 17.49 41.16 -10.65
C ASN K 2 18.82 41.83 -10.39
N ALA K 3 19.71 41.87 -11.36
CA ALA K 3 20.97 42.56 -11.20
C ALA K 3 20.66 44.06 -11.23
N PRO K 4 21.20 44.86 -10.31
CA PRO K 4 20.94 46.29 -10.39
C PRO K 4 21.87 46.91 -11.42
N ASP K 5 21.48 48.11 -11.86
CA ASP K 5 22.34 48.85 -12.78
C ASP K 5 23.67 49.18 -12.11
N ARG K 6 24.76 48.90 -12.83
CA ARG K 6 26.08 49.12 -12.26
C ARG K 6 26.38 50.60 -12.04
N PHE K 7 25.82 51.48 -12.89
CA PHE K 7 26.00 52.93 -12.74
C PHE K 7 25.39 53.51 -11.47
N GLU K 8 24.54 52.76 -10.76
CA GLU K 8 23.96 53.21 -9.50
C GLU K 8 24.96 53.30 -8.36
N LEU K 9 26.18 52.79 -8.54
CA LEU K 9 27.23 52.91 -7.52
C LEU K 9 27.69 54.36 -7.33
N PHE K 10 27.64 55.19 -8.37
CA PHE K 10 28.22 56.52 -8.28
C PHE K 10 27.27 57.63 -8.71
N ILE K 11 26.19 57.32 -9.40
CA ILE K 11 25.21 58.33 -9.80
C ILE K 11 24.17 58.50 -8.70
N LEU K 12 24.04 59.73 -8.23
CA LEU K 12 23.15 60.07 -7.14
C LEU K 12 21.73 60.32 -7.65
N PRO K 13 20.71 59.60 -7.15
CA PRO K 13 19.32 59.99 -7.41
C PRO K 13 19.04 61.42 -6.96
N ASP K 14 18.06 62.06 -7.62
CA ASP K 14 17.80 63.47 -7.36
C ASP K 14 17.19 63.74 -5.98
N ASP K 15 16.41 62.80 -5.45
CA ASP K 15 15.81 62.94 -4.14
C ASP K 15 16.67 62.42 -3.00
N VAL K 16 17.94 62.12 -3.25
CA VAL K 16 18.81 61.48 -2.29
C VAL K 16 20.03 62.37 -2.06
N PRO K 17 20.29 62.81 -0.83
CA PRO K 17 21.44 63.70 -0.60
C PRO K 17 22.71 62.87 -0.59
N LYS K 18 23.76 63.45 -1.15
CA LYS K 18 25.09 62.84 -1.14
C LYS K 18 25.60 62.57 0.29
N LEU K 19 25.13 63.34 1.26
CA LEU K 19 25.70 63.40 2.59
C LEU K 19 24.56 63.72 3.54
N LYS K 20 24.50 63.04 4.67
CA LYS K 20 23.48 63.30 5.69
C LYS K 20 24.06 63.22 7.09
N ILE K 21 23.88 64.29 7.85
CA ILE K 21 24.40 64.41 9.21
C ILE K 21 23.22 64.34 10.16
N THR K 22 23.30 63.48 11.16
CA THR K 22 22.31 63.46 12.22
C THR K 22 23.04 63.42 13.55
N PRO K 23 22.39 63.82 14.64
CA PRO K 23 23.05 63.75 15.94
C PRO K 23 22.89 62.37 16.57
N ASP K 24 23.82 62.06 17.46
CA ASP K 24 23.68 60.95 18.39
C ASP K 24 23.56 61.61 19.75
N SER K 25 22.33 61.88 20.17
CA SER K 25 22.11 62.62 21.42
C SER K 25 22.36 61.78 22.67
N ARG K 26 22.62 60.47 22.52
CA ARG K 26 22.87 59.61 23.68
C ARG K 26 24.15 59.99 24.41
N VAL K 27 25.14 60.50 23.69
CA VAL K 27 26.37 61.01 24.27
C VAL K 27 26.56 62.43 23.78
N PRO K 28 27.29 63.29 24.52
CA PRO K 28 27.50 64.66 24.05
C PRO K 28 28.43 64.71 22.86
N ASN K 29 28.08 65.57 21.89
CA ASN K 29 28.97 66.05 20.83
C ASN K 29 29.36 64.93 19.85
N CYS K 30 28.37 64.18 19.40
CA CYS K 30 28.61 63.04 18.54
C CYS K 30 27.67 63.11 17.35
N ILE K 31 28.19 62.92 16.15
CA ILE K 31 27.36 62.89 14.95
C ILE K 31 27.51 61.58 14.21
N ILE K 32 26.47 61.25 13.46
CA ILE K 32 26.47 60.14 12.52
C ILE K 32 26.44 60.73 11.13
N ILE K 33 27.42 60.42 10.30
CA ILE K 33 27.45 60.91 8.92
C ILE K 33 27.24 59.72 7.99
N LYS K 34 26.18 59.80 7.21
CA LYS K 34 25.84 58.83 6.19
C LYS K 34 26.31 59.32 4.83
N PHE K 35 27.22 58.58 4.19
CA PHE K 35 27.73 58.95 2.88
C PHE K 35 27.05 58.08 1.84
N GLU K 36 26.44 58.71 0.84
CA GLU K 36 25.78 58.00 -0.23
C GLU K 36 26.65 57.93 -1.46
N ARG K 37 26.60 56.77 -2.14
CA ARG K 37 27.33 56.50 -3.38
C ARG K 37 28.84 56.67 -3.20
N GLU K 38 29.38 56.05 -2.15
CA GLU K 38 30.81 56.05 -1.88
C GLU K 38 31.26 54.73 -1.29
N ASP K 39 32.57 54.57 -1.19
CA ASP K 39 33.25 53.29 -1.00
C ASP K 39 34.24 53.38 0.17
N HIS K 40 34.89 52.24 0.43
CA HIS K 40 36.11 52.22 1.22
C HIS K 40 37.19 53.20 0.76
N THR K 41 37.29 53.43 -0.56
CA THR K 41 38.25 54.35 -1.16
C THR K 41 38.26 55.70 -0.47
N LEU K 42 37.10 56.34 -0.39
CA LEU K 42 36.97 57.62 0.30
C LEU K 42 37.08 57.43 1.80
N ALA K 43 36.39 56.42 2.35
CA ALA K 43 36.16 56.30 3.78
C ALA K 43 37.44 56.05 4.56
N ASN K 44 38.27 55.13 4.09
CA ASN K 44 39.48 54.78 4.80
C ASN K 44 40.46 55.95 4.81
N LEU K 45 40.49 56.70 3.71
CA LEU K 45 41.33 57.89 3.61
C LEU K 45 41.00 58.92 4.69
N LEU K 46 39.72 59.30 4.78
CA LEU K 46 39.29 60.23 5.84
C LEU K 46 39.55 59.69 7.23
N ARG K 47 39.35 58.39 7.44
CA ARG K 47 39.34 57.83 8.80
C ARG K 47 40.70 57.94 9.46
N GLU K 48 41.77 57.51 8.78
CA GLU K 48 43.09 57.53 9.40
C GLU K 48 43.56 58.94 9.70
N GLU K 49 43.47 59.83 8.71
CA GLU K 49 43.70 61.27 8.86
C GLU K 49 43.06 61.83 10.12
N LEU K 50 41.76 61.56 10.32
CA LEU K 50 41.04 62.08 11.47
C LEU K 50 41.60 61.54 12.77
N ALA K 51 42.05 60.28 12.78
CA ALA K 51 42.45 59.64 14.02
C ALA K 51 43.73 60.23 14.58
N LEU K 52 44.57 60.85 13.75
CA LEU K 52 45.78 61.47 14.25
C LEU K 52 45.56 62.87 14.81
N TYR K 53 44.37 63.43 14.67
CA TYR K 53 44.13 64.73 15.29
C TYR K 53 43.91 64.59 16.78
N PRO K 54 44.51 65.47 17.58
CA PRO K 54 44.38 65.37 19.04
C PRO K 54 42.97 65.58 19.58
N ASP K 55 42.13 66.35 18.91
CA ASP K 55 40.80 66.62 19.43
C ASP K 55 39.72 65.67 18.94
N VAL K 56 40.06 64.65 18.16
CA VAL K 56 39.11 63.60 17.80
C VAL K 56 39.26 62.46 18.79
N THR K 57 38.20 62.16 19.54
CA THR K 57 38.23 61.09 20.52
C THR K 57 37.68 59.78 20.01
N PHE K 58 36.85 59.80 18.98
CA PHE K 58 36.33 58.57 18.41
C PHE K 58 36.07 58.80 16.93
N VAL K 59 36.57 57.90 16.09
CA VAL K 59 36.19 57.86 14.69
C VAL K 59 36.13 56.41 14.22
N ALA K 60 35.07 56.07 13.50
CA ALA K 60 34.88 54.73 12.96
C ALA K 60 33.96 54.80 11.76
N TYR K 61 34.04 53.78 10.91
CA TYR K 61 33.11 53.60 9.80
C TYR K 61 32.79 52.13 9.56
N LYS K 62 31.67 51.88 8.90
CA LYS K 62 31.35 50.55 8.43
C LYS K 62 30.66 50.67 7.08
N VAL K 63 30.99 49.75 6.16
CA VAL K 63 30.19 49.54 4.95
C VAL K 63 29.20 48.44 5.30
N GLU K 64 27.94 48.82 5.52
CA GLU K 64 26.98 47.87 6.06
C GLU K 64 26.67 46.70 5.12
N HIS K 65 26.66 46.94 3.82
CA HIS K 65 26.42 45.81 2.93
C HIS K 65 27.10 46.09 1.59
N PRO K 66 28.00 45.24 1.10
CA PRO K 66 28.71 45.55 -0.15
C PRO K 66 27.82 45.67 -1.38
N LEU K 67 26.57 45.19 -1.33
CA LEU K 67 25.71 45.31 -2.49
C LEU K 67 25.11 46.69 -2.62
N PHE K 68 25.33 47.55 -1.63
CA PHE K 68 24.83 48.92 -1.64
C PHE K 68 26.04 49.80 -1.40
N ALA K 69 26.29 50.73 -2.32
CA ALA K 69 27.46 51.59 -2.23
C ALA K 69 27.15 52.74 -1.28
N ASN K 70 27.13 52.43 0.01
CA ASN K 70 27.15 53.49 1.01
C ASN K 70 27.97 53.08 2.20
N PHE K 71 28.24 54.03 3.06
CA PHE K 71 28.83 53.74 4.34
C PHE K 71 28.39 54.81 5.31
N VAL K 72 28.58 54.53 6.57
CA VAL K 72 28.18 55.42 7.64
C VAL K 72 29.37 55.59 8.57
N MET K 73 29.64 56.83 8.96
CA MET K 73 30.78 57.12 9.80
C MET K 73 30.25 57.72 11.10
N ARG K 74 30.91 57.40 12.20
CA ARG K 74 30.60 57.97 13.50
C ARG K 74 31.77 58.76 14.00
N LEU K 75 31.52 59.99 14.44
CA LEU K 75 32.59 60.90 14.80
C LEU K 75 32.21 61.62 16.07
N GLN K 76 33.02 61.46 17.11
CA GLN K 76 32.83 62.18 18.36
C GLN K 76 34.09 62.96 18.67
N THR K 77 33.92 64.23 19.04
CA THR K 77 35.01 65.09 19.47
C THR K 77 34.76 65.62 20.87
N GLU K 78 35.83 66.05 21.51
CA GLU K 78 35.72 66.66 22.83
C GLU K 78 34.96 67.98 22.76
N GLU K 79 34.56 68.44 23.95
CA GLU K 79 33.63 69.57 24.13
C GLU K 79 34.01 70.83 23.35
N GLY K 80 35.30 71.17 23.31
CA GLY K 80 35.74 72.39 22.63
C GLY K 80 35.41 72.45 21.14
N THR K 81 35.67 71.38 20.42
CA THR K 81 35.63 71.41 18.97
C THR K 81 34.27 70.90 18.47
N ARG K 82 33.83 71.43 17.32
CA ARG K 82 32.59 70.92 16.76
C ARG K 82 32.93 69.89 15.71
N PRO K 83 32.34 68.68 15.78
CA PRO K 83 32.76 67.55 14.91
C PRO K 83 32.77 67.88 13.43
N LYS K 84 31.67 68.47 12.93
CA LYS K 84 31.54 68.87 11.55
C LYS K 84 32.64 69.81 11.10
N GLN K 85 33.11 70.70 11.97
CA GLN K 85 34.21 71.59 11.60
C GLN K 85 35.50 70.79 11.46
N ALA K 86 35.75 69.90 12.41
CA ALA K 86 36.91 69.01 12.41
C ALA K 86 36.99 68.17 11.15
N LEU K 87 35.83 67.75 10.62
CA LEU K 87 35.81 67.00 9.39
C LEU K 87 36.32 67.84 8.22
N GLU K 88 35.88 69.10 8.14
CA GLU K 88 36.39 70.04 7.15
C GLU K 88 37.91 70.18 7.23
N ARG K 89 38.45 70.23 8.44
CA ARG K 89 39.90 70.35 8.60
C ARG K 89 40.62 69.13 8.05
N ALA K 90 40.12 67.94 8.36
CA ALA K 90 40.68 66.69 7.83
C ALA K 90 40.68 66.66 6.30
N CYS K 91 39.59 67.15 5.70
CA CYS K 91 39.48 67.22 4.24
C CYS K 91 40.56 68.11 3.62
N ALA K 92 40.72 69.32 4.17
CA ALA K 92 41.65 70.28 3.58
C ALA K 92 43.10 69.84 3.71
N SER K 93 43.47 69.24 4.84
CA SER K 93 44.78 68.63 5.01
C SER K 93 45.12 67.64 3.89
N ILE K 94 44.20 66.74 3.58
CA ILE K 94 44.50 65.69 2.59
C ILE K 94 44.58 66.26 1.19
N ILE K 95 43.69 67.20 0.84
CA ILE K 95 43.77 67.90 -0.44
C ILE K 95 45.13 68.58 -0.58
N ASN K 96 45.63 69.17 0.51
CA ASN K 96 46.94 69.80 0.46
C ASN K 96 48.05 68.78 0.26
N LYS K 97 48.06 67.70 1.06
CA LYS K 97 49.07 66.66 0.89
C LYS K 97 49.06 66.04 -0.50
N LEU K 98 47.90 65.89 -1.12
CA LEU K 98 47.89 65.34 -2.46
C LEU K 98 48.35 66.33 -3.51
N LYS K 99 48.05 67.62 -3.30
CA LYS K 99 48.56 68.67 -4.18
C LYS K 99 50.08 68.69 -4.17
N THR K 100 50.67 68.73 -2.97
CA THR K 100 52.12 68.60 -2.80
C THR K 100 52.65 67.35 -3.48
N LEU K 101 51.98 66.21 -3.23
CA LEU K 101 52.43 64.93 -3.74
C LEU K 101 52.40 64.90 -5.28
N ASP K 102 51.38 65.52 -5.87
CA ASP K 102 51.30 65.62 -7.33
C ASP K 102 52.43 66.47 -7.90
N HIS K 103 52.77 67.55 -7.20
CA HIS K 103 53.85 68.43 -7.63
C HIS K 103 55.19 67.72 -7.63
N LYS K 104 55.52 67.06 -6.52
CA LYS K 104 56.81 66.37 -6.42
C LYS K 104 56.95 65.23 -7.42
N PHE K 105 55.85 64.59 -7.81
CA PHE K 105 55.94 63.56 -8.84
C PHE K 105 56.26 64.15 -10.22
N ASN K 106 55.60 65.25 -10.58
CA ASN K 106 55.86 65.95 -11.84
C ASN K 106 57.30 66.35 -12.00
N GLU K 107 57.89 66.96 -10.96
CA GLU K 107 59.30 67.36 -10.99
C GLU K 107 60.20 66.15 -11.24
N GLU K 108 60.06 65.11 -10.42
CA GLU K 108 60.88 63.90 -10.56
C GLU K 108 60.68 63.22 -11.92
N TRP K 109 59.50 63.39 -12.52
CA TRP K 109 59.20 62.74 -13.79
C TRP K 109 59.95 63.32 -14.96
N ASN K 110 60.06 64.65 -15.04
CA ASN K 110 60.80 65.29 -16.11
C ASN K 110 62.28 64.91 -16.11
N ILE K 111 62.87 64.77 -14.92
CA ILE K 111 64.27 64.36 -14.84
C ILE K 111 64.49 62.98 -15.46
N LYS K 112 63.53 62.08 -15.33
CA LYS K 112 63.68 60.76 -15.92
C LYS K 112 63.25 60.70 -17.39
N ASN K 113 62.48 61.68 -17.86
CA ASN K 113 61.99 61.81 -19.25
C ASN K 113 63.16 61.68 -20.26
N GLY L 28 8.86 39.40 -51.81
CA GLY L 28 8.19 39.63 -50.55
C GLY L 28 9.07 39.36 -49.35
N VAL L 29 9.47 38.10 -49.17
CA VAL L 29 10.32 37.69 -48.06
C VAL L 29 11.57 37.04 -48.63
N LYS L 30 12.73 37.51 -48.19
CA LYS L 30 14.00 37.01 -48.70
C LYS L 30 14.34 35.66 -48.07
N TYR L 31 14.79 34.71 -48.90
CA TYR L 31 15.23 33.41 -48.43
C TYR L 31 16.64 33.13 -48.95
N THR L 32 17.16 31.96 -48.61
CA THR L 32 18.50 31.58 -49.00
C THR L 32 18.57 30.07 -49.19
N CYS L 33 19.20 29.63 -50.27
CA CYS L 33 19.26 28.21 -50.58
C CYS L 33 20.35 27.55 -49.75
N GLY L 34 20.02 26.44 -49.09
CA GLY L 34 21.00 25.80 -48.24
C GLY L 34 22.15 25.14 -48.96
N ALA L 35 22.06 24.97 -50.28
CA ALA L 35 23.11 24.33 -51.08
C ALA L 35 23.92 25.30 -51.92
N CYS L 36 23.25 26.13 -52.71
CA CYS L 36 23.91 26.98 -53.70
C CYS L 36 23.87 28.46 -53.34
N ALA L 37 23.22 28.82 -52.24
CA ALA L 37 23.15 30.16 -51.65
C ALA L 37 22.47 31.20 -52.53
N HIS L 38 21.75 30.81 -53.58
CA HIS L 38 20.98 31.76 -54.36
C HIS L 38 19.91 32.39 -53.49
N ASN L 39 19.69 33.68 -53.65
CA ASN L 39 18.61 34.38 -52.97
C ASN L 39 17.39 34.61 -53.86
N PHE L 40 16.20 34.47 -53.27
CA PHE L 40 14.94 34.62 -54.00
C PHE L 40 13.83 34.80 -52.97
N SER L 41 12.65 35.18 -53.45
CA SER L 41 11.49 35.30 -52.59
C SER L 41 10.41 34.27 -52.91
N LEU L 42 9.52 34.07 -51.93
CA LEU L 42 8.37 33.19 -52.09
C LEU L 42 7.17 33.81 -51.37
N ASN L 43 5.98 33.85 -52.01
CA ASN L 43 4.72 34.30 -51.37
C ASN L 43 3.86 33.15 -50.82
N LYS L 44 4.39 32.49 -49.80
CA LYS L 44 3.97 31.23 -49.17
C LYS L 44 3.30 30.09 -49.94
N SER L 45 2.60 30.36 -51.05
CA SER L 45 1.86 29.28 -51.69
C SER L 45 2.74 28.49 -52.65
N ASP L 46 3.91 29.01 -52.97
CA ASP L 46 4.86 28.36 -53.84
C ASP L 46 5.38 27.12 -53.11
N PRO L 47 5.80 26.07 -53.81
CA PRO L 47 6.41 24.95 -53.10
C PRO L 47 7.75 25.34 -52.49
N VAL L 48 8.12 24.60 -51.45
CA VAL L 48 9.28 24.92 -50.63
C VAL L 48 10.46 24.18 -51.26
N ARG L 49 11.17 24.89 -52.15
CA ARG L 49 12.39 24.40 -52.77
C ARG L 49 13.19 25.56 -53.33
N CYS L 50 14.44 25.26 -53.67
CA CYS L 50 15.31 26.22 -54.33
C CYS L 50 15.08 26.18 -55.83
N LYS L 51 14.92 27.36 -56.44
CA LYS L 51 14.75 27.42 -57.88
C LYS L 51 15.98 26.90 -58.63
N GLU L 52 17.17 27.11 -58.07
CA GLU L 52 18.39 26.78 -58.80
C GLU L 52 18.70 25.29 -58.81
N CYS L 53 18.80 24.68 -57.63
CA CYS L 53 19.21 23.29 -57.50
C CYS L 53 18.13 22.35 -57.00
N GLY L 54 16.96 22.85 -56.62
CA GLY L 54 15.95 21.97 -56.08
C GLY L 54 16.16 21.50 -54.65
N HIS L 55 17.07 22.13 -53.91
CA HIS L 55 17.32 21.74 -52.53
C HIS L 55 16.09 22.07 -51.70
N ARG L 56 15.76 21.19 -50.75
CA ARG L 56 14.53 21.32 -50.00
C ARG L 56 14.73 21.83 -48.57
N VAL L 57 15.92 22.34 -48.26
CA VAL L 57 16.23 22.97 -46.98
C VAL L 57 16.57 24.43 -47.22
N ILE L 58 15.75 25.37 -46.72
CA ILE L 58 16.00 26.78 -46.98
C ILE L 58 15.91 27.57 -45.67
N TYR L 59 16.44 28.80 -45.70
CA TYR L 59 16.59 29.62 -44.50
C TYR L 59 16.14 31.05 -44.72
N LYS L 60 15.49 31.65 -43.74
CA LYS L 60 15.07 33.04 -43.83
C LYS L 60 16.26 33.98 -43.76
N ALA L 61 16.24 35.03 -44.58
CA ALA L 61 17.28 36.02 -44.45
C ALA L 61 17.00 36.93 -43.27
N ARG L 62 18.03 37.63 -42.83
CA ARG L 62 17.99 38.43 -41.61
C ARG L 62 17.06 39.63 -41.81
N THR L 63 16.53 40.15 -40.70
CA THR L 63 15.66 41.32 -40.66
C THR L 63 16.29 42.57 -41.26
N LYS L 64 15.41 43.42 -41.80
CA LYS L 64 15.80 44.75 -42.22
C LYS L 64 16.26 45.62 -41.06
N ARG L 65 15.72 45.41 -39.86
CA ARG L 65 15.99 46.30 -38.74
C ARG L 65 17.44 46.24 -38.27
N MET L 66 17.91 47.37 -37.76
CA MET L 66 19.23 47.43 -37.13
C MET L 66 19.21 46.78 -35.75
N ILE L 67 20.30 46.08 -35.43
CA ILE L 67 20.50 45.40 -34.16
C ILE L 67 21.63 46.09 -33.41
N GLN L 68 21.39 46.39 -32.13
CA GLN L 68 22.39 47.02 -31.26
C GLN L 68 22.77 46.13 -30.09
N PHE L 69 24.06 46.12 -29.75
CA PHE L 69 24.52 45.40 -28.57
C PHE L 69 25.42 46.29 -27.74
N ASP L 70 25.40 46.09 -26.42
CA ASP L 70 26.08 47.00 -25.49
C ASP L 70 27.54 46.71 -25.28
N ALA L 71 28.06 45.64 -25.91
CA ALA L 71 29.47 45.28 -25.87
C ALA L 71 29.95 45.07 -24.43
N ARG L 72 29.09 44.50 -23.61
CA ARG L 72 29.44 44.19 -22.22
C ARG L 72 29.35 42.69 -22.00
N ILE P 18 -4.46 -43.34 5.09
CA ILE P 18 -5.89 -43.07 5.00
C ILE P 18 -6.29 -42.96 3.54
N LYS P 19 -7.45 -43.54 3.19
CA LYS P 19 -7.95 -43.47 1.83
C LYS P 19 -8.13 -42.02 1.40
N GLN P 20 -8.11 -41.81 0.08
CA GLN P 20 -8.31 -40.51 -0.53
C GLN P 20 -9.53 -40.58 -1.44
N LYS P 21 -10.56 -39.79 -1.12
CA LYS P 21 -11.75 -39.68 -1.95
C LYS P 21 -11.69 -38.32 -2.66
N LEU P 22 -11.49 -38.35 -3.98
CA LEU P 22 -11.25 -37.15 -4.77
C LEU P 22 -12.24 -37.09 -5.92
N GLU P 23 -12.83 -35.92 -6.14
CA GLU P 23 -13.60 -35.66 -7.35
C GLU P 23 -12.67 -35.17 -8.45
N THR P 24 -13.01 -35.50 -9.69
CA THR P 24 -12.21 -35.15 -10.85
C THR P 24 -13.08 -34.45 -11.88
N GLN P 25 -12.41 -33.93 -12.92
CA GLN P 25 -13.08 -33.29 -14.05
C GLN P 25 -13.00 -34.17 -15.31
N PHE P 26 -12.95 -35.48 -15.12
CA PHE P 26 -12.90 -36.43 -16.22
C PHE P 26 -14.31 -36.77 -16.69
N THR P 27 -14.41 -37.18 -17.95
CA THR P 27 -15.68 -37.61 -18.54
C THR P 27 -15.78 -39.12 -18.47
N CYS P 28 -16.92 -39.62 -17.98
CA CYS P 28 -17.16 -41.05 -17.97
C CYS P 28 -17.19 -41.60 -19.39
N LEU P 29 -16.45 -42.70 -19.61
CA LEU P 29 -16.33 -43.28 -20.95
C LEU P 29 -17.63 -43.88 -21.46
N PHE P 30 -18.62 -44.08 -20.60
CA PHE P 30 -19.88 -44.72 -20.99
C PHE P 30 -21.04 -43.74 -21.03
N CYS P 31 -21.38 -43.09 -19.90
CA CYS P 31 -22.54 -42.21 -19.85
C CYS P 31 -22.26 -40.80 -20.38
N ASN P 32 -20.98 -40.42 -20.52
CA ASN P 32 -20.52 -39.18 -21.11
C ASN P 32 -20.76 -37.96 -20.24
N HIS P 33 -21.26 -38.12 -19.02
CA HIS P 33 -21.38 -36.99 -18.11
C HIS P 33 -19.99 -36.56 -17.65
N ASP P 34 -19.68 -35.27 -17.83
CA ASP P 34 -18.39 -34.75 -17.40
C ASP P 34 -18.48 -34.26 -15.94
N ASN P 35 -17.31 -34.23 -15.30
CA ASN P 35 -17.18 -33.81 -13.90
C ASN P 35 -18.03 -34.67 -12.97
N SER P 36 -18.12 -35.97 -13.27
CA SER P 36 -18.91 -36.90 -12.48
C SER P 36 -18.18 -38.21 -12.20
N VAL P 37 -16.86 -38.23 -12.30
CA VAL P 37 -16.05 -39.41 -12.00
C VAL P 37 -15.32 -39.15 -10.69
N VAL P 38 -15.52 -40.04 -9.71
CA VAL P 38 -14.88 -39.96 -8.39
C VAL P 38 -13.82 -41.06 -8.31
N CYS P 39 -12.66 -40.72 -7.75
CA CYS P 39 -11.53 -41.62 -7.66
C CYS P 39 -11.23 -41.89 -6.18
N THR P 40 -11.25 -43.17 -5.81
CA THR P 40 -10.90 -43.61 -4.45
C THR P 40 -9.61 -44.42 -4.52
N LEU P 41 -8.53 -43.86 -3.97
CA LEU P 41 -7.21 -44.47 -4.03
C LEU P 41 -6.86 -45.03 -2.66
N ASP P 42 -6.81 -46.35 -2.56
CA ASP P 42 -6.44 -47.05 -1.34
C ASP P 42 -4.98 -47.49 -1.48
N LYS P 43 -4.07 -46.71 -0.89
CA LYS P 43 -2.63 -47.01 -0.99
C LYS P 43 -2.20 -48.10 -0.03
N LYS P 44 -2.94 -48.33 1.06
CA LYS P 44 -2.58 -49.39 1.99
C LYS P 44 -2.63 -50.77 1.33
N ASN P 45 -3.50 -50.94 0.35
CA ASN P 45 -3.65 -52.20 -0.37
C ASN P 45 -3.36 -52.06 -1.86
N SER P 46 -2.92 -50.88 -2.32
CA SER P 46 -2.53 -50.65 -3.72
C SER P 46 -3.69 -50.95 -4.68
N ILE P 47 -4.86 -50.41 -4.37
CA ILE P 47 -6.08 -50.63 -5.15
C ILE P 47 -6.76 -49.29 -5.37
N GLY P 48 -6.86 -48.87 -6.63
CA GLY P 48 -7.56 -47.65 -7.00
C GLY P 48 -8.92 -47.95 -7.60
N LEU P 49 -9.88 -47.07 -7.33
CA LEU P 49 -11.28 -47.29 -7.69
C LEU P 49 -11.85 -46.03 -8.34
N LEU P 50 -12.32 -46.18 -9.57
CA LEU P 50 -13.06 -45.12 -10.25
C LEU P 50 -14.56 -45.38 -10.12
N GLU P 51 -15.32 -44.31 -9.87
CA GLU P 51 -16.76 -44.40 -9.72
C GLU P 51 -17.42 -43.26 -10.49
N CYS P 52 -18.59 -43.55 -11.04
CA CYS P 52 -19.39 -42.55 -11.76
C CYS P 52 -20.55 -42.12 -10.89
N LYS P 53 -20.62 -40.82 -10.59
CA LYS P 53 -21.70 -40.27 -9.79
C LYS P 53 -23.03 -40.24 -10.54
N LYS P 54 -23.02 -40.56 -11.84
CA LYS P 54 -24.23 -40.51 -12.65
C LYS P 54 -24.77 -41.90 -12.93
N CYS P 55 -24.18 -42.61 -13.91
CA CYS P 55 -24.71 -43.92 -14.31
C CYS P 55 -24.32 -45.04 -13.36
N ASN P 56 -23.37 -44.81 -12.44
CA ASN P 56 -23.10 -45.73 -11.35
C ASN P 56 -22.12 -46.84 -11.63
N LEU P 57 -21.37 -46.78 -12.72
CA LEU P 57 -20.38 -47.81 -13.02
C LEU P 57 -19.17 -47.68 -12.11
N SER P 58 -18.35 -48.75 -12.09
CA SER P 58 -17.16 -48.80 -11.26
C SER P 58 -16.05 -49.50 -12.03
N PHE P 59 -14.83 -48.98 -11.93
CA PHE P 59 -13.65 -49.59 -12.53
C PHE P 59 -12.54 -49.64 -11.49
N GLN P 60 -11.88 -50.78 -11.39
CA GLN P 60 -10.81 -51.00 -10.43
C GLN P 60 -9.50 -51.29 -11.16
N ALA P 61 -8.40 -50.81 -10.59
CA ALA P 61 -7.08 -50.96 -11.21
C ALA P 61 -6.01 -50.86 -10.13
N PRO P 62 -4.84 -51.46 -10.33
CA PRO P 62 -3.77 -51.32 -9.34
C PRO P 62 -3.10 -49.95 -9.42
N ILE P 63 -2.71 -49.44 -8.25
CA ILE P 63 -2.01 -48.17 -8.14
C ILE P 63 -0.75 -48.38 -7.31
N ASN P 64 0.24 -47.51 -7.53
CA ASN P 64 1.47 -47.52 -6.73
C ASN P 64 1.37 -46.49 -5.62
N SER P 65 2.49 -45.90 -5.22
CA SER P 65 2.46 -44.78 -4.27
C SER P 65 2.46 -43.43 -4.97
N LEU P 66 2.92 -43.38 -6.22
CA LEU P 66 3.06 -42.15 -6.98
C LEU P 66 1.80 -41.79 -7.77
N SER P 67 0.80 -42.66 -7.80
CA SER P 67 -0.32 -42.48 -8.70
C SER P 67 -1.24 -41.37 -8.24
N GLN P 68 -2.03 -40.87 -9.18
CA GLN P 68 -2.96 -39.76 -9.03
C GLN P 68 -4.18 -40.05 -9.90
N PRO P 69 -5.31 -39.35 -9.66
CA PRO P 69 -6.53 -39.65 -10.43
C PRO P 69 -6.35 -39.74 -11.94
N ILE P 70 -5.32 -39.09 -12.48
CA ILE P 70 -5.05 -39.17 -13.91
C ILE P 70 -4.37 -40.48 -14.29
N ASP P 71 -3.78 -41.19 -13.32
CA ASP P 71 -3.10 -42.45 -13.61
C ASP P 71 -4.08 -43.60 -13.80
N ILE P 72 -5.09 -43.71 -12.94
CA ILE P 72 -6.06 -44.78 -13.09
C ILE P 72 -7.08 -44.44 -14.19
N TYR P 73 -7.41 -43.16 -14.36
CA TYR P 73 -8.29 -42.79 -15.46
C TYR P 73 -7.64 -43.07 -16.81
N SER P 74 -6.31 -42.99 -16.87
CA SER P 74 -5.60 -43.41 -18.08
C SER P 74 -5.71 -44.91 -18.27
N ASP P 75 -5.56 -45.70 -17.19
CA ASP P 75 -5.70 -47.15 -17.28
C ASP P 75 -7.12 -47.55 -17.67
N TRP P 76 -8.11 -46.73 -17.34
CA TRP P 76 -9.49 -47.04 -17.72
C TRP P 76 -9.72 -46.82 -19.21
N ILE P 77 -9.03 -45.85 -19.82
CA ILE P 77 -9.16 -45.61 -21.25
C ILE P 77 -8.59 -46.78 -22.04
N ASP P 78 -7.49 -47.37 -21.56
CA ASP P 78 -6.86 -48.49 -22.25
C ASP P 78 -7.59 -49.81 -21.99
N ALA P 79 -8.27 -49.92 -20.84
CA ALA P 79 -9.03 -51.12 -20.53
C ALA P 79 -10.26 -51.25 -21.42
N CYS P 80 -10.78 -50.14 -21.94
CA CYS P 80 -11.93 -50.18 -22.85
C CYS P 80 -11.50 -50.50 -24.28
N GLU P 81 -10.48 -49.80 -24.77
CA GLU P 81 -10.01 -49.96 -26.14
C GLU P 81 -9.16 -51.22 -26.30
N GLU Q 3 -20.68 -13.87 -53.25
CA GLU Q 3 -21.62 -14.95 -52.92
C GLU Q 3 -23.07 -14.50 -52.93
N ARG Q 4 -23.94 -15.29 -53.55
CA ARG Q 4 -25.37 -15.00 -53.50
C ARG Q 4 -26.12 -16.24 -53.01
N ALA Q 5 -27.35 -16.03 -52.53
CA ALA Q 5 -28.17 -17.11 -52.02
C ALA Q 5 -29.38 -17.27 -52.92
N CYS Q 6 -29.68 -18.51 -53.33
CA CYS Q 6 -30.85 -18.78 -54.16
C CYS Q 6 -32.12 -18.55 -53.37
N MET Q 7 -33.01 -17.78 -53.93
CA MET Q 7 -34.24 -17.54 -53.19
C MET Q 7 -35.11 -18.79 -53.13
N LEU Q 8 -35.01 -19.69 -54.02
CA LEU Q 8 -35.89 -20.85 -54.01
C LEU Q 8 -35.43 -21.93 -53.04
N CYS Q 9 -34.13 -22.25 -53.06
CA CYS Q 9 -33.60 -23.34 -52.24
C CYS Q 9 -32.67 -22.91 -51.13
N GLY Q 10 -32.20 -21.65 -51.19
CA GLY Q 10 -31.42 -21.12 -50.09
C GLY Q 10 -29.94 -21.41 -50.19
N ILE Q 11 -29.52 -22.09 -51.24
CA ILE Q 11 -28.11 -22.43 -51.35
C ILE Q 11 -27.25 -21.20 -51.62
N VAL Q 12 -26.05 -21.22 -51.02
CA VAL Q 12 -25.10 -20.12 -51.13
C VAL Q 12 -23.93 -20.49 -52.03
N LEU Q 13 -23.76 -19.72 -53.10
CA LEU Q 13 -22.72 -19.98 -54.09
C LEU Q 13 -22.15 -18.66 -54.58
N PRO Q 14 -20.90 -18.67 -55.07
CA PRO Q 14 -20.42 -17.48 -55.79
C PRO Q 14 -21.39 -17.14 -56.91
N GLY Q 15 -21.71 -15.85 -57.07
CA GLY Q 15 -22.68 -15.40 -58.04
C GLY Q 15 -22.44 -15.89 -59.45
N ARG Q 16 -21.18 -15.95 -59.86
CA ARG Q 16 -20.86 -16.37 -61.22
C ARG Q 16 -21.28 -17.81 -61.46
N VAL Q 17 -21.38 -18.59 -60.38
CA VAL Q 17 -21.79 -19.98 -60.47
C VAL Q 17 -23.23 -20.03 -60.93
N PHE Q 18 -24.04 -19.11 -60.43
CA PHE Q 18 -25.45 -19.02 -60.81
C PHE Q 18 -25.54 -18.70 -62.29
N MET Q 19 -24.51 -18.01 -62.80
CA MET Q 19 -24.47 -17.64 -64.21
C MET Q 19 -23.90 -18.79 -65.06
N GLN Q 20 -22.84 -19.43 -64.55
CA GLN Q 20 -22.17 -20.51 -65.25
C GLN Q 20 -22.97 -21.82 -65.31
N ASN Q 21 -23.43 -22.29 -64.14
CA ASN Q 21 -24.05 -23.61 -64.03
C ASN Q 21 -25.52 -23.58 -63.61
N GLY Q 22 -26.02 -22.42 -63.21
CA GLY Q 22 -27.38 -22.31 -62.70
C GLY Q 22 -27.42 -22.72 -61.24
N CYS Q 23 -28.60 -22.74 -60.63
CA CYS Q 23 -28.67 -23.27 -59.28
C CYS Q 23 -28.62 -24.80 -59.30
N PRO Q 24 -27.67 -25.60 -58.58
CA PRO Q 24 -27.61 -27.07 -58.64
C PRO Q 24 -28.87 -27.76 -58.12
N ASN Q 25 -29.68 -27.05 -57.34
CA ASN Q 25 -30.95 -27.61 -56.87
C ASN Q 25 -32.15 -27.27 -57.74
N CYS Q 26 -32.11 -26.09 -58.35
CA CYS Q 26 -33.32 -25.46 -58.90
C CYS Q 26 -33.33 -25.24 -60.41
N ASP Q 27 -32.22 -25.49 -61.09
CA ASP Q 27 -32.10 -24.89 -62.41
C ASP Q 27 -33.00 -25.57 -63.44
N SER Q 28 -33.54 -26.73 -63.09
CA SER Q 28 -34.52 -27.39 -63.96
C SER Q 28 -35.76 -26.53 -64.17
N VAL Q 29 -36.06 -25.67 -63.20
CA VAL Q 29 -37.23 -24.80 -63.31
C VAL Q 29 -36.82 -23.33 -63.42
N LEU Q 30 -35.69 -22.96 -62.82
CA LEU Q 30 -35.29 -21.57 -62.76
C LEU Q 30 -34.49 -21.13 -63.99
N ASN Q 31 -33.79 -22.09 -64.61
CA ASN Q 31 -33.04 -21.84 -65.84
C ASN Q 31 -32.07 -20.67 -65.70
N LEU Q 32 -31.36 -20.54 -64.59
CA LEU Q 32 -30.48 -19.39 -64.47
C LEU Q 32 -29.25 -19.52 -65.34
N ARG Q 33 -28.92 -20.75 -65.71
CA ARG Q 33 -27.72 -21.01 -66.48
C ARG Q 33 -27.86 -20.24 -67.79
N ASP Q 34 -29.06 -20.29 -68.35
CA ASP Q 34 -29.31 -19.66 -69.65
C ASP Q 34 -29.99 -18.30 -69.54
N SER Q 35 -29.63 -17.53 -68.51
CA SER Q 35 -30.29 -16.25 -68.28
C SER Q 35 -29.32 -15.10 -68.52
N ASP Q 36 -29.80 -13.90 -68.25
CA ASP Q 36 -28.93 -12.71 -68.18
C ASP Q 36 -28.69 -12.39 -66.70
N GLN Q 37 -27.80 -11.43 -66.43
CA GLN Q 37 -27.51 -11.07 -65.04
C GLN Q 37 -28.73 -10.50 -64.33
N ALA Q 38 -29.58 -9.81 -65.06
CA ALA Q 38 -30.79 -9.27 -64.44
C ALA Q 38 -31.66 -10.40 -63.89
N THR Q 39 -31.80 -11.49 -64.64
CA THR Q 39 -32.56 -12.64 -64.17
C THR Q 39 -31.93 -13.32 -62.94
N VAL Q 40 -30.63 -13.55 -63.00
CA VAL Q 40 -29.91 -14.18 -61.89
C VAL Q 40 -30.10 -13.36 -60.61
N ASN Q 41 -30.05 -12.03 -60.75
CA ASN Q 41 -30.14 -11.14 -59.60
C ASN Q 41 -31.57 -10.99 -59.10
N GLU Q 42 -32.53 -11.47 -59.88
CA GLU Q 42 -33.90 -11.43 -59.42
C GLU Q 42 -34.26 -12.71 -58.70
N CYS Q 43 -33.47 -13.76 -58.92
CA CYS Q 43 -33.72 -15.07 -58.27
C CYS Q 43 -32.73 -15.44 -57.19
N THR Q 44 -31.66 -14.66 -57.07
CA THR Q 44 -30.64 -14.89 -56.06
C THR Q 44 -30.36 -13.58 -55.36
N SER Q 45 -29.98 -13.63 -54.09
CA SER Q 45 -29.78 -12.42 -53.32
C SER Q 45 -28.37 -12.28 -52.78
N SER Q 46 -27.82 -11.07 -52.86
CA SER Q 46 -26.52 -10.78 -52.28
C SER Q 46 -26.63 -10.61 -50.76
N SER Q 47 -27.87 -10.54 -50.27
CA SER Q 47 -28.16 -10.32 -48.86
C SER Q 47 -28.81 -11.50 -48.17
N PHE Q 48 -28.07 -12.11 -47.25
CA PHE Q 48 -28.55 -13.28 -46.55
C PHE Q 48 -27.84 -13.42 -45.22
N GLU Q 49 -28.46 -14.18 -44.33
CA GLU Q 49 -27.92 -14.33 -42.98
C GLU Q 49 -28.11 -15.74 -42.45
N GLY Q 50 -27.15 -16.20 -41.66
CA GLY Q 50 -27.23 -17.50 -41.00
C GLY Q 50 -26.67 -18.54 -41.93
N LEU Q 51 -25.35 -18.64 -41.94
CA LEU Q 51 -24.66 -19.58 -42.80
C LEU Q 51 -24.73 -20.99 -42.22
N VAL Q 52 -25.18 -21.95 -43.03
CA VAL Q 52 -25.39 -23.32 -42.59
C VAL Q 52 -24.62 -24.27 -43.49
N ALA Q 53 -23.71 -25.03 -42.88
CA ALA Q 53 -23.05 -26.11 -43.60
C ALA Q 53 -23.98 -27.31 -43.50
N VAL Q 54 -24.53 -27.76 -44.61
CA VAL Q 54 -25.34 -28.98 -44.57
C VAL Q 54 -24.52 -30.10 -45.22
N GLY Q 55 -24.13 -31.07 -44.40
CA GLY Q 55 -23.28 -32.15 -44.88
C GLY Q 55 -24.08 -33.38 -45.23
N ASP Q 56 -25.22 -33.55 -44.56
CA ASP Q 56 -26.03 -34.75 -44.68
C ASP Q 56 -27.51 -34.37 -44.76
N ASN Q 57 -27.94 -33.89 -45.91
CA ASN Q 57 -29.28 -33.33 -46.06
C ASN Q 57 -30.40 -34.24 -45.61
N GLU Q 58 -30.20 -35.43 -45.87
CA GLU Q 58 -31.38 -36.26 -45.76
C GLU Q 58 -31.61 -36.76 -44.32
N HIS Q 59 -30.59 -36.66 -43.48
CA HIS Q 59 -30.73 -37.07 -42.06
C HIS Q 59 -30.52 -35.95 -41.03
N SER Q 60 -30.21 -34.77 -41.50
CA SER Q 60 -30.09 -33.60 -40.65
C SER Q 60 -31.45 -33.04 -40.24
N TRP Q 61 -31.64 -32.85 -38.94
CA TRP Q 61 -32.86 -32.18 -38.51
C TRP Q 61 -32.80 -30.71 -38.93
N VAL Q 62 -31.62 -30.12 -38.82
CA VAL Q 62 -31.44 -28.72 -39.21
C VAL Q 62 -31.91 -28.56 -40.67
N ALA Q 63 -31.47 -29.47 -41.53
CA ALA Q 63 -31.87 -29.43 -42.93
C ALA Q 63 -33.38 -29.60 -43.10
N LYS Q 64 -34.00 -30.48 -42.32
CA LYS Q 64 -35.43 -30.68 -42.46
C LYS Q 64 -36.19 -29.41 -42.06
N TRP Q 65 -35.75 -28.76 -40.98
CA TRP Q 65 -36.41 -27.54 -40.52
C TRP Q 65 -36.32 -26.44 -41.58
N LEU Q 66 -35.18 -26.35 -42.24
CA LEU Q 66 -34.95 -25.31 -43.25
C LEU Q 66 -35.51 -25.71 -44.62
N ARG Q 67 -36.07 -26.93 -44.68
CA ARG Q 67 -36.65 -27.48 -45.90
C ARG Q 67 -35.60 -27.56 -47.02
N VAL Q 68 -34.41 -28.03 -46.64
CA VAL Q 68 -33.37 -28.31 -47.61
C VAL Q 68 -32.94 -29.78 -47.53
N ASP Q 69 -33.78 -30.61 -46.95
CA ASP Q 69 -33.45 -32.01 -46.76
C ASP Q 69 -33.45 -32.83 -48.06
N ARG Q 70 -34.04 -32.31 -49.12
CA ARG Q 70 -34.04 -33.03 -50.40
C ARG Q 70 -33.00 -32.46 -51.34
N PHE Q 71 -32.19 -31.52 -50.86
CA PHE Q 71 -31.22 -30.84 -51.71
C PHE Q 71 -29.82 -31.43 -51.53
N GLN Q 72 -28.84 -30.80 -52.17
CA GLN Q 72 -27.48 -31.32 -52.17
C GLN Q 72 -26.67 -30.74 -51.02
N PRO Q 73 -25.67 -31.49 -50.53
CA PRO Q 73 -24.79 -30.95 -49.48
C PRO Q 73 -24.12 -29.67 -49.94
N GLY Q 74 -23.95 -28.74 -49.01
CA GLY Q 74 -23.46 -27.43 -49.38
C GLY Q 74 -23.71 -26.39 -48.31
N LEU Q 75 -23.46 -25.13 -48.69
CA LEU Q 75 -23.72 -24.00 -47.80
C LEU Q 75 -25.09 -23.44 -48.09
N TYR Q 76 -25.88 -23.21 -47.04
CA TYR Q 76 -27.21 -22.67 -47.20
C TYR Q 76 -27.37 -21.49 -46.25
N ALA Q 77 -28.42 -20.71 -46.48
CA ALA Q 77 -28.69 -19.55 -45.65
C ALA Q 77 -29.99 -19.74 -44.89
N VAL Q 78 -29.99 -19.36 -43.62
CA VAL Q 78 -31.22 -19.43 -42.84
C VAL Q 78 -32.24 -18.41 -43.36
N ARG Q 79 -31.79 -17.19 -43.60
CA ARG Q 79 -32.65 -16.12 -44.09
C ARG Q 79 -32.08 -15.54 -45.39
N VAL Q 80 -32.93 -15.50 -46.40
CA VAL Q 80 -32.58 -14.88 -47.68
C VAL Q 80 -33.49 -13.68 -47.91
N ASP Q 81 -32.91 -12.51 -48.08
CA ASP Q 81 -33.72 -11.30 -48.24
C ASP Q 81 -34.19 -11.07 -49.66
N GLY Q 82 -35.42 -10.58 -49.80
CA GLY Q 82 -36.00 -10.33 -51.11
C GLY Q 82 -37.00 -11.43 -51.36
N ARG Q 83 -37.80 -11.27 -52.39
CA ARG Q 83 -38.67 -12.36 -52.79
C ARG Q 83 -38.58 -12.51 -54.31
N LEU Q 84 -38.82 -13.72 -54.79
CA LEU Q 84 -38.91 -13.98 -56.21
C LEU Q 84 -39.92 -13.02 -56.85
N PRO Q 85 -39.60 -12.51 -58.04
CA PRO Q 85 -40.52 -11.63 -58.78
C PRO Q 85 -41.83 -12.35 -59.09
N SER Q 86 -42.95 -11.63 -59.07
CA SER Q 86 -44.24 -12.27 -59.22
C SER Q 86 -44.35 -13.04 -60.55
N ASP Q 87 -43.67 -12.57 -61.58
CA ASP Q 87 -43.72 -13.24 -62.89
C ASP Q 87 -43.02 -14.60 -62.84
N ILE Q 88 -41.92 -14.68 -62.10
CA ILE Q 88 -41.23 -15.94 -61.93
C ILE Q 88 -41.98 -16.89 -61.00
N VAL Q 89 -42.55 -16.36 -59.93
CA VAL Q 89 -43.40 -17.18 -59.08
C VAL Q 89 -44.53 -17.77 -59.92
N ALA Q 90 -45.13 -16.97 -60.80
CA ALA Q 90 -46.22 -17.47 -61.62
C ALA Q 90 -45.72 -18.57 -62.55
N ALA Q 91 -44.52 -18.41 -63.09
CA ALA Q 91 -44.00 -19.42 -64.01
C ALA Q 91 -43.67 -20.71 -63.27
N LEU Q 92 -43.15 -20.59 -62.06
CA LEU Q 92 -42.84 -21.78 -61.27
C LEU Q 92 -44.11 -22.54 -60.95
N GLU Q 93 -45.18 -21.80 -60.70
CA GLU Q 93 -46.43 -22.43 -60.33
C GLU Q 93 -47.01 -23.18 -61.52
N GLN Q 94 -46.78 -22.67 -62.73
CA GLN Q 94 -47.15 -23.39 -63.94
C GLN Q 94 -46.44 -24.75 -64.01
N TYR Q 95 -45.31 -24.87 -63.32
CA TYR Q 95 -44.50 -26.09 -63.33
C TYR Q 95 -44.77 -27.01 -62.17
N GLY Q 96 -45.80 -26.68 -61.39
CA GLY Q 96 -46.12 -27.49 -60.22
C GLY Q 96 -45.19 -27.26 -59.05
N VAL Q 97 -44.46 -26.16 -59.06
CA VAL Q 97 -43.54 -25.83 -57.97
C VAL Q 97 -44.16 -24.78 -57.04
N TYR Q 98 -44.22 -25.06 -55.74
CA TYR Q 98 -44.77 -24.05 -54.83
C TYR Q 98 -43.67 -23.30 -54.08
N TYR Q 99 -43.65 -21.99 -54.30
CA TYR Q 99 -42.65 -21.14 -53.70
C TYR Q 99 -43.03 -20.80 -52.25
N ARG Q 100 -42.15 -21.15 -51.33
CA ARG Q 100 -42.33 -20.74 -49.95
C ARG Q 100 -41.17 -19.79 -49.67
N PRO Q 101 -41.47 -18.50 -49.54
CA PRO Q 101 -40.42 -17.48 -49.37
C PRO Q 101 -39.49 -17.78 -48.18
N ARG Q 102 -38.21 -17.45 -48.36
CA ARG Q 102 -37.21 -17.74 -47.33
C ARG Q 102 -36.73 -16.48 -46.61
N ASP Q 103 -37.55 -15.43 -46.63
CA ASP Q 103 -37.16 -14.13 -46.09
C ASP Q 103 -37.66 -13.89 -44.68
N GLY Q 104 -38.44 -14.83 -44.16
CA GLY Q 104 -39.00 -14.68 -42.83
C GLY Q 104 -40.37 -14.00 -42.83
N PRO R 216 -47.07 -28.41 -43.16
CA PRO R 216 -47.01 -27.43 -42.07
C PRO R 216 -45.68 -27.49 -41.32
N GLN R 217 -45.14 -26.34 -40.96
CA GLN R 217 -43.87 -26.29 -40.23
C GLN R 217 -43.97 -27.04 -38.88
N ARG R 218 -45.15 -27.08 -38.26
CA ARG R 218 -45.30 -27.73 -36.96
C ARG R 218 -45.04 -29.24 -37.00
N LEU R 219 -45.02 -29.85 -38.18
CA LEU R 219 -44.76 -31.29 -38.26
C LEU R 219 -43.26 -31.56 -38.36
N LEU R 220 -42.46 -30.50 -38.45
CA LEU R 220 -41.03 -30.67 -38.57
C LEU R 220 -40.27 -30.45 -37.26
N ILE R 221 -40.98 -30.33 -36.15
CA ILE R 221 -40.32 -30.10 -34.88
C ILE R 221 -39.40 -31.27 -34.52
N PRO R 222 -38.31 -30.96 -33.79
CA PRO R 222 -37.33 -31.99 -33.42
C PRO R 222 -37.84 -32.91 -32.33
N THR R 223 -37.28 -34.12 -32.32
CA THR R 223 -37.61 -35.12 -31.32
C THR R 223 -36.34 -35.72 -30.76
N VAL R 224 -36.52 -36.60 -29.78
CA VAL R 224 -35.42 -37.28 -29.12
C VAL R 224 -34.63 -38.17 -30.10
N ASP R 225 -35.25 -38.51 -31.23
CA ASP R 225 -34.59 -39.34 -32.25
C ASP R 225 -33.64 -38.55 -33.16
N ASP R 226 -33.76 -37.23 -33.10
CA ASP R 226 -32.91 -36.36 -33.93
C ASP R 226 -31.53 -36.19 -33.31
N PRO R 227 -30.52 -35.84 -34.15
CA PRO R 227 -29.20 -35.64 -33.58
C PRO R 227 -29.16 -34.53 -32.54
N GLY R 228 -28.13 -34.54 -31.71
CA GLY R 228 -27.90 -33.48 -30.74
C GLY R 228 -27.31 -32.26 -31.42
N ILE R 229 -27.42 -31.13 -30.76
CA ILE R 229 -26.77 -29.90 -31.20
C ILE R 229 -25.93 -29.35 -30.05
N TRP R 230 -24.66 -29.12 -30.32
CA TRP R 230 -23.74 -28.50 -29.39
C TRP R 230 -23.42 -27.09 -29.87
N GLY R 231 -23.26 -26.15 -28.93
CA GLY R 231 -22.69 -24.86 -29.25
C GLY R 231 -21.20 -24.87 -28.93
N VAL R 232 -20.44 -24.10 -29.68
CA VAL R 232 -19.00 -23.98 -29.44
C VAL R 232 -18.59 -22.50 -29.55
N LYS R 233 -17.73 -22.07 -28.63
CA LYS R 233 -17.20 -20.71 -28.63
C LYS R 233 -16.10 -20.58 -29.67
N VAL R 234 -16.18 -19.54 -30.52
CA VAL R 234 -15.14 -19.30 -31.50
C VAL R 234 -14.72 -17.83 -31.49
N ARG R 235 -13.57 -17.53 -32.10
CA ARG R 235 -13.08 -16.15 -32.20
C ARG R 235 -14.12 -15.26 -32.87
N LEU R 236 -14.37 -14.10 -32.26
CA LEU R 236 -15.36 -13.17 -32.78
C LEU R 236 -15.05 -12.80 -34.22
N GLY R 237 -16.06 -12.88 -35.08
CA GLY R 237 -15.87 -12.55 -36.48
C GLY R 237 -15.42 -13.73 -37.33
N LYS R 238 -15.19 -14.86 -36.69
CA LYS R 238 -14.68 -16.02 -37.41
C LYS R 238 -15.71 -17.14 -37.48
N GLU R 239 -16.94 -16.83 -37.11
CA GLU R 239 -18.00 -17.84 -37.08
C GLU R 239 -18.32 -18.40 -38.47
N LYS R 240 -18.45 -17.54 -39.46
CA LYS R 240 -18.69 -18.01 -40.82
C LYS R 240 -17.51 -18.85 -41.32
N ASP R 241 -16.28 -18.41 -41.02
CA ASP R 241 -15.11 -19.19 -41.44
C ASP R 241 -15.11 -20.60 -40.86
N VAL R 242 -15.46 -20.73 -39.58
CA VAL R 242 -15.51 -22.04 -38.94
C VAL R 242 -16.60 -22.93 -39.58
N VAL R 243 -17.75 -22.35 -39.90
CA VAL R 243 -18.80 -23.12 -40.57
C VAL R 243 -18.32 -23.64 -41.92
N ARG R 244 -17.65 -22.78 -42.68
CA ARG R 244 -17.01 -23.15 -43.94
C ARG R 244 -16.03 -24.30 -43.81
N GLN R 245 -15.14 -24.16 -42.80
CA GLN R 245 -14.08 -25.14 -42.58
C GLN R 245 -14.67 -26.49 -42.22
N ILE R 246 -15.73 -26.47 -41.42
CA ILE R 246 -16.40 -27.72 -41.07
C ILE R 246 -17.00 -28.38 -42.32
N LEU R 247 -17.59 -27.61 -43.22
CA LEU R 247 -18.14 -28.18 -44.44
C LEU R 247 -17.04 -28.83 -45.27
N LYS R 248 -15.91 -28.14 -45.44
CA LYS R 248 -14.82 -28.73 -46.23
C LYS R 248 -14.34 -30.05 -45.67
N LYS R 249 -14.22 -30.12 -44.35
CA LYS R 249 -13.78 -31.34 -43.68
C LYS R 249 -14.79 -32.46 -43.88
N LYS R 250 -16.08 -32.15 -43.70
CA LYS R 250 -17.15 -33.13 -43.90
C LYS R 250 -17.13 -33.73 -45.32
N LEU R 251 -17.08 -32.87 -46.32
CA LEU R 251 -17.17 -33.30 -47.72
C LEU R 251 -15.92 -34.09 -48.14
N ALA R 252 -14.79 -33.74 -47.55
CA ALA R 252 -13.51 -34.35 -47.92
C ALA R 252 -13.37 -35.75 -47.38
N ARG R 253 -14.10 -36.03 -46.31
CA ARG R 253 -14.02 -37.29 -45.59
C ARG R 253 -15.21 -38.21 -45.88
N GLU R 254 -16.19 -37.73 -46.65
CA GLU R 254 -17.34 -38.56 -47.02
C GLU R 254 -16.90 -39.86 -47.71
N GLY R 255 -17.41 -41.00 -47.26
CA GLY R 255 -17.11 -42.27 -47.90
C GLY R 255 -15.78 -42.90 -47.54
N THR R 256 -14.95 -42.20 -46.75
CA THR R 256 -13.68 -42.77 -46.30
C THR R 256 -13.94 -43.63 -45.08
N LYS R 257 -12.88 -44.24 -44.53
CA LYS R 257 -13.07 -45.08 -43.35
C LYS R 257 -13.25 -44.25 -42.09
N ASN R 258 -12.91 -42.97 -42.17
CA ASN R 258 -13.05 -42.06 -41.03
C ASN R 258 -13.88 -40.82 -41.39
N PRO R 259 -15.18 -41.02 -41.69
CA PRO R 259 -16.03 -39.87 -42.05
C PRO R 259 -16.18 -38.92 -40.87
N LEU R 260 -16.39 -37.64 -41.13
CA LEU R 260 -16.71 -36.71 -40.06
C LEU R 260 -18.20 -36.87 -39.74
N GLU R 261 -18.48 -37.36 -38.53
CA GLU R 261 -19.83 -37.73 -38.20
C GLU R 261 -20.59 -36.53 -37.59
N ILE R 262 -20.61 -35.44 -38.36
CA ILE R 262 -21.53 -34.35 -38.09
C ILE R 262 -22.53 -34.25 -39.26
N TYR R 263 -23.71 -33.71 -38.96
CA TYR R 263 -24.76 -33.57 -39.97
C TYR R 263 -24.80 -32.16 -40.57
N SER R 264 -24.60 -31.17 -39.72
CA SER R 264 -24.67 -29.80 -40.14
C SER R 264 -23.94 -28.94 -39.14
N ALA R 265 -23.64 -27.71 -39.54
CA ALA R 265 -23.11 -26.71 -38.59
C ALA R 265 -23.60 -25.35 -39.02
N PHE R 266 -23.83 -24.45 -38.08
CA PHE R 266 -24.27 -23.12 -38.51
C PHE R 266 -23.90 -22.06 -37.51
N GLN R 267 -24.03 -20.80 -37.92
CA GLN R 267 -23.71 -19.66 -37.07
C GLN R 267 -24.72 -18.54 -37.27
N ARG R 268 -25.32 -18.09 -36.17
CA ARG R 268 -26.30 -17.01 -36.22
C ARG R 268 -25.65 -15.67 -35.89
N ASP R 269 -25.89 -14.67 -36.73
CA ASP R 269 -25.34 -13.34 -36.54
C ASP R 269 -25.69 -12.81 -35.15
N SER R 270 -26.95 -12.97 -34.76
CA SER R 270 -27.42 -12.49 -33.45
C SER R 270 -26.64 -13.15 -32.30
N PHE R 271 -26.04 -14.30 -32.54
CA PHE R 271 -25.27 -15.02 -31.53
C PHE R 271 -23.78 -14.93 -31.79
N LYS R 272 -23.17 -13.77 -31.59
CA LYS R 272 -21.73 -13.58 -31.79
C LYS R 272 -20.85 -14.63 -31.08
N GLY R 273 -19.77 -15.02 -31.73
CA GLY R 273 -18.77 -15.86 -31.11
C GLY R 273 -19.14 -17.31 -30.88
N HIS R 274 -20.09 -17.91 -31.53
CA HIS R 274 -20.62 -19.25 -31.39
C HIS R 274 -20.88 -19.90 -32.73
N VAL R 275 -20.61 -21.15 -32.76
CA VAL R 275 -21.04 -21.99 -33.87
C VAL R 275 -21.83 -23.15 -33.27
N TYR R 276 -22.85 -23.61 -33.99
CA TYR R 276 -23.64 -24.76 -33.53
C TYR R 276 -23.39 -25.92 -34.46
N ILE R 277 -23.26 -27.10 -33.88
CA ILE R 277 -22.88 -28.27 -34.66
C ILE R 277 -23.78 -29.42 -34.34
N GLU R 278 -24.32 -30.06 -35.38
CA GLU R 278 -25.28 -31.14 -35.25
C GLU R 278 -24.59 -32.49 -35.38
N ALA R 279 -24.77 -33.36 -34.39
CA ALA R 279 -24.15 -34.69 -34.41
C ALA R 279 -24.85 -35.62 -33.43
N ARG R 280 -24.30 -36.83 -33.29
CA ARG R 280 -24.87 -37.83 -32.39
C ARG R 280 -23.96 -38.08 -31.20
N LYS R 281 -22.66 -37.90 -31.40
CA LYS R 281 -21.68 -38.10 -30.34
C LYS R 281 -20.81 -36.86 -30.15
N ALA R 282 -20.48 -36.57 -28.89
CA ALA R 282 -19.66 -35.41 -28.57
C ALA R 282 -18.30 -35.49 -29.25
N GLU R 283 -17.76 -36.70 -29.33
CA GLU R 283 -16.45 -36.91 -29.96
C GLU R 283 -16.41 -36.36 -31.38
N ALA R 284 -17.54 -36.38 -32.08
CA ALA R 284 -17.61 -35.84 -33.43
C ALA R 284 -17.43 -34.32 -33.42
N ILE R 285 -17.88 -33.68 -32.34
CA ILE R 285 -17.70 -32.24 -32.23
C ILE R 285 -16.21 -31.92 -32.13
N ASN R 286 -15.52 -32.67 -31.26
CA ASN R 286 -14.07 -32.49 -31.12
C ASN R 286 -13.35 -32.74 -32.44
N ASP R 287 -13.81 -33.76 -33.16
CA ASP R 287 -13.26 -34.11 -34.48
C ASP R 287 -13.47 -32.98 -35.48
N ALA R 288 -14.69 -32.40 -35.51
CA ALA R 288 -14.96 -31.30 -36.45
C ALA R 288 -14.04 -30.10 -36.24
N LEU R 289 -13.71 -29.82 -34.98
CA LEU R 289 -12.94 -28.62 -34.66
C LEU R 289 -11.43 -28.82 -34.54
N LYS R 290 -10.98 -30.06 -34.64
CA LYS R 290 -9.57 -30.35 -34.41
C LYS R 290 -8.68 -29.58 -35.38
N GLY R 291 -7.74 -28.83 -34.82
CA GLY R 291 -6.78 -28.06 -35.59
C GLY R 291 -7.31 -26.72 -36.08
N ASN R 292 -8.56 -26.41 -35.76
CA ASN R 292 -9.12 -25.16 -36.26
C ASN R 292 -8.60 -23.98 -35.43
N VAL R 293 -7.91 -23.06 -36.10
CA VAL R 293 -7.19 -21.99 -35.40
C VAL R 293 -8.11 -20.91 -34.87
N ASN R 294 -9.39 -20.98 -35.26
CA ASN R 294 -10.40 -19.99 -34.87
C ASN R 294 -11.23 -20.41 -33.68
N VAL R 295 -10.91 -21.57 -33.12
CA VAL R 295 -11.70 -22.16 -32.04
C VAL R 295 -10.93 -22.13 -30.74
N PHE R 296 -11.61 -21.78 -29.63
CA PHE R 296 -10.90 -21.74 -28.36
C PHE R 296 -10.66 -23.14 -27.80
N SER R 297 -9.39 -23.40 -27.54
CA SER R 297 -8.87 -24.70 -27.12
C SER R 297 -9.47 -25.24 -25.82
N ASN R 298 -9.90 -24.35 -24.95
CA ASN R 298 -10.60 -24.78 -23.75
C ASN R 298 -11.76 -25.71 -24.11
N ASN R 299 -12.06 -26.71 -23.28
CA ASN R 299 -13.05 -27.69 -23.68
C ASN R 299 -14.44 -27.09 -23.47
N SER R 300 -14.64 -25.94 -24.09
CA SER R 300 -15.90 -25.21 -24.01
C SER R 300 -16.77 -25.53 -25.20
N LYS R 301 -17.54 -26.56 -25.12
CA LYS R 301 -18.75 -26.76 -25.90
C LYS R 301 -19.84 -26.96 -24.89
N PHE R 302 -21.03 -26.63 -25.37
CA PHE R 302 -22.18 -26.78 -24.50
C PHE R 302 -23.32 -27.44 -25.26
N LEU R 303 -24.15 -28.20 -24.54
CA LEU R 303 -25.29 -28.92 -25.11
C LEU R 303 -26.53 -28.01 -25.20
N VAL R 304 -27.25 -28.10 -26.31
CA VAL R 304 -28.51 -27.39 -26.50
C VAL R 304 -29.68 -28.35 -26.24
N GLY R 305 -30.73 -27.88 -25.58
CA GLY R 305 -31.90 -28.73 -25.38
C GLY R 305 -32.75 -28.84 -26.63
N ILE R 306 -33.36 -30.00 -26.86
CA ILE R 306 -34.26 -30.18 -28.00
C ILE R 306 -35.29 -29.07 -28.09
N VAL R 307 -35.75 -28.59 -26.93
CA VAL R 307 -36.81 -27.59 -26.90
C VAL R 307 -36.31 -26.19 -27.31
N GLU R 308 -34.98 -26.07 -27.41
CA GLU R 308 -34.32 -24.83 -27.83
C GLU R 308 -33.89 -24.81 -29.30
N TYR R 309 -34.00 -25.95 -29.97
CA TYR R 309 -33.50 -26.06 -31.35
C TYR R 309 -34.11 -25.08 -32.33
N LYS R 310 -35.48 -25.00 -32.33
CA LYS R 310 -36.01 -24.25 -33.47
C LYS R 310 -35.75 -22.74 -33.34
N ASP R 311 -35.66 -22.31 -32.14
CA ASP R 311 -35.44 -20.89 -31.92
C ASP R 311 -34.06 -20.47 -32.47
N LEU R 312 -33.15 -21.43 -32.56
CA LEU R 312 -31.81 -21.19 -33.08
C LEU R 312 -31.85 -20.84 -34.56
N LEU R 313 -32.93 -21.26 -35.22
CA LEU R 313 -33.08 -21.16 -36.67
C LEU R 313 -34.22 -20.20 -37.07
N ARG R 314 -34.68 -19.38 -36.12
CA ARG R 314 -35.66 -18.34 -36.48
C ARG R 314 -35.05 -17.36 -37.48
N PRO R 315 -35.73 -17.16 -38.60
CA PRO R 315 -35.10 -16.28 -39.59
C PRO R 315 -35.16 -14.82 -39.17
N VAL R 316 -36.26 -14.36 -38.59
CA VAL R 316 -36.37 -12.97 -38.15
C VAL R 316 -36.61 -12.87 -36.65
N LYS R 322 -39.95 -4.83 -42.35
CA LYS R 322 -40.84 -3.67 -42.36
C LYS R 322 -40.42 -2.65 -43.40
N LEU R 323 -41.16 -1.56 -43.50
CA LEU R 323 -40.86 -0.50 -44.45
C LEU R 323 -42.10 -0.27 -45.29
N THR R 324 -42.72 0.88 -45.12
CA THR R 324 -43.93 1.19 -45.87
C THR R 324 -43.85 2.61 -46.38
N ARG R 325 -44.38 2.79 -47.58
CA ARG R 325 -44.41 4.09 -48.17
C ARG R 325 -45.24 5.08 -47.31
N GLY R 326 -44.68 6.24 -47.07
CA GLY R 326 -45.29 7.25 -46.21
C GLY R 326 -44.74 7.27 -44.80
N SER R 327 -44.02 6.22 -44.41
CA SER R 327 -43.44 6.12 -43.07
C SER R 327 -42.05 6.78 -43.03
N TYR R 328 -41.56 7.00 -41.83
CA TYR R 328 -40.24 7.57 -41.64
C TYR R 328 -39.18 6.51 -41.37
N VAL R 329 -37.98 6.80 -41.86
CA VAL R 329 -36.81 5.99 -41.60
C VAL R 329 -35.65 6.96 -41.30
N ARG R 330 -34.55 6.42 -40.78
CA ARG R 330 -33.33 7.22 -40.60
C ARG R 330 -32.24 6.72 -41.56
N VAL R 331 -31.61 7.66 -42.26
CA VAL R 331 -30.56 7.33 -43.23
C VAL R 331 -29.28 6.94 -42.49
N LYS R 332 -28.60 5.91 -43.02
CA LYS R 332 -27.42 5.35 -42.36
C LYS R 332 -26.07 5.67 -43.04
N ASN R 333 -26.10 6.35 -44.19
CA ASN R 333 -24.88 6.59 -44.98
C ASN R 333 -24.89 7.98 -45.61
N GLY R 334 -23.70 8.53 -45.85
CA GLY R 334 -23.58 9.74 -46.67
C GLY R 334 -23.80 11.03 -45.89
N LYS R 335 -23.92 12.14 -46.61
CA LYS R 335 -24.11 13.42 -45.92
C LYS R 335 -25.43 13.47 -45.17
N PHE R 336 -26.36 12.60 -45.54
CA PHE R 336 -27.67 12.59 -44.87
C PHE R 336 -27.72 11.57 -43.74
N LYS R 337 -26.57 11.00 -43.40
CA LYS R 337 -26.50 10.03 -42.30
C LYS R 337 -27.09 10.61 -41.02
N GLY R 338 -28.00 9.85 -40.41
CA GLY R 338 -28.67 10.28 -39.20
C GLY R 338 -29.92 11.08 -39.42
N ASP R 339 -30.17 11.52 -40.66
CA ASP R 339 -31.35 12.35 -40.92
C ASP R 339 -32.60 11.50 -41.08
N LEU R 340 -33.72 12.08 -40.63
CA LEU R 340 -35.03 11.45 -40.79
C LEU R 340 -35.49 11.68 -42.23
N ALA R 341 -36.11 10.65 -42.82
CA ALA R 341 -36.57 10.79 -44.20
C ALA R 341 -37.88 10.05 -44.35
N GLN R 342 -38.75 10.55 -45.21
CA GLN R 342 -39.99 9.76 -45.55
C GLN R 342 -39.77 8.81 -46.70
N VAL R 343 -40.25 7.58 -46.52
CA VAL R 343 -40.21 6.62 -47.62
C VAL R 343 -41.21 6.99 -48.70
N ASP R 344 -40.72 7.37 -49.87
CA ASP R 344 -41.62 7.73 -50.97
C ASP R 344 -42.04 6.54 -51.81
N GLU R 345 -41.09 5.66 -52.13
CA GLU R 345 -41.36 4.48 -52.94
C GLU R 345 -40.15 3.55 -53.00
N VAL R 346 -40.38 2.32 -53.45
CA VAL R 346 -39.31 1.33 -53.55
C VAL R 346 -39.18 0.84 -55.00
N LEU R 347 -37.98 0.35 -55.33
CA LEU R 347 -37.72 -0.17 -56.67
C LEU R 347 -38.51 -1.44 -56.95
N GLU R 348 -38.82 -1.67 -58.21
CA GLU R 348 -39.57 -2.87 -58.62
C GLU R 348 -38.91 -4.13 -58.10
N ASN R 349 -37.60 -4.25 -58.31
CA ASN R 349 -36.85 -5.41 -57.86
C ASN R 349 -36.92 -5.61 -56.36
N GLY R 350 -36.84 -4.51 -55.62
CA GLY R 350 -36.89 -4.55 -54.17
C GLY R 350 -35.52 -4.52 -53.54
N LEU R 351 -34.90 -3.33 -53.54
CA LEU R 351 -33.57 -3.16 -52.96
C LEU R 351 -33.37 -1.74 -52.45
N GLU R 352 -33.56 -0.76 -53.34
CA GLU R 352 -33.39 0.64 -52.97
C GLU R 352 -34.74 1.34 -52.85
N ALA R 353 -34.84 2.28 -51.92
CA ALA R 353 -36.08 3.01 -51.70
C ALA R 353 -35.87 4.51 -51.94
N ARG R 354 -36.84 5.13 -52.61
CA ARG R 354 -36.76 6.56 -52.90
C ARG R 354 -37.19 7.25 -51.61
N LEU R 355 -36.34 8.17 -51.13
CA LEU R 355 -36.57 8.90 -49.89
C LEU R 355 -36.76 10.39 -50.14
N LYS R 356 -37.63 10.97 -49.34
CA LYS R 356 -37.91 12.41 -49.34
C LYS R 356 -37.15 13.00 -48.15
N LEU R 357 -36.24 13.92 -48.44
CA LEU R 357 -35.22 14.35 -47.50
C LEU R 357 -35.11 15.88 -47.50
N VAL R 358 -34.92 16.49 -46.34
CA VAL R 358 -34.58 17.90 -46.28
C VAL R 358 -33.13 18.09 -46.74
N PRO R 359 -32.92 18.85 -47.82
CA PRO R 359 -31.57 18.92 -48.41
C PRO R 359 -30.54 19.66 -47.57
N ARG R 360 -29.27 19.38 -47.88
CA ARG R 360 -28.12 20.05 -47.29
C ARG R 360 -27.25 20.58 -48.42
N LEU R 361 -27.55 21.78 -48.90
CA LEU R 361 -26.98 22.34 -50.13
C LEU R 361 -26.23 23.63 -49.93
N ASP R 362 -25.35 23.95 -50.88
CA ASP R 362 -24.64 25.22 -50.92
C ASP R 362 -24.86 26.07 -52.18
N TYR R 363 -25.67 25.57 -53.11
CA TYR R 363 -25.92 26.27 -54.37
C TYR R 363 -24.65 26.57 -55.16
N GLY R 364 -23.69 25.66 -55.07
CA GLY R 364 -22.46 25.74 -55.84
C GLY R 364 -21.51 26.84 -55.39
N LYS R 365 -21.74 27.36 -54.20
CA LYS R 365 -21.07 28.56 -53.71
C LYS R 365 -19.54 28.53 -53.77
N ASP R 366 -18.93 27.40 -53.45
CA ASP R 366 -17.48 27.34 -53.44
C ASP R 366 -16.90 26.31 -54.43
N LEU R 367 -17.65 26.02 -55.49
CA LEU R 367 -17.20 25.06 -56.49
C LEU R 367 -16.13 25.64 -57.41
N SER R 368 -15.28 24.76 -57.94
CA SER R 368 -14.21 25.17 -58.85
C SER R 368 -14.37 24.52 -60.22
N TYR R 386 -18.48 15.65 -51.14
CA TYR R 386 -18.87 16.12 -49.82
C TYR R 386 -18.82 14.99 -48.79
N THR R 387 -18.66 15.36 -47.52
CA THR R 387 -18.59 14.37 -46.45
C THR R 387 -19.67 14.65 -45.39
N SER R 388 -19.80 13.74 -44.44
CA SER R 388 -20.78 13.88 -43.38
C SER R 388 -20.25 14.73 -42.23
N LYS R 389 -18.94 14.98 -42.25
CA LYS R 389 -18.30 15.78 -41.21
C LYS R 389 -18.09 17.21 -41.69
N PHE R 390 -18.19 17.41 -42.99
CA PHE R 390 -18.01 18.74 -43.57
C PHE R 390 -19.19 19.10 -44.47
N ARG R 391 -20.37 18.61 -44.11
CA ARG R 391 -21.58 18.87 -44.87
C ARG R 391 -22.12 20.26 -44.54
N PRO R 392 -23.34 20.57 -45.02
CA PRO R 392 -24.10 21.80 -44.87
C PRO R 392 -25.28 21.60 -43.91
N ALA R 393 -25.79 22.70 -43.35
CA ALA R 393 -27.04 22.63 -42.60
C ALA R 393 -28.22 22.21 -43.47
N GLN R 394 -29.24 21.63 -42.85
CA GLN R 394 -30.43 21.23 -43.59
C GLN R 394 -31.34 22.44 -43.84
N ARG R 395 -31.85 22.55 -45.06
CA ARG R 395 -32.78 23.62 -45.39
C ARG R 395 -33.48 23.20 -46.68
N LEU R 396 -34.78 23.47 -46.77
CA LEU R 396 -35.52 23.12 -47.97
C LEU R 396 -34.89 23.78 -49.20
N PHE R 397 -34.92 23.06 -50.32
CA PHE R 397 -34.40 23.57 -51.57
C PHE R 397 -35.20 24.81 -51.95
N SER R 398 -34.49 25.84 -52.41
CA SER R 398 -35.12 27.08 -52.84
C SER R 398 -34.73 27.26 -54.30
N GLU R 399 -35.68 27.05 -55.21
CA GLU R 399 -35.36 27.16 -56.64
C GLU R 399 -35.00 28.57 -57.10
N ALA R 400 -35.56 29.60 -56.47
CA ALA R 400 -35.16 30.96 -56.86
C ALA R 400 -33.75 31.31 -56.43
N GLU R 401 -33.32 30.74 -55.31
CA GLU R 401 -31.96 30.89 -54.86
C GLU R 401 -31.00 30.20 -55.85
N ALA R 402 -31.38 29.00 -56.29
CA ALA R 402 -30.61 28.28 -57.32
C ALA R 402 -30.57 29.07 -58.64
N ARG R 403 -31.72 29.64 -59.00
CA ARG R 403 -31.80 30.46 -60.21
C ARG R 403 -30.83 31.63 -60.14
N VAL R 404 -30.84 32.31 -59.00
CA VAL R 404 -30.00 33.46 -58.80
C VAL R 404 -28.51 33.12 -58.82
N HIS R 405 -28.15 32.05 -58.12
CA HIS R 405 -26.75 31.77 -57.82
C HIS R 405 -26.05 30.76 -58.72
N GLU R 406 -26.82 29.85 -59.32
CA GLU R 406 -26.21 28.76 -60.08
C GLU R 406 -27.16 28.24 -61.15
N ILE R 409 -29.46 24.30 -63.03
CA ILE R 409 -30.87 24.22 -62.65
C ILE R 409 -31.75 23.92 -63.86
N ARG R 410 -32.56 22.87 -63.74
CA ARG R 410 -33.46 22.42 -64.81
C ARG R 410 -34.86 22.22 -64.26
N ARG R 411 -35.85 22.92 -64.81
CA ARG R 411 -37.22 22.66 -64.42
C ARG R 411 -37.74 21.40 -65.11
N ASP R 412 -38.40 20.54 -64.34
CA ASP R 412 -38.88 19.25 -64.83
C ASP R 412 -40.38 19.10 -64.80
N ARG R 413 -41.04 19.85 -63.93
CA ARG R 413 -42.49 19.72 -63.76
C ARG R 413 -42.91 20.83 -62.82
N ASP R 414 -44.18 20.85 -62.46
CA ASP R 414 -44.63 21.73 -61.40
C ASP R 414 -43.92 21.32 -60.11
N GLY R 415 -43.20 22.30 -59.59
CA GLY R 415 -42.47 22.25 -58.34
C GLY R 415 -41.30 21.28 -58.33
N PHE R 416 -40.91 20.82 -59.50
CA PHE R 416 -39.85 19.81 -59.61
C PHE R 416 -38.70 20.36 -60.42
N VAL R 417 -37.53 20.40 -59.79
CA VAL R 417 -36.31 20.85 -60.41
C VAL R 417 -35.22 19.82 -60.26
N THR R 418 -34.39 19.69 -61.26
CA THR R 418 -33.16 18.92 -61.15
C THR R 418 -32.04 19.93 -60.97
N TYR R 419 -31.35 19.86 -59.85
CA TYR R 419 -30.30 20.81 -59.54
C TYR R 419 -29.05 20.02 -59.20
N GLY R 420 -27.97 20.26 -59.94
CA GLY R 420 -26.75 19.45 -59.82
C GLY R 420 -27.06 17.96 -59.85
N GLY R 421 -27.92 17.56 -60.79
CA GLY R 421 -28.19 16.15 -61.06
C GLY R 421 -28.90 15.43 -59.91
N GLU R 422 -29.55 16.17 -59.03
CA GLU R 422 -30.43 15.61 -58.02
C GLU R 422 -31.81 16.25 -58.19
N GLU R 423 -32.84 15.51 -57.81
CA GLU R 423 -34.22 15.97 -57.94
C GLU R 423 -34.82 16.54 -56.66
N TYR R 424 -35.42 17.73 -56.78
CA TYR R 424 -36.04 18.43 -55.66
C TYR R 424 -37.46 18.75 -56.04
N TYR R 425 -38.41 18.26 -55.24
CA TYR R 425 -39.83 18.49 -55.49
C TYR R 425 -40.43 19.17 -54.28
N GLU R 426 -40.97 20.37 -54.49
CA GLU R 426 -41.54 21.19 -53.42
C GLU R 426 -40.57 21.38 -52.26
N GLY R 427 -39.28 21.50 -52.60
CA GLY R 427 -38.24 21.78 -51.62
C GLY R 427 -37.51 20.58 -51.05
N PHE R 428 -38.01 19.38 -51.30
CA PHE R 428 -37.39 18.17 -50.75
C PHE R 428 -36.58 17.42 -51.81
N LEU R 429 -35.44 16.89 -51.39
CA LEU R 429 -34.68 15.95 -52.19
C LEU R 429 -35.43 14.63 -52.27
N TYR R 430 -35.49 14.05 -53.47
CA TYR R 430 -35.97 12.69 -53.65
C TYR R 430 -34.80 11.92 -54.19
N LYS R 431 -34.28 10.99 -53.38
CA LYS R 431 -33.06 10.27 -53.73
C LYS R 431 -33.17 8.80 -53.32
N THR R 432 -32.65 7.92 -54.17
CA THR R 432 -32.72 6.50 -53.92
C THR R 432 -31.59 6.03 -53.00
N PHE R 433 -31.95 5.24 -52.01
CA PHE R 433 -31.01 4.61 -51.08
C PHE R 433 -31.26 3.12 -51.04
N ARG R 434 -30.19 2.36 -50.87
CA ARG R 434 -30.38 0.96 -50.58
C ARG R 434 -31.18 0.80 -49.30
N LEU R 435 -32.10 -0.16 -49.30
CA LEU R 435 -32.86 -0.47 -48.11
C LEU R 435 -31.91 -0.82 -46.95
N GLN R 436 -30.79 -1.47 -47.26
CA GLN R 436 -29.84 -1.81 -46.20
C GLN R 436 -29.15 -0.58 -45.61
N ASN R 437 -29.32 0.56 -46.29
CA ASN R 437 -28.75 1.86 -45.90
C ASN R 437 -29.72 2.76 -45.11
N LEU R 438 -30.87 2.19 -44.73
CA LEU R 438 -31.79 2.93 -43.88
C LEU R 438 -32.16 2.10 -42.66
N ILE R 439 -32.49 2.79 -41.59
CA ILE R 439 -32.95 2.16 -40.38
C ILE R 439 -34.45 2.33 -40.29
N VAL R 440 -35.17 1.23 -40.10
CA VAL R 440 -36.64 1.26 -40.03
C VAL R 440 -37.21 0.99 -38.64
N ASN R 441 -36.36 0.53 -37.73
CA ASN R 441 -36.78 0.09 -36.40
C ASN R 441 -36.27 0.96 -35.27
N SER R 442 -37.09 1.10 -34.24
CA SER R 442 -36.73 1.82 -33.02
C SER R 442 -36.26 3.26 -33.18
N ILE R 443 -36.72 3.92 -34.23
CA ILE R 443 -36.37 5.31 -34.47
C ILE R 443 -36.88 6.16 -33.45
N ASN R 444 -36.08 7.09 -32.92
CA ASN R 444 -36.54 8.06 -31.93
C ASN R 444 -36.50 9.46 -32.53
N PRO R 445 -37.65 10.05 -32.80
CA PRO R 445 -37.62 11.42 -33.33
C PRO R 445 -36.96 12.34 -32.30
N THR R 446 -36.19 13.29 -32.80
CA THR R 446 -35.51 14.25 -31.93
C THR R 446 -36.40 15.43 -31.63
N LEU R 447 -35.94 16.28 -30.72
CA LEU R 447 -36.61 17.55 -30.44
C LEU R 447 -36.78 18.36 -31.72
N ASN R 448 -35.70 18.45 -32.48
CA ASN R 448 -35.69 19.23 -33.70
C ASN R 448 -36.69 18.67 -34.72
N GLU R 449 -36.81 17.35 -34.80
CA GLU R 449 -37.72 16.70 -35.74
C GLU R 449 -39.18 16.87 -35.36
N LEU R 450 -39.46 16.88 -34.07
CA LEU R 450 -40.80 17.17 -33.61
C LEU R 450 -41.16 18.62 -33.97
N SER R 451 -40.21 19.55 -33.82
CA SER R 451 -40.47 20.93 -34.23
C SER R 451 -40.75 21.02 -35.73
N LEU R 452 -40.04 20.25 -36.54
CA LEU R 452 -40.19 20.38 -38.01
C LEU R 452 -41.35 19.60 -38.58
N PHE R 453 -41.38 18.29 -38.35
CA PHE R 453 -42.42 17.44 -38.93
C PHE R 453 -43.63 17.32 -38.01
N ASP R 752 -3.58 54.20 -28.44
CA ASP R 752 -2.42 55.08 -28.55
C ASP R 752 -1.68 54.63 -29.83
N PRO R 753 -1.11 55.57 -30.59
CA PRO R 753 -0.53 55.21 -31.89
C PRO R 753 0.95 54.84 -31.90
N THR R 754 1.61 54.73 -30.74
CA THR R 754 3.04 54.47 -30.73
C THR R 754 3.43 53.15 -30.09
N LEU R 755 2.48 52.30 -29.69
CA LEU R 755 2.83 50.97 -29.20
C LEU R 755 3.50 50.17 -30.30
N ASN R 756 4.43 49.30 -29.89
CA ASN R 756 5.11 48.30 -30.74
C ASN R 756 6.00 48.88 -31.84
N LYS R 757 6.12 50.22 -31.91
CA LYS R 757 6.99 50.89 -32.86
C LYS R 757 8.36 51.10 -32.24
N THR R 758 9.39 51.03 -33.08
CA THR R 758 10.76 51.10 -32.61
C THR R 758 11.08 52.53 -32.16
N VAL R 759 11.92 52.65 -31.13
CA VAL R 759 12.13 53.91 -30.42
C VAL R 759 13.62 54.03 -30.10
N LYS R 760 14.12 55.27 -30.10
CA LYS R 760 15.45 55.60 -29.60
C LYS R 760 15.32 56.59 -28.44
N ILE R 761 16.17 56.42 -27.44
CA ILE R 761 16.13 57.22 -26.22
C ILE R 761 17.15 58.33 -26.36
N ARG R 762 16.75 59.58 -26.09
CA ARG R 762 17.61 60.73 -26.32
C ARG R 762 18.11 61.44 -25.08
N GLN R 763 17.63 61.09 -23.89
CA GLN R 763 18.14 61.64 -22.64
C GLN R 763 18.30 60.50 -21.64
N GLY R 764 19.12 60.72 -20.63
CA GLY R 764 19.21 59.81 -19.50
C GLY R 764 20.35 58.83 -19.66
N GLY R 765 20.43 57.88 -18.71
CA GLY R 765 21.48 56.88 -18.78
C GLY R 765 21.38 55.88 -19.90
N TYR R 766 20.21 55.76 -20.54
CA TYR R 766 19.99 54.82 -21.63
C TYR R 766 19.93 55.54 -22.98
N LYS R 767 20.61 56.67 -23.08
CA LYS R 767 20.54 57.54 -24.25
C LYS R 767 21.28 56.89 -25.41
N GLY R 768 20.61 56.82 -26.57
CA GLY R 768 21.16 56.17 -27.74
C GLY R 768 20.78 54.72 -27.97
N LYS R 769 19.97 54.11 -27.12
CA LYS R 769 19.63 52.68 -27.21
C LYS R 769 18.31 52.45 -27.94
N ILE R 770 18.24 51.33 -28.68
CA ILE R 770 17.04 50.94 -29.41
C ILE R 770 16.11 50.23 -28.44
N GLY R 771 14.81 50.26 -28.73
CA GLY R 771 13.82 49.58 -27.91
C GLY R 771 12.51 49.49 -28.66
N ILE R 772 11.54 48.84 -28.02
CA ILE R 772 10.18 48.70 -28.53
C ILE R 772 9.21 49.05 -27.41
N VAL R 773 8.17 49.81 -27.73
CA VAL R 773 7.14 50.18 -26.76
C VAL R 773 6.28 48.97 -26.42
N LYS R 774 6.49 48.41 -25.24
CA LYS R 774 5.76 47.25 -24.78
C LYS R 774 4.40 47.58 -24.18
N GLU R 775 4.30 48.70 -23.47
CA GLU R 775 3.07 49.13 -22.80
C GLU R 775 3.08 50.64 -22.63
N ALA R 776 2.01 51.30 -23.04
CA ALA R 776 1.92 52.76 -22.99
C ALA R 776 0.65 53.22 -22.28
N ASN R 777 0.55 52.92 -20.98
CA ASN R 777 -0.63 53.27 -20.19
C ASN R 777 -0.83 54.78 -20.11
N GLY R 778 0.15 55.50 -19.61
CA GLY R 778 0.08 56.95 -19.54
C GLY R 778 1.35 57.58 -19.03
N ASP R 779 1.95 58.53 -19.77
CA ASP R 779 3.13 59.32 -19.37
C ASP R 779 4.41 58.52 -19.15
N ARG R 780 4.28 57.40 -18.45
CA ARG R 780 5.35 56.44 -18.19
C ARG R 780 5.22 55.27 -19.16
N PHE R 781 6.19 55.12 -20.05
CA PHE R 781 6.15 54.04 -21.03
C PHE R 781 6.93 52.84 -20.50
N ARG R 782 6.70 51.70 -21.12
CA ARG R 782 7.47 50.48 -20.90
C ARG R 782 8.17 50.16 -22.21
N VAL R 783 9.47 50.41 -22.26
CA VAL R 783 10.27 50.07 -23.41
C VAL R 783 10.99 48.76 -23.16
N GLU R 784 10.88 47.82 -24.09
CA GLU R 784 11.67 46.60 -23.94
C GLU R 784 12.98 46.93 -24.64
N LEU R 785 13.99 47.30 -23.84
CA LEU R 785 15.31 47.62 -24.37
C LEU R 785 15.87 46.45 -25.14
N HIS R 786 16.68 46.73 -26.16
CA HIS R 786 17.24 45.61 -26.87
C HIS R 786 18.50 45.10 -26.18
N ASN R 787 19.26 46.01 -25.62
CA ASN R 787 20.66 45.80 -25.32
C ASN R 787 20.83 44.92 -24.08
N PRO R 788 20.27 45.23 -22.86
CA PRO R 788 20.22 44.16 -21.86
C PRO R 788 18.82 43.57 -21.75
N ASN R 789 18.71 42.34 -21.25
CA ASN R 789 17.40 41.68 -21.23
C ASN R 789 16.65 42.27 -20.04
N LYS R 790 16.11 43.47 -20.26
CA LYS R 790 15.32 44.18 -19.26
C LYS R 790 14.34 45.13 -19.94
N THR R 791 13.16 45.24 -19.36
CA THR R 791 12.12 46.18 -19.78
C THR R 791 12.00 47.29 -18.75
N ILE R 792 12.15 48.54 -19.18
CA ILE R 792 12.28 49.64 -18.21
C ILE R 792 11.03 50.51 -18.18
N PRO R 793 10.75 51.17 -17.05
CA PRO R 793 9.76 52.26 -17.02
C PRO R 793 10.42 53.57 -17.42
N ILE R 794 9.80 54.32 -18.34
CA ILE R 794 10.47 55.54 -18.77
C ILE R 794 9.46 56.66 -19.08
N PRO R 795 9.77 57.91 -18.73
CA PRO R 795 8.92 59.05 -19.10
C PRO R 795 8.94 59.40 -20.58
N CYS R 796 7.79 59.91 -21.05
CA CYS R 796 7.56 60.25 -22.45
C CYS R 796 8.42 61.37 -23.02
N SER R 797 8.92 62.29 -22.21
CA SER R 797 9.85 63.31 -22.69
C SER R 797 11.15 62.76 -23.27
N PHE R 798 11.54 61.56 -22.86
CA PHE R 798 12.82 60.94 -23.17
C PHE R 798 12.89 60.19 -24.50
N LEU R 799 11.81 60.08 -25.27
CA LEU R 799 11.80 59.16 -26.41
C LEU R 799 11.86 59.88 -27.75
N LEU R 800 12.58 59.27 -28.70
CA LEU R 800 12.46 59.56 -30.12
C LEU R 800 11.79 58.39 -30.81
N ILE R 801 10.84 58.65 -31.70
CA ILE R 801 10.14 57.59 -32.43
C ILE R 801 10.62 57.58 -33.88
N GLU R 802 10.73 56.39 -34.47
CA GLU R 802 11.08 56.29 -35.88
C GLU R 802 9.84 56.47 -36.74
N SER R 803 10.04 57.18 -37.85
CA SER R 803 8.97 57.49 -38.80
C SER R 803 9.59 57.38 -40.19
N THR R 804 8.96 58.04 -41.16
CA THR R 804 9.44 57.98 -42.54
C THR R 804 10.83 58.57 -42.67
N HIS R 805 11.09 59.70 -42.02
CA HIS R 805 12.39 60.35 -42.03
C HIS R 805 12.90 60.45 -40.60
N GLY R 806 13.86 59.61 -40.26
CA GLY R 806 14.59 59.58 -39.01
C GLY R 806 13.79 59.44 -37.73
N TRP R 807 14.49 59.73 -36.64
CA TRP R 807 13.95 59.68 -35.28
C TRP R 807 13.34 61.04 -34.99
N VAL R 808 12.04 61.06 -34.75
CA VAL R 808 11.30 62.32 -34.62
C VAL R 808 10.83 62.50 -33.18
N PRO R 809 11.01 63.70 -32.58
CA PRO R 809 10.48 64.05 -31.25
C PRO R 809 8.96 64.01 -31.17
N TYR R 810 8.37 64.47 -30.05
CA TYR R 810 6.92 64.39 -29.86
C TYR R 810 6.14 65.37 -30.75
N GLU R 811 6.37 65.31 -32.07
CA GLU R 811 5.56 65.97 -33.08
C GLU R 811 5.01 64.96 -34.08
N ASP R 812 5.01 63.68 -33.70
CA ASP R 812 4.57 62.61 -34.59
C ASP R 812 3.07 62.36 -34.46
N PRO S 42 -45.61 -116.92 14.96
CA PRO S 42 -45.56 -116.70 13.52
C PRO S 42 -44.67 -115.52 13.13
N HIS S 43 -45.20 -114.63 12.29
CA HIS S 43 -44.46 -113.49 11.77
C HIS S 43 -44.86 -112.18 12.41
N ARG S 44 -45.04 -112.17 13.75
CA ARG S 44 -45.53 -111.08 14.59
C ARG S 44 -44.97 -109.69 14.27
N TYR S 45 -43.68 -109.63 13.94
CA TYR S 45 -43.00 -108.41 13.49
C TYR S 45 -43.01 -107.28 14.50
N ARG S 46 -42.04 -107.31 15.43
CA ARG S 46 -41.59 -106.11 16.13
C ARG S 46 -41.58 -104.90 15.19
N PRO S 47 -42.13 -103.78 15.64
CA PRO S 47 -42.86 -102.88 14.73
C PRO S 47 -41.95 -102.05 13.83
N GLY S 48 -42.57 -101.26 12.95
CA GLY S 48 -41.87 -100.30 12.13
C GLY S 48 -42.37 -100.23 10.71
N THR S 49 -42.72 -101.39 10.13
CA THR S 49 -43.13 -101.42 8.73
C THR S 49 -44.62 -101.11 8.60
N VAL S 50 -45.38 -101.38 9.66
CA VAL S 50 -46.83 -101.21 9.63
C VAL S 50 -47.20 -99.74 9.47
N ALA S 51 -46.73 -98.90 10.39
CA ALA S 51 -47.09 -97.49 10.41
C ALA S 51 -46.58 -96.76 9.16
N LEU S 52 -45.31 -96.97 8.83
CA LEU S 52 -44.70 -96.24 7.74
C LEU S 52 -45.22 -96.74 6.40
N ARG S 53 -45.56 -98.03 6.33
CA ARG S 53 -46.16 -98.59 5.14
C ARG S 53 -47.55 -98.01 4.91
N GLU S 54 -48.33 -97.84 5.98
CA GLU S 54 -49.64 -97.25 5.82
C GLU S 54 -49.55 -95.76 5.53
N ILE S 55 -48.48 -95.11 5.99
CA ILE S 55 -48.21 -93.73 5.57
C ILE S 55 -47.95 -93.69 4.06
N ARG S 56 -47.17 -94.66 3.56
CA ARG S 56 -46.93 -94.76 2.12
C ARG S 56 -48.22 -95.01 1.36
N ARG S 57 -49.10 -95.82 1.91
CA ARG S 57 -50.37 -96.07 1.26
C ARG S 57 -51.26 -94.84 1.25
N TYR S 58 -51.37 -94.16 2.39
CA TYR S 58 -52.24 -93.00 2.48
C TYR S 58 -51.68 -91.77 1.81
N GLN S 59 -50.39 -91.80 1.44
CA GLN S 59 -49.86 -90.73 0.62
C GLN S 59 -49.80 -91.13 -0.85
N LYS S 60 -49.93 -92.42 -1.16
CA LYS S 60 -50.29 -92.79 -2.53
C LYS S 60 -51.75 -92.48 -2.79
N SER S 61 -52.54 -92.33 -1.74
CA SER S 61 -53.99 -92.25 -1.83
C SER S 61 -54.43 -90.93 -2.44
N THR S 62 -55.71 -90.86 -2.75
CA THR S 62 -56.34 -89.66 -3.25
C THR S 62 -57.45 -89.18 -2.33
N GLU S 63 -58.40 -90.05 -2.00
CA GLU S 63 -59.69 -89.65 -1.49
C GLU S 63 -59.71 -89.41 0.02
N LEU S 64 -60.92 -89.36 0.58
CA LEU S 64 -61.10 -88.95 1.96
C LEU S 64 -60.69 -90.06 2.93
N LEU S 65 -60.85 -89.78 4.21
CA LEU S 65 -60.67 -90.79 5.25
C LEU S 65 -61.84 -90.90 6.20
N ILE S 66 -62.42 -89.76 6.60
CA ILE S 66 -63.58 -89.81 7.47
C ILE S 66 -64.79 -90.18 6.63
N ARG S 67 -65.53 -91.19 7.08
CA ARG S 67 -66.65 -91.62 6.27
C ARG S 67 -67.90 -90.81 6.60
N LYS S 68 -68.87 -90.91 5.69
CA LYS S 68 -69.72 -89.78 5.36
C LYS S 68 -70.75 -89.46 6.44
N LEU S 69 -71.64 -90.41 6.69
CA LEU S 69 -72.80 -90.28 7.57
C LEU S 69 -72.55 -89.73 8.98
N PRO S 70 -71.55 -90.19 9.75
CA PRO S 70 -71.43 -89.65 11.10
C PRO S 70 -70.96 -88.21 11.10
N PHE S 71 -70.09 -87.88 10.15
CA PHE S 71 -69.67 -86.52 9.95
C PHE S 71 -70.84 -85.63 9.57
N GLN S 72 -71.72 -86.13 8.69
CA GLN S 72 -72.90 -85.38 8.31
C GLN S 72 -73.82 -85.12 9.49
N ARG S 73 -74.02 -86.13 10.33
CA ARG S 73 -74.89 -85.98 11.48
C ARG S 73 -74.32 -85.02 12.51
N LEU S 74 -72.98 -85.03 12.66
CA LEU S 74 -72.34 -84.05 13.54
C LEU S 74 -72.52 -82.64 13.01
N VAL S 75 -72.40 -82.49 11.69
CA VAL S 75 -72.62 -81.20 11.04
C VAL S 75 -74.02 -80.70 11.32
N ARG S 76 -75.02 -81.58 11.19
CA ARG S 76 -76.39 -81.16 11.43
C ARG S 76 -76.65 -80.87 12.89
N GLU S 77 -75.91 -81.52 13.81
CA GLU S 77 -76.10 -81.21 15.21
C GLU S 77 -75.53 -79.84 15.55
N ILE S 78 -74.36 -79.51 15.01
CA ILE S 78 -73.85 -78.15 15.15
C ILE S 78 -74.77 -77.17 14.44
N ALA S 79 -75.36 -77.58 13.33
CA ALA S 79 -76.24 -76.72 12.55
C ALA S 79 -77.56 -76.47 13.26
N GLN S 80 -77.93 -77.34 14.20
CA GLN S 80 -79.23 -77.22 14.83
C GLN S 80 -79.18 -76.24 16.01
N ASP S 81 -78.21 -75.33 16.02
CA ASP S 81 -77.94 -74.53 17.21
C ASP S 81 -78.19 -73.04 17.00
N PHE S 82 -78.09 -72.55 15.77
CA PHE S 82 -78.21 -71.12 15.54
C PHE S 82 -79.45 -70.74 14.76
N LYS S 83 -79.78 -71.48 13.72
CA LYS S 83 -81.10 -71.40 13.10
C LYS S 83 -81.56 -72.84 12.92
N THR S 84 -82.78 -73.11 13.36
CA THR S 84 -83.31 -74.46 13.27
C THR S 84 -83.65 -74.80 11.84
N ASP S 85 -83.67 -76.10 11.56
CA ASP S 85 -84.41 -76.69 10.45
C ASP S 85 -83.87 -76.21 9.10
N LEU S 86 -82.62 -76.53 8.85
CA LEU S 86 -81.97 -76.05 7.65
C LEU S 86 -81.60 -77.20 6.73
N ARG S 87 -81.77 -76.98 5.43
CA ARG S 87 -81.54 -78.02 4.46
C ARG S 87 -80.28 -77.74 3.67
N PHE S 88 -79.73 -78.78 3.07
CA PHE S 88 -78.35 -78.77 2.59
C PHE S 88 -78.24 -79.54 1.29
N GLN S 89 -77.35 -79.08 0.42
CA GLN S 89 -76.95 -79.89 -0.73
C GLN S 89 -75.64 -80.59 -0.43
N SER S 90 -75.40 -81.71 -1.12
CA SER S 90 -74.35 -82.62 -0.70
C SER S 90 -72.97 -82.06 -0.96
N ALA S 91 -72.83 -81.21 -1.98
CA ALA S 91 -71.53 -80.69 -2.35
C ALA S 91 -70.98 -79.75 -1.28
N ALA S 92 -71.85 -79.04 -0.59
CA ALA S 92 -71.45 -78.23 0.55
C ALA S 92 -70.81 -79.10 1.63
N ILE S 93 -71.44 -80.23 1.91
CA ILE S 93 -70.97 -81.12 2.95
C ILE S 93 -69.64 -81.74 2.54
N GLY S 94 -69.49 -82.05 1.25
CA GLY S 94 -68.23 -82.60 0.78
C GLY S 94 -67.10 -81.58 0.86
N ALA S 95 -67.40 -80.32 0.57
CA ALA S 95 -66.41 -79.27 0.74
C ALA S 95 -66.02 -79.11 2.20
N LEU S 96 -67.00 -79.19 3.09
CA LEU S 96 -66.75 -79.12 4.52
C LEU S 96 -65.84 -80.24 4.97
N GLN S 97 -66.09 -81.44 4.47
CA GLN S 97 -65.27 -82.60 4.83
C GLN S 97 -63.85 -82.45 4.29
N GLU S 98 -63.73 -81.95 3.05
CA GLU S 98 -62.44 -81.70 2.42
C GLU S 98 -61.60 -80.73 3.22
N ALA S 99 -62.16 -79.55 3.52
CA ALA S 99 -61.41 -78.52 4.21
C ALA S 99 -61.16 -78.90 5.66
N SER S 100 -62.05 -79.70 6.23
CA SER S 100 -61.84 -80.19 7.59
C SER S 100 -60.62 -81.10 7.64
N GLU S 101 -60.56 -82.07 6.72
CA GLU S 101 -59.42 -82.99 6.72
C GLU S 101 -58.13 -82.27 6.36
N ALA S 102 -58.20 -81.25 5.50
CA ALA S 102 -57.00 -80.49 5.20
C ALA S 102 -56.51 -79.70 6.41
N TYR S 103 -57.45 -79.12 7.16
CA TYR S 103 -57.13 -78.35 8.37
C TYR S 103 -56.44 -79.22 9.39
N LEU S 104 -56.95 -80.44 9.54
CA LEU S 104 -56.37 -81.33 10.52
C LEU S 104 -55.05 -81.90 10.04
N VAL S 105 -54.90 -82.07 8.72
CA VAL S 105 -53.63 -82.53 8.17
C VAL S 105 -52.53 -81.53 8.44
N GLY S 106 -52.84 -80.24 8.26
CA GLY S 106 -51.85 -79.22 8.56
C GLY S 106 -51.50 -79.14 10.03
N LEU S 107 -52.52 -79.30 10.89
CA LEU S 107 -52.27 -79.40 12.32
C LEU S 107 -51.32 -80.55 12.64
N PHE S 108 -51.57 -81.71 12.03
CA PHE S 108 -50.71 -82.87 12.26
C PHE S 108 -49.31 -82.66 11.74
N GLU S 109 -49.15 -81.97 10.62
CA GLU S 109 -47.80 -81.76 10.08
C GLU S 109 -46.96 -80.90 11.02
N ASP S 110 -47.51 -79.75 11.44
CA ASP S 110 -46.72 -78.92 12.34
C ASP S 110 -46.57 -79.56 13.71
N THR S 111 -47.55 -80.36 14.13
CA THR S 111 -47.43 -81.10 15.37
C THR S 111 -46.32 -82.12 15.29
N ASN S 112 -46.19 -82.76 14.13
CA ASN S 112 -45.14 -83.73 13.87
C ASN S 112 -43.78 -83.06 13.93
N LEU S 113 -43.66 -81.87 13.36
CA LEU S 113 -42.37 -81.20 13.43
C LEU S 113 -42.07 -80.71 14.84
N CYS S 114 -43.11 -80.37 15.61
CA CYS S 114 -42.90 -80.05 17.02
C CYS S 114 -42.39 -81.24 17.79
N ALA S 115 -42.91 -82.42 17.46
CA ALA S 115 -42.46 -83.62 18.15
C ALA S 115 -41.04 -83.98 17.76
N ILE S 116 -40.69 -83.78 16.50
CA ILE S 116 -39.33 -84.05 16.04
C ILE S 116 -38.36 -83.11 16.72
N HIS S 117 -38.77 -81.86 16.92
CA HIS S 117 -37.93 -80.96 17.68
C HIS S 117 -37.92 -81.31 19.16
N ALA S 118 -38.94 -82.01 19.63
CA ALA S 118 -38.95 -82.45 21.02
C ALA S 118 -38.09 -83.68 21.26
N LYS S 119 -37.33 -84.14 20.25
CA LYS S 119 -36.52 -85.35 20.28
C LYS S 119 -37.34 -86.58 20.64
N ARG S 120 -38.60 -86.59 20.22
CA ARG S 120 -39.50 -87.69 20.49
C ARG S 120 -40.24 -88.03 19.22
N VAL S 121 -40.89 -89.18 19.22
CA VAL S 121 -41.83 -89.53 18.19
C VAL S 121 -43.25 -89.56 18.72
N THR S 122 -43.42 -89.76 20.03
CA THR S 122 -44.73 -89.70 20.66
C THR S 122 -45.21 -88.26 20.65
N ILE S 123 -46.43 -88.06 20.17
CA ILE S 123 -47.04 -86.74 20.21
C ILE S 123 -47.52 -86.42 21.61
N MET S 124 -47.85 -85.16 21.83
CA MET S 124 -48.41 -84.67 23.08
C MET S 124 -49.50 -83.67 22.77
N PRO S 125 -50.42 -83.43 23.71
CA PRO S 125 -51.46 -82.43 23.44
C PRO S 125 -50.93 -81.01 23.39
N LYS S 126 -49.95 -80.68 24.23
CA LYS S 126 -49.49 -79.29 24.25
C LYS S 126 -48.67 -78.97 23.02
N ASP S 127 -48.23 -79.98 22.28
CA ASP S 127 -47.77 -79.79 20.91
C ASP S 127 -48.84 -79.13 20.05
N ILE S 128 -50.05 -79.68 20.04
CA ILE S 128 -51.14 -79.10 19.27
C ILE S 128 -51.49 -77.73 19.81
N GLN S 129 -51.40 -77.55 21.14
CA GLN S 129 -51.69 -76.24 21.70
C GLN S 129 -50.66 -75.20 21.30
N LEU S 130 -49.39 -75.61 21.21
CA LEU S 130 -48.35 -74.69 20.73
C LEU S 130 -48.53 -74.38 19.26
N ALA S 131 -48.94 -75.37 18.47
CA ALA S 131 -49.14 -75.17 17.05
C ALA S 131 -50.26 -74.18 16.78
N ARG S 132 -51.38 -74.36 17.46
CA ARG S 132 -52.46 -73.39 17.34
C ARG S 132 -52.14 -72.06 18.01
N ARG S 133 -51.22 -72.04 18.96
CA ARG S 133 -50.76 -70.77 19.51
C ARG S 133 -50.02 -69.97 18.46
N ILE S 134 -49.17 -70.64 17.69
CA ILE S 134 -48.41 -69.94 16.68
C ILE S 134 -49.29 -69.60 15.48
N ARG S 135 -50.30 -70.42 15.21
CA ARG S 135 -51.16 -70.11 14.07
C ARG S 135 -52.11 -68.96 14.32
N GLY S 136 -52.19 -68.44 15.54
CA GLY S 136 -53.10 -67.34 15.83
C GLY S 136 -54.56 -67.71 15.81
N GLU S 137 -54.87 -68.99 15.92
CA GLU S 137 -56.25 -69.48 15.88
C GLU S 137 -56.58 -70.02 17.27
N ARG S 138 -57.00 -69.13 18.16
CA ARG S 138 -56.95 -69.39 19.59
C ARG S 138 -58.15 -70.19 20.07
N ARG T 27 -77.13 -85.55 18.96
CA ARG T 27 -76.45 -85.87 20.21
C ARG T 27 -75.35 -86.89 19.99
N ASP T 28 -74.20 -86.64 20.62
CA ASP T 28 -73.11 -87.61 20.82
C ASP T 28 -72.44 -88.00 19.50
N ASN T 29 -72.76 -87.31 18.41
CA ASN T 29 -72.03 -87.52 17.17
C ASN T 29 -70.63 -86.92 17.21
N ILE T 30 -70.38 -86.04 18.19
CA ILE T 30 -69.01 -85.67 18.54
C ILE T 30 -68.21 -86.90 18.93
N GLN T 31 -68.84 -87.85 19.61
CA GLN T 31 -68.25 -89.15 19.89
C GLN T 31 -68.38 -90.09 18.71
N GLY T 32 -69.01 -89.66 17.61
CA GLY T 32 -68.97 -90.45 16.40
C GLY T 32 -67.62 -90.40 15.72
N ILE T 33 -66.75 -89.49 16.15
CA ILE T 33 -65.36 -89.48 15.70
C ILE T 33 -64.67 -90.73 16.21
N THR T 34 -64.12 -91.53 15.30
CA THR T 34 -63.50 -92.79 15.69
C THR T 34 -62.00 -92.62 15.80
N LYS T 35 -61.43 -93.33 16.76
CA LYS T 35 -59.97 -93.43 16.86
C LYS T 35 -59.26 -93.93 15.60
N PRO T 36 -59.73 -94.97 14.86
CA PRO T 36 -59.03 -95.30 13.61
C PRO T 36 -59.10 -94.24 12.54
N ALA T 37 -60.12 -93.38 12.55
CA ALA T 37 -60.12 -92.27 11.62
C ALA T 37 -59.03 -91.28 11.97
N ILE T 38 -58.85 -91.01 13.26
CA ILE T 38 -57.79 -90.15 13.72
C ILE T 38 -56.44 -90.74 13.39
N ARG T 39 -56.33 -92.07 13.48
CA ARG T 39 -55.15 -92.79 13.04
C ARG T 39 -54.86 -92.56 11.56
N ARG T 40 -55.89 -92.71 10.72
CA ARG T 40 -55.70 -92.55 9.28
C ARG T 40 -55.28 -91.13 8.94
N LEU T 41 -55.88 -90.15 9.64
CA LEU T 41 -55.49 -88.77 9.45
C LEU T 41 -54.08 -88.50 9.91
N ALA T 42 -53.63 -89.18 10.95
CA ALA T 42 -52.26 -89.04 11.39
C ALA T 42 -51.31 -89.64 10.37
N ARG T 43 -51.72 -90.73 9.73
CA ARG T 43 -50.79 -91.40 8.80
C ARG T 43 -50.65 -90.61 7.51
N ARG T 44 -51.75 -90.12 6.94
CA ARG T 44 -51.61 -89.22 5.81
C ARG T 44 -50.99 -87.90 6.26
N GLY T 45 -51.26 -87.49 7.50
CA GLY T 45 -50.52 -86.43 8.13
C GLY T 45 -49.08 -86.78 8.44
N GLY T 46 -48.73 -88.06 8.37
CA GLY T 46 -47.34 -88.45 8.46
C GLY T 46 -46.92 -88.72 9.88
N VAL T 47 -47.86 -88.66 10.78
CA VAL T 47 -47.55 -88.86 12.19
C VAL T 47 -47.32 -90.33 12.44
N LYS T 48 -46.21 -90.66 13.10
CA LYS T 48 -45.91 -92.04 13.41
C LYS T 48 -46.57 -92.49 14.71
N ARG T 49 -46.20 -91.89 15.82
CA ARG T 49 -46.54 -92.41 17.14
C ARG T 49 -47.66 -91.57 17.75
N ILE T 50 -48.68 -92.25 18.27
CA ILE T 50 -49.91 -91.61 18.70
C ILE T 50 -50.06 -91.77 20.20
N SER T 51 -50.22 -90.67 20.91
CA SER T 51 -50.50 -90.75 22.33
C SER T 51 -51.99 -90.93 22.56
N GLY T 52 -52.38 -91.27 23.78
CA GLY T 52 -53.76 -91.58 24.07
C GLY T 52 -54.57 -90.39 24.51
N LEU T 53 -53.90 -89.33 24.93
CA LEU T 53 -54.61 -88.15 25.41
C LEU T 53 -54.88 -87.15 24.29
N ILE T 54 -55.10 -87.64 23.07
CA ILE T 54 -55.10 -86.75 21.93
C ILE T 54 -56.50 -86.60 21.36
N TYR T 55 -57.32 -87.63 21.52
CA TYR T 55 -58.48 -87.82 20.66
C TYR T 55 -59.58 -86.82 20.97
N GLU T 56 -59.85 -86.59 22.25
CA GLU T 56 -60.92 -85.68 22.60
C GLU T 56 -60.49 -84.24 22.43
N GLU T 57 -59.20 -83.97 22.59
CA GLU T 57 -58.65 -82.66 22.26
C GLU T 57 -58.84 -82.35 20.77
N THR T 58 -58.58 -83.37 19.94
CA THR T 58 -58.80 -83.30 18.50
C THR T 58 -60.27 -83.02 18.20
N ARG T 59 -61.16 -83.73 18.90
CA ARG T 59 -62.59 -83.52 18.73
C ARG T 59 -63.00 -82.10 19.07
N GLY T 60 -62.44 -81.54 20.14
CA GLY T 60 -62.79 -80.20 20.54
C GLY T 60 -62.33 -79.15 19.55
N VAL T 61 -61.12 -79.31 19.02
CA VAL T 61 -60.60 -78.36 18.04
C VAL T 61 -61.40 -78.42 16.75
N LEU T 62 -61.68 -79.64 16.27
CA LEU T 62 -62.51 -79.85 15.09
C LEU T 62 -63.89 -79.22 15.27
N LYS T 63 -64.43 -79.34 16.49
CA LYS T 63 -65.75 -78.82 16.79
C LYS T 63 -65.77 -77.30 16.71
N VAL T 64 -64.79 -76.64 17.31
CA VAL T 64 -64.76 -75.17 17.33
C VAL T 64 -64.56 -74.61 15.92
N PHE T 65 -63.68 -75.26 15.15
CA PHE T 65 -63.52 -74.99 13.73
C PHE T 65 -64.86 -74.98 13.02
N LEU T 66 -65.57 -76.12 13.09
CA LEU T 66 -66.83 -76.25 12.37
C LEU T 66 -67.90 -75.33 12.92
N GLU T 67 -67.81 -74.95 14.20
CA GLU T 67 -68.70 -73.95 14.78
C GLU T 67 -68.61 -72.64 14.03
N ASN T 68 -67.40 -72.09 13.94
CA ASN T 68 -67.24 -70.80 13.28
C ASN T 68 -67.61 -70.88 11.81
N VAL T 69 -67.27 -72.01 11.18
CA VAL T 69 -67.57 -72.21 9.76
C VAL T 69 -69.08 -72.17 9.50
N ILE T 70 -69.82 -73.02 10.20
CA ILE T 70 -71.23 -73.14 9.88
C ILE T 70 -72.01 -71.95 10.38
N ARG T 71 -71.53 -71.27 11.44
CA ARG T 71 -72.14 -69.99 11.85
C ARG T 71 -72.10 -68.99 10.71
N ASP T 72 -70.93 -68.84 10.10
CA ASP T 72 -70.82 -67.86 9.03
C ASP T 72 -71.59 -68.27 7.79
N ALA T 73 -71.61 -69.58 7.49
CA ALA T 73 -72.33 -70.04 6.31
C ALA T 73 -73.83 -69.85 6.47
N VAL T 74 -74.35 -70.16 7.65
CA VAL T 74 -75.75 -69.95 7.92
C VAL T 74 -76.09 -68.47 7.94
N THR T 75 -75.16 -67.61 8.34
CA THR T 75 -75.44 -66.18 8.31
C THR T 75 -75.55 -65.68 6.88
N TYR T 76 -74.62 -66.10 6.01
CA TYR T 76 -74.75 -65.90 4.58
C TYR T 76 -76.07 -66.42 4.02
N THR T 77 -76.58 -67.49 4.58
CA THR T 77 -77.84 -67.98 4.05
C THR T 77 -79.02 -67.25 4.67
N GLU T 78 -78.82 -66.68 5.87
CA GLU T 78 -79.84 -65.83 6.51
C GLU T 78 -80.16 -64.65 5.64
N HIS T 79 -79.13 -63.97 5.15
CA HIS T 79 -79.42 -62.89 4.22
C HIS T 79 -79.87 -63.39 2.86
N ALA T 80 -79.62 -64.66 2.55
CA ALA T 80 -80.07 -65.19 1.26
C ALA T 80 -81.58 -65.37 1.18
N LYS T 81 -82.29 -65.38 2.32
CA LYS T 81 -83.74 -65.58 2.39
C LYS T 81 -84.18 -66.88 1.72
N ARG T 82 -83.32 -67.89 1.82
CA ARG T 82 -83.63 -69.23 1.34
C ARG T 82 -83.23 -70.18 2.45
N LYS T 83 -84.11 -71.10 2.79
CA LYS T 83 -83.91 -71.96 3.94
C LYS T 83 -82.92 -73.08 3.69
N THR T 84 -82.27 -73.10 2.53
CA THR T 84 -81.30 -74.13 2.17
C THR T 84 -79.96 -73.47 1.87
N VAL T 85 -78.90 -74.02 2.45
CA VAL T 85 -77.55 -73.50 2.27
C VAL T 85 -76.90 -74.24 1.11
N THR T 86 -76.21 -73.51 0.24
CA THR T 86 -75.58 -74.12 -0.92
C THR T 86 -74.09 -74.31 -0.68
N ALA T 87 -73.48 -75.03 -1.62
CA ALA T 87 -72.04 -75.17 -1.64
C ALA T 87 -71.37 -73.83 -1.83
N MET T 88 -71.98 -72.97 -2.65
CA MET T 88 -71.44 -71.66 -2.94
C MET T 88 -71.35 -70.82 -1.68
N ASP T 89 -72.35 -70.96 -0.81
CA ASP T 89 -72.38 -70.25 0.47
C ASP T 89 -71.19 -70.60 1.34
N VAL T 90 -70.93 -71.89 1.47
CA VAL T 90 -69.84 -72.36 2.29
C VAL T 90 -68.51 -71.94 1.69
N VAL T 91 -68.45 -71.93 0.35
CA VAL T 91 -67.27 -71.43 -0.34
C VAL T 91 -66.99 -69.98 0.02
N TYR T 92 -68.03 -69.15 -0.04
CA TYR T 92 -67.84 -67.72 0.20
C TYR T 92 -67.46 -67.47 1.65
N ALA T 93 -68.07 -68.23 2.55
CA ALA T 93 -67.80 -68.09 3.98
C ALA T 93 -66.38 -68.52 4.30
N LEU T 94 -65.89 -69.57 3.67
CA LEU T 94 -64.55 -69.96 4.00
C LEU T 94 -63.53 -69.07 3.33
N LYS T 95 -63.92 -68.41 2.23
CA LYS T 95 -63.07 -67.37 1.70
C LYS T 95 -62.98 -66.21 2.67
N ARG T 96 -64.08 -65.91 3.36
CA ARG T 96 -64.08 -64.88 4.39
C ARG T 96 -63.13 -65.21 5.54
N GLN T 97 -62.94 -66.47 5.86
CA GLN T 97 -61.99 -66.83 6.90
C GLN T 97 -60.56 -66.83 6.38
N GLY T 98 -60.38 -66.93 5.06
CA GLY T 98 -59.04 -66.89 4.53
C GLY T 98 -58.40 -68.27 4.49
N ARG T 99 -59.23 -69.28 4.69
CA ARG T 99 -58.85 -70.69 4.61
C ARG T 99 -59.29 -71.23 3.28
N THR T 100 -59.11 -70.41 2.25
CA THR T 100 -59.94 -70.46 1.06
C THR T 100 -59.66 -71.69 0.22
N LEU T 101 -60.74 -72.36 -0.16
CA LEU T 101 -60.70 -73.66 -0.80
C LEU T 101 -61.31 -73.53 -2.19
N TYR T 102 -60.65 -74.14 -3.17
CA TYR T 102 -61.16 -74.15 -4.53
C TYR T 102 -62.05 -75.37 -4.73
N GLY T 103 -62.31 -75.70 -5.99
CA GLY T 103 -62.85 -76.98 -6.35
C GLY T 103 -64.28 -77.01 -6.75
N PHE T 104 -65.13 -76.30 -6.02
CA PHE T 104 -66.56 -76.37 -6.25
C PHE T 104 -67.13 -75.09 -6.83
N GLY T 105 -66.27 -74.15 -7.22
CA GLY T 105 -66.72 -72.90 -7.80
C GLY T 105 -67.17 -71.90 -6.77
N GLY T 106 -66.88 -70.62 -6.99
CA GLY T 106 -67.34 -69.57 -6.10
C GLY T 106 -66.53 -68.30 -6.08
N THR U 20 -79.05 -31.52 10.17
CA THR U 20 -78.28 -32.71 9.85
C THR U 20 -79.01 -33.96 10.25
N ARG U 21 -78.99 -34.95 9.38
CA ARG U 21 -79.65 -36.23 9.60
C ARG U 21 -79.14 -36.95 10.85
N SER U 22 -77.88 -36.72 11.23
CA SER U 22 -77.32 -37.33 12.42
C SER U 22 -78.04 -36.84 13.68
N SER U 23 -78.20 -35.53 13.79
CA SER U 23 -79.06 -34.98 14.82
C SER U 23 -80.49 -35.44 14.66
N ARG U 24 -80.99 -35.58 13.43
CA ARG U 24 -82.31 -36.11 13.22
C ARG U 24 -82.37 -37.60 13.49
N ALA U 25 -81.23 -38.29 13.48
CA ALA U 25 -81.14 -39.63 14.06
C ALA U 25 -80.71 -39.61 15.51
N GLY U 26 -80.36 -38.45 16.05
CA GLY U 26 -79.95 -38.34 17.44
C GLY U 26 -78.62 -39.01 17.71
N LEU U 27 -77.69 -38.92 16.76
CA LEU U 27 -76.44 -39.63 16.88
C LEU U 27 -75.28 -38.65 16.72
N GLN U 28 -74.07 -39.16 16.54
CA GLN U 28 -72.92 -38.27 16.46
C GLN U 28 -72.07 -38.41 15.20
N PHE U 29 -72.42 -39.32 14.29
CA PHE U 29 -71.53 -39.31 13.14
C PHE U 29 -72.21 -38.73 11.92
N PRO U 30 -71.47 -37.93 11.15
CA PRO U 30 -72.07 -37.30 9.96
C PRO U 30 -72.45 -38.30 8.88
N VAL U 31 -73.75 -38.30 8.60
CA VAL U 31 -74.36 -39.24 7.67
C VAL U 31 -73.87 -38.98 6.26
N GLY U 32 -74.03 -37.73 5.82
CA GLY U 32 -73.85 -37.42 4.42
C GLY U 32 -72.42 -37.56 3.94
N ARG U 33 -71.46 -37.36 4.84
CA ARG U 33 -70.07 -37.66 4.50
C ARG U 33 -69.91 -39.13 4.20
N VAL U 34 -70.56 -39.97 5.00
CA VAL U 34 -70.49 -41.40 4.78
C VAL U 34 -71.24 -41.77 3.51
N HIS U 35 -72.39 -41.12 3.27
CA HIS U 35 -73.14 -41.33 2.05
C HIS U 35 -72.34 -40.94 0.82
N ARG U 36 -71.53 -39.89 0.94
CA ARG U 36 -70.63 -39.49 -0.12
C ARG U 36 -69.56 -40.54 -0.35
N LEU U 37 -68.95 -41.02 0.74
CA LEU U 37 -67.86 -41.97 0.62
C LEU U 37 -68.34 -43.31 0.10
N LEU U 38 -69.59 -43.67 0.38
CA LEU U 38 -70.15 -44.87 -0.20
C LEU U 38 -70.30 -44.74 -1.70
N ARG U 39 -70.69 -43.57 -2.19
CA ARG U 39 -70.74 -43.30 -3.61
C ARG U 39 -69.38 -43.37 -4.27
N LYS U 40 -68.40 -42.67 -3.72
CA LYS U 40 -67.10 -42.61 -4.40
C LYS U 40 -66.24 -43.84 -4.13
N GLY U 41 -66.75 -44.86 -3.45
CA GLY U 41 -66.00 -46.06 -3.20
C GLY U 41 -66.25 -47.14 -4.22
N ASN U 42 -67.12 -46.85 -5.19
CA ASN U 42 -67.68 -47.83 -6.15
C ASN U 42 -68.32 -48.99 -5.41
N TYR U 43 -68.99 -48.69 -4.31
CA TYR U 43 -69.45 -49.73 -3.42
C TYR U 43 -70.69 -50.42 -3.94
N SER U 44 -71.51 -49.72 -4.71
CA SER U 44 -72.62 -50.33 -5.43
C SER U 44 -72.93 -49.43 -6.60
N GLU U 45 -74.10 -49.62 -7.18
CA GLU U 45 -74.56 -48.67 -8.17
C GLU U 45 -75.45 -47.62 -7.51
N ARG U 46 -76.41 -48.05 -6.70
CA ARG U 46 -77.24 -47.11 -5.97
C ARG U 46 -77.13 -47.31 -4.47
N VAL U 47 -77.48 -46.26 -3.73
CA VAL U 47 -77.29 -46.17 -2.30
C VAL U 47 -78.63 -45.84 -1.65
N GLY U 48 -79.04 -46.65 -0.68
CA GLY U 48 -80.32 -46.48 -0.03
C GLY U 48 -80.40 -45.27 0.88
N ALA U 49 -81.51 -45.20 1.62
CA ALA U 49 -81.73 -44.04 2.48
C ALA U 49 -80.97 -44.16 3.79
N GLY U 50 -81.28 -45.16 4.60
CA GLY U 50 -80.82 -45.19 5.97
C GLY U 50 -79.67 -46.14 6.27
N ALA U 51 -79.17 -46.86 5.28
CA ALA U 51 -77.95 -47.64 5.44
C ALA U 51 -76.77 -46.87 6.05
N PRO U 52 -76.46 -45.62 5.67
CA PRO U 52 -75.36 -44.94 6.37
C PRO U 52 -75.67 -44.61 7.81
N VAL U 53 -76.94 -44.45 8.16
CA VAL U 53 -77.29 -44.24 9.56
C VAL U 53 -76.94 -45.47 10.38
N TYR U 54 -77.28 -46.64 9.85
CA TYR U 54 -77.02 -47.89 10.54
C TYR U 54 -75.52 -48.12 10.68
N LEU U 55 -74.79 -47.85 9.62
CA LEU U 55 -73.33 -48.02 9.66
C LEU U 55 -72.68 -47.05 10.62
N ALA U 56 -73.18 -45.81 10.65
CA ALA U 56 -72.62 -44.80 11.54
C ALA U 56 -72.87 -45.16 12.99
N ALA U 57 -74.04 -45.70 13.28
CA ALA U 57 -74.33 -46.13 14.63
C ALA U 57 -73.47 -47.31 15.04
N VAL U 58 -73.18 -48.20 14.08
CA VAL U 58 -72.28 -49.33 14.35
C VAL U 58 -70.91 -48.82 14.73
N LEU U 59 -70.39 -47.88 13.94
CA LEU U 59 -69.11 -47.23 14.23
C LEU U 59 -69.13 -46.57 15.60
N GLU U 60 -70.25 -45.94 15.91
CA GLU U 60 -70.39 -45.16 17.13
C GLU U 60 -70.34 -46.07 18.36
N TYR U 61 -71.03 -47.19 18.32
CA TYR U 61 -70.99 -48.11 19.45
C TYR U 61 -69.63 -48.81 19.54
N LEU U 62 -69.00 -49.09 18.41
CA LEU U 62 -67.68 -49.70 18.43
C LEU U 62 -66.66 -48.81 19.10
N THR U 63 -66.58 -47.56 18.65
CA THR U 63 -65.62 -46.65 19.25
C THR U 63 -65.98 -46.32 20.68
N ALA U 64 -67.27 -46.37 21.02
CA ALA U 64 -67.68 -46.17 22.41
C ALA U 64 -67.14 -47.26 23.30
N GLU U 65 -67.27 -48.52 22.86
CA GLU U 65 -66.78 -49.64 23.66
C GLU U 65 -65.27 -49.63 23.78
N ILE U 66 -64.58 -49.36 22.66
CA ILE U 66 -63.13 -49.35 22.65
C ILE U 66 -62.59 -48.27 23.56
N LEU U 67 -63.07 -47.05 23.38
CA LEU U 67 -62.52 -45.97 24.16
C LEU U 67 -63.04 -45.99 25.59
N GLU U 68 -64.13 -46.73 25.85
CA GLU U 68 -64.56 -46.92 27.22
C GLU U 68 -63.55 -47.78 27.97
N LEU U 69 -63.12 -48.88 27.34
CA LEU U 69 -62.07 -49.68 27.94
C LEU U 69 -60.75 -48.91 28.03
N ALA U 70 -60.51 -48.02 27.07
CA ALA U 70 -59.33 -47.17 27.13
C ALA U 70 -59.41 -46.21 28.30
N GLY U 71 -60.61 -45.71 28.58
CA GLY U 71 -60.78 -44.85 29.73
C GLY U 71 -60.53 -45.58 31.01
N ASN U 72 -60.95 -46.84 31.08
CA ASN U 72 -60.61 -47.66 32.24
C ASN U 72 -59.11 -47.90 32.32
N ALA U 73 -58.46 -48.04 31.18
CA ALA U 73 -57.00 -48.22 31.15
C ALA U 73 -56.29 -46.98 31.68
N ALA U 74 -56.81 -45.80 31.38
CA ALA U 74 -56.25 -44.59 31.95
C ALA U 74 -56.56 -44.48 33.44
N ARG U 75 -57.72 -45.01 33.86
CA ARG U 75 -58.04 -45.07 35.27
C ARG U 75 -57.07 -45.96 36.03
N ASP U 76 -56.53 -46.97 35.35
CA ASP U 76 -55.57 -47.87 35.99
C ASP U 76 -54.28 -47.15 36.32
N ASN U 77 -53.68 -46.52 35.32
CA ASN U 77 -52.39 -45.87 35.48
C ASN U 77 -52.52 -44.51 36.13
N LYS U 78 -53.75 -44.05 36.36
CA LYS U 78 -54.06 -42.69 36.82
C LYS U 78 -53.44 -41.66 35.89
N LYS U 79 -53.70 -41.84 34.59
CA LYS U 79 -53.29 -40.88 33.58
C LYS U 79 -54.53 -40.20 33.03
N THR U 80 -54.36 -38.95 32.62
CA THR U 80 -55.49 -38.18 32.12
C THR U 80 -55.55 -38.15 30.60
N ARG U 81 -54.41 -37.96 29.95
CA ARG U 81 -54.33 -38.03 28.50
C ARG U 81 -54.09 -39.46 28.08
N ILE U 82 -54.77 -39.89 27.04
CA ILE U 82 -54.65 -41.27 26.59
C ILE U 82 -53.33 -41.40 25.85
N ILE U 83 -52.51 -42.34 26.29
CA ILE U 83 -51.34 -42.74 25.50
C ILE U 83 -51.76 -43.96 24.69
N PRO U 84 -51.12 -44.23 23.56
CA PRO U 84 -51.47 -45.42 22.77
C PRO U 84 -51.19 -46.74 23.47
N ARG U 85 -50.33 -46.75 24.48
CA ARG U 85 -50.08 -47.97 25.24
C ARG U 85 -51.34 -48.45 25.93
N HIS U 86 -52.13 -47.51 26.44
CA HIS U 86 -53.44 -47.81 26.97
C HIS U 86 -54.31 -48.50 25.94
N LEU U 87 -54.23 -48.05 24.69
CA LEU U 87 -55.05 -48.59 23.63
C LEU U 87 -54.67 -50.02 23.33
N GLN U 88 -53.36 -50.27 23.23
CA GLN U 88 -52.90 -51.63 22.92
C GLN U 88 -53.22 -52.59 24.06
N LEU U 89 -53.08 -52.12 25.31
CA LEU U 89 -53.39 -52.95 26.46
C LEU U 89 -54.86 -53.31 26.50
N ALA U 90 -55.73 -52.32 26.28
CA ALA U 90 -57.17 -52.58 26.31
C ALA U 90 -57.59 -53.44 25.14
N ILE U 91 -56.85 -53.39 24.03
CA ILE U 91 -57.12 -54.35 22.98
C ILE U 91 -56.70 -55.75 23.41
N ARG U 92 -55.53 -55.88 24.03
CA ARG U 92 -55.02 -57.19 24.36
C ARG U 92 -55.65 -57.81 25.60
N ASN U 93 -56.50 -57.06 26.31
CA ASN U 93 -57.15 -57.66 27.47
C ASN U 93 -58.44 -58.36 27.11
N ASP U 94 -59.36 -57.64 26.46
CA ASP U 94 -60.66 -58.18 26.11
C ASP U 94 -60.55 -59.27 25.06
N GLU U 95 -61.44 -60.26 25.15
CA GLU U 95 -61.32 -61.43 24.29
C GLU U 95 -61.73 -61.11 22.86
N GLU U 96 -63.00 -60.75 22.66
CA GLU U 96 -63.58 -60.62 21.33
C GLU U 96 -62.90 -59.52 20.53
N LEU U 97 -62.51 -58.44 21.21
CA LEU U 97 -61.78 -57.36 20.57
C LEU U 97 -60.41 -57.81 20.10
N ASN U 98 -59.71 -58.59 20.90
CA ASN U 98 -58.41 -59.07 20.49
C ASN U 98 -58.51 -60.11 19.39
N LYS U 99 -59.59 -60.89 19.36
CA LYS U 99 -59.76 -61.81 18.24
C LYS U 99 -60.10 -61.06 16.97
N LEU U 100 -60.81 -59.94 17.11
CA LEU U 100 -61.04 -59.04 15.99
C LEU U 100 -59.74 -58.48 15.45
N LEU U 101 -58.99 -57.82 16.31
CA LEU U 101 -57.80 -57.11 15.85
C LEU U 101 -56.54 -57.96 16.00
N GLY U 102 -56.60 -59.21 15.55
CA GLY U 102 -55.50 -60.12 15.71
C GLY U 102 -54.35 -59.76 14.80
N ARG U 103 -54.69 -59.43 13.57
CA ARG U 103 -53.70 -59.02 12.61
C ARG U 103 -53.38 -57.54 12.66
N VAL U 104 -53.62 -56.90 13.80
CA VAL U 104 -53.52 -55.45 13.92
C VAL U 104 -52.36 -55.14 14.83
N THR U 105 -51.48 -54.25 14.39
CA THR U 105 -50.54 -53.69 15.34
C THR U 105 -50.58 -52.18 15.29
N ILE U 106 -50.04 -51.55 16.32
CA ILE U 106 -50.08 -50.11 16.49
C ILE U 106 -48.69 -49.62 16.84
N ALA U 107 -48.26 -48.55 16.20
CA ALA U 107 -47.03 -47.88 16.60
C ALA U 107 -47.16 -47.37 18.02
N GLN U 108 -46.03 -47.39 18.74
CA GLN U 108 -45.99 -47.25 20.20
C GLN U 108 -46.94 -48.22 20.89
N GLY U 109 -46.98 -49.45 20.41
CA GLY U 109 -47.89 -50.44 20.95
C GLY U 109 -47.40 -51.17 22.18
N GLY U 110 -46.28 -51.87 22.07
CA GLY U 110 -45.88 -52.78 23.12
C GLY U 110 -46.76 -54.01 23.14
N VAL U 111 -46.54 -54.86 24.13
CA VAL U 111 -47.25 -56.11 24.25
C VAL U 111 -47.70 -56.30 25.69
N LEU U 112 -48.24 -57.49 25.95
CA LEU U 112 -48.64 -57.88 27.29
C LEU U 112 -47.43 -57.99 28.20
N PRO U 113 -47.49 -57.41 29.39
CA PRO U 113 -46.44 -57.67 30.37
C PRO U 113 -46.61 -59.11 30.85
N ASN U 114 -45.80 -60.01 30.32
CA ASN U 114 -46.08 -61.44 30.43
C ASN U 114 -44.77 -62.20 30.64
N ILE U 115 -44.78 -63.10 31.61
CA ILE U 115 -43.61 -63.85 32.01
C ILE U 115 -44.01 -65.30 32.14
N GLN U 116 -43.32 -66.18 31.42
CA GLN U 116 -43.48 -67.60 31.61
C GLN U 116 -42.83 -68.00 32.92
N ALA U 117 -43.64 -68.43 33.89
CA ALA U 117 -43.14 -68.66 35.25
C ALA U 117 -42.25 -69.89 35.32
N VAL U 118 -42.26 -70.74 34.30
CA VAL U 118 -41.27 -71.79 34.17
C VAL U 118 -39.88 -71.25 33.94
N LEU U 119 -39.75 -69.99 33.55
CA LEU U 119 -38.47 -69.34 33.45
C LEU U 119 -38.18 -68.43 34.63
N LEU U 120 -39.13 -68.31 35.55
CA LEU U 120 -38.80 -67.69 36.82
C LEU U 120 -37.87 -68.60 37.60
N PRO U 121 -36.93 -68.04 38.36
CA PRO U 121 -36.01 -68.88 39.13
C PRO U 121 -36.69 -69.49 40.34
N LYS U 122 -35.96 -70.39 40.98
CA LYS U 122 -36.52 -71.17 42.09
C LYS U 122 -35.97 -70.71 43.42
N ARG V 35 -54.83 -24.12 -0.68
CA ARG V 35 -54.68 -25.08 0.42
C ARG V 35 -55.75 -26.15 0.30
N SER V 36 -55.33 -27.38 0.01
CA SER V 36 -56.25 -28.50 -0.13
C SER V 36 -56.79 -28.91 1.23
N ARG V 37 -58.09 -29.17 1.28
CA ARG V 37 -58.78 -29.45 2.54
C ARG V 37 -58.72 -30.95 2.80
N LYS V 38 -58.07 -31.32 3.89
CA LYS V 38 -57.93 -32.72 4.26
C LYS V 38 -58.99 -33.14 5.28
N GLU V 39 -59.11 -34.45 5.47
CA GLU V 39 -60.18 -35.04 6.26
C GLU V 39 -59.65 -35.54 7.60
N SER V 40 -60.55 -35.59 8.57
CA SER V 40 -60.31 -36.28 9.83
C SER V 40 -61.66 -36.66 10.42
N TYR V 41 -61.65 -37.58 11.38
CA TYR V 41 -62.88 -37.90 12.09
C TYR V 41 -62.75 -37.49 13.54
N SER V 42 -61.81 -36.57 13.80
CA SER V 42 -61.34 -36.34 15.16
C SER V 42 -62.40 -35.70 16.04
N ILE V 43 -63.16 -34.76 15.47
CA ILE V 43 -64.09 -34.00 16.29
C ILE V 43 -65.26 -34.85 16.72
N TYR V 44 -65.63 -35.83 15.91
CA TYR V 44 -66.81 -36.65 16.15
C TYR V 44 -66.58 -37.60 17.31
N VAL V 45 -65.56 -38.44 17.16
CA VAL V 45 -65.17 -39.38 18.19
C VAL V 45 -64.65 -38.63 19.40
N TYR V 46 -64.13 -37.42 19.19
CA TYR V 46 -63.79 -36.52 20.29
C TYR V 46 -65.00 -36.20 21.13
N LYS V 47 -66.11 -35.82 20.49
CA LYS V 47 -67.37 -35.60 21.20
C LYS V 47 -67.86 -36.85 21.89
N VAL V 48 -67.70 -38.01 21.25
CA VAL V 48 -68.17 -39.27 21.83
C VAL V 48 -67.36 -39.59 23.09
N LEU V 49 -66.05 -39.34 23.03
CA LEU V 49 -65.19 -39.50 24.18
C LEU V 49 -65.58 -38.56 25.30
N LYS V 50 -65.89 -37.30 24.96
CA LYS V 50 -66.39 -36.36 25.95
C LYS V 50 -67.70 -36.80 26.56
N GLN V 51 -68.56 -37.47 25.78
CA GLN V 51 -69.77 -38.05 26.34
C GLN V 51 -69.45 -39.11 27.37
N VAL V 52 -68.71 -40.14 26.94
CA VAL V 52 -68.50 -41.30 27.81
C VAL V 52 -67.51 -41.02 28.92
N HIS V 53 -66.66 -40.02 28.78
CA HIS V 53 -65.75 -39.61 29.84
C HIS V 53 -65.53 -38.13 29.72
N PRO V 54 -66.22 -37.34 30.55
CA PRO V 54 -65.99 -35.89 30.51
C PRO V 54 -64.64 -35.50 31.05
N ASP V 55 -64.15 -36.18 32.08
CA ASP V 55 -62.85 -35.85 32.66
C ASP V 55 -61.77 -36.77 32.11
N THR V 56 -61.37 -36.53 30.86
CA THR V 56 -60.38 -37.37 30.19
C THR V 56 -59.76 -36.60 29.03
N GLY V 57 -58.43 -36.57 28.98
CA GLY V 57 -57.72 -36.04 27.83
C GLY V 57 -57.25 -37.14 26.90
N ILE V 58 -56.60 -36.73 25.82
CA ILE V 58 -56.18 -37.67 24.79
C ILE V 58 -54.99 -37.07 24.04
N SER V 59 -54.13 -37.93 23.50
CA SER V 59 -53.03 -37.51 22.64
C SER V 59 -53.49 -37.44 21.19
N SER V 60 -52.76 -36.65 20.41
CA SER V 60 -53.14 -36.42 19.03
C SER V 60 -52.91 -37.64 18.17
N LYS V 61 -51.79 -38.35 18.41
CA LYS V 61 -51.47 -39.53 17.62
C LYS V 61 -52.51 -40.60 17.80
N ALA V 62 -52.99 -40.76 19.04
CA ALA V 62 -54.04 -41.72 19.30
C ALA V 62 -55.34 -41.35 18.62
N MET V 63 -55.58 -40.05 18.45
CA MET V 63 -56.75 -39.63 17.70
C MET V 63 -56.61 -40.03 16.25
N GLY V 64 -55.41 -39.91 15.70
CA GLY V 64 -55.16 -40.42 14.36
C GLY V 64 -55.32 -41.92 14.28
N ILE V 65 -54.93 -42.63 15.34
CA ILE V 65 -55.06 -44.08 15.39
C ILE V 65 -56.52 -44.46 15.31
N MET V 66 -57.36 -43.74 16.05
CA MET V 66 -58.77 -44.04 16.01
C MET V 66 -59.38 -43.71 14.67
N ASN V 67 -58.85 -42.68 14.00
CA ASN V 67 -59.32 -42.38 12.66
C ASN V 67 -58.99 -43.53 11.71
N SER V 68 -57.78 -44.06 11.85
CA SER V 68 -57.39 -45.22 11.05
C SER V 68 -58.24 -46.44 11.41
N PHE V 69 -58.64 -46.53 12.67
CA PHE V 69 -59.48 -47.63 13.15
C PHE V 69 -60.83 -47.62 12.44
N VAL V 70 -61.45 -46.44 12.41
CA VAL V 70 -62.71 -46.27 11.72
C VAL V 70 -62.55 -46.57 10.24
N ASN V 71 -61.43 -46.14 9.66
CA ASN V 71 -61.13 -46.43 8.27
C ASN V 71 -61.12 -47.92 8.02
N ASP V 72 -60.41 -48.68 8.85
CA ASP V 72 -60.22 -50.11 8.64
C ASP V 72 -61.53 -50.85 8.78
N ILE V 73 -62.29 -50.53 9.82
CA ILE V 73 -63.55 -51.23 10.06
C ILE V 73 -64.53 -50.95 8.95
N PHE V 74 -64.59 -49.67 8.53
CA PHE V 74 -65.43 -49.27 7.42
C PHE V 74 -65.07 -49.98 6.14
N GLU V 75 -63.77 -50.15 5.88
CA GLU V 75 -63.34 -50.79 4.66
C GLU V 75 -63.69 -52.27 4.63
N ARG V 76 -63.52 -52.96 5.76
CA ARG V 76 -63.88 -54.38 5.79
C ARG V 76 -65.37 -54.57 5.62
N ILE V 77 -66.15 -53.71 6.27
CA ILE V 77 -67.61 -53.74 6.12
C ILE V 77 -68.02 -53.50 4.68
N ALA V 78 -67.42 -52.51 4.04
CA ALA V 78 -67.83 -52.16 2.69
C ALA V 78 -67.44 -53.24 1.72
N GLY V 79 -66.30 -53.89 1.94
CA GLY V 79 -65.93 -55.00 1.10
C GLY V 79 -66.86 -56.17 1.27
N GLU V 80 -67.33 -56.40 2.50
CA GLU V 80 -68.33 -57.43 2.69
C GLU V 80 -69.66 -57.03 2.07
N ALA V 81 -69.92 -55.73 2.00
CA ALA V 81 -71.13 -55.26 1.34
C ALA V 81 -71.07 -55.49 -0.17
N SER V 82 -69.90 -55.29 -0.76
CA SER V 82 -69.76 -55.54 -2.19
C SER V 82 -69.87 -57.02 -2.49
N ARG V 83 -69.31 -57.85 -1.63
CA ARG V 83 -69.52 -59.27 -1.80
C ARG V 83 -70.96 -59.67 -1.54
N LEU V 84 -71.65 -58.97 -0.63
CA LEU V 84 -73.08 -59.19 -0.44
C LEU V 84 -73.84 -58.91 -1.71
N ALA V 85 -73.44 -57.85 -2.40
CA ALA V 85 -74.05 -57.49 -3.66
C ALA V 85 -73.84 -58.58 -4.70
N HIS V 86 -72.59 -59.01 -4.86
CA HIS V 86 -72.27 -59.90 -5.97
C HIS V 86 -72.69 -61.33 -5.67
N TYR V 87 -72.80 -61.70 -4.40
CA TYR V 87 -73.40 -63.00 -4.15
C TYR V 87 -74.89 -62.88 -3.98
N ASN V 88 -75.45 -61.69 -4.18
CA ASN V 88 -76.89 -61.57 -4.25
C ASN V 88 -77.38 -61.00 -5.57
N LYS V 89 -76.45 -60.66 -6.48
CA LYS V 89 -76.75 -60.18 -7.83
C LYS V 89 -77.64 -58.94 -7.81
N ARG V 90 -77.46 -58.12 -6.79
CA ARG V 90 -78.24 -56.91 -6.60
C ARG V 90 -77.28 -55.76 -6.38
N SER V 91 -77.74 -54.53 -6.61
CA SER V 91 -76.86 -53.39 -6.52
C SER V 91 -77.43 -52.29 -5.64
N THR V 92 -78.50 -52.55 -4.91
CA THR V 92 -79.06 -51.60 -3.98
C THR V 92 -78.43 -51.94 -2.63
N ILE V 93 -78.15 -50.93 -1.82
CA ILE V 93 -77.71 -51.18 -0.47
C ILE V 93 -78.74 -50.64 0.51
N THR V 94 -79.31 -51.52 1.34
CA THR V 94 -80.11 -51.10 2.47
C THR V 94 -79.40 -51.44 3.77
N SER V 95 -80.04 -51.09 4.89
CA SER V 95 -79.50 -51.32 6.22
C SER V 95 -79.43 -52.80 6.59
N ARG V 96 -80.25 -53.64 5.95
CA ARG V 96 -80.28 -55.06 6.24
C ARG V 96 -78.94 -55.69 5.88
N GLU V 97 -78.36 -55.25 4.78
CA GLU V 97 -77.06 -55.73 4.34
C GLU V 97 -75.98 -55.29 5.30
N ILE V 98 -76.12 -54.10 5.87
CA ILE V 98 -75.15 -53.62 6.84
C ILE V 98 -75.22 -54.46 8.10
N GLN V 99 -76.43 -54.82 8.52
CA GLN V 99 -76.62 -55.68 9.69
C GLN V 99 -75.97 -57.04 9.47
N THR V 100 -76.26 -57.66 8.33
CA THR V 100 -75.70 -58.98 8.11
C THR V 100 -74.20 -58.92 7.89
N ALA V 101 -73.69 -57.78 7.40
CA ALA V 101 -72.26 -57.61 7.29
C ALA V 101 -71.58 -57.52 8.64
N VAL V 102 -72.18 -56.75 9.55
CA VAL V 102 -71.59 -56.58 10.87
C VAL V 102 -71.59 -57.91 11.62
N ARG V 103 -72.69 -58.65 11.57
CA ARG V 103 -72.67 -59.93 12.28
C ARG V 103 -72.00 -61.02 11.47
N LEU V 104 -71.54 -60.73 10.26
CA LEU V 104 -70.54 -61.60 9.66
C LEU V 104 -69.15 -61.28 10.17
N LEU V 105 -68.84 -60.00 10.37
CA LEU V 105 -67.47 -59.68 10.69
C LEU V 105 -67.21 -59.73 12.19
N LEU V 106 -67.97 -59.12 12.92
CA LEU V 106 -67.65 -59.01 14.33
C LEU V 106 -68.08 -60.25 15.10
N PRO V 107 -67.37 -60.57 16.19
CA PRO V 107 -67.78 -61.70 17.03
C PRO V 107 -69.04 -61.38 17.82
N GLY V 108 -69.74 -62.47 18.17
CA GLY V 108 -71.15 -62.50 18.55
C GLY V 108 -71.74 -61.48 19.51
N GLU V 109 -71.24 -61.42 20.74
CA GLU V 109 -71.93 -60.65 21.78
C GLU V 109 -71.82 -59.15 21.54
N LEU V 110 -70.58 -58.71 21.29
CA LEU V 110 -70.31 -57.35 20.81
C LEU V 110 -71.16 -57.00 19.60
N ALA V 111 -71.23 -57.92 18.64
CA ALA V 111 -71.99 -57.70 17.41
C ALA V 111 -73.47 -57.52 17.68
N LYS V 112 -74.03 -58.32 18.59
CA LYS V 112 -75.46 -58.23 18.84
C LYS V 112 -75.79 -56.94 19.58
N HIS V 113 -74.90 -56.51 20.48
CA HIS V 113 -75.09 -55.21 21.12
C HIS V 113 -75.04 -54.07 20.10
N ALA V 114 -74.11 -54.15 19.16
CA ALA V 114 -74.01 -53.12 18.15
C ALA V 114 -75.22 -53.13 17.23
N VAL V 115 -75.73 -54.32 16.90
CA VAL V 115 -76.92 -54.43 16.07
C VAL V 115 -78.11 -53.81 16.78
N SER V 116 -78.17 -54.00 18.10
CA SER V 116 -79.23 -53.40 18.90
C SER V 116 -79.17 -51.88 18.85
N GLU V 117 -77.96 -51.33 19.01
CA GLU V 117 -77.78 -49.88 18.96
C GLU V 117 -78.17 -49.32 17.60
N GLY V 118 -77.74 -50.00 16.54
CA GLY V 118 -78.07 -49.53 15.20
C GLY V 118 -79.54 -49.65 14.89
N THR V 119 -80.18 -50.69 15.38
CA THR V 119 -81.58 -50.91 15.07
C THR V 119 -82.46 -49.90 15.80
N LYS V 120 -82.11 -49.61 17.05
CA LYS V 120 -82.84 -48.59 17.79
C LYS V 120 -82.63 -47.21 17.19
N ALA V 121 -81.44 -46.98 16.64
CA ALA V 121 -81.21 -45.73 15.94
C ALA V 121 -82.01 -45.64 14.65
N VAL V 122 -82.16 -46.78 13.95
CA VAL V 122 -82.97 -46.83 12.74
C VAL V 122 -84.42 -46.50 13.05
N THR V 123 -84.92 -47.05 14.16
CA THR V 123 -86.28 -46.75 14.60
C THR V 123 -86.44 -45.29 14.96
N LYS V 124 -85.49 -44.73 15.72
CA LYS V 124 -85.64 -43.34 16.17
C LYS V 124 -85.53 -42.35 15.02
N TYR V 125 -84.68 -42.63 14.04
CA TYR V 125 -84.62 -41.76 12.88
C TYR V 125 -85.83 -41.93 11.98
N THR V 126 -86.05 -43.12 11.43
CA THR V 126 -87.08 -43.32 10.43
C THR V 126 -88.50 -43.26 10.99
N SER V 127 -88.66 -43.28 12.32
CA SER V 127 -89.97 -43.05 12.90
C SER V 127 -90.41 -41.61 12.71
N ALA V 128 -89.51 -40.67 12.94
CA ALA V 128 -89.66 -39.30 12.47
C ALA V 128 -89.17 -39.23 11.03
N LYS V 129 -88.94 -38.02 10.54
CA LYS V 129 -88.40 -37.85 9.19
C LYS V 129 -86.95 -38.36 9.14
N HIS W 43 -19.37 -57.19 44.35
CA HIS W 43 -19.31 -58.65 44.26
C HIS W 43 -20.06 -59.08 43.01
N ARG W 44 -20.26 -60.39 42.84
CA ARG W 44 -20.86 -60.91 41.62
C ARG W 44 -22.29 -61.36 41.88
N TYR W 45 -23.20 -61.02 40.97
CA TYR W 45 -24.59 -61.46 41.06
C TYR W 45 -24.77 -62.80 40.36
N ARG W 46 -25.83 -63.50 40.70
CA ARG W 46 -26.09 -64.81 40.15
C ARG W 46 -26.94 -64.71 38.91
N PRO W 47 -26.64 -65.50 37.88
CA PRO W 47 -27.14 -65.19 36.53
C PRO W 47 -28.62 -65.45 36.37
N GLY W 48 -29.19 -64.86 35.32
CA GLY W 48 -30.58 -64.96 35.00
C GLY W 48 -31.42 -63.85 35.58
N THR W 49 -30.94 -63.21 36.66
CA THR W 49 -31.79 -62.31 37.42
C THR W 49 -31.96 -60.98 36.71
N VAL W 50 -30.85 -60.37 36.32
CA VAL W 50 -30.84 -59.03 35.73
C VAL W 50 -31.60 -59.03 34.41
N ALA W 51 -31.53 -60.15 33.69
CA ALA W 51 -32.26 -60.29 32.43
C ALA W 51 -33.76 -60.20 32.63
N LEU W 52 -34.29 -60.92 33.64
CA LEU W 52 -35.72 -60.89 33.88
C LEU W 52 -36.14 -59.55 34.46
N ARG W 53 -35.26 -58.93 35.24
CA ARG W 53 -35.57 -57.61 35.78
C ARG W 53 -35.68 -56.59 34.65
N GLU W 54 -34.80 -56.69 33.66
CA GLU W 54 -34.93 -55.79 32.53
C GLU W 54 -35.98 -56.24 31.53
N ILE W 55 -36.45 -57.49 31.62
CA ILE W 55 -37.68 -57.83 30.91
C ILE W 55 -38.85 -57.05 31.50
N ARG W 56 -38.92 -57.00 32.83
CA ARG W 56 -39.95 -56.21 33.50
C ARG W 56 -39.77 -54.72 33.23
N ARG W 57 -38.54 -54.30 33.00
CA ARG W 57 -38.32 -52.91 32.63
C ARG W 57 -38.72 -52.66 31.17
N TYR W 58 -38.40 -53.57 30.25
CA TYR W 58 -38.58 -53.37 28.82
C TYR W 58 -39.95 -53.77 28.31
N GLN W 59 -40.81 -54.25 29.19
CA GLN W 59 -42.22 -54.38 28.85
C GLN W 59 -42.99 -53.09 29.14
N LYS W 60 -42.28 -51.99 29.38
CA LYS W 60 -42.95 -50.78 29.80
C LYS W 60 -42.94 -49.68 28.74
N SER W 61 -41.78 -49.24 28.31
CA SER W 61 -41.70 -48.16 27.34
C SER W 61 -41.76 -48.74 25.95
N THR W 62 -42.72 -48.28 25.15
CA THR W 62 -42.87 -48.73 23.77
C THR W 62 -41.98 -47.96 22.81
N GLU W 63 -40.90 -47.36 23.30
CA GLU W 63 -40.01 -46.62 22.44
C GLU W 63 -39.20 -47.58 21.58
N LEU W 64 -38.70 -47.06 20.47
CA LEU W 64 -38.05 -47.90 19.47
C LEU W 64 -36.69 -48.38 19.95
N LEU W 65 -36.46 -49.69 19.81
CA LEU W 65 -35.23 -50.29 20.29
C LEU W 65 -34.03 -50.02 19.40
N ILE W 66 -34.13 -50.32 18.11
CA ILE W 66 -33.02 -50.02 17.21
C ILE W 66 -33.00 -48.53 16.94
N ARG W 67 -31.88 -47.86 17.22
CA ARG W 67 -31.86 -46.44 16.97
C ARG W 67 -31.56 -46.14 15.50
N LYS W 68 -31.69 -44.87 15.15
CA LYS W 68 -32.25 -44.49 13.85
C LYS W 68 -31.26 -44.70 12.71
N LEU W 69 -30.16 -43.94 12.73
CA LEU W 69 -29.14 -43.87 11.69
C LEU W 69 -28.65 -45.19 11.12
N PRO W 70 -28.30 -46.22 11.92
CA PRO W 70 -27.85 -47.46 11.27
C PRO W 70 -28.98 -48.21 10.60
N PHE W 71 -30.16 -48.18 11.22
CA PHE W 71 -31.35 -48.77 10.63
C PHE W 71 -31.68 -48.11 9.31
N GLN W 72 -31.56 -46.78 9.28
CA GLN W 72 -31.80 -46.02 8.08
C GLN W 72 -30.82 -46.38 6.99
N ARG W 73 -29.54 -46.54 7.35
CA ARG W 73 -28.54 -46.93 6.38
C ARG W 73 -28.82 -48.32 5.82
N LEU W 74 -29.27 -49.23 6.67
CA LEU W 74 -29.55 -50.59 6.20
C LEU W 74 -30.72 -50.61 5.24
N VAL W 75 -31.77 -49.88 5.59
CA VAL W 75 -32.94 -49.78 4.73
C VAL W 75 -32.58 -49.13 3.41
N ARG W 76 -31.77 -48.06 3.46
CA ARG W 76 -31.35 -47.40 2.23
C ARG W 76 -30.51 -48.30 1.35
N GLU W 77 -29.62 -49.08 1.98
CA GLU W 77 -28.75 -50.00 1.23
C GLU W 77 -29.54 -51.08 0.51
N ILE W 78 -30.71 -51.41 1.05
CA ILE W 78 -31.56 -52.45 0.45
C ILE W 78 -32.40 -51.89 -0.70
N ALA W 79 -33.17 -50.85 -0.41
CA ALA W 79 -34.02 -50.23 -1.42
C ALA W 79 -33.24 -49.89 -2.69
N GLN W 80 -32.00 -49.44 -2.52
CA GLN W 80 -31.12 -49.15 -3.64
C GLN W 80 -31.06 -50.34 -4.60
N ASP W 81 -31.06 -51.55 -4.04
CA ASP W 81 -31.09 -52.78 -4.82
C ASP W 81 -32.35 -52.93 -5.66
N PHE W 82 -33.39 -52.15 -5.36
CA PHE W 82 -34.63 -52.23 -6.13
C PHE W 82 -34.78 -51.03 -7.06
N LYS W 83 -34.30 -49.87 -6.62
CA LYS W 83 -34.31 -48.67 -7.45
C LYS W 83 -33.30 -47.63 -6.98
N THR W 84 -32.67 -46.97 -7.95
CA THR W 84 -31.58 -46.04 -7.71
C THR W 84 -32.09 -44.61 -7.50
N ASP W 85 -31.27 -43.79 -6.84
CA ASP W 85 -31.55 -42.35 -6.67
C ASP W 85 -32.94 -42.18 -6.06
N LEU W 86 -33.10 -42.68 -4.83
CA LEU W 86 -34.38 -42.66 -4.12
C LEU W 86 -34.32 -41.86 -2.84
N ARG W 87 -35.45 -41.29 -2.47
CA ARG W 87 -35.57 -40.55 -1.22
C ARG W 87 -36.63 -41.14 -0.31
N PHE W 88 -36.42 -41.07 0.99
CA PHE W 88 -37.37 -41.62 1.95
C PHE W 88 -37.94 -40.60 2.93
N GLN W 89 -39.27 -40.59 3.05
CA GLN W 89 -39.97 -39.70 3.95
C GLN W 89 -39.58 -40.26 5.32
N SER W 90 -39.30 -39.39 6.27
CA SER W 90 -38.83 -39.84 7.57
C SER W 90 -39.91 -40.52 8.38
N ALA W 91 -41.16 -40.10 8.21
CA ALA W 91 -42.28 -40.76 8.87
C ALA W 91 -42.45 -42.18 8.35
N ALA W 92 -42.19 -42.38 7.06
CA ALA W 92 -42.21 -43.72 6.49
C ALA W 92 -41.11 -44.58 7.08
N ILE W 93 -39.97 -43.97 7.36
CA ILE W 93 -38.86 -44.67 7.98
C ILE W 93 -39.24 -45.11 9.38
N GLY W 94 -39.90 -44.23 10.13
CA GLY W 94 -40.41 -44.61 11.45
C GLY W 94 -41.44 -45.71 11.38
N ALA W 95 -42.25 -45.72 10.31
CA ALA W 95 -43.25 -46.77 10.11
C ALA W 95 -42.59 -48.12 9.90
N LEU W 96 -41.60 -48.16 9.00
CA LEU W 96 -40.80 -49.36 8.78
C LEU W 96 -40.15 -49.85 10.07
N GLN W 97 -39.64 -48.91 10.86
CA GLN W 97 -38.96 -49.26 12.11
C GLN W 97 -39.92 -49.88 13.11
N GLU W 98 -41.08 -49.26 13.29
CA GLU W 98 -42.10 -49.77 14.17
C GLU W 98 -42.56 -51.17 13.78
N ALA W 99 -42.89 -51.34 12.50
CA ALA W 99 -43.44 -52.61 12.01
C ALA W 99 -42.42 -53.71 12.13
N SER W 100 -41.16 -53.38 11.84
CA SER W 100 -40.09 -54.36 11.92
C SER W 100 -39.88 -54.80 13.36
N GLU W 101 -39.85 -53.85 14.30
CA GLU W 101 -39.57 -54.22 15.68
C GLU W 101 -40.69 -55.02 16.29
N ALA W 102 -41.94 -54.65 16.04
CA ALA W 102 -43.06 -55.42 16.59
C ALA W 102 -43.11 -56.82 15.99
N TYR W 103 -42.87 -56.91 14.68
CA TYR W 103 -42.79 -58.18 13.96
C TYR W 103 -41.79 -59.12 14.59
N LEU W 104 -40.56 -58.65 14.78
CA LEU W 104 -39.54 -59.47 15.37
C LEU W 104 -39.83 -59.83 16.82
N VAL W 105 -40.46 -58.93 17.58
CA VAL W 105 -40.78 -59.24 18.97
C VAL W 105 -41.79 -60.37 19.06
N GLY W 106 -42.84 -60.32 18.22
CA GLY W 106 -43.83 -61.38 18.24
C GLY W 106 -43.28 -62.71 17.79
N LEU W 107 -42.41 -62.67 16.76
CA LEU W 107 -41.80 -63.91 16.30
C LEU W 107 -40.87 -64.48 17.35
N PHE W 108 -40.21 -63.62 18.12
CA PHE W 108 -39.48 -64.08 19.29
C PHE W 108 -40.36 -64.71 20.33
N GLU W 109 -41.56 -64.19 20.53
CA GLU W 109 -42.45 -64.75 21.54
C GLU W 109 -42.82 -66.18 21.18
N ASP W 110 -43.19 -66.40 19.91
CA ASP W 110 -43.50 -67.77 19.49
C ASP W 110 -42.28 -68.67 19.55
N THR W 111 -41.10 -68.15 19.21
CA THR W 111 -39.89 -68.96 19.27
C THR W 111 -39.54 -69.33 20.70
N ASN W 112 -39.74 -68.40 21.62
CA ASN W 112 -39.49 -68.63 23.03
C ASN W 112 -40.43 -69.69 23.56
N LEU W 113 -41.70 -69.63 23.17
CA LEU W 113 -42.64 -70.65 23.63
C LEU W 113 -42.32 -72.01 23.02
N CYS W 114 -41.78 -72.03 21.80
CA CYS W 114 -41.28 -73.28 21.23
C CYS W 114 -40.20 -73.89 22.08
N ALA W 115 -39.24 -73.06 22.50
CA ALA W 115 -38.13 -73.58 23.30
C ALA W 115 -38.59 -74.03 24.68
N ILE W 116 -39.55 -73.32 25.27
CA ILE W 116 -40.13 -73.72 26.54
C ILE W 116 -40.81 -75.06 26.41
N HIS W 117 -41.48 -75.30 25.28
CA HIS W 117 -42.00 -76.61 24.99
C HIS W 117 -40.89 -77.63 24.79
N ALA W 118 -39.74 -77.19 24.32
CA ALA W 118 -38.64 -78.09 23.99
C ALA W 118 -37.82 -78.51 25.21
N LYS W 119 -38.37 -78.35 26.41
CA LYS W 119 -37.80 -78.81 27.67
C LYS W 119 -36.46 -78.11 27.94
N ARG W 120 -36.33 -76.89 27.44
CA ARG W 120 -35.11 -76.12 27.54
C ARG W 120 -35.47 -74.69 27.89
N VAL W 121 -34.44 -73.88 28.13
CA VAL W 121 -34.62 -72.47 28.38
C VAL W 121 -33.98 -71.60 27.32
N THR W 122 -32.88 -72.04 26.72
CA THR W 122 -32.13 -71.22 25.80
C THR W 122 -32.67 -71.40 24.39
N ILE W 123 -32.64 -70.32 23.61
CA ILE W 123 -33.08 -70.39 22.23
C ILE W 123 -32.06 -71.15 21.38
N MET W 124 -32.53 -71.58 20.22
CA MET W 124 -31.70 -72.22 19.19
C MET W 124 -32.14 -71.66 17.86
N PRO W 125 -31.29 -71.68 16.84
CA PRO W 125 -31.73 -71.27 15.51
C PRO W 125 -32.74 -72.21 14.90
N LYS W 126 -32.65 -73.50 15.24
CA LYS W 126 -33.64 -74.47 14.80
C LYS W 126 -35.02 -74.15 15.32
N ASP W 127 -35.11 -73.45 16.45
CA ASP W 127 -36.39 -73.02 16.98
C ASP W 127 -37.03 -71.98 16.06
N ILE W 128 -36.21 -71.06 15.57
CA ILE W 128 -36.69 -70.06 14.62
C ILE W 128 -37.14 -70.74 13.34
N GLN W 129 -36.40 -71.77 12.93
CA GLN W 129 -36.79 -72.53 11.75
C GLN W 129 -38.11 -73.23 11.96
N LEU W 130 -38.34 -73.76 13.16
CA LEU W 130 -39.60 -74.43 13.46
C LEU W 130 -40.76 -73.46 13.43
N ALA W 131 -40.58 -72.30 14.05
CA ALA W 131 -41.65 -71.31 14.10
C ALA W 131 -41.97 -70.78 12.71
N ARG W 132 -40.94 -70.52 11.92
CA ARG W 132 -41.15 -70.06 10.56
C ARG W 132 -41.79 -71.12 9.69
N ARG W 133 -41.44 -72.39 9.94
CA ARG W 133 -42.04 -73.50 9.22
C ARG W 133 -43.51 -73.65 9.56
N ILE W 134 -43.88 -73.27 10.77
CA ILE W 134 -45.30 -73.27 11.11
C ILE W 134 -46.02 -72.10 10.43
N ARG W 135 -45.41 -70.90 10.48
CA ARG W 135 -46.08 -69.77 9.85
C ARG W 135 -46.07 -69.84 8.33
N GLY W 136 -45.01 -70.34 7.72
CA GLY W 136 -45.01 -70.54 6.28
C GLY W 136 -44.34 -69.46 5.47
N GLU W 137 -43.29 -68.83 5.99
CA GLU W 137 -42.52 -67.92 5.17
C GLU W 137 -41.72 -68.68 4.12
N ARG W 138 -40.76 -69.47 4.57
CA ARG W 138 -40.02 -70.36 3.70
C ARG W 138 -40.92 -71.52 3.29
N ALA W 139 -40.69 -72.08 2.11
CA ALA W 139 -41.29 -73.34 1.74
C ALA W 139 -40.76 -74.45 2.65
N ASN X 29 -22.92 -53.00 6.74
CA ASN X 29 -24.05 -53.32 5.88
C ASN X 29 -25.18 -53.87 6.73
N ILE X 30 -25.41 -55.18 6.60
CA ILE X 30 -26.33 -55.88 7.48
C ILE X 30 -25.76 -55.98 8.89
N GLN X 31 -24.44 -55.81 9.04
CA GLN X 31 -23.77 -55.91 10.32
C GLN X 31 -23.91 -54.65 11.15
N GLY X 32 -24.75 -53.71 10.72
CA GLY X 32 -25.11 -52.59 11.56
C GLY X 32 -26.08 -52.95 12.67
N ILE X 33 -26.58 -54.19 12.66
CA ILE X 33 -27.44 -54.67 13.72
C ILE X 33 -26.57 -55.12 14.87
N THR X 34 -26.67 -54.45 16.01
CA THR X 34 -25.83 -54.83 17.14
C THR X 34 -26.42 -56.03 17.87
N LYS X 35 -25.53 -56.79 18.52
CA LYS X 35 -25.94 -57.84 19.44
C LYS X 35 -26.91 -57.37 20.55
N PRO X 36 -26.66 -56.27 21.29
CA PRO X 36 -27.66 -55.89 22.31
C PRO X 36 -28.96 -55.39 21.74
N ALA X 37 -29.02 -55.06 20.45
CA ALA X 37 -30.31 -54.73 19.84
C ALA X 37 -31.21 -55.96 19.78
N ILE X 38 -30.69 -57.07 19.25
CA ILE X 38 -31.48 -58.29 19.19
C ILE X 38 -31.70 -58.84 20.59
N ARG X 39 -30.78 -58.55 21.51
CA ARG X 39 -31.03 -58.87 22.92
C ARG X 39 -32.22 -58.09 23.48
N ARG X 40 -32.29 -56.78 23.16
CA ARG X 40 -33.44 -55.99 23.59
C ARG X 40 -34.72 -56.48 22.93
N LEU X 41 -34.60 -56.99 21.70
CA LEU X 41 -35.72 -57.64 21.04
C LEU X 41 -36.17 -58.89 21.79
N ALA X 42 -35.23 -59.63 22.35
CA ALA X 42 -35.61 -60.74 23.20
C ALA X 42 -36.24 -60.26 24.49
N ARG X 43 -35.80 -59.10 24.98
CA ARG X 43 -36.28 -58.61 26.26
C ARG X 43 -37.72 -58.11 26.16
N ARG X 44 -38.05 -57.36 25.11
CA ARG X 44 -39.44 -56.96 24.93
C ARG X 44 -40.29 -58.16 24.52
N GLY X 45 -39.69 -59.12 23.82
CA GLY X 45 -40.33 -60.41 23.70
C GLY X 45 -40.41 -61.16 25.01
N GLY X 46 -39.50 -60.89 25.92
CA GLY X 46 -39.46 -61.56 27.19
C GLY X 46 -38.69 -62.84 27.19
N VAL X 47 -37.57 -62.90 26.51
CA VAL X 47 -36.83 -64.14 26.35
C VAL X 47 -35.59 -64.07 27.22
N LYS X 48 -35.28 -65.17 27.90
CA LYS X 48 -34.26 -65.12 28.94
C LYS X 48 -32.87 -65.41 28.40
N ARG X 49 -32.65 -66.59 27.84
CA ARG X 49 -31.29 -67.07 27.63
C ARG X 49 -31.01 -67.29 26.16
N ILE X 50 -29.84 -66.85 25.72
CA ILE X 50 -29.55 -66.57 24.31
C ILE X 50 -28.40 -67.45 23.84
N SER X 51 -28.54 -68.02 22.64
CA SER X 51 -27.47 -68.80 22.02
C SER X 51 -26.58 -67.96 21.10
N GLY X 52 -25.79 -68.62 20.26
CA GLY X 52 -24.83 -67.94 19.41
C GLY X 52 -25.27 -67.56 18.02
N LEU X 53 -25.70 -68.53 17.20
CA LEU X 53 -25.97 -68.33 15.77
C LEU X 53 -27.25 -67.55 15.51
N ILE X 54 -28.00 -67.32 16.59
CA ILE X 54 -29.20 -66.48 16.67
C ILE X 54 -29.04 -65.17 15.95
N TYR X 55 -27.86 -64.54 16.09
CA TYR X 55 -27.66 -63.18 15.64
C TYR X 55 -27.71 -63.10 14.12
N GLU X 56 -26.95 -63.96 13.46
CA GLU X 56 -26.87 -63.94 12.01
C GLU X 56 -28.17 -64.46 11.41
N GLU X 57 -28.79 -65.44 12.08
CA GLU X 57 -30.08 -65.92 11.61
C GLU X 57 -31.14 -64.82 11.68
N THR X 58 -31.08 -64.00 12.73
CA THR X 58 -32.00 -62.90 12.91
C THR X 58 -31.84 -61.87 11.82
N ARG X 59 -30.59 -61.51 11.54
CA ARG X 59 -30.30 -60.54 10.48
C ARG X 59 -30.80 -61.04 9.14
N GLY X 60 -30.68 -62.34 8.90
CA GLY X 60 -31.17 -62.88 7.63
C GLY X 60 -32.68 -62.81 7.47
N VAL X 61 -33.41 -63.18 8.52
CA VAL X 61 -34.86 -63.18 8.38
C VAL X 61 -35.39 -61.74 8.30
N LEU X 62 -34.78 -60.84 9.08
CA LEU X 62 -35.11 -59.42 8.99
C LEU X 62 -34.86 -58.89 7.59
N LYS X 63 -33.78 -59.36 6.96
CA LYS X 63 -33.44 -58.92 5.61
C LYS X 63 -34.51 -59.32 4.62
N VAL X 64 -34.94 -60.59 4.65
CA VAL X 64 -35.92 -61.07 3.68
C VAL X 64 -37.26 -60.36 3.88
N PHE X 65 -37.61 -60.12 5.14
CA PHE X 65 -38.80 -59.35 5.51
C PHE X 65 -38.80 -57.97 4.85
N LEU X 66 -37.72 -57.21 5.10
CA LEU X 66 -37.60 -55.89 4.52
C LEU X 66 -37.50 -55.92 3.00
N GLU X 67 -36.95 -57.02 2.45
CA GLU X 67 -36.85 -57.18 1.00
C GLU X 67 -38.22 -57.18 0.35
N ASN X 68 -39.12 -58.04 0.83
CA ASN X 68 -40.46 -58.09 0.24
C ASN X 68 -41.21 -56.79 0.46
N VAL X 69 -41.08 -56.22 1.66
CA VAL X 69 -41.80 -55.00 2.02
C VAL X 69 -41.39 -53.85 1.12
N ILE X 70 -40.09 -53.59 1.05
CA ILE X 70 -39.64 -52.42 0.32
C ILE X 70 -39.71 -52.65 -1.18
N ARG X 71 -39.69 -53.92 -1.63
CA ARG X 71 -39.90 -54.20 -3.05
C ARG X 71 -41.28 -53.76 -3.51
N ASP X 72 -42.32 -54.21 -2.82
CA ASP X 72 -43.64 -53.77 -3.28
C ASP X 72 -43.92 -52.32 -2.92
N ALA X 73 -43.20 -51.76 -1.95
CA ALA X 73 -43.32 -50.34 -1.68
C ALA X 73 -42.80 -49.50 -2.84
N VAL X 74 -41.63 -49.89 -3.36
CA VAL X 74 -41.09 -49.19 -4.51
C VAL X 74 -41.91 -49.51 -5.75
N THR X 75 -42.62 -50.63 -5.77
CA THR X 75 -43.56 -50.88 -6.85
C THR X 75 -44.71 -49.87 -6.82
N TYR X 76 -45.25 -49.62 -5.63
CA TYR X 76 -46.24 -48.55 -5.44
C TYR X 76 -45.72 -47.21 -5.91
N THR X 77 -44.48 -46.90 -5.57
CA THR X 77 -43.97 -45.58 -5.92
C THR X 77 -43.63 -45.50 -7.41
N GLU X 78 -43.29 -46.64 -8.01
CA GLU X 78 -43.17 -46.74 -9.46
C GLU X 78 -44.46 -46.38 -10.15
N HIS X 79 -45.58 -46.89 -9.63
CA HIS X 79 -46.84 -46.46 -10.22
C HIS X 79 -47.15 -45.01 -9.90
N ALA X 80 -46.63 -44.50 -8.78
CA ALA X 80 -46.85 -43.12 -8.42
C ALA X 80 -46.16 -42.12 -9.33
N LYS X 81 -45.19 -42.57 -10.14
CA LYS X 81 -44.39 -41.75 -11.06
C LYS X 81 -43.63 -40.65 -10.33
N ARG X 82 -43.33 -40.88 -9.06
CA ARG X 82 -42.71 -39.88 -8.21
C ARG X 82 -41.49 -40.47 -7.56
N LYS X 83 -40.61 -39.61 -7.10
CA LYS X 83 -39.27 -40.02 -6.72
C LYS X 83 -39.09 -40.19 -5.23
N THR X 84 -40.16 -40.17 -4.46
CA THR X 84 -40.11 -40.42 -3.03
C THR X 84 -41.21 -41.40 -2.68
N VAL X 85 -40.85 -42.46 -1.96
CA VAL X 85 -41.85 -43.41 -1.51
C VAL X 85 -42.67 -42.76 -0.41
N THR X 86 -43.99 -42.82 -0.55
CA THR X 86 -44.85 -42.22 0.44
C THR X 86 -44.96 -43.14 1.64
N ALA X 87 -45.24 -42.54 2.79
CA ALA X 87 -45.61 -43.33 3.95
C ALA X 87 -46.92 -44.07 3.70
N MET X 88 -47.80 -43.47 2.91
CA MET X 88 -49.04 -44.11 2.51
C MET X 88 -48.79 -45.42 1.80
N ASP X 89 -47.85 -45.41 0.85
CA ASP X 89 -47.52 -46.62 0.09
C ASP X 89 -46.93 -47.69 0.98
N VAL X 90 -46.14 -47.29 1.97
CA VAL X 90 -45.64 -48.23 2.97
C VAL X 90 -46.79 -48.89 3.70
N VAL X 91 -47.76 -48.08 4.10
CA VAL X 91 -48.91 -48.60 4.82
C VAL X 91 -49.71 -49.55 3.94
N TYR X 92 -49.92 -49.17 2.68
CA TYR X 92 -50.71 -50.01 1.81
C TYR X 92 -49.99 -51.30 1.45
N ALA X 93 -48.65 -51.25 1.39
CA ALA X 93 -47.90 -52.47 1.14
C ALA X 93 -47.99 -53.40 2.34
N LEU X 94 -47.98 -52.83 3.54
CA LEU X 94 -48.21 -53.64 4.73
C LEU X 94 -49.60 -54.27 4.70
N LYS X 95 -50.59 -53.53 4.22
CA LYS X 95 -51.92 -54.11 4.03
C LYS X 95 -51.88 -55.24 3.00
N ARG X 96 -51.04 -55.07 1.98
CA ARG X 96 -50.97 -56.07 0.92
C ARG X 96 -50.32 -57.34 1.43
N GLN X 97 -49.42 -57.24 2.40
CA GLN X 97 -48.97 -58.44 3.07
C GLN X 97 -49.80 -58.81 4.27
N GLY X 98 -50.97 -58.20 4.45
CA GLY X 98 -51.82 -58.54 5.57
C GLY X 98 -51.24 -58.15 6.90
N ARG X 99 -50.53 -57.04 6.95
CA ARG X 99 -49.77 -56.63 8.11
C ARG X 99 -50.19 -55.23 8.52
N THR X 100 -51.50 -55.08 8.68
CA THR X 100 -52.10 -53.77 8.83
C THR X 100 -51.66 -53.08 10.10
N LEU X 101 -51.10 -51.88 9.93
CA LEU X 101 -50.56 -51.07 11.00
C LEU X 101 -51.27 -49.74 11.01
N TYR X 102 -51.79 -49.36 12.17
CA TYR X 102 -52.45 -48.08 12.34
C TYR X 102 -51.41 -47.00 12.60
N GLY X 103 -51.88 -45.86 13.09
CA GLY X 103 -51.02 -44.88 13.67
C GLY X 103 -50.56 -43.78 12.75
N PHE X 104 -50.17 -44.11 11.53
CA PHE X 104 -49.52 -43.12 10.68
C PHE X 104 -50.37 -42.76 9.49
N GLY X 105 -51.68 -42.65 9.67
CA GLY X 105 -52.57 -42.27 8.60
C GLY X 105 -52.71 -43.35 7.55
N GLY X 106 -53.46 -44.40 7.86
CA GLY X 106 -53.67 -45.48 6.91
C GLY X 106 -55.11 -45.88 6.72
N ALA Y 18 -59.72 -58.93 -39.23
CA ALA Y 18 -60.25 -59.65 -38.09
C ALA Y 18 -61.38 -58.88 -37.42
N LYS Y 19 -62.58 -59.47 -37.42
CA LYS Y 19 -63.72 -58.81 -36.79
C LYS Y 19 -63.59 -58.81 -35.27
N THR Y 20 -63.34 -59.99 -34.71
CA THR Y 20 -63.29 -60.12 -33.25
C THR Y 20 -61.98 -59.62 -32.69
N ARG Y 21 -62.05 -58.96 -31.54
CA ARG Y 21 -60.87 -58.45 -30.86
C ARG Y 21 -59.96 -59.56 -30.38
N SER Y 22 -60.50 -60.74 -30.14
CA SER Y 22 -59.67 -61.89 -29.79
C SER Y 22 -58.77 -62.27 -30.97
N SER Y 23 -59.33 -62.24 -32.18
CA SER Y 23 -58.49 -62.44 -33.35
C SER Y 23 -57.60 -61.23 -33.59
N ARG Y 24 -58.05 -60.04 -33.19
CA ARG Y 24 -57.20 -58.87 -33.28
C ARG Y 24 -56.10 -58.87 -32.23
N ALA Y 25 -56.23 -59.70 -31.20
CA ALA Y 25 -55.16 -59.89 -30.24
C ALA Y 25 -54.40 -61.18 -30.46
N GLY Y 26 -54.92 -62.09 -31.27
CA GLY Y 26 -54.26 -63.37 -31.49
C GLY Y 26 -54.24 -64.25 -30.26
N LEU Y 27 -55.22 -64.12 -29.40
CA LEU Y 27 -55.25 -64.79 -28.12
C LEU Y 27 -56.44 -65.73 -28.06
N GLN Y 28 -56.72 -66.25 -26.87
CA GLN Y 28 -57.76 -67.26 -26.73
C GLN Y 28 -58.87 -66.88 -25.76
N PHE Y 29 -58.81 -65.71 -25.14
CA PHE Y 29 -59.83 -65.33 -24.17
C PHE Y 29 -60.74 -64.25 -24.74
N PRO Y 30 -62.00 -64.17 -24.31
CA PRO Y 30 -62.87 -63.08 -24.77
C PRO Y 30 -62.61 -61.80 -23.99
N VAL Y 31 -62.23 -60.75 -24.70
CA VAL Y 31 -61.85 -59.52 -24.02
C VAL Y 31 -63.07 -58.75 -23.58
N GLY Y 32 -64.08 -58.66 -24.44
CA GLY Y 32 -65.27 -57.89 -24.10
C GLY Y 32 -66.06 -58.50 -22.97
N ARG Y 33 -65.94 -59.82 -22.80
CA ARG Y 33 -66.28 -60.49 -21.55
C ARG Y 33 -65.65 -59.79 -20.37
N VAL Y 34 -64.33 -59.61 -20.40
CA VAL Y 34 -63.61 -59.05 -19.28
C VAL Y 34 -63.98 -57.59 -19.08
N HIS Y 35 -64.19 -56.88 -20.17
CA HIS Y 35 -64.58 -55.47 -20.08
C HIS Y 35 -65.96 -55.33 -19.46
N ARG Y 36 -66.87 -56.26 -19.77
CA ARG Y 36 -68.18 -56.22 -19.15
C ARG Y 36 -68.09 -56.61 -17.68
N LEU Y 37 -67.19 -57.56 -17.38
CA LEU Y 37 -66.91 -57.94 -16.00
C LEU Y 37 -66.40 -56.76 -15.20
N LEU Y 38 -65.54 -55.96 -15.81
CA LEU Y 38 -65.08 -54.74 -15.18
C LEU Y 38 -66.21 -53.74 -15.03
N ARG Y 39 -67.06 -53.63 -16.04
CA ARG Y 39 -68.21 -52.73 -15.96
C ARG Y 39 -69.22 -53.25 -14.96
N LYS Y 40 -69.60 -54.52 -15.06
CA LYS Y 40 -70.45 -55.15 -14.04
C LYS Y 40 -69.60 -55.68 -12.90
N GLY Y 41 -68.77 -54.81 -12.35
CA GLY Y 41 -67.93 -55.20 -11.24
C GLY Y 41 -68.05 -54.20 -10.11
N ASN Y 42 -68.53 -53.00 -10.45
CA ASN Y 42 -68.36 -51.81 -9.61
C ASN Y 42 -66.90 -51.65 -9.21
N TYR Y 43 -66.04 -51.75 -10.21
CA TYR Y 43 -64.61 -51.71 -10.00
C TYR Y 43 -64.06 -50.30 -10.16
N SER Y 44 -64.17 -49.74 -11.36
CA SER Y 44 -63.91 -48.33 -11.59
C SER Y 44 -65.18 -47.71 -12.14
N GLU Y 45 -65.13 -46.42 -12.47
CA GLU Y 45 -66.25 -45.85 -13.18
C GLU Y 45 -66.10 -46.03 -14.68
N ARG Y 46 -64.91 -45.75 -15.21
CA ARG Y 46 -64.66 -46.01 -16.60
C ARG Y 46 -63.49 -46.98 -16.73
N VAL Y 47 -63.45 -47.67 -17.86
CA VAL Y 47 -62.43 -48.66 -18.15
C VAL Y 47 -61.90 -48.40 -19.55
N GLY Y 48 -60.58 -48.25 -19.65
CA GLY Y 48 -59.94 -48.01 -20.92
C GLY Y 48 -59.91 -49.24 -21.83
N ALA Y 49 -59.18 -49.09 -22.93
CA ALA Y 49 -59.17 -50.10 -23.98
C ALA Y 49 -58.02 -51.09 -23.84
N GLY Y 50 -56.94 -50.73 -23.17
CA GLY Y 50 -55.77 -51.58 -23.17
C GLY Y 50 -55.67 -52.47 -21.95
N ALA Y 51 -56.17 -51.97 -20.82
CA ALA Y 51 -56.23 -52.77 -19.60
C ALA Y 51 -56.92 -54.13 -19.72
N PRO Y 52 -58.10 -54.31 -20.37
CA PRO Y 52 -58.69 -55.65 -20.41
C PRO Y 52 -57.89 -56.61 -21.25
N VAL Y 53 -57.34 -56.12 -22.36
CA VAL Y 53 -56.45 -56.92 -23.18
C VAL Y 53 -55.22 -57.34 -22.38
N TYR Y 54 -54.67 -56.40 -21.60
CA TYR Y 54 -53.45 -56.63 -20.84
C TYR Y 54 -53.68 -57.70 -19.78
N LEU Y 55 -54.79 -57.58 -19.06
CA LEU Y 55 -55.10 -58.52 -18.01
C LEU Y 55 -55.42 -59.90 -18.56
N ALA Y 56 -56.13 -59.95 -19.69
CA ALA Y 56 -56.43 -61.23 -20.30
C ALA Y 56 -55.18 -61.93 -20.78
N ALA Y 57 -54.21 -61.17 -21.29
CA ALA Y 57 -52.94 -61.76 -21.69
C ALA Y 57 -52.19 -62.31 -20.48
N VAL Y 58 -52.25 -61.60 -19.36
CA VAL Y 58 -51.62 -62.10 -18.14
C VAL Y 58 -52.27 -63.41 -17.70
N LEU Y 59 -53.60 -63.47 -17.78
CA LEU Y 59 -54.34 -64.68 -17.44
C LEU Y 59 -53.94 -65.84 -18.33
N GLU Y 60 -53.81 -65.57 -19.62
CA GLU Y 60 -53.46 -66.60 -20.58
C GLU Y 60 -52.06 -67.13 -20.35
N TYR Y 61 -51.13 -66.23 -19.98
CA TYR Y 61 -49.79 -66.66 -19.62
C TYR Y 61 -49.80 -67.53 -18.37
N LEU Y 62 -50.61 -67.15 -17.38
CA LEU Y 62 -50.66 -67.92 -16.14
C LEU Y 62 -51.21 -69.31 -16.37
N THR Y 63 -52.25 -69.41 -17.21
CA THR Y 63 -52.80 -70.69 -17.57
C THR Y 63 -51.76 -71.58 -18.24
N ALA Y 64 -51.08 -71.05 -19.26
CA ALA Y 64 -50.11 -71.85 -19.99
C ALA Y 64 -48.94 -72.26 -19.11
N GLU Y 65 -48.51 -71.35 -18.24
CA GLU Y 65 -47.38 -71.60 -17.36
C GLU Y 65 -47.67 -72.70 -16.36
N ILE Y 66 -48.85 -72.68 -15.74
CA ILE Y 66 -49.12 -73.69 -14.74
C ILE Y 66 -49.51 -75.01 -15.41
N LEU Y 67 -50.16 -74.93 -16.56
CA LEU Y 67 -50.47 -76.15 -17.29
C LEU Y 67 -49.23 -76.85 -17.83
N GLU Y 68 -48.12 -76.14 -17.99
CA GLU Y 68 -46.85 -76.83 -18.26
C GLU Y 68 -46.50 -77.80 -17.14
N LEU Y 69 -46.51 -77.32 -15.89
CA LEU Y 69 -46.20 -78.18 -14.76
C LEU Y 69 -47.26 -79.25 -14.58
N ALA Y 70 -48.48 -78.93 -14.96
CA ALA Y 70 -49.55 -79.93 -14.96
C ALA Y 70 -49.27 -81.03 -15.96
N GLY Y 71 -48.81 -80.68 -17.16
CA GLY Y 71 -48.54 -81.67 -18.17
C GLY Y 71 -47.42 -82.61 -17.78
N ASN Y 72 -46.33 -82.05 -17.23
CA ASN Y 72 -45.23 -82.91 -16.78
C ASN Y 72 -45.63 -83.75 -15.59
N ALA Y 73 -46.40 -83.18 -14.66
CA ALA Y 73 -46.77 -83.93 -13.46
C ALA Y 73 -47.76 -85.04 -13.79
N ALA Y 74 -48.64 -84.83 -14.77
CA ALA Y 74 -49.53 -85.91 -15.19
C ALA Y 74 -48.79 -86.95 -16.01
N ARG Y 75 -47.79 -86.52 -16.77
CA ARG Y 75 -46.99 -87.45 -17.57
C ARG Y 75 -46.09 -88.30 -16.69
N ASP Y 76 -45.88 -87.88 -15.43
CA ASP Y 76 -45.11 -88.68 -14.48
C ASP Y 76 -45.73 -90.05 -14.18
N ASN Y 77 -47.03 -90.23 -14.46
CA ASN Y 77 -47.72 -91.44 -14.05
C ASN Y 77 -48.43 -92.15 -15.20
N LYS Y 78 -48.05 -91.86 -16.44
CA LYS Y 78 -48.54 -92.54 -17.65
C LYS Y 78 -50.05 -92.42 -17.79
N LYS Y 79 -50.57 -91.24 -17.44
CA LYS Y 79 -51.99 -91.01 -17.50
C LYS Y 79 -52.26 -89.76 -18.33
N THR Y 80 -53.17 -89.90 -19.29
CA THR Y 80 -53.42 -88.83 -20.24
C THR Y 80 -54.19 -87.69 -19.58
N ARG Y 81 -54.92 -88.00 -18.51
CA ARG Y 81 -55.82 -87.03 -17.91
C ARG Y 81 -55.21 -86.42 -16.66
N ILE Y 82 -55.38 -85.12 -16.48
CA ILE Y 82 -54.89 -84.43 -15.29
C ILE Y 82 -55.87 -84.69 -14.16
N ILE Y 83 -55.34 -85.10 -13.00
CA ILE Y 83 -56.18 -85.30 -11.84
C ILE Y 83 -55.86 -84.17 -10.88
N PRO Y 84 -56.68 -83.92 -9.86
CA PRO Y 84 -56.32 -82.86 -8.89
C PRO Y 84 -55.05 -83.11 -8.13
N ARG Y 85 -54.72 -84.38 -7.85
CA ARG Y 85 -53.48 -84.71 -7.18
C ARG Y 85 -52.27 -84.27 -8.00
N HIS Y 86 -52.37 -84.40 -9.32
CA HIS Y 86 -51.36 -83.87 -10.22
C HIS Y 86 -51.18 -82.38 -10.03
N LEU Y 87 -52.29 -81.65 -9.92
CA LEU Y 87 -52.22 -80.21 -9.82
C LEU Y 87 -51.58 -79.79 -8.52
N GLN Y 88 -51.94 -80.46 -7.42
CA GLN Y 88 -51.34 -80.13 -6.14
C GLN Y 88 -49.86 -80.46 -6.12
N LEU Y 89 -49.48 -81.58 -6.74
CA LEU Y 89 -48.07 -81.95 -6.85
C LEU Y 89 -47.30 -80.93 -7.65
N ALA Y 90 -47.87 -80.49 -8.77
CA ALA Y 90 -47.18 -79.54 -9.62
C ALA Y 90 -47.07 -78.18 -8.95
N ILE Y 91 -48.05 -77.81 -8.13
CA ILE Y 91 -47.93 -76.57 -7.39
C ILE Y 91 -46.85 -76.68 -6.34
N ARG Y 92 -46.90 -77.72 -5.51
CA ARG Y 92 -45.94 -77.83 -4.42
C ARG Y 92 -44.53 -78.11 -4.91
N ASN Y 93 -44.38 -78.64 -6.10
CA ASN Y 93 -43.05 -78.80 -6.66
C ASN Y 93 -42.54 -77.50 -7.26
N ASP Y 94 -43.40 -76.52 -7.46
CA ASP Y 94 -42.95 -75.19 -7.83
C ASP Y 94 -42.59 -74.40 -6.58
N GLU Y 95 -41.77 -73.37 -6.76
CA GLU Y 95 -41.53 -72.45 -5.67
C GLU Y 95 -42.41 -71.22 -5.72
N GLU Y 96 -42.45 -70.53 -6.87
CA GLU Y 96 -43.26 -69.31 -6.97
C GLU Y 96 -44.74 -69.61 -6.84
N LEU Y 97 -45.20 -70.70 -7.42
CA LEU Y 97 -46.61 -71.05 -7.31
C LEU Y 97 -46.98 -71.49 -5.91
N ASN Y 98 -46.03 -72.07 -5.17
CA ASN Y 98 -46.35 -72.52 -3.81
C ASN Y 98 -46.45 -71.34 -2.86
N LYS Y 99 -45.56 -70.36 -3.02
CA LYS Y 99 -45.69 -69.14 -2.23
C LYS Y 99 -46.85 -68.31 -2.73
N LEU Y 100 -47.24 -68.48 -4.00
CA LEU Y 100 -48.50 -67.93 -4.46
C LEU Y 100 -49.68 -68.54 -3.73
N LEU Y 101 -49.74 -69.86 -3.71
CA LEU Y 101 -50.92 -70.55 -3.24
C LEU Y 101 -50.81 -71.01 -1.79
N GLY Y 102 -50.20 -70.18 -0.93
CA GLY Y 102 -49.90 -70.58 0.42
C GLY Y 102 -51.12 -70.74 1.29
N ARG Y 103 -52.07 -69.83 1.18
CA ARG Y 103 -53.33 -69.95 1.90
C ARG Y 103 -54.35 -70.79 1.14
N VAL Y 104 -53.92 -71.52 0.11
CA VAL Y 104 -54.82 -72.10 -0.86
C VAL Y 104 -54.81 -73.60 -0.73
N THR Y 105 -55.98 -74.22 -0.88
CA THR Y 105 -56.13 -75.65 -0.78
C THR Y 105 -56.93 -76.12 -1.98
N ILE Y 106 -56.54 -77.22 -2.54
CA ILE Y 106 -57.22 -77.84 -3.68
C ILE Y 106 -58.09 -78.97 -3.17
N ALA Y 107 -59.30 -79.07 -3.71
CA ALA Y 107 -60.11 -80.25 -3.46
C ALA Y 107 -59.45 -81.48 -4.07
N GLN Y 108 -59.56 -82.60 -3.36
CA GLN Y 108 -58.90 -83.86 -3.66
C GLN Y 108 -57.39 -83.71 -3.78
N GLY Y 109 -56.79 -82.88 -2.93
CA GLY Y 109 -55.37 -82.60 -3.04
C GLY Y 109 -54.44 -83.51 -2.26
N GLY Y 110 -54.56 -83.56 -0.94
CA GLY Y 110 -53.54 -84.17 -0.13
C GLY Y 110 -52.31 -83.29 -0.07
N VAL Y 111 -51.20 -83.86 0.37
CA VAL Y 111 -49.92 -83.16 0.45
C VAL Y 111 -48.81 -84.06 -0.07
N LEU Y 112 -47.58 -83.53 0.02
CA LEU Y 112 -46.41 -84.18 -0.55
C LEU Y 112 -46.00 -85.40 0.26
N PRO Y 113 -45.18 -86.28 -0.31
CA PRO Y 113 -44.53 -87.29 0.51
C PRO Y 113 -43.50 -86.64 1.42
N ASN Y 114 -43.82 -86.57 2.70
CA ASN Y 114 -42.89 -86.05 3.69
C ASN Y 114 -42.57 -87.19 4.65
N ILE Y 115 -41.63 -88.03 4.26
CA ILE Y 115 -41.13 -89.10 5.11
C ILE Y 115 -39.87 -88.57 5.78
N GLN Y 116 -39.91 -88.45 7.10
CA GLN Y 116 -38.75 -87.94 7.81
C GLN Y 116 -37.68 -89.01 7.89
N ALA Y 117 -36.42 -88.57 7.99
CA ALA Y 117 -35.29 -89.48 7.95
C ALA Y 117 -35.19 -90.31 9.22
N VAL Y 118 -35.84 -89.86 10.29
CA VAL Y 118 -35.88 -90.61 11.55
C VAL Y 118 -36.82 -91.80 11.50
N LEU Y 119 -37.42 -92.10 10.35
CA LEU Y 119 -38.52 -93.05 10.30
C LEU Y 119 -38.17 -94.31 9.52
N LEU Y 120 -37.23 -94.23 8.58
CA LEU Y 120 -36.90 -95.40 7.78
C LEU Y 120 -36.14 -96.43 8.61
N PRO Y 121 -36.40 -97.72 8.41
CA PRO Y 121 -35.68 -98.75 9.17
C PRO Y 121 -34.22 -98.84 8.74
N LYS Y 122 -33.33 -98.40 9.61
CA LYS Y 122 -31.92 -98.29 9.30
C LYS Y 122 -31.11 -99.43 9.93
N LYS Z 38 -74.34 -70.15 -18.13
CA LYS Z 38 -73.44 -69.55 -17.16
C LYS Z 38 -72.05 -70.08 -17.44
N GLU Z 39 -71.24 -69.30 -18.15
CA GLU Z 39 -70.14 -69.87 -18.92
C GLU Z 39 -68.94 -70.20 -18.04
N SER Z 40 -68.34 -71.35 -18.31
CA SER Z 40 -67.04 -71.70 -17.79
C SER Z 40 -66.02 -71.53 -18.89
N TYR Z 41 -64.76 -71.86 -18.64
CA TYR Z 41 -63.69 -71.46 -19.56
C TYR Z 41 -63.09 -72.68 -20.25
N SER Z 42 -63.93 -73.65 -20.59
CA SER Z 42 -63.48 -75.03 -20.82
C SER Z 42 -62.68 -75.15 -22.11
N ILE Z 43 -63.23 -74.66 -23.21
CA ILE Z 43 -62.54 -74.80 -24.49
C ILE Z 43 -61.35 -73.88 -24.57
N TYR Z 44 -61.34 -72.82 -23.76
CA TYR Z 44 -60.15 -71.99 -23.62
C TYR Z 44 -59.02 -72.80 -23.05
N VAL Z 45 -59.32 -73.57 -22.00
CA VAL Z 45 -58.39 -74.51 -21.43
C VAL Z 45 -57.97 -75.57 -22.43
N TYR Z 46 -58.90 -76.06 -23.24
CA TYR Z 46 -58.57 -77.05 -24.26
C TYR Z 46 -57.59 -76.51 -25.27
N LYS Z 47 -57.76 -75.25 -25.67
CA LYS Z 47 -56.89 -74.69 -26.68
C LYS Z 47 -55.52 -74.34 -26.10
N VAL Z 48 -55.46 -73.89 -24.84
CA VAL Z 48 -54.17 -73.70 -24.18
C VAL Z 48 -53.43 -75.02 -24.05
N LEU Z 49 -54.18 -76.07 -23.69
CA LEU Z 49 -53.62 -77.38 -23.50
C LEU Z 49 -53.10 -77.96 -24.80
N LYS Z 50 -53.84 -77.78 -25.89
CA LYS Z 50 -53.36 -78.24 -27.19
C LYS Z 50 -52.20 -77.37 -27.68
N GLN Z 51 -52.10 -76.14 -27.22
CA GLN Z 51 -50.91 -75.35 -27.50
C GLN Z 51 -49.72 -75.73 -26.64
N VAL Z 52 -49.91 -76.52 -25.58
CA VAL Z 52 -48.75 -76.82 -24.75
C VAL Z 52 -48.44 -78.31 -24.75
N HIS Z 53 -49.33 -79.14 -24.21
CA HIS Z 53 -49.17 -80.58 -24.26
C HIS Z 53 -50.32 -81.14 -25.07
N PRO Z 54 -50.18 -81.22 -26.39
CA PRO Z 54 -51.36 -81.46 -27.24
C PRO Z 54 -51.88 -82.89 -27.25
N ASP Z 55 -51.39 -83.76 -26.38
CA ASP Z 55 -51.87 -85.14 -26.31
C ASP Z 55 -52.29 -85.46 -24.89
N THR Z 56 -53.08 -84.57 -24.30
CA THR Z 56 -53.34 -84.62 -22.87
C THR Z 56 -54.83 -84.45 -22.61
N GLY Z 57 -55.40 -85.38 -21.86
CA GLY Z 57 -56.78 -85.26 -21.44
C GLY Z 57 -56.88 -84.56 -20.10
N ILE Z 58 -58.11 -84.54 -19.58
CA ILE Z 58 -58.40 -83.82 -18.35
C ILE Z 58 -59.72 -84.37 -17.80
N SER Z 59 -59.86 -84.34 -16.48
CA SER Z 59 -61.12 -84.71 -15.85
C SER Z 59 -62.01 -83.49 -15.73
N SER Z 60 -63.26 -83.73 -15.33
CA SER Z 60 -64.20 -82.64 -15.13
C SER Z 60 -63.80 -81.76 -13.96
N LYS Z 61 -63.51 -82.38 -12.82
CA LYS Z 61 -63.27 -81.60 -11.63
C LYS Z 61 -61.93 -80.90 -11.67
N ALA Z 62 -60.99 -81.40 -12.48
CA ALA Z 62 -59.77 -80.67 -12.75
C ALA Z 62 -60.08 -79.34 -13.41
N MET Z 63 -60.95 -79.36 -14.42
CA MET Z 63 -61.42 -78.13 -15.05
C MET Z 63 -62.12 -77.22 -14.05
N GLY Z 64 -62.88 -77.81 -13.13
CA GLY Z 64 -63.54 -77.01 -12.11
C GLY Z 64 -62.57 -76.29 -11.20
N ILE Z 65 -61.51 -76.98 -10.79
CA ILE Z 65 -60.50 -76.36 -9.94
C ILE Z 65 -59.76 -75.29 -10.71
N MET Z 66 -59.52 -75.54 -12.00
CA MET Z 66 -58.86 -74.55 -12.84
C MET Z 66 -59.69 -73.28 -12.95
N ASN Z 67 -61.00 -73.41 -13.10
CA ASN Z 67 -61.80 -72.21 -13.28
C ASN Z 67 -61.97 -71.48 -11.95
N SER Z 68 -61.99 -72.25 -10.85
CA SER Z 68 -61.90 -71.67 -9.52
C SER Z 68 -60.65 -70.83 -9.37
N PHE Z 69 -59.53 -71.38 -9.81
CA PHE Z 69 -58.25 -70.70 -9.80
C PHE Z 69 -58.29 -69.41 -10.61
N VAL Z 70 -58.83 -69.50 -11.83
CA VAL Z 70 -58.82 -68.35 -12.73
C VAL Z 70 -59.68 -67.22 -12.17
N ASN Z 71 -60.83 -67.58 -11.60
CA ASN Z 71 -61.70 -66.58 -11.01
C ASN Z 71 -61.07 -65.92 -9.80
N ASP Z 72 -60.38 -66.71 -8.97
CA ASP Z 72 -59.67 -66.15 -7.81
C ASP Z 72 -58.62 -65.15 -8.26
N ILE Z 73 -57.83 -65.51 -9.25
CA ILE Z 73 -56.75 -64.64 -9.71
C ILE Z 73 -57.31 -63.37 -10.30
N PHE Z 74 -58.36 -63.49 -11.11
CA PHE Z 74 -59.00 -62.34 -11.71
C PHE Z 74 -59.55 -61.39 -10.66
N GLU Z 75 -60.19 -61.95 -9.64
CA GLU Z 75 -60.75 -61.12 -8.58
C GLU Z 75 -59.67 -60.43 -7.78
N ARG Z 76 -58.57 -61.12 -7.49
CA ARG Z 76 -57.51 -60.52 -6.70
C ARG Z 76 -56.84 -59.37 -7.43
N ILE Z 77 -56.57 -59.57 -8.73
CA ILE Z 77 -55.93 -58.53 -9.50
C ILE Z 77 -56.85 -57.33 -9.65
N ALA Z 78 -58.12 -57.60 -9.95
CA ALA Z 78 -59.06 -56.53 -10.20
C ALA Z 78 -59.30 -55.68 -8.96
N GLY Z 79 -59.44 -56.34 -7.81
CA GLY Z 79 -59.59 -55.60 -6.58
C GLY Z 79 -58.35 -54.83 -6.22
N GLU Z 80 -57.18 -55.38 -6.54
CA GLU Z 80 -55.96 -54.64 -6.27
C GLU Z 80 -55.85 -53.43 -7.18
N ALA Z 81 -56.35 -53.55 -8.41
CA ALA Z 81 -56.37 -52.41 -9.32
C ALA Z 81 -57.35 -51.35 -8.84
N SER Z 82 -58.47 -51.79 -8.25
CA SER Z 82 -59.41 -50.84 -7.70
C SER Z 82 -58.79 -50.12 -6.50
N ARG Z 83 -57.98 -50.84 -5.73
CA ARG Z 83 -57.19 -50.19 -4.68
C ARG Z 83 -56.20 -49.21 -5.28
N LEU Z 84 -55.63 -49.53 -6.44
CA LEU Z 84 -54.72 -48.58 -7.08
C LEU Z 84 -55.43 -47.30 -7.45
N ALA Z 85 -56.65 -47.42 -7.96
CA ALA Z 85 -57.44 -46.25 -8.32
C ALA Z 85 -57.76 -45.40 -7.10
N HIS Z 86 -58.34 -46.03 -6.08
CA HIS Z 86 -58.75 -45.25 -4.91
C HIS Z 86 -57.59 -44.77 -4.06
N TYR Z 87 -56.45 -45.47 -4.10
CA TYR Z 87 -55.27 -44.96 -3.43
C TYR Z 87 -54.58 -43.92 -4.28
N ASN Z 88 -54.98 -43.78 -5.54
CA ASN Z 88 -54.31 -42.85 -6.43
C ASN Z 88 -55.25 -41.86 -7.10
N LYS Z 89 -56.54 -41.89 -6.77
CA LYS Z 89 -57.55 -40.91 -7.19
C LYS Z 89 -57.66 -40.82 -8.71
N ARG Z 90 -57.42 -41.93 -9.38
CA ARG Z 90 -57.47 -41.97 -10.82
C ARG Z 90 -58.80 -42.60 -11.20
N SER Z 91 -59.61 -41.86 -11.94
CA SER Z 91 -61.01 -42.23 -12.13
C SER Z 91 -61.21 -43.37 -13.11
N THR Z 92 -60.15 -43.83 -13.76
CA THR Z 92 -60.24 -45.04 -14.56
C THR Z 92 -58.95 -45.82 -14.42
N ILE Z 93 -58.87 -46.92 -15.15
CA ILE Z 93 -57.75 -47.83 -15.08
C ILE Z 93 -57.30 -48.13 -16.50
N THR Z 94 -56.02 -47.91 -16.77
CA THR Z 94 -55.38 -48.30 -18.02
C THR Z 94 -54.53 -49.54 -17.78
N SER Z 95 -53.73 -49.89 -18.77
CA SER Z 95 -52.90 -51.08 -18.67
C SER Z 95 -51.74 -50.91 -17.70
N ARG Z 96 -51.29 -49.68 -17.44
CA ARG Z 96 -50.14 -49.45 -16.55
C ARG Z 96 -50.45 -49.87 -15.13
N GLU Z 97 -51.68 -49.60 -14.70
CA GLU Z 97 -52.18 -50.07 -13.41
C GLU Z 97 -52.18 -51.58 -13.35
N ILE Z 98 -52.50 -52.24 -14.46
CA ILE Z 98 -52.56 -53.68 -14.46
C ILE Z 98 -51.15 -54.26 -14.36
N GLN Z 99 -50.20 -53.60 -15.03
CA GLN Z 99 -48.80 -54.01 -14.94
C GLN Z 99 -48.29 -53.91 -13.52
N THR Z 100 -48.53 -52.77 -12.88
CA THR Z 100 -48.01 -52.64 -11.53
C THR Z 100 -48.75 -53.53 -10.54
N ALA Z 101 -50.01 -53.88 -10.81
CA ALA Z 101 -50.70 -54.79 -9.92
C ALA Z 101 -50.20 -56.21 -10.05
N VAL Z 102 -49.90 -56.63 -11.29
CA VAL Z 102 -49.30 -57.94 -11.50
C VAL Z 102 -47.93 -58.02 -10.86
N ARG Z 103 -47.19 -56.91 -10.85
CA ARG Z 103 -45.98 -56.82 -10.04
C ARG Z 103 -46.28 -57.01 -8.56
N LEU Z 104 -47.38 -56.42 -8.09
CA LEU Z 104 -47.67 -56.46 -6.65
C LEU Z 104 -48.12 -57.83 -6.20
N LEU Z 105 -48.65 -58.64 -7.10
CA LEU Z 105 -49.13 -59.95 -6.67
C LEU Z 105 -48.11 -61.04 -6.92
N LEU Z 106 -47.69 -61.21 -8.14
CA LEU Z 106 -46.84 -62.35 -8.38
C LEU Z 106 -45.38 -61.99 -8.12
N PRO Z 107 -44.60 -62.93 -7.61
CA PRO Z 107 -43.16 -62.69 -7.44
C PRO Z 107 -42.37 -62.72 -8.74
N GLY Z 108 -41.06 -62.50 -8.64
CA GLY Z 108 -40.16 -62.06 -9.70
C GLY Z 108 -40.19 -62.64 -11.10
N GLU Z 109 -39.91 -63.94 -11.25
CA GLU Z 109 -39.77 -64.54 -12.58
C GLU Z 109 -41.10 -64.56 -13.32
N LEU Z 110 -42.14 -65.04 -12.63
CA LEU Z 110 -43.50 -64.98 -13.13
C LEU Z 110 -43.90 -63.57 -13.50
N ALA Z 111 -43.53 -62.60 -12.67
CA ALA Z 111 -43.91 -61.22 -12.91
C ALA Z 111 -43.26 -60.68 -14.16
N LYS Z 112 -41.97 -60.97 -14.35
CA LYS Z 112 -41.26 -60.40 -15.48
C LYS Z 112 -41.73 -61.03 -16.78
N HIS Z 113 -41.93 -62.37 -16.77
CA HIS Z 113 -42.44 -63.03 -17.97
C HIS Z 113 -43.87 -62.61 -18.28
N ALA Z 114 -44.65 -62.32 -17.25
CA ALA Z 114 -46.02 -61.87 -17.49
C ALA Z 114 -46.04 -60.47 -18.06
N VAL Z 115 -45.17 -59.59 -17.56
CA VAL Z 115 -45.07 -58.23 -18.11
C VAL Z 115 -44.65 -58.30 -19.57
N SER Z 116 -43.74 -59.22 -19.89
CA SER Z 116 -43.30 -59.40 -21.26
C SER Z 116 -44.44 -59.83 -22.16
N GLU Z 117 -45.20 -60.83 -21.71
CA GLU Z 117 -46.30 -61.34 -22.52
C GLU Z 117 -47.39 -60.30 -22.70
N GLY Z 118 -47.66 -59.53 -21.65
CA GLY Z 118 -48.69 -58.50 -21.73
C GLY Z 118 -48.31 -57.39 -22.68
N THR Z 119 -47.06 -56.94 -22.61
CA THR Z 119 -46.63 -55.88 -23.51
C THR Z 119 -46.55 -56.37 -24.95
N LYS Z 120 -46.23 -57.65 -25.16
CA LYS Z 120 -46.23 -58.20 -26.51
C LYS Z 120 -47.64 -58.25 -27.08
N ALA Z 121 -48.61 -58.61 -26.24
CA ALA Z 121 -50.00 -58.58 -26.68
C ALA Z 121 -50.48 -57.17 -26.98
N VAL Z 122 -50.09 -56.21 -26.13
CA VAL Z 122 -50.37 -54.80 -26.37
C VAL Z 122 -49.79 -54.36 -27.70
N THR Z 123 -48.58 -54.80 -27.99
CA THR Z 123 -47.90 -54.46 -29.23
C THR Z 123 -48.65 -55.00 -30.45
N LYS Z 124 -48.99 -56.29 -30.42
CA LYS Z 124 -49.58 -56.89 -31.60
C LYS Z 124 -51.02 -56.42 -31.80
N TYR Z 125 -51.74 -56.16 -30.71
CA TYR Z 125 -53.08 -55.60 -30.86
C TYR Z 125 -53.02 -54.14 -31.29
N THR Z 126 -51.98 -53.41 -30.91
CA THR Z 126 -51.89 -51.99 -31.25
C THR Z 126 -51.48 -51.83 -32.70
N SER Z 127 -50.66 -52.76 -33.21
CA SER Z 127 -50.24 -52.71 -34.60
C SER Z 127 -51.41 -52.95 -35.55
N ALA Z 128 -52.40 -53.72 -35.11
CA ALA Z 128 -53.58 -53.97 -35.91
C ALA Z 128 -54.77 -54.34 -35.02
ZN ZN AA . -26.21 23.35 -11.93
ZN ZN BA . -36.69 -20.20 5.60
MG MG CA . 22.97 20.43 -0.28
ZN ZN DA . -32.71 16.27 1.73
ZN ZN EA . 27.15 65.17 -26.72
ZN ZN FA . 57.89 -35.84 -2.81
ZN ZN GA . 17.76 -58.73 -9.15
ZN ZN HA . 47.66 37.67 -16.35
ZN ZN IA . 20.02 26.16 -54.90
ZN ZN JA . -20.68 -43.36 -15.91
ZN ZN KA . -31.90 -22.86 -55.65
#